data_7QOF
#
_entry.id   7QOF
#
_cell.length_a   1.00
_cell.length_b   1.00
_cell.length_c   1.00
_cell.angle_alpha   90.00
_cell.angle_beta   90.00
_cell.angle_gamma   90.00
#
_symmetry.space_group_name_H-M   'P 1'
#
loop_
_entity.id
_entity.type
_entity.pdbx_description
1 polymer 'Major capsid protein gp32'
2 polymer 'Auxiliary capsid protein gp36'
3 polymer 'Head fiber trimer protein gp21'
4 polymer 'Head fiber dimer protein gp29'
5 non-polymer 'MAGNESIUM ION'
#
loop_
_entity_poly.entity_id
_entity_poly.type
_entity_poly.pdbx_seq_one_letter_code
_entity_poly.pdbx_strand_id
1 'polypeptide(L)'
;MAGKLGKFQMLGFQHWKGLTSDNHLGAIFQQAPQKATNLMVQLLAFYRGKSLDTFLNSFPTREFEDDNEYYWDVIGSSRR
NIPLVEARDENGVVVAANAANVGVGTSPFYLVFPEDWFADGEVIVGNLNQVYPFRILGDARMEGTNAVYKVELMGGNTQG
VPAERLQQGERFSIEFAPVEKELSRKVGDVRFTSPVSMRNEWTTIRIQHKVAGNKLNKKLAMGIPMVRNLESGKQVKDTA
NMWMHYVDWEVELQFDEYKNNAMAWGTSNRNLNGEYMNFGKSGNAIKTGAGIFEQTEVANTMYYNTFSLKLLEDALYELS
ASKLAMDDRLFVIKTGERGAIQFHKEVLKTVSGWTTFVLDNNSTRVVEKVQSRLHSNALSAGFQFVEYKAPNGVRVRLDV
DPFYDDPVRNKILHPMGGVAFSYRYDIWYIGTMDQPNIFKCKIKGDNEYRGYQWGIRNPFTGQKGNPYMSFDEDSAVIHR
MATLGVCVLDPTRTMSLIPAILQG
;
A,B,C,D,E,F,G,H,I
2 'polypeptide(L)'
;MVISINQVRQLYVAKALKANTAALTTAGDIVPKADTAKTTLYFQSMSPAGIVASDKINLKHVLYAKATPSEALAHKLVRY
SVTLDADVSATPVAGQNYILRLAFRQYIGLSEEDQYFKYGEVIARSGMTASDFYKKMAISLAKNLENKTESTPLVNIYLI
SAAAASTDVPVTSATKESDLTATDYNQIIIEETEQPWVLGMMPQAFIPFTPQFLTITVDGEDRLWGVATVVTPTKTVPDG
HLIADLEYFCMGARGDIYRGMGYPNIIKTTYLVDPGAVYDVLDIHYFYTGSNESVQKSEKTITLVAVDDGSHTAMNALIG
AINTASGLTIATL
;
a,b,c,d,e,f,g,h,i
3 'polypeptide(L)'
;MKRVLNLGNLSRIVEGDPNEITDDEILVIKDKIIEGKIIDIQKRVDGKLVSLITEKYTYTINPTPADAIVVINGSTTKSI
RAAKGHTVTWSVSKTGFVTQSGSDVISGDVSKDVTLVANPAS
;
j,k
4 'polypeptide(L)'
;MKTLRTLKISPNAPDINSVWLYKGTMKYFNNGEWETIGGESEPYVLPAATTSTIGGVKKATNVGNLATGAELATVVTKVN
AILSALKVADIMVEDAN
;
l
#
# COMPACT_ATOMS: atom_id res chain seq x y z
N ALA A 2 -74.34 -71.10 -141.76
CA ALA A 2 -74.88 -72.15 -140.91
C ALA A 2 -73.77 -72.78 -140.07
N GLY A 3 -74.15 -73.44 -138.99
CA GLY A 3 -73.18 -74.01 -138.08
C GLY A 3 -72.50 -72.95 -137.24
N LYS A 4 -71.83 -73.37 -136.17
CA LYS A 4 -71.17 -72.46 -135.25
C LYS A 4 -69.66 -72.60 -135.36
N LEU A 5 -68.98 -71.46 -135.39
CA LEU A 5 -67.53 -71.40 -135.44
C LEU A 5 -66.91 -71.39 -134.05
N GLY A 6 -67.47 -70.57 -133.15
CA GLY A 6 -66.90 -70.45 -131.83
C GLY A 6 -67.21 -71.63 -130.94
N LYS A 7 -66.39 -71.76 -129.90
CA LYS A 7 -66.64 -72.77 -128.87
C LYS A 7 -67.91 -72.46 -128.10
N PHE A 8 -68.15 -71.17 -127.81
CA PHE A 8 -69.36 -70.70 -127.16
C PHE A 8 -70.01 -69.70 -128.12
N GLN A 9 -70.83 -70.23 -129.03
CA GLN A 9 -71.50 -69.44 -130.06
C GLN A 9 -72.96 -69.84 -130.03
N MET A 10 -73.80 -68.97 -129.47
CA MET A 10 -75.20 -69.30 -129.28
C MET A 10 -76.07 -68.89 -130.45
N LEU A 11 -75.63 -67.91 -131.24
CA LEU A 11 -76.46 -67.28 -132.25
C LEU A 11 -76.24 -67.90 -133.61
N GLY A 12 -77.35 -68.13 -134.33
CA GLY A 12 -77.30 -68.45 -135.73
C GLY A 12 -77.80 -67.27 -136.56
N PHE A 13 -77.48 -67.26 -137.85
CA PHE A 13 -77.95 -66.19 -138.71
C PHE A 13 -79.44 -66.36 -138.96
N GLN A 14 -80.21 -65.31 -138.64
CA GLN A 14 -81.64 -65.32 -138.81
C GLN A 14 -82.03 -64.54 -140.06
N HIS A 15 -83.16 -64.91 -140.65
CA HIS A 15 -83.55 -64.39 -141.95
C HIS A 15 -85.06 -64.40 -142.07
N TRP A 16 -85.61 -63.31 -142.58
CA TRP A 16 -87.05 -63.21 -142.80
C TRP A 16 -87.31 -62.18 -143.88
N LYS A 17 -88.54 -62.21 -144.41
CA LYS A 17 -88.95 -61.34 -145.49
C LYS A 17 -90.16 -60.52 -145.09
N GLY A 18 -90.24 -59.30 -145.60
CA GLY A 18 -91.48 -58.57 -145.61
C GLY A 18 -91.78 -57.75 -144.38
N LEU A 19 -93.05 -57.74 -143.99
CA LEU A 19 -93.49 -56.95 -142.85
C LEU A 19 -92.77 -57.41 -141.58
N THR A 20 -92.38 -56.44 -140.77
CA THR A 20 -91.56 -56.69 -139.59
C THR A 20 -92.23 -56.04 -138.38
N SER A 21 -92.38 -56.82 -137.32
CA SER A 21 -93.00 -56.38 -136.08
C SER A 21 -91.94 -56.12 -135.03
N ASP A 22 -92.37 -55.58 -133.89
CA ASP A 22 -91.48 -55.47 -132.75
C ASP A 22 -91.07 -56.84 -132.24
N ASN A 23 -91.94 -57.85 -132.44
CA ASN A 23 -91.55 -59.22 -132.16
C ASN A 23 -90.32 -59.62 -132.96
N HIS A 24 -90.30 -59.27 -134.25
CA HIS A 24 -89.12 -59.52 -135.06
C HIS A 24 -87.89 -58.87 -134.45
N LEU A 25 -87.96 -57.56 -134.18
CA LEU A 25 -86.81 -56.86 -133.62
C LEU A 25 -86.43 -57.40 -132.25
N GLY A 26 -87.40 -57.92 -131.50
CA GLY A 26 -87.09 -58.51 -130.21
C GLY A 26 -86.50 -59.89 -130.31
N ALA A 27 -86.83 -60.64 -131.37
CA ALA A 27 -86.27 -61.95 -131.59
C ALA A 27 -84.91 -61.92 -132.28
N ILE A 28 -84.55 -60.78 -132.88
CA ILE A 28 -83.20 -60.57 -133.37
C ILE A 28 -82.36 -59.78 -132.37
N PHE A 29 -82.88 -59.59 -131.15
CA PHE A 29 -82.10 -59.02 -130.05
C PHE A 29 -81.74 -57.56 -130.33
N GLN A 30 -82.75 -56.79 -130.75
CA GLN A 30 -82.56 -55.38 -131.07
C GLN A 30 -83.51 -54.46 -130.31
N GLN A 31 -84.34 -54.99 -129.42
CA GLN A 31 -85.25 -54.18 -128.63
C GLN A 31 -85.17 -54.62 -127.18
N ALA A 32 -85.02 -53.66 -126.28
CA ALA A 32 -84.91 -53.93 -124.85
C ALA A 32 -85.67 -52.86 -124.08
N PRO A 33 -86.11 -53.17 -122.86
CA PRO A 33 -86.80 -52.15 -122.06
C PRO A 33 -85.88 -50.98 -121.76
N GLN A 34 -86.50 -49.84 -121.43
CA GLN A 34 -85.79 -48.61 -121.16
C GLN A 34 -85.98 -48.21 -119.70
N LYS A 35 -84.96 -47.59 -119.15
CA LYS A 35 -85.01 -47.14 -117.77
C LYS A 35 -85.96 -45.96 -117.64
N ALA A 36 -86.94 -46.08 -116.75
CA ALA A 36 -87.89 -44.99 -116.55
C ALA A 36 -87.24 -43.83 -115.80
N THR A 37 -86.33 -44.15 -114.89
CA THR A 37 -85.60 -43.16 -114.12
C THR A 37 -84.10 -43.32 -114.38
N ASN A 38 -83.37 -42.21 -114.30
CA ASN A 38 -81.95 -42.25 -114.62
C ASN A 38 -81.17 -43.00 -113.55
N LEU A 39 -81.66 -43.02 -112.31
CA LEU A 39 -80.96 -43.66 -111.21
C LEU A 39 -81.97 -44.43 -110.37
N MET A 40 -81.45 -45.40 -109.61
CA MET A 40 -82.27 -46.20 -108.71
C MET A 40 -83.12 -45.28 -107.84
N VAL A 41 -84.26 -45.80 -107.38
CA VAL A 41 -85.12 -45.07 -106.46
C VAL A 41 -84.96 -45.74 -105.10
N GLN A 42 -84.58 -44.95 -104.11
CA GLN A 42 -84.23 -45.48 -102.80
C GLN A 42 -85.48 -45.61 -101.94
N LEU A 43 -85.66 -46.77 -101.34
CA LEU A 43 -86.72 -46.92 -100.37
C LEU A 43 -86.42 -46.04 -99.16
N LEU A 44 -87.47 -45.57 -98.49
CA LEU A 44 -87.24 -44.62 -97.41
C LEU A 44 -86.46 -45.23 -96.26
N ALA A 45 -86.46 -46.56 -96.13
CA ALA A 45 -85.55 -47.22 -95.20
C ALA A 45 -84.10 -46.97 -95.57
N PHE A 46 -83.82 -46.68 -96.84
CA PHE A 46 -82.46 -46.34 -97.26
C PHE A 46 -81.89 -45.19 -96.45
N TYR A 47 -82.74 -44.38 -95.82
CA TYR A 47 -82.33 -43.25 -95.00
C TYR A 47 -82.65 -43.47 -93.52
N ARG A 48 -82.64 -44.73 -93.07
CA ARG A 48 -83.08 -45.05 -91.72
C ARG A 48 -81.93 -45.11 -90.73
N GLY A 49 -80.73 -44.69 -91.14
CA GLY A 49 -79.58 -44.68 -90.25
C GLY A 49 -79.21 -43.28 -89.81
N LYS A 50 -79.67 -42.28 -90.56
CA LYS A 50 -79.34 -40.88 -90.28
C LYS A 50 -80.09 -40.32 -89.08
N SER A 51 -80.93 -41.11 -88.43
CA SER A 51 -81.71 -40.59 -87.30
C SER A 51 -80.88 -40.58 -86.04
N LEU A 52 -80.31 -41.72 -85.67
CA LEU A 52 -79.49 -41.80 -84.46
C LEU A 52 -78.32 -40.84 -84.54
N ASP A 53 -77.74 -40.68 -85.73
CA ASP A 53 -76.65 -39.72 -85.89
C ASP A 53 -77.14 -38.30 -85.64
N THR A 54 -78.34 -37.98 -86.12
CA THR A 54 -78.91 -36.67 -85.82
C THR A 54 -79.11 -36.49 -84.33
N PHE A 55 -79.67 -37.52 -83.66
CA PHE A 55 -79.83 -37.47 -82.22
C PHE A 55 -78.51 -37.24 -81.51
N LEU A 56 -77.45 -37.89 -81.98
CA LEU A 56 -76.15 -37.81 -81.33
C LEU A 56 -75.34 -36.60 -81.77
N ASN A 57 -75.72 -35.94 -82.86
CA ASN A 57 -75.16 -34.63 -83.18
C ASN A 57 -75.84 -33.52 -82.40
N SER A 58 -77.01 -33.78 -81.82
CA SER A 58 -77.66 -32.83 -80.93
C SER A 58 -76.79 -32.50 -79.72
N PHE A 59 -75.78 -33.32 -79.43
CA PHE A 59 -74.90 -33.14 -78.29
C PHE A 59 -73.56 -32.59 -78.74
N PRO A 60 -72.85 -31.86 -77.87
CA PRO A 60 -71.54 -31.32 -78.27
C PRO A 60 -70.43 -32.33 -78.10
N THR A 61 -69.21 -31.94 -78.46
CA THR A 61 -68.04 -32.80 -78.41
C THR A 61 -66.95 -32.16 -77.56
N ARG A 62 -66.30 -32.98 -76.74
CA ARG A 62 -65.11 -32.59 -75.99
C ARG A 62 -63.93 -33.39 -76.49
N GLU A 63 -62.86 -32.71 -76.87
CA GLU A 63 -61.70 -33.35 -77.48
C GLU A 63 -60.62 -33.51 -76.41
N PHE A 64 -60.32 -34.75 -76.07
CA PHE A 64 -59.32 -35.08 -75.07
C PHE A 64 -58.04 -35.58 -75.74
N GLU A 65 -57.00 -35.76 -74.93
CA GLU A 65 -55.67 -36.07 -75.43
C GLU A 65 -55.30 -37.54 -75.35
N ASP A 66 -55.90 -38.29 -74.43
CA ASP A 66 -55.55 -39.68 -74.22
C ASP A 66 -56.84 -40.48 -74.03
N ASP A 67 -56.69 -41.76 -73.68
CA ASP A 67 -57.80 -42.68 -73.53
C ASP A 67 -57.89 -43.21 -72.11
N ASN A 68 -57.66 -42.35 -71.13
CA ASN A 68 -57.79 -42.71 -69.73
C ASN A 68 -59.23 -42.54 -69.28
N GLU A 69 -59.62 -43.32 -68.27
CA GLU A 69 -60.92 -43.13 -67.66
C GLU A 69 -61.09 -41.68 -67.24
N TYR A 70 -62.26 -41.13 -67.56
CA TYR A 70 -62.55 -39.74 -67.24
C TYR A 70 -63.53 -39.67 -66.09
N TYR A 71 -63.48 -38.56 -65.34
CA TYR A 71 -64.29 -38.38 -64.16
C TYR A 71 -64.71 -36.92 -64.08
N TRP A 72 -65.71 -36.66 -63.25
CA TRP A 72 -66.20 -35.31 -63.07
C TRP A 72 -66.82 -35.20 -61.68
N ASP A 73 -66.74 -34.01 -61.11
CA ASP A 73 -67.20 -33.77 -59.76
C ASP A 73 -68.64 -33.27 -59.76
N VAL A 74 -69.33 -33.51 -58.65
CA VAL A 74 -70.74 -33.15 -58.49
C VAL A 74 -70.91 -32.56 -57.09
N ILE A 75 -71.49 -31.37 -57.01
CA ILE A 75 -71.63 -30.65 -55.76
C ILE A 75 -73.07 -30.18 -55.61
N GLY A 76 -73.51 -30.07 -54.36
CA GLY A 76 -74.85 -29.60 -54.05
C GLY A 76 -74.85 -28.28 -53.31
N SER A 77 -75.71 -28.17 -52.30
CA SER A 77 -75.83 -26.95 -51.51
C SER A 77 -75.88 -27.31 -50.03
N SER A 78 -75.57 -26.32 -49.20
CA SER A 78 -75.55 -26.53 -47.76
C SER A 78 -76.96 -26.62 -47.18
N ARG A 79 -77.94 -25.98 -47.81
CA ARG A 79 -79.31 -26.02 -47.31
C ARG A 79 -79.75 -27.45 -47.11
N ARG A 80 -80.03 -27.82 -45.86
CA ARG A 80 -80.23 -29.21 -45.50
C ARG A 80 -81.27 -29.34 -44.39
N ASN A 81 -82.12 -30.35 -44.52
CA ASN A 81 -82.95 -30.78 -43.41
C ASN A 81 -82.16 -31.74 -42.52
N ILE A 82 -82.42 -31.66 -41.22
CA ILE A 82 -81.80 -32.53 -40.23
C ILE A 82 -82.91 -33.27 -39.50
N PRO A 83 -82.96 -34.60 -39.56
CA PRO A 83 -83.99 -35.32 -38.79
C PRO A 83 -83.70 -35.23 -37.30
N LEU A 84 -84.67 -35.71 -36.52
CA LEU A 84 -84.63 -35.62 -35.08
C LEU A 84 -84.45 -37.01 -34.49
N VAL A 85 -83.55 -37.12 -33.51
CA VAL A 85 -83.38 -38.38 -32.80
C VAL A 85 -84.45 -38.53 -31.72
N GLU A 86 -84.62 -37.50 -30.90
CA GLU A 86 -85.64 -37.46 -29.87
C GLU A 86 -85.62 -36.05 -29.28
N ALA A 87 -86.54 -35.81 -28.36
CA ALA A 87 -86.58 -34.58 -27.60
C ALA A 87 -86.68 -34.92 -26.12
N ARG A 88 -86.01 -34.12 -25.31
CA ARG A 88 -85.98 -34.33 -23.87
C ARG A 88 -86.54 -33.11 -23.17
N ASP A 89 -87.15 -33.34 -22.01
CA ASP A 89 -87.79 -32.27 -21.27
C ASP A 89 -86.73 -31.48 -20.51
N GLU A 90 -87.18 -30.58 -19.62
CA GLU A 90 -86.23 -29.77 -18.88
C GLU A 90 -85.43 -30.59 -17.88
N ASN A 91 -85.92 -31.76 -17.49
CA ASN A 91 -85.22 -32.67 -16.58
C ASN A 91 -84.57 -33.83 -17.33
N GLY A 92 -84.50 -33.74 -18.66
CA GLY A 92 -83.83 -34.75 -19.47
C GLY A 92 -84.66 -35.97 -19.79
N VAL A 93 -85.93 -36.03 -19.39
CA VAL A 93 -86.77 -37.16 -19.74
C VAL A 93 -87.19 -37.06 -21.20
N VAL A 94 -87.21 -38.19 -21.90
CA VAL A 94 -87.52 -38.21 -23.32
C VAL A 94 -89.02 -37.98 -23.52
N VAL A 95 -89.34 -37.11 -24.48
CA VAL A 95 -90.73 -36.78 -24.76
C VAL A 95 -91.40 -37.96 -25.45
N ALA A 96 -92.40 -38.55 -24.80
CA ALA A 96 -93.17 -39.60 -25.41
C ALA A 96 -94.27 -39.02 -26.28
N ALA A 97 -94.83 -39.86 -27.16
CA ALA A 97 -95.84 -39.40 -28.08
C ALA A 97 -97.14 -39.06 -27.36
N ASN A 98 -97.53 -39.88 -26.39
CA ASN A 98 -98.75 -39.64 -25.61
C ASN A 98 -98.46 -38.81 -24.37
N ALA A 99 -97.83 -37.66 -24.57
CA ALA A 99 -97.48 -36.76 -23.49
C ALA A 99 -97.96 -35.35 -23.82
N ALA A 100 -98.10 -34.54 -22.77
CA ALA A 100 -98.52 -33.16 -22.93
C ALA A 100 -97.40 -32.35 -23.57
N ASN A 101 -97.63 -31.04 -23.71
CA ASN A 101 -96.67 -30.18 -24.36
C ASN A 101 -95.42 -30.03 -23.49
N VAL A 102 -94.44 -29.28 -24.01
CA VAL A 102 -93.11 -29.25 -23.43
C VAL A 102 -92.72 -27.84 -23.03
N GLY A 103 -92.68 -26.93 -24.00
CA GLY A 103 -92.32 -25.55 -23.73
C GLY A 103 -93.53 -24.69 -23.44
N VAL A 104 -94.22 -24.99 -22.34
CA VAL A 104 -95.56 -24.44 -22.10
C VAL A 104 -95.52 -22.95 -21.82
N GLY A 105 -94.49 -22.47 -21.14
CA GLY A 105 -94.45 -21.08 -20.71
C GLY A 105 -93.19 -20.38 -21.16
N THR A 106 -92.77 -20.62 -22.38
CA THR A 106 -91.44 -20.22 -22.85
C THR A 106 -90.36 -20.98 -22.08
N SER A 107 -90.75 -22.11 -21.50
CA SER A 107 -89.80 -22.96 -20.80
C SER A 107 -88.82 -23.58 -21.79
N PRO A 108 -87.61 -23.92 -21.34
CA PRO A 108 -86.64 -24.54 -22.26
C PRO A 108 -86.73 -26.06 -22.26
N PHE A 109 -86.34 -26.66 -23.38
CA PHE A 109 -86.30 -28.11 -23.51
C PHE A 109 -85.18 -28.46 -24.47
N TYR A 110 -84.89 -29.75 -24.56
CA TYR A 110 -83.74 -30.24 -25.33
C TYR A 110 -84.20 -30.93 -26.59
N LEU A 111 -83.56 -30.60 -27.71
CA LEU A 111 -83.78 -31.23 -28.99
C LEU A 111 -82.51 -31.96 -29.39
N VAL A 112 -82.61 -33.27 -29.61
CA VAL A 112 -81.48 -34.11 -29.94
C VAL A 112 -81.47 -34.36 -31.45
N PHE A 113 -80.33 -34.07 -32.08
CA PHE A 113 -80.17 -34.24 -33.51
C PHE A 113 -79.01 -35.18 -33.81
N PRO A 114 -79.01 -35.83 -34.97
CA PRO A 114 -77.92 -36.76 -35.29
C PRO A 114 -76.59 -36.09 -35.59
N GLU A 115 -76.50 -34.77 -35.51
CA GLU A 115 -75.26 -34.07 -35.76
C GLU A 115 -75.42 -32.60 -35.40
N ASP A 116 -74.30 -31.94 -35.18
CA ASP A 116 -74.28 -30.51 -34.84
C ASP A 116 -74.34 -29.71 -36.14
N TRP A 117 -75.57 -29.36 -36.54
CA TRP A 117 -75.82 -28.55 -37.71
C TRP A 117 -76.33 -27.16 -37.38
N PHE A 118 -76.90 -26.97 -36.19
CA PHE A 118 -77.54 -25.74 -35.79
C PHE A 118 -76.66 -25.00 -34.79
N ALA A 119 -76.68 -23.68 -34.84
CA ALA A 119 -75.72 -22.86 -34.13
C ALA A 119 -76.31 -22.33 -32.83
N ASP A 120 -75.55 -21.44 -32.18
CA ASP A 120 -75.84 -21.05 -30.80
C ASP A 120 -77.24 -20.48 -30.65
N GLY A 121 -77.56 -19.43 -31.41
CA GLY A 121 -78.83 -18.76 -31.25
C GLY A 121 -79.63 -18.70 -32.54
N GLU A 122 -79.59 -19.77 -33.31
CA GLU A 122 -80.37 -19.84 -34.53
C GLU A 122 -81.81 -20.21 -34.22
N VAL A 123 -82.70 -19.86 -35.13
CA VAL A 123 -84.11 -20.23 -35.05
C VAL A 123 -84.33 -21.35 -36.06
N ILE A 124 -84.79 -22.50 -35.59
CA ILE A 124 -85.02 -23.66 -36.42
C ILE A 124 -86.48 -24.06 -36.28
N VAL A 125 -87.08 -24.47 -37.39
CA VAL A 125 -88.50 -24.75 -37.47
C VAL A 125 -88.68 -26.19 -37.94
N GLY A 126 -89.59 -26.91 -37.29
CA GLY A 126 -89.86 -28.29 -37.62
C GLY A 126 -90.73 -28.42 -38.85
N ASN A 127 -91.59 -29.44 -38.83
CA ASN A 127 -92.44 -29.71 -39.98
C ASN A 127 -93.51 -28.63 -40.13
N LEU A 128 -94.17 -28.26 -39.03
CA LEU A 128 -95.14 -27.17 -39.02
C LEU A 128 -94.38 -25.86 -38.93
N ASN A 129 -93.89 -25.40 -40.08
CA ASN A 129 -93.02 -24.24 -40.16
C ASN A 129 -93.64 -23.03 -39.47
N GLN A 130 -92.82 -22.34 -38.68
CA GLN A 130 -93.12 -21.03 -38.10
C GLN A 130 -94.44 -21.01 -37.33
N VAL A 131 -94.99 -22.17 -37.00
CA VAL A 131 -96.08 -22.24 -36.03
C VAL A 131 -95.52 -22.57 -34.65
N TYR A 132 -94.39 -23.25 -34.60
CA TYR A 132 -93.68 -23.55 -33.36
C TYR A 132 -92.21 -23.25 -33.60
N PRO A 133 -91.81 -21.99 -33.55
CA PRO A 133 -90.40 -21.66 -33.75
C PRO A 133 -89.56 -22.00 -32.52
N PHE A 134 -88.38 -22.56 -32.77
CA PHE A 134 -87.45 -22.97 -31.74
C PHE A 134 -86.19 -22.12 -31.83
N ARG A 135 -85.79 -21.53 -30.71
CA ARG A 135 -84.54 -20.80 -30.61
C ARG A 135 -83.52 -21.65 -29.87
N ILE A 136 -82.30 -21.69 -30.40
CA ILE A 136 -81.22 -22.46 -29.78
C ILE A 136 -80.66 -21.67 -28.61
N LEU A 137 -80.51 -22.33 -27.47
CA LEU A 137 -80.01 -21.72 -26.25
C LEU A 137 -78.62 -22.26 -25.98
N GLY A 138 -77.60 -21.51 -26.39
CA GLY A 138 -76.23 -21.94 -26.23
C GLY A 138 -75.80 -22.86 -27.35
N ASP A 139 -74.55 -23.29 -27.25
CA ASP A 139 -73.99 -24.21 -28.22
C ASP A 139 -74.59 -25.60 -27.98
N ALA A 140 -74.12 -26.58 -28.75
CA ALA A 140 -74.56 -27.95 -28.60
C ALA A 140 -73.68 -28.70 -27.61
N ARG A 141 -74.08 -29.92 -27.30
CA ARG A 141 -73.33 -30.80 -26.40
C ARG A 141 -73.21 -32.16 -27.05
N MET A 142 -71.98 -32.53 -27.41
CA MET A 142 -71.75 -33.80 -28.09
C MET A 142 -72.17 -34.96 -27.21
N GLU A 143 -73.00 -35.83 -27.77
CA GLU A 143 -73.37 -37.09 -27.13
C GLU A 143 -72.83 -38.22 -27.99
N GLY A 144 -71.57 -38.08 -28.40
CA GLY A 144 -70.96 -38.98 -29.35
C GLY A 144 -70.93 -38.36 -30.73
N THR A 145 -71.80 -38.83 -31.61
CA THR A 145 -72.04 -38.18 -32.89
C THR A 145 -73.28 -37.30 -32.86
N ASN A 146 -74.22 -37.58 -31.96
CA ASN A 146 -75.37 -36.73 -31.78
C ASN A 146 -74.97 -35.39 -31.21
N ALA A 147 -75.88 -34.42 -31.32
CA ALA A 147 -75.64 -33.07 -30.81
C ALA A 147 -76.91 -32.62 -30.10
N VAL A 148 -76.86 -32.56 -28.78
CA VAL A 148 -77.99 -32.15 -27.97
C VAL A 148 -77.97 -30.63 -27.85
N TYR A 149 -79.15 -30.03 -27.94
CA TYR A 149 -79.30 -28.59 -27.88
C TYR A 149 -80.26 -28.22 -26.75
N LYS A 150 -80.15 -26.97 -26.30
CA LYS A 150 -81.13 -26.38 -25.40
C LYS A 150 -82.02 -25.47 -26.22
N VAL A 151 -83.33 -25.52 -25.95
CA VAL A 151 -84.32 -24.95 -26.85
C VAL A 151 -85.49 -24.41 -26.05
N GLU A 152 -85.86 -23.17 -26.34
CA GLU A 152 -87.12 -22.60 -25.90
C GLU A 152 -87.94 -22.20 -27.12
N LEU A 153 -89.19 -21.85 -26.89
CA LEU A 153 -90.15 -21.61 -27.96
C LEU A 153 -90.30 -20.12 -28.21
N MET A 154 -90.05 -19.71 -29.45
CA MET A 154 -90.24 -18.34 -29.90
C MET A 154 -91.60 -18.22 -30.58
N GLY A 155 -91.95 -17.00 -31.01
CA GLY A 155 -93.17 -16.77 -31.75
C GLY A 155 -94.36 -16.38 -30.91
N GLY A 156 -94.15 -16.01 -29.65
CA GLY A 156 -95.25 -15.61 -28.80
C GLY A 156 -96.08 -16.74 -28.26
N ASN A 157 -95.50 -17.94 -28.15
CA ASN A 157 -96.25 -19.10 -27.69
C ASN A 157 -96.35 -19.10 -26.17
N THR A 158 -97.52 -19.47 -25.67
CA THR A 158 -97.77 -19.61 -24.23
C THR A 158 -98.34 -20.98 -23.91
N GLN A 159 -98.40 -21.90 -24.87
CA GLN A 159 -99.05 -23.19 -24.69
C GLN A 159 -98.13 -24.37 -24.93
N GLY A 160 -97.05 -24.20 -25.69
CA GLY A 160 -96.08 -25.24 -25.91
C GLY A 160 -96.10 -25.77 -27.33
N VAL A 161 -95.64 -27.01 -27.45
CA VAL A 161 -95.55 -27.70 -28.74
C VAL A 161 -95.88 -29.17 -28.48
N PRO A 162 -96.83 -29.78 -29.21
CA PRO A 162 -97.19 -31.16 -28.91
C PRO A 162 -96.05 -32.12 -29.17
N ALA A 163 -96.02 -33.19 -28.38
CA ALA A 163 -94.99 -34.20 -28.55
C ALA A 163 -94.96 -34.74 -29.96
N GLU A 164 -96.13 -34.90 -30.58
CA GLU A 164 -96.25 -35.41 -31.94
C GLU A 164 -95.27 -34.70 -32.87
N ARG A 165 -95.06 -33.41 -32.64
CA ARG A 165 -94.11 -32.62 -33.40
C ARG A 165 -92.69 -32.75 -32.89
N LEU A 166 -92.44 -33.67 -31.96
CA LEU A 166 -91.16 -33.81 -31.29
C LEU A 166 -90.76 -35.29 -31.24
N GLN A 167 -90.93 -35.98 -32.36
CA GLN A 167 -90.69 -37.41 -32.43
C GLN A 167 -89.64 -37.71 -33.50
N GLN A 168 -89.03 -38.88 -33.38
CA GLN A 168 -88.02 -39.33 -34.33
C GLN A 168 -88.45 -39.04 -35.76
N GLY A 169 -87.54 -38.44 -36.53
CA GLY A 169 -87.75 -38.17 -37.93
C GLY A 169 -88.21 -36.76 -38.24
N GLU A 170 -88.71 -36.03 -37.26
CA GLU A 170 -89.13 -34.66 -37.49
C GLU A 170 -87.96 -33.86 -38.03
N ARG A 171 -88.05 -33.46 -39.29
CA ARG A 171 -86.96 -32.75 -39.93
C ARG A 171 -87.06 -31.25 -39.65
N PHE A 172 -85.91 -30.62 -39.46
CA PHE A 172 -85.84 -29.22 -39.07
C PHE A 172 -85.04 -28.45 -40.10
N SER A 173 -85.11 -27.14 -39.98
CA SER A 173 -84.53 -26.23 -40.97
C SER A 173 -84.17 -24.93 -40.27
N ILE A 174 -83.14 -24.29 -40.78
CA ILE A 174 -82.64 -23.04 -40.21
C ILE A 174 -83.44 -21.89 -40.82
N GLU A 175 -83.78 -20.93 -39.96
CA GLU A 175 -84.58 -19.78 -40.39
C GLU A 175 -83.78 -18.48 -40.33
N PHE A 176 -83.23 -18.14 -39.17
CA PHE A 176 -82.39 -16.96 -39.02
C PHE A 176 -81.95 -16.91 -37.55
N ALA A 177 -81.04 -15.99 -37.26
CA ALA A 177 -80.48 -15.81 -35.92
C ALA A 177 -80.81 -14.41 -35.43
N PRO A 178 -81.92 -14.25 -34.70
CA PRO A 178 -82.29 -12.92 -34.21
C PRO A 178 -81.52 -12.56 -32.95
N VAL A 179 -81.32 -11.26 -32.78
CA VAL A 179 -80.56 -10.71 -31.67
C VAL A 179 -81.30 -9.49 -31.12
N GLU A 180 -80.72 -8.89 -30.10
CA GLU A 180 -81.20 -7.62 -29.58
C GLU A 180 -80.76 -6.47 -30.48
N LYS A 181 -81.48 -5.37 -30.38
CA LYS A 181 -81.03 -4.12 -31.00
C LYS A 181 -80.03 -3.37 -30.12
N GLU A 182 -79.92 -3.76 -28.85
CA GLU A 182 -78.98 -3.15 -27.92
C GLU A 182 -78.07 -4.24 -27.36
N LEU A 183 -76.76 -4.08 -27.54
CA LEU A 183 -75.78 -4.91 -26.86
C LEU A 183 -75.85 -6.36 -27.32
N SER A 184 -75.94 -6.55 -28.64
CA SER A 184 -76.06 -7.89 -29.19
C SER A 184 -74.75 -8.64 -29.09
N ARG A 185 -74.82 -9.90 -28.67
CA ARG A 185 -73.66 -10.78 -28.62
C ARG A 185 -73.66 -11.72 -29.81
N LYS A 186 -72.46 -12.10 -30.25
CA LYS A 186 -72.30 -12.89 -31.47
C LYS A 186 -73.22 -14.10 -31.45
N VAL A 187 -73.65 -14.50 -32.65
CA VAL A 187 -74.53 -15.64 -32.80
C VAL A 187 -74.53 -16.04 -34.27
N GLY A 188 -74.81 -17.31 -34.55
CA GLY A 188 -74.88 -17.82 -35.90
C GLY A 188 -73.61 -18.53 -36.33
N ASP A 189 -73.67 -19.11 -37.52
CA ASP A 189 -72.55 -19.83 -38.11
C ASP A 189 -72.94 -20.24 -39.53
N VAL A 190 -71.93 -20.46 -40.36
CA VAL A 190 -72.14 -20.83 -41.74
C VAL A 190 -71.79 -22.31 -41.92
N ARG A 191 -72.18 -22.85 -43.08
CA ARG A 191 -72.12 -24.28 -43.33
C ARG A 191 -71.40 -24.54 -44.65
N PHE A 192 -70.81 -25.72 -44.75
CA PHE A 192 -70.08 -26.12 -45.95
C PHE A 192 -70.43 -27.54 -46.32
N THR A 193 -70.21 -27.87 -47.60
CA THR A 193 -70.48 -29.19 -48.13
C THR A 193 -69.36 -29.58 -49.08
N SER A 194 -69.24 -30.88 -49.33
CA SER A 194 -68.23 -31.43 -50.21
C SER A 194 -68.87 -32.06 -51.44
N PRO A 195 -68.13 -32.17 -52.54
CA PRO A 195 -68.66 -32.82 -53.74
C PRO A 195 -68.36 -34.31 -53.80
N VAL A 196 -69.01 -34.97 -54.75
CA VAL A 196 -68.70 -36.35 -55.09
C VAL A 196 -68.18 -36.38 -56.51
N SER A 197 -67.76 -37.57 -56.97
CA SER A 197 -67.24 -37.72 -58.32
C SER A 197 -67.80 -38.98 -58.94
N MET A 198 -68.07 -38.92 -60.23
CA MET A 198 -68.46 -40.07 -61.03
C MET A 198 -67.44 -40.25 -62.16
N ARG A 199 -67.37 -41.47 -62.67
CA ARG A 199 -66.38 -41.80 -63.69
C ARG A 199 -67.00 -42.75 -64.71
N ASN A 200 -66.46 -42.71 -65.91
CA ASN A 200 -66.90 -43.56 -67.01
C ASN A 200 -65.71 -43.91 -67.86
N GLU A 201 -65.85 -44.97 -68.65
CA GLU A 201 -64.78 -45.54 -69.44
C GLU A 201 -65.02 -45.31 -70.92
N TRP A 202 -63.94 -45.39 -71.69
CA TRP A 202 -64.03 -45.29 -73.13
C TRP A 202 -64.41 -46.63 -73.75
N THR A 203 -64.83 -46.58 -75.01
CA THR A 203 -65.17 -47.76 -75.77
C THR A 203 -64.43 -47.70 -77.10
N THR A 204 -63.61 -48.72 -77.37
CA THR A 204 -62.82 -48.79 -78.59
C THR A 204 -63.54 -49.64 -79.61
N ILE A 205 -63.58 -49.16 -80.86
CA ILE A 205 -64.34 -49.78 -81.94
C ILE A 205 -63.42 -50.01 -83.13
N ARG A 206 -63.59 -51.14 -83.79
CA ARG A 206 -62.86 -51.46 -85.01
C ARG A 206 -63.78 -52.13 -86.03
N ILE A 207 -63.42 -52.00 -87.29
CA ILE A 207 -64.09 -52.70 -88.39
C ILE A 207 -63.04 -52.98 -89.46
N GLN A 208 -63.35 -53.95 -90.34
CA GLN A 208 -62.45 -54.27 -91.43
C GLN A 208 -63.27 -54.76 -92.61
N HIS A 209 -62.66 -54.70 -93.79
CA HIS A 209 -63.27 -55.25 -95.00
C HIS A 209 -62.18 -55.61 -96.00
N LYS A 210 -62.18 -56.87 -96.44
CA LYS A 210 -61.23 -57.32 -97.44
C LYS A 210 -61.80 -57.14 -98.84
N VAL A 211 -60.92 -56.76 -99.77
CA VAL A 211 -61.31 -56.48 -101.14
C VAL A 211 -60.22 -57.02 -102.07
N ALA A 212 -60.59 -57.93 -102.97
CA ALA A 212 -59.65 -58.41 -103.96
C ALA A 212 -59.14 -57.26 -104.83
N GLY A 213 -57.93 -57.43 -105.32
CA GLY A 213 -57.28 -56.37 -106.09
C GLY A 213 -57.91 -56.13 -107.45
N ASN A 214 -58.46 -57.18 -108.08
CA ASN A 214 -58.98 -57.04 -109.43
C ASN A 214 -60.14 -56.05 -109.51
N LYS A 215 -60.79 -55.76 -108.39
CA LYS A 215 -61.91 -54.83 -108.38
C LYS A 215 -61.47 -53.39 -108.45
N LEU A 216 -60.19 -53.15 -108.74
CA LEU A 216 -59.70 -51.80 -108.97
C LEU A 216 -60.17 -51.30 -110.34
N ASN A 217 -60.79 -50.12 -110.35
CA ASN A 217 -61.38 -49.56 -111.57
C ASN A 217 -62.31 -50.56 -112.23
N LYS A 218 -63.36 -50.93 -111.50
CA LYS A 218 -64.38 -51.85 -111.98
C LYS A 218 -65.69 -51.08 -112.03
N LYS A 219 -66.04 -50.56 -113.20
CA LYS A 219 -67.25 -49.76 -113.31
C LYS A 219 -68.47 -50.65 -113.35
N LEU A 220 -69.59 -50.10 -112.89
CA LEU A 220 -70.80 -50.86 -112.66
C LEU A 220 -71.75 -50.74 -113.84
N ALA A 221 -72.36 -51.87 -114.21
CA ALA A 221 -73.40 -51.84 -115.23
C ALA A 221 -74.54 -50.91 -114.82
N MET A 222 -74.80 -50.81 -113.52
CA MET A 222 -75.92 -50.04 -112.99
C MET A 222 -75.40 -49.19 -111.85
N GLY A 223 -75.43 -47.87 -112.02
CA GLY A 223 -74.95 -46.98 -110.97
C GLY A 223 -75.78 -47.09 -109.71
N ILE A 224 -75.11 -46.95 -108.57
CA ILE A 224 -75.76 -47.12 -107.28
C ILE A 224 -75.76 -45.78 -106.54
N PRO A 225 -76.83 -45.42 -105.85
CA PRO A 225 -76.84 -44.16 -105.10
C PRO A 225 -76.22 -44.29 -103.72
N MET A 226 -75.77 -43.15 -103.21
CA MET A 226 -75.09 -43.09 -101.94
C MET A 226 -75.44 -41.78 -101.24
N VAL A 227 -75.72 -41.86 -99.95
CA VAL A 227 -76.09 -40.70 -99.16
C VAL A 227 -75.35 -40.77 -97.83
N ARG A 228 -74.69 -39.68 -97.46
CA ARG A 228 -74.00 -39.57 -96.19
C ARG A 228 -74.38 -38.24 -95.54
N ASN A 229 -74.64 -38.27 -94.25
CA ASN A 229 -75.10 -37.10 -93.52
C ASN A 229 -73.92 -36.41 -92.84
N LEU A 230 -73.95 -35.08 -92.86
CA LEU A 230 -72.90 -34.27 -92.25
C LEU A 230 -73.28 -33.88 -90.82
N LYS A 234 -76.02 -30.93 -93.64
CA LYS A 234 -76.79 -31.57 -94.70
C LYS A 234 -76.30 -32.98 -94.94
N GLN A 235 -76.92 -33.67 -95.89
CA GLN A 235 -76.54 -35.02 -96.27
C GLN A 235 -76.13 -35.02 -97.74
N VAL A 236 -74.94 -35.55 -98.01
CA VAL A 236 -74.33 -35.51 -99.34
C VAL A 236 -74.86 -36.70 -100.15
N LYS A 237 -75.61 -36.41 -101.21
CA LYS A 237 -76.16 -37.42 -102.08
C LYS A 237 -75.31 -37.52 -103.34
N ASP A 238 -75.00 -38.75 -103.74
CA ASP A 238 -74.20 -38.99 -104.93
C ASP A 238 -74.48 -40.42 -105.39
N THR A 239 -73.85 -40.81 -106.50
CA THR A 239 -74.02 -42.14 -107.06
C THR A 239 -72.66 -42.77 -107.32
N ALA A 240 -72.65 -44.10 -107.37
CA ALA A 240 -71.43 -44.88 -107.54
C ALA A 240 -71.45 -45.52 -108.93
N ASN A 241 -70.53 -45.11 -109.79
CA ASN A 241 -70.34 -45.77 -111.06
C ASN A 241 -69.38 -46.95 -110.98
N MET A 242 -68.52 -46.95 -109.97
CA MET A 242 -67.58 -48.02 -109.72
C MET A 242 -67.90 -48.71 -108.39
N TRP A 243 -67.30 -49.89 -108.21
CA TRP A 243 -67.58 -50.68 -107.03
C TRP A 243 -66.95 -50.09 -105.77
N MET A 244 -65.75 -49.53 -105.91
CA MET A 244 -65.01 -49.09 -104.73
C MET A 244 -65.57 -47.81 -104.15
N HIS A 245 -66.01 -46.88 -104.99
CA HIS A 245 -66.65 -45.68 -104.48
C HIS A 245 -67.89 -45.99 -103.66
N TYR A 246 -68.37 -47.23 -103.71
CA TYR A 246 -69.53 -47.68 -102.95
C TYR A 246 -69.13 -48.47 -101.70
N VAL A 247 -68.03 -49.20 -101.75
CA VAL A 247 -67.54 -49.87 -100.54
C VAL A 247 -66.97 -48.84 -99.57
N ASP A 248 -66.28 -47.82 -100.09
CA ASP A 248 -65.83 -46.72 -99.25
C ASP A 248 -67.02 -46.10 -98.51
N TRP A 249 -68.09 -45.81 -99.24
CA TRP A 249 -69.27 -45.22 -98.60
C TRP A 249 -69.89 -46.18 -97.59
N GLU A 250 -69.96 -47.47 -97.93
CA GLU A 250 -70.59 -48.44 -97.03
C GLU A 250 -69.75 -48.69 -95.79
N VAL A 251 -68.43 -48.64 -95.92
CA VAL A 251 -67.57 -48.85 -94.76
C VAL A 251 -67.71 -47.70 -93.78
N GLU A 252 -67.49 -46.47 -94.25
CA GLU A 252 -67.68 -45.30 -93.41
C GLU A 252 -69.07 -45.28 -92.81
N LEU A 253 -70.07 -45.75 -93.56
CA LEU A 253 -71.44 -45.72 -93.08
C LEU A 253 -71.66 -46.74 -91.98
N GLN A 254 -71.31 -48.01 -92.25
CA GLN A 254 -71.46 -49.04 -91.23
C GLN A 254 -70.56 -48.78 -90.03
N PHE A 255 -69.46 -48.04 -90.24
CA PHE A 255 -68.61 -47.67 -89.11
C PHE A 255 -69.31 -46.65 -88.22
N ASP A 256 -69.93 -45.64 -88.84
CA ASP A 256 -70.72 -44.69 -88.07
C ASP A 256 -71.83 -45.39 -87.30
N GLU A 257 -72.46 -46.39 -87.92
CA GLU A 257 -73.49 -47.16 -87.23
C GLU A 257 -72.92 -47.84 -86.00
N TYR A 258 -71.73 -48.42 -86.14
CA TYR A 258 -71.04 -49.01 -84.98
C TYR A 258 -70.85 -47.97 -83.88
N LYS A 259 -70.22 -46.85 -84.21
CA LYS A 259 -69.96 -45.81 -83.22
C LYS A 259 -71.24 -45.33 -82.57
N ASN A 260 -72.29 -45.10 -83.36
CA ASN A 260 -73.51 -44.51 -82.84
C ASN A 260 -74.28 -45.50 -81.96
N ASN A 261 -74.38 -46.75 -82.41
CA ASN A 261 -75.03 -47.76 -81.56
C ASN A 261 -74.25 -47.98 -80.28
N ALA A 262 -72.95 -47.71 -80.28
CA ALA A 262 -72.13 -47.80 -79.08
C ALA A 262 -72.42 -46.64 -78.15
N MET A 263 -72.19 -45.41 -78.63
CA MET A 263 -72.50 -44.22 -77.86
C MET A 263 -73.86 -44.31 -77.19
N ALA A 264 -74.88 -44.68 -77.95
CA ALA A 264 -76.24 -44.67 -77.44
C ALA A 264 -76.51 -45.87 -76.53
N TRP A 265 -76.15 -47.07 -76.98
CA TRP A 265 -76.53 -48.29 -76.29
C TRP A 265 -75.33 -49.09 -75.80
N GLY A 266 -74.14 -48.51 -75.82
CA GLY A 266 -73.00 -49.12 -75.15
C GLY A 266 -73.32 -49.49 -73.73
N THR A 267 -72.62 -50.50 -73.20
CA THR A 267 -72.85 -50.97 -71.84
C THR A 267 -71.54 -51.50 -71.29
N SER A 268 -71.42 -51.49 -69.97
CA SER A 268 -70.18 -51.85 -69.29
C SER A 268 -70.26 -53.29 -68.80
N ASN A 269 -69.10 -53.94 -68.77
CA ASN A 269 -68.95 -55.35 -68.42
C ASN A 269 -68.03 -55.52 -67.22
N ARG A 270 -68.25 -54.71 -66.18
CA ARG A 270 -67.39 -54.71 -65.00
C ARG A 270 -68.15 -55.21 -63.78
N ASN A 271 -67.42 -55.92 -62.93
CA ASN A 271 -67.92 -56.26 -61.61
C ASN A 271 -67.98 -55.01 -60.74
N LEU A 272 -68.53 -55.18 -59.53
CA LEU A 272 -68.40 -54.13 -58.54
C LEU A 272 -66.97 -54.01 -58.03
N ASN A 273 -66.20 -55.10 -58.11
CA ASN A 273 -64.80 -55.10 -57.72
C ASN A 273 -63.93 -54.30 -58.68
N GLY A 274 -64.49 -53.82 -59.78
CA GLY A 274 -63.74 -53.02 -60.73
C GLY A 274 -63.08 -53.78 -61.85
N GLU A 275 -63.34 -55.07 -61.99
CA GLU A 275 -62.70 -55.89 -63.00
C GLU A 275 -63.68 -56.22 -64.12
N TYR A 276 -63.18 -56.16 -65.35
CA TYR A 276 -63.99 -56.43 -66.53
C TYR A 276 -64.22 -57.92 -66.70
N MET A 277 -65.39 -58.26 -67.24
CA MET A 277 -65.84 -59.65 -67.33
C MET A 277 -65.61 -60.25 -68.72
N ASN A 278 -65.07 -59.48 -69.66
CA ASN A 278 -64.82 -59.96 -71.01
C ASN A 278 -63.44 -59.47 -71.45
N PHE A 279 -62.68 -60.36 -72.09
CA PHE A 279 -61.26 -60.14 -72.27
C PHE A 279 -60.85 -59.90 -73.72
N GLY A 280 -61.18 -60.82 -74.62
CA GLY A 280 -60.85 -60.63 -76.01
C GLY A 280 -59.90 -61.69 -76.53
N LYS A 281 -59.43 -61.45 -77.75
CA LYS A 281 -58.55 -62.37 -78.45
C LYS A 281 -57.08 -62.03 -78.28
N SER A 282 -56.78 -60.79 -77.90
CA SER A 282 -55.41 -60.41 -77.55
C SER A 282 -55.06 -60.77 -76.12
N GLY A 283 -56.05 -60.81 -75.23
CA GLY A 283 -55.82 -61.07 -73.83
C GLY A 283 -56.12 -59.88 -72.95
N ASN A 284 -55.73 -58.69 -73.38
CA ASN A 284 -56.07 -57.48 -72.64
C ASN A 284 -57.60 -57.33 -72.61
N ALA A 285 -58.12 -56.86 -71.49
CA ALA A 285 -59.56 -56.84 -71.31
C ALA A 285 -60.22 -55.91 -72.32
N ILE A 286 -61.51 -56.17 -72.56
CA ILE A 286 -62.35 -55.27 -73.34
C ILE A 286 -63.04 -54.33 -72.36
N LYS A 287 -62.71 -53.05 -72.45
CA LYS A 287 -63.22 -52.03 -71.54
C LYS A 287 -64.30 -51.24 -72.27
N THR A 288 -65.56 -51.62 -72.05
CA THR A 288 -66.69 -50.99 -72.71
C THR A 288 -67.33 -49.99 -71.76
N GLY A 289 -67.56 -48.78 -72.25
CA GLY A 289 -68.15 -47.71 -71.47
C GLY A 289 -69.64 -47.60 -71.69
N ALA A 290 -70.37 -47.26 -70.63
CA ALA A 290 -71.80 -47.06 -70.72
C ALA A 290 -72.14 -45.92 -71.65
N GLY A 291 -73.34 -45.99 -72.24
CA GLY A 291 -73.79 -45.00 -73.20
C GLY A 291 -74.84 -44.06 -72.63
N ILE A 292 -75.41 -43.28 -73.54
CA ILE A 292 -76.40 -42.27 -73.14
C ILE A 292 -77.57 -42.91 -72.42
N PHE A 293 -78.02 -44.07 -72.91
CA PHE A 293 -79.22 -44.71 -72.40
C PHE A 293 -78.94 -45.67 -71.24
N GLU A 294 -77.69 -45.72 -70.78
CA GLU A 294 -77.30 -46.43 -69.57
C GLU A 294 -76.81 -45.49 -68.49
N GLN A 295 -76.17 -44.39 -68.89
CA GLN A 295 -75.75 -43.38 -67.94
C GLN A 295 -76.95 -42.65 -67.34
N THR A 296 -78.04 -42.55 -68.09
CA THR A 296 -79.23 -41.82 -67.68
C THR A 296 -80.36 -42.73 -67.20
N GLU A 297 -80.26 -44.03 -67.44
CA GLU A 297 -81.18 -45.02 -66.87
C GLU A 297 -80.71 -45.53 -65.52
N VAL A 298 -79.93 -44.73 -64.80
CA VAL A 298 -79.22 -45.19 -63.61
C VAL A 298 -80.12 -45.11 -62.37
N ALA A 299 -80.80 -44.00 -62.18
CA ALA A 299 -81.69 -43.81 -61.05
C ALA A 299 -83.12 -43.49 -61.47
N ASN A 300 -83.29 -42.56 -62.41
CA ASN A 300 -84.61 -42.10 -62.83
C ASN A 300 -85.10 -43.00 -63.97
N THR A 301 -86.01 -43.92 -63.65
CA THR A 301 -86.61 -44.76 -64.66
C THR A 301 -87.84 -45.48 -64.10
N MET A 302 -88.94 -45.41 -64.81
CA MET A 302 -90.17 -46.09 -64.42
C MET A 302 -90.54 -47.11 -65.49
N TYR A 303 -91.17 -48.19 -65.06
CA TYR A 303 -91.62 -49.25 -65.95
C TYR A 303 -93.12 -49.42 -65.78
N TYR A 304 -93.89 -48.94 -66.76
CA TYR A 304 -95.34 -48.92 -66.69
C TYR A 304 -95.94 -49.98 -67.60
N ASN A 305 -96.98 -50.64 -67.11
CA ASN A 305 -97.78 -51.57 -67.91
C ASN A 305 -98.98 -50.89 -68.53
N THR A 306 -99.48 -49.83 -67.90
CA THR A 306 -100.57 -49.02 -68.42
C THR A 306 -100.17 -47.56 -68.33
N PHE A 307 -100.55 -46.79 -69.34
CA PHE A 307 -100.11 -45.41 -69.45
C PHE A 307 -100.96 -44.49 -68.59
N SER A 308 -100.36 -43.39 -68.15
CA SER A 308 -101.02 -42.41 -67.33
C SER A 308 -100.35 -41.06 -67.54
N LEU A 309 -101.16 -40.03 -67.82
CA LEU A 309 -100.63 -38.68 -67.88
C LEU A 309 -100.22 -38.17 -66.51
N LYS A 310 -100.71 -38.82 -65.45
CA LYS A 310 -100.30 -38.44 -64.09
C LYS A 310 -98.83 -38.77 -63.86
N LEU A 311 -98.43 -39.99 -64.21
CA LEU A 311 -97.03 -40.37 -64.04
C LEU A 311 -96.10 -39.39 -64.74
N LEU A 312 -96.49 -38.94 -65.94
CA LEU A 312 -95.66 -38.00 -66.68
C LEU A 312 -95.69 -36.62 -66.05
N GLU A 313 -96.80 -36.25 -65.41
CA GLU A 313 -96.83 -34.98 -64.67
C GLU A 313 -96.02 -35.08 -63.39
N ASP A 314 -96.07 -36.23 -62.72
CA ASP A 314 -95.23 -36.44 -61.54
C ASP A 314 -93.75 -36.42 -61.92
N ALA A 315 -93.43 -36.91 -63.12
CA ALA A 315 -92.04 -36.88 -63.58
C ALA A 315 -91.57 -35.46 -63.82
N LEU A 316 -92.41 -34.64 -64.47
CA LEU A 316 -92.06 -33.24 -64.66
C LEU A 316 -91.93 -32.51 -63.33
N TYR A 317 -92.77 -32.88 -62.36
CA TYR A 317 -92.63 -32.34 -61.02
C TYR A 317 -91.26 -32.66 -60.44
N GLU A 318 -90.93 -33.96 -60.34
CA GLU A 318 -89.61 -34.39 -59.92
C GLU A 318 -88.51 -33.55 -60.57
N LEU A 319 -88.54 -33.44 -61.89
CA LEU A 319 -87.48 -32.73 -62.60
C LEU A 319 -87.48 -31.24 -62.28
N SER A 320 -88.65 -30.61 -62.29
CA SER A 320 -88.79 -29.18 -62.04
C SER A 320 -89.87 -28.96 -61.00
N ALA A 321 -89.48 -28.96 -59.72
CA ALA A 321 -90.37 -28.56 -58.65
C ALA A 321 -89.89 -27.29 -57.97
N SER A 322 -88.66 -27.27 -57.46
CA SER A 322 -88.03 -26.06 -56.96
C SER A 322 -86.77 -25.70 -57.75
N LYS A 323 -86.31 -26.60 -58.62
CA LYS A 323 -85.13 -26.36 -59.43
C LYS A 323 -85.38 -25.40 -60.57
N LEU A 324 -86.65 -25.07 -60.83
CA LEU A 324 -87.01 -24.23 -61.96
C LEU A 324 -86.56 -22.79 -61.72
N ALA A 325 -86.80 -21.95 -62.72
CA ALA A 325 -86.55 -20.52 -62.61
C ALA A 325 -87.67 -19.69 -63.23
N MET A 326 -88.74 -20.34 -63.70
CA MET A 326 -89.90 -19.68 -64.28
C MET A 326 -89.61 -19.09 -65.65
N ASP A 327 -88.36 -19.14 -66.10
CA ASP A 327 -87.99 -18.63 -67.40
C ASP A 327 -87.02 -19.51 -68.17
N ASP A 328 -86.56 -20.61 -67.58
CA ASP A 328 -85.62 -21.50 -68.24
C ASP A 328 -86.05 -22.96 -68.10
N ARG A 329 -87.35 -23.19 -68.01
CA ARG A 329 -87.88 -24.55 -67.84
C ARG A 329 -88.24 -25.19 -69.16
N LEU A 330 -87.30 -25.21 -70.10
CA LEU A 330 -87.51 -25.88 -71.36
C LEU A 330 -87.32 -27.39 -71.16
N PHE A 331 -88.36 -28.16 -71.42
CA PHE A 331 -88.30 -29.59 -71.36
C PHE A 331 -88.41 -30.19 -72.75
N VAL A 332 -88.00 -31.45 -72.87
CA VAL A 332 -88.04 -32.17 -74.13
C VAL A 332 -88.40 -33.62 -73.83
N ILE A 333 -89.53 -34.07 -74.37
CA ILE A 333 -89.96 -35.46 -74.28
C ILE A 333 -89.68 -36.11 -75.62
N LYS A 334 -88.90 -37.19 -75.61
CA LYS A 334 -88.55 -37.92 -76.80
C LYS A 334 -89.17 -39.31 -76.73
N THR A 335 -89.80 -39.71 -77.82
CA THR A 335 -90.49 -40.99 -77.91
C THR A 335 -90.77 -41.26 -79.39
N GLY A 336 -91.52 -42.32 -79.66
CA GLY A 336 -91.82 -42.66 -81.04
C GLY A 336 -93.09 -42.00 -81.53
N GLU A 337 -93.93 -42.78 -82.21
CA GLU A 337 -95.21 -42.30 -82.69
C GLU A 337 -96.39 -42.91 -81.95
N ARG A 338 -96.24 -44.14 -81.46
CA ARG A 338 -97.30 -44.74 -80.67
C ARG A 338 -97.36 -44.12 -79.28
N GLY A 339 -96.21 -43.81 -78.70
CA GLY A 339 -96.18 -43.05 -77.48
C GLY A 339 -96.64 -41.62 -77.68
N ALA A 340 -96.25 -41.03 -78.81
CA ALA A 340 -96.76 -39.70 -79.14
C ALA A 340 -98.27 -39.73 -79.26
N ILE A 341 -98.83 -40.86 -79.69
CA ILE A 341 -100.29 -41.00 -79.73
C ILE A 341 -100.86 -40.93 -78.32
N GLN A 342 -100.44 -41.84 -77.45
CA GLN A 342 -100.92 -41.84 -76.07
C GLN A 342 -100.82 -40.45 -75.47
N PHE A 343 -99.72 -39.74 -75.76
CA PHE A 343 -99.55 -38.39 -75.24
C PHE A 343 -100.62 -37.46 -75.77
N HIS A 344 -100.78 -37.39 -77.08
CA HIS A 344 -101.70 -36.43 -77.68
C HIS A 344 -103.15 -36.78 -77.38
N LYS A 345 -103.48 -38.07 -77.37
CA LYS A 345 -104.85 -38.49 -77.07
C LYS A 345 -105.29 -37.97 -75.71
N GLU A 346 -104.41 -37.99 -74.72
CA GLU A 346 -104.75 -37.56 -73.37
C GLU A 346 -104.42 -36.11 -73.08
N VAL A 347 -103.53 -35.49 -73.86
CA VAL A 347 -103.09 -34.12 -73.59
C VAL A 347 -104.03 -33.10 -74.21
N LEU A 348 -104.55 -33.39 -75.39
CA LEU A 348 -105.40 -32.42 -76.07
C LEU A 348 -106.83 -32.43 -75.54
N LYS A 349 -107.13 -33.24 -74.53
CA LYS A 349 -108.40 -33.15 -73.85
C LYS A 349 -108.52 -31.79 -73.14
N THR A 350 -109.72 -31.54 -72.62
CA THR A 350 -109.98 -30.34 -71.82
C THR A 350 -109.95 -30.60 -70.33
N VAL A 351 -110.34 -31.81 -69.90
CA VAL A 351 -110.22 -32.17 -68.49
C VAL A 351 -108.78 -32.18 -68.06
N SER A 352 -107.84 -32.37 -68.99
CA SER A 352 -106.43 -32.25 -68.67
C SER A 352 -106.12 -30.79 -68.38
N GLY A 353 -104.88 -30.51 -67.99
CA GLY A 353 -104.44 -29.15 -67.71
C GLY A 353 -103.47 -28.58 -68.70
N TRP A 354 -103.19 -29.27 -69.80
CA TRP A 354 -102.25 -28.79 -70.80
C TRP A 354 -102.93 -27.84 -71.77
N THR A 355 -102.17 -26.86 -72.23
CA THR A 355 -102.60 -25.96 -73.29
C THR A 355 -101.54 -25.97 -74.38
N THR A 356 -101.98 -25.81 -75.62
CA THR A 356 -101.11 -25.88 -76.78
C THR A 356 -100.78 -24.49 -77.30
N PHE A 357 -99.55 -24.34 -77.81
CA PHE A 357 -99.03 -23.05 -78.26
C PHE A 357 -98.46 -23.22 -79.67
N VAL A 358 -99.30 -22.98 -80.67
CA VAL A 358 -98.85 -22.98 -82.05
C VAL A 358 -97.86 -21.84 -82.28
N PHE A 385 -94.27 -24.65 -85.27
CA PHE A 385 -93.69 -25.49 -84.24
C PHE A 385 -94.55 -25.47 -82.98
N VAL A 386 -95.24 -26.58 -82.72
CA VAL A 386 -96.12 -26.68 -81.58
C VAL A 386 -95.32 -26.92 -80.32
N GLU A 387 -95.70 -26.26 -79.23
CA GLU A 387 -95.15 -26.50 -77.92
C GLU A 387 -96.30 -26.56 -76.92
N TYR A 388 -96.09 -27.35 -75.86
CA TYR A 388 -97.09 -27.55 -74.84
C TYR A 388 -96.64 -26.93 -73.52
N LYS A 389 -97.61 -26.72 -72.64
CA LYS A 389 -97.35 -26.14 -71.32
C LYS A 389 -98.11 -26.98 -70.31
N ALA A 390 -97.38 -27.83 -69.59
CA ALA A 390 -97.99 -28.73 -68.63
C ALA A 390 -98.78 -27.94 -67.60
N PRO A 391 -99.72 -28.60 -66.91
CA PRO A 391 -100.41 -27.91 -65.80
C PRO A 391 -99.48 -27.40 -64.74
N ASN A 392 -98.26 -27.93 -64.67
CA ASN A 392 -97.24 -27.43 -63.76
C ASN A 392 -96.73 -26.06 -64.16
N GLY A 393 -97.11 -25.56 -65.33
CA GLY A 393 -96.60 -24.29 -65.81
C GLY A 393 -95.27 -24.36 -66.51
N VAL A 394 -94.77 -25.56 -66.79
CA VAL A 394 -93.45 -25.75 -67.38
C VAL A 394 -93.62 -26.01 -68.87
N ARG A 395 -92.72 -25.42 -69.66
CA ARG A 395 -92.81 -25.46 -71.11
C ARG A 395 -92.26 -26.78 -71.63
N VAL A 396 -93.05 -27.46 -72.46
CA VAL A 396 -92.74 -28.80 -72.95
C VAL A 396 -92.58 -28.73 -74.46
N ARG A 397 -91.90 -29.74 -75.00
CA ARG A 397 -91.64 -29.82 -76.43
C ARG A 397 -91.50 -31.28 -76.83
N LEU A 398 -92.51 -31.80 -77.53
CA LEU A 398 -92.39 -33.14 -78.07
C LEU A 398 -91.39 -33.16 -79.23
N ASP A 399 -90.46 -34.10 -79.19
CA ASP A 399 -89.54 -34.35 -80.30
C ASP A 399 -89.67 -35.83 -80.62
N VAL A 400 -90.64 -36.18 -81.46
CA VAL A 400 -90.87 -37.56 -81.84
C VAL A 400 -89.69 -38.01 -82.68
N ASP A 401 -88.87 -38.87 -82.12
CA ASP A 401 -87.68 -39.28 -82.84
C ASP A 401 -87.97 -40.49 -83.72
N PRO A 402 -87.26 -40.63 -84.84
CA PRO A 402 -87.59 -41.72 -85.77
C PRO A 402 -87.04 -43.07 -85.34
N PHE A 403 -85.98 -43.10 -84.54
CA PHE A 403 -85.37 -44.36 -84.18
C PHE A 403 -86.17 -45.13 -83.15
N TYR A 404 -87.05 -44.46 -82.41
CA TYR A 404 -87.91 -45.16 -81.47
C TYR A 404 -88.84 -46.14 -82.17
N ASP A 405 -88.98 -46.02 -83.50
CA ASP A 405 -89.79 -46.92 -84.29
C ASP A 405 -88.98 -47.79 -85.22
N ASP A 406 -87.65 -47.71 -85.16
CA ASP A 406 -86.78 -48.52 -85.99
C ASP A 406 -87.11 -50.00 -85.82
N PRO A 407 -87.68 -50.65 -86.84
CA PRO A 407 -88.03 -52.07 -86.70
C PRO A 407 -86.84 -53.02 -86.74
N VAL A 408 -85.63 -52.50 -86.88
CA VAL A 408 -84.44 -53.34 -86.95
C VAL A 408 -83.93 -53.62 -85.54
N ARG A 409 -83.56 -52.57 -84.81
CA ARG A 409 -83.07 -52.77 -83.46
C ARG A 409 -84.21 -53.13 -82.51
N ASN A 410 -85.41 -52.64 -82.77
CA ASN A 410 -86.56 -52.88 -81.92
C ASN A 410 -87.40 -54.01 -82.53
N LYS A 411 -87.56 -55.08 -81.77
CA LYS A 411 -88.23 -56.28 -82.25
C LYS A 411 -89.51 -56.62 -81.51
N ILE A 412 -89.57 -56.38 -80.20
CA ILE A 412 -90.76 -56.76 -79.43
C ILE A 412 -91.93 -55.89 -79.84
N LEU A 413 -93.09 -56.52 -79.98
CA LEU A 413 -94.30 -55.85 -80.45
C LEU A 413 -95.20 -55.50 -79.26
N HIS A 414 -95.77 -54.31 -79.30
CA HIS A 414 -96.72 -53.91 -78.28
C HIS A 414 -98.11 -54.43 -78.62
N PRO A 415 -98.82 -55.04 -77.68
CA PRO A 415 -100.18 -55.53 -77.98
C PRO A 415 -101.08 -54.48 -78.62
N MET A 416 -100.77 -53.21 -78.40
CA MET A 416 -101.54 -52.10 -78.93
C MET A 416 -100.99 -51.56 -80.25
N GLY A 417 -100.01 -52.24 -80.83
CA GLY A 417 -99.46 -51.87 -82.11
C GLY A 417 -98.08 -51.25 -81.98
N GLY A 418 -97.35 -51.31 -83.09
CA GLY A 418 -96.01 -50.75 -83.12
C GLY A 418 -95.04 -51.56 -82.28
N VAL A 419 -93.81 -51.07 -82.23
CA VAL A 419 -92.78 -51.67 -81.40
C VAL A 419 -92.78 -50.99 -80.04
N ALA A 420 -92.59 -51.78 -79.00
CA ALA A 420 -92.74 -51.27 -77.65
C ALA A 420 -91.77 -50.15 -77.34
N PHE A 421 -90.68 -50.03 -78.09
CA PHE A 421 -89.74 -48.96 -77.86
C PHE A 421 -90.31 -47.60 -78.24
N SER A 422 -91.40 -47.57 -79.01
CA SER A 422 -92.04 -46.32 -79.34
C SER A 422 -92.93 -45.82 -78.20
N TYR A 423 -93.35 -46.71 -77.31
CA TYR A 423 -94.11 -46.33 -76.13
C TYR A 423 -93.20 -45.94 -74.97
N ARG A 424 -92.22 -45.08 -75.25
CA ARG A 424 -91.13 -44.84 -74.30
C ARG A 424 -90.75 -43.38 -74.36
N TYR A 425 -90.87 -42.69 -73.23
CA TYR A 425 -90.60 -41.27 -73.15
C TYR A 425 -89.28 -41.03 -72.42
N ASP A 426 -88.51 -40.09 -72.93
CA ASP A 426 -87.25 -39.67 -72.33
C ASP A 426 -87.37 -38.17 -72.04
N ILE A 427 -87.52 -37.84 -70.77
CA ILE A 427 -87.83 -36.48 -70.34
C ILE A 427 -86.56 -35.87 -69.79
N TRP A 428 -86.06 -34.84 -70.45
CA TRP A 428 -84.77 -34.23 -70.14
C TRP A 428 -84.96 -32.76 -69.82
N TYR A 429 -84.41 -32.33 -68.69
CA TYR A 429 -84.40 -30.92 -68.33
C TYR A 429 -83.39 -30.17 -69.20
N ILE A 430 -83.84 -29.12 -69.85
CA ILE A 430 -82.98 -28.29 -70.69
C ILE A 430 -82.87 -26.90 -70.05
N GLY A 431 -81.73 -26.27 -70.29
CA GLY A 431 -81.48 -24.95 -69.73
C GLY A 431 -80.24 -24.30 -70.30
N THR A 432 -79.48 -23.62 -69.45
CA THR A 432 -78.28 -22.90 -69.88
C THR A 432 -77.15 -23.14 -68.88
N GLN A 435 -73.84 -24.71 -68.98
CA GLN A 435 -73.01 -25.67 -69.69
C GLN A 435 -73.77 -26.97 -69.93
N PRO A 436 -73.49 -27.63 -71.06
CA PRO A 436 -74.27 -28.82 -71.43
C PRO A 436 -74.18 -29.91 -70.38
N ASN A 437 -75.27 -30.67 -70.25
CA ASN A 437 -75.31 -31.81 -69.34
C ASN A 437 -74.81 -33.09 -69.98
N ILE A 438 -74.97 -33.24 -71.29
CA ILE A 438 -74.49 -34.39 -72.02
C ILE A 438 -73.57 -33.91 -73.13
N PHE A 439 -72.45 -34.61 -73.30
CA PHE A 439 -71.54 -34.38 -74.40
C PHE A 439 -70.82 -35.68 -74.71
N LYS A 440 -70.44 -35.84 -75.97
CA LYS A 440 -69.78 -37.05 -76.42
C LYS A 440 -68.28 -36.82 -76.47
N CYS A 441 -67.53 -37.71 -75.83
CA CYS A 441 -66.10 -37.54 -75.69
C CYS A 441 -65.38 -37.95 -76.96
N LYS A 442 -64.25 -37.29 -77.21
CA LYS A 442 -63.45 -37.52 -78.41
C LYS A 442 -61.97 -37.36 -78.06
N ILE A 443 -61.13 -37.94 -78.91
CA ILE A 443 -59.68 -37.83 -78.77
C ILE A 443 -59.12 -37.18 -80.01
N LYS A 444 -58.14 -36.30 -79.82
CA LYS A 444 -57.51 -35.61 -80.94
C LYS A 444 -56.85 -36.62 -81.86
N GLY A 445 -57.16 -36.53 -83.15
CA GLY A 445 -56.55 -37.38 -84.15
C GLY A 445 -57.07 -38.80 -84.16
N ASP A 446 -58.38 -38.98 -84.00
CA ASP A 446 -59.01 -40.30 -84.09
C ASP A 446 -59.65 -40.53 -85.44
N ASN A 447 -59.70 -39.51 -86.29
CA ASN A 447 -60.25 -39.63 -87.63
C ASN A 447 -59.21 -40.08 -88.65
N GLU A 448 -57.96 -40.24 -88.23
CA GLU A 448 -56.88 -40.69 -89.11
C GLU A 448 -56.55 -42.17 -88.95
N TYR A 449 -57.19 -42.85 -88.00
CA TYR A 449 -56.94 -44.27 -87.78
C TYR A 449 -57.63 -45.09 -88.87
N ARG A 450 -57.14 -44.88 -90.09
CA ARG A 450 -57.54 -45.65 -91.27
C ARG A 450 -56.29 -46.23 -91.88
N GLY A 451 -56.22 -47.56 -91.93
CA GLY A 451 -55.06 -48.23 -92.47
C GLY A 451 -55.45 -49.19 -93.57
N TYR A 452 -54.53 -49.35 -94.52
CA TYR A 452 -54.73 -50.23 -95.66
C TYR A 452 -53.68 -51.33 -95.62
N GLN A 453 -54.14 -52.56 -95.37
CA GLN A 453 -53.26 -53.72 -95.35
C GLN A 453 -53.47 -54.43 -96.69
N TRP A 454 -52.66 -54.06 -97.67
CA TRP A 454 -52.84 -54.50 -99.04
C TRP A 454 -51.53 -55.04 -99.59
N GLY A 455 -51.66 -55.82 -100.66
CA GLY A 455 -50.51 -56.36 -101.35
C GLY A 455 -50.05 -55.51 -102.51
N ILE A 456 -50.12 -56.05 -103.72
CA ILE A 456 -49.62 -55.35 -104.89
C ILE A 456 -50.61 -54.35 -105.47
N ARG A 457 -51.87 -54.38 -105.03
CA ARG A 457 -52.89 -53.50 -105.58
C ARG A 457 -53.86 -53.06 -104.50
N ASN A 458 -54.20 -51.78 -104.50
CA ASN A 458 -55.16 -51.20 -103.57
C ASN A 458 -56.37 -50.69 -104.33
N PRO A 459 -57.46 -51.43 -104.38
CA PRO A 459 -58.66 -50.91 -105.05
C PRO A 459 -59.22 -49.66 -104.40
N PHE A 460 -59.05 -49.52 -103.09
CA PHE A 460 -59.59 -48.38 -102.37
C PHE A 460 -59.00 -47.07 -102.87
N THR A 461 -57.69 -46.90 -102.70
CA THR A 461 -57.02 -45.65 -103.06
C THR A 461 -56.52 -45.62 -104.49
N GLY A 462 -56.73 -46.69 -105.27
CA GLY A 462 -56.39 -46.68 -106.67
C GLY A 462 -54.92 -46.87 -106.98
N GLN A 463 -54.12 -47.30 -106.01
CA GLN A 463 -52.68 -47.43 -106.20
C GLN A 463 -52.36 -48.77 -106.84
N LYS A 464 -51.44 -48.74 -107.80
CA LYS A 464 -50.98 -49.92 -108.51
C LYS A 464 -49.49 -50.05 -108.30
N GLY A 465 -49.06 -51.17 -107.71
CA GLY A 465 -47.68 -51.34 -107.36
C GLY A 465 -47.42 -50.87 -105.94
N ASN A 466 -46.76 -51.70 -105.14
CA ASN A 466 -46.59 -51.45 -103.72
C ASN A 466 -45.10 -51.46 -103.37
N PRO A 467 -44.51 -50.33 -102.94
CA PRO A 467 -43.11 -50.37 -102.52
C PRO A 467 -42.93 -51.04 -101.18
N TYR A 468 -43.89 -50.82 -100.29
CA TYR A 468 -43.90 -51.41 -98.95
C TYR A 468 -45.08 -52.37 -98.89
N MET A 469 -44.83 -53.61 -99.30
CA MET A 469 -45.88 -54.61 -99.35
C MET A 469 -46.12 -55.24 -97.98
N SER A 470 -47.35 -55.69 -97.77
CA SER A 470 -47.79 -56.32 -96.53
C SER A 470 -47.91 -57.83 -96.66
N PHE A 471 -48.37 -58.32 -97.81
CA PHE A 471 -48.56 -59.74 -98.04
C PHE A 471 -48.42 -60.02 -99.53
N ASP A 472 -48.22 -61.30 -99.84
CA ASP A 472 -48.07 -61.72 -101.23
C ASP A 472 -49.40 -61.68 -101.97
N GLU A 473 -50.46 -62.15 -101.33
CA GLU A 473 -51.75 -62.28 -101.97
C GLU A 473 -52.16 -60.97 -102.65
N ASP A 474 -52.94 -61.11 -103.71
CA ASP A 474 -53.53 -59.97 -104.40
C ASP A 474 -54.82 -59.61 -103.69
N SER A 475 -54.73 -58.64 -102.78
CA SER A 475 -55.88 -58.28 -101.94
C SER A 475 -55.59 -56.96 -101.28
N ALA A 476 -56.63 -56.39 -100.68
CA ALA A 476 -56.53 -55.14 -99.95
C ALA A 476 -57.54 -55.18 -98.82
N VAL A 477 -57.04 -55.08 -97.60
CA VAL A 477 -57.89 -54.96 -96.44
C VAL A 477 -57.88 -53.50 -96.01
N ILE A 478 -58.93 -53.11 -95.30
CA ILE A 478 -59.04 -51.77 -94.75
C ILE A 478 -59.45 -51.89 -93.29
N HIS A 479 -58.83 -51.08 -92.45
CA HIS A 479 -59.10 -51.07 -91.03
C HIS A 479 -59.50 -49.66 -90.61
N ARG A 480 -60.60 -49.57 -89.87
CA ARG A 480 -60.99 -48.34 -89.20
C ARG A 480 -60.96 -48.59 -87.71
N MET A 481 -60.54 -47.58 -86.96
CA MET A 481 -60.40 -47.72 -85.52
C MET A 481 -60.80 -46.41 -84.86
N ALA A 482 -61.71 -46.49 -83.90
CA ALA A 482 -62.16 -45.32 -83.16
C ALA A 482 -62.40 -45.69 -81.71
N THR A 483 -62.05 -44.77 -80.82
CA THR A 483 -62.36 -44.86 -79.40
C THR A 483 -63.21 -43.65 -79.03
N LEU A 484 -64.25 -43.89 -78.24
CA LEU A 484 -65.25 -42.86 -78.00
C LEU A 484 -65.90 -43.10 -76.65
N GLY A 485 -66.60 -42.06 -76.19
CA GLY A 485 -67.34 -42.12 -74.94
C GLY A 485 -68.34 -40.99 -74.89
N VAL A 486 -69.18 -41.04 -73.86
CA VAL A 486 -70.17 -40.00 -73.61
C VAL A 486 -70.21 -39.73 -72.13
N CYS A 487 -70.44 -38.46 -71.78
CA CYS A 487 -70.46 -38.02 -70.39
C CYS A 487 -71.83 -37.42 -70.08
N VAL A 488 -72.56 -38.05 -69.18
CA VAL A 488 -73.82 -37.54 -68.66
C VAL A 488 -73.54 -37.02 -67.27
N LEU A 489 -73.38 -35.70 -67.15
CA LEU A 489 -72.94 -35.10 -65.90
C LEU A 489 -73.96 -35.29 -64.80
N ASP A 490 -75.20 -34.83 -65.02
CA ASP A 490 -76.26 -34.84 -64.01
C ASP A 490 -77.39 -35.73 -64.51
N PRO A 491 -77.35 -37.02 -64.21
CA PRO A 491 -78.43 -37.92 -64.66
C PRO A 491 -79.71 -37.74 -63.88
N THR A 492 -79.76 -36.73 -63.00
CA THR A 492 -80.98 -36.35 -62.33
C THR A 492 -81.78 -35.31 -63.11
N ARG A 493 -81.18 -34.73 -64.15
CA ARG A 493 -81.89 -33.89 -65.11
C ARG A 493 -82.66 -34.69 -66.14
N THR A 494 -82.82 -35.99 -65.92
CA THR A 494 -83.41 -36.89 -66.91
C THR A 494 -84.33 -37.88 -66.23
N MET A 495 -85.43 -38.20 -66.90
CA MET A 495 -86.36 -39.22 -66.44
C MET A 495 -86.80 -40.04 -67.64
N SER A 496 -87.22 -41.27 -67.36
CA SER A 496 -87.60 -42.20 -68.41
C SER A 496 -88.77 -43.05 -67.97
N LEU A 497 -89.79 -43.15 -68.81
CA LEU A 497 -90.86 -44.12 -68.65
C LEU A 497 -90.72 -45.17 -69.74
N ILE A 498 -90.67 -46.43 -69.34
CA ILE A 498 -90.41 -47.54 -70.25
C ILE A 498 -91.54 -48.54 -70.11
N PRO A 499 -92.04 -49.13 -71.19
CA PRO A 499 -93.05 -50.19 -71.04
C PRO A 499 -92.44 -51.42 -70.39
N ALA A 500 -93.08 -51.90 -69.34
CA ALA A 500 -92.53 -53.00 -68.54
C ALA A 500 -92.12 -54.18 -69.38
N ILE A 501 -92.69 -54.33 -70.58
CA ILE A 501 -92.33 -55.47 -71.44
C ILE A 501 -90.89 -55.36 -71.91
N LEU A 502 -90.30 -54.16 -71.90
CA LEU A 502 -88.89 -53.97 -72.20
C LEU A 502 -88.00 -54.15 -70.98
N GLN A 503 -88.52 -54.76 -69.92
CA GLN A 503 -87.77 -54.99 -68.70
C GLN A 503 -87.16 -56.38 -68.65
N GLY A 504 -87.98 -57.41 -68.81
CA GLY A 504 -87.50 -58.78 -68.78
C GLY A 504 -88.63 -59.79 -68.87
N ALA B 2 -36.85 24.04 12.27
CA ALA B 2 -36.58 22.77 12.93
C ALA B 2 -37.67 21.76 12.64
N GLY B 3 -38.39 21.98 11.54
CA GLY B 3 -39.47 21.10 11.16
C GLY B 3 -39.57 21.00 9.65
N LYS B 4 -40.50 20.18 9.19
CA LYS B 4 -40.70 19.94 7.78
C LYS B 4 -41.66 20.98 7.19
N LEU B 5 -41.23 21.64 6.12
CA LEU B 5 -42.09 22.58 5.43
C LEU B 5 -43.29 21.88 4.80
N GLY B 6 -43.02 20.95 3.89
CA GLY B 6 -44.01 20.00 3.44
C GLY B 6 -43.87 18.70 4.20
N LYS B 7 -44.35 17.62 3.57
CA LYS B 7 -44.06 16.28 4.08
C LYS B 7 -42.98 15.58 3.26
N PHE B 8 -42.75 16.03 2.03
CA PHE B 8 -41.65 15.51 1.22
C PHE B 8 -40.42 16.42 1.34
N GLN B 9 -40.07 16.76 2.57
CA GLN B 9 -38.83 17.47 2.85
C GLN B 9 -37.81 16.45 3.33
N MET B 10 -36.76 16.28 2.54
CA MET B 10 -35.85 15.15 2.69
C MET B 10 -34.75 15.42 3.70
N LEU B 11 -34.27 16.66 3.75
CA LEU B 11 -33.13 17.04 4.56
C LEU B 11 -33.55 17.90 5.73
N GLY B 12 -32.63 18.01 6.69
CA GLY B 12 -32.70 19.03 7.71
C GLY B 12 -31.41 19.84 7.70
N PHE B 13 -31.49 21.02 8.31
CA PHE B 13 -30.34 21.91 8.32
C PHE B 13 -29.25 21.36 9.24
N GLN B 14 -28.04 21.26 8.71
CA GLN B 14 -26.92 20.66 9.40
C GLN B 14 -25.89 21.73 9.69
N HIS B 15 -25.34 21.72 10.89
CA HIS B 15 -24.53 22.83 11.39
C HIS B 15 -23.48 22.31 12.35
N TRP B 16 -22.27 22.87 12.26
CA TRP B 16 -21.17 22.47 13.13
C TRP B 16 -20.27 23.67 13.39
N LYS B 17 -19.45 23.56 14.42
CA LYS B 17 -18.50 24.59 14.81
C LYS B 17 -17.07 24.12 14.56
N GLY B 18 -16.28 24.97 13.92
CA GLY B 18 -14.83 24.93 14.08
C GLY B 18 -14.16 24.05 13.04
N LEU B 19 -13.31 23.15 13.52
CA LEU B 19 -12.47 22.35 12.63
C LEU B 19 -13.34 21.49 11.73
N THR B 20 -13.19 21.68 10.42
CA THR B 20 -13.98 20.97 9.43
C THR B 20 -13.13 19.90 8.77
N SER B 21 -13.58 18.65 8.90
CA SER B 21 -12.93 17.52 8.26
C SER B 21 -13.63 17.20 6.95
N ASP B 22 -13.08 16.23 6.21
CA ASP B 22 -13.74 15.82 4.97
C ASP B 22 -15.06 15.11 5.25
N ASN B 23 -15.13 14.32 6.33
CA ASN B 23 -16.40 13.71 6.65
C ASN B 23 -17.44 14.75 7.06
N HIS B 24 -16.99 15.90 7.55
CA HIS B 24 -17.90 17.03 7.71
C HIS B 24 -18.45 17.46 6.36
N LEU B 25 -17.58 17.54 5.35
CA LEU B 25 -17.99 17.94 4.01
C LEU B 25 -18.78 16.86 3.28
N GLY B 26 -18.58 15.59 3.65
CA GLY B 26 -19.33 14.50 3.05
C GLY B 26 -20.70 14.38 3.65
N ALA B 27 -20.79 14.56 4.97
CA ALA B 27 -22.08 14.56 5.65
C ALA B 27 -22.95 15.73 5.22
N ILE B 28 -22.41 16.69 4.47
CA ILE B 28 -23.19 17.77 3.90
C ILE B 28 -23.17 17.70 2.37
N PHE B 29 -22.74 16.56 1.83
CA PHE B 29 -22.98 16.22 0.43
C PHE B 29 -22.15 17.09 -0.51
N GLN B 30 -20.91 17.38 -0.11
CA GLN B 30 -19.99 18.17 -0.92
C GLN B 30 -18.73 17.42 -1.29
N GLN B 31 -18.68 16.12 -1.01
CA GLN B 31 -17.56 15.26 -1.41
C GLN B 31 -18.14 14.08 -2.16
N ALA B 32 -17.71 13.90 -3.40
CA ALA B 32 -18.26 12.86 -4.26
C ALA B 32 -17.16 12.17 -5.04
N PRO B 33 -17.32 10.89 -5.35
CA PRO B 33 -16.36 10.21 -6.22
C PRO B 33 -16.42 10.73 -7.64
N GLN B 34 -15.28 10.69 -8.31
CA GLN B 34 -15.20 11.09 -9.71
C GLN B 34 -15.57 9.92 -10.62
N LYS B 35 -15.95 10.26 -11.85
CA LYS B 35 -16.26 9.28 -12.88
C LYS B 35 -15.22 9.41 -13.99
N ALA B 36 -14.48 8.34 -14.22
CA ALA B 36 -13.50 8.28 -15.30
C ALA B 36 -14.19 7.72 -16.54
N THR B 37 -14.37 8.56 -17.55
CA THR B 37 -15.06 8.17 -18.77
C THR B 37 -14.13 7.66 -19.84
N ASN B 38 -12.89 8.14 -19.87
CA ASN B 38 -11.87 7.52 -20.71
C ASN B 38 -11.43 6.17 -20.16
N LEU B 39 -12.00 5.74 -19.05
CA LEU B 39 -11.70 4.45 -18.43
C LEU B 39 -12.94 3.56 -18.52
N MET B 40 -12.80 2.44 -19.20
CA MET B 40 -13.87 1.46 -19.29
C MET B 40 -13.24 0.08 -19.38
N VAL B 41 -13.93 -0.91 -18.83
CA VAL B 41 -13.45 -2.29 -18.80
C VAL B 41 -14.49 -3.16 -19.48
N GLN B 42 -14.16 -3.65 -20.67
CA GLN B 42 -14.95 -4.68 -21.32
C GLN B 42 -14.34 -6.03 -20.97
N LEU B 43 -15.08 -6.84 -20.23
CA LEU B 43 -14.59 -8.16 -19.84
C LEU B 43 -14.07 -8.91 -21.06
N LEU B 44 -13.03 -9.69 -20.85
CA LEU B 44 -12.35 -10.40 -21.93
C LEU B 44 -12.94 -11.79 -22.08
N ALA B 45 -13.37 -12.11 -23.30
CA ALA B 45 -13.93 -13.41 -23.60
C ALA B 45 -14.01 -13.55 -25.11
N PHE B 46 -13.97 -14.79 -25.57
CA PHE B 46 -14.09 -15.12 -26.99
C PHE B 46 -15.56 -15.45 -27.21
N TYR B 47 -16.33 -14.44 -27.60
CA TYR B 47 -17.78 -14.54 -27.66
C TYR B 47 -18.17 -15.36 -28.88
N ARG B 48 -18.70 -16.56 -28.63
CA ARG B 48 -18.97 -17.53 -29.67
C ARG B 48 -20.44 -17.54 -30.08
N GLY B 49 -21.20 -16.53 -29.67
CA GLY B 49 -22.45 -16.26 -30.31
C GLY B 49 -22.23 -15.59 -31.65
N LYS B 50 -23.27 -15.62 -32.48
CA LYS B 50 -23.19 -15.23 -33.89
C LYS B 50 -22.53 -16.35 -34.68
N SER B 51 -22.32 -17.51 -34.05
CA SER B 51 -21.73 -18.67 -34.68
C SER B 51 -22.78 -19.61 -35.26
N LEU B 52 -23.95 -19.71 -34.62
CA LEU B 52 -25.08 -20.35 -35.28
C LEU B 52 -25.49 -19.58 -36.53
N ASP B 53 -25.59 -18.26 -36.42
CA ASP B 53 -26.00 -17.45 -37.57
C ASP B 53 -25.01 -17.62 -38.71
N THR B 54 -23.72 -17.56 -38.40
CA THR B 54 -22.70 -17.76 -39.42
C THR B 54 -22.79 -19.17 -39.99
N PHE B 55 -22.96 -20.17 -39.12
CA PHE B 55 -23.07 -21.55 -39.59
C PHE B 55 -24.28 -21.72 -40.49
N LEU B 56 -25.40 -21.08 -40.14
CA LEU B 56 -26.64 -21.24 -40.90
C LEU B 56 -26.76 -20.24 -42.03
N ASN B 57 -26.03 -19.13 -41.99
CA ASN B 57 -26.01 -18.18 -43.08
C ASN B 57 -25.14 -18.64 -44.24
N SER B 58 -24.42 -19.75 -44.06
CA SER B 58 -23.65 -20.35 -45.15
C SER B 58 -24.53 -21.13 -46.11
N PHE B 59 -25.68 -21.61 -45.64
CA PHE B 59 -26.64 -22.32 -46.48
C PHE B 59 -27.61 -21.34 -47.11
N PRO B 60 -28.07 -21.59 -48.34
CA PRO B 60 -29.09 -20.72 -48.94
C PRO B 60 -30.49 -21.17 -48.55
N THR B 61 -31.44 -20.25 -48.75
CA THR B 61 -32.83 -20.48 -48.41
C THR B 61 -33.65 -20.70 -49.67
N ARG B 62 -34.63 -21.60 -49.57
CA ARG B 62 -35.46 -22.00 -50.70
C ARG B 62 -36.90 -21.60 -50.44
N GLU B 63 -37.50 -20.87 -51.38
CA GLU B 63 -38.85 -20.36 -51.22
C GLU B 63 -39.88 -21.39 -51.67
N PHE B 64 -40.96 -21.48 -50.91
CA PHE B 64 -42.05 -22.40 -51.19
C PHE B 64 -43.37 -21.62 -51.23
N GLU B 65 -44.45 -22.33 -51.52
CA GLU B 65 -45.77 -21.71 -51.70
C GLU B 65 -46.72 -21.95 -50.54
N ASP B 66 -46.58 -23.07 -49.82
CA ASP B 66 -47.56 -23.46 -48.82
C ASP B 66 -46.85 -23.96 -47.57
N ASP B 67 -47.60 -23.98 -46.47
CA ASP B 67 -47.19 -24.67 -45.27
C ASP B 67 -47.43 -26.17 -45.36
N ASN B 68 -47.82 -26.67 -46.52
CA ASN B 68 -48.06 -28.09 -46.72
C ASN B 68 -46.73 -28.84 -46.79
N GLU B 69 -46.79 -30.14 -46.49
CA GLU B 69 -45.64 -30.98 -46.67
C GLU B 69 -45.27 -31.07 -48.14
N TYR B 70 -43.98 -31.11 -48.42
CA TYR B 70 -43.47 -31.19 -49.78
C TYR B 70 -42.60 -32.43 -49.93
N TYR B 71 -42.79 -33.13 -51.04
CA TYR B 71 -41.94 -34.26 -51.40
C TYR B 71 -41.13 -33.91 -52.64
N TRP B 72 -39.93 -34.49 -52.72
CA TRP B 72 -39.08 -34.36 -53.90
C TRP B 72 -38.75 -35.75 -54.40
N ASP B 73 -38.49 -35.84 -55.70
CA ASP B 73 -38.29 -37.12 -56.36
C ASP B 73 -36.82 -37.50 -56.37
N VAL B 74 -36.57 -38.79 -56.14
CA VAL B 74 -35.23 -39.34 -55.98
C VAL B 74 -35.00 -40.36 -57.08
N ILE B 75 -33.84 -40.29 -57.74
CA ILE B 75 -33.52 -41.14 -58.87
C ILE B 75 -32.13 -41.72 -58.68
N GLY B 76 -31.84 -42.75 -59.47
CA GLY B 76 -30.54 -43.39 -59.45
C GLY B 76 -30.19 -43.92 -60.81
N SER B 77 -29.35 -44.95 -60.83
CA SER B 77 -28.91 -45.59 -62.07
C SER B 77 -29.61 -46.93 -62.25
N SER B 78 -29.93 -47.26 -63.50
CA SER B 78 -30.67 -48.47 -63.82
C SER B 78 -29.77 -49.61 -64.28
N ARG B 79 -28.49 -49.56 -63.91
CA ARG B 79 -27.54 -50.60 -64.29
C ARG B 79 -27.63 -51.75 -63.29
N ARG B 80 -27.98 -52.94 -63.77
CA ARG B 80 -28.27 -54.07 -62.92
C ARG B 80 -27.54 -55.32 -63.40
N ASN B 81 -27.41 -56.27 -62.50
CA ASN B 81 -27.07 -57.65 -62.82
C ASN B 81 -27.98 -58.56 -62.03
N ILE B 82 -28.28 -59.72 -62.58
CA ILE B 82 -29.32 -60.59 -62.02
C ILE B 82 -28.68 -61.82 -61.38
N PRO B 83 -29.10 -62.22 -60.19
CA PRO B 83 -28.65 -63.49 -59.64
C PRO B 83 -29.34 -64.67 -60.30
N LEU B 84 -28.70 -65.82 -60.18
CA LEU B 84 -29.21 -67.07 -60.72
C LEU B 84 -29.87 -67.88 -59.60
N VAL B 85 -31.08 -68.36 -59.86
CA VAL B 85 -31.75 -69.25 -58.92
C VAL B 85 -31.12 -70.63 -58.96
N GLU B 86 -31.01 -71.19 -60.16
CA GLU B 86 -30.46 -72.52 -60.34
C GLU B 86 -30.16 -72.69 -61.83
N ALA B 87 -29.78 -73.90 -62.20
CA ALA B 87 -29.58 -74.27 -63.59
C ALA B 87 -30.03 -75.71 -63.77
N ARG B 88 -30.62 -76.00 -64.93
CA ARG B 88 -31.09 -77.33 -65.25
C ARG B 88 -30.41 -77.80 -66.53
N ASP B 89 -30.36 -79.11 -66.70
CA ASP B 89 -29.65 -79.70 -67.82
C ASP B 89 -30.57 -79.74 -69.04
N GLU B 90 -30.09 -80.38 -70.12
CA GLU B 90 -30.89 -80.52 -71.33
C GLU B 90 -32.25 -81.15 -71.02
N ASN B 91 -32.27 -82.12 -70.10
CA ASN B 91 -33.49 -82.84 -69.77
C ASN B 91 -34.27 -82.20 -68.63
N GLY B 92 -33.75 -81.13 -68.03
CA GLY B 92 -34.47 -80.46 -66.96
C GLY B 92 -34.13 -80.94 -65.57
N VAL B 93 -32.97 -81.54 -65.37
CA VAL B 93 -32.50 -81.91 -64.04
C VAL B 93 -31.56 -80.82 -63.54
N VAL B 94 -31.59 -80.58 -62.24
CA VAL B 94 -30.87 -79.47 -61.65
C VAL B 94 -29.39 -79.76 -61.62
N VAL B 95 -28.58 -78.70 -61.79
CA VAL B 95 -27.13 -78.82 -61.80
C VAL B 95 -26.66 -78.71 -60.36
N ALA B 96 -26.34 -79.85 -59.75
CA ALA B 96 -25.71 -79.85 -58.44
C ALA B 96 -24.30 -79.28 -58.54
N ALA B 97 -23.62 -79.14 -57.41
CA ALA B 97 -22.26 -78.59 -57.42
C ALA B 97 -21.23 -79.67 -57.76
N ASN B 98 -21.39 -80.86 -57.20
CA ASN B 98 -20.50 -81.99 -57.52
C ASN B 98 -21.01 -82.72 -58.76
N ALA B 99 -21.10 -81.97 -59.85
CA ALA B 99 -21.63 -82.46 -61.11
C ALA B 99 -20.70 -82.09 -62.25
N ALA B 100 -20.93 -82.70 -63.40
CA ALA B 100 -20.11 -82.48 -64.58
C ALA B 100 -20.65 -81.30 -65.39
N ASN B 101 -19.86 -80.89 -66.38
CA ASN B 101 -20.23 -79.77 -67.21
C ASN B 101 -21.52 -80.09 -67.98
N VAL B 102 -22.08 -79.06 -68.61
CA VAL B 102 -23.44 -79.13 -69.12
C VAL B 102 -23.48 -78.95 -70.64
N GLY B 103 -23.04 -77.79 -71.12
CA GLY B 103 -23.14 -77.48 -72.53
C GLY B 103 -21.91 -77.89 -73.31
N VAL B 104 -21.66 -79.20 -73.39
CA VAL B 104 -20.38 -79.68 -73.92
C VAL B 104 -20.35 -79.59 -75.44
N GLY B 105 -21.27 -80.27 -76.11
CA GLY B 105 -21.29 -80.26 -77.56
C GLY B 105 -22.23 -79.19 -78.09
N THR B 106 -21.98 -77.95 -77.68
CA THR B 106 -22.92 -76.86 -77.91
C THR B 106 -24.32 -77.32 -77.58
N SER B 107 -24.45 -78.19 -76.57
CA SER B 107 -25.74 -78.62 -76.11
C SER B 107 -26.47 -77.46 -75.43
N PRO B 108 -27.80 -77.51 -75.39
CA PRO B 108 -28.54 -76.48 -74.66
C PRO B 108 -28.76 -76.86 -73.20
N PHE B 109 -29.05 -75.85 -72.38
CA PHE B 109 -29.39 -76.08 -70.98
C PHE B 109 -30.23 -74.90 -70.52
N TYR B 110 -30.77 -75.03 -69.31
CA TYR B 110 -31.73 -74.07 -68.79
C TYR B 110 -31.12 -73.30 -67.63
N LEU B 111 -31.01 -71.98 -67.81
CA LEU B 111 -30.70 -71.07 -66.72
C LEU B 111 -31.98 -70.52 -66.15
N VAL B 112 -32.07 -70.48 -64.82
CA VAL B 112 -33.25 -69.98 -64.12
C VAL B 112 -32.88 -68.67 -63.43
N PHE B 113 -33.77 -67.70 -63.54
CA PHE B 113 -33.62 -66.39 -62.91
C PHE B 113 -34.90 -66.06 -62.17
N PRO B 114 -34.85 -65.11 -61.23
CA PRO B 114 -36.06 -64.67 -60.53
C PRO B 114 -36.81 -63.52 -61.18
N GLU B 115 -36.48 -63.16 -62.42
CA GLU B 115 -37.15 -62.07 -63.11
C GLU B 115 -36.75 -62.12 -64.58
N ASP B 116 -37.70 -61.82 -65.46
CA ASP B 116 -37.45 -61.85 -66.90
C ASP B 116 -36.76 -60.54 -67.28
N TRP B 117 -35.44 -60.57 -67.24
CA TRP B 117 -34.61 -59.41 -67.55
C TRP B 117 -33.88 -59.54 -68.88
N PHE B 118 -33.86 -60.72 -69.48
CA PHE B 118 -33.11 -60.99 -70.69
C PHE B 118 -34.05 -61.39 -71.82
N ALA B 119 -33.56 -61.28 -73.04
CA ALA B 119 -34.37 -61.36 -74.24
C ALA B 119 -34.05 -62.64 -75.03
N ASP B 120 -34.66 -62.73 -76.21
CA ASP B 120 -34.60 -63.93 -77.03
C ASP B 120 -33.18 -64.34 -77.37
N GLY B 121 -32.46 -63.51 -78.12
CA GLY B 121 -31.19 -63.91 -78.69
C GLY B 121 -30.02 -63.07 -78.21
N GLU B 122 -30.04 -62.71 -76.94
CA GLU B 122 -28.95 -61.95 -76.35
C GLU B 122 -27.87 -62.87 -75.82
N VAL B 123 -26.70 -62.30 -75.61
CA VAL B 123 -25.58 -62.99 -74.97
C VAL B 123 -25.41 -62.42 -73.58
N ILE B 124 -25.47 -63.30 -72.58
CA ILE B 124 -25.36 -62.90 -71.18
C ILE B 124 -24.20 -63.68 -70.57
N VAL B 125 -23.48 -63.03 -69.68
CA VAL B 125 -22.30 -63.61 -69.07
C VAL B 125 -22.45 -63.59 -67.56
N GLY B 126 -21.89 -64.60 -66.91
CA GLY B 126 -22.01 -64.73 -65.47
C GLY B 126 -20.89 -64.06 -64.72
N ASN B 127 -20.49 -64.62 -63.58
CA ASN B 127 -19.42 -64.01 -62.80
C ASN B 127 -18.10 -64.05 -63.56
N LEU B 128 -17.90 -65.05 -64.40
CA LEU B 128 -16.77 -65.11 -65.32
C LEU B 128 -17.27 -64.64 -66.68
N ASN B 129 -16.90 -63.42 -67.04
CA ASN B 129 -17.40 -62.80 -68.25
C ASN B 129 -16.52 -63.14 -69.44
N GLN B 130 -17.15 -63.36 -70.59
CA GLN B 130 -16.48 -63.56 -71.86
C GLN B 130 -15.81 -64.92 -71.95
N VAL B 131 -15.84 -65.72 -70.89
CA VAL B 131 -15.18 -67.01 -70.86
C VAL B 131 -16.23 -68.08 -71.13
N TYR B 132 -17.44 -67.86 -70.63
CA TYR B 132 -18.59 -68.70 -70.93
C TYR B 132 -19.72 -67.82 -71.42
N PRO B 133 -19.72 -67.45 -72.70
CA PRO B 133 -20.85 -66.67 -73.23
C PRO B 133 -22.08 -67.54 -73.38
N PHE B 134 -23.22 -66.98 -72.98
CA PHE B 134 -24.50 -67.69 -73.01
C PHE B 134 -25.43 -67.00 -73.99
N ARG B 135 -25.80 -67.71 -75.05
CA ARG B 135 -26.77 -67.22 -76.02
C ARG B 135 -28.15 -67.78 -75.69
N ILE B 136 -29.13 -66.91 -75.55
CA ILE B 136 -30.47 -67.30 -75.13
C ILE B 136 -31.23 -67.86 -76.33
N LEU B 137 -31.85 -69.03 -76.14
CA LEU B 137 -32.60 -69.70 -77.18
C LEU B 137 -34.10 -69.46 -77.00
N GLY B 138 -34.52 -68.24 -77.31
CA GLY B 138 -35.93 -67.92 -77.29
C GLY B 138 -36.33 -67.13 -76.06
N ASP B 139 -37.64 -66.96 -75.94
CA ASP B 139 -38.20 -66.28 -74.79
C ASP B 139 -38.09 -67.16 -73.55
N ALA B 140 -38.59 -66.65 -72.43
CA ALA B 140 -38.40 -67.28 -71.12
C ALA B 140 -39.72 -67.86 -70.63
N ARG B 141 -39.71 -69.15 -70.30
CA ARG B 141 -40.83 -69.75 -69.59
C ARG B 141 -40.95 -69.14 -68.20
N MET B 142 -42.19 -69.00 -67.74
CA MET B 142 -42.48 -68.39 -66.45
C MET B 142 -42.81 -69.49 -65.45
N GLU B 143 -41.91 -69.70 -64.49
CA GLU B 143 -42.20 -70.53 -63.33
C GLU B 143 -42.61 -69.59 -62.20
N GLY B 144 -43.86 -69.18 -62.24
CA GLY B 144 -44.31 -68.13 -61.34
C GLY B 144 -43.60 -66.83 -61.67
N THR B 145 -42.84 -66.32 -60.71
CA THR B 145 -42.04 -65.13 -60.96
C THR B 145 -40.72 -65.46 -61.65
N ASN B 146 -40.17 -66.64 -61.40
CA ASN B 146 -38.90 -67.01 -61.99
C ASN B 146 -39.05 -67.25 -63.48
N ALA B 147 -38.11 -66.71 -64.25
CA ALA B 147 -38.07 -66.88 -65.69
C ALA B 147 -37.01 -67.90 -66.05
N VAL B 148 -37.37 -68.87 -66.87
CA VAL B 148 -36.49 -69.96 -67.28
C VAL B 148 -36.13 -69.77 -68.74
N TYR B 149 -34.85 -69.53 -69.00
CA TYR B 149 -34.34 -69.36 -70.35
C TYR B 149 -33.66 -70.66 -70.81
N LYS B 150 -33.84 -70.97 -72.09
CA LYS B 150 -33.09 -72.03 -72.75
C LYS B 150 -31.91 -71.38 -73.45
N VAL B 151 -30.72 -71.96 -73.28
CA VAL B 151 -29.50 -71.22 -73.56
C VAL B 151 -28.41 -72.17 -74.05
N GLU B 152 -27.52 -71.63 -74.88
CA GLU B 152 -26.36 -72.33 -75.41
C GLU B 152 -25.07 -71.63 -74.98
N LEU B 153 -23.95 -72.31 -75.24
CA LEU B 153 -22.63 -71.75 -75.05
C LEU B 153 -22.07 -71.35 -76.41
N MET B 154 -21.56 -70.12 -76.50
CA MET B 154 -21.35 -69.48 -77.79
C MET B 154 -19.92 -69.04 -78.07
N GLY B 155 -19.00 -69.21 -77.14
CA GLY B 155 -17.68 -68.64 -77.32
C GLY B 155 -16.71 -69.58 -77.99
N GLY B 156 -17.20 -70.39 -78.93
CA GLY B 156 -16.37 -71.40 -79.53
C GLY B 156 -16.09 -72.57 -78.61
N ASN B 157 -16.88 -72.72 -77.55
CA ASN B 157 -16.61 -73.72 -76.54
C ASN B 157 -17.09 -75.10 -76.98
N THR B 158 -16.35 -76.11 -76.54
CA THR B 158 -16.76 -77.49 -76.76
C THR B 158 -16.54 -78.36 -75.53
N GLN B 159 -16.10 -77.80 -74.40
CA GLN B 159 -15.85 -78.56 -73.20
C GLN B 159 -16.97 -78.46 -72.18
N GLY B 160 -17.86 -77.49 -72.34
CA GLY B 160 -18.94 -77.26 -71.42
C GLY B 160 -18.69 -76.07 -70.51
N VAL B 161 -19.34 -76.11 -69.35
CA VAL B 161 -19.16 -75.10 -68.32
C VAL B 161 -19.25 -75.79 -66.97
N PRO B 162 -18.32 -75.55 -66.05
CA PRO B 162 -18.35 -76.26 -64.78
C PRO B 162 -19.56 -75.88 -63.94
N ALA B 163 -20.09 -76.88 -63.22
CA ALA B 163 -21.24 -76.66 -62.37
C ALA B 163 -20.97 -75.62 -61.29
N GLU B 164 -19.70 -75.40 -60.95
CA GLU B 164 -19.37 -74.36 -59.98
C GLU B 164 -19.83 -72.98 -60.44
N ARG B 165 -19.93 -72.78 -61.75
CA ARG B 165 -20.31 -71.49 -62.32
C ARG B 165 -21.81 -71.39 -62.58
N LEU B 166 -22.59 -72.38 -62.15
CA LEU B 166 -24.02 -72.42 -62.44
C LEU B 166 -24.81 -72.66 -61.17
N GLN B 167 -24.27 -72.26 -60.03
CA GLN B 167 -24.92 -72.42 -58.74
C GLN B 167 -25.68 -71.14 -58.38
N GLN B 168 -26.49 -71.24 -57.33
CA GLN B 168 -27.23 -70.08 -56.87
C GLN B 168 -26.26 -68.97 -56.46
N GLY B 169 -26.65 -67.73 -56.75
CA GLY B 169 -25.84 -66.59 -56.39
C GLY B 169 -24.82 -66.20 -57.43
N GLU B 170 -24.99 -66.63 -58.67
CA GLU B 170 -24.17 -66.16 -59.78
C GLU B 170 -24.89 -64.99 -60.42
N ARG B 171 -24.18 -63.88 -60.57
CA ARG B 171 -24.78 -62.65 -61.08
C ARG B 171 -24.49 -62.54 -62.57
N PHE B 172 -25.54 -62.26 -63.34
CA PHE B 172 -25.46 -62.18 -64.78
C PHE B 172 -25.73 -60.75 -65.26
N SER B 173 -25.19 -60.44 -66.44
CA SER B 173 -25.41 -59.17 -67.10
C SER B 173 -25.59 -59.43 -68.59
N ILE B 174 -25.80 -58.36 -69.34
CA ILE B 174 -26.12 -58.45 -70.76
C ILE B 174 -24.94 -57.92 -71.56
N GLU B 175 -24.55 -58.66 -72.60
CA GLU B 175 -23.45 -58.25 -73.47
C GLU B 175 -23.95 -57.62 -74.76
N PHE B 176 -24.69 -58.39 -75.57
CA PHE B 176 -25.22 -57.91 -76.84
C PHE B 176 -26.05 -59.03 -77.44
N ALA B 177 -26.73 -58.71 -78.54
CA ALA B 177 -27.50 -59.68 -79.31
C ALA B 177 -26.81 -59.92 -80.64
N PRO B 178 -26.03 -60.99 -80.77
CA PRO B 178 -25.38 -61.26 -82.04
C PRO B 178 -26.33 -61.93 -83.01
N VAL B 179 -26.08 -61.72 -84.30
CA VAL B 179 -26.99 -62.17 -85.34
C VAL B 179 -26.18 -62.59 -86.56
N GLU B 180 -26.89 -63.09 -87.56
CA GLU B 180 -26.30 -63.60 -88.78
C GLU B 180 -26.40 -62.57 -89.91
N LYS B 181 -25.56 -62.77 -90.93
CA LYS B 181 -25.43 -61.79 -92.00
C LYS B 181 -26.57 -61.83 -93.00
N GLU B 182 -27.19 -62.99 -93.21
CA GLU B 182 -28.24 -63.15 -94.20
C GLU B 182 -29.51 -63.64 -93.53
N LEU B 183 -30.61 -62.93 -93.77
CA LEU B 183 -31.95 -63.43 -93.47
C LEU B 183 -32.20 -63.50 -91.96
N SER B 184 -31.58 -62.61 -91.21
CA SER B 184 -31.73 -62.60 -89.76
C SER B 184 -33.15 -62.22 -89.36
N ARG B 185 -33.65 -62.86 -88.30
CA ARG B 185 -34.95 -62.55 -87.75
C ARG B 185 -34.80 -61.89 -86.37
N LYS B 186 -35.94 -61.62 -85.74
CA LYS B 186 -36.01 -60.63 -84.67
C LYS B 186 -35.23 -61.06 -83.44
N VAL B 187 -34.63 -60.06 -82.76
CA VAL B 187 -33.85 -60.32 -81.55
C VAL B 187 -33.63 -59.01 -80.79
N GLY B 188 -33.66 -59.09 -79.46
CA GLY B 188 -33.35 -57.96 -78.59
C GLY B 188 -34.55 -57.49 -77.80
N ASP B 189 -34.29 -56.57 -76.87
CA ASP B 189 -35.35 -55.95 -76.07
C ASP B 189 -34.75 -54.79 -75.27
N VAL B 190 -35.58 -54.19 -74.40
CA VAL B 190 -35.23 -52.98 -73.64
C VAL B 190 -35.84 -53.09 -72.25
N ARG B 191 -35.26 -52.35 -71.29
CA ARG B 191 -35.54 -52.55 -69.87
C ARG B 191 -35.65 -51.22 -69.15
N PHE B 192 -36.67 -51.08 -68.30
CA PHE B 192 -37.00 -49.81 -67.66
C PHE B 192 -37.14 -49.95 -66.15
N THR B 193 -37.05 -48.79 -65.47
CA THR B 193 -37.21 -48.71 -64.02
C THR B 193 -37.75 -47.33 -63.66
N SER B 194 -38.20 -47.18 -62.41
CA SER B 194 -38.84 -45.96 -61.96
C SER B 194 -38.27 -45.46 -60.65
N PRO B 195 -38.38 -44.14 -60.39
CA PRO B 195 -37.77 -43.55 -59.18
C PRO B 195 -38.63 -43.60 -57.92
N VAL B 196 -38.14 -42.95 -56.85
CA VAL B 196 -38.86 -42.81 -55.59
C VAL B 196 -38.82 -41.34 -55.16
N SER B 197 -39.35 -41.04 -53.97
CA SER B 197 -39.39 -39.66 -53.50
C SER B 197 -39.26 -39.62 -51.99
N MET B 198 -38.95 -38.44 -51.48
CA MET B 198 -38.72 -38.18 -50.07
C MET B 198 -39.72 -37.15 -49.56
N ARG B 199 -39.60 -36.77 -48.28
CA ARG B 199 -40.62 -36.01 -47.60
C ARG B 199 -39.99 -35.02 -46.62
N ASN B 200 -40.78 -34.03 -46.20
CA ASN B 200 -40.37 -33.08 -45.18
C ASN B 200 -41.60 -32.26 -44.77
N GLU B 201 -41.39 -31.32 -43.84
CA GLU B 201 -42.47 -30.52 -43.29
C GLU B 201 -41.88 -29.25 -42.70
N TRP B 202 -42.70 -28.53 -41.91
CA TRP B 202 -42.32 -27.23 -41.36
C TRP B 202 -42.57 -27.21 -39.85
N THR B 203 -42.06 -26.16 -39.21
CA THR B 203 -42.29 -25.89 -37.79
C THR B 203 -42.63 -24.42 -37.61
N THR B 204 -43.37 -24.13 -36.54
CA THR B 204 -43.87 -22.79 -36.27
C THR B 204 -43.48 -22.37 -34.86
N ILE B 205 -42.94 -21.15 -34.74
CA ILE B 205 -42.51 -20.60 -33.46
C ILE B 205 -43.29 -19.32 -33.19
N ARG B 206 -43.25 -18.87 -31.93
CA ARG B 206 -43.93 -17.66 -31.53
C ARG B 206 -43.19 -17.00 -30.38
N ILE B 207 -43.49 -15.73 -30.15
CA ILE B 207 -42.90 -14.99 -29.03
C ILE B 207 -43.89 -13.94 -28.53
N GLN B 208 -43.56 -13.27 -27.43
CA GLN B 208 -44.44 -12.28 -26.82
C GLN B 208 -43.61 -11.39 -25.92
N HIS B 209 -44.09 -10.14 -25.75
CA HIS B 209 -43.49 -9.24 -24.78
C HIS B 209 -44.50 -8.16 -24.41
N LYS B 210 -44.76 -8.02 -23.11
CA LYS B 210 -45.66 -7.01 -22.59
C LYS B 210 -44.88 -5.86 -21.97
N VAL B 211 -45.21 -4.64 -22.36
CA VAL B 211 -44.71 -3.44 -21.70
C VAL B 211 -45.90 -2.61 -21.24
N ALA B 212 -45.67 -1.80 -20.23
CA ALA B 212 -46.67 -0.85 -19.77
C ALA B 212 -46.62 0.42 -20.62
N GLY B 213 -47.78 1.06 -20.79
CA GLY B 213 -47.83 2.28 -21.55
C GLY B 213 -46.98 3.40 -21.00
N ASN B 214 -46.57 3.29 -19.73
CA ASN B 214 -45.69 4.27 -19.11
C ASN B 214 -44.36 4.37 -19.84
N LYS B 215 -44.05 3.38 -20.68
CA LYS B 215 -42.75 3.27 -21.34
C LYS B 215 -42.73 3.92 -22.71
N LEU B 216 -43.67 4.82 -23.01
CA LEU B 216 -43.80 5.34 -24.37
C LEU B 216 -42.62 6.23 -24.73
N ASN B 217 -42.48 7.35 -24.04
CA ASN B 217 -41.31 8.22 -24.15
C ASN B 217 -40.71 8.27 -22.75
N LYS B 218 -39.88 7.27 -22.45
CA LYS B 218 -39.37 7.04 -21.11
C LYS B 218 -37.85 7.22 -21.14
N LYS B 219 -37.39 8.37 -20.67
CA LYS B 219 -35.96 8.65 -20.66
C LYS B 219 -35.31 7.95 -19.48
N LEU B 220 -34.09 7.45 -19.69
CA LEU B 220 -33.39 6.63 -18.72
C LEU B 220 -32.32 7.48 -18.06
N ALA B 221 -32.27 7.43 -16.73
CA ALA B 221 -31.27 8.16 -15.96
C ALA B 221 -30.07 7.27 -15.75
N MET B 222 -29.01 7.50 -16.53
CA MET B 222 -27.89 6.56 -16.60
C MET B 222 -27.09 6.66 -15.32
N GLY B 223 -27.65 6.09 -14.24
CA GLY B 223 -26.86 5.90 -13.03
C GLY B 223 -25.75 4.91 -13.25
N ILE B 224 -26.07 3.75 -13.82
CA ILE B 224 -25.08 2.88 -14.43
C ILE B 224 -25.33 2.95 -15.94
N PRO B 225 -24.33 2.71 -16.77
CA PRO B 225 -24.58 2.75 -18.22
C PRO B 225 -25.54 1.65 -18.63
N MET B 226 -26.41 1.98 -19.58
CA MET B 226 -27.38 1.03 -20.09
C MET B 226 -26.78 0.31 -21.30
N VAL B 227 -27.05 -0.99 -21.40
CA VAL B 227 -26.34 -1.84 -22.35
C VAL B 227 -27.32 -2.47 -23.32
N ARG B 228 -26.77 -2.95 -24.44
CA ARG B 228 -27.52 -3.54 -25.53
C ARG B 228 -26.90 -4.90 -25.83
N ASN B 229 -27.42 -5.95 -25.19
CA ASN B 229 -26.89 -7.28 -25.40
C ASN B 229 -26.86 -7.60 -26.88
N LEU B 230 -25.73 -8.12 -27.33
CA LEU B 230 -25.51 -8.42 -28.74
C LEU B 230 -25.59 -9.93 -28.98
N GLU B 231 -25.66 -10.28 -30.27
CA GLU B 231 -25.76 -11.69 -30.63
C GLU B 231 -24.55 -12.48 -30.15
N SER B 232 -23.36 -11.88 -30.27
CA SER B 232 -22.14 -12.54 -29.83
C SER B 232 -22.25 -13.03 -28.39
N GLY B 233 -23.06 -12.37 -27.57
CA GLY B 233 -23.07 -12.60 -26.15
C GLY B 233 -22.33 -11.53 -25.37
N LYS B 234 -22.14 -10.36 -25.96
CA LYS B 234 -21.35 -9.29 -25.37
C LYS B 234 -22.27 -8.13 -25.00
N GLN B 235 -22.10 -7.60 -23.79
CA GLN B 235 -22.74 -6.36 -23.43
C GLN B 235 -22.03 -5.20 -24.10
N VAL B 236 -22.79 -4.35 -24.78
CA VAL B 236 -22.28 -3.09 -25.31
C VAL B 236 -23.19 -1.99 -24.82
N LYS B 237 -22.61 -0.86 -24.44
CA LYS B 237 -23.35 0.23 -23.83
C LYS B 237 -23.72 1.27 -24.89
N ASP B 238 -24.94 1.76 -24.80
CA ASP B 238 -25.53 2.63 -25.80
C ASP B 238 -25.86 3.97 -25.19
N THR B 239 -25.84 5.01 -26.03
CA THR B 239 -26.18 6.35 -25.59
C THR B 239 -27.68 6.58 -25.54
N ALA B 240 -28.46 5.77 -26.23
CA ALA B 240 -29.90 5.94 -26.25
C ALA B 240 -30.46 5.92 -24.83
N ASN B 241 -31.46 6.75 -24.58
CA ASN B 241 -32.04 6.91 -23.26
C ASN B 241 -33.49 6.45 -23.18
N MET B 242 -34.04 5.91 -24.26
CA MET B 242 -35.44 5.49 -24.29
C MET B 242 -35.52 3.98 -24.12
N TRP B 243 -36.38 3.54 -23.20
CA TRP B 243 -36.44 2.13 -22.83
C TRP B 243 -36.86 1.26 -24.00
N MET B 244 -37.56 1.81 -24.99
CA MET B 244 -38.05 1.01 -26.09
C MET B 244 -36.95 0.66 -27.09
N HIS B 245 -35.90 1.48 -27.18
CA HIS B 245 -34.75 1.12 -27.98
C HIS B 245 -34.21 -0.25 -27.55
N TYR B 246 -34.10 -0.43 -26.24
CA TYR B 246 -33.57 -1.69 -25.70
C TYR B 246 -34.59 -2.82 -25.82
N VAL B 247 -35.86 -2.53 -25.54
CA VAL B 247 -36.89 -3.55 -25.64
C VAL B 247 -36.99 -4.05 -27.07
N ASP B 248 -36.93 -3.13 -28.04
CA ASP B 248 -36.98 -3.54 -29.45
C ASP B 248 -35.81 -4.44 -29.79
N TRP B 249 -34.61 -4.06 -29.34
CA TRP B 249 -33.41 -4.83 -29.68
C TRP B 249 -33.49 -6.25 -29.12
N GLU B 250 -33.91 -6.38 -27.87
CA GLU B 250 -33.93 -7.70 -27.24
C GLU B 250 -34.99 -8.59 -27.85
N VAL B 251 -36.12 -8.01 -28.27
CA VAL B 251 -37.18 -8.81 -28.87
C VAL B 251 -36.70 -9.38 -30.21
N GLU B 252 -36.13 -8.53 -31.06
CA GLU B 252 -35.62 -9.00 -32.33
C GLU B 252 -34.52 -10.02 -32.14
N LEU B 253 -33.68 -9.80 -31.13
CA LEU B 253 -32.57 -10.70 -30.87
C LEU B 253 -33.07 -12.11 -30.53
N GLN B 254 -33.98 -12.20 -29.56
CA GLN B 254 -34.42 -13.51 -29.09
C GLN B 254 -35.22 -14.23 -30.15
N PHE B 255 -36.01 -13.49 -30.93
CA PHE B 255 -36.79 -14.12 -31.99
C PHE B 255 -35.88 -14.71 -33.05
N ASP B 256 -34.77 -14.03 -33.36
CA ASP B 256 -33.76 -14.62 -34.24
C ASP B 256 -33.16 -15.86 -33.61
N GLU B 257 -32.88 -15.81 -32.29
CA GLU B 257 -32.35 -16.98 -31.61
C GLU B 257 -33.35 -18.13 -31.65
N TYR B 258 -34.64 -17.82 -31.55
CA TYR B 258 -35.66 -18.85 -31.67
C TYR B 258 -35.61 -19.50 -33.05
N LYS B 259 -35.42 -18.68 -34.08
CA LYS B 259 -35.35 -19.20 -35.44
C LYS B 259 -34.09 -20.06 -35.64
N ASN B 260 -32.92 -19.50 -35.34
CA ASN B 260 -31.68 -20.16 -35.66
C ASN B 260 -31.53 -21.45 -34.87
N ASN B 261 -32.01 -21.47 -33.63
CA ASN B 261 -31.86 -22.64 -32.78
C ASN B 261 -32.75 -23.78 -33.26
N ALA B 262 -33.95 -23.46 -33.74
CA ALA B 262 -34.82 -24.48 -34.31
C ALA B 262 -34.29 -25.00 -35.63
N MET B 263 -33.82 -24.10 -36.50
CA MET B 263 -33.31 -24.52 -37.80
C MET B 263 -32.12 -25.46 -37.69
N ALA B 264 -31.56 -25.65 -36.51
CA ALA B 264 -30.40 -26.51 -36.32
C ALA B 264 -30.59 -27.56 -35.24
N TRP B 265 -31.26 -27.22 -34.14
CA TRP B 265 -31.40 -28.10 -32.99
C TRP B 265 -32.82 -28.60 -32.81
N GLY B 266 -33.63 -28.52 -33.85
CA GLY B 266 -34.98 -29.03 -33.78
C GLY B 266 -35.03 -30.53 -33.89
N THR B 267 -36.09 -31.10 -33.33
CA THR B 267 -36.34 -32.53 -33.40
C THR B 267 -37.85 -32.75 -33.48
N SER B 268 -38.22 -33.90 -34.02
CA SER B 268 -39.60 -34.20 -34.36
C SER B 268 -40.28 -34.95 -33.23
N ASN B 269 -41.54 -34.59 -32.96
CA ASN B 269 -42.37 -35.24 -31.97
C ASN B 269 -43.37 -36.20 -32.59
N ARG B 270 -43.07 -36.71 -33.78
CA ARG B 270 -44.02 -37.49 -34.56
C ARG B 270 -43.72 -38.98 -34.41
N ASN B 271 -44.78 -39.78 -34.24
CA ASN B 271 -44.65 -41.21 -34.13
C ASN B 271 -44.30 -41.83 -35.47
N LEU B 272 -44.19 -43.16 -35.48
CA LEU B 272 -44.08 -43.92 -36.71
C LEU B 272 -45.42 -44.06 -37.41
N ASN B 273 -46.53 -43.92 -36.68
CA ASN B 273 -47.86 -43.95 -37.27
C ASN B 273 -48.34 -42.57 -37.70
N GLY B 274 -47.44 -41.59 -37.78
CA GLY B 274 -47.80 -40.25 -38.19
C GLY B 274 -48.27 -39.33 -37.08
N GLU B 275 -48.49 -39.86 -35.87
CA GLU B 275 -49.09 -39.09 -34.80
C GLU B 275 -48.05 -38.20 -34.12
N TYR B 276 -48.30 -36.90 -34.10
CA TYR B 276 -47.56 -36.02 -33.22
C TYR B 276 -48.04 -36.20 -31.79
N MET B 277 -47.11 -36.19 -30.84
CA MET B 277 -47.41 -36.57 -29.47
C MET B 277 -47.36 -35.40 -28.49
N ASN B 278 -47.33 -34.16 -28.98
CA ASN B 278 -47.29 -32.98 -28.12
C ASN B 278 -48.36 -32.02 -28.56
N PHE B 279 -49.28 -31.71 -27.64
CA PHE B 279 -50.42 -30.86 -27.91
C PHE B 279 -50.28 -29.56 -27.15
N GLY B 280 -50.82 -28.50 -27.75
CA GLY B 280 -50.60 -27.15 -27.29
C GLY B 280 -51.71 -26.65 -26.40
N LYS B 281 -51.63 -25.35 -26.09
CA LYS B 281 -52.66 -24.68 -25.31
C LYS B 281 -53.98 -24.59 -26.06
N SER B 282 -53.98 -24.92 -27.35
CA SER B 282 -55.17 -24.91 -28.18
C SER B 282 -55.73 -26.29 -28.45
N GLY B 283 -55.06 -27.36 -28.00
CA GLY B 283 -55.45 -28.71 -28.30
C GLY B 283 -55.02 -29.20 -29.66
N ASN B 284 -54.49 -28.32 -30.50
CA ASN B 284 -53.93 -28.75 -31.77
C ASN B 284 -52.54 -29.32 -31.55
N ALA B 285 -52.21 -30.36 -32.31
CA ALA B 285 -50.90 -30.97 -32.18
C ALA B 285 -49.81 -29.98 -32.61
N ILE B 286 -48.72 -29.97 -31.85
CA ILE B 286 -47.57 -29.14 -32.20
C ILE B 286 -46.69 -29.94 -33.13
N LYS B 287 -46.42 -29.39 -34.31
CA LYS B 287 -45.70 -30.07 -35.37
C LYS B 287 -44.30 -29.48 -35.43
N THR B 288 -43.32 -30.20 -34.89
CA THR B 288 -41.93 -29.79 -34.91
C THR B 288 -41.19 -30.63 -35.94
N GLY B 289 -40.56 -29.96 -36.90
CA GLY B 289 -39.75 -30.64 -37.89
C GLY B 289 -38.45 -31.16 -37.34
N ALA B 290 -37.52 -31.48 -38.23
CA ALA B 290 -36.20 -31.97 -37.86
C ALA B 290 -35.15 -31.01 -38.39
N GLY B 291 -34.10 -30.79 -37.61
CA GLY B 291 -33.10 -29.80 -37.93
C GLY B 291 -31.92 -30.35 -38.68
N ILE B 292 -30.95 -29.47 -38.92
CA ILE B 292 -29.78 -29.81 -39.73
C ILE B 292 -28.94 -30.88 -39.05
N PHE B 293 -28.95 -30.93 -37.72
CA PHE B 293 -28.13 -31.88 -36.97
C PHE B 293 -28.89 -33.14 -36.59
N GLU B 294 -30.05 -33.34 -37.17
CA GLU B 294 -30.82 -34.58 -37.04
C GLU B 294 -31.21 -35.12 -38.40
N GLN B 295 -31.44 -34.25 -39.37
CA GLN B 295 -31.71 -34.68 -40.74
C GLN B 295 -30.48 -35.31 -41.38
N THR B 296 -29.29 -34.84 -40.99
CA THR B 296 -28.06 -35.20 -41.66
C THR B 296 -27.35 -36.41 -41.06
N GLU B 297 -27.74 -36.83 -39.85
CA GLU B 297 -27.00 -37.85 -39.14
C GLU B 297 -27.82 -39.13 -38.98
N VAL B 298 -28.53 -39.52 -40.04
CA VAL B 298 -29.37 -40.70 -39.99
C VAL B 298 -28.66 -41.89 -40.60
N ALA B 299 -27.82 -41.66 -41.61
CA ALA B 299 -27.25 -42.76 -42.39
C ALA B 299 -25.75 -42.92 -42.20
N ASN B 300 -24.96 -41.92 -42.54
CA ASN B 300 -23.51 -42.08 -42.65
C ASN B 300 -22.79 -41.52 -41.42
N THR B 301 -23.05 -42.13 -40.26
CA THR B 301 -22.50 -41.62 -39.01
C THR B 301 -21.97 -42.75 -38.15
N MET B 302 -21.12 -42.37 -37.20
CA MET B 302 -20.55 -43.29 -36.23
C MET B 302 -20.38 -42.55 -34.90
N TYR B 303 -20.51 -43.31 -33.81
CA TYR B 303 -20.29 -42.79 -32.47
C TYR B 303 -19.05 -43.48 -31.92
N TYR B 304 -17.94 -42.75 -31.90
CA TYR B 304 -16.64 -43.31 -31.57
C TYR B 304 -16.28 -43.08 -30.10
N ASN B 305 -15.39 -43.94 -29.61
CA ASN B 305 -14.74 -43.77 -28.32
C ASN B 305 -13.30 -43.29 -28.47
N THR B 306 -12.57 -43.88 -29.41
CA THR B 306 -11.18 -43.51 -29.70
C THR B 306 -11.06 -43.26 -31.20
N PHE B 307 -10.81 -42.01 -31.57
CA PHE B 307 -10.70 -41.64 -32.97
C PHE B 307 -9.52 -42.34 -33.62
N SER B 308 -9.81 -43.11 -34.67
CA SER B 308 -8.79 -43.79 -35.46
C SER B 308 -8.81 -43.21 -36.87
N LEU B 309 -7.69 -42.63 -37.28
CA LEU B 309 -7.56 -42.16 -38.66
C LEU B 309 -7.50 -43.31 -39.64
N LYS B 310 -7.16 -44.51 -39.17
CA LYS B 310 -7.22 -45.70 -40.02
C LYS B 310 -8.66 -45.99 -40.41
N LEU B 311 -9.58 -45.91 -39.44
CA LEU B 311 -10.99 -46.07 -39.75
C LEU B 311 -11.47 -44.99 -40.71
N LEU B 312 -11.14 -43.73 -40.43
CA LEU B 312 -11.63 -42.64 -41.26
C LEU B 312 -11.02 -42.70 -42.66
N GLU B 313 -9.75 -43.10 -42.75
CA GLU B 313 -9.10 -43.17 -44.06
C GLU B 313 -9.77 -44.20 -44.95
N ASP B 314 -10.09 -45.37 -44.41
CA ASP B 314 -10.80 -46.38 -45.19
C ASP B 314 -12.17 -45.88 -45.61
N ALA B 315 -12.94 -45.36 -44.66
CA ALA B 315 -14.30 -44.93 -44.95
C ALA B 315 -14.33 -43.90 -46.06
N LEU B 316 -13.45 -42.90 -45.99
CA LEU B 316 -13.46 -41.82 -46.96
C LEU B 316 -13.04 -42.32 -48.35
N TYR B 317 -12.09 -43.24 -48.42
CA TYR B 317 -11.66 -43.75 -49.71
C TYR B 317 -12.71 -44.68 -50.32
N GLU B 318 -13.22 -45.63 -49.52
CA GLU B 318 -14.24 -46.53 -50.03
C GLU B 318 -15.41 -45.75 -50.60
N LEU B 319 -15.85 -44.72 -49.88
CA LEU B 319 -16.89 -43.84 -50.39
C LEU B 319 -16.42 -43.15 -51.66
N SER B 320 -15.16 -42.70 -51.68
CA SER B 320 -14.64 -42.00 -52.85
C SER B 320 -14.58 -42.92 -54.06
N ALA B 321 -14.13 -44.16 -53.87
CA ALA B 321 -14.00 -45.08 -54.98
C ALA B 321 -15.37 -45.41 -55.57
N SER B 322 -16.37 -45.53 -54.71
CA SER B 322 -17.71 -45.87 -55.16
C SER B 322 -18.49 -44.67 -55.68
N LYS B 323 -18.11 -43.44 -55.31
CA LYS B 323 -18.99 -42.29 -55.54
C LYS B 323 -18.31 -41.06 -56.10
N LEU B 324 -16.99 -40.94 -56.13
CA LEU B 324 -16.34 -39.71 -56.53
C LEU B 324 -15.21 -39.97 -57.51
N ALA B 325 -14.94 -38.95 -58.31
CA ALA B 325 -13.83 -38.97 -59.25
C ALA B 325 -12.50 -38.94 -58.48
N MET B 326 -11.40 -39.00 -59.22
CA MET B 326 -10.09 -38.83 -58.60
C MET B 326 -10.00 -37.46 -57.94
N ASP B 327 -10.26 -36.41 -58.71
CA ASP B 327 -10.49 -35.10 -58.12
C ASP B 327 -11.86 -35.10 -57.42
N ASP B 328 -12.22 -33.95 -56.87
CA ASP B 328 -13.47 -33.84 -56.11
C ASP B 328 -13.47 -34.82 -54.93
N ARG B 329 -12.28 -35.05 -54.36
CA ARG B 329 -12.14 -35.92 -53.20
C ARG B 329 -11.52 -35.18 -52.02
N LEU B 330 -11.66 -33.86 -51.99
CA LEU B 330 -11.29 -33.07 -50.83
C LEU B 330 -12.40 -33.18 -49.78
N PHE B 331 -12.07 -33.77 -48.63
CA PHE B 331 -13.02 -33.97 -47.55
C PHE B 331 -12.66 -33.00 -46.43
N VAL B 332 -13.16 -31.77 -46.53
CA VAL B 332 -13.06 -30.84 -45.42
C VAL B 332 -13.81 -31.42 -44.23
N ILE B 333 -13.34 -31.08 -43.03
CA ILE B 333 -13.93 -31.57 -41.80
C ILE B 333 -14.15 -30.37 -40.88
N LYS B 334 -15.39 -30.12 -40.52
CA LYS B 334 -15.72 -29.07 -39.57
C LYS B 334 -15.75 -29.67 -38.17
N THR B 335 -15.08 -29.02 -37.24
CA THR B 335 -14.87 -29.56 -35.90
C THR B 335 -14.44 -28.41 -34.99
N GLY B 336 -14.27 -28.72 -33.72
CA GLY B 336 -13.78 -27.78 -32.76
C GLY B 336 -12.27 -27.72 -32.75
N GLU B 337 -11.74 -27.01 -31.75
CA GLU B 337 -10.30 -26.93 -31.59
C GLU B 337 -9.72 -28.21 -31.01
N ARG B 338 -10.48 -28.90 -30.15
CA ARG B 338 -9.97 -30.14 -29.57
C ARG B 338 -9.95 -31.27 -30.58
N GLY B 339 -10.85 -31.25 -31.55
CA GLY B 339 -10.77 -32.22 -32.63
C GLY B 339 -9.51 -32.02 -33.46
N ALA B 340 -9.13 -30.77 -33.69
CA ALA B 340 -7.86 -30.50 -34.35
C ALA B 340 -6.70 -31.08 -33.57
N ILE B 341 -6.78 -31.08 -32.24
CA ILE B 341 -5.76 -31.71 -31.42
C ILE B 341 -5.77 -33.23 -31.65
N GLN B 342 -6.97 -33.83 -31.60
CA GLN B 342 -7.09 -35.26 -31.86
C GLN B 342 -6.57 -35.61 -33.26
N PHE B 343 -6.90 -34.78 -34.24
CA PHE B 343 -6.40 -35.01 -35.59
C PHE B 343 -4.89 -34.96 -35.64
N HIS B 344 -4.31 -33.93 -35.03
CA HIS B 344 -2.85 -33.82 -34.96
C HIS B 344 -2.23 -35.07 -34.33
N LYS B 345 -2.77 -35.50 -33.20
CA LYS B 345 -2.21 -36.67 -32.52
C LYS B 345 -2.24 -37.90 -33.42
N GLU B 346 -3.36 -38.14 -34.09
CA GLU B 346 -3.48 -39.37 -34.88
C GLU B 346 -2.62 -39.32 -36.14
N VAL B 347 -2.59 -38.17 -36.81
CA VAL B 347 -1.67 -37.99 -37.93
C VAL B 347 -0.24 -38.20 -37.45
N LEU B 348 0.07 -37.71 -36.25
CA LEU B 348 1.39 -37.91 -35.68
C LEU B 348 1.68 -39.39 -35.45
N LYS B 349 0.71 -40.11 -34.87
CA LYS B 349 0.93 -41.51 -34.54
C LYS B 349 1.05 -42.38 -35.78
N THR B 350 0.54 -41.94 -36.92
CA THR B 350 0.63 -42.73 -38.14
C THR B 350 1.97 -42.52 -38.85
N VAL B 351 2.46 -41.28 -38.87
CA VAL B 351 3.77 -41.00 -39.45
C VAL B 351 4.86 -41.55 -38.53
N SER B 352 4.46 -42.04 -37.37
CA SER B 352 5.41 -42.76 -36.51
C SER B 352 5.64 -44.18 -36.99
N GLY B 353 4.64 -44.78 -37.64
CA GLY B 353 4.77 -46.09 -38.23
C GLY B 353 5.40 -46.11 -39.60
N TRP B 354 5.76 -44.94 -40.13
CA TRP B 354 6.48 -44.83 -41.39
C TRP B 354 7.97 -45.05 -41.16
N THR B 355 8.29 -46.20 -40.58
CA THR B 355 9.69 -46.50 -40.28
C THR B 355 10.57 -46.47 -41.52
N THR B 356 9.97 -46.66 -42.70
CA THR B 356 10.75 -46.57 -43.93
C THR B 356 11.22 -45.15 -44.19
N PHE B 357 10.42 -44.15 -43.82
CA PHE B 357 10.73 -42.76 -44.08
C PHE B 357 11.30 -42.11 -42.83
N VAL B 358 12.00 -41.01 -43.06
CA VAL B 358 12.73 -40.30 -42.01
C VAL B 358 12.33 -38.84 -42.05
N LEU B 359 11.71 -38.36 -40.97
CA LEU B 359 11.21 -36.99 -40.91
C LEU B 359 12.31 -36.11 -40.34
N ASP B 360 12.82 -35.21 -41.17
CA ASP B 360 13.93 -34.35 -40.80
C ASP B 360 13.44 -32.93 -40.61
N ASN B 361 14.05 -32.22 -39.67
CA ASN B 361 13.64 -30.87 -39.35
C ASN B 361 14.02 -29.86 -40.43
N ASN B 362 14.88 -30.24 -41.38
CA ASN B 362 15.29 -29.29 -42.40
C ASN B 362 14.14 -28.95 -43.35
N SER B 363 13.16 -29.83 -43.47
CA SER B 363 11.95 -29.60 -44.26
C SER B 363 10.74 -29.29 -43.39
N THR B 364 10.58 -30.00 -42.27
CA THR B 364 9.42 -29.83 -41.41
C THR B 364 9.52 -28.54 -40.59
N ARG B 365 10.72 -28.26 -40.06
CA ARG B 365 10.96 -27.04 -39.28
C ARG B 365 10.17 -27.03 -37.98
N VAL B 366 10.12 -28.18 -37.30
CA VAL B 366 9.46 -28.23 -36.00
C VAL B 366 10.30 -27.49 -34.96
N VAL B 367 11.62 -27.48 -35.13
CA VAL B 367 12.53 -26.68 -34.32
C VAL B 367 13.24 -25.72 -35.26
N GLU B 368 13.08 -24.43 -35.01
CA GLU B 368 13.65 -23.40 -35.87
C GLU B 368 14.49 -22.44 -35.05
N LYS B 369 15.26 -21.61 -35.75
CA LYS B 369 16.14 -20.64 -35.12
C LYS B 369 15.42 -19.32 -34.94
N VAL B 370 15.54 -18.74 -33.75
CA VAL B 370 14.96 -17.45 -33.44
C VAL B 370 16.03 -16.56 -32.84
N GLN B 371 15.92 -15.27 -33.08
CA GLN B 371 16.87 -14.29 -32.57
C GLN B 371 16.46 -13.87 -31.16
N SER B 372 17.41 -13.96 -30.22
CA SER B 372 17.19 -13.54 -28.85
C SER B 372 18.47 -12.87 -28.36
N ARG B 373 18.53 -12.64 -27.04
CA ARG B 373 19.70 -12.05 -26.41
C ARG B 373 20.27 -12.93 -25.31
N LEU B 374 19.69 -14.10 -25.08
CA LEU B 374 20.19 -15.05 -24.10
C LEU B 374 21.21 -16.01 -24.67
N HIS B 375 21.09 -16.32 -25.95
CA HIS B 375 21.97 -17.28 -26.61
C HIS B 375 22.03 -16.95 -28.09
N SER B 376 23.12 -17.34 -28.72
CA SER B 376 23.26 -17.11 -30.16
C SER B 376 22.58 -18.20 -30.97
N ASN B 377 22.66 -19.45 -30.51
CA ASN B 377 21.87 -20.54 -31.07
C ASN B 377 20.60 -20.71 -30.23
N ALA B 378 19.70 -19.75 -30.39
CA ALA B 378 18.42 -19.76 -29.73
C ALA B 378 17.39 -20.48 -30.60
N LEU B 379 16.60 -21.34 -29.98
CA LEU B 379 15.74 -22.28 -30.69
C LEU B 379 14.29 -22.10 -30.27
N SER B 380 13.40 -22.27 -31.24
CA SER B 380 11.97 -22.40 -31.01
C SER B 380 11.55 -23.83 -31.30
N ALA B 381 10.29 -24.14 -30.98
CA ALA B 381 9.82 -25.51 -31.13
C ALA B 381 8.31 -25.50 -31.29
N GLY B 382 7.80 -26.57 -31.87
CA GLY B 382 6.37 -26.77 -32.01
C GLY B 382 5.91 -27.02 -33.43
N PHE B 383 4.82 -27.76 -33.57
CA PHE B 383 4.24 -28.05 -34.87
C PHE B 383 2.81 -28.55 -34.66
N GLN B 384 2.04 -28.54 -35.75
CA GLN B 384 0.69 -29.07 -35.74
C GLN B 384 0.41 -29.76 -37.07
N PHE B 385 -0.29 -30.89 -37.00
CA PHE B 385 -0.70 -31.64 -38.18
C PHE B 385 -2.13 -31.24 -38.52
N VAL B 386 -2.33 -30.67 -39.70
CA VAL B 386 -3.63 -30.12 -40.07
C VAL B 386 -4.26 -30.84 -41.26
N GLU B 387 -3.49 -31.59 -42.04
CA GLU B 387 -3.99 -32.22 -43.25
C GLU B 387 -3.42 -33.62 -43.41
N TYR B 388 -4.23 -34.52 -43.96
CA TYR B 388 -3.80 -35.87 -44.31
C TYR B 388 -4.20 -36.14 -45.75
N LYS B 389 -3.22 -36.53 -46.56
CA LYS B 389 -3.42 -36.82 -47.98
C LYS B 389 -3.29 -38.33 -48.18
N ALA B 390 -4.38 -38.97 -48.56
CA ALA B 390 -4.47 -40.41 -48.65
C ALA B 390 -4.50 -40.87 -50.10
N PRO B 391 -4.45 -42.18 -50.34
CA PRO B 391 -4.37 -42.68 -51.72
C PRO B 391 -5.46 -42.14 -52.62
N ASN B 392 -5.11 -41.97 -53.90
CA ASN B 392 -6.06 -41.63 -54.95
C ASN B 392 -6.74 -40.29 -54.69
N GLY B 393 -5.96 -39.30 -54.28
CA GLY B 393 -6.48 -37.95 -54.17
C GLY B 393 -7.48 -37.74 -53.06
N VAL B 394 -7.48 -38.60 -52.05
CA VAL B 394 -8.41 -38.47 -50.93
C VAL B 394 -7.82 -37.53 -49.91
N ARG B 395 -8.01 -36.23 -50.10
CA ARG B 395 -7.50 -35.26 -49.15
C ARG B 395 -8.45 -35.14 -47.96
N VAL B 396 -7.90 -34.64 -46.85
CA VAL B 396 -8.67 -34.41 -45.63
C VAL B 396 -8.22 -33.11 -45.00
N ARG B 397 -9.02 -32.06 -45.13
CA ARG B 397 -8.70 -30.76 -44.57
C ARG B 397 -9.62 -30.45 -43.39
N LEU B 398 -9.18 -29.54 -42.54
CA LEU B 398 -9.90 -29.15 -41.34
C LEU B 398 -10.42 -27.72 -41.48
N ASP B 399 -11.62 -27.48 -40.94
CA ASP B 399 -12.23 -26.16 -40.90
C ASP B 399 -12.79 -25.96 -39.50
N VAL B 400 -11.98 -25.41 -38.61
CA VAL B 400 -12.40 -25.22 -37.22
C VAL B 400 -13.42 -24.11 -37.16
N ASP B 401 -14.60 -24.41 -36.61
CA ASP B 401 -15.68 -23.47 -36.48
C ASP B 401 -15.95 -23.18 -35.01
N PRO B 402 -15.90 -21.93 -34.55
CA PRO B 402 -16.18 -21.66 -33.14
C PRO B 402 -17.52 -22.19 -32.67
N PHE B 403 -18.52 -22.23 -33.56
CA PHE B 403 -19.82 -22.82 -33.22
C PHE B 403 -19.69 -24.19 -32.58
N TYR B 404 -18.60 -24.91 -32.82
CA TYR B 404 -18.39 -26.21 -32.19
C TYR B 404 -17.84 -26.08 -30.77
N ASP B 405 -17.36 -24.90 -30.39
CA ASP B 405 -16.71 -24.71 -29.10
C ASP B 405 -17.54 -23.93 -28.11
N ASP B 406 -18.69 -23.40 -28.51
CA ASP B 406 -19.53 -22.62 -27.62
C ASP B 406 -19.82 -23.39 -26.34
N PRO B 407 -19.45 -22.86 -25.16
CA PRO B 407 -19.71 -23.57 -23.90
C PRO B 407 -21.07 -23.31 -23.27
N VAL B 408 -21.96 -22.57 -23.94
CA VAL B 408 -23.29 -22.31 -23.40
C VAL B 408 -24.20 -23.49 -23.73
N ARG B 409 -24.40 -23.75 -25.01
CA ARG B 409 -25.24 -24.88 -25.41
C ARG B 409 -24.57 -26.20 -25.10
N ASN B 410 -23.28 -26.31 -25.41
CA ASN B 410 -22.51 -27.51 -25.12
C ASN B 410 -22.13 -27.48 -23.65
N LYS B 411 -22.82 -28.28 -22.85
CA LYS B 411 -22.67 -28.26 -21.40
C LYS B 411 -21.96 -29.48 -20.84
N ILE B 412 -21.95 -30.60 -21.56
CA ILE B 412 -21.25 -31.79 -21.11
C ILE B 412 -19.77 -31.62 -21.42
N LEU B 413 -18.93 -31.88 -20.43
CA LEU B 413 -17.50 -31.66 -20.57
C LEU B 413 -16.82 -32.92 -21.07
N HIS B 414 -15.80 -32.75 -21.91
CA HIS B 414 -15.03 -33.91 -22.31
C HIS B 414 -13.90 -34.15 -21.32
N PRO B 415 -13.64 -35.40 -20.93
CA PRO B 415 -12.56 -35.65 -19.96
C PRO B 415 -11.20 -35.21 -20.45
N MET B 416 -10.96 -35.26 -21.76
CA MET B 416 -9.69 -34.82 -22.33
C MET B 416 -9.62 -33.31 -22.54
N GLY B 417 -10.54 -32.56 -21.93
CA GLY B 417 -10.48 -31.11 -21.99
C GLY B 417 -11.36 -30.48 -23.04
N GLY B 418 -12.34 -29.69 -22.59
CA GLY B 418 -13.20 -28.94 -23.49
C GLY B 418 -14.64 -29.41 -23.40
N VAL B 419 -15.36 -29.22 -24.50
CA VAL B 419 -16.74 -29.69 -24.66
C VAL B 419 -16.75 -30.76 -25.73
N ALA B 420 -17.47 -31.85 -25.47
CA ALA B 420 -17.43 -32.99 -26.37
C ALA B 420 -17.82 -32.62 -27.79
N PHE B 421 -18.71 -31.63 -27.95
CA PHE B 421 -19.07 -31.19 -29.28
C PHE B 421 -17.86 -30.68 -30.05
N SER B 422 -16.85 -30.17 -29.35
CA SER B 422 -15.63 -29.74 -30.02
C SER B 422 -14.86 -30.91 -30.58
N TYR B 423 -15.10 -32.12 -30.08
CA TYR B 423 -14.50 -33.34 -30.59
C TYR B 423 -15.33 -34.00 -31.67
N ARG B 424 -16.33 -33.30 -32.20
CA ARG B 424 -17.24 -33.83 -33.20
C ARG B 424 -16.74 -33.45 -34.58
N TYR B 425 -16.71 -34.42 -35.48
CA TYR B 425 -16.25 -34.20 -36.85
C TYR B 425 -17.43 -34.42 -37.80
N ASP B 426 -17.85 -33.35 -38.46
CA ASP B 426 -18.92 -33.40 -39.43
C ASP B 426 -18.37 -33.03 -40.80
N ILE B 427 -18.78 -33.76 -41.82
CA ILE B 427 -18.33 -33.52 -43.19
C ILE B 427 -19.57 -33.19 -44.01
N TRP B 428 -19.86 -31.91 -44.13
CA TRP B 428 -20.90 -31.45 -45.04
C TRP B 428 -20.32 -31.27 -46.43
N TYR B 429 -21.18 -31.39 -47.44
CA TYR B 429 -20.80 -31.14 -48.82
C TYR B 429 -19.63 -32.05 -49.23
N ILE B 430 -19.90 -33.35 -49.24
CA ILE B 430 -18.90 -34.32 -49.65
C ILE B 430 -18.48 -34.06 -51.09
N GLY B 431 -19.41 -34.18 -52.02
CA GLY B 431 -19.11 -34.05 -53.43
C GLY B 431 -19.50 -32.71 -54.00
N THR B 432 -19.93 -32.73 -55.26
CA THR B 432 -20.37 -31.53 -55.97
C THR B 432 -21.76 -31.85 -56.54
N MET B 433 -22.79 -31.39 -55.84
CA MET B 433 -24.16 -31.83 -56.07
C MET B 433 -24.87 -31.03 -57.14
N ASP B 434 -24.27 -29.95 -57.65
CA ASP B 434 -24.92 -29.11 -58.65
C ASP B 434 -26.19 -28.49 -58.09
N GLN B 435 -26.43 -28.66 -56.80
CA GLN B 435 -27.69 -28.26 -56.18
C GLN B 435 -27.54 -28.27 -54.67
N PRO B 436 -27.97 -27.21 -53.97
CA PRO B 436 -27.88 -27.23 -52.51
C PRO B 436 -28.53 -28.46 -51.88
N ASN B 437 -27.72 -29.32 -51.26
CA ASN B 437 -28.27 -30.44 -50.51
C ASN B 437 -28.95 -29.95 -49.23
N ILE B 438 -28.37 -28.94 -48.59
CA ILE B 438 -28.92 -28.34 -47.39
C ILE B 438 -29.31 -26.91 -47.71
N PHE B 439 -30.52 -26.52 -47.31
CA PHE B 439 -30.99 -25.16 -47.50
C PHE B 439 -32.01 -24.85 -46.41
N LYS B 440 -32.35 -23.56 -46.32
CA LYS B 440 -33.29 -23.07 -45.32
C LYS B 440 -34.64 -22.87 -45.97
N CYS B 441 -35.62 -23.67 -45.55
CA CYS B 441 -36.91 -23.68 -46.22
C CYS B 441 -37.72 -22.45 -45.85
N LYS B 442 -38.23 -21.76 -46.87
CA LYS B 442 -38.98 -20.53 -46.69
C LYS B 442 -40.30 -20.63 -47.44
N ILE B 443 -41.25 -19.79 -47.04
CA ILE B 443 -42.53 -19.66 -47.73
C ILE B 443 -42.53 -18.33 -48.48
N LYS B 444 -43.08 -18.34 -49.69
CA LYS B 444 -42.96 -17.20 -50.58
C LYS B 444 -43.88 -16.07 -50.15
N GLY B 445 -43.40 -14.84 -50.36
CA GLY B 445 -44.16 -13.65 -50.00
C GLY B 445 -44.80 -13.76 -48.63
N ASP B 446 -44.01 -14.18 -47.65
CA ASP B 446 -44.52 -14.41 -46.30
C ASP B 446 -43.54 -13.86 -45.27
N ASN B 447 -43.04 -12.64 -45.50
CA ASN B 447 -42.26 -11.97 -44.47
C ASN B 447 -43.02 -12.02 -43.15
N GLU B 448 -42.35 -12.48 -42.10
CA GLU B 448 -43.03 -12.97 -40.92
C GLU B 448 -43.91 -11.88 -40.31
N TYR B 449 -44.76 -12.30 -39.39
CA TYR B 449 -45.88 -11.50 -38.93
C TYR B 449 -45.55 -10.79 -37.63
N ARG B 450 -45.81 -9.48 -37.60
CA ARG B 450 -45.65 -8.65 -36.42
C ARG B 450 -47.00 -8.06 -36.05
N GLY B 451 -47.35 -8.14 -34.77
CA GLY B 451 -48.65 -7.67 -34.32
C GLY B 451 -48.67 -7.10 -32.92
N TYR B 452 -49.31 -5.94 -32.76
CA TYR B 452 -49.43 -5.29 -31.47
C TYR B 452 -50.85 -5.42 -30.94
N GLN B 453 -50.96 -5.74 -29.65
CA GLN B 453 -52.22 -5.90 -28.94
C GLN B 453 -52.16 -4.96 -27.74
N TRP B 454 -52.54 -3.70 -27.96
CA TRP B 454 -52.33 -2.63 -26.99
C TRP B 454 -53.65 -1.91 -26.70
N GLY B 455 -53.61 -1.11 -25.64
CA GLY B 455 -54.76 -0.32 -25.24
C GLY B 455 -54.73 1.11 -25.74
N ILE B 456 -54.55 2.06 -24.82
CA ILE B 456 -54.75 3.46 -25.15
C ILE B 456 -53.50 4.09 -25.80
N ARG B 457 -52.31 3.62 -25.47
CA ARG B 457 -51.07 4.13 -26.05
C ARG B 457 -50.08 3.01 -26.29
N ASN B 458 -49.34 3.11 -27.40
CA ASN B 458 -48.40 2.08 -27.83
C ASN B 458 -46.97 2.53 -27.56
N PRO B 459 -46.33 2.09 -26.49
CA PRO B 459 -44.89 2.35 -26.35
C PRO B 459 -44.07 1.79 -27.51
N PHE B 460 -44.50 0.68 -28.10
CA PHE B 460 -43.72 0.03 -29.14
C PHE B 460 -43.62 0.91 -30.38
N THR B 461 -44.71 1.57 -30.75
CA THR B 461 -44.76 2.38 -31.95
C THR B 461 -44.80 3.87 -31.67
N GLY B 462 -45.08 4.28 -30.43
CA GLY B 462 -45.16 5.68 -30.11
C GLY B 462 -46.46 6.33 -30.51
N GLN B 463 -47.53 5.55 -30.58
CA GLN B 463 -48.85 6.05 -30.93
C GLN B 463 -49.61 6.38 -29.66
N LYS B 464 -50.19 7.57 -29.62
CA LYS B 464 -50.89 8.07 -28.44
C LYS B 464 -52.38 8.14 -28.79
N GLY B 465 -53.17 7.26 -28.18
CA GLY B 465 -54.58 7.19 -28.47
C GLY B 465 -54.91 6.13 -29.50
N ASN B 466 -55.89 5.29 -29.22
CA ASN B 466 -56.23 4.14 -30.03
C ASN B 466 -57.65 4.26 -30.56
N PRO B 467 -57.86 4.24 -31.88
CA PRO B 467 -59.24 4.20 -32.40
C PRO B 467 -59.88 2.83 -32.23
N TYR B 468 -59.05 1.78 -32.26
CA TYR B 468 -59.50 0.40 -32.17
C TYR B 468 -58.79 -0.24 -30.98
N MET B 469 -59.41 -0.13 -29.81
CA MET B 469 -58.80 -0.69 -28.62
C MET B 469 -58.91 -2.21 -28.60
N SER B 470 -58.02 -2.82 -27.83
CA SER B 470 -58.01 -4.25 -27.58
C SER B 470 -58.39 -4.59 -26.15
N PHE B 471 -58.07 -3.73 -25.19
CA PHE B 471 -58.43 -3.89 -23.80
C PHE B 471 -58.33 -2.53 -23.13
N ASP B 472 -58.98 -2.42 -21.97
CA ASP B 472 -58.93 -1.17 -21.22
C ASP B 472 -57.61 -0.96 -20.52
N GLU B 473 -56.87 -2.03 -20.22
CA GLU B 473 -55.60 -1.89 -19.53
C GLU B 473 -54.63 -1.06 -20.36
N ASP B 474 -53.77 -0.33 -19.67
CA ASP B 474 -52.74 0.50 -20.30
C ASP B 474 -51.50 -0.36 -20.48
N SER B 475 -51.43 -1.04 -21.61
CA SER B 475 -50.34 -1.96 -21.90
C SER B 475 -50.19 -2.06 -23.41
N ALA B 476 -49.18 -2.82 -23.83
CA ALA B 476 -48.95 -3.04 -25.26
C ALA B 476 -48.15 -4.33 -25.38
N VAL B 477 -48.81 -5.39 -25.85
CA VAL B 477 -48.16 -6.67 -26.11
C VAL B 477 -47.77 -6.72 -27.57
N ILE B 478 -46.56 -7.20 -27.84
CA ILE B 478 -46.08 -7.43 -29.19
C ILE B 478 -46.01 -8.93 -29.43
N HIS B 479 -46.40 -9.34 -30.63
CA HIS B 479 -46.41 -10.74 -31.01
C HIS B 479 -45.66 -10.91 -32.32
N ARG B 480 -44.88 -11.97 -32.41
CA ARG B 480 -44.24 -12.34 -33.66
C ARG B 480 -44.44 -13.83 -33.89
N MET B 481 -44.59 -14.20 -35.16
CA MET B 481 -44.89 -15.56 -35.54
C MET B 481 -44.17 -15.88 -36.84
N ALA B 482 -43.56 -17.06 -36.88
CA ALA B 482 -42.81 -17.47 -38.06
C ALA B 482 -42.97 -18.97 -38.25
N THR B 483 -43.00 -19.38 -39.52
CA THR B 483 -42.96 -20.78 -39.91
C THR B 483 -41.78 -20.98 -40.82
N LEU B 484 -41.02 -22.04 -40.58
CA LEU B 484 -39.76 -22.24 -41.28
C LEU B 484 -39.37 -23.70 -41.19
N GLY B 485 -38.40 -24.08 -42.00
CA GLY B 485 -37.89 -25.43 -42.00
C GLY B 485 -36.53 -25.50 -42.66
N VAL B 486 -35.95 -26.70 -42.62
CA VAL B 486 -34.69 -27.00 -43.29
C VAL B 486 -34.80 -28.37 -43.92
N CYS B 487 -34.07 -28.57 -45.00
CA CYS B 487 -34.06 -29.83 -45.73
C CYS B 487 -32.63 -30.26 -46.02
N VAL B 488 -32.30 -31.47 -45.59
CA VAL B 488 -31.08 -32.14 -46.03
C VAL B 488 -31.54 -33.21 -47.03
N LEU B 489 -31.51 -32.85 -48.32
CA LEU B 489 -32.10 -33.70 -49.34
C LEU B 489 -31.51 -35.10 -49.30
N ASP B 490 -30.18 -35.20 -49.28
CA ASP B 490 -29.50 -36.49 -49.25
C ASP B 490 -28.74 -36.64 -47.93
N PRO B 491 -29.24 -37.41 -46.96
CA PRO B 491 -28.50 -37.57 -45.71
C PRO B 491 -27.25 -38.42 -45.83
N THR B 492 -27.06 -39.14 -46.94
CA THR B 492 -25.88 -39.98 -47.14
C THR B 492 -24.73 -39.24 -47.78
N ARG B 493 -24.93 -37.97 -48.16
CA ARG B 493 -23.87 -37.16 -48.73
C ARG B 493 -23.21 -36.29 -47.67
N THR B 494 -23.45 -36.61 -46.40
CA THR B 494 -22.87 -35.93 -45.26
C THR B 494 -22.64 -36.95 -44.17
N MET B 495 -21.41 -37.07 -43.70
CA MET B 495 -21.08 -37.99 -42.62
C MET B 495 -20.69 -37.22 -41.38
N SER B 496 -20.70 -37.93 -40.24
CA SER B 496 -20.44 -37.30 -38.96
C SER B 496 -19.85 -38.32 -38.01
N LEU B 497 -18.77 -37.94 -37.33
CA LEU B 497 -18.18 -38.73 -36.27
C LEU B 497 -18.42 -38.01 -34.95
N ILE B 498 -19.05 -38.71 -34.01
CA ILE B 498 -19.57 -38.09 -32.80
C ILE B 498 -19.02 -38.79 -31.58
N PRO B 499 -18.58 -38.07 -30.54
CA PRO B 499 -18.19 -38.75 -29.31
C PRO B 499 -19.38 -39.48 -28.69
N ALA B 500 -19.14 -40.74 -28.30
CA ALA B 500 -20.20 -41.55 -27.73
C ALA B 500 -20.72 -40.98 -26.41
N ILE B 501 -19.99 -40.05 -25.79
CA ILE B 501 -20.43 -39.48 -24.53
C ILE B 501 -21.64 -38.59 -24.72
N LEU B 502 -21.90 -38.11 -25.93
CA LEU B 502 -23.08 -37.30 -26.16
C LEU B 502 -24.34 -38.17 -26.17
N GLN B 503 -24.37 -39.18 -27.03
CA GLN B 503 -25.37 -40.23 -26.91
C GLN B 503 -24.97 -41.46 -27.72
N GLY B 504 -24.86 -42.60 -27.07
CA GLY B 504 -24.50 -43.84 -27.74
C GLY B 504 -25.43 -44.18 -28.89
N ALA C 2 60.64 16.44 29.30
CA ALA C 2 60.62 15.70 30.55
C ALA C 2 59.27 15.82 31.25
N GLY C 3 58.52 16.86 30.89
CA GLY C 3 57.19 17.05 31.44
C GLY C 3 56.18 17.46 30.40
N LYS C 4 55.01 17.91 30.86
CA LYS C 4 53.92 18.30 29.98
C LYS C 4 53.72 19.81 30.12
N LEU C 5 53.81 20.53 29.01
CA LEU C 5 53.62 21.97 29.05
C LEU C 5 52.16 22.31 29.28
N GLY C 6 51.29 21.94 28.34
CA GLY C 6 49.86 22.07 28.51
C GLY C 6 49.29 20.92 29.31
N LYS C 7 48.07 20.53 28.97
CA LYS C 7 47.45 19.34 29.53
C LYS C 7 47.13 18.28 28.50
N PHE C 8 47.03 18.65 27.22
CA PHE C 8 46.96 17.70 26.12
C PHE C 8 48.19 17.91 25.24
N GLN C 9 49.29 17.30 25.64
CA GLN C 9 50.53 17.27 24.88
C GLN C 9 50.83 15.79 24.69
N MET C 10 50.34 15.23 23.58
CA MET C 10 50.36 13.78 23.44
C MET C 10 51.77 13.24 23.35
N LEU C 11 52.66 13.98 22.72
CA LEU C 11 54.02 13.51 22.48
C LEU C 11 54.92 13.84 23.67
N GLY C 12 56.03 13.10 23.73
CA GLY C 12 57.14 13.45 24.57
C GLY C 12 58.32 13.95 23.75
N PHE C 13 59.48 13.92 24.37
CA PHE C 13 60.72 14.29 23.71
C PHE C 13 61.57 13.04 23.56
N GLN C 14 61.79 12.62 22.32
CA GLN C 14 62.39 11.34 22.01
C GLN C 14 63.83 11.53 21.53
N HIS C 15 64.61 10.46 21.63
CA HIS C 15 66.04 10.55 21.42
C HIS C 15 66.62 9.15 21.36
N TRP C 16 67.73 9.00 20.64
CA TRP C 16 68.37 7.71 20.49
C TRP C 16 69.78 7.91 19.96
N LYS C 17 70.62 6.90 20.17
CA LYS C 17 72.02 6.94 19.79
C LYS C 17 72.33 5.80 18.84
N GLY C 18 73.08 6.12 17.78
CA GLY C 18 73.77 5.10 17.02
C GLY C 18 73.12 4.73 15.70
N LEU C 19 73.15 3.44 15.40
CA LEU C 19 72.52 2.97 14.17
C LEU C 19 71.01 3.13 14.25
N THR C 20 70.43 3.67 13.19
CA THR C 20 69.01 3.90 13.11
C THR C 20 68.38 2.88 12.16
N SER C 21 67.07 2.99 11.99
CA SER C 21 66.32 2.05 11.17
C SER C 21 65.00 2.69 10.80
N ASP C 22 64.34 2.13 9.79
CA ASP C 22 63.00 2.57 9.45
C ASP C 22 62.05 2.42 10.64
N ASN C 23 62.35 1.48 11.54
CA ASN C 23 61.62 1.40 12.79
C ASN C 23 61.76 2.70 13.58
N HIS C 24 63.00 3.15 13.77
CA HIS C 24 63.23 4.46 14.38
C HIS C 24 62.42 5.52 13.67
N LEU C 25 62.63 5.65 12.35
CA LEU C 25 61.97 6.69 11.57
C LEU C 25 60.46 6.58 11.62
N GLY C 26 59.92 5.38 11.85
CA GLY C 26 58.48 5.26 12.04
C GLY C 26 58.04 5.54 13.45
N ALA C 27 58.90 5.25 14.44
CA ALA C 27 58.61 5.57 15.82
C ALA C 27 58.75 7.06 16.11
N ILE C 28 59.40 7.82 15.24
CA ILE C 28 59.45 9.27 15.32
C ILE C 28 58.57 9.90 14.23
N PHE C 29 57.67 9.11 13.66
CA PHE C 29 56.61 9.63 12.79
C PHE C 29 57.19 10.27 11.53
N GLN C 30 58.03 9.52 10.83
CA GLN C 30 58.68 9.99 9.62
C GLN C 30 58.57 9.01 8.45
N GLN C 31 57.94 7.85 8.65
CA GLN C 31 57.71 6.88 7.60
C GLN C 31 56.21 6.68 7.48
N ALA C 32 55.65 7.00 6.32
CA ALA C 32 54.22 6.91 6.09
C ALA C 32 53.95 6.30 4.71
N PRO C 33 52.85 5.60 4.55
CA PRO C 33 52.56 4.97 3.26
C PRO C 33 52.08 5.99 2.23
N GLN C 34 52.28 5.63 0.97
CA GLN C 34 51.78 6.43 -0.13
C GLN C 34 50.27 6.26 -0.26
N LYS C 35 49.68 6.93 -1.24
CA LYS C 35 48.23 6.94 -1.39
C LYS C 35 47.74 6.31 -2.68
N ALA C 36 48.50 6.40 -3.77
CA ALA C 36 48.12 5.79 -5.04
C ALA C 36 46.78 6.34 -5.51
N THR C 37 46.79 7.64 -5.80
CA THR C 37 45.57 8.36 -6.14
C THR C 37 44.76 7.69 -7.24
N ASN C 38 45.43 6.98 -8.15
CA ASN C 38 44.79 6.42 -9.34
C ASN C 38 44.77 4.89 -9.31
N LEU C 39 44.49 4.32 -8.14
CA LEU C 39 44.30 2.88 -8.00
C LEU C 39 42.96 2.56 -7.35
N MET C 40 41.98 3.45 -7.46
CA MET C 40 40.67 3.24 -6.88
C MET C 40 39.96 2.09 -7.60
N VAL C 41 39.27 1.25 -6.84
CA VAL C 41 38.54 0.11 -7.37
C VAL C 41 37.11 0.18 -6.90
N GLN C 42 36.18 -0.04 -7.81
CA GLN C 42 34.78 -0.29 -7.47
C GLN C 42 34.55 -1.79 -7.51
N LEU C 43 34.07 -2.35 -6.40
CA LEU C 43 33.76 -3.77 -6.37
C LEU C 43 32.91 -4.15 -7.58
N LEU C 44 33.11 -5.38 -8.05
CA LEU C 44 32.37 -5.89 -9.19
C LEU C 44 31.06 -6.50 -8.70
N ALA C 45 29.97 -6.11 -9.35
CA ALA C 45 28.65 -6.63 -9.00
C ALA C 45 27.68 -6.13 -10.06
N PHE C 46 26.60 -6.88 -10.24
CA PHE C 46 25.55 -6.54 -11.17
C PHE C 46 24.46 -5.82 -10.37
N TYR C 47 24.42 -4.50 -10.48
CA TYR C 47 23.60 -3.67 -9.62
C TYR C 47 22.21 -3.54 -10.21
N ARG C 48 21.21 -4.01 -9.48
CA ARG C 48 19.83 -4.09 -9.94
C ARG C 48 18.93 -3.21 -9.09
N GLY C 49 19.41 -2.01 -8.76
CA GLY C 49 18.65 -1.09 -7.94
C GLY C 49 17.88 -0.09 -8.77
N LYS C 50 18.31 0.10 -10.01
CA LYS C 50 17.63 0.98 -10.96
C LYS C 50 16.72 0.19 -11.90
N SER C 51 16.33 -1.03 -11.52
CA SER C 51 15.53 -1.88 -12.38
C SER C 51 14.04 -1.71 -12.10
N LEU C 52 13.65 -1.58 -10.83
CA LEU C 52 12.26 -1.29 -10.52
C LEU C 52 11.83 0.03 -11.15
N ASP C 53 12.75 1.00 -11.22
CA ASP C 53 12.43 2.25 -11.89
C ASP C 53 12.18 2.04 -13.38
N THR C 54 13.04 1.25 -14.03
CA THR C 54 12.81 0.96 -15.45
C THR C 54 11.54 0.16 -15.65
N PHE C 55 11.16 -0.64 -14.66
CA PHE C 55 9.88 -1.34 -14.68
C PHE C 55 8.73 -0.33 -14.67
N LEU C 56 8.69 0.52 -13.65
CA LEU C 56 7.59 1.47 -13.52
C LEU C 56 7.61 2.53 -14.60
N ASN C 57 8.79 2.88 -15.11
CA ASN C 57 8.87 3.86 -16.19
C ASN C 57 8.34 3.32 -17.49
N SER C 58 7.99 2.04 -17.55
CA SER C 58 7.39 1.47 -18.76
C SER C 58 5.89 1.78 -18.80
N PHE C 59 5.17 1.40 -17.75
CA PHE C 59 3.76 1.73 -17.67
C PHE C 59 3.56 3.23 -17.86
N PRO C 60 2.48 3.65 -18.52
CA PRO C 60 2.22 5.08 -18.66
C PRO C 60 1.66 5.66 -17.37
N THR C 61 1.61 6.99 -17.32
CA THR C 61 1.07 7.71 -16.19
C THR C 61 -0.10 8.58 -16.65
N ARG C 62 -1.04 8.79 -15.73
CA ARG C 62 -2.25 9.55 -16.02
C ARG C 62 -2.48 10.54 -14.90
N GLU C 63 -2.73 11.79 -15.25
CA GLU C 63 -2.88 12.87 -14.29
C GLU C 63 -4.35 13.10 -14.00
N PHE C 64 -4.67 13.27 -12.71
CA PHE C 64 -6.00 13.62 -12.25
C PHE C 64 -5.99 15.08 -11.81
N GLU C 65 -7.14 15.53 -11.28
CA GLU C 65 -7.25 16.87 -10.73
C GLU C 65 -7.34 16.89 -9.22
N ASP C 66 -7.73 15.78 -8.60
CA ASP C 66 -7.83 15.69 -7.15
C ASP C 66 -7.50 14.27 -6.72
N ASP C 67 -7.53 14.05 -5.41
CA ASP C 67 -7.25 12.76 -4.80
C ASP C 67 -8.53 12.09 -4.35
N ASN C 68 -9.60 12.26 -5.11
CA ASN C 68 -10.90 11.72 -4.78
C ASN C 68 -11.09 10.37 -5.47
N GLU C 69 -11.70 9.43 -4.76
CA GLU C 69 -11.96 8.12 -5.32
C GLU C 69 -12.63 8.24 -6.68
N TYR C 70 -12.06 7.56 -7.66
CA TYR C 70 -12.61 7.49 -9.00
C TYR C 70 -13.09 6.06 -9.27
N TYR C 71 -14.04 5.94 -10.18
CA TYR C 71 -14.63 4.66 -10.51
C TYR C 71 -14.84 4.61 -12.02
N TRP C 72 -14.92 3.40 -12.54
CA TRP C 72 -15.11 3.17 -13.96
C TRP C 72 -16.11 2.04 -14.14
N ASP C 73 -16.86 2.10 -15.24
CA ASP C 73 -17.90 1.13 -15.51
C ASP C 73 -17.32 -0.10 -16.19
N VAL C 74 -17.85 -1.26 -15.84
CA VAL C 74 -17.38 -2.55 -16.34
C VAL C 74 -18.49 -3.16 -17.18
N ILE C 75 -18.14 -3.57 -18.39
CA ILE C 75 -19.09 -4.16 -19.34
C ILE C 75 -18.76 -5.64 -19.45
N GLY C 76 -19.80 -6.47 -19.36
CA GLY C 76 -19.61 -7.91 -19.26
C GLY C 76 -20.23 -8.73 -20.37
N SER C 77 -20.87 -9.84 -19.98
CA SER C 77 -21.38 -10.83 -20.93
C SER C 77 -22.84 -11.10 -20.62
N SER C 78 -23.50 -11.75 -21.58
CA SER C 78 -24.95 -11.96 -21.53
C SER C 78 -25.36 -13.41 -21.53
N ARG C 79 -24.81 -14.22 -22.44
CA ARG C 79 -25.36 -15.55 -22.72
C ARG C 79 -25.29 -16.45 -21.49
N ARG C 80 -26.44 -16.92 -21.03
CA ARG C 80 -26.58 -17.61 -19.76
C ARG C 80 -27.15 -19.01 -19.96
N ASN C 81 -27.07 -19.79 -18.89
CA ASN C 81 -27.91 -20.96 -18.71
C ASN C 81 -28.18 -21.11 -17.22
N ILE C 82 -29.35 -21.64 -16.88
CA ILE C 82 -29.83 -21.61 -15.51
C ILE C 82 -29.60 -22.98 -14.86
N PRO C 83 -29.12 -23.03 -13.61
CA PRO C 83 -29.01 -24.33 -12.94
C PRO C 83 -30.36 -24.91 -12.59
N LEU C 84 -30.36 -26.05 -11.92
CA LEU C 84 -31.58 -26.71 -11.50
C LEU C 84 -31.50 -26.97 -10.00
N VAL C 85 -32.51 -26.49 -9.27
CA VAL C 85 -32.58 -26.74 -7.84
C VAL C 85 -33.00 -28.19 -7.59
N GLU C 86 -34.04 -28.63 -8.28
CA GLU C 86 -34.49 -30.01 -8.19
C GLU C 86 -35.63 -30.25 -9.18
N ALA C 87 -36.13 -31.48 -9.23
CA ALA C 87 -37.26 -31.82 -10.07
C ALA C 87 -38.19 -32.72 -9.27
N ARG C 88 -39.44 -32.79 -9.71
CA ARG C 88 -40.46 -33.55 -9.00
C ARG C 88 -41.37 -34.24 -10.00
N ASP C 89 -42.00 -35.32 -9.55
CA ASP C 89 -42.93 -36.06 -10.37
C ASP C 89 -44.25 -35.30 -10.46
N GLU C 90 -45.25 -35.92 -11.09
CA GLU C 90 -46.55 -35.28 -11.22
C GLU C 90 -47.24 -35.09 -9.88
N ASN C 91 -46.85 -35.84 -8.85
CA ASN C 91 -47.43 -35.73 -7.52
C ASN C 91 -46.58 -34.88 -6.58
N GLY C 92 -45.51 -34.27 -7.08
CA GLY C 92 -44.72 -33.35 -6.30
C GLY C 92 -43.62 -33.97 -5.46
N VAL C 93 -43.36 -35.26 -5.64
CA VAL C 93 -42.27 -35.91 -4.91
C VAL C 93 -40.95 -35.63 -5.62
N VAL C 94 -39.89 -35.51 -4.84
CA VAL C 94 -38.59 -35.13 -5.40
C VAL C 94 -37.95 -36.34 -6.06
N VAL C 95 -37.13 -36.07 -7.07
CA VAL C 95 -36.46 -37.11 -7.84
C VAL C 95 -35.11 -37.40 -7.21
N ALA C 96 -34.93 -38.61 -6.72
CA ALA C 96 -33.65 -39.04 -6.19
C ALA C 96 -32.72 -39.44 -7.34
N ALA C 97 -31.45 -39.67 -7.00
CA ALA C 97 -30.47 -39.98 -8.02
C ALA C 97 -30.55 -41.44 -8.47
N ASN C 98 -31.03 -42.32 -7.60
CA ASN C 98 -31.25 -43.71 -7.94
C ASN C 98 -32.65 -43.97 -8.47
N ALA C 99 -33.43 -42.92 -8.68
CA ALA C 99 -34.80 -43.08 -9.14
C ALA C 99 -34.83 -43.47 -10.62
N ALA C 100 -36.00 -43.92 -11.06
CA ALA C 100 -36.18 -44.34 -12.44
C ALA C 100 -36.61 -43.17 -13.31
N ASN C 101 -36.74 -43.44 -14.61
CA ASN C 101 -37.12 -42.41 -15.55
C ASN C 101 -38.39 -41.71 -15.09
N VAL C 102 -38.55 -40.46 -15.51
CA VAL C 102 -39.56 -39.56 -14.96
C VAL C 102 -40.70 -39.33 -15.95
N GLY C 103 -40.38 -38.83 -17.14
CA GLY C 103 -41.41 -38.47 -18.11
C GLY C 103 -41.82 -39.61 -19.01
N VAL C 104 -42.11 -40.77 -18.44
CA VAL C 104 -42.49 -41.93 -19.24
C VAL C 104 -43.90 -41.72 -19.79
N GLY C 105 -44.05 -41.87 -21.10
CA GLY C 105 -45.34 -41.68 -21.72
C GLY C 105 -45.74 -40.23 -21.85
N THR C 106 -44.79 -39.35 -22.19
CA THR C 106 -45.03 -37.92 -22.27
C THR C 106 -45.79 -37.41 -21.04
N SER C 107 -45.53 -38.04 -19.89
CA SER C 107 -46.12 -37.59 -18.65
C SER C 107 -45.49 -36.26 -18.22
N PRO C 108 -46.21 -35.46 -17.44
CA PRO C 108 -45.64 -34.18 -17.02
C PRO C 108 -44.87 -34.29 -15.71
N PHE C 109 -44.02 -33.32 -15.44
CA PHE C 109 -43.24 -33.29 -14.20
C PHE C 109 -42.76 -31.86 -13.99
N TYR C 110 -42.28 -31.59 -12.78
CA TYR C 110 -41.99 -30.24 -12.33
C TYR C 110 -40.49 -30.00 -12.27
N LEU C 111 -40.05 -28.92 -12.90
CA LEU C 111 -38.67 -28.45 -12.80
C LEU C 111 -38.63 -27.24 -11.88
N VAL C 112 -37.68 -27.26 -10.93
CA VAL C 112 -37.52 -26.21 -9.94
C VAL C 112 -36.23 -25.46 -10.23
N PHE C 113 -36.33 -24.16 -10.47
CA PHE C 113 -35.22 -23.30 -10.77
C PHE C 113 -35.12 -22.20 -9.72
N PRO C 114 -33.92 -21.61 -9.54
CA PRO C 114 -33.78 -20.52 -8.57
C PRO C 114 -34.30 -19.17 -9.06
N GLU C 115 -34.87 -19.11 -10.26
CA GLU C 115 -35.32 -17.84 -10.80
C GLU C 115 -36.23 -18.11 -11.99
N ASP C 116 -37.09 -17.13 -12.29
CA ASP C 116 -38.02 -17.22 -13.42
C ASP C 116 -37.30 -16.65 -14.64
N TRP C 117 -36.68 -17.55 -15.41
CA TRP C 117 -35.91 -17.17 -16.59
C TRP C 117 -36.55 -17.64 -17.88
N PHE C 118 -37.61 -18.43 -17.82
CA PHE C 118 -38.18 -19.09 -18.98
C PHE C 118 -39.65 -18.71 -19.13
N ALA C 119 -40.09 -18.59 -20.38
CA ALA C 119 -41.48 -18.31 -20.69
C ALA C 119 -42.30 -19.60 -20.65
N ASP C 120 -43.62 -19.44 -20.79
CA ASP C 120 -44.52 -20.57 -20.60
C ASP C 120 -44.43 -21.57 -21.74
N GLY C 121 -44.36 -21.08 -22.99
CA GLY C 121 -44.37 -21.98 -24.12
C GLY C 121 -43.00 -22.17 -24.74
N GLU C 122 -41.98 -22.08 -23.91
CA GLU C 122 -40.61 -22.23 -24.36
C GLU C 122 -40.14 -23.67 -24.19
N VAL C 123 -39.27 -24.11 -25.10
CA VAL C 123 -38.62 -25.40 -25.02
C VAL C 123 -37.21 -25.18 -24.50
N ILE C 124 -36.86 -25.88 -23.42
CA ILE C 124 -35.55 -25.75 -22.80
C ILE C 124 -34.90 -27.11 -22.75
N VAL C 125 -33.57 -27.12 -22.86
CA VAL C 125 -32.79 -28.34 -22.94
C VAL C 125 -31.75 -28.33 -21.83
N GLY C 126 -31.53 -29.49 -21.22
CA GLY C 126 -30.55 -29.62 -20.17
C GLY C 126 -29.15 -29.80 -20.70
N ASN C 127 -28.40 -30.74 -20.13
CA ASN C 127 -27.03 -30.97 -20.57
C ASN C 127 -26.99 -31.79 -21.85
N LEU C 128 -27.73 -32.89 -21.91
CA LEU C 128 -27.88 -33.68 -23.12
C LEU C 128 -28.87 -32.95 -24.04
N ASN C 129 -28.36 -31.92 -24.71
CA ASN C 129 -29.21 -31.08 -25.54
C ASN C 129 -29.83 -31.89 -26.68
N GLN C 130 -31.07 -31.54 -27.01
CA GLN C 130 -31.76 -32.08 -28.19
C GLN C 130 -32.19 -33.53 -28.00
N VAL C 131 -31.82 -34.14 -26.87
CA VAL C 131 -32.15 -35.53 -26.61
C VAL C 131 -33.36 -35.57 -25.69
N TYR C 132 -33.44 -34.62 -24.77
CA TYR C 132 -34.57 -34.48 -23.86
C TYR C 132 -34.98 -33.02 -23.84
N PRO C 133 -35.78 -32.58 -24.82
CA PRO C 133 -36.30 -31.21 -24.78
C PRO C 133 -37.52 -31.12 -23.86
N PHE C 134 -37.49 -30.16 -22.96
CA PHE C 134 -38.58 -29.93 -22.02
C PHE C 134 -39.41 -28.75 -22.48
N ARG C 135 -40.70 -28.96 -22.65
CA ARG C 135 -41.64 -27.92 -23.05
C ARG C 135 -42.48 -27.56 -21.84
N ILE C 136 -42.53 -26.26 -21.54
CA ILE C 136 -43.11 -25.77 -20.29
C ILE C 136 -44.62 -25.64 -20.46
N LEU C 137 -45.36 -26.17 -19.50
CA LEU C 137 -46.83 -26.15 -19.54
C LEU C 137 -47.37 -25.02 -18.66
N GLY C 138 -46.96 -23.79 -18.97
CA GLY C 138 -47.53 -22.62 -18.34
C GLY C 138 -46.49 -21.79 -17.60
N ASP C 139 -46.96 -20.64 -17.13
CA ASP C 139 -46.11 -19.75 -16.34
C ASP C 139 -45.66 -20.44 -15.06
N ALA C 140 -44.50 -20.01 -14.57
CA ALA C 140 -43.98 -20.56 -13.33
C ALA C 140 -44.84 -20.15 -12.15
N ARG C 141 -45.10 -21.10 -11.26
CA ARG C 141 -45.77 -20.82 -9.99
C ARG C 141 -44.69 -20.54 -8.95
N MET C 142 -44.66 -19.30 -8.47
CA MET C 142 -43.55 -18.84 -7.65
C MET C 142 -43.61 -19.49 -6.28
N GLU C 143 -42.70 -20.40 -6.02
CA GLU C 143 -42.29 -20.68 -4.65
C GLU C 143 -41.28 -19.61 -4.25
N GLY C 144 -41.10 -19.44 -2.95
CA GLY C 144 -40.33 -18.31 -2.49
C GLY C 144 -38.98 -18.23 -3.17
N THR C 145 -38.76 -17.15 -3.92
CA THR C 145 -37.55 -16.98 -4.73
C THR C 145 -37.19 -18.27 -5.48
N ASN C 146 -38.19 -18.96 -6.00
CA ASN C 146 -37.97 -20.23 -6.67
C ASN C 146 -39.08 -20.45 -7.67
N ALA C 147 -38.73 -20.80 -8.90
CA ALA C 147 -39.68 -20.92 -10.01
C ALA C 147 -39.88 -22.39 -10.34
N VAL C 148 -41.07 -22.90 -10.04
CA VAL C 148 -41.44 -24.27 -10.34
C VAL C 148 -42.22 -24.30 -11.65
N TYR C 149 -41.59 -24.80 -12.70
CA TYR C 149 -42.25 -25.00 -13.97
C TYR C 149 -42.75 -26.45 -14.09
N LYS C 150 -43.81 -26.63 -14.85
CA LYS C 150 -44.31 -27.94 -15.24
C LYS C 150 -43.97 -28.18 -16.70
N VAL C 151 -43.41 -29.34 -17.01
CA VAL C 151 -42.86 -29.61 -18.33
C VAL C 151 -43.24 -31.03 -18.76
N GLU C 152 -43.06 -31.29 -20.05
CA GLU C 152 -43.17 -32.63 -20.60
C GLU C 152 -42.24 -32.73 -21.80
N LEU C 153 -41.94 -33.96 -22.20
CA LEU C 153 -40.83 -34.23 -23.10
C LEU C 153 -41.29 -34.23 -24.56
N MET C 154 -40.70 -33.34 -25.35
CA MET C 154 -40.91 -33.28 -26.78
C MET C 154 -39.89 -34.19 -27.48
N GLY C 155 -39.78 -34.07 -28.80
CA GLY C 155 -38.76 -34.78 -29.56
C GLY C 155 -39.07 -36.23 -29.86
N GLY C 156 -40.14 -36.79 -29.32
CA GLY C 156 -40.47 -38.18 -29.53
C GLY C 156 -40.19 -39.07 -28.34
N ASN C 157 -39.74 -38.50 -27.22
CA ASN C 157 -39.36 -39.30 -26.07
C ASN C 157 -40.61 -39.95 -25.46
N THR C 158 -40.60 -41.29 -25.41
CA THR C 158 -41.63 -42.04 -24.74
C THR C 158 -41.07 -42.97 -23.66
N GLN C 159 -39.75 -43.10 -23.57
CA GLN C 159 -39.14 -43.89 -22.51
C GLN C 159 -39.05 -43.11 -21.20
N GLY C 160 -38.87 -41.79 -21.29
CA GLY C 160 -38.73 -40.97 -20.12
C GLY C 160 -37.40 -40.24 -20.11
N VAL C 161 -37.02 -39.72 -18.95
CA VAL C 161 -35.72 -39.08 -18.78
C VAL C 161 -35.16 -39.53 -17.43
N PRO C 162 -33.91 -39.99 -17.36
CA PRO C 162 -33.40 -40.55 -16.12
C PRO C 162 -33.07 -39.47 -15.09
N ALA C 163 -33.18 -39.84 -13.82
CA ALA C 163 -32.94 -38.90 -12.74
C ALA C 163 -31.51 -38.36 -12.77
N GLU C 164 -30.56 -39.17 -13.26
CA GLU C 164 -29.19 -38.70 -13.39
C GLU C 164 -29.12 -37.37 -14.14
N ARG C 165 -30.12 -37.08 -14.98
CA ARG C 165 -30.17 -35.83 -15.72
C ARG C 165 -30.95 -34.74 -15.00
N LEU C 166 -31.55 -35.04 -13.84
CA LEU C 166 -32.48 -34.15 -13.17
C LEU C 166 -32.04 -33.91 -11.73
N GLN C 167 -30.78 -33.60 -11.53
CA GLN C 167 -30.23 -33.36 -10.20
C GLN C 167 -29.63 -31.96 -10.12
N GLN C 168 -29.35 -31.54 -8.89
CA GLN C 168 -28.85 -30.20 -8.64
C GLN C 168 -27.64 -29.90 -9.51
N GLY C 169 -27.73 -28.79 -10.25
CA GLY C 169 -26.64 -28.30 -11.08
C GLY C 169 -26.87 -28.43 -12.56
N GLU C 170 -27.76 -29.32 -12.99
CA GLU C 170 -28.02 -29.51 -14.40
C GLU C 170 -28.37 -28.18 -15.05
N ARG C 171 -27.63 -27.82 -16.10
CA ARG C 171 -27.71 -26.50 -16.71
C ARG C 171 -28.69 -26.54 -17.87
N PHE C 172 -29.64 -25.61 -17.87
CA PHE C 172 -30.68 -25.56 -18.88
C PHE C 172 -30.56 -24.29 -19.70
N SER C 173 -30.78 -24.43 -21.01
CA SER C 173 -30.73 -23.32 -21.95
C SER C 173 -32.05 -23.25 -22.70
N ILE C 174 -32.33 -22.07 -23.22
CA ILE C 174 -33.58 -21.80 -23.92
C ILE C 174 -33.37 -22.12 -25.40
N GLU C 175 -34.26 -22.95 -25.95
CA GLU C 175 -34.11 -23.40 -27.33
C GLU C 175 -35.01 -22.60 -28.27
N PHE C 176 -36.31 -22.64 -28.03
CA PHE C 176 -37.27 -21.88 -28.84
C PHE C 176 -38.67 -22.16 -28.29
N ALA C 177 -39.64 -21.38 -28.77
CA ALA C 177 -41.03 -21.52 -28.36
C ALA C 177 -41.85 -22.03 -29.53
N PRO C 178 -42.08 -23.34 -29.65
CA PRO C 178 -42.89 -23.86 -30.76
C PRO C 178 -44.38 -23.68 -30.49
N VAL C 179 -45.12 -23.47 -31.58
CA VAL C 179 -46.55 -23.23 -31.50
C VAL C 179 -47.25 -23.93 -32.64
N GLU C 180 -48.56 -24.02 -32.53
CA GLU C 180 -49.37 -24.74 -33.50
C GLU C 180 -49.51 -23.92 -34.77
N LYS C 181 -49.85 -24.60 -35.87
CA LYS C 181 -50.02 -23.88 -37.12
C LYS C 181 -51.28 -23.01 -37.09
N GLU C 182 -52.35 -23.51 -36.50
CA GLU C 182 -53.62 -22.80 -36.44
C GLU C 182 -54.11 -22.72 -35.00
N LEU C 183 -54.62 -21.56 -34.61
CA LEU C 183 -55.26 -21.34 -33.32
C LEU C 183 -54.24 -21.28 -32.18
N SER C 184 -53.00 -20.96 -32.49
CA SER C 184 -51.96 -20.92 -31.47
C SER C 184 -52.16 -19.73 -30.54
N ARG C 185 -51.82 -19.94 -29.27
CA ARG C 185 -51.94 -18.93 -28.24
C ARG C 185 -50.56 -18.38 -27.86
N LYS C 186 -50.59 -17.29 -27.11
CA LYS C 186 -49.39 -16.51 -26.82
C LYS C 186 -48.36 -17.32 -26.04
N VAL C 187 -47.11 -17.23 -26.47
CA VAL C 187 -45.99 -17.87 -25.79
C VAL C 187 -44.74 -17.00 -25.98
N GLY C 188 -43.73 -17.27 -25.16
CA GLY C 188 -42.43 -16.62 -25.29
C GLY C 188 -42.31 -15.40 -24.42
N ASP C 189 -41.09 -14.87 -24.35
CA ASP C 189 -40.82 -13.67 -23.56
C ASP C 189 -39.38 -13.24 -23.79
N VAL C 190 -39.04 -12.07 -23.26
CA VAL C 190 -37.76 -11.43 -23.49
C VAL C 190 -37.13 -11.03 -22.15
N ARG C 191 -35.80 -10.87 -22.15
CA ARG C 191 -35.02 -10.70 -20.95
C ARG C 191 -33.85 -9.74 -21.17
N PHE C 192 -33.30 -9.24 -20.06
CA PHE C 192 -32.31 -8.17 -20.07
C PHE C 192 -31.25 -8.40 -19.00
N THR C 193 -30.19 -7.59 -19.04
CA THR C 193 -29.08 -7.66 -18.09
C THR C 193 -28.56 -6.25 -17.80
N SER C 194 -27.70 -6.15 -16.78
CA SER C 194 -27.12 -4.89 -16.34
C SER C 194 -25.61 -5.01 -16.15
N PRO C 195 -24.88 -3.89 -16.28
CA PRO C 195 -23.43 -3.89 -16.04
C PRO C 195 -23.10 -3.57 -14.58
N VAL C 196 -21.79 -3.47 -14.30
CA VAL C 196 -21.30 -3.10 -12.98
C VAL C 196 -20.18 -2.07 -13.08
N SER C 197 -19.55 -1.74 -11.93
CA SER C 197 -18.47 -0.77 -11.87
C SER C 197 -17.50 -1.16 -10.76
N MET C 198 -16.27 -0.64 -10.87
CA MET C 198 -15.24 -0.80 -9.85
C MET C 198 -14.68 0.56 -9.46
N ARG C 199 -13.82 0.55 -8.44
CA ARG C 199 -13.40 1.77 -7.75
C ARG C 199 -11.94 1.64 -7.32
N ASN C 200 -11.30 2.79 -7.14
CA ASN C 200 -9.90 2.85 -6.69
C ASN C 200 -9.76 3.93 -5.63
N GLU C 201 -8.52 4.22 -5.26
CA GLU C 201 -8.21 5.17 -4.19
C GLU C 201 -6.79 5.71 -4.43
N TRP C 202 -6.24 6.37 -3.42
CA TRP C 202 -4.92 6.98 -3.51
C TRP C 202 -4.03 6.60 -2.32
N THR C 203 -2.83 7.17 -2.26
CA THR C 203 -1.91 6.92 -1.15
C THR C 203 -0.97 8.12 -1.02
N THR C 204 -0.52 8.36 0.20
CA THR C 204 0.31 9.52 0.51
C THR C 204 1.42 9.12 1.46
N ILE C 205 2.63 9.65 1.21
CA ILE C 205 3.84 9.27 1.94
C ILE C 205 4.49 10.53 2.52
N ARG C 206 5.32 10.31 3.55
CA ARG C 206 6.01 11.39 4.23
C ARG C 206 7.42 10.95 4.59
N ILE C 207 8.28 11.95 4.82
CA ILE C 207 9.66 11.72 5.25
C ILE C 207 10.16 12.91 6.05
N GLN C 208 11.27 12.74 6.77
CA GLN C 208 11.90 13.84 7.47
C GLN C 208 13.36 13.52 7.71
N HIS C 209 14.10 14.52 8.19
CA HIS C 209 15.48 14.35 8.62
C HIS C 209 15.90 15.58 9.40
N LYS C 210 16.31 15.39 10.65
CA LYS C 210 16.75 16.50 11.48
C LYS C 210 18.26 16.67 11.41
N VAL C 211 18.70 17.92 11.54
CA VAL C 211 20.10 18.27 11.49
C VAL C 211 20.38 19.34 12.54
N ALA C 212 21.55 19.26 13.16
CA ALA C 212 22.01 20.31 14.04
C ALA C 212 22.65 21.43 13.24
N GLY C 213 22.47 22.67 13.70
CA GLY C 213 22.90 23.81 12.93
C GLY C 213 24.39 23.91 12.75
N ASN C 214 25.17 23.22 13.58
CA ASN C 214 26.62 23.22 13.42
C ASN C 214 27.05 22.63 12.08
N LYS C 215 26.15 21.90 11.40
CA LYS C 215 26.41 21.38 10.07
C LYS C 215 26.14 22.41 8.98
N LEU C 216 26.09 23.69 9.33
CA LEU C 216 25.75 24.72 8.35
C LEU C 216 26.76 24.74 7.21
N ASN C 217 28.05 24.76 7.54
CA ASN C 217 29.12 24.64 6.56
C ASN C 217 30.22 23.73 7.11
N LYS C 218 29.80 22.59 7.66
CA LYS C 218 30.72 21.69 8.34
C LYS C 218 31.63 20.99 7.34
N LYS C 219 32.84 21.52 7.18
CA LYS C 219 33.80 20.93 6.27
C LYS C 219 34.19 19.53 6.75
N LEU C 220 34.50 18.66 5.79
CA LEU C 220 34.88 17.28 6.07
C LEU C 220 36.35 17.10 5.77
N ALA C 221 37.08 16.50 6.73
CA ALA C 221 38.49 16.18 6.56
C ALA C 221 38.57 14.78 5.98
N MET C 222 38.94 14.67 4.71
CA MET C 222 38.80 13.41 3.98
C MET C 222 39.89 12.44 4.43
N GLY C 223 39.68 11.90 5.64
CA GLY C 223 40.53 10.81 6.10
C GLY C 223 40.29 9.55 5.31
N ILE C 224 39.03 9.28 4.98
CA ILE C 224 38.68 8.28 3.97
C ILE C 224 37.79 8.98 2.95
N PRO C 225 37.70 8.43 1.74
CA PRO C 225 36.85 9.06 0.73
C PRO C 225 35.40 9.04 1.18
N MET C 226 34.70 10.10 0.80
CA MET C 226 33.27 10.21 1.08
C MET C 226 32.48 9.80 -0.15
N VAL C 227 31.39 9.08 0.07
CA VAL C 227 30.65 8.42 -1.00
C VAL C 227 29.22 8.92 -1.01
N ARG C 228 28.55 8.65 -2.13
CA ARG C 228 27.13 8.94 -2.30
C ARG C 228 26.44 7.67 -2.76
N ASN C 229 25.70 7.03 -1.87
CA ASN C 229 24.94 5.85 -2.25
C ASN C 229 23.98 6.19 -3.37
N LEU C 230 24.06 5.44 -4.47
CA LEU C 230 23.25 5.68 -5.65
C LEU C 230 21.99 4.82 -5.63
N GLU C 231 21.12 5.08 -6.61
CA GLU C 231 19.90 4.28 -6.76
C GLU C 231 20.24 2.84 -7.14
N SER C 232 21.18 2.66 -8.07
CA SER C 232 21.55 1.32 -8.50
C SER C 232 22.05 0.45 -7.37
N GLY C 233 22.55 1.06 -6.29
CA GLY C 233 23.24 0.34 -5.25
C GLY C 233 24.74 0.50 -5.27
N LYS C 234 25.26 1.28 -6.22
CA LYS C 234 26.69 1.49 -6.37
C LYS C 234 27.15 2.68 -5.55
N GLN C 235 28.17 2.46 -4.71
CA GLN C 235 28.87 3.58 -4.10
C GLN C 235 29.68 4.32 -5.14
N VAL C 236 29.84 5.62 -4.94
CA VAL C 236 30.64 6.46 -5.83
C VAL C 236 31.41 7.46 -4.99
N LYS C 237 32.70 7.62 -5.29
CA LYS C 237 33.53 8.57 -4.58
C LYS C 237 33.20 9.99 -5.00
N ASP C 238 33.02 10.87 -4.02
CA ASP C 238 32.69 12.26 -4.26
C ASP C 238 33.67 13.16 -3.53
N THR C 239 33.99 14.28 -4.14
CA THR C 239 34.97 15.23 -3.61
C THR C 239 34.32 16.40 -2.89
N ALA C 240 33.04 16.29 -2.54
CA ALA C 240 32.35 17.35 -1.83
C ALA C 240 32.82 17.38 -0.38
N ASN C 241 33.33 18.53 0.06
CA ASN C 241 33.82 18.67 1.42
C ASN C 241 32.73 19.06 2.42
N MET C 242 31.52 19.35 1.95
CA MET C 242 30.44 19.81 2.80
C MET C 242 29.47 18.67 3.10
N TRP C 243 29.09 18.56 4.38
CA TRP C 243 28.24 17.47 4.85
C TRP C 243 26.83 17.52 4.27
N MET C 244 26.43 18.62 3.65
CA MET C 244 25.06 18.76 3.18
C MET C 244 24.86 18.16 1.80
N HIS C 245 25.90 18.12 0.98
CA HIS C 245 25.85 17.37 -0.27
C HIS C 245 25.24 15.99 -0.05
N TYR C 246 25.64 15.34 1.03
CA TYR C 246 25.26 13.96 1.32
C TYR C 246 23.97 13.84 2.10
N VAL C 247 23.35 14.94 2.50
CA VAL C 247 22.04 14.92 3.11
C VAL C 247 20.95 15.26 2.10
N ASP C 248 21.21 16.24 1.23
CA ASP C 248 20.29 16.52 0.14
C ASP C 248 20.12 15.29 -0.74
N TRP C 249 21.25 14.69 -1.15
CA TRP C 249 21.20 13.50 -1.99
C TRP C 249 20.42 12.37 -1.34
N GLU C 250 20.60 12.17 -0.03
CA GLU C 250 20.06 10.99 0.62
C GLU C 250 18.56 11.11 0.86
N VAL C 251 18.09 12.27 1.33
CA VAL C 251 16.65 12.45 1.53
C VAL C 251 15.93 12.37 0.20
N GLU C 252 16.50 12.98 -0.84
CA GLU C 252 15.93 12.86 -2.17
C GLU C 252 15.88 11.41 -2.62
N LEU C 253 17.00 10.69 -2.47
CA LEU C 253 17.04 9.29 -2.88
C LEU C 253 16.02 8.46 -2.12
N GLN C 254 16.03 8.55 -0.78
CA GLN C 254 15.10 7.77 0.02
C GLN C 254 13.66 8.12 -0.29
N PHE C 255 13.39 9.38 -0.63
CA PHE C 255 12.03 9.80 -0.93
C PHE C 255 11.53 9.16 -2.22
N ASP C 256 12.36 9.18 -3.27
CA ASP C 256 11.98 8.53 -4.52
C ASP C 256 11.83 7.03 -4.33
N GLU C 257 12.73 6.42 -3.56
CA GLU C 257 12.60 5.01 -3.24
C GLU C 257 11.28 4.73 -2.52
N TYR C 258 10.81 5.68 -1.71
CA TYR C 258 9.53 5.51 -1.04
C TYR C 258 8.39 5.49 -2.05
N LYS C 259 8.39 6.44 -2.98
CA LYS C 259 7.34 6.51 -3.99
C LYS C 259 7.28 5.21 -4.79
N ASN C 260 8.42 4.71 -5.24
CA ASN C 260 8.45 3.57 -6.14
C ASN C 260 8.01 2.30 -5.42
N ASN C 261 8.58 2.04 -4.25
CA ASN C 261 8.19 0.85 -3.49
C ASN C 261 6.71 0.87 -3.14
N ALA C 262 6.12 2.05 -3.01
CA ALA C 262 4.70 2.15 -2.72
C ALA C 262 3.86 1.83 -3.95
N MET C 263 4.19 2.43 -5.09
CA MET C 263 3.49 2.13 -6.33
C MET C 263 3.49 0.63 -6.60
N ALA C 264 4.65 0.00 -6.55
CA ALA C 264 4.78 -1.40 -6.92
C ALA C 264 4.33 -2.32 -5.79
N TRP C 265 4.85 -2.11 -4.58
CA TRP C 265 4.66 -3.02 -3.47
C TRP C 265 3.65 -2.53 -2.45
N GLY C 266 2.84 -1.53 -2.83
CA GLY C 266 1.79 -1.07 -1.94
C GLY C 266 0.78 -2.16 -1.63
N THR C 267 0.14 -2.01 -0.48
CA THR C 267 -0.87 -2.95 -0.01
C THR C 267 -2.05 -2.16 0.53
N SER C 268 -3.21 -2.81 0.54
CA SER C 268 -4.45 -2.19 0.96
C SER C 268 -4.79 -2.58 2.39
N ASN C 269 -5.21 -1.58 3.18
CA ASN C 269 -5.68 -1.81 4.54
C ASN C 269 -7.19 -1.71 4.68
N ARG C 270 -7.88 -1.07 3.74
CA ARG C 270 -9.32 -0.91 3.86
C ARG C 270 -10.00 -2.27 3.95
N ASN C 271 -11.05 -2.33 4.75
CA ASN C 271 -11.80 -3.54 4.98
C ASN C 271 -12.79 -3.75 3.83
N LEU C 272 -13.69 -4.71 4.00
CA LEU C 272 -14.78 -4.94 3.06
C LEU C 272 -16.01 -4.11 3.40
N ASN C 273 -16.05 -3.50 4.58
CA ASN C 273 -17.09 -2.57 4.97
C ASN C 273 -16.67 -1.11 4.78
N GLY C 274 -15.63 -0.87 3.97
CA GLY C 274 -15.11 0.45 3.76
C GLY C 274 -14.17 0.96 4.82
N GLU C 275 -14.10 0.29 5.97
CA GLU C 275 -13.29 0.75 7.08
C GLU C 275 -11.82 0.44 6.85
N TYR C 276 -10.96 1.17 7.57
CA TYR C 276 -9.53 0.90 7.60
C TYR C 276 -9.16 0.30 8.95
N MET C 277 -8.16 -0.58 8.93
CA MET C 277 -7.81 -1.38 10.10
C MET C 277 -6.68 -0.80 10.93
N ASN C 278 -5.96 0.19 10.42
CA ASN C 278 -4.84 0.78 11.14
C ASN C 278 -4.91 2.30 11.00
N PHE C 279 -4.65 3.00 12.10
CA PHE C 279 -4.85 4.44 12.17
C PHE C 279 -3.51 5.15 12.36
N GLY C 280 -3.49 6.41 11.96
CA GLY C 280 -2.31 7.24 12.08
C GLY C 280 -2.12 7.78 13.47
N LYS C 281 -1.12 8.65 13.59
CA LYS C 281 -0.84 9.30 14.87
C LYS C 281 -1.93 10.29 15.24
N SER C 282 -2.51 10.97 14.27
CA SER C 282 -3.62 11.88 14.50
C SER C 282 -4.92 11.17 14.84
N GLY C 283 -4.93 9.84 14.87
CA GLY C 283 -6.15 9.08 15.03
C GLY C 283 -6.94 8.90 13.75
N ASN C 284 -6.69 9.73 12.74
CA ASN C 284 -7.32 9.54 11.45
C ASN C 284 -6.74 8.31 10.77
N ALA C 285 -7.61 7.58 10.08
CA ALA C 285 -7.18 6.38 9.38
C ALA C 285 -6.08 6.70 8.37
N ILE C 286 -5.12 5.80 8.27
CA ILE C 286 -4.16 5.82 7.18
C ILE C 286 -4.76 5.02 6.03
N LYS C 287 -4.87 5.65 4.88
CA LYS C 287 -5.62 5.13 3.75
C LYS C 287 -4.64 4.81 2.64
N THR C 288 -4.09 3.60 2.67
CA THR C 288 -3.08 3.17 1.72
C THR C 288 -3.74 2.41 0.58
N GLY C 289 -3.52 2.87 -0.65
CA GLY C 289 -3.97 2.13 -1.81
C GLY C 289 -2.99 1.05 -2.20
N ALA C 290 -3.54 -0.04 -2.74
CA ALA C 290 -2.72 -1.16 -3.13
C ALA C 290 -1.81 -0.78 -4.30
N GLY C 291 -0.86 -1.68 -4.59
CA GLY C 291 0.09 -1.47 -5.66
C GLY C 291 -0.04 -2.54 -6.73
N ILE C 292 0.74 -2.34 -7.80
CA ILE C 292 0.59 -3.12 -9.03
C ILE C 292 0.46 -4.61 -8.71
N PHE C 293 1.44 -5.16 -8.00
CA PHE C 293 1.52 -6.61 -7.88
C PHE C 293 0.40 -7.17 -7.01
N GLU C 294 0.10 -6.51 -5.90
CA GLU C 294 -1.07 -6.90 -5.12
C GLU C 294 -2.36 -6.58 -5.87
N GLN C 295 -2.37 -5.46 -6.60
CA GLN C 295 -3.54 -5.01 -7.33
C GLN C 295 -3.84 -5.84 -8.57
N THR C 296 -2.92 -6.72 -8.98
CA THR C 296 -3.11 -7.55 -10.16
C THR C 296 -2.95 -9.05 -9.91
N GLU C 297 -2.42 -9.45 -8.76
CA GLU C 297 -2.31 -10.87 -8.41
C GLU C 297 -3.63 -11.45 -7.90
N VAL C 298 -4.73 -10.71 -8.02
CA VAL C 298 -6.01 -11.17 -7.51
C VAL C 298 -6.74 -12.09 -8.47
N ALA C 299 -6.25 -12.25 -9.69
CA ALA C 299 -6.89 -13.11 -10.68
C ALA C 299 -5.85 -13.60 -11.66
N ASN C 300 -6.04 -14.83 -12.14
CA ASN C 300 -5.17 -15.45 -13.13
C ASN C 300 -3.78 -15.71 -12.54
N THR C 301 -3.75 -16.18 -11.29
CA THR C 301 -2.50 -16.43 -10.58
C THR C 301 -2.58 -17.77 -9.89
N MET C 302 -1.59 -18.62 -10.13
CA MET C 302 -1.50 -19.92 -9.49
C MET C 302 -0.11 -20.11 -8.91
N TYR C 303 -0.04 -20.88 -7.83
CA TYR C 303 1.19 -21.11 -7.09
C TYR C 303 1.67 -22.52 -7.33
N TYR C 304 2.89 -22.67 -7.82
CA TYR C 304 3.46 -23.97 -8.13
C TYR C 304 4.68 -24.26 -7.25
N ASN C 305 4.91 -25.54 -7.01
CA ASN C 305 6.12 -26.02 -6.36
C ASN C 305 7.01 -26.82 -7.29
N THR C 306 6.43 -27.54 -8.24
CA THR C 306 7.16 -28.22 -9.30
C THR C 306 6.62 -27.71 -10.63
N PHE C 307 7.53 -27.31 -11.51
CA PHE C 307 7.19 -26.62 -12.75
C PHE C 307 7.31 -27.56 -13.94
N SER C 308 6.38 -27.44 -14.87
CA SER C 308 6.36 -28.24 -16.08
C SER C 308 5.86 -27.38 -17.22
N LEU C 309 6.06 -27.89 -18.45
CA LEU C 309 5.53 -27.25 -19.63
C LEU C 309 4.09 -27.67 -19.90
N LYS C 310 3.76 -28.92 -19.60
CA LYS C 310 2.37 -29.35 -19.58
C LYS C 310 1.52 -28.35 -18.80
N LEU C 311 2.03 -27.89 -17.66
CA LEU C 311 1.26 -27.04 -16.77
C LEU C 311 0.88 -25.73 -17.45
N LEU C 312 1.88 -24.94 -17.85
CA LEU C 312 1.58 -23.62 -18.41
C LEU C 312 1.04 -23.73 -19.83
N GLU C 313 1.36 -24.82 -20.54
CA GLU C 313 0.76 -25.03 -21.85
C GLU C 313 -0.75 -25.19 -21.73
N ASP C 314 -1.21 -25.94 -20.73
CA ASP C 314 -2.63 -26.08 -20.48
C ASP C 314 -3.23 -24.75 -20.05
N ALA C 315 -2.62 -24.11 -19.06
CA ALA C 315 -3.12 -22.83 -18.56
C ALA C 315 -3.25 -21.81 -19.70
N LEU C 316 -2.18 -21.64 -20.48
CA LEU C 316 -2.21 -20.68 -21.57
C LEU C 316 -3.31 -21.01 -22.57
N TYR C 317 -3.49 -22.29 -22.90
CA TYR C 317 -4.45 -22.64 -23.93
C TYR C 317 -5.88 -22.48 -23.45
N GLU C 318 -6.19 -22.98 -22.26
CA GLU C 318 -7.54 -22.82 -21.72
C GLU C 318 -7.92 -21.35 -21.67
N LEU C 319 -7.02 -20.51 -21.18
CA LEU C 319 -7.25 -19.07 -21.23
C LEU C 319 -7.46 -18.60 -22.66
N SER C 320 -6.63 -19.07 -23.59
CA SER C 320 -6.72 -18.61 -24.97
C SER C 320 -8.02 -19.06 -25.63
N ALA C 321 -8.38 -20.33 -25.44
CA ALA C 321 -9.64 -20.84 -25.97
C ALA C 321 -10.81 -20.03 -25.43
N SER C 322 -10.84 -19.80 -24.12
CA SER C 322 -11.95 -19.09 -23.50
C SER C 322 -11.98 -17.64 -23.92
N LYS C 323 -10.83 -16.99 -23.97
CA LYS C 323 -10.76 -15.53 -24.00
C LYS C 323 -10.16 -14.94 -25.27
N LEU C 324 -9.32 -15.66 -25.98
CA LEU C 324 -8.59 -15.12 -27.12
C LEU C 324 -8.98 -15.83 -28.42
N ALA C 325 -8.64 -15.19 -29.53
CA ALA C 325 -8.76 -15.77 -30.84
C ALA C 325 -7.41 -16.31 -31.29
N MET C 326 -7.43 -17.23 -32.26
CA MET C 326 -6.22 -17.96 -32.60
C MET C 326 -5.07 -17.01 -32.97
N ASP C 327 -5.36 -15.95 -33.72
CA ASP C 327 -4.28 -15.06 -34.15
C ASP C 327 -3.68 -14.28 -32.99
N ASP C 328 -4.46 -14.06 -31.92
CA ASP C 328 -4.05 -13.19 -30.82
C ASP C 328 -3.67 -13.97 -29.57
N ARG C 329 -3.09 -15.16 -29.71
CA ARG C 329 -2.73 -16.00 -28.57
C ARG C 329 -1.23 -15.97 -28.29
N LEU C 330 -0.52 -14.97 -28.79
CA LEU C 330 0.89 -14.81 -28.45
C LEU C 330 1.02 -14.32 -27.01
N PHE C 331 1.95 -14.90 -26.27
CA PHE C 331 2.16 -14.58 -24.86
C PHE C 331 3.64 -14.29 -24.63
N VAL C 332 3.94 -13.05 -24.25
CA VAL C 332 5.31 -12.62 -24.00
C VAL C 332 5.52 -12.66 -22.49
N ILE C 333 6.04 -13.79 -22.01
CA ILE C 333 6.28 -13.95 -20.58
C ILE C 333 7.45 -13.07 -20.16
N LYS C 334 7.37 -12.55 -18.94
CA LYS C 334 8.45 -11.82 -18.30
C LYS C 334 8.89 -12.60 -17.08
N THR C 335 10.19 -12.84 -16.95
CA THR C 335 10.70 -13.72 -15.91
C THR C 335 12.18 -13.39 -15.70
N GLY C 336 12.83 -14.19 -14.87
CA GLY C 336 14.25 -14.04 -14.63
C GLY C 336 15.07 -15.13 -15.30
N GLU C 337 16.38 -14.92 -15.39
CA GLU C 337 17.26 -15.88 -16.06
C GLU C 337 17.03 -17.28 -15.52
N ARG C 338 16.79 -17.41 -14.21
CA ARG C 338 16.65 -18.71 -13.59
C ARG C 338 15.33 -19.39 -13.96
N GLY C 339 14.39 -18.66 -14.55
CA GLY C 339 13.18 -19.26 -15.06
C GLY C 339 13.32 -19.50 -16.54
N ALA C 340 14.10 -18.67 -17.21
CA ALA C 340 14.43 -18.90 -18.61
C ALA C 340 15.18 -20.21 -18.79
N ILE C 341 15.99 -20.60 -17.81
CA ILE C 341 16.69 -21.87 -17.88
C ILE C 341 15.74 -23.01 -17.53
N GLN C 342 14.88 -22.80 -16.54
CA GLN C 342 13.81 -23.75 -16.27
C GLN C 342 12.95 -23.98 -17.50
N PHE C 343 12.68 -22.90 -18.25
CA PHE C 343 11.93 -23.02 -19.50
C PHE C 343 12.68 -23.88 -20.50
N HIS C 344 13.94 -23.54 -20.75
CA HIS C 344 14.78 -24.32 -21.66
C HIS C 344 14.77 -25.80 -21.29
N LYS C 345 14.98 -26.09 -20.00
CA LYS C 345 15.05 -27.48 -19.56
C LYS C 345 13.76 -28.23 -19.90
N GLU C 346 12.61 -27.63 -19.59
CA GLU C 346 11.34 -28.32 -19.77
C GLU C 346 10.97 -28.43 -21.25
N VAL C 347 11.20 -27.36 -22.02
CA VAL C 347 11.02 -27.43 -23.46
C VAL C 347 11.87 -28.55 -24.05
N LEU C 348 13.10 -28.67 -23.56
CA LEU C 348 13.97 -29.76 -24.01
C LEU C 348 13.38 -31.12 -23.63
N LYS C 349 13.10 -31.31 -22.33
CA LYS C 349 12.50 -32.55 -21.88
C LYS C 349 11.27 -32.92 -22.71
N THR C 350 10.57 -31.91 -23.23
CA THR C 350 9.40 -32.17 -24.07
C THR C 350 9.82 -32.58 -25.47
N VAL C 351 10.85 -31.93 -26.03
CA VAL C 351 11.30 -32.26 -27.38
C VAL C 351 12.01 -33.60 -27.40
N SER C 352 12.66 -33.98 -26.30
CA SER C 352 13.33 -35.27 -26.24
C SER C 352 12.39 -36.44 -26.48
N GLY C 353 11.07 -36.22 -26.38
CA GLY C 353 10.08 -37.23 -26.67
C GLY C 353 9.57 -37.20 -28.09
N TRP C 354 10.16 -36.37 -28.96
CA TRP C 354 9.73 -36.27 -30.35
C TRP C 354 10.56 -37.23 -31.21
N THR C 355 10.28 -38.52 -31.02
CA THR C 355 11.00 -39.56 -31.74
C THR C 355 10.52 -39.71 -33.17
N THR C 356 9.35 -39.18 -33.51
CA THR C 356 8.92 -39.14 -34.89
C THR C 356 9.68 -38.13 -35.72
N PHE C 357 10.62 -37.41 -35.12
CA PHE C 357 11.41 -36.41 -35.81
C PHE C 357 12.87 -36.57 -35.43
N VAL C 358 13.76 -36.40 -36.39
CA VAL C 358 15.20 -36.39 -36.15
C VAL C 358 15.68 -34.97 -36.36
N LEU C 359 16.27 -34.38 -35.32
CA LEU C 359 16.67 -32.98 -35.33
C LEU C 359 18.09 -32.89 -35.87
N ASP C 360 18.21 -32.65 -37.17
CA ASP C 360 19.53 -32.53 -37.78
C ASP C 360 20.19 -31.22 -37.36
N ASN C 361 21.50 -31.26 -37.16
CA ASN C 361 22.24 -30.07 -36.78
C ASN C 361 22.32 -29.04 -37.89
N ASN C 362 22.06 -29.44 -39.14
CA ASN C 362 22.11 -28.49 -40.24
C ASN C 362 20.99 -27.47 -40.17
N SER C 363 19.95 -27.75 -39.38
CA SER C 363 18.82 -26.84 -39.21
C SER C 363 18.78 -26.22 -37.83
N THR C 364 19.20 -26.95 -36.80
CA THR C 364 19.28 -26.41 -35.46
C THR C 364 20.60 -25.74 -35.17
N ARG C 365 21.69 -26.21 -35.80
CA ARG C 365 23.02 -25.64 -35.62
C ARG C 365 23.37 -25.52 -34.13
N VAL C 366 23.02 -26.56 -33.36
CA VAL C 366 23.46 -26.61 -31.97
C VAL C 366 24.97 -26.70 -31.91
N VAL C 367 25.58 -27.39 -32.88
CA VAL C 367 27.02 -27.47 -33.04
C VAL C 367 27.39 -26.65 -34.26
N GLU C 368 28.42 -25.82 -34.13
CA GLU C 368 28.79 -24.86 -35.17
C GLU C 368 30.29 -24.93 -35.41
N LYS C 369 30.68 -24.52 -36.62
CA LYS C 369 32.08 -24.50 -37.02
C LYS C 369 32.68 -23.14 -36.69
N VAL C 370 33.78 -23.15 -35.95
CA VAL C 370 34.45 -21.93 -35.53
C VAL C 370 35.92 -22.00 -35.93
N GLN C 371 36.52 -20.84 -36.11
CA GLN C 371 37.94 -20.76 -36.43
C GLN C 371 38.77 -20.97 -35.17
N SER C 372 39.85 -21.72 -35.32
CA SER C 372 40.78 -21.93 -34.22
C SER C 372 42.14 -22.30 -34.81
N ARG C 373 43.18 -22.10 -34.00
CA ARG C 373 44.53 -22.51 -34.36
C ARG C 373 44.85 -23.92 -33.88
N LEU C 374 43.94 -24.55 -33.14
CA LEU C 374 44.16 -25.89 -32.62
C LEU C 374 43.78 -27.00 -33.60
N HIS C 375 43.09 -26.66 -34.68
CA HIS C 375 42.53 -27.64 -35.57
C HIS C 375 41.90 -26.90 -36.74
N SER C 376 41.68 -27.63 -37.83
CA SER C 376 41.07 -27.06 -39.02
C SER C 376 39.56 -27.20 -39.04
N ASN C 377 39.03 -28.23 -38.39
CA ASN C 377 37.61 -28.36 -38.11
C ASN C 377 37.43 -28.19 -36.60
N ALA C 378 37.29 -26.95 -36.18
CA ALA C 378 37.07 -26.60 -34.79
C ALA C 378 35.59 -26.32 -34.59
N LEU C 379 35.02 -26.89 -33.53
CA LEU C 379 33.59 -26.98 -33.37
C LEU C 379 33.13 -26.30 -32.09
N SER C 380 31.94 -25.72 -32.15
CA SER C 380 31.26 -25.18 -30.98
C SER C 380 30.18 -26.15 -30.52
N ALA C 381 29.49 -25.78 -29.45
CA ALA C 381 28.40 -26.60 -28.95
C ALA C 381 27.58 -25.81 -27.94
N GLY C 382 26.25 -25.84 -28.07
CA GLY C 382 25.40 -25.10 -27.18
C GLY C 382 24.16 -24.55 -27.85
N PHE C 383 23.04 -24.60 -27.14
CA PHE C 383 21.77 -24.12 -27.65
C PHE C 383 20.87 -23.74 -26.47
N GLN C 384 19.81 -23.00 -26.78
CA GLN C 384 18.84 -22.64 -25.76
C GLN C 384 17.46 -22.54 -26.40
N PHE C 385 16.47 -23.11 -25.71
CA PHE C 385 15.08 -22.99 -26.12
C PHE C 385 14.48 -21.74 -25.49
N VAL C 386 14.01 -20.82 -26.34
CA VAL C 386 13.44 -19.56 -25.88
C VAL C 386 12.00 -19.37 -26.32
N GLU C 387 11.40 -20.38 -26.95
CA GLU C 387 10.02 -20.27 -27.42
C GLU C 387 9.38 -21.65 -27.41
N TYR C 388 8.06 -21.64 -27.56
CA TYR C 388 7.27 -22.84 -27.76
C TYR C 388 6.04 -22.47 -28.55
N LYS C 389 5.54 -23.42 -29.33
CA LYS C 389 4.36 -23.21 -30.17
C LYS C 389 3.38 -24.34 -29.92
N ALA C 390 2.51 -24.14 -28.94
CA ALA C 390 1.43 -25.08 -28.71
C ALA C 390 0.36 -24.92 -29.78
N PRO C 391 -0.49 -25.91 -29.97
CA PRO C 391 -1.44 -25.86 -31.07
C PRO C 391 -2.44 -24.72 -30.92
N ASN C 392 -3.11 -24.42 -32.03
CA ASN C 392 -4.21 -23.46 -32.07
C ASN C 392 -3.71 -22.02 -31.93
N GLY C 393 -2.48 -21.74 -32.37
CA GLY C 393 -1.95 -20.41 -32.37
C GLY C 393 -1.27 -19.99 -31.08
N VAL C 394 -1.31 -20.83 -30.05
CA VAL C 394 -0.69 -20.51 -28.78
C VAL C 394 0.82 -20.44 -28.99
N ARG C 395 1.39 -19.25 -28.82
CA ARG C 395 2.83 -19.06 -28.86
C ARG C 395 3.33 -18.63 -27.49
N VAL C 396 4.64 -18.67 -27.33
CA VAL C 396 5.28 -18.34 -26.06
C VAL C 396 6.62 -17.68 -26.36
N ARG C 397 6.84 -16.53 -25.73
CA ARG C 397 8.04 -15.74 -25.94
C ARG C 397 8.44 -15.13 -24.61
N LEU C 398 9.74 -14.91 -24.43
CA LEU C 398 10.28 -14.54 -23.13
C LEU C 398 10.90 -13.16 -23.16
N ASP C 399 10.91 -12.51 -22.00
CA ASP C 399 11.54 -11.21 -21.78
C ASP C 399 12.17 -11.27 -20.39
N VAL C 400 13.45 -11.60 -20.35
CA VAL C 400 14.17 -11.73 -19.08
C VAL C 400 14.51 -10.33 -18.59
N ASP C 401 13.91 -9.92 -17.48
CA ASP C 401 14.09 -8.59 -16.91
C ASP C 401 14.87 -8.70 -15.62
N PRO C 402 15.97 -7.95 -15.44
CA PRO C 402 16.77 -8.11 -14.22
C PRO C 402 16.00 -7.82 -12.94
N PHE C 403 14.91 -7.06 -13.02
CA PHE C 403 14.13 -6.75 -11.83
C PHE C 403 13.68 -8.00 -11.09
N TYR C 404 13.68 -9.15 -11.75
CA TYR C 404 13.27 -10.40 -11.14
C TYR C 404 14.41 -11.11 -10.43
N ASP C 405 15.65 -10.60 -10.56
CA ASP C 405 16.81 -11.25 -9.98
C ASP C 405 17.38 -10.53 -8.77
N ASP C 406 16.97 -9.28 -8.53
CA ASP C 406 17.46 -8.49 -7.41
C ASP C 406 17.45 -9.32 -6.13
N PRO C 407 18.61 -9.53 -5.49
CA PRO C 407 18.66 -10.38 -4.29
C PRO C 407 18.49 -9.65 -2.97
N VAL C 408 18.24 -8.34 -2.99
CA VAL C 408 18.10 -7.57 -1.77
C VAL C 408 16.64 -7.33 -1.40
N ARG C 409 15.70 -7.52 -2.33
CA ARG C 409 14.29 -7.30 -2.07
C ARG C 409 13.49 -8.58 -1.89
N ASN C 410 14.01 -9.74 -2.33
CA ASN C 410 13.23 -10.97 -2.38
C ASN C 410 13.55 -11.90 -1.21
N LYS C 411 14.82 -12.26 -1.05
CA LYS C 411 15.31 -12.87 0.18
C LYS C 411 14.90 -14.32 0.37
N ILE C 412 14.05 -14.85 -0.50
CA ILE C 412 13.70 -16.27 -0.47
C ILE C 412 14.41 -16.95 -1.62
N LEU C 413 15.25 -17.93 -1.30
CA LEU C 413 16.13 -18.56 -2.27
C LEU C 413 15.50 -19.85 -2.80
N HIS C 414 15.58 -20.05 -4.10
CA HIS C 414 15.08 -21.27 -4.70
C HIS C 414 16.04 -22.42 -4.44
N PRO C 415 15.53 -23.63 -4.19
CA PRO C 415 16.44 -24.77 -3.96
C PRO C 415 17.37 -25.04 -5.13
N MET C 416 17.00 -24.63 -6.35
CA MET C 416 17.82 -24.83 -7.53
C MET C 416 18.64 -23.59 -7.90
N GLY C 417 18.84 -22.69 -6.95
CA GLY C 417 19.73 -21.56 -7.15
C GLY C 417 18.98 -20.26 -7.34
N GLY C 418 19.78 -19.21 -7.50
CA GLY C 418 19.26 -17.87 -7.65
C GLY C 418 18.28 -17.53 -6.55
N VAL C 419 17.31 -16.68 -6.89
CA VAL C 419 16.24 -16.32 -5.97
C VAL C 419 14.91 -16.74 -6.60
N ALA C 420 13.95 -17.05 -5.73
CA ALA C 420 12.69 -17.64 -6.21
C ALA C 420 11.91 -16.68 -7.10
N PHE C 421 11.98 -15.38 -6.83
CA PHE C 421 11.29 -14.42 -7.67
C PHE C 421 11.80 -14.45 -9.11
N SER C 422 12.96 -15.06 -9.34
CA SER C 422 13.45 -15.25 -10.70
C SER C 422 12.75 -16.41 -11.38
N TYR C 423 12.35 -17.42 -10.61
CA TYR C 423 11.56 -18.53 -11.14
C TYR C 423 10.09 -18.14 -11.17
N ARG C 424 9.77 -17.02 -11.82
CA ARG C 424 8.44 -16.46 -11.82
C ARG C 424 8.12 -15.95 -13.21
N TYR C 425 7.08 -16.51 -13.82
CA TYR C 425 6.66 -16.18 -15.17
C TYR C 425 5.39 -15.33 -15.10
N ASP C 426 5.46 -14.14 -15.65
CA ASP C 426 4.35 -13.19 -15.60
C ASP C 426 4.02 -12.71 -17.00
N ILE C 427 2.76 -12.85 -17.39
CA ILE C 427 2.23 -12.26 -18.62
C ILE C 427 1.43 -11.03 -18.20
N TRP C 428 1.88 -9.85 -18.63
CA TRP C 428 1.32 -8.60 -18.15
C TRP C 428 0.24 -8.05 -19.07
N TYR C 429 0.20 -8.48 -20.33
CA TYR C 429 -0.84 -8.06 -21.27
C TYR C 429 -1.32 -9.33 -21.97
N ILE C 430 -2.36 -9.95 -21.39
CA ILE C 430 -2.90 -11.20 -21.90
C ILE C 430 -3.51 -11.05 -23.28
N GLY C 431 -3.79 -9.82 -23.70
CA GLY C 431 -4.24 -9.57 -25.05
C GLY C 431 -4.23 -8.08 -25.31
N THR C 432 -4.44 -7.74 -26.59
CA THR C 432 -4.43 -6.35 -27.01
C THR C 432 -5.63 -5.61 -26.43
N MET C 433 -5.38 -4.44 -25.83
CA MET C 433 -6.42 -3.57 -25.31
C MET C 433 -6.31 -2.19 -25.93
N ASP C 434 -7.46 -1.52 -26.02
CA ASP C 434 -7.49 -0.18 -26.60
C ASP C 434 -6.72 0.82 -25.75
N GLN C 435 -6.72 0.63 -24.44
CA GLN C 435 -6.20 1.59 -23.48
C GLN C 435 -5.27 0.90 -22.50
N PRO C 436 -4.43 1.67 -21.81
CA PRO C 436 -3.55 1.09 -20.78
C PRO C 436 -4.33 0.43 -19.67
N ASN C 437 -4.00 -0.85 -19.40
CA ASN C 437 -4.61 -1.55 -18.27
C ASN C 437 -3.94 -1.15 -16.95
N ILE C 438 -2.62 -0.94 -16.98
CA ILE C 438 -1.86 -0.52 -15.81
C ILE C 438 -1.24 0.83 -16.14
N PHE C 439 -1.47 1.82 -15.29
CA PHE C 439 -0.85 3.12 -15.42
C PHE C 439 -0.58 3.67 -14.01
N LYS C 440 0.25 4.71 -13.97
CA LYS C 440 0.62 5.36 -12.72
C LYS C 440 -0.27 6.59 -12.54
N CYS C 441 -1.07 6.59 -11.48
CA CYS C 441 -2.02 7.67 -11.25
C CYS C 441 -1.32 8.87 -10.65
N LYS C 442 -1.50 10.03 -11.28
CA LYS C 442 -0.87 11.27 -10.86
C LYS C 442 -1.94 12.35 -10.73
N ILE C 443 -1.58 13.44 -10.06
CA ILE C 443 -2.44 14.60 -9.92
C ILE C 443 -1.83 15.74 -10.71
N LYS C 444 -2.70 16.57 -11.32
CA LYS C 444 -2.27 17.49 -12.36
C LYS C 444 -1.26 18.51 -11.88
N GLY C 445 -1.65 19.39 -10.96
CA GLY C 445 -0.85 20.56 -10.66
C GLY C 445 0.45 20.26 -9.94
N ASP C 446 0.36 19.96 -8.65
CA ASP C 446 1.53 19.58 -7.87
C ASP C 446 1.07 19.09 -6.50
N ASN C 447 1.63 17.97 -6.08
CA ASN C 447 1.37 17.43 -4.75
C ASN C 447 2.67 16.91 -4.14
N GLU C 448 3.74 17.68 -4.29
CA GLU C 448 5.01 17.39 -3.64
C GLU C 448 5.40 18.62 -2.84
N TYR C 449 5.51 18.46 -1.53
CA TYR C 449 5.70 19.57 -0.62
C TYR C 449 7.04 19.46 0.09
N ARG C 450 7.58 20.61 0.50
CA ARG C 450 8.83 20.69 1.21
C ARG C 450 8.77 21.81 2.22
N GLY C 451 9.40 21.61 3.38
CA GLY C 451 9.36 22.60 4.44
C GLY C 451 10.51 22.43 5.41
N TYR C 452 10.87 23.53 6.07
CA TYR C 452 11.95 23.53 7.04
C TYR C 452 11.42 24.00 8.39
N GLN C 453 11.43 23.09 9.37
CA GLN C 453 11.06 23.41 10.75
C GLN C 453 12.33 23.60 11.56
N TRP C 454 12.96 24.74 11.37
CA TRP C 454 14.27 25.03 11.94
C TRP C 454 14.21 26.20 12.92
N GLY C 455 15.35 26.47 13.56
CA GLY C 455 15.45 27.52 14.54
C GLY C 455 16.29 28.71 14.11
N ILE C 456 17.54 28.75 14.56
CA ILE C 456 18.39 29.93 14.39
C ILE C 456 19.24 29.89 13.13
N ARG C 457 19.49 28.70 12.57
CA ARG C 457 20.26 28.60 11.34
C ARG C 457 19.86 27.34 10.61
N ASN C 458 19.81 27.42 9.28
CA ASN C 458 19.34 26.32 8.45
C ASN C 458 20.49 25.78 7.61
N PRO C 459 21.06 24.63 7.95
CA PRO C 459 22.11 24.05 7.09
C PRO C 459 21.64 23.78 5.67
N PHE C 460 20.39 23.33 5.49
CA PHE C 460 19.92 22.98 4.16
C PHE C 460 20.03 24.17 3.21
N THR C 461 19.34 25.26 3.54
CA THR C 461 19.39 26.45 2.70
C THR C 461 20.72 27.18 2.84
N GLY C 462 21.29 27.15 4.03
CA GLY C 462 22.45 27.97 4.33
C GLY C 462 22.10 29.28 4.99
N GLN C 463 20.85 29.47 5.38
CA GLN C 463 20.40 30.71 6.01
C GLN C 463 20.78 30.68 7.49
N LYS C 464 21.48 31.72 7.93
CA LYS C 464 21.84 31.90 9.33
C LYS C 464 21.14 33.15 9.84
N GLY C 465 20.39 33.00 10.92
CA GLY C 465 19.60 34.09 11.45
C GLY C 465 18.18 34.04 10.95
N ASN C 466 17.24 33.81 11.86
CA ASN C 466 15.86 33.52 11.50
C ASN C 466 14.91 34.58 12.05
N PRO C 467 14.11 35.23 11.18
CA PRO C 467 13.09 36.14 11.72
C PRO C 467 11.90 35.44 12.32
N TYR C 468 11.67 34.17 11.96
CA TYR C 468 10.55 33.37 12.47
C TYR C 468 11.12 32.04 12.96
N MET C 469 11.56 32.00 14.21
CA MET C 469 12.14 30.78 14.77
C MET C 469 11.03 29.79 15.14
N SER C 470 11.14 28.57 14.64
CA SER C 470 10.18 27.54 15.01
C SER C 470 10.40 27.09 16.46
N PHE C 471 11.66 26.99 16.88
CA PHE C 471 11.98 26.63 18.24
C PHE C 471 13.37 27.20 18.56
N ASP C 472 13.81 27.00 19.80
CA ASP C 472 15.08 27.50 20.28
C ASP C 472 16.12 26.38 20.40
N GLU C 473 16.03 25.35 19.57
CA GLU C 473 16.83 24.14 19.73
C GLU C 473 18.03 24.09 18.80
N ASP C 474 18.31 25.15 18.05
CA ASP C 474 19.49 25.23 17.20
C ASP C 474 19.62 23.99 16.32
N SER C 475 18.61 23.83 15.47
CA SER C 475 18.52 22.65 14.61
C SER C 475 17.81 23.05 13.33
N ALA C 476 17.54 22.06 12.49
CA ALA C 476 16.79 22.27 11.26
C ALA C 476 16.26 20.92 10.79
N VAL C 477 14.95 20.82 10.66
CA VAL C 477 14.29 19.62 10.17
C VAL C 477 13.75 19.91 8.79
N ILE C 478 13.84 18.92 7.90
CA ILE C 478 13.24 19.01 6.59
C ILE C 478 12.08 18.03 6.55
N HIS C 479 11.06 18.39 5.78
CA HIS C 479 9.86 17.58 5.64
C HIS C 479 9.49 17.51 4.18
N ARG C 480 9.08 16.32 3.74
CA ARG C 480 8.63 16.13 2.37
C ARG C 480 7.41 15.23 2.39
N MET C 481 6.45 15.54 1.51
CA MET C 481 5.21 14.79 1.42
C MET C 481 4.79 14.72 -0.03
N ALA C 482 4.10 13.64 -0.39
CA ALA C 482 3.61 13.46 -1.74
C ALA C 482 2.57 12.35 -1.75
N THR C 483 1.59 12.51 -2.62
CA THR C 483 0.53 11.53 -2.81
C THR C 483 0.65 10.91 -4.19
N LEU C 484 0.21 9.65 -4.29
CA LEU C 484 0.42 8.87 -5.50
C LEU C 484 -0.65 7.78 -5.56
N GLY C 485 -0.67 7.08 -6.69
CA GLY C 485 -1.59 5.98 -6.88
C GLY C 485 -1.32 5.25 -8.18
N VAL C 486 -1.67 3.97 -8.22
CA VAL C 486 -1.58 3.17 -9.43
C VAL C 486 -2.90 2.47 -9.65
N CYS C 487 -3.26 2.30 -10.91
CA CYS C 487 -4.52 1.66 -11.29
C CYS C 487 -4.24 0.40 -12.10
N VAL C 488 -5.00 -0.65 -11.78
CA VAL C 488 -5.07 -1.85 -12.60
C VAL C 488 -6.54 -2.09 -12.87
N LEU C 489 -6.99 -1.78 -14.09
CA LEU C 489 -8.41 -1.87 -14.40
C LEU C 489 -8.87 -3.32 -14.35
N ASP C 490 -8.24 -4.20 -15.12
CA ASP C 490 -8.63 -5.61 -15.20
C ASP C 490 -7.47 -6.50 -14.80
N PRO C 491 -7.50 -7.13 -13.62
CA PRO C 491 -6.42 -8.07 -13.27
C PRO C 491 -6.46 -9.38 -14.01
N THR C 492 -7.62 -9.82 -14.50
CA THR C 492 -7.70 -11.05 -15.27
C THR C 492 -6.81 -11.00 -16.51
N ARG C 493 -6.47 -9.80 -16.97
CA ARG C 493 -5.59 -9.61 -18.12
C ARG C 493 -4.13 -9.53 -17.72
N THR C 494 -3.77 -10.12 -16.59
CA THR C 494 -2.39 -10.16 -16.13
C THR C 494 -2.20 -11.51 -15.47
N MET C 495 -1.43 -12.38 -16.10
CA MET C 495 -1.22 -13.72 -15.59
C MET C 495 0.14 -13.82 -14.94
N SER C 496 0.21 -14.61 -13.86
CA SER C 496 1.44 -14.79 -13.12
C SER C 496 1.32 -16.08 -12.33
N LEU C 497 2.04 -17.11 -12.75
CA LEU C 497 2.14 -18.34 -11.98
C LEU C 497 3.41 -18.26 -11.13
N ILE C 498 3.25 -18.50 -9.84
CA ILE C 498 4.23 -18.12 -8.83
C ILE C 498 4.82 -19.37 -8.21
N PRO C 499 6.05 -19.33 -7.70
CA PRO C 499 6.52 -20.41 -6.82
C PRO C 499 5.75 -20.40 -5.51
N ALA C 500 5.39 -21.60 -5.04
CA ALA C 500 4.51 -21.73 -3.89
C ALA C 500 5.16 -21.34 -2.58
N ILE C 501 6.45 -21.04 -2.56
CA ILE C 501 7.11 -20.59 -1.34
C ILE C 501 6.98 -19.07 -1.15
N LEU C 502 6.71 -18.33 -2.22
CA LEU C 502 6.42 -16.91 -2.16
C LEU C 502 4.96 -16.63 -1.79
N GLN C 503 4.23 -17.64 -1.32
CA GLN C 503 2.81 -17.48 -1.08
C GLN C 503 2.53 -16.83 0.27
N GLY C 504 3.04 -17.43 1.34
CA GLY C 504 2.74 -16.96 2.68
C GLY C 504 1.25 -16.97 2.96
N ALA D 2 75.82 -85.76 -108.23
CA ALA D 2 75.47 -87.05 -107.65
C ALA D 2 76.25 -87.30 -106.36
N GLY D 3 77.41 -86.65 -106.24
CA GLY D 3 78.22 -86.76 -105.05
C GLY D 3 78.36 -85.43 -104.36
N LYS D 4 79.56 -85.11 -103.89
CA LYS D 4 79.80 -83.86 -103.17
C LYS D 4 81.19 -83.36 -103.50
N LEU D 5 81.27 -82.14 -104.03
CA LEU D 5 82.52 -81.48 -104.35
C LEU D 5 83.24 -80.92 -103.11
N GLY D 6 82.73 -81.18 -101.91
CA GLY D 6 83.31 -80.64 -100.71
C GLY D 6 83.04 -81.53 -99.51
N LYS D 7 83.70 -81.22 -98.41
CA LYS D 7 83.51 -81.97 -97.18
C LYS D 7 82.17 -81.65 -96.54
N PHE D 8 81.70 -80.41 -96.70
CA PHE D 8 80.42 -79.96 -96.17
C PHE D 8 79.61 -79.43 -97.35
N GLN D 9 78.89 -80.33 -98.01
CA GLN D 9 77.97 -80.01 -99.09
C GLN D 9 76.65 -80.69 -98.75
N MET D 10 75.84 -80.01 -97.95
CA MET D 10 74.57 -80.58 -97.53
C MET D 10 73.61 -80.71 -98.71
N LEU D 11 73.73 -79.83 -99.69
CA LEU D 11 72.80 -79.77 -100.81
C LEU D 11 73.17 -80.75 -101.91
N GLY D 12 72.15 -81.33 -102.53
CA GLY D 12 72.31 -82.09 -103.75
C GLY D 12 71.39 -81.55 -104.82
N PHE D 13 71.68 -81.86 -106.08
CA PHE D 13 70.81 -81.43 -107.17
C PHE D 13 69.51 -82.20 -107.11
N GLN D 14 68.41 -81.48 -106.91
CA GLN D 14 67.08 -82.05 -106.81
C GLN D 14 66.28 -81.74 -108.06
N HIS D 15 65.19 -82.46 -108.24
CA HIS D 15 64.44 -82.38 -109.49
C HIS D 15 63.08 -83.03 -109.31
N TRP D 16 62.13 -82.64 -110.16
CA TRP D 16 60.80 -83.22 -110.17
C TRP D 16 60.14 -82.91 -111.49
N LYS D 17 59.14 -83.71 -111.83
CA LYS D 17 58.38 -83.56 -113.06
C LYS D 17 56.97 -83.09 -112.77
N GLY D 18 56.56 -82.01 -113.42
CA GLY D 18 55.14 -81.72 -113.56
C GLY D 18 54.54 -80.81 -112.51
N LEU D 19 53.47 -81.27 -111.88
CA LEU D 19 52.76 -80.46 -110.92
C LEU D 19 53.65 -80.18 -109.72
N THR D 20 53.81 -78.91 -109.39
CA THR D 20 54.59 -78.48 -108.25
C THR D 20 53.67 -77.91 -107.18
N SER D 21 53.80 -78.41 -105.96
CA SER D 21 53.02 -77.94 -104.84
C SER D 21 53.79 -76.81 -104.15
N ASP D 22 53.30 -76.40 -102.98
CA ASP D 22 54.10 -75.55 -102.09
C ASP D 22 55.08 -76.37 -101.28
N ASN D 23 54.79 -77.67 -101.11
CA ASN D 23 55.75 -78.59 -100.53
C ASN D 23 56.97 -78.69 -101.43
N HIS D 24 56.76 -78.64 -102.75
CA HIS D 24 57.87 -78.67 -103.70
C HIS D 24 58.77 -77.46 -103.52
N LEU D 25 58.20 -76.27 -103.57
CA LEU D 25 58.97 -75.03 -103.49
C LEU D 25 59.44 -74.71 -102.09
N GLY D 26 59.02 -75.48 -101.09
CA GLY D 26 59.56 -75.32 -99.75
C GLY D 26 60.79 -76.17 -99.58
N ALA D 27 60.74 -77.38 -100.14
CA ALA D 27 61.91 -78.25 -100.20
C ALA D 27 62.97 -77.74 -101.17
N ILE D 28 62.65 -76.70 -101.96
CA ILE D 28 63.62 -76.02 -102.80
C ILE D 28 64.12 -74.74 -102.16
N PHE D 29 63.68 -74.46 -100.94
CA PHE D 29 64.15 -73.29 -100.19
C PHE D 29 63.73 -72.00 -100.88
N GLN D 30 62.49 -71.96 -101.35
CA GLN D 30 61.90 -70.76 -101.92
C GLN D 30 60.74 -70.23 -101.11
N GLN D 31 60.29 -70.95 -100.09
CA GLN D 31 59.21 -70.52 -99.21
C GLN D 31 59.81 -70.22 -97.84
N ALA D 32 59.58 -69.01 -97.35
CA ALA D 32 60.12 -68.58 -96.08
C ALA D 32 59.10 -67.73 -95.34
N PRO D 33 59.05 -67.82 -94.01
CA PRO D 33 58.14 -66.96 -93.25
C PRO D 33 58.65 -65.52 -93.23
N GLN D 34 57.71 -64.59 -93.32
CA GLN D 34 58.04 -63.17 -93.38
C GLN D 34 58.17 -62.59 -91.97
N LYS D 35 58.89 -61.48 -91.89
CA LYS D 35 59.09 -60.74 -90.65
C LYS D 35 58.30 -59.44 -90.71
N ALA D 36 57.31 -59.31 -89.84
CA ALA D 36 56.55 -58.06 -89.71
C ALA D 36 57.28 -57.23 -88.67
N THR D 37 58.16 -56.33 -89.14
CA THR D 37 59.06 -55.65 -88.23
C THR D 37 58.34 -54.60 -87.40
N ASN D 38 57.49 -53.79 -88.02
CA ASN D 38 56.75 -52.79 -87.28
C ASN D 38 55.82 -53.40 -86.25
N LEU D 39 55.40 -54.65 -86.45
CA LEU D 39 54.57 -55.36 -85.49
C LEU D 39 55.46 -55.93 -84.41
N MET D 40 55.69 -55.14 -83.36
CA MET D 40 56.47 -55.58 -82.21
C MET D 40 55.67 -55.31 -80.94
N VAL D 41 55.49 -56.35 -80.13
CA VAL D 41 54.85 -56.24 -78.83
C VAL D 41 55.91 -56.26 -77.74
N GLN D 42 55.84 -55.28 -76.84
CA GLN D 42 56.65 -55.26 -75.63
C GLN D 42 55.77 -55.66 -74.45
N LEU D 43 56.19 -56.67 -73.70
CA LEU D 43 55.43 -57.10 -72.54
C LEU D 43 55.10 -55.91 -71.65
N LEU D 44 53.98 -56.00 -70.95
CA LEU D 44 53.45 -54.90 -70.15
C LEU D 44 53.80 -55.10 -68.69
N ALA D 45 54.25 -54.02 -68.05
CA ALA D 45 54.57 -54.03 -66.64
C ALA D 45 54.83 -52.60 -66.21
N PHE D 46 54.60 -52.33 -64.93
CA PHE D 46 54.97 -51.05 -64.33
C PHE D 46 56.37 -51.24 -63.77
N TYR D 47 57.36 -50.76 -64.51
CA TYR D 47 58.75 -51.04 -64.18
C TYR D 47 59.18 -50.11 -63.05
N ARG D 48 59.42 -50.68 -61.88
CA ARG D 48 59.75 -49.93 -60.68
C ARG D 48 61.25 -49.93 -60.41
N GLY D 49 62.05 -50.17 -61.45
CA GLY D 49 63.44 -49.79 -61.43
C GLY D 49 63.59 -48.35 -61.85
N LYS D 50 64.68 -47.74 -61.45
CA LYS D 50 64.88 -46.29 -61.54
C LYS D 50 64.08 -45.60 -60.44
N SER D 51 63.42 -46.35 -59.56
CA SER D 51 62.73 -45.78 -58.42
C SER D 51 63.63 -45.63 -57.20
N LEU D 52 64.73 -46.39 -57.16
CA LEU D 52 65.76 -46.19 -56.15
C LEU D 52 66.60 -44.95 -56.47
N ASP D 53 66.99 -44.80 -57.73
CA ASP D 53 67.71 -43.60 -58.16
C ASP D 53 66.96 -42.33 -57.77
N THR D 54 65.63 -42.37 -57.87
CA THR D 54 64.84 -41.19 -57.53
C THR D 54 64.81 -40.96 -56.03
N PHE D 55 64.59 -42.02 -55.25
CA PHE D 55 64.70 -41.94 -53.81
C PHE D 55 65.98 -41.24 -53.39
N LEU D 56 67.11 -41.73 -53.90
CA LEU D 56 68.41 -41.19 -53.52
C LEU D 56 68.60 -39.80 -54.09
N ASN D 57 68.27 -39.59 -55.37
CA ASN D 57 68.40 -38.29 -55.97
C ASN D 57 67.47 -37.26 -55.36
N SER D 58 66.55 -37.69 -54.49
CA SER D 58 65.76 -36.75 -53.71
C SER D 58 66.57 -36.13 -52.58
N PHE D 59 67.67 -36.77 -52.19
CA PHE D 59 68.54 -36.28 -51.14
C PHE D 59 69.69 -35.46 -51.74
N PRO D 60 70.25 -34.52 -50.98
CA PRO D 60 71.43 -33.81 -51.46
C PRO D 60 72.71 -34.58 -51.21
N THR D 61 73.84 -34.04 -51.65
CA THR D 61 75.12 -34.68 -51.45
C THR D 61 76.15 -33.63 -51.03
N ARG D 62 77.10 -34.06 -50.21
CA ARG D 62 78.11 -33.17 -49.64
C ARG D 62 79.49 -33.77 -49.85
N GLU D 63 80.43 -32.92 -50.24
CA GLU D 63 81.79 -33.37 -50.54
C GLU D 63 82.67 -33.35 -49.29
N PHE D 64 83.65 -34.25 -49.29
CA PHE D 64 84.69 -34.26 -48.27
C PHE D 64 86.05 -34.22 -48.96
N GLU D 65 87.13 -34.41 -48.20
CA GLU D 65 88.47 -34.37 -48.75
C GLU D 65 89.18 -35.71 -48.73
N ASP D 66 88.67 -36.68 -47.97
CA ASP D 66 89.36 -37.95 -47.80
C ASP D 66 88.35 -38.97 -47.24
N ASP D 67 88.83 -40.20 -47.07
CA ASP D 67 88.04 -41.26 -46.46
C ASP D 67 88.27 -41.35 -44.96
N ASN D 68 88.63 -40.24 -44.33
CA ASN D 68 88.84 -40.22 -42.88
C ASN D 68 87.52 -40.05 -42.15
N GLU D 69 87.35 -40.83 -41.09
CA GLU D 69 86.17 -40.71 -40.26
C GLU D 69 85.95 -39.26 -39.85
N TYR D 70 84.72 -38.79 -39.99
CA TYR D 70 84.35 -37.43 -39.62
C TYR D 70 83.39 -37.47 -38.45
N TYR D 71 83.30 -36.33 -37.76
CA TYR D 71 82.45 -36.23 -36.58
C TYR D 71 81.92 -34.82 -36.47
N TRP D 72 80.66 -34.71 -36.10
CA TRP D 72 79.99 -33.43 -35.93
C TRP D 72 79.58 -33.28 -34.47
N ASP D 73 79.40 -32.03 -34.06
CA ASP D 73 79.05 -31.74 -32.67
C ASP D 73 77.54 -31.80 -32.47
N VAL D 74 77.14 -32.10 -31.23
CA VAL D 74 75.74 -32.33 -30.88
C VAL D 74 75.48 -31.55 -29.59
N ILE D 75 74.89 -30.37 -29.72
CA ILE D 75 74.50 -29.55 -28.57
C ILE D 75 73.04 -29.81 -28.26
N GLY D 76 72.72 -29.87 -26.96
CA GLY D 76 71.40 -30.27 -26.54
C GLY D 76 70.63 -29.24 -25.74
N SER D 77 70.24 -29.60 -24.52
CA SER D 77 69.36 -28.78 -23.70
C SER D 77 70.05 -28.40 -22.39
N SER D 78 69.50 -27.37 -21.74
CA SER D 78 70.12 -26.79 -20.55
C SER D 78 69.26 -26.96 -19.31
N ARG D 79 67.99 -26.53 -19.35
CA ARG D 79 67.18 -26.46 -18.14
C ARG D 79 67.11 -27.82 -17.46
N ARG D 80 67.35 -27.83 -16.15
CA ARG D 80 67.45 -29.06 -15.37
C ARG D 80 66.47 -29.02 -14.21
N ASN D 81 66.41 -30.13 -13.49
CA ASN D 81 65.49 -30.30 -12.38
C ASN D 81 66.01 -31.43 -11.49
N ILE D 82 66.36 -31.12 -10.26
CA ILE D 82 67.14 -32.03 -9.43
C ILE D 82 66.21 -32.94 -8.63
N PRO D 83 66.41 -34.26 -8.66
CA PRO D 83 65.61 -35.14 -7.80
C PRO D 83 65.99 -35.01 -6.34
N LEU D 84 65.35 -35.81 -5.48
CA LEU D 84 65.64 -35.83 -4.06
C LEU D 84 66.07 -37.22 -3.65
N VAL D 85 66.94 -37.29 -2.65
CA VAL D 85 67.42 -38.55 -2.10
C VAL D 85 66.65 -38.95 -0.86
N GLU D 86 66.48 -38.02 0.07
CA GLU D 86 65.76 -38.26 1.32
C GLU D 86 65.59 -36.90 2.00
N ALA D 87 65.02 -36.92 3.20
CA ALA D 87 64.92 -35.72 4.02
C ALA D 87 65.02 -36.13 5.48
N ARG D 88 65.72 -35.32 6.26
CA ARG D 88 65.92 -35.56 7.67
C ARG D 88 65.28 -34.43 8.46
N ASP D 89 64.87 -34.74 9.69
CA ASP D 89 64.34 -33.73 10.59
C ASP D 89 65.50 -32.88 11.10
N GLU D 90 65.22 -31.98 12.06
CA GLU D 90 66.28 -31.14 12.60
C GLU D 90 67.36 -31.94 13.31
N ASN D 91 67.07 -33.20 13.66
CA ASN D 91 68.00 -34.04 14.40
C ASN D 91 68.65 -35.10 13.52
N GLY D 92 68.62 -34.93 12.20
CA GLY D 92 69.27 -35.84 11.30
C GLY D 92 68.57 -37.17 11.10
N VAL D 93 67.42 -37.38 11.73
CA VAL D 93 66.64 -38.59 11.50
C VAL D 93 65.83 -38.43 10.24
N VAL D 94 65.76 -39.48 9.44
CA VAL D 94 65.12 -39.44 8.14
C VAL D 94 63.62 -39.61 8.31
N VAL D 95 62.86 -38.93 7.45
CA VAL D 95 61.40 -38.92 7.54
C VAL D 95 60.83 -40.01 6.66
N ALA D 96 60.13 -40.95 7.28
CA ALA D 96 59.40 -41.96 6.53
C ALA D 96 58.09 -41.39 6.02
N ALA D 97 57.50 -42.09 5.05
CA ALA D 97 56.25 -41.62 4.45
C ALA D 97 55.08 -41.71 5.41
N ASN D 98 55.17 -42.57 6.42
CA ASN D 98 54.15 -42.63 7.48
C ASN D 98 54.59 -41.79 8.67
N ALA D 99 54.80 -40.50 8.39
CA ALA D 99 55.32 -39.57 9.38
C ALA D 99 54.58 -38.24 9.27
N ALA D 100 54.67 -37.45 10.35
CA ALA D 100 54.00 -36.17 10.41
C ALA D 100 54.84 -35.09 9.74
N ASN D 101 54.31 -33.88 9.71
CA ASN D 101 55.03 -32.76 9.13
C ASN D 101 56.35 -32.54 9.87
N VAL D 102 57.22 -31.75 9.25
CA VAL D 102 58.59 -31.58 9.74
C VAL D 102 58.87 -30.11 10.00
N GLY D 103 58.50 -29.25 9.06
CA GLY D 103 58.76 -27.83 9.21
C GLY D 103 57.67 -27.10 9.96
N VAL D 104 57.14 -27.73 11.01
CA VAL D 104 56.07 -27.12 11.79
C VAL D 104 56.59 -25.87 12.47
N GLY D 105 55.78 -24.81 12.46
CA GLY D 105 56.27 -23.51 12.83
C GLY D 105 57.19 -23.00 11.74
N THR D 106 58.47 -22.86 12.05
CA THR D 106 59.49 -22.68 11.03
C THR D 106 60.72 -23.51 11.39
N SER D 107 60.47 -24.71 11.90
CA SER D 107 61.55 -25.62 12.29
C SER D 107 62.45 -25.88 11.10
N PRO D 108 63.74 -26.10 11.31
CA PRO D 108 64.61 -26.47 10.19
C PRO D 108 64.62 -27.98 9.93
N PHE D 109 64.98 -28.32 8.70
CA PHE D 109 65.12 -29.72 8.31
C PHE D 109 66.05 -29.76 7.11
N TYR D 110 66.49 -30.97 6.77
CA TYR D 110 67.57 -31.17 5.82
C TYR D 110 67.05 -31.86 4.57
N LEU D 111 67.42 -31.33 3.41
CA LEU D 111 67.05 -31.88 2.10
C LEU D 111 68.30 -32.45 1.44
N VAL D 112 68.41 -33.77 1.41
CA VAL D 112 69.54 -34.44 0.80
C VAL D 112 69.31 -34.56 -0.70
N PHE D 113 70.36 -34.30 -1.47
CA PHE D 113 70.33 -34.37 -2.91
C PHE D 113 71.54 -35.13 -3.41
N PRO D 114 71.50 -35.66 -4.64
CA PRO D 114 72.64 -36.41 -5.16
C PRO D 114 73.75 -35.56 -5.75
N GLU D 115 73.52 -34.26 -5.91
CA GLU D 115 74.54 -33.35 -6.41
C GLU D 115 74.38 -32.00 -5.70
N ASP D 116 75.28 -31.08 -5.99
CA ASP D 116 75.25 -29.73 -5.44
C ASP D 116 74.84 -28.77 -6.55
N TRP D 117 73.58 -28.37 -6.53
CA TRP D 117 73.02 -27.48 -7.54
C TRP D 117 72.53 -26.17 -6.96
N PHE D 118 72.00 -26.18 -5.74
CA PHE D 118 71.43 -25.00 -5.11
C PHE D 118 72.45 -24.29 -4.24
N ALA D 119 72.09 -23.08 -3.83
CA ALA D 119 72.97 -22.20 -3.05
C ALA D 119 72.23 -21.71 -1.81
N ASP D 120 73.01 -21.23 -0.83
CA ASP D 120 72.42 -20.65 0.37
C ASP D 120 71.55 -19.45 0.01
N GLY D 121 70.46 -19.28 0.76
CA GLY D 121 69.60 -18.14 0.53
C GLY D 121 68.90 -18.15 -0.79
N GLU D 122 68.75 -19.33 -1.40
CA GLU D 122 67.89 -19.51 -2.56
C GLU D 122 66.61 -20.19 -2.10
N VAL D 123 65.51 -19.84 -2.75
CA VAL D 123 64.25 -20.52 -2.50
C VAL D 123 64.05 -21.58 -3.57
N ILE D 124 63.89 -22.82 -3.13
CA ILE D 124 63.75 -23.97 -4.02
C ILE D 124 62.40 -24.60 -3.76
N VAL D 125 61.74 -25.03 -4.84
CA VAL D 125 60.39 -25.57 -4.78
C VAL D 125 60.43 -27.03 -5.21
N GLY D 126 59.66 -27.87 -4.51
CA GLY D 126 59.58 -29.28 -4.83
C GLY D 126 58.60 -29.57 -5.95
N ASN D 127 57.88 -30.69 -5.84
CA ASN D 127 56.91 -31.02 -6.88
C ASN D 127 55.72 -30.07 -6.87
N LEU D 128 55.08 -29.90 -5.70
CA LEU D 128 54.00 -28.93 -5.55
C LEU D 128 54.60 -27.54 -5.40
N ASN D 129 54.97 -26.98 -6.56
CA ASN D 129 55.72 -25.74 -6.58
C ASN D 129 54.95 -24.62 -5.90
N GLN D 130 55.66 -23.82 -5.12
CA GLN D 130 55.26 -22.54 -4.54
C GLN D 130 54.23 -22.70 -3.43
N VAL D 131 53.76 -23.91 -3.16
CA VAL D 131 52.91 -24.18 -2.01
C VAL D 131 53.76 -24.43 -0.77
N TYR D 132 54.89 -25.09 -0.96
CA TYR D 132 55.85 -25.35 0.12
C TYR D 132 57.20 -24.80 -0.32
N PRO D 133 57.48 -23.52 -0.07
CA PRO D 133 58.79 -22.98 -0.43
C PRO D 133 59.81 -23.17 0.69
N PHE D 134 61.02 -23.53 0.30
CA PHE D 134 62.12 -23.76 1.22
C PHE D 134 63.19 -22.71 1.02
N ARG D 135 63.76 -22.23 2.12
CA ARG D 135 64.90 -21.32 2.08
C ARG D 135 66.14 -22.09 2.52
N ILE D 136 67.22 -21.99 1.74
CA ILE D 136 68.45 -22.71 2.02
C ILE D 136 69.17 -22.01 3.17
N LEU D 137 69.40 -22.73 4.26
CA LEU D 137 70.04 -22.18 5.45
C LEU D 137 71.53 -22.54 5.46
N GLY D 138 72.27 -21.90 4.57
CA GLY D 138 73.70 -22.07 4.49
C GLY D 138 74.11 -22.88 3.28
N ASP D 139 75.39 -23.22 3.26
CA ASP D 139 75.96 -23.96 2.13
C ASP D 139 75.76 -25.47 2.33
N ALA D 140 75.99 -26.21 1.26
CA ALA D 140 75.70 -27.63 1.23
C ALA D 140 76.80 -28.43 1.92
N ARG D 141 76.41 -29.26 2.88
CA ARG D 141 77.32 -30.25 3.44
C ARG D 141 77.39 -31.46 2.54
N MET D 142 78.61 -31.94 2.30
CA MET D 142 78.86 -33.03 1.37
C MET D 142 79.01 -34.33 2.16
N GLU D 143 77.95 -35.14 2.12
CA GLU D 143 77.99 -36.49 2.69
C GLU D 143 78.36 -37.50 1.62
N GLY D 144 79.47 -37.24 0.93
CA GLY D 144 79.87 -38.03 -0.22
C GLY D 144 79.66 -37.24 -1.50
N THR D 145 79.06 -37.88 -2.50
CA THR D 145 78.59 -37.14 -3.67
C THR D 145 77.25 -36.48 -3.42
N ASN D 146 76.49 -36.94 -2.42
CA ASN D 146 75.22 -36.35 -2.09
C ASN D 146 75.45 -35.04 -1.32
N ALA D 147 74.65 -34.03 -1.66
CA ALA D 147 74.79 -32.70 -1.10
C ALA D 147 73.66 -32.45 -0.11
N VAL D 148 74.00 -32.39 1.17
CA VAL D 148 73.03 -32.09 2.21
C VAL D 148 72.84 -30.58 2.29
N TYR D 149 71.58 -30.18 2.50
CA TYR D 149 71.22 -28.79 2.70
C TYR D 149 70.42 -28.68 4.00
N LYS D 150 70.34 -27.46 4.52
CA LYS D 150 69.48 -27.14 5.65
C LYS D 150 68.47 -26.10 5.20
N VAL D 151 67.19 -26.33 5.51
CA VAL D 151 66.12 -25.52 4.96
C VAL D 151 65.08 -25.21 6.03
N GLU D 152 64.40 -24.09 5.83
CA GLU D 152 63.19 -23.73 6.56
C GLU D 152 62.12 -23.35 5.55
N LEU D 153 60.88 -23.32 6.01
CA LEU D 153 59.72 -23.11 5.15
C LEU D 153 59.39 -21.63 5.06
N MET D 154 59.43 -21.10 3.84
CA MET D 154 59.01 -19.73 3.56
C MET D 154 57.51 -19.70 3.28
N GLY D 155 57.02 -18.57 2.80
CA GLY D 155 55.65 -18.46 2.35
C GLY D 155 54.61 -18.43 3.45
N GLY D 156 55.01 -18.33 4.70
CA GLY D 156 54.06 -18.24 5.79
C GLY D 156 53.55 -19.58 6.31
N ASN D 157 53.99 -20.69 5.73
CA ASN D 157 53.53 -21.99 6.18
C ASN D 157 53.75 -22.15 7.68
N THR D 158 52.73 -22.69 8.35
CA THR D 158 52.77 -22.93 9.79
C THR D 158 52.57 -24.40 10.16
N GLN D 159 51.88 -25.17 9.33
CA GLN D 159 51.59 -26.56 9.64
C GLN D 159 52.71 -27.51 9.25
N GLY D 160 53.66 -27.05 8.44
CA GLY D 160 54.79 -27.87 8.06
C GLY D 160 54.67 -28.42 6.66
N VAL D 161 55.31 -29.57 6.42
CA VAL D 161 55.26 -30.22 5.12
C VAL D 161 55.05 -31.71 5.35
N PRO D 162 54.04 -32.32 4.71
CA PRO D 162 53.83 -33.77 4.91
C PRO D 162 55.08 -34.56 4.59
N ALA D 163 55.12 -35.79 5.11
CA ALA D 163 56.26 -36.66 4.86
C ALA D 163 56.42 -36.93 3.38
N GLU D 164 55.34 -37.37 2.73
CA GLU D 164 55.28 -37.33 1.28
C GLU D 164 55.59 -35.90 0.86
N ARG D 165 56.07 -35.71 -0.37
CA ARG D 165 56.68 -34.50 -0.88
C ARG D 165 58.14 -34.41 -0.44
N LEU D 166 58.63 -35.32 0.40
CA LEU D 166 60.01 -35.36 0.87
C LEU D 166 60.56 -36.77 0.72
N GLN D 167 60.30 -37.39 -0.43
CA GLN D 167 60.61 -38.79 -0.66
C GLN D 167 61.55 -38.96 -1.84
N GLN D 168 62.06 -40.18 -2.00
CA GLN D 168 63.01 -40.48 -3.06
C GLN D 168 62.60 -39.87 -4.38
N GLY D 169 61.36 -40.12 -4.81
CA GLY D 169 60.89 -39.53 -6.05
C GLY D 169 60.28 -38.17 -5.81
N GLU D 170 61.09 -37.14 -5.95
CA GLU D 170 60.68 -35.76 -5.77
C GLU D 170 61.73 -34.88 -6.44
N ARG D 171 61.29 -33.87 -7.17
CA ARG D 171 62.16 -33.10 -8.03
C ARG D 171 61.96 -31.61 -7.77
N PHE D 172 63.05 -30.87 -7.76
CA PHE D 172 63.07 -29.49 -7.29
C PHE D 172 63.60 -28.56 -8.37
N SER D 173 63.45 -27.26 -8.11
CA SER D 173 63.88 -26.23 -9.04
C SER D 173 64.14 -24.95 -8.26
N ILE D 174 64.91 -24.06 -8.87
CA ILE D 174 65.36 -22.83 -8.22
C ILE D 174 64.41 -21.71 -8.60
N GLU D 175 63.90 -20.99 -7.58
CA GLU D 175 62.98 -19.88 -7.81
C GLU D 175 63.70 -18.53 -7.72
N PHE D 176 64.29 -18.22 -6.58
CA PHE D 176 64.92 -16.92 -6.38
C PHE D 176 65.58 -16.91 -5.01
N ALA D 177 66.31 -15.82 -4.76
CA ALA D 177 66.97 -15.59 -3.47
C ALA D 177 66.45 -14.30 -2.87
N PRO D 178 65.49 -14.36 -1.96
CA PRO D 178 64.97 -13.13 -1.35
C PRO D 178 65.83 -12.68 -0.17
N VAL D 179 66.00 -11.36 -0.07
CA VAL D 179 66.94 -10.78 0.88
C VAL D 179 66.29 -9.58 1.57
N GLU D 180 66.86 -9.21 2.71
CA GLU D 180 66.40 -8.03 3.44
C GLU D 180 66.64 -6.76 2.63
N LYS D 181 65.94 -5.71 3.02
CA LYS D 181 66.29 -4.36 2.61
C LYS D 181 67.16 -3.64 3.64
N GLU D 182 67.49 -4.32 4.73
CA GLU D 182 68.34 -3.79 5.79
C GLU D 182 69.50 -4.75 6.02
N LEU D 183 70.71 -4.31 5.70
CA LEU D 183 71.92 -5.05 6.04
C LEU D 183 71.96 -6.40 5.34
N SER D 184 71.78 -6.36 4.03
CA SER D 184 71.67 -7.57 3.22
C SER D 184 73.04 -8.10 2.84
N ARG D 185 73.27 -9.38 3.11
CA ARG D 185 74.50 -10.07 2.73
C ARG D 185 74.28 -10.83 1.42
N LYS D 186 75.25 -11.66 1.04
CA LYS D 186 75.28 -12.24 -0.30
C LYS D 186 74.57 -13.58 -0.35
N VAL D 187 74.06 -13.93 -1.53
CA VAL D 187 73.35 -15.18 -1.76
C VAL D 187 73.36 -15.49 -3.24
N GLY D 188 73.35 -16.78 -3.58
CA GLY D 188 73.15 -17.24 -4.95
C GLY D 188 74.42 -17.63 -5.66
N ASP D 189 74.25 -18.17 -6.87
CA ASP D 189 75.34 -18.47 -7.78
C ASP D 189 74.78 -19.05 -9.09
N VAL D 190 75.65 -19.33 -10.05
CA VAL D 190 75.26 -19.66 -11.42
C VAL D 190 75.75 -21.06 -11.75
N ARG D 191 75.52 -21.49 -13.00
CA ARG D 191 75.60 -22.90 -13.36
C ARG D 191 75.90 -23.04 -14.85
N PHE D 192 76.55 -24.15 -15.23
CA PHE D 192 77.06 -24.35 -16.59
C PHE D 192 76.84 -25.79 -17.05
N THR D 193 77.05 -26.00 -18.37
CA THR D 193 76.83 -27.30 -19.01
C THR D 193 77.86 -27.46 -20.15
N SER D 194 77.80 -28.60 -20.85
CA SER D 194 78.75 -28.88 -21.94
C SER D 194 78.15 -29.90 -22.91
N PRO D 195 78.45 -29.79 -24.24
CA PRO D 195 77.85 -30.69 -25.25
C PRO D 195 78.63 -31.96 -25.58
N VAL D 196 78.16 -32.70 -26.59
CA VAL D 196 78.76 -33.95 -27.05
C VAL D 196 78.86 -33.97 -28.58
N SER D 197 79.28 -35.10 -29.15
CA SER D 197 79.56 -35.20 -30.59
C SER D 197 79.16 -36.58 -31.12
N MET D 198 79.27 -36.74 -32.45
CA MET D 198 78.86 -37.95 -33.15
C MET D 198 79.78 -38.22 -34.33
N ARG D 199 79.72 -39.44 -34.87
CA ARG D 199 80.72 -39.96 -35.78
C ARG D 199 80.07 -40.70 -36.95
N ASN D 200 80.84 -40.95 -38.01
CA ASN D 200 80.40 -41.73 -39.16
C ASN D 200 81.62 -42.29 -39.90
N GLU D 201 81.36 -43.03 -40.97
CA GLU D 201 82.40 -43.81 -41.68
C GLU D 201 82.14 -43.75 -43.18
N TRP D 202 82.79 -44.64 -43.93
CA TRP D 202 82.76 -44.66 -45.39
C TRP D 202 82.56 -46.10 -45.89
N THR D 203 82.73 -46.30 -47.19
CA THR D 203 82.47 -47.60 -47.82
C THR D 203 83.15 -47.64 -49.19
N THR D 204 83.34 -48.87 -49.71
CA THR D 204 84.02 -49.10 -50.98
C THR D 204 83.36 -50.23 -51.75
N ILE D 205 83.51 -50.19 -53.09
CA ILE D 205 83.03 -51.24 -53.97
C ILE D 205 84.03 -51.44 -55.10
N ARG D 206 83.94 -52.61 -55.74
CA ARG D 206 84.75 -52.94 -56.90
C ARG D 206 83.97 -53.83 -57.86
N ILE D 207 84.30 -53.72 -59.14
CA ILE D 207 83.69 -54.52 -60.20
C ILE D 207 84.75 -54.88 -61.23
N GLN D 208 84.42 -55.83 -62.09
CA GLN D 208 85.28 -56.17 -63.22
C GLN D 208 84.46 -56.88 -64.28
N HIS D 209 85.10 -57.15 -65.42
CA HIS D 209 84.48 -57.93 -66.49
C HIS D 209 85.57 -58.43 -67.41
N LYS D 210 85.71 -59.75 -67.55
CA LYS D 210 86.68 -60.34 -68.45
C LYS D 210 86.10 -60.48 -69.84
N VAL D 211 86.98 -60.39 -70.84
CA VAL D 211 86.56 -60.35 -72.24
C VAL D 211 87.68 -60.83 -73.14
N ALA D 212 87.34 -61.70 -74.10
CA ALA D 212 88.30 -62.12 -75.11
C ALA D 212 88.57 -60.98 -76.08
N GLY D 213 89.61 -61.16 -76.90
CA GLY D 213 90.07 -60.10 -77.77
C GLY D 213 89.44 -60.10 -79.14
N ASN D 214 88.85 -61.23 -79.54
CA ASN D 214 88.16 -61.32 -80.81
C ASN D 214 86.89 -60.47 -80.85
N LYS D 215 86.44 -59.96 -79.69
CA LYS D 215 85.35 -59.01 -79.62
C LYS D 215 85.77 -57.60 -79.99
N LEU D 216 86.97 -57.43 -80.54
CA LEU D 216 87.49 -56.10 -80.84
C LEU D 216 86.57 -55.34 -81.79
N ASN D 217 86.19 -55.97 -82.89
CA ASN D 217 85.25 -55.37 -83.85
C ASN D 217 84.25 -56.43 -84.29
N LYS D 218 83.73 -57.19 -83.33
CA LYS D 218 82.80 -58.26 -83.62
C LYS D 218 81.47 -57.69 -84.10
N LYS D 219 81.04 -58.11 -85.28
CA LYS D 219 79.77 -57.69 -85.86
C LYS D 219 78.73 -58.78 -85.67
N LEU D 220 77.58 -58.42 -85.13
CA LEU D 220 76.54 -59.37 -84.81
C LEU D 220 75.58 -59.53 -85.97
N ALA D 221 75.17 -60.76 -86.23
CA ALA D 221 74.23 -61.08 -87.30
C ALA D 221 72.83 -61.12 -86.68
N MET D 222 72.04 -60.08 -86.94
CA MET D 222 70.80 -59.85 -86.19
C MET D 222 69.76 -60.89 -86.58
N GLY D 223 70.05 -62.14 -86.21
CA GLY D 223 69.11 -63.21 -86.46
C GLY D 223 67.89 -63.15 -85.54
N ILE D 224 68.11 -62.79 -84.29
CA ILE D 224 67.04 -62.36 -83.39
C ILE D 224 67.43 -60.98 -82.91
N PRO D 225 66.48 -60.09 -82.63
CA PRO D 225 66.86 -58.74 -82.25
C PRO D 225 67.74 -58.71 -81.01
N MET D 226 68.86 -58.02 -81.11
CA MET D 226 69.71 -57.82 -79.95
C MET D 226 69.14 -56.68 -79.13
N VAL D 227 69.37 -56.75 -77.81
CA VAL D 227 68.56 -55.98 -76.86
C VAL D 227 69.44 -55.44 -75.75
N ARG D 228 68.98 -54.36 -75.15
CA ARG D 228 69.66 -53.69 -74.03
C ARG D 228 68.77 -53.77 -72.80
N ASN D 229 69.34 -54.16 -71.67
CA ASN D 229 68.63 -53.99 -70.41
C ASN D 229 68.65 -52.51 -70.01
N LEU D 230 67.63 -52.11 -69.25
CA LEU D 230 67.51 -50.72 -68.82
C LEU D 230 67.32 -50.67 -67.31
N GLU D 231 67.60 -49.49 -66.75
CA GLU D 231 67.47 -49.31 -65.31
C GLU D 231 66.05 -49.57 -64.86
N SER D 232 65.06 -49.16 -65.66
CA SER D 232 63.67 -49.42 -65.34
C SER D 232 63.42 -50.90 -65.09
N GLY D 233 64.00 -51.76 -65.92
CA GLY D 233 63.75 -53.18 -65.84
C GLY D 233 63.19 -53.73 -67.14
N LYS D 234 63.23 -52.91 -68.18
CA LYS D 234 62.67 -53.25 -69.48
C LYS D 234 63.80 -53.47 -70.48
N GLN D 235 63.64 -54.48 -71.32
CA GLN D 235 64.55 -54.68 -72.44
C GLN D 235 64.12 -53.80 -73.60
N VAL D 236 65.04 -52.97 -74.10
CA VAL D 236 64.82 -52.23 -75.33
C VAL D 236 65.70 -52.84 -76.41
N LYS D 237 65.18 -52.92 -77.62
CA LYS D 237 65.94 -53.48 -78.73
C LYS D 237 66.79 -52.40 -79.37
N ASP D 238 68.01 -52.76 -79.75
CA ASP D 238 68.95 -51.84 -80.34
C ASP D 238 69.37 -52.31 -81.73
N THR D 239 69.81 -51.36 -82.55
CA THR D 239 70.23 -51.63 -83.92
C THR D 239 71.73 -51.83 -84.03
N ALA D 240 72.47 -51.73 -82.94
CA ALA D 240 73.91 -51.86 -83.00
C ALA D 240 74.32 -53.28 -83.33
N ASN D 241 75.44 -53.41 -84.04
CA ASN D 241 75.97 -54.70 -84.44
C ASN D 241 77.28 -55.05 -83.74
N MET D 242 77.85 -54.14 -82.96
CA MET D 242 79.11 -54.36 -82.27
C MET D 242 78.82 -54.69 -80.82
N TRP D 243 79.33 -55.83 -80.35
CA TRP D 243 78.91 -56.37 -79.07
C TRP D 243 79.49 -55.65 -77.87
N MET D 244 80.55 -54.86 -78.04
CA MET D 244 81.08 -54.12 -76.91
C MET D 244 80.26 -52.88 -76.61
N HIS D 245 79.49 -52.40 -77.58
CA HIS D 245 78.42 -51.45 -77.29
C HIS D 245 77.45 -52.02 -76.26
N TYR D 246 77.39 -53.34 -76.12
CA TYR D 246 76.45 -54.00 -75.23
C TYR D 246 77.06 -54.44 -73.91
N VAL D 247 78.37 -54.29 -73.73
CA VAL D 247 79.01 -54.60 -72.46
C VAL D 247 79.28 -53.30 -71.73
N ASP D 248 79.55 -52.24 -72.50
CA ASP D 248 79.67 -50.92 -71.91
C ASP D 248 78.41 -50.55 -71.13
N TRP D 249 77.25 -50.74 -71.75
CA TRP D 249 75.99 -50.45 -71.08
C TRP D 249 75.86 -51.24 -69.79
N GLU D 250 76.14 -52.55 -69.84
CA GLU D 250 75.88 -53.40 -68.69
C GLU D 250 76.89 -53.18 -67.58
N VAL D 251 78.11 -52.76 -67.91
CA VAL D 251 79.11 -52.48 -66.88
C VAL D 251 78.73 -51.22 -66.12
N GLU D 252 78.42 -50.15 -66.84
CA GLU D 252 77.90 -48.94 -66.21
C GLU D 252 76.67 -49.25 -65.37
N LEU D 253 75.75 -50.03 -65.94
CA LEU D 253 74.49 -50.31 -65.26
C LEU D 253 74.70 -51.12 -63.99
N GLN D 254 75.46 -52.20 -64.09
CA GLN D 254 75.74 -53.01 -62.90
C GLN D 254 76.54 -52.21 -61.88
N PHE D 255 77.40 -51.31 -62.35
CA PHE D 255 78.19 -50.50 -61.44
C PHE D 255 77.33 -49.48 -60.70
N ASP D 256 76.38 -48.86 -61.40
CA ASP D 256 75.43 -47.98 -60.72
C ASP D 256 74.55 -48.77 -59.77
N GLU D 257 74.03 -49.91 -60.22
CA GLU D 257 73.25 -50.79 -59.34
C GLU D 257 74.01 -51.05 -58.04
N TYR D 258 75.32 -51.32 -58.15
CA TYR D 258 76.15 -51.50 -56.97
C TYR D 258 76.11 -50.27 -56.07
N LYS D 259 76.49 -49.12 -56.62
CA LYS D 259 76.60 -47.91 -55.82
C LYS D 259 75.31 -47.60 -55.08
N ASN D 260 74.18 -47.62 -55.78
CA ASN D 260 72.92 -47.21 -55.18
C ASN D 260 72.43 -48.22 -54.15
N ASN D 261 72.54 -49.52 -54.45
CA ASN D 261 72.13 -50.52 -53.49
C ASN D 261 73.00 -50.49 -52.24
N ALA D 262 74.22 -49.96 -52.34
CA ALA D 262 75.05 -49.76 -51.16
C ALA D 262 74.65 -48.50 -50.41
N MET D 263 74.47 -47.40 -51.14
CA MET D 263 73.99 -46.16 -50.53
C MET D 263 72.77 -46.40 -49.66
N ALA D 264 71.84 -47.22 -50.14
CA ALA D 264 70.53 -47.36 -49.52
C ALA D 264 70.41 -48.58 -48.62
N TRP D 265 71.08 -49.69 -48.95
CA TRP D 265 70.88 -50.94 -48.23
C TRP D 265 72.17 -51.48 -47.62
N GLY D 266 73.26 -50.72 -47.65
CA GLY D 266 74.47 -51.16 -46.99
C GLY D 266 74.30 -51.18 -45.48
N THR D 267 74.89 -52.19 -44.85
CA THR D 267 74.89 -52.32 -43.41
C THR D 267 76.32 -52.34 -42.90
N SER D 268 76.48 -52.10 -41.61
CA SER D 268 77.79 -52.07 -40.98
C SER D 268 78.12 -53.43 -40.38
N ASN D 269 79.33 -53.89 -40.66
CA ASN D 269 79.86 -55.11 -40.07
C ASN D 269 80.73 -54.83 -38.86
N ARG D 270 80.72 -53.59 -38.38
CA ARG D 270 81.57 -53.16 -37.29
C ARG D 270 80.98 -53.58 -35.95
N ASN D 271 81.80 -53.50 -34.91
CA ASN D 271 81.44 -53.97 -33.58
C ASN D 271 81.54 -52.82 -32.59
N LEU D 272 81.37 -53.13 -31.31
CA LEU D 272 81.45 -52.09 -30.28
C LEU D 272 82.88 -51.81 -29.85
N ASN D 273 83.77 -52.79 -30.00
CA ASN D 273 85.20 -52.54 -29.85
C ASN D 273 85.82 -51.98 -31.12
N GLY D 274 85.03 -51.73 -32.15
CA GLY D 274 85.54 -51.31 -33.44
C GLY D 274 86.04 -52.44 -34.32
N GLU D 275 85.95 -53.68 -33.85
CA GLU D 275 86.45 -54.83 -34.59
C GLU D 275 85.51 -55.13 -35.76
N TYR D 276 85.98 -54.89 -36.98
CA TYR D 276 85.26 -55.36 -38.14
C TYR D 276 85.28 -56.89 -38.19
N MET D 277 84.18 -57.48 -38.66
CA MET D 277 83.94 -58.90 -38.53
C MET D 277 84.05 -59.65 -39.86
N ASN D 278 84.42 -58.99 -40.94
CA ASN D 278 84.59 -59.63 -42.23
C ASN D 278 85.92 -59.22 -42.83
N PHE D 279 86.67 -60.19 -43.34
CA PHE D 279 87.99 -59.97 -43.92
C PHE D 279 88.01 -60.51 -45.34
N GLY D 280 88.58 -59.73 -46.25
CA GLY D 280 88.57 -60.06 -47.65
C GLY D 280 89.73 -60.95 -48.06
N LYS D 281 89.88 -61.05 -49.38
CA LYS D 281 90.86 -61.95 -49.99
C LYS D 281 92.28 -61.43 -49.90
N SER D 282 92.48 -60.24 -49.34
CA SER D 282 93.81 -59.71 -49.09
C SER D 282 94.29 -59.95 -47.67
N GLY D 283 93.37 -60.17 -46.74
CA GLY D 283 93.67 -60.27 -45.33
C GLY D 283 93.26 -59.04 -44.56
N ASN D 284 93.08 -57.93 -45.24
CA ASN D 284 92.59 -56.71 -44.61
C ASN D 284 91.08 -56.81 -44.40
N ALA D 285 90.56 -55.90 -43.60
CA ALA D 285 89.16 -55.95 -43.21
C ALA D 285 88.29 -55.27 -44.26
N ILE D 286 87.10 -55.84 -44.45
CA ILE D 286 86.08 -55.26 -45.32
C ILE D 286 85.29 -54.26 -44.48
N LYS D 287 85.54 -52.98 -44.69
CA LYS D 287 84.98 -51.92 -43.86
C LYS D 287 83.75 -51.36 -44.57
N THR D 288 82.58 -51.89 -44.23
CA THR D 288 81.31 -51.46 -44.82
C THR D 288 80.56 -50.59 -43.82
N GLY D 289 80.04 -49.47 -44.32
CA GLY D 289 79.24 -48.59 -43.49
C GLY D 289 77.76 -48.87 -43.63
N ALA D 290 76.99 -48.29 -42.73
CA ALA D 290 75.55 -48.48 -42.74
C ALA D 290 74.92 -47.65 -43.84
N GLY D 291 73.78 -48.15 -44.36
CA GLY D 291 73.02 -47.46 -45.36
C GLY D 291 71.96 -46.56 -44.74
N ILE D 292 71.24 -45.86 -45.62
CA ILE D 292 70.25 -44.89 -45.17
C ILE D 292 69.24 -45.55 -44.24
N PHE D 293 68.68 -46.68 -44.66
CA PHE D 293 67.59 -47.29 -43.90
C PHE D 293 68.06 -47.78 -42.54
N GLU D 294 69.22 -48.44 -42.49
CA GLU D 294 69.76 -48.85 -41.19
C GLU D 294 69.98 -47.64 -40.30
N GLN D 295 70.48 -46.55 -40.87
CA GLN D 295 70.79 -45.37 -40.07
C GLN D 295 69.52 -44.74 -39.51
N THR D 296 68.50 -44.55 -40.35
CA THR D 296 67.26 -43.92 -39.89
C THR D 296 66.50 -44.82 -38.92
N GLU D 297 66.58 -46.13 -39.13
CA GLU D 297 65.82 -47.08 -38.31
C GLU D 297 66.20 -47.00 -36.84
N VAL D 298 67.25 -46.27 -36.49
CA VAL D 298 67.80 -46.32 -35.13
C VAL D 298 66.82 -45.79 -34.09
N ALA D 299 66.04 -44.76 -34.43
CA ALA D 299 65.26 -44.05 -33.43
C ALA D 299 63.84 -43.79 -33.92
N ASN D 300 62.91 -43.81 -32.98
CA ASN D 300 61.49 -43.59 -33.26
C ASN D 300 60.96 -44.66 -34.22
N THR D 301 61.31 -45.92 -33.95
CA THR D 301 60.98 -47.02 -34.83
C THR D 301 60.21 -48.08 -34.07
N MET D 302 59.27 -48.72 -34.77
CA MET D 302 58.42 -49.75 -34.18
C MET D 302 58.22 -50.87 -35.17
N TYR D 303 57.99 -52.07 -34.63
CA TYR D 303 57.62 -53.24 -35.43
C TYR D 303 56.23 -53.69 -35.00
N TYR D 304 55.28 -53.64 -35.93
CA TYR D 304 53.88 -53.89 -35.61
C TYR D 304 53.38 -55.14 -36.32
N ASN D 305 52.55 -55.91 -35.61
CA ASN D 305 51.79 -57.00 -36.21
C ASN D 305 50.47 -56.51 -36.78
N THR D 306 49.79 -55.64 -36.05
CA THR D 306 48.50 -55.07 -36.47
C THR D 306 48.61 -53.55 -36.40
N PHE D 307 48.55 -52.90 -37.55
CA PHE D 307 48.63 -51.45 -37.59
C PHE D 307 47.37 -50.83 -37.01
N SER D 308 47.56 -49.88 -36.10
CA SER D 308 46.46 -49.14 -35.49
C SER D 308 46.70 -47.65 -35.63
N LEU D 309 45.64 -46.91 -35.95
CA LEU D 309 45.73 -45.46 -36.00
C LEU D 309 45.66 -44.83 -34.62
N LYS D 310 45.08 -45.54 -33.65
CA LYS D 310 45.11 -45.09 -32.26
C LYS D 310 46.54 -44.90 -31.78
N LEU D 311 47.36 -45.94 -31.91
CA LEU D 311 48.75 -45.84 -31.51
C LEU D 311 49.47 -44.73 -32.27
N LEU D 312 49.15 -44.58 -33.56
CA LEU D 312 49.84 -43.58 -34.38
C LEU D 312 49.52 -42.17 -33.91
N GLU D 313 48.23 -41.86 -33.72
CA GLU D 313 47.86 -40.50 -33.33
C GLU D 313 48.43 -40.14 -31.96
N ASP D 314 48.49 -41.12 -31.05
CA ASP D 314 49.12 -40.90 -29.75
C ASP D 314 50.59 -40.53 -29.93
N ALA D 315 51.33 -41.36 -30.67
CA ALA D 315 52.77 -41.14 -30.83
C ALA D 315 53.07 -39.81 -31.50
N LEU D 316 52.35 -39.52 -32.59
CA LEU D 316 52.60 -38.28 -33.33
C LEU D 316 52.25 -37.06 -32.51
N TYR D 317 51.19 -37.13 -31.71
CA TYR D 317 50.83 -35.98 -30.87
C TYR D 317 51.87 -35.78 -29.78
N GLU D 318 52.11 -36.81 -28.97
CA GLU D 318 53.11 -36.72 -27.91
C GLU D 318 54.43 -36.16 -28.46
N LEU D 319 54.87 -36.69 -29.59
CA LEU D 319 56.06 -36.16 -30.23
C LEU D 319 55.89 -34.69 -30.58
N SER D 320 54.81 -34.35 -31.26
CA SER D 320 54.60 -32.98 -31.71
C SER D 320 54.55 -32.02 -30.54
N ALA D 321 53.92 -32.44 -29.43
CA ALA D 321 53.85 -31.61 -28.24
C ALA D 321 55.24 -31.23 -27.77
N SER D 322 56.08 -32.23 -27.48
CA SER D 322 57.39 -32.00 -26.91
C SER D 322 58.40 -31.40 -27.87
N LYS D 323 58.12 -31.40 -29.17
CA LYS D 323 59.14 -31.01 -30.13
C LYS D 323 58.67 -30.08 -31.23
N LEU D 324 57.37 -29.84 -31.39
CA LEU D 324 56.88 -29.10 -32.54
C LEU D 324 55.84 -28.08 -32.11
N ALA D 325 55.82 -26.96 -32.82
CA ALA D 325 54.78 -25.97 -32.63
C ALA D 325 53.48 -26.43 -33.28
N MET D 326 52.36 -25.92 -32.77
CA MET D 326 51.07 -26.27 -33.33
C MET D 326 51.03 -26.01 -34.82
N ASP D 327 51.80 -25.04 -35.31
CA ASP D 327 51.88 -24.71 -36.72
C ASP D 327 52.94 -25.54 -37.46
N ASP D 328 53.41 -26.64 -36.85
CA ASP D 328 54.49 -27.42 -37.43
C ASP D 328 54.25 -28.93 -37.33
N ARG D 329 53.03 -29.37 -37.03
CA ARG D 329 52.75 -30.77 -36.73
C ARG D 329 52.15 -31.50 -37.92
N LEU D 330 52.52 -31.12 -39.13
CA LEU D 330 52.11 -31.87 -40.32
C LEU D 330 53.10 -33.00 -40.55
N PHE D 331 52.57 -34.21 -40.74
CA PHE D 331 53.37 -35.41 -40.91
C PHE D 331 53.01 -36.06 -42.23
N VAL D 332 53.96 -36.07 -43.17
CA VAL D 332 53.79 -36.75 -44.45
C VAL D 332 54.42 -38.13 -44.32
N ILE D 333 53.66 -39.14 -44.70
CA ILE D 333 54.09 -40.53 -44.61
C ILE D 333 54.33 -41.06 -46.02
N LYS D 334 55.51 -41.62 -46.26
CA LYS D 334 55.82 -42.27 -47.52
C LYS D 334 55.65 -43.77 -47.33
N THR D 335 54.80 -44.38 -48.16
CA THR D 335 54.47 -45.79 -48.00
C THR D 335 54.04 -46.34 -49.36
N GLY D 336 53.52 -47.56 -49.34
CA GLY D 336 53.09 -48.24 -50.54
C GLY D 336 51.58 -48.28 -50.69
N GLU D 337 51.11 -48.58 -51.90
CA GLU D 337 49.68 -48.59 -52.16
C GLU D 337 48.94 -49.50 -51.19
N ARG D 338 49.57 -50.62 -50.82
CA ARG D 338 48.93 -51.52 -49.86
C ARG D 338 48.90 -50.92 -48.47
N GLY D 339 49.80 -49.99 -48.18
CA GLY D 339 49.79 -49.31 -46.90
C GLY D 339 48.74 -48.23 -46.86
N ALA D 340 48.59 -47.52 -47.99
CA ALA D 340 47.50 -46.57 -48.13
C ALA D 340 46.16 -47.22 -47.90
N ILE D 341 46.03 -48.49 -48.29
CA ILE D 341 44.77 -49.20 -48.08
C ILE D 341 44.62 -49.60 -46.62
N GLN D 342 45.69 -50.11 -46.02
CA GLN D 342 45.69 -50.35 -44.57
C GLN D 342 45.32 -49.09 -43.82
N PHE D 343 45.83 -47.94 -44.27
CA PHE D 343 45.50 -46.68 -43.63
C PHE D 343 44.02 -46.34 -43.80
N HIS D 344 43.51 -46.48 -45.02
CA HIS D 344 42.10 -46.25 -45.28
C HIS D 344 41.23 -47.14 -44.41
N LYS D 345 41.55 -48.43 -44.38
CA LYS D 345 40.78 -49.39 -43.58
C LYS D 345 40.70 -48.94 -42.12
N GLU D 346 41.80 -48.46 -41.56
CA GLU D 346 41.82 -48.13 -40.14
C GLU D 346 41.10 -46.81 -39.86
N VAL D 347 41.33 -45.80 -40.68
CA VAL D 347 40.57 -44.56 -40.56
C VAL D 347 39.07 -44.84 -40.63
N LEU D 348 38.70 -45.83 -41.45
CA LEU D 348 37.29 -46.21 -41.55
C LEU D 348 36.81 -46.86 -40.26
N LYS D 349 37.51 -47.89 -39.79
CA LYS D 349 37.20 -48.49 -38.51
C LYS D 349 37.15 -47.45 -37.40
N THR D 350 37.85 -46.33 -37.57
CA THR D 350 37.91 -45.30 -36.54
C THR D 350 36.63 -44.47 -36.52
N VAL D 351 36.30 -43.82 -37.63
CA VAL D 351 35.09 -43.02 -37.69
C VAL D 351 33.86 -43.88 -37.40
N SER D 352 33.93 -45.17 -37.74
CA SER D 352 32.87 -46.08 -37.35
C SER D 352 32.57 -46.00 -35.86
N GLY D 353 33.57 -45.62 -35.06
CA GLY D 353 33.37 -45.41 -33.63
C GLY D 353 32.85 -44.05 -33.26
N TRP D 354 32.84 -43.12 -34.21
CA TRP D 354 32.27 -41.80 -33.98
C TRP D 354 30.75 -41.92 -33.97
N THR D 355 30.22 -42.64 -33.00
CA THR D 355 28.79 -42.92 -32.99
C THR D 355 27.98 -41.65 -32.79
N THR D 356 28.53 -40.69 -32.05
CA THR D 356 27.88 -39.41 -31.81
C THR D 356 27.80 -38.54 -33.06
N PHE D 357 28.25 -39.04 -34.20
CA PHE D 357 28.13 -38.33 -35.47
C PHE D 357 27.46 -39.23 -36.48
N VAL D 358 26.99 -38.61 -37.57
CA VAL D 358 26.27 -39.31 -38.63
C VAL D 358 26.87 -38.84 -39.95
N LEU D 359 27.51 -39.76 -40.67
CA LEU D 359 28.17 -39.45 -41.92
C LEU D 359 27.19 -39.65 -43.07
N ASP D 360 26.74 -38.55 -43.66
CA ASP D 360 25.78 -38.58 -44.75
C ASP D 360 26.51 -38.47 -46.08
N ASN D 361 26.01 -39.19 -47.09
CA ASN D 361 26.62 -39.18 -48.41
C ASN D 361 26.45 -37.84 -49.12
N ASN D 362 25.56 -36.98 -48.62
CA ASN D 362 25.38 -35.67 -49.25
C ASN D 362 26.65 -34.85 -49.18
N SER D 363 27.34 -34.89 -48.03
CA SER D 363 28.56 -34.12 -47.86
C SER D 363 29.78 -34.86 -48.36
N THR D 364 29.82 -36.18 -48.21
CA THR D 364 30.97 -36.98 -48.58
C THR D 364 30.97 -37.41 -50.04
N ARG D 365 29.79 -37.60 -50.64
CA ARG D 365 29.67 -38.05 -52.02
C ARG D 365 30.23 -39.45 -52.21
N VAL D 366 30.15 -40.26 -51.15
CA VAL D 366 30.57 -41.66 -51.25
C VAL D 366 29.86 -42.34 -52.42
N VAL D 367 28.55 -42.14 -52.51
CA VAL D 367 27.75 -42.59 -53.64
C VAL D 367 27.40 -41.36 -54.47
N GLU D 368 27.77 -41.39 -55.74
CA GLU D 368 27.60 -40.26 -56.64
C GLU D 368 26.69 -40.65 -57.79
N LYS D 369 26.09 -39.63 -58.40
CA LYS D 369 25.16 -39.82 -59.50
C LYS D 369 25.91 -39.57 -60.81
N VAL D 370 25.97 -40.59 -61.66
CA VAL D 370 26.60 -40.49 -62.97
C VAL D 370 25.56 -40.80 -64.03
N GLN D 371 25.63 -40.09 -65.15
CA GLN D 371 24.68 -40.29 -66.22
C GLN D 371 25.09 -41.49 -67.07
N SER D 372 24.08 -42.18 -67.60
CA SER D 372 24.30 -43.38 -68.40
C SER D 372 23.18 -43.48 -69.42
N ARG D 373 23.06 -44.66 -70.03
CA ARG D 373 21.95 -44.97 -70.91
C ARG D 373 21.11 -46.13 -70.41
N LEU D 374 21.59 -46.90 -69.43
CA LEU D 374 20.84 -48.00 -68.86
C LEU D 374 19.73 -47.53 -67.93
N HIS D 375 19.70 -46.25 -67.57
CA HIS D 375 18.87 -45.78 -66.48
C HIS D 375 18.99 -44.26 -66.43
N SER D 376 18.20 -43.65 -65.56
CA SER D 376 18.29 -42.23 -65.27
C SER D 376 18.81 -41.94 -63.87
N ASN D 377 18.47 -42.79 -62.90
CA ASN D 377 19.10 -42.76 -61.58
C ASN D 377 20.19 -43.82 -61.57
N ALA D 378 21.29 -43.50 -62.23
CA ALA D 378 22.47 -44.36 -62.27
C ALA D 378 23.53 -43.81 -61.33
N LEU D 379 24.20 -44.70 -60.61
CA LEU D 379 25.07 -44.32 -59.51
C LEU D 379 26.44 -44.94 -59.64
N SER D 380 27.40 -44.32 -58.98
CA SER D 380 28.75 -44.84 -58.82
C SER D 380 29.10 -44.78 -57.34
N ALA D 381 29.91 -45.74 -56.90
CA ALA D 381 30.23 -45.91 -55.49
C ALA D 381 31.73 -46.04 -55.29
N GLY D 382 32.24 -45.43 -54.21
CA GLY D 382 33.62 -45.56 -53.86
C GLY D 382 34.22 -44.33 -53.20
N PHE D 383 35.05 -44.57 -52.17
CA PHE D 383 35.75 -43.51 -51.45
C PHE D 383 37.09 -44.04 -50.99
N GLN D 384 37.92 -43.14 -50.46
CA GLN D 384 39.17 -43.54 -49.82
C GLN D 384 39.57 -42.49 -48.80
N PHE D 385 39.94 -42.95 -47.61
CA PHE D 385 40.51 -42.09 -46.58
C PHE D 385 42.01 -41.95 -46.82
N VAL D 386 42.50 -40.72 -46.85
CA VAL D 386 43.91 -40.47 -47.10
C VAL D 386 44.53 -39.69 -45.96
N GLU D 387 43.72 -38.92 -45.24
CA GLU D 387 44.20 -38.06 -44.17
C GLU D 387 43.54 -38.41 -42.85
N TYR D 388 44.15 -37.89 -41.78
CA TYR D 388 43.56 -37.88 -40.45
C TYR D 388 43.96 -36.56 -39.80
N LYS D 389 43.31 -36.25 -38.68
CA LYS D 389 43.58 -34.99 -37.99
C LYS D 389 43.34 -35.24 -36.50
N ALA D 390 44.41 -35.50 -35.77
CA ALA D 390 44.34 -35.61 -34.33
C ALA D 390 44.33 -34.23 -33.72
N PRO D 391 44.04 -34.12 -32.43
CA PRO D 391 43.88 -32.80 -31.82
C PRO D 391 45.20 -32.04 -31.75
N ASN D 392 45.07 -30.71 -31.66
CA ASN D 392 46.19 -29.82 -31.37
C ASN D 392 47.20 -29.79 -32.51
N GLY D 393 46.69 -29.63 -33.73
CA GLY D 393 47.52 -29.35 -34.88
C GLY D 393 48.04 -30.56 -35.63
N VAL D 394 47.90 -31.75 -35.08
CA VAL D 394 48.38 -32.95 -35.74
C VAL D 394 47.50 -33.24 -36.95
N ARG D 395 48.13 -33.38 -38.13
CA ARG D 395 47.41 -33.71 -39.36
C ARG D 395 48.34 -34.58 -40.19
N VAL D 396 48.17 -35.89 -40.08
CA VAL D 396 48.98 -36.84 -40.82
C VAL D 396 48.44 -36.95 -42.24
N ARG D 397 49.28 -36.61 -43.20
CA ARG D 397 48.96 -36.71 -44.62
C ARG D 397 49.75 -37.86 -45.22
N LEU D 398 49.37 -38.25 -46.43
CA LEU D 398 49.87 -39.48 -47.03
C LEU D 398 50.64 -39.18 -48.31
N ASP D 399 51.55 -40.10 -48.63
CA ASP D 399 52.36 -40.00 -49.84
C ASP D 399 52.75 -41.43 -50.22
N VAL D 400 52.35 -41.88 -51.41
CA VAL D 400 52.60 -43.24 -51.86
C VAL D 400 53.71 -43.21 -52.88
N ASP D 401 54.74 -44.04 -52.67
CA ASP D 401 55.90 -44.10 -53.53
C ASP D 401 55.96 -45.45 -54.25
N PRO D 402 56.35 -45.49 -55.52
CA PRO D 402 56.50 -46.78 -56.20
C PRO D 402 57.73 -47.53 -55.77
N PHE D 403 58.72 -46.86 -55.19
CA PHE D 403 59.92 -47.52 -54.71
C PHE D 403 59.64 -48.52 -53.60
N TYR D 404 58.44 -48.48 -53.00
CA TYR D 404 58.12 -49.34 -51.87
C TYR D 404 57.32 -50.59 -52.24
N ASP D 405 56.96 -50.76 -53.52
CA ASP D 405 56.23 -51.96 -53.93
C ASP D 405 56.93 -52.69 -55.07
N ASP D 406 58.21 -52.43 -55.27
CA ASP D 406 58.99 -53.14 -56.26
C ASP D 406 59.01 -54.64 -55.94
N PRO D 407 58.44 -55.50 -56.78
CA PRO D 407 58.43 -56.93 -56.47
C PRO D 407 59.74 -57.64 -56.72
N VAL D 408 60.78 -56.93 -57.14
CA VAL D 408 62.07 -57.57 -57.41
C VAL D 408 62.88 -57.71 -56.13
N ARG D 409 63.21 -56.58 -55.49
CA ARG D 409 63.98 -56.65 -54.26
C ARG D 409 63.13 -57.13 -53.10
N ASN D 410 61.90 -56.60 -53.00
CA ASN D 410 60.99 -56.97 -51.92
C ASN D 410 60.38 -58.32 -52.29
N LYS D 411 60.86 -59.38 -51.62
CA LYS D 411 60.48 -60.74 -51.94
C LYS D 411 59.53 -61.35 -50.93
N ILE D 412 59.34 -60.72 -49.79
CA ILE D 412 58.42 -61.19 -48.77
C ILE D 412 57.03 -60.64 -49.07
N LEU D 413 56.02 -61.49 -48.96
CA LEU D 413 54.66 -61.15 -49.35
C LEU D 413 53.78 -61.06 -48.11
N HIS D 414 52.89 -60.06 -48.13
CA HIS D 414 51.91 -59.91 -47.07
C HIS D 414 50.67 -60.75 -47.36
N PRO D 415 50.10 -61.42 -46.35
CA PRO D 415 48.92 -62.25 -46.62
C PRO D 415 47.70 -61.45 -47.00
N MET D 416 47.57 -60.20 -46.54
CA MET D 416 46.45 -59.35 -46.89
C MET D 416 46.69 -58.59 -48.19
N GLY D 417 47.60 -59.06 -49.03
CA GLY D 417 47.74 -58.52 -50.36
C GLY D 417 49.01 -57.77 -50.64
N GLY D 418 49.89 -58.36 -51.45
CA GLY D 418 50.99 -57.64 -52.02
C GLY D 418 52.32 -57.82 -51.32
N VAL D 419 53.15 -56.79 -51.41
CA VAL D 419 54.51 -56.79 -50.89
C VAL D 419 54.51 -56.15 -49.50
N ALA D 420 55.11 -56.85 -48.53
CA ALA D 420 55.11 -56.39 -47.14
C ALA D 420 55.91 -55.12 -46.94
N PHE D 421 56.59 -54.62 -47.96
CA PHE D 421 57.28 -53.34 -47.88
C PHE D 421 56.36 -52.17 -48.19
N SER D 422 55.22 -52.44 -48.84
CA SER D 422 54.20 -51.41 -49.01
C SER D 422 53.50 -51.12 -47.69
N TYR D 423 53.36 -52.13 -46.83
CA TYR D 423 52.78 -51.94 -45.52
C TYR D 423 53.81 -51.34 -44.58
N ARG D 424 54.41 -50.23 -44.99
CA ARG D 424 55.56 -49.66 -44.28
C ARG D 424 55.45 -48.15 -44.35
N TYR D 425 55.44 -47.50 -43.20
CA TYR D 425 55.19 -46.08 -43.08
C TYR D 425 56.44 -45.40 -42.54
N ASP D 426 56.83 -44.29 -43.17
CA ASP D 426 58.09 -43.64 -42.83
C ASP D 426 57.91 -42.13 -42.90
N ILE D 427 58.09 -41.46 -41.78
CA ILE D 427 58.20 -40.01 -41.74
C ILE D 427 59.68 -39.69 -41.70
N TRP D 428 60.21 -39.22 -42.83
CA TRP D 428 61.64 -39.00 -42.96
C TRP D 428 62.09 -37.64 -42.45
N TYR D 429 61.18 -36.69 -42.27
CA TYR D 429 61.53 -35.34 -41.84
C TYR D 429 60.54 -34.90 -40.76
N ILE D 430 60.90 -35.16 -39.50
CA ILE D 430 60.08 -34.76 -38.37
C ILE D 430 60.46 -33.34 -38.01
N GLY D 431 59.90 -32.37 -38.72
CA GLY D 431 60.18 -30.97 -38.56
C GLY D 431 60.90 -30.46 -39.78
N THR D 432 61.50 -29.28 -39.65
CA THR D 432 62.46 -28.76 -40.61
C THR D 432 63.77 -28.52 -39.86
N MET D 433 64.85 -29.14 -40.32
CA MET D 433 66.11 -29.12 -39.60
C MET D 433 66.98 -27.93 -39.94
N ASP D 434 66.65 -27.21 -41.02
CA ASP D 434 67.39 -26.09 -41.60
C ASP D 434 68.75 -26.52 -42.13
N GLN D 435 69.04 -27.83 -42.11
CA GLN D 435 70.29 -28.38 -42.57
C GLN D 435 69.93 -29.78 -43.08
N PRO D 436 70.45 -30.19 -44.22
CA PRO D 436 70.14 -31.55 -44.71
C PRO D 436 70.51 -32.60 -43.67
N ASN D 437 69.53 -33.43 -43.32
CA ASN D 437 69.75 -34.50 -42.34
C ASN D 437 70.20 -35.79 -42.99
N ILE D 438 69.78 -36.03 -44.23
CA ILE D 438 70.21 -37.20 -44.99
C ILE D 438 70.82 -36.70 -46.28
N PHE D 439 72.04 -37.11 -46.56
CA PHE D 439 72.73 -36.71 -47.78
C PHE D 439 73.69 -37.81 -48.19
N LYS D 440 73.99 -37.86 -49.49
CA LYS D 440 74.95 -38.80 -50.03
C LYS D 440 76.33 -38.19 -49.95
N CYS D 441 77.25 -38.86 -49.25
CA CYS D 441 78.60 -38.35 -49.08
C CYS D 441 79.46 -38.75 -50.27
N LYS D 442 80.32 -37.84 -50.69
CA LYS D 442 81.24 -38.08 -51.79
C LYS D 442 82.59 -37.48 -51.45
N ILE D 443 83.64 -38.05 -52.03
CA ILE D 443 85.01 -37.60 -51.83
C ILE D 443 85.45 -36.81 -53.04
N LYS D 444 86.27 -35.78 -52.82
CA LYS D 444 86.68 -34.88 -53.88
C LYS D 444 87.98 -35.35 -54.50
N GLY D 445 88.02 -35.41 -55.83
CA GLY D 445 89.22 -35.71 -56.57
C GLY D 445 89.72 -37.14 -56.47
N ASP D 446 89.04 -38.01 -55.72
CA ASP D 446 89.44 -39.40 -55.55
C ASP D 446 88.24 -40.31 -55.74
N ASN D 447 87.47 -40.06 -56.78
CA ASN D 447 86.32 -40.88 -57.12
C ASN D 447 86.73 -41.95 -58.13
N GLU D 448 85.75 -42.57 -58.78
CA GLU D 448 85.95 -43.81 -59.54
C GLU D 448 87.25 -43.82 -60.33
N TYR D 449 87.98 -44.93 -60.20
CA TYR D 449 89.17 -45.23 -60.99
C TYR D 449 88.84 -46.32 -62.00
N ARG D 450 89.60 -46.35 -63.09
CA ARG D 450 89.35 -47.33 -64.15
C ARG D 450 90.65 -47.74 -64.80
N GLY D 451 90.81 -49.04 -65.05
CA GLY D 451 91.99 -49.57 -65.69
C GLY D 451 91.69 -50.86 -66.43
N TYR D 452 92.67 -51.29 -67.23
CA TYR D 452 92.53 -52.46 -68.08
C TYR D 452 93.69 -53.42 -67.87
N GLN D 453 93.37 -54.68 -67.57
CA GLN D 453 94.35 -55.75 -67.49
C GLN D 453 94.23 -56.60 -68.75
N TRP D 454 94.90 -56.18 -69.81
CA TRP D 454 94.79 -56.85 -71.10
C TRP D 454 96.15 -57.20 -71.67
N GLY D 455 96.12 -58.05 -72.69
CA GLY D 455 97.31 -58.42 -73.43
C GLY D 455 97.44 -57.69 -74.75
N ILE D 456 97.23 -58.40 -75.85
CA ILE D 456 97.54 -57.87 -77.18
C ILE D 456 96.40 -57.05 -77.77
N ARG D 457 95.15 -57.33 -77.40
CA ARG D 457 94.00 -56.66 -77.97
C ARG D 457 93.09 -56.14 -76.87
N ASN D 458 92.53 -54.95 -77.09
CA ASN D 458 91.59 -54.33 -76.15
C ASN D 458 90.31 -53.96 -76.89
N PRO D 459 89.27 -54.79 -76.80
CA PRO D 459 87.99 -54.39 -77.40
C PRO D 459 87.39 -53.15 -76.75
N PHE D 460 87.60 -52.95 -75.45
CA PHE D 460 87.03 -51.80 -74.76
C PHE D 460 87.44 -50.50 -75.44
N THR D 461 88.74 -50.22 -75.44
CA THR D 461 89.26 -49.01 -76.06
C THR D 461 89.42 -49.14 -77.57
N GLY D 462 89.54 -50.36 -78.08
CA GLY D 462 89.75 -50.57 -79.50
C GLY D 462 91.20 -50.61 -79.92
N GLN D 463 92.11 -50.92 -78.99
CA GLN D 463 93.54 -50.94 -79.28
C GLN D 463 93.93 -52.30 -79.84
N LYS D 464 94.77 -52.28 -80.87
CA LYS D 464 95.15 -53.49 -81.59
C LYS D 464 96.50 -54.03 -81.14
N GLY D 465 97.47 -53.15 -80.87
CA GLY D 465 98.79 -53.56 -80.45
C GLY D 465 99.12 -53.01 -79.08
N ASN D 466 99.74 -53.85 -78.24
CA ASN D 466 100.07 -53.48 -76.88
C ASN D 466 101.57 -53.42 -76.69
N PRO D 467 102.13 -52.27 -76.31
CA PRO D 467 103.56 -52.23 -75.97
C PRO D 467 103.84 -52.83 -74.60
N TYR D 468 102.92 -52.63 -73.67
CA TYR D 468 103.03 -53.14 -72.30
C TYR D 468 101.93 -54.17 -72.11
N MET D 469 102.27 -55.43 -72.39
CA MET D 469 101.30 -56.51 -72.29
C MET D 469 101.26 -57.04 -70.87
N SER D 470 100.08 -57.00 -70.26
CA SER D 470 99.92 -57.51 -68.90
C SER D 470 100.13 -59.02 -68.86
N PHE D 471 99.64 -59.73 -69.86
CA PHE D 471 99.75 -61.17 -69.93
C PHE D 471 99.71 -61.59 -71.39
N ASP D 472 100.02 -62.86 -71.65
CA ASP D 472 100.13 -63.33 -73.03
C ASP D 472 98.76 -63.61 -73.62
N GLU D 473 97.87 -64.22 -72.84
CA GLU D 473 96.55 -64.61 -73.35
C GLU D 473 95.88 -63.45 -74.07
N ASP D 474 95.10 -63.79 -75.09
CA ASP D 474 94.39 -62.80 -75.89
C ASP D 474 93.08 -62.50 -75.16
N SER D 475 93.15 -61.59 -74.20
CA SER D 475 92.01 -61.25 -73.39
C SER D 475 92.18 -59.83 -72.86
N ALA D 476 91.05 -59.21 -72.55
CA ALA D 476 91.03 -57.89 -71.95
C ALA D 476 90.10 -57.90 -70.76
N VAL D 477 90.49 -57.13 -69.73
CA VAL D 477 89.69 -56.99 -68.52
C VAL D 477 89.58 -55.51 -68.20
N ILE D 478 88.59 -55.19 -67.39
CA ILE D 478 88.28 -53.81 -67.00
C ILE D 478 87.92 -53.81 -65.53
N HIS D 479 88.60 -52.95 -64.77
CA HIS D 479 88.39 -52.85 -63.33
C HIS D 479 87.94 -51.43 -62.98
N ARG D 480 86.97 -51.35 -62.09
CA ARG D 480 86.50 -50.06 -61.57
C ARG D 480 86.31 -50.15 -60.08
N MET D 481 86.49 -49.02 -59.41
CA MET D 481 86.34 -48.93 -57.96
C MET D 481 85.67 -47.62 -57.63
N ALA D 482 84.95 -47.60 -56.51
CA ALA D 482 84.32 -46.37 -56.04
C ALA D 482 84.20 -46.40 -54.53
N THR D 483 84.29 -45.22 -53.94
CA THR D 483 84.14 -45.04 -52.50
C THR D 483 82.83 -44.31 -52.22
N LEU D 484 82.11 -44.78 -51.21
CA LEU D 484 80.77 -44.30 -50.93
C LEU D 484 80.65 -43.89 -49.48
N GLY D 485 79.67 -43.04 -49.21
CA GLY D 485 79.33 -42.66 -47.85
C GLY D 485 77.95 -42.05 -47.82
N VAL D 486 77.27 -42.22 -46.69
CA VAL D 486 75.93 -41.69 -46.49
C VAL D 486 75.74 -41.43 -45.01
N CYS D 487 75.26 -40.23 -44.68
CA CYS D 487 75.14 -39.81 -43.29
C CYS D 487 73.70 -39.51 -42.95
N VAL D 488 73.32 -39.89 -41.73
CA VAL D 488 72.06 -39.48 -41.11
C VAL D 488 72.43 -38.90 -39.76
N LEU D 489 72.31 -37.57 -39.65
CA LEU D 489 72.79 -36.89 -38.45
C LEU D 489 72.08 -37.39 -37.20
N ASP D 490 70.77 -37.22 -37.15
CA ASP D 490 69.96 -37.67 -36.01
C ASP D 490 68.81 -38.55 -36.51
N PRO D 491 68.83 -39.86 -36.23
CA PRO D 491 67.67 -40.69 -36.55
C PRO D 491 66.44 -40.37 -35.71
N THR D 492 66.56 -39.48 -34.73
CA THR D 492 65.42 -39.08 -33.91
C THR D 492 64.47 -38.17 -34.67
N ARG D 493 64.90 -37.61 -35.80
CA ARG D 493 64.03 -36.88 -36.71
C ARG D 493 63.48 -37.77 -37.80
N THR D 494 63.35 -39.06 -37.54
CA THR D 494 62.86 -40.03 -38.49
C THR D 494 61.99 -41.05 -37.75
N MET D 495 60.75 -41.19 -38.18
CA MET D 495 59.81 -42.13 -37.60
C MET D 495 59.50 -43.20 -38.63
N SER D 496 59.51 -44.45 -38.20
CA SER D 496 59.24 -45.57 -39.10
C SER D 496 58.67 -46.72 -38.28
N LEU D 497 57.46 -47.14 -38.63
CA LEU D 497 56.85 -48.31 -38.03
C LEU D 497 56.69 -49.37 -39.11
N ILE D 498 57.19 -50.56 -38.84
CA ILE D 498 57.47 -51.56 -39.87
C ILE D 498 56.75 -52.85 -39.51
N PRO D 499 56.36 -53.66 -40.48
CA PRO D 499 55.78 -54.96 -40.15
C PRO D 499 56.83 -55.91 -39.61
N ALA D 500 56.40 -56.78 -38.68
CA ALA D 500 57.33 -57.66 -37.99
C ALA D 500 57.88 -58.73 -38.92
N ILE D 501 57.10 -59.15 -39.92
CA ILE D 501 57.55 -60.18 -40.84
C ILE D 501 58.89 -59.81 -41.44
N LEU D 502 59.12 -58.51 -41.64
CA LEU D 502 60.40 -58.02 -42.16
C LEU D 502 61.46 -57.90 -41.08
N GLN D 503 61.22 -58.44 -39.89
CA GLN D 503 62.17 -58.37 -38.79
C GLN D 503 62.65 -59.78 -38.47
N GLY D 504 63.93 -60.03 -38.72
CA GLY D 504 64.55 -61.29 -38.39
C GLY D 504 63.93 -62.50 -39.07
N ALA E 2 116.66 -45.04 -26.82
CA ALA E 2 116.53 -46.32 -26.14
C ALA E 2 115.95 -46.12 -24.74
N GLY E 3 116.06 -44.91 -24.21
CA GLY E 3 115.58 -44.62 -22.88
C GLY E 3 114.85 -43.30 -22.76
N LYS E 4 114.50 -42.94 -21.53
CA LYS E 4 113.76 -41.71 -21.24
C LYS E 4 114.71 -40.62 -20.77
N LEU E 5 114.59 -39.44 -21.39
CA LEU E 5 115.34 -38.29 -20.93
C LEU E 5 114.51 -37.47 -19.95
N GLY E 6 113.35 -37.00 -20.41
CA GLY E 6 112.45 -36.28 -19.54
C GLY E 6 111.95 -37.14 -18.40
N LYS E 7 111.21 -36.50 -17.51
CA LYS E 7 110.56 -37.19 -16.40
C LYS E 7 109.17 -37.68 -16.75
N PHE E 8 108.50 -37.03 -17.69
CA PHE E 8 107.14 -37.37 -18.09
C PHE E 8 107.06 -37.69 -19.58
N GLN E 9 108.14 -38.20 -20.12
CA GLN E 9 108.23 -38.50 -21.55
C GLN E 9 107.57 -39.84 -21.82
N MET E 10 106.56 -39.84 -22.68
CA MET E 10 105.78 -41.02 -23.00
C MET E 10 106.17 -41.64 -24.33
N LEU E 11 106.57 -40.83 -25.29
CA LEU E 11 106.90 -41.34 -26.61
C LEU E 11 108.29 -41.94 -26.62
N GLY E 12 108.43 -43.03 -27.39
CA GLY E 12 109.71 -43.59 -27.71
C GLY E 12 109.89 -43.61 -29.22
N PHE E 13 111.14 -43.83 -29.62
CA PHE E 13 111.48 -43.88 -31.03
C PHE E 13 111.00 -45.19 -31.62
N GLN E 14 110.15 -45.11 -32.64
CA GLN E 14 109.60 -46.27 -33.30
C GLN E 14 110.23 -46.41 -34.68
N HIS E 15 110.26 -47.63 -35.18
CA HIS E 15 110.94 -47.93 -36.43
C HIS E 15 110.32 -49.16 -37.06
N TRP E 16 110.22 -49.15 -38.40
CA TRP E 16 109.72 -50.29 -39.13
C TRP E 16 110.36 -50.27 -40.52
N LYS E 17 110.29 -51.42 -41.19
CA LYS E 17 111.02 -51.61 -42.43
C LYS E 17 110.14 -51.58 -43.67
N GLY E 18 109.16 -52.45 -43.77
CA GLY E 18 108.62 -52.77 -45.07
C GLY E 18 107.37 -52.03 -45.49
N LEU E 19 106.46 -52.76 -46.13
CA LEU E 19 105.22 -52.19 -46.60
C LEU E 19 104.52 -51.45 -45.47
N THR E 20 104.12 -50.21 -45.74
CA THR E 20 103.53 -49.34 -44.74
C THR E 20 102.02 -49.32 -44.91
N SER E 21 101.31 -49.36 -43.79
CA SER E 21 99.86 -49.42 -43.74
C SER E 21 99.31 -48.19 -43.04
N ASP E 22 97.98 -48.04 -43.10
CA ASP E 22 97.33 -47.04 -42.28
C ASP E 22 97.55 -47.32 -40.81
N ASN E 23 97.57 -48.60 -40.43
CA ASN E 23 97.89 -48.98 -39.06
C ASN E 23 99.23 -48.42 -38.63
N HIS E 24 100.23 -48.54 -39.51
CA HIS E 24 101.53 -47.91 -39.25
C HIS E 24 101.37 -46.42 -39.00
N LEU E 25 100.75 -45.71 -39.94
CA LEU E 25 100.62 -44.26 -39.83
C LEU E 25 99.72 -43.84 -38.68
N GLY E 26 98.82 -44.70 -38.23
CA GLY E 26 97.97 -44.39 -37.10
C GLY E 26 98.66 -44.70 -35.80
N ALA E 27 99.60 -45.63 -35.84
CA ALA E 27 100.38 -46.00 -34.66
C ALA E 27 101.55 -45.06 -34.41
N ILE E 28 101.85 -44.16 -35.35
CA ILE E 28 102.85 -43.13 -35.13
C ILE E 28 102.18 -41.77 -35.24
N PHE E 29 100.87 -41.74 -35.00
CA PHE E 29 100.13 -40.50 -34.80
C PHE E 29 100.12 -39.65 -36.06
N GLN E 30 99.85 -40.27 -37.20
CA GLN E 30 99.71 -39.57 -38.47
C GLN E 30 98.33 -39.74 -39.07
N GLN E 31 97.38 -40.28 -38.30
CA GLN E 31 96.00 -40.46 -38.74
C GLN E 31 95.09 -39.79 -37.73
N ALA E 32 94.12 -39.02 -38.23
CA ALA E 32 93.22 -38.32 -37.34
C ALA E 32 91.86 -38.19 -37.98
N PRO E 33 90.77 -38.44 -37.24
CA PRO E 33 89.45 -38.13 -37.77
C PRO E 33 89.28 -36.63 -37.94
N GLN E 34 88.62 -36.25 -39.03
CA GLN E 34 88.36 -34.84 -39.31
C GLN E 34 87.10 -34.39 -38.61
N LYS E 35 86.96 -33.07 -38.48
CA LYS E 35 85.81 -32.45 -37.85
C LYS E 35 84.97 -31.80 -38.93
N ALA E 36 83.75 -32.27 -39.10
CA ALA E 36 82.79 -31.64 -40.00
C ALA E 36 82.12 -30.50 -39.26
N THR E 37 82.46 -29.28 -39.64
CA THR E 37 82.04 -28.09 -38.90
C THR E 37 80.69 -27.56 -39.35
N ASN E 38 80.40 -27.58 -40.65
CA ASN E 38 79.05 -27.31 -41.11
C ASN E 38 78.06 -28.28 -40.47
N LEU E 39 78.35 -29.59 -40.56
CA LEU E 39 77.51 -30.59 -39.92
C LEU E 39 77.36 -30.27 -38.45
N MET E 40 76.12 -30.33 -37.96
CA MET E 40 75.82 -29.99 -36.58
C MET E 40 74.41 -30.45 -36.28
N VAL E 41 74.15 -30.73 -35.00
CA VAL E 41 72.89 -31.36 -34.59
C VAL E 41 72.42 -30.66 -33.32
N GLN E 42 71.34 -29.88 -33.43
CA GLN E 42 70.65 -29.36 -32.26
C GLN E 42 69.53 -30.32 -31.89
N LEU E 43 69.60 -30.88 -30.68
CA LEU E 43 68.61 -31.86 -30.26
C LEU E 43 67.22 -31.24 -30.28
N LEU E 44 66.31 -31.88 -31.00
CA LEU E 44 64.99 -31.31 -31.25
C LEU E 44 64.14 -31.40 -30.01
N ALA E 45 63.58 -30.27 -29.60
CA ALA E 45 62.63 -30.21 -28.49
C ALA E 45 61.89 -28.89 -28.57
N PHE E 46 60.69 -28.88 -28.00
CA PHE E 46 59.89 -27.67 -27.91
C PHE E 46 60.19 -27.05 -26.55
N TYR E 47 60.99 -25.98 -26.57
CA TYR E 47 61.54 -25.41 -25.34
C TYR E 47 60.49 -24.51 -24.73
N ARG E 48 59.89 -24.96 -23.63
CA ARG E 48 58.95 -24.14 -22.88
C ARG E 48 59.72 -23.22 -21.95
N GLY E 49 60.70 -22.52 -22.51
CA GLY E 49 61.40 -21.47 -21.79
C GLY E 49 61.31 -20.19 -22.59
N LYS E 50 61.50 -19.08 -21.90
CA LYS E 50 61.18 -17.76 -22.41
C LYS E 50 59.68 -17.56 -22.55
N SER E 51 58.89 -18.50 -22.03
CA SER E 51 57.45 -18.44 -22.08
C SER E 51 56.89 -17.61 -20.95
N LEU E 52 57.39 -17.85 -19.72
CA LEU E 52 57.02 -17.03 -18.59
C LEU E 52 57.29 -15.55 -18.86
N ASP E 53 58.39 -15.26 -19.57
CA ASP E 53 58.70 -13.87 -19.89
C ASP E 53 57.59 -13.24 -20.73
N THR E 54 57.09 -13.98 -21.73
CA THR E 54 55.97 -13.47 -22.52
C THR E 54 54.72 -13.36 -21.66
N PHE E 55 54.54 -14.29 -20.73
CA PHE E 55 53.40 -14.22 -19.82
C PHE E 55 53.43 -12.93 -19.01
N LEU E 56 54.63 -12.49 -18.60
CA LEU E 56 54.75 -11.28 -17.82
C LEU E 56 54.71 -10.03 -18.69
N ASN E 57 55.27 -10.09 -19.90
CA ASN E 57 55.15 -8.97 -20.81
C ASN E 57 53.70 -8.71 -21.20
N SER E 58 52.82 -9.70 -21.04
CA SER E 58 51.41 -9.47 -21.29
C SER E 58 50.83 -8.44 -20.34
N PHE E 59 51.43 -8.27 -19.17
CA PHE E 59 50.97 -7.33 -18.18
C PHE E 59 51.66 -5.98 -18.36
N PRO E 60 51.05 -4.90 -17.89
CA PRO E 60 51.73 -3.60 -17.91
C PRO E 60 52.54 -3.39 -16.64
N THR E 61 53.25 -2.27 -16.55
CA THR E 61 54.04 -1.95 -15.37
C THR E 61 53.76 -0.51 -14.95
N ARG E 62 53.89 -0.28 -13.64
CA ARG E 62 53.67 1.04 -13.06
C ARG E 62 54.83 1.38 -12.13
N GLU E 63 55.39 2.57 -12.30
CA GLU E 63 56.54 2.99 -11.53
C GLU E 63 56.13 3.75 -10.28
N PHE E 64 57.01 3.75 -9.29
CA PHE E 64 56.80 4.41 -8.01
C PHE E 64 58.01 5.28 -7.70
N GLU E 65 57.89 6.07 -6.63
CA GLU E 65 58.95 6.99 -6.22
C GLU E 65 59.86 6.42 -5.14
N ASP E 66 59.43 5.39 -4.43
CA ASP E 66 60.15 4.89 -3.27
C ASP E 66 59.71 3.46 -3.01
N ASP E 67 60.10 2.91 -1.85
CA ASP E 67 59.84 1.53 -1.50
C ASP E 67 58.86 1.43 -0.33
N ASN E 68 58.05 2.46 -0.13
CA ASN E 68 57.09 2.48 0.97
C ASN E 68 55.77 1.86 0.55
N GLU E 69 55.09 1.26 1.52
CA GLU E 69 53.80 0.65 1.24
C GLU E 69 52.81 1.69 0.73
N TYR E 70 51.93 1.24 -0.15
CA TYR E 70 50.89 2.09 -0.71
C TYR E 70 49.54 1.43 -0.50
N TYR E 71 48.50 2.25 -0.47
CA TYR E 71 47.15 1.79 -0.23
C TYR E 71 46.21 2.50 -1.18
N TRP E 72 45.18 1.77 -1.61
CA TRP E 72 44.16 2.32 -2.50
C TRP E 72 42.79 2.16 -1.86
N ASP E 73 41.89 3.06 -2.22
CA ASP E 73 40.53 3.06 -1.68
C ASP E 73 39.64 2.12 -2.48
N VAL E 74 38.82 1.37 -1.76
CA VAL E 74 37.94 0.36 -2.32
C VAL E 74 36.51 0.82 -2.13
N ILE E 75 35.84 1.16 -3.22
CA ILE E 75 34.45 1.60 -3.21
C ILE E 75 33.56 0.39 -3.40
N GLY E 76 32.48 0.32 -2.63
CA GLY E 76 31.67 -0.89 -2.56
C GLY E 76 30.20 -0.74 -2.89
N SER E 77 29.35 -1.33 -2.06
CA SER E 77 27.91 -1.40 -2.29
C SER E 77 27.16 -0.73 -1.15
N SER E 78 25.89 -0.41 -1.40
CA SER E 78 25.09 0.40 -0.49
C SER E 78 23.90 -0.36 0.10
N ARG E 79 23.05 -0.93 -0.74
CA ARG E 79 21.77 -1.46 -0.28
C ARG E 79 21.97 -2.55 0.77
N ARG E 80 21.00 -2.68 1.67
CA ARG E 80 21.13 -3.56 2.82
C ARG E 80 19.78 -4.18 3.18
N ASN E 81 19.86 -5.27 3.93
CA ASN E 81 18.73 -5.87 4.63
C ASN E 81 19.20 -6.25 6.02
N ILE E 82 18.38 -5.94 7.01
CA ILE E 82 18.74 -6.12 8.41
C ILE E 82 18.20 -7.46 8.89
N PRO E 83 18.99 -8.29 9.56
CA PRO E 83 18.44 -9.52 10.13
C PRO E 83 17.50 -9.22 11.29
N LEU E 84 16.98 -10.28 11.91
CA LEU E 84 16.08 -10.16 13.04
C LEU E 84 16.63 -10.95 14.20
N VAL E 85 16.80 -10.30 15.35
CA VAL E 85 17.21 -11.00 16.55
C VAL E 85 16.09 -11.92 17.03
N GLU E 86 14.91 -11.34 17.28
CA GLU E 86 13.75 -12.10 17.74
C GLU E 86 12.52 -11.21 17.64
N ALA E 87 11.37 -11.79 17.94
CA ALA E 87 10.14 -11.07 18.19
C ALA E 87 9.61 -11.54 19.53
N ARG E 88 8.80 -10.70 20.20
CA ARG E 88 8.39 -11.04 21.56
C ARG E 88 6.89 -11.11 21.77
N ASP E 89 6.20 -10.01 22.01
CA ASP E 89 4.73 -10.03 22.09
C ASP E 89 4.24 -8.64 22.45
N GLU E 90 2.93 -8.44 22.42
CA GLU E 90 2.35 -7.31 23.11
C GLU E 90 2.83 -7.25 24.56
N ASN E 91 3.07 -8.42 25.16
CA ASN E 91 3.57 -8.54 26.51
C ASN E 91 5.08 -8.81 26.58
N GLY E 92 5.75 -8.89 25.45
CA GLY E 92 7.20 -8.99 25.43
C GLY E 92 7.75 -10.35 25.82
N VAL E 93 7.02 -11.42 25.53
CA VAL E 93 7.47 -12.79 25.78
C VAL E 93 7.91 -13.38 24.45
N VAL E 94 9.19 -13.73 24.35
CA VAL E 94 9.82 -14.11 23.09
C VAL E 94 8.97 -15.11 22.32
N VAL E 95 8.72 -14.84 21.05
CA VAL E 95 7.89 -15.72 20.22
C VAL E 95 8.72 -16.94 19.85
N ALA E 96 8.24 -18.11 20.23
CA ALA E 96 8.92 -19.35 19.89
C ALA E 96 8.48 -19.83 18.51
N ALA E 97 9.23 -20.78 17.97
CA ALA E 97 8.91 -21.32 16.65
C ALA E 97 7.58 -22.08 16.69
N ASN E 98 7.33 -22.81 17.77
CA ASN E 98 6.07 -23.50 17.97
C ASN E 98 5.12 -22.58 18.74
N ALA E 99 4.67 -21.53 18.03
CA ALA E 99 3.83 -20.50 18.62
C ALA E 99 2.77 -20.08 17.62
N ALA E 100 1.66 -19.58 18.14
CA ALA E 100 0.58 -19.10 17.30
C ALA E 100 0.98 -17.78 16.66
N ASN E 101 0.06 -17.22 15.88
CA ASN E 101 0.30 -15.91 15.29
C ASN E 101 0.30 -14.85 16.39
N VAL E 102 0.86 -13.69 16.05
CA VAL E 102 1.16 -12.63 17.03
C VAL E 102 0.35 -11.38 16.75
N GLY E 103 0.40 -10.87 15.53
CA GLY E 103 -0.29 -9.64 15.19
C GLY E 103 -1.76 -9.82 14.91
N VAL E 104 -2.43 -10.62 15.75
CA VAL E 104 -3.82 -10.97 15.49
C VAL E 104 -4.70 -9.73 15.66
N GLY E 105 -5.78 -9.69 14.89
CA GLY E 105 -6.56 -8.47 14.79
C GLY E 105 -5.69 -7.38 14.20
N THR E 106 -5.37 -6.38 15.00
CA THR E 106 -4.26 -5.48 14.70
C THR E 106 -3.47 -5.23 15.98
N SER E 107 -3.33 -6.28 16.80
CA SER E 107 -2.63 -6.15 18.06
C SER E 107 -1.14 -5.89 17.79
N PRO E 108 -0.51 -5.01 18.56
CA PRO E 108 0.90 -4.71 18.33
C PRO E 108 1.81 -5.80 18.92
N PHE E 109 3.08 -5.69 18.58
CA PHE E 109 4.11 -6.63 19.03
C PHE E 109 5.45 -6.01 18.70
N TYR E 110 6.51 -6.59 19.24
CA TYR E 110 7.84 -6.01 19.18
C TYR E 110 8.75 -6.84 18.30
N LEU E 111 9.43 -6.17 17.37
CA LEU E 111 10.50 -6.74 16.57
C LEU E 111 11.83 -6.23 17.10
N VAL E 112 12.77 -7.15 17.30
CA VAL E 112 14.08 -6.83 17.85
C VAL E 112 15.12 -7.01 16.75
N PHE E 113 16.04 -6.07 16.66
CA PHE E 113 17.07 -6.04 15.64
C PHE E 113 18.42 -5.74 16.27
N PRO E 114 19.52 -6.09 15.58
CA PRO E 114 20.85 -5.78 16.10
C PRO E 114 21.32 -4.36 15.87
N GLU E 115 20.46 -3.47 15.38
CA GLU E 115 20.81 -2.09 15.15
C GLU E 115 19.56 -1.30 14.82
N ASP E 116 19.61 0.00 15.07
CA ASP E 116 18.47 0.90 14.85
C ASP E 116 18.58 1.46 13.44
N TRP E 117 17.94 0.77 12.50
CA TRP E 117 17.98 1.12 11.09
C TRP E 117 16.67 1.68 10.56
N PHE E 118 15.58 1.56 11.32
CA PHE E 118 14.25 1.89 10.83
C PHE E 118 13.66 3.04 11.64
N ALA E 119 12.99 3.95 10.94
CA ALA E 119 12.40 5.12 11.55
C ALA E 119 10.94 4.86 11.94
N ASP E 120 10.31 5.87 12.52
CA ASP E 120 8.91 5.80 12.89
C ASP E 120 8.02 5.93 11.66
N GLY E 121 6.90 5.22 11.67
CA GLY E 121 5.97 5.30 10.56
C GLY E 121 6.48 4.72 9.27
N GLU E 122 7.55 3.94 9.34
CA GLU E 122 8.10 3.24 8.18
C GLU E 122 7.53 1.84 8.14
N VAL E 123 7.11 1.40 6.96
CA VAL E 123 6.66 0.03 6.78
C VAL E 123 7.86 -0.80 6.35
N ILE E 124 8.11 -1.88 7.08
CA ILE E 124 9.25 -2.75 6.83
C ILE E 124 8.72 -4.16 6.56
N VAL E 125 9.33 -4.83 5.59
CA VAL E 125 8.83 -6.09 5.06
C VAL E 125 9.89 -7.16 5.25
N GLY E 126 9.44 -8.34 5.66
CA GLY E 126 10.33 -9.47 5.87
C GLY E 126 10.69 -10.18 4.58
N ASN E 127 10.77 -11.51 4.65
CA ASN E 127 11.21 -12.30 3.52
C ASN E 127 10.13 -12.41 2.44
N LEU E 128 8.87 -12.38 2.85
CA LEU E 128 7.75 -12.50 1.91
C LEU E 128 7.37 -11.16 1.31
N ASN E 129 7.87 -10.07 1.89
CA ASN E 129 8.12 -8.79 1.20
C ASN E 129 6.82 -8.06 0.89
N GLN E 130 5.64 -8.69 0.96
CA GLN E 130 4.41 -7.92 1.16
C GLN E 130 3.29 -8.71 1.84
N VAL E 131 3.43 -10.03 2.01
CA VAL E 131 2.34 -10.79 2.60
C VAL E 131 2.05 -10.27 4.00
N TYR E 132 3.08 -9.82 4.71
CA TYR E 132 2.94 -9.29 6.06
C TYR E 132 3.67 -7.96 6.14
N PRO E 133 2.99 -6.83 5.92
CA PRO E 133 3.64 -5.54 6.13
C PRO E 133 3.64 -5.12 7.58
N PHE E 134 4.75 -4.57 8.06
CA PHE E 134 4.90 -4.19 9.47
C PHE E 134 5.14 -2.69 9.56
N ARG E 135 4.25 -1.99 10.25
CA ARG E 135 4.40 -0.55 10.48
C ARG E 135 4.99 -0.30 11.86
N ILE E 136 6.07 0.48 11.91
CA ILE E 136 6.70 0.84 13.17
C ILE E 136 5.84 1.88 13.86
N LEU E 137 5.45 1.61 15.11
CA LEU E 137 4.53 2.45 15.87
C LEU E 137 5.28 3.29 16.90
N GLY E 138 6.49 3.71 16.58
CA GLY E 138 7.26 4.50 17.50
C GLY E 138 8.71 4.55 17.08
N ASP E 139 9.55 4.95 18.02
CA ASP E 139 11.00 4.96 17.84
C ASP E 139 11.61 3.80 18.62
N ALA E 140 12.79 3.38 18.18
CA ALA E 140 13.41 2.22 18.78
C ALA E 140 13.73 2.47 20.25
N ARG E 141 13.65 1.39 21.04
CA ARG E 141 14.02 1.41 22.44
C ARG E 141 15.24 0.51 22.57
N MET E 142 16.41 1.14 22.65
CA MET E 142 17.67 0.42 22.55
C MET E 142 17.89 -0.47 23.77
N GLU E 143 18.01 -1.78 23.53
CA GLU E 143 18.45 -2.73 24.53
C GLU E 143 19.91 -3.03 24.22
N GLY E 144 20.80 -2.16 24.69
CA GLY E 144 22.20 -2.27 24.34
C GLY E 144 22.43 -1.79 22.93
N THR E 145 23.07 -2.61 22.12
CA THR E 145 23.21 -2.33 20.70
C THR E 145 22.02 -2.82 19.89
N ASN E 146 21.23 -3.75 20.42
CA ASN E 146 20.01 -4.15 19.78
C ASN E 146 18.97 -3.03 19.85
N ALA E 147 18.10 -2.99 18.84
CA ALA E 147 17.04 -2.00 18.77
C ALA E 147 15.70 -2.72 18.77
N VAL E 148 14.82 -2.31 19.66
CA VAL E 148 13.49 -2.89 19.80
C VAL E 148 12.47 -1.93 19.20
N TYR E 149 11.55 -2.49 18.40
CA TYR E 149 10.54 -1.71 17.71
C TYR E 149 9.17 -2.26 18.06
N LYS E 150 8.31 -1.40 18.62
CA LYS E 150 6.91 -1.73 18.74
C LYS E 150 6.25 -1.59 17.38
N VAL E 151 5.51 -2.61 16.96
CA VAL E 151 5.06 -2.70 15.58
C VAL E 151 3.65 -3.29 15.53
N GLU E 152 2.97 -3.00 14.42
CA GLU E 152 1.69 -3.63 14.12
C GLU E 152 1.61 -3.87 12.62
N LEU E 153 0.70 -4.74 12.23
CA LEU E 153 0.59 -5.19 10.85
C LEU E 153 -0.30 -4.26 10.04
N MET E 154 0.21 -3.82 8.89
CA MET E 154 -0.58 -3.07 7.93
C MET E 154 -1.22 -4.06 6.95
N GLY E 155 -1.79 -3.56 5.86
CA GLY E 155 -2.58 -4.42 5.02
C GLY E 155 -3.87 -4.79 5.72
N GLY E 156 -4.56 -5.75 5.14
CA GLY E 156 -5.82 -6.20 5.71
C GLY E 156 -5.62 -7.39 6.63
N ASN E 157 -4.41 -7.55 7.14
CA ASN E 157 -4.10 -8.67 8.01
C ASN E 157 -5.06 -8.72 9.19
N THR E 158 -5.63 -9.90 9.41
CA THR E 158 -6.48 -10.17 10.56
C THR E 158 -6.13 -11.45 11.28
N GLN E 159 -5.46 -12.39 10.61
CA GLN E 159 -5.08 -13.66 11.23
C GLN E 159 -3.73 -13.60 11.91
N GLY E 160 -2.84 -12.72 11.46
CA GLY E 160 -1.57 -12.48 12.10
C GLY E 160 -0.41 -12.80 11.17
N VAL E 161 0.70 -13.22 11.77
CA VAL E 161 1.90 -13.59 11.02
C VAL E 161 2.49 -14.83 11.69
N PRO E 162 2.83 -15.88 10.93
CA PRO E 162 3.32 -17.11 11.57
C PRO E 162 4.60 -16.84 12.36
N ALA E 163 4.72 -17.55 13.48
CA ALA E 163 5.93 -17.45 14.30
C ALA E 163 7.15 -17.99 13.57
N GLU E 164 6.94 -18.79 12.52
CA GLU E 164 8.07 -19.29 11.75
C GLU E 164 8.74 -18.19 10.95
N ARG E 165 8.00 -17.12 10.64
CA ARG E 165 8.54 -15.98 9.93
C ARG E 165 9.12 -14.94 10.86
N LEU E 166 9.15 -15.20 12.17
CA LEU E 166 9.63 -14.23 13.15
C LEU E 166 10.71 -14.83 14.04
N GLN E 167 11.54 -15.69 13.46
CA GLN E 167 12.66 -16.28 14.18
C GLN E 167 13.96 -15.59 13.79
N GLN E 168 15.01 -15.89 14.55
CA GLN E 168 16.32 -15.31 14.30
C GLN E 168 16.74 -15.47 12.84
N GLY E 169 17.16 -14.37 12.23
CA GLY E 169 17.81 -14.38 10.95
C GLY E 169 17.02 -13.74 9.82
N GLU E 170 15.72 -13.55 9.99
CA GLU E 170 14.91 -13.05 8.89
C GLU E 170 15.37 -11.66 8.46
N ARG E 171 15.39 -11.44 7.15
CA ARG E 171 15.80 -10.18 6.58
C ARG E 171 14.63 -9.22 6.47
N PHE E 172 14.90 -7.94 6.67
CA PHE E 172 13.90 -6.89 6.60
C PHE E 172 14.40 -5.73 5.76
N SER E 173 13.50 -5.12 5.01
CA SER E 173 13.80 -3.99 4.15
C SER E 173 12.81 -2.87 4.41
N ILE E 174 13.11 -1.69 3.88
CA ILE E 174 12.32 -0.49 4.11
C ILE E 174 11.48 -0.23 2.87
N GLU E 175 10.15 -0.31 3.03
CA GLU E 175 9.23 -0.09 1.90
C GLU E 175 8.96 1.39 1.67
N PHE E 176 8.33 2.04 2.64
CA PHE E 176 7.92 3.43 2.51
C PHE E 176 7.38 3.88 3.85
N ALA E 177 6.97 5.15 3.92
CA ALA E 177 6.46 5.77 5.15
C ALA E 177 5.08 6.32 4.87
N PRO E 178 4.03 5.55 5.11
CA PRO E 178 2.66 6.05 4.92
C PRO E 178 2.26 6.97 6.07
N VAL E 179 1.18 7.71 5.86
CA VAL E 179 0.73 8.71 6.80
C VAL E 179 -0.72 9.04 6.52
N GLU E 180 -1.41 9.55 7.53
CA GLU E 180 -2.79 9.97 7.38
C GLU E 180 -2.88 11.16 6.42
N LYS E 181 -4.04 11.31 5.80
CA LYS E 181 -4.26 12.40 4.85
C LYS E 181 -4.74 13.67 5.52
N GLU E 182 -5.03 13.63 6.81
CA GLU E 182 -5.45 14.80 7.57
C GLU E 182 -4.59 14.92 8.81
N LEU E 183 -3.97 16.08 9.00
CA LEU E 183 -3.21 16.37 10.21
C LEU E 183 -2.05 15.39 10.38
N SER E 184 -1.38 15.09 9.29
CA SER E 184 -0.27 14.16 9.30
C SER E 184 0.90 14.71 10.11
N ARG E 185 1.70 13.79 10.65
CA ARG E 185 2.85 14.14 11.46
C ARG E 185 4.08 13.41 10.93
N LYS E 186 5.25 13.81 11.42
CA LYS E 186 6.50 13.45 10.77
C LYS E 186 6.83 11.97 10.96
N VAL E 187 7.45 11.39 9.94
CA VAL E 187 7.86 9.99 9.95
C VAL E 187 9.02 9.82 8.98
N GLY E 188 9.83 8.79 9.20
CA GLY E 188 10.90 8.43 8.30
C GLY E 188 12.25 9.01 8.69
N ASP E 189 13.28 8.56 7.97
CA ASP E 189 14.65 9.00 8.15
C ASP E 189 15.50 8.39 7.02
N VAL E 190 16.79 8.73 7.03
CA VAL E 190 17.72 8.36 5.97
C VAL E 190 18.95 7.69 6.57
N ARG E 191 19.90 7.34 5.71
CA ARG E 191 20.96 6.41 6.06
C ARG E 191 22.23 6.73 5.27
N PHE E 192 23.37 6.21 5.75
CA PHE E 192 24.67 6.52 5.18
C PHE E 192 25.60 5.31 5.28
N THR E 193 26.69 5.36 4.52
CA THR E 193 27.70 4.29 4.48
C THR E 193 29.09 4.92 4.35
N SER E 194 30.11 4.07 4.32
CA SER E 194 31.50 4.54 4.26
C SER E 194 32.35 3.53 3.51
N PRO E 195 33.50 3.97 2.92
CA PRO E 195 34.36 3.06 2.14
C PRO E 195 35.46 2.32 2.91
N VAL E 196 36.32 1.65 2.14
CA VAL E 196 37.37 0.76 2.65
C VAL E 196 38.60 0.91 1.74
N SER E 197 39.75 0.40 2.20
CA SER E 197 41.01 0.50 1.45
C SER E 197 41.75 -0.84 1.49
N MET E 198 42.84 -0.91 0.73
CA MET E 198 43.68 -2.11 0.63
C MET E 198 45.14 -1.69 0.53
N ARG E 199 46.05 -2.69 0.47
CA ARG E 199 47.49 -2.45 0.56
C ARG E 199 48.26 -3.42 -0.32
N ASN E 200 49.55 -3.11 -0.49
CA ASN E 200 50.52 -4.01 -1.12
C ASN E 200 51.91 -3.60 -0.64
N GLU E 201 52.91 -4.38 -1.02
CA GLU E 201 54.29 -4.15 -0.58
C GLU E 201 55.24 -4.64 -1.67
N TRP E 202 56.53 -4.79 -1.32
CA TRP E 202 57.60 -5.04 -2.28
C TRP E 202 58.41 -6.27 -1.87
N THR E 203 59.43 -6.58 -2.69
CA THR E 203 60.31 -7.72 -2.48
C THR E 203 61.68 -7.39 -3.02
N THR E 204 62.71 -7.97 -2.42
CA THR E 204 64.10 -7.73 -2.79
C THR E 204 64.79 -9.04 -3.16
N ILE E 205 65.72 -8.94 -4.12
CA ILE E 205 66.40 -10.10 -4.69
C ILE E 205 67.88 -9.81 -4.77
N ARG E 206 68.71 -10.85 -4.54
CA ARG E 206 70.15 -10.70 -4.58
C ARG E 206 70.79 -11.91 -5.26
N ILE E 207 71.98 -11.68 -5.83
CA ILE E 207 72.77 -12.71 -6.50
C ILE E 207 74.23 -12.46 -6.17
N GLN E 208 75.01 -13.55 -6.16
CA GLN E 208 76.45 -13.44 -6.01
C GLN E 208 77.12 -14.52 -6.86
N HIS E 209 78.43 -14.36 -7.05
CA HIS E 209 79.22 -15.34 -7.78
C HIS E 209 80.71 -15.08 -7.58
N LYS E 210 81.46 -16.12 -7.22
CA LYS E 210 82.88 -16.01 -6.95
C LYS E 210 83.70 -16.48 -8.14
N VAL E 211 84.87 -15.87 -8.31
CA VAL E 211 85.78 -16.17 -9.41
C VAL E 211 87.20 -15.95 -8.92
N ALA E 212 88.13 -16.71 -9.50
CA ALA E 212 89.54 -16.59 -9.17
C ALA E 212 90.25 -15.71 -10.20
N GLY E 213 91.25 -14.97 -9.74
CA GLY E 213 91.94 -14.05 -10.62
C GLY E 213 92.58 -14.71 -11.83
N ASN E 214 93.04 -15.95 -11.66
CA ASN E 214 93.66 -16.66 -12.78
C ASN E 214 92.76 -16.68 -14.01
N LYS E 215 91.45 -16.56 -13.82
CA LYS E 215 90.52 -16.55 -14.95
C LYS E 215 90.59 -15.27 -15.76
N LEU E 216 91.46 -14.33 -15.40
CA LEU E 216 91.57 -13.09 -16.15
C LEU E 216 92.25 -13.31 -17.50
N ASN E 217 91.69 -12.69 -18.53
CA ASN E 217 92.20 -12.84 -19.90
C ASN E 217 92.51 -14.30 -20.20
N LYS E 218 91.74 -15.22 -19.62
CA LYS E 218 92.01 -16.64 -19.78
C LYS E 218 91.40 -17.16 -21.07
N LYS E 219 92.10 -18.11 -21.69
CA LYS E 219 91.71 -18.66 -22.98
C LYS E 219 91.46 -20.15 -22.86
N LEU E 220 90.49 -20.63 -23.62
CA LEU E 220 90.01 -22.00 -23.54
C LEU E 220 90.49 -22.79 -24.76
N ALA E 221 91.03 -23.98 -24.53
CA ALA E 221 91.45 -24.85 -25.60
C ALA E 221 90.25 -25.64 -26.09
N MET E 222 89.72 -25.25 -27.25
CA MET E 222 88.41 -25.76 -27.69
C MET E 222 88.58 -27.19 -28.16
N GLY E 223 88.69 -28.09 -27.18
CA GLY E 223 88.65 -29.52 -27.47
C GLY E 223 87.25 -30.05 -27.63
N ILE E 224 86.27 -29.34 -27.09
CA ILE E 224 84.86 -29.55 -27.38
C ILE E 224 84.23 -28.17 -27.42
N PRO E 225 83.20 -27.93 -28.21
CA PRO E 225 82.69 -26.56 -28.35
C PRO E 225 82.24 -25.99 -27.01
N MET E 226 82.51 -24.72 -26.81
CA MET E 226 82.09 -24.03 -25.61
C MET E 226 80.71 -23.41 -25.87
N VAL E 227 79.81 -23.61 -24.92
CA VAL E 227 78.38 -23.47 -25.16
C VAL E 227 77.76 -22.60 -24.08
N ARG E 228 76.85 -21.72 -24.49
CA ARG E 228 76.05 -20.96 -23.55
C ARG E 228 74.69 -21.62 -23.37
N ASN E 229 74.05 -21.30 -22.26
CA ASN E 229 72.69 -21.73 -21.96
C ASN E 229 71.75 -20.55 -22.17
N LEU E 230 70.71 -20.76 -22.96
CA LEU E 230 69.78 -19.71 -23.33
C LEU E 230 68.55 -19.72 -22.42
N GLU E 231 67.78 -18.64 -22.50
CA GLU E 231 66.54 -18.55 -21.71
C GLU E 231 65.55 -19.60 -22.14
N SER E 232 65.44 -19.84 -23.45
CA SER E 232 64.55 -20.89 -23.96
C SER E 232 64.82 -22.22 -23.27
N GLY E 233 66.10 -22.52 -23.02
CA GLY E 233 66.54 -23.83 -22.56
C GLY E 233 67.44 -24.54 -23.53
N LYS E 234 67.72 -23.94 -24.68
CA LYS E 234 68.56 -24.56 -25.69
C LYS E 234 70.00 -24.14 -25.51
N GLN E 235 70.91 -25.07 -25.77
CA GLN E 235 72.32 -24.78 -25.79
C GLN E 235 72.69 -24.20 -27.15
N VAL E 236 73.58 -23.20 -27.14
CA VAL E 236 74.02 -22.53 -28.35
C VAL E 236 75.55 -22.52 -28.37
N LYS E 237 76.12 -23.02 -29.46
CA LYS E 237 77.56 -23.00 -29.62
C LYS E 237 78.06 -21.56 -29.68
N ASP E 238 79.25 -21.33 -29.11
CA ASP E 238 79.86 -20.01 -29.08
C ASP E 238 81.31 -20.10 -29.51
N THR E 239 81.75 -19.07 -30.23
CA THR E 239 83.14 -18.99 -30.69
C THR E 239 84.09 -18.53 -29.59
N ALA E 240 83.56 -17.89 -28.55
CA ALA E 240 84.42 -17.24 -27.57
C ALA E 240 85.34 -18.24 -26.88
N ASN E 241 86.53 -17.76 -26.52
CA ASN E 241 87.51 -18.55 -25.80
C ASN E 241 87.73 -18.07 -24.38
N MET E 242 87.22 -16.90 -24.02
CA MET E 242 87.36 -16.36 -22.68
C MET E 242 86.35 -16.99 -21.75
N TRP E 243 86.80 -17.44 -20.58
CA TRP E 243 85.88 -17.95 -19.58
C TRP E 243 85.01 -16.86 -19.00
N MET E 244 85.50 -15.63 -18.95
CA MET E 244 84.72 -14.53 -18.42
C MET E 244 83.49 -14.25 -19.27
N HIS E 245 83.60 -14.48 -20.58
CA HIS E 245 82.44 -14.35 -21.46
C HIS E 245 81.26 -15.16 -20.93
N TYR E 246 81.52 -16.38 -20.49
CA TYR E 246 80.43 -17.30 -20.15
C TYR E 246 79.86 -17.02 -18.76
N VAL E 247 80.73 -16.74 -17.78
CA VAL E 247 80.22 -16.40 -16.44
C VAL E 247 79.41 -15.13 -16.50
N ASP E 248 79.86 -14.16 -17.31
CA ASP E 248 79.08 -12.94 -17.49
C ASP E 248 77.67 -13.25 -17.97
N TRP E 249 77.55 -14.20 -18.90
CA TRP E 249 76.24 -14.54 -19.44
C TRP E 249 75.38 -15.22 -18.39
N GLU E 250 75.94 -16.21 -17.69
CA GLU E 250 75.15 -16.96 -16.71
C GLU E 250 74.66 -16.07 -15.58
N VAL E 251 75.42 -15.04 -15.23
CA VAL E 251 75.02 -14.17 -14.12
C VAL E 251 73.74 -13.43 -14.47
N GLU E 252 73.74 -12.69 -15.58
CA GLU E 252 72.55 -11.95 -15.96
C GLU E 252 71.40 -12.88 -16.29
N LEU E 253 71.70 -14.04 -16.88
CA LEU E 253 70.65 -15.01 -17.19
C LEU E 253 69.96 -15.50 -15.92
N GLN E 254 70.76 -15.99 -14.95
CA GLN E 254 70.18 -16.47 -13.71
C GLN E 254 69.49 -15.34 -12.95
N PHE E 255 69.94 -14.10 -13.13
CA PHE E 255 69.39 -13.00 -12.35
C PHE E 255 68.04 -12.56 -12.90
N ASP E 256 67.89 -12.52 -14.22
CA ASP E 256 66.57 -12.31 -14.81
C ASP E 256 65.63 -13.44 -14.44
N GLU E 257 66.14 -14.68 -14.43
CA GLU E 257 65.32 -15.81 -14.00
C GLU E 257 64.86 -15.65 -12.56
N TYR E 258 65.76 -15.19 -11.69
CA TYR E 258 65.38 -14.87 -10.31
C TYR E 258 64.20 -13.91 -10.28
N LYS E 259 64.32 -12.80 -11.00
CA LYS E 259 63.27 -11.79 -11.00
C LYS E 259 61.92 -12.38 -11.43
N ASN E 260 61.91 -13.04 -12.60
CA ASN E 260 60.65 -13.53 -13.15
C ASN E 260 60.00 -14.55 -12.23
N ASN E 261 60.80 -15.44 -11.65
CA ASN E 261 60.24 -16.44 -10.74
C ASN E 261 59.59 -15.80 -9.53
N ALA E 262 60.13 -14.68 -9.06
CA ALA E 262 59.52 -13.97 -7.93
C ALA E 262 58.26 -13.23 -8.39
N MET E 263 58.40 -12.43 -9.44
CA MET E 263 57.27 -11.67 -9.97
C MET E 263 56.04 -12.56 -10.16
N ALA E 264 56.23 -13.80 -10.61
CA ALA E 264 55.13 -14.69 -10.94
C ALA E 264 54.80 -15.66 -9.82
N TRP E 265 55.80 -16.39 -9.32
CA TRP E 265 55.59 -17.46 -8.36
C TRP E 265 56.07 -17.07 -6.96
N GLY E 266 56.19 -15.78 -6.70
CA GLY E 266 56.50 -15.32 -5.36
C GLY E 266 55.39 -15.64 -4.38
N THR E 267 55.73 -15.54 -3.09
CA THR E 267 54.80 -15.84 -2.01
C THR E 267 54.90 -14.72 -0.97
N SER E 268 54.05 -14.80 0.05
CA SER E 268 54.05 -13.84 1.14
C SER E 268 54.35 -14.55 2.45
N ASN E 269 55.07 -13.88 3.34
CA ASN E 269 55.50 -14.46 4.61
C ASN E 269 55.05 -13.67 5.83
N ARG E 270 54.33 -12.56 5.66
CA ARG E 270 53.92 -11.78 6.82
C ARG E 270 52.58 -12.26 7.36
N ASN E 271 52.50 -12.30 8.68
CA ASN E 271 51.34 -12.80 9.38
C ASN E 271 50.21 -11.77 9.29
N LEU E 272 49.10 -12.04 9.96
CA LEU E 272 47.99 -11.10 10.05
C LEU E 272 48.08 -10.18 11.25
N ASN E 273 49.13 -10.30 12.04
CA ASN E 273 49.51 -9.26 12.98
C ASN E 273 50.51 -8.31 12.35
N GLY E 274 50.77 -8.47 11.06
CA GLY E 274 51.72 -7.66 10.34
C GLY E 274 53.15 -8.16 10.39
N GLU E 275 53.39 -9.31 11.03
CA GLU E 275 54.73 -9.75 11.36
C GLU E 275 55.26 -10.70 10.29
N TYR E 276 56.37 -10.32 9.67
CA TYR E 276 57.07 -11.22 8.78
C TYR E 276 57.64 -12.39 9.58
N MET E 277 57.63 -13.57 8.96
CA MET E 277 57.88 -14.82 9.67
C MET E 277 59.25 -15.43 9.38
N ASN E 278 60.04 -14.82 8.51
CA ASN E 278 61.34 -15.37 8.12
C ASN E 278 62.39 -14.29 8.29
N PHE E 279 63.38 -14.57 9.11
CA PHE E 279 64.45 -13.63 9.41
C PHE E 279 65.75 -14.17 8.85
N GLY E 280 66.43 -13.36 8.05
CA GLY E 280 67.62 -13.77 7.36
C GLY E 280 68.82 -13.83 8.27
N LYS E 281 69.96 -13.44 7.72
CA LYS E 281 71.24 -13.58 8.40
C LYS E 281 71.63 -12.32 9.16
N SER E 282 71.16 -11.16 8.71
CA SER E 282 71.34 -9.93 9.46
C SER E 282 70.51 -9.91 10.73
N GLY E 283 69.37 -10.60 10.73
CA GLY E 283 68.44 -10.60 11.84
C GLY E 283 67.17 -9.84 11.55
N ASN E 284 67.16 -9.02 10.50
CA ASN E 284 65.96 -8.34 10.05
C ASN E 284 65.12 -9.26 9.19
N ALA E 285 63.83 -8.93 9.08
CA ALA E 285 62.89 -9.78 8.37
C ALA E 285 63.12 -9.69 6.87
N ILE E 286 62.83 -10.80 6.18
CA ILE E 286 62.86 -10.84 4.73
C ILE E 286 61.46 -10.45 4.26
N LYS E 287 61.31 -9.20 3.81
CA LYS E 287 60.02 -8.66 3.42
C LYS E 287 59.61 -9.25 2.08
N THR E 288 59.09 -10.48 2.14
CA THR E 288 58.69 -11.20 0.95
C THR E 288 57.28 -10.78 0.54
N GLY E 289 57.13 -10.35 -0.72
CA GLY E 289 55.84 -9.99 -1.28
C GLY E 289 55.36 -11.07 -2.23
N ALA E 290 54.05 -11.29 -2.23
CA ALA E 290 53.47 -12.34 -3.04
C ALA E 290 53.52 -11.98 -4.52
N GLY E 291 53.31 -12.99 -5.36
CA GLY E 291 53.36 -12.84 -6.79
C GLY E 291 51.99 -12.94 -7.43
N ILE E 292 51.98 -12.80 -8.76
CA ILE E 292 50.74 -12.81 -9.52
C ILE E 292 49.90 -14.02 -9.16
N PHE E 293 50.48 -15.22 -9.27
CA PHE E 293 49.70 -16.43 -9.10
C PHE E 293 49.18 -16.57 -7.68
N GLU E 294 50.03 -16.32 -6.68
CA GLU E 294 49.60 -16.46 -5.30
C GLU E 294 48.54 -15.43 -4.92
N GLN E 295 48.72 -14.20 -5.38
CA GLN E 295 47.81 -13.13 -4.98
C GLN E 295 46.44 -13.30 -5.64
N THR E 296 46.42 -13.82 -6.87
CA THR E 296 45.15 -14.11 -7.53
C THR E 296 44.46 -15.33 -6.93
N GLU E 297 45.23 -16.34 -6.52
CA GLU E 297 44.63 -17.57 -6.02
C GLU E 297 44.19 -17.42 -4.57
N VAL E 298 43.39 -16.38 -4.31
CA VAL E 298 42.72 -16.20 -3.03
C VAL E 298 41.23 -15.95 -3.20
N ALA E 299 40.74 -15.93 -4.44
CA ALA E 299 39.33 -15.70 -4.72
C ALA E 299 39.00 -16.34 -6.06
N ASN E 300 37.87 -17.04 -6.12
CA ASN E 300 37.45 -17.71 -7.34
C ASN E 300 38.46 -18.79 -7.72
N THR E 301 38.72 -19.71 -6.81
CA THR E 301 39.71 -20.77 -7.03
C THR E 301 39.12 -22.09 -6.55
N MET E 302 38.73 -22.94 -7.50
CA MET E 302 38.15 -24.24 -7.20
C MET E 302 39.16 -25.32 -7.53
N TYR E 303 39.25 -26.32 -6.67
CA TYR E 303 40.15 -27.45 -6.85
C TYR E 303 39.33 -28.70 -7.13
N TYR E 304 39.52 -29.27 -8.32
CA TYR E 304 38.74 -30.41 -8.77
C TYR E 304 39.58 -31.68 -8.79
N ASN E 305 38.93 -32.79 -8.44
CA ASN E 305 39.53 -34.11 -8.67
C ASN E 305 39.25 -34.58 -10.09
N THR E 306 37.99 -34.54 -10.52
CA THR E 306 37.59 -34.86 -11.87
C THR E 306 36.98 -33.62 -12.52
N PHE E 307 37.29 -33.41 -13.78
CA PHE E 307 36.85 -32.22 -14.50
C PHE E 307 35.48 -32.45 -15.11
N SER E 308 34.65 -31.41 -15.07
CA SER E 308 33.28 -31.51 -15.54
C SER E 308 32.85 -30.18 -16.12
N LEU E 309 32.20 -30.22 -17.28
CA LEU E 309 31.57 -29.03 -17.84
C LEU E 309 30.38 -28.59 -17.00
N LYS E 310 29.78 -29.51 -16.25
CA LYS E 310 28.77 -29.15 -15.27
C LYS E 310 29.33 -28.16 -14.25
N LEU E 311 30.39 -28.57 -13.54
CA LEU E 311 31.02 -27.71 -12.56
C LEU E 311 31.43 -26.37 -13.15
N LEU E 312 32.02 -26.39 -14.34
CA LEU E 312 32.50 -25.15 -14.95
C LEU E 312 31.34 -24.26 -15.36
N GLU E 313 30.30 -24.84 -15.96
CA GLU E 313 29.15 -24.04 -16.39
C GLU E 313 28.46 -23.39 -15.20
N ASP E 314 28.36 -24.10 -14.08
CA ASP E 314 27.74 -23.54 -12.88
C ASP E 314 28.54 -22.36 -12.36
N ALA E 315 29.84 -22.58 -12.08
CA ALA E 315 30.66 -21.54 -11.48
C ALA E 315 30.66 -20.27 -12.32
N LEU E 316 30.78 -20.42 -13.64
CA LEU E 316 30.84 -19.25 -14.50
C LEU E 316 29.52 -18.52 -14.56
N TYR E 317 28.40 -19.25 -14.54
CA TYR E 317 27.10 -18.60 -14.60
C TYR E 317 26.79 -17.87 -13.29
N GLU E 318 26.93 -18.57 -12.16
CA GLU E 318 26.73 -17.93 -10.87
C GLU E 318 27.54 -16.65 -10.76
N LEU E 319 28.82 -16.73 -11.12
CA LEU E 319 29.63 -15.53 -11.26
C LEU E 319 28.96 -14.52 -12.18
N SER E 320 28.53 -14.97 -13.36
CA SER E 320 28.02 -14.05 -14.37
C SER E 320 26.71 -13.41 -13.91
N ALA E 321 25.81 -14.21 -13.33
CA ALA E 321 24.55 -13.67 -12.83
C ALA E 321 24.81 -12.55 -11.82
N SER E 322 25.68 -12.82 -10.85
CA SER E 322 25.94 -11.86 -9.79
C SER E 322 26.71 -10.64 -10.29
N LYS E 323 27.65 -10.86 -11.21
CA LYS E 323 28.67 -9.86 -11.52
C LYS E 323 28.59 -9.23 -12.90
N LEU E 324 28.07 -9.94 -13.90
CA LEU E 324 28.20 -9.51 -15.28
C LEU E 324 26.85 -9.45 -15.97
N ALA E 325 26.76 -8.56 -16.97
CA ALA E 325 25.58 -8.48 -17.81
C ALA E 325 25.54 -9.66 -18.78
N MET E 326 24.35 -9.91 -19.32
CA MET E 326 24.18 -10.98 -20.28
C MET E 326 25.04 -10.78 -21.52
N ASP E 327 25.38 -9.54 -21.85
CA ASP E 327 26.13 -9.24 -23.05
C ASP E 327 27.63 -9.40 -22.88
N ASP E 328 28.12 -9.56 -21.65
CA ASP E 328 29.55 -9.53 -21.35
C ASP E 328 29.92 -10.76 -20.53
N ARG E 329 29.45 -11.92 -20.97
CA ARG E 329 29.75 -13.19 -20.30
C ARG E 329 30.65 -14.08 -21.16
N LEU E 330 31.33 -13.50 -22.13
CA LEU E 330 32.33 -14.21 -22.93
C LEU E 330 33.58 -14.38 -22.08
N PHE E 331 33.89 -15.63 -21.74
CA PHE E 331 35.09 -15.95 -20.97
C PHE E 331 36.14 -16.57 -21.88
N VAL E 332 37.39 -16.49 -21.43
CA VAL E 332 38.54 -17.01 -22.16
C VAL E 332 39.44 -17.73 -21.16
N ILE E 333 39.55 -19.04 -21.30
CA ILE E 333 40.37 -19.84 -20.41
C ILE E 333 41.75 -19.99 -21.00
N LYS E 334 42.75 -20.10 -20.12
CA LYS E 334 44.12 -20.38 -20.49
C LYS E 334 44.49 -21.78 -20.02
N THR E 335 45.11 -22.55 -20.91
CA THR E 335 45.40 -23.95 -20.63
C THR E 335 46.62 -24.39 -21.43
N GLY E 336 47.05 -25.61 -21.16
CA GLY E 336 47.96 -26.32 -22.03
C GLY E 336 47.19 -27.20 -22.99
N GLU E 337 47.92 -27.75 -23.96
CA GLU E 337 47.30 -28.60 -24.97
C GLU E 337 46.45 -29.69 -24.34
N ARG E 338 46.83 -30.17 -23.16
CA ARG E 338 46.07 -31.25 -22.53
C ARG E 338 44.75 -30.76 -21.96
N GLY E 339 44.72 -29.54 -21.42
CA GLY E 339 43.47 -29.00 -20.94
C GLY E 339 42.47 -28.79 -22.07
N ALA E 340 42.95 -28.35 -23.22
CA ALA E 340 42.10 -28.23 -24.39
C ALA E 340 41.58 -29.60 -24.83
N ILE E 341 42.41 -30.63 -24.67
CA ILE E 341 41.96 -31.99 -24.99
C ILE E 341 40.93 -32.47 -23.99
N GLN E 342 41.19 -32.25 -22.70
CA GLN E 342 40.23 -32.61 -21.66
C GLN E 342 38.91 -31.90 -21.89
N PHE E 343 38.96 -30.64 -22.31
CA PHE E 343 37.76 -29.93 -22.69
C PHE E 343 37.05 -30.62 -23.85
N HIS E 344 37.81 -30.97 -24.89
CA HIS E 344 37.23 -31.60 -26.06
C HIS E 344 36.50 -32.88 -25.68
N LYS E 345 37.14 -33.72 -24.88
CA LYS E 345 36.54 -34.99 -24.48
C LYS E 345 35.21 -34.77 -23.76
N GLU E 346 35.19 -33.83 -22.81
CA GLU E 346 33.96 -33.59 -22.06
C GLU E 346 32.86 -33.05 -22.96
N VAL E 347 33.17 -32.05 -23.79
CA VAL E 347 32.19 -31.52 -24.73
C VAL E 347 31.63 -32.64 -25.58
N LEU E 348 32.49 -33.53 -26.05
CA LEU E 348 32.03 -34.64 -26.87
C LEU E 348 31.18 -35.61 -26.06
N LYS E 349 31.51 -35.78 -24.79
CA LYS E 349 30.73 -36.66 -23.94
C LYS E 349 29.31 -36.12 -23.75
N THR E 350 29.15 -34.79 -23.75
CA THR E 350 27.83 -34.20 -23.56
C THR E 350 26.97 -34.35 -24.80
N VAL E 351 27.46 -33.84 -25.93
CA VAL E 351 26.76 -33.95 -27.20
C VAL E 351 26.47 -35.41 -27.51
N SER E 352 27.30 -36.30 -26.98
CA SER E 352 27.02 -37.72 -27.08
C SER E 352 25.83 -38.12 -26.22
N GLY E 353 25.44 -37.26 -25.28
CA GLY E 353 24.23 -37.48 -24.51
C GLY E 353 23.07 -36.68 -25.07
N TRP E 354 23.36 -35.78 -26.01
CA TRP E 354 22.31 -35.03 -26.70
C TRP E 354 21.63 -35.96 -27.71
N THR E 355 20.98 -36.99 -27.17
CA THR E 355 20.30 -37.96 -28.02
C THR E 355 19.20 -37.31 -28.85
N THR E 356 18.66 -36.20 -28.37
CA THR E 356 17.56 -35.54 -29.07
C THR E 356 18.00 -35.08 -30.45
N PHE E 357 19.09 -34.35 -30.54
CA PHE E 357 19.61 -33.88 -31.83
C PHE E 357 20.52 -34.93 -32.44
N VAL E 358 20.64 -34.86 -33.76
CA VAL E 358 21.46 -35.77 -34.55
C VAL E 358 22.52 -34.95 -35.25
N LEU E 359 23.79 -35.33 -35.05
CA LEU E 359 24.91 -34.57 -35.58
C LEU E 359 25.30 -35.14 -36.93
N ASP E 360 25.17 -34.32 -37.97
CA ASP E 360 25.41 -34.73 -39.34
C ASP E 360 26.67 -34.04 -39.87
N ASN E 361 27.44 -34.79 -40.67
CA ASN E 361 28.67 -34.23 -41.23
C ASN E 361 28.38 -33.03 -42.14
N ASN E 362 27.17 -32.96 -42.70
CA ASN E 362 26.87 -31.88 -43.63
C ASN E 362 27.07 -30.51 -43.01
N SER E 363 26.92 -30.40 -41.70
CA SER E 363 27.07 -29.14 -41.00
C SER E 363 28.35 -29.05 -40.19
N THR E 364 28.98 -30.17 -39.88
CA THR E 364 30.20 -30.21 -39.09
C THR E 364 31.45 -30.43 -39.94
N ARG E 365 31.31 -31.11 -41.07
CA ARG E 365 32.44 -31.37 -41.96
C ARG E 365 33.60 -32.02 -41.20
N VAL E 366 33.26 -32.96 -40.31
CA VAL E 366 34.30 -33.73 -39.62
C VAL E 366 34.88 -34.81 -40.51
N VAL E 367 34.29 -35.06 -41.67
CA VAL E 367 34.85 -35.96 -42.67
C VAL E 367 34.81 -35.22 -44.01
N GLU E 368 35.92 -34.60 -44.37
CA GLU E 368 35.96 -33.65 -45.47
C GLU E 368 36.50 -34.31 -46.72
N LYS E 369 36.24 -33.66 -47.86
CA LYS E 369 36.69 -34.12 -49.16
C LYS E 369 37.98 -33.41 -49.54
N VAL E 370 38.90 -34.15 -50.16
CA VAL E 370 40.25 -33.68 -50.41
C VAL E 370 40.61 -33.90 -51.87
N GLN E 371 41.57 -33.09 -52.35
CA GLN E 371 42.13 -33.26 -53.69
C GLN E 371 43.36 -34.15 -53.57
N SER E 372 43.15 -35.44 -53.72
CA SER E 372 44.20 -36.44 -53.60
C SER E 372 44.67 -36.90 -54.98
N ARG E 373 45.50 -37.93 -54.98
CA ARG E 373 45.99 -38.56 -56.19
C ARG E 373 45.58 -40.02 -56.31
N LEU E 374 45.15 -40.63 -55.21
CA LEU E 374 44.80 -42.05 -55.18
C LEU E 374 43.35 -42.33 -55.51
N HIS E 375 42.52 -41.30 -55.65
CA HIS E 375 41.09 -41.50 -55.77
C HIS E 375 40.43 -40.19 -56.15
N SER E 376 39.21 -40.29 -56.67
CA SER E 376 38.40 -39.13 -57.00
C SER E 376 37.52 -38.69 -55.84
N ASN E 377 37.23 -39.58 -54.90
CA ASN E 377 36.51 -39.28 -53.67
C ASN E 377 37.46 -39.60 -52.52
N ALA E 378 38.28 -38.63 -52.16
CA ALA E 378 39.26 -38.77 -51.09
C ALA E 378 38.77 -38.02 -49.87
N LEU E 379 38.88 -38.67 -48.70
CA LEU E 379 38.28 -38.15 -47.49
C LEU E 379 39.35 -37.84 -46.45
N SER E 380 39.02 -36.90 -45.57
CA SER E 380 39.86 -36.53 -44.44
C SER E 380 38.97 -36.35 -43.22
N ALA E 381 39.38 -36.96 -42.11
CA ALA E 381 38.59 -36.98 -40.89
C ALA E 381 39.27 -36.17 -39.80
N GLY E 382 38.51 -35.87 -38.75
CA GLY E 382 39.03 -35.18 -37.58
C GLY E 382 38.28 -33.92 -37.22
N PHE E 383 38.05 -33.74 -35.92
CA PHE E 383 37.33 -32.58 -35.40
C PHE E 383 37.84 -32.28 -34.00
N GLN E 384 37.63 -31.05 -33.56
CA GLN E 384 37.96 -30.65 -32.20
C GLN E 384 36.91 -29.70 -31.66
N PHE E 385 36.51 -29.94 -30.42
CA PHE E 385 35.57 -29.09 -29.70
C PHE E 385 36.41 -28.11 -28.88
N VAL E 386 36.52 -26.87 -29.37
CA VAL E 386 37.34 -25.84 -28.76
C VAL E 386 36.50 -24.77 -28.11
N GLU E 387 35.22 -25.04 -27.86
CA GLU E 387 34.29 -23.97 -27.52
C GLU E 387 33.00 -24.59 -26.99
N TYR E 388 32.29 -23.81 -26.19
CA TYR E 388 31.04 -24.25 -25.59
C TYR E 388 30.19 -23.02 -25.28
N LYS E 389 28.95 -23.03 -25.77
CA LYS E 389 27.99 -21.98 -25.46
C LYS E 389 27.01 -22.51 -24.44
N ALA E 390 26.92 -21.83 -23.30
CA ALA E 390 26.01 -22.18 -22.23
C ALA E 390 24.87 -21.19 -22.16
N PRO E 391 23.81 -21.52 -21.45
CA PRO E 391 22.62 -20.66 -21.47
C PRO E 391 22.92 -19.27 -20.94
N ASN E 392 22.20 -18.30 -21.49
CA ASN E 392 22.26 -16.91 -21.02
C ASN E 392 23.65 -16.32 -21.18
N GLY E 393 24.20 -16.36 -22.39
CA GLY E 393 25.37 -15.60 -22.73
C GLY E 393 26.70 -16.17 -22.29
N VAL E 394 26.70 -17.20 -21.45
CA VAL E 394 27.93 -17.71 -20.83
C VAL E 394 28.70 -18.54 -21.83
N ARG E 395 29.59 -17.89 -22.58
CA ARG E 395 30.31 -18.53 -23.69
C ARG E 395 31.79 -18.64 -23.36
N VAL E 396 32.28 -19.88 -23.28
CA VAL E 396 33.67 -20.15 -22.89
C VAL E 396 34.58 -20.41 -24.09
N ARG E 397 35.28 -19.37 -24.54
CA ARG E 397 36.41 -19.57 -25.43
C ARG E 397 37.56 -20.26 -24.69
N LEU E 398 38.47 -20.87 -25.45
CA LEU E 398 39.70 -21.43 -24.91
C LEU E 398 40.92 -20.77 -25.52
N ASP E 399 41.96 -20.63 -24.70
CA ASP E 399 43.29 -20.24 -25.15
C ASP E 399 44.30 -21.24 -24.62
N VAL E 400 45.22 -21.65 -25.50
CA VAL E 400 46.28 -22.59 -25.14
C VAL E 400 47.59 -21.82 -25.13
N ASP E 401 48.22 -21.75 -23.96
CA ASP E 401 49.49 -21.06 -23.79
C ASP E 401 50.58 -22.07 -23.44
N PRO E 402 51.73 -22.05 -24.12
CA PRO E 402 52.75 -23.06 -23.83
C PRO E 402 53.31 -22.96 -22.42
N PHE E 403 53.28 -21.76 -21.82
CA PHE E 403 53.75 -21.60 -20.45
C PHE E 403 53.11 -22.61 -19.50
N TYR E 404 51.89 -23.05 -19.81
CA TYR E 404 51.17 -24.00 -18.97
C TYR E 404 51.65 -25.43 -19.14
N ASP E 405 52.62 -25.67 -20.03
CA ASP E 405 53.07 -27.02 -20.35
C ASP E 405 54.50 -27.30 -19.92
N ASP E 406 55.25 -26.29 -19.49
CA ASP E 406 56.65 -26.43 -19.10
C ASP E 406 56.85 -27.68 -18.25
N PRO E 407 57.62 -28.67 -18.71
CA PRO E 407 57.82 -29.87 -17.89
C PRO E 407 58.88 -29.73 -16.82
N VAL E 408 59.76 -28.74 -16.93
CA VAL E 408 60.81 -28.56 -15.93
C VAL E 408 60.19 -28.16 -14.59
N ARG E 409 59.48 -27.04 -14.57
CA ARG E 409 58.94 -26.53 -13.32
C ARG E 409 57.77 -27.39 -12.83
N ASN E 410 56.90 -27.79 -13.74
CA ASN E 410 55.73 -28.59 -13.38
C ASN E 410 56.15 -30.06 -13.32
N LYS E 411 56.14 -30.62 -12.12
CA LYS E 411 56.69 -31.95 -11.85
C LYS E 411 55.63 -33.03 -11.76
N ILE E 412 54.46 -32.72 -11.20
CA ILE E 412 53.39 -33.71 -11.12
C ILE E 412 52.83 -33.96 -12.50
N LEU E 413 52.68 -35.23 -12.86
CA LEU E 413 52.24 -35.65 -14.17
C LEU E 413 50.84 -36.26 -14.07
N HIS E 414 50.00 -35.96 -15.05
CA HIS E 414 48.61 -36.39 -15.00
C HIS E 414 48.47 -37.82 -15.49
N PRO E 415 47.51 -38.57 -14.95
CA PRO E 415 47.23 -39.91 -15.50
C PRO E 415 46.94 -39.92 -16.99
N MET E 416 46.53 -38.80 -17.57
CA MET E 416 46.12 -38.73 -18.96
C MET E 416 47.18 -38.08 -19.85
N GLY E 417 48.39 -37.89 -19.34
CA GLY E 417 49.48 -37.39 -20.17
C GLY E 417 49.79 -35.93 -19.96
N GLY E 418 51.07 -35.62 -19.81
CA GLY E 418 51.50 -34.26 -19.65
C GLY E 418 51.58 -33.84 -18.19
N VAL E 419 51.81 -32.57 -18.01
CA VAL E 419 51.92 -31.99 -16.68
C VAL E 419 50.53 -31.60 -16.20
N ALA E 420 50.29 -31.79 -14.90
CA ALA E 420 48.99 -31.47 -14.33
C ALA E 420 48.69 -29.97 -14.34
N PHE E 421 49.68 -29.13 -14.69
CA PHE E 421 49.48 -27.70 -14.79
C PHE E 421 48.88 -27.29 -16.12
N SER E 422 48.94 -28.17 -17.13
CA SER E 422 48.25 -27.91 -18.39
C SER E 422 46.75 -28.08 -18.25
N TYR E 423 46.30 -28.85 -17.26
CA TYR E 423 44.88 -29.08 -17.00
C TYR E 423 44.29 -28.00 -16.09
N ARG E 424 44.86 -26.81 -16.11
CA ARG E 424 44.48 -25.73 -15.21
C ARG E 424 43.80 -24.64 -16.02
N TYR E 425 42.54 -24.37 -15.69
CA TYR E 425 41.67 -23.48 -16.46
C TYR E 425 41.56 -22.16 -15.71
N ASP E 426 42.10 -21.10 -16.31
CA ASP E 426 42.21 -19.80 -15.67
C ASP E 426 41.62 -18.72 -16.56
N ILE E 427 40.73 -17.92 -16.00
CA ILE E 427 40.16 -16.76 -16.68
C ILE E 427 40.80 -15.51 -16.09
N TRP E 428 41.72 -14.90 -16.84
CA TRP E 428 42.26 -13.61 -16.45
C TRP E 428 41.44 -12.49 -17.07
N TYR E 429 41.35 -11.38 -16.34
CA TYR E 429 40.62 -10.20 -16.79
C TYR E 429 39.13 -10.50 -16.96
N ILE E 430 38.49 -10.88 -15.86
CA ILE E 430 37.05 -11.03 -15.85
C ILE E 430 36.39 -9.66 -15.99
N GLY E 431 35.44 -9.57 -16.89
CA GLY E 431 34.74 -8.30 -17.09
C GLY E 431 35.62 -7.31 -17.79
N THR E 432 35.61 -6.07 -17.28
CA THR E 432 36.41 -5.00 -17.87
C THR E 432 36.61 -3.92 -16.81
N MET E 433 37.86 -3.74 -16.37
CA MET E 433 38.21 -2.69 -15.43
C MET E 433 38.83 -1.53 -16.21
N ASP E 434 38.50 -0.30 -15.79
CA ASP E 434 39.02 0.87 -16.48
C ASP E 434 40.54 0.89 -16.44
N GLN E 435 41.12 0.50 -15.32
CA GLN E 435 42.56 0.38 -15.14
C GLN E 435 42.96 -1.08 -15.06
N PRO E 436 44.25 -1.37 -15.19
CA PRO E 436 44.70 -2.77 -15.14
C PRO E 436 44.57 -3.33 -13.73
N ASN E 437 43.92 -4.50 -13.63
CA ASN E 437 43.81 -5.19 -12.36
C ASN E 437 45.11 -5.89 -11.94
N ILE E 438 46.06 -6.04 -12.86
CA ILE E 438 47.32 -6.71 -12.58
C ILE E 438 48.41 -5.95 -13.33
N PHE E 439 49.44 -5.51 -12.61
CA PHE E 439 50.56 -4.83 -13.23
C PHE E 439 51.82 -5.14 -12.44
N LYS E 440 52.96 -4.86 -13.06
CA LYS E 440 54.27 -5.06 -12.47
C LYS E 440 54.74 -3.74 -11.88
N CYS E 441 55.21 -3.78 -10.64
CA CYS E 441 55.62 -2.58 -9.93
C CYS E 441 57.13 -2.40 -10.02
N LYS E 442 57.55 -1.24 -10.50
CA LYS E 442 58.95 -0.84 -10.52
C LYS E 442 59.10 0.49 -9.79
N ILE E 443 60.34 0.90 -9.62
CA ILE E 443 60.66 2.13 -8.91
C ILE E 443 61.43 3.05 -9.83
N LYS E 444 61.33 4.35 -9.58
CA LYS E 444 61.65 5.38 -10.57
C LYS E 444 63.06 5.29 -11.12
N GLY E 445 64.07 5.61 -10.32
CA GLY E 445 65.39 5.80 -10.88
C GLY E 445 66.12 4.54 -11.28
N ASP E 446 66.63 3.79 -10.31
CA ASP E 446 67.22 2.49 -10.57
C ASP E 446 67.46 1.72 -9.29
N ASN E 447 66.75 0.61 -9.12
CA ASN E 447 67.06 -0.35 -8.05
C ASN E 447 67.79 -1.56 -8.62
N GLU E 448 68.98 -1.28 -9.16
CA GLU E 448 69.87 -2.31 -9.67
C GLU E 448 71.27 -1.92 -9.22
N TYR E 449 71.83 -2.70 -8.28
CA TYR E 449 73.05 -2.34 -7.59
C TYR E 449 74.08 -3.43 -7.82
N ARG E 450 75.18 -3.08 -8.47
CA ARG E 450 76.25 -4.02 -8.78
C ARG E 450 77.54 -3.56 -8.09
N GLY E 451 78.31 -4.54 -7.62
CA GLY E 451 79.56 -4.24 -6.93
C GLY E 451 80.47 -5.43 -6.94
N TYR E 452 81.78 -5.16 -6.92
CA TYR E 452 82.81 -6.18 -6.94
C TYR E 452 83.59 -6.15 -5.64
N GLN E 453 83.78 -7.32 -5.06
CA GLN E 453 84.51 -7.52 -3.81
C GLN E 453 85.70 -8.41 -4.12
N TRP E 454 86.79 -7.81 -4.58
CA TRP E 454 87.92 -8.54 -5.12
C TRP E 454 89.23 -8.09 -4.48
N GLY E 455 90.27 -8.87 -4.72
CA GLY E 455 91.60 -8.60 -4.20
C GLY E 455 92.52 -7.92 -5.17
N ILE E 456 93.52 -8.65 -5.67
CA ILE E 456 94.59 -8.04 -6.45
C ILE E 456 94.29 -8.00 -7.94
N ARG E 457 93.25 -8.68 -8.42
CA ARG E 457 92.86 -8.56 -9.82
C ARG E 457 91.40 -8.93 -9.96
N ASN E 458 90.74 -8.28 -10.90
CA ASN E 458 89.30 -8.46 -11.13
C ASN E 458 89.05 -9.06 -12.50
N PRO E 459 88.67 -10.34 -12.59
CA PRO E 459 88.36 -10.90 -13.91
C PRO E 459 87.09 -10.34 -14.54
N PHE E 460 86.15 -9.83 -13.74
CA PHE E 460 84.89 -9.36 -14.29
C PHE E 460 85.05 -8.07 -15.09
N THR E 461 86.15 -7.34 -14.89
CA THR E 461 86.38 -6.10 -15.63
C THR E 461 87.78 -5.98 -16.20
N GLY E 462 88.70 -6.85 -15.84
CA GLY E 462 90.05 -6.78 -16.36
C GLY E 462 90.86 -5.67 -15.75
N GLN E 463 91.03 -5.73 -14.43
CA GLN E 463 91.81 -4.75 -13.68
C GLN E 463 92.88 -5.50 -12.90
N LYS E 464 94.15 -5.21 -13.19
CA LYS E 464 95.28 -5.89 -12.58
C LYS E 464 95.86 -4.97 -11.50
N GLY E 465 95.54 -5.26 -10.24
CA GLY E 465 96.03 -4.47 -9.14
C GLY E 465 95.16 -3.28 -8.83
N ASN E 466 94.74 -3.15 -7.58
CA ASN E 466 93.85 -2.10 -7.14
C ASN E 466 94.49 -1.28 -6.03
N PRO E 467 94.29 0.05 -6.03
CA PRO E 467 94.70 0.84 -4.88
C PRO E 467 93.88 0.57 -3.64
N TYR E 468 92.77 -0.17 -3.79
CA TYR E 468 91.87 -0.46 -2.68
C TYR E 468 91.52 -1.95 -2.76
N MET E 469 92.18 -2.75 -1.94
CA MET E 469 91.91 -4.18 -1.88
C MET E 469 90.85 -4.47 -0.83
N SER E 470 90.12 -5.57 -1.04
CA SER E 470 89.09 -6.00 -0.11
C SER E 470 89.55 -7.10 0.82
N PHE E 471 90.44 -7.96 0.35
CA PHE E 471 90.97 -9.05 1.14
C PHE E 471 92.21 -9.58 0.43
N ASP E 472 93.00 -10.37 1.15
CA ASP E 472 94.28 -10.83 0.60
C ASP E 472 94.08 -11.86 -0.49
N GLU E 473 93.11 -12.76 -0.31
CA GLU E 473 92.90 -13.83 -1.26
C GLU E 473 92.78 -13.30 -2.68
N ASP E 474 93.32 -14.08 -3.63
CA ASP E 474 93.26 -13.76 -5.05
C ASP E 474 91.94 -14.32 -5.59
N SER E 475 90.90 -13.51 -5.47
CA SER E 475 89.57 -13.89 -5.91
C SER E 475 88.75 -12.64 -6.09
N ALA E 476 87.67 -12.76 -6.88
CA ALA E 476 86.77 -11.66 -7.13
C ALA E 476 85.33 -12.16 -7.01
N VAL E 477 84.54 -11.45 -6.23
CA VAL E 477 83.12 -11.76 -6.07
C VAL E 477 82.32 -10.64 -6.72
N ILE E 478 81.14 -10.98 -7.23
CA ILE E 478 80.23 -10.01 -7.81
C ILE E 478 78.92 -10.09 -7.04
N HIS E 479 78.21 -8.97 -7.03
CA HIS E 479 76.94 -8.87 -6.33
C HIS E 479 75.98 -8.04 -7.18
N ARG E 480 74.72 -8.46 -7.21
CA ARG E 480 73.66 -7.68 -7.84
C ARG E 480 72.42 -7.76 -6.96
N MET E 481 71.86 -6.61 -6.63
CA MET E 481 70.61 -6.53 -5.89
C MET E 481 69.52 -5.92 -6.76
N ALA E 482 68.27 -6.21 -6.41
CA ALA E 482 67.15 -5.63 -7.13
C ALA E 482 65.90 -5.73 -6.26
N THR E 483 65.00 -4.76 -6.44
CA THR E 483 63.74 -4.70 -5.73
C THR E 483 62.61 -4.65 -6.73
N LEU E 484 61.50 -5.30 -6.39
CA LEU E 484 60.38 -5.43 -7.32
C LEU E 484 59.12 -5.70 -6.53
N GLY E 485 58.01 -5.84 -7.25
CA GLY E 485 56.73 -6.12 -6.64
C GLY E 485 55.66 -6.18 -7.72
N VAL E 486 54.55 -6.80 -7.36
CA VAL E 486 53.40 -6.90 -8.25
C VAL E 486 52.14 -6.64 -7.45
N CYS E 487 51.22 -5.89 -8.05
CA CYS E 487 49.91 -5.61 -7.47
C CYS E 487 48.85 -6.31 -8.31
N VAL E 488 48.09 -7.20 -7.67
CA VAL E 488 46.85 -7.70 -8.24
C VAL E 488 45.73 -6.89 -7.60
N LEU E 489 45.23 -5.91 -8.35
CA LEU E 489 44.40 -4.86 -7.78
C LEU E 489 43.07 -5.38 -7.29
N ASP E 490 42.56 -6.47 -7.88
CA ASP E 490 41.35 -7.11 -7.41
C ASP E 490 41.45 -8.61 -7.60
N PRO E 491 41.63 -9.39 -6.53
CA PRO E 491 41.85 -10.84 -6.70
C PRO E 491 40.62 -11.62 -7.14
N THR E 492 39.41 -11.09 -6.99
CA THR E 492 38.21 -11.84 -7.32
C THR E 492 37.70 -11.54 -8.72
N ARG E 493 38.44 -10.76 -9.51
CA ARG E 493 38.21 -10.63 -10.94
C ARG E 493 39.06 -11.60 -11.76
N THR E 494 39.39 -12.76 -11.18
CA THR E 494 40.22 -13.76 -11.84
C THR E 494 39.82 -15.12 -11.30
N MET E 495 39.24 -15.95 -12.16
CA MET E 495 38.79 -17.28 -11.79
C MET E 495 39.78 -18.32 -12.29
N SER E 496 40.08 -19.29 -11.43
CA SER E 496 41.04 -20.34 -11.77
C SER E 496 40.48 -21.67 -11.28
N LEU E 497 40.38 -22.62 -12.20
CA LEU E 497 39.99 -23.99 -11.88
C LEU E 497 41.22 -24.87 -11.95
N ILE E 498 41.51 -25.55 -10.85
CA ILE E 498 42.81 -26.19 -10.66
C ILE E 498 42.61 -27.65 -10.24
N PRO E 499 43.50 -28.56 -10.59
CA PRO E 499 43.43 -29.91 -10.05
C PRO E 499 43.80 -29.95 -8.57
N ALA E 500 43.02 -30.72 -7.81
CA ALA E 500 43.24 -30.84 -6.37
C ALA E 500 44.55 -31.52 -6.03
N ILE E 501 45.31 -32.01 -7.01
CA ILE E 501 46.62 -32.58 -6.71
C ILE E 501 47.70 -31.50 -6.66
N LEU E 502 47.50 -30.39 -7.36
CA LEU E 502 48.36 -29.23 -7.25
C LEU E 502 48.04 -28.38 -6.04
N GLN E 503 47.20 -28.88 -5.13
CA GLN E 503 46.75 -28.13 -3.97
C GLN E 503 47.72 -28.26 -2.80
N GLY E 504 47.97 -29.49 -2.36
CA GLY E 504 48.86 -29.73 -1.24
C GLY E 504 48.28 -29.23 0.08
N ALA F 2 -24.59 66.45 42.93
CA ALA F 2 -23.73 66.23 44.09
C ALA F 2 -23.56 64.73 44.33
N GLY F 3 -23.38 63.98 43.25
CA GLY F 3 -23.17 62.55 43.33
C GLY F 3 -22.12 62.10 42.34
N LYS F 4 -21.92 60.78 42.31
CA LYS F 4 -20.94 60.17 41.43
C LYS F 4 -21.62 59.79 40.11
N LEU F 5 -21.18 60.41 39.02
CA LEU F 5 -21.74 60.09 37.71
C LEU F 5 -21.07 58.85 37.13
N GLY F 6 -19.75 58.85 37.04
CA GLY F 6 -19.01 57.68 36.63
C GLY F 6 -18.89 56.67 37.76
N LYS F 7 -18.10 55.63 37.50
CA LYS F 7 -17.84 54.62 38.51
C LYS F 7 -16.56 54.89 39.28
N PHE F 8 -15.58 55.51 38.63
CA PHE F 8 -14.31 55.86 39.26
C PHE F 8 -14.13 57.36 39.38
N GLN F 9 -15.21 58.13 39.22
CA GLN F 9 -15.16 59.56 39.43
C GLN F 9 -14.66 59.85 40.84
N MET F 10 -13.50 60.48 40.94
CA MET F 10 -12.83 60.69 42.22
C MET F 10 -13.04 62.08 42.77
N LEU F 11 -13.22 63.07 41.91
CA LEU F 11 -13.38 64.45 42.32
C LEU F 11 -14.84 64.78 42.58
N GLY F 12 -15.05 65.82 43.37
CA GLY F 12 -16.39 66.32 43.64
C GLY F 12 -16.39 67.83 43.57
N PHE F 13 -17.53 68.38 43.20
CA PHE F 13 -17.66 69.83 43.07
C PHE F 13 -17.43 70.49 44.42
N GLN F 14 -16.36 71.30 44.51
CA GLN F 14 -15.90 71.88 45.75
C GLN F 14 -16.18 73.38 45.76
N HIS F 15 -16.28 73.94 46.96
CA HIS F 15 -16.75 75.30 47.13
C HIS F 15 -16.31 75.83 48.49
N TRP F 16 -15.85 77.07 48.51
CA TRP F 16 -15.49 77.75 49.75
C TRP F 16 -15.83 79.23 49.64
N LYS F 17 -15.98 79.86 50.79
CA LYS F 17 -16.31 81.28 50.89
C LYS F 17 -15.16 82.03 51.54
N GLY F 18 -14.90 83.24 51.04
CA GLY F 18 -14.12 84.20 51.79
C GLY F 18 -12.64 84.20 51.48
N LEU F 19 -11.83 84.45 52.50
CA LEU F 19 -10.39 84.49 52.33
C LEU F 19 -9.88 83.08 52.01
N THR F 20 -9.00 83.00 51.02
CA THR F 20 -8.41 81.74 50.61
C THR F 20 -7.00 81.60 51.17
N SER F 21 -6.43 80.42 50.97
CA SER F 21 -5.06 80.14 51.33
C SER F 21 -4.43 79.31 50.23
N ASP F 22 -3.10 79.34 50.17
CA ASP F 22 -2.40 78.40 49.30
C ASP F 22 -2.82 76.97 49.60
N ASN F 23 -3.28 76.70 50.81
CA ASN F 23 -3.87 75.40 51.12
C ASN F 23 -5.17 75.21 50.35
N HIS F 24 -6.02 76.24 50.28
CA HIS F 24 -7.21 76.15 49.46
C HIS F 24 -6.84 75.85 48.02
N LEU F 25 -5.75 76.43 47.54
CA LEU F 25 -5.33 76.24 46.16
C LEU F 25 -4.65 74.90 45.96
N GLY F 26 -3.96 74.39 46.98
CA GLY F 26 -3.43 73.04 46.90
C GLY F 26 -4.47 71.96 47.10
N ALA F 27 -5.58 72.30 47.76
CA ALA F 27 -6.70 71.37 47.88
C ALA F 27 -7.56 71.32 46.63
N ILE F 28 -7.43 72.31 45.74
CA ILE F 28 -8.09 72.28 44.45
C ILE F 28 -7.06 72.14 43.32
N PHE F 29 -5.86 71.68 43.66
CA PHE F 29 -4.89 71.22 42.67
C PHE F 29 -4.40 72.36 41.79
N GLN F 30 -4.08 73.50 42.40
CA GLN F 30 -3.56 74.65 41.70
C GLN F 30 -2.13 74.99 42.08
N GLN F 31 -1.53 74.26 43.01
CA GLN F 31 -0.15 74.46 43.42
C GLN F 31 0.62 73.19 43.12
N ALA F 32 1.71 73.32 42.37
CA ALA F 32 2.56 72.20 42.02
C ALA F 32 4.01 72.63 42.11
N PRO F 33 4.91 71.71 42.47
CA PRO F 33 6.33 72.06 42.56
C PRO F 33 6.98 72.08 41.19
N GLN F 34 7.72 73.14 40.89
CA GLN F 34 8.45 73.23 39.65
C GLN F 34 9.63 72.28 39.67
N LYS F 35 9.86 71.60 38.55
CA LYS F 35 11.01 70.72 38.41
C LYS F 35 12.17 71.50 37.83
N ALA F 36 13.27 71.57 38.56
CA ALA F 36 14.48 72.25 38.11
C ALA F 36 15.14 71.37 37.05
N THR F 37 14.95 71.73 35.79
CA THR F 37 15.46 70.92 34.68
C THR F 37 16.91 71.24 34.36
N ASN F 38 17.37 72.45 34.67
CA ASN F 38 18.76 72.81 34.49
C ASN F 38 19.64 72.34 35.64
N LEU F 39 19.11 71.46 36.48
CA LEU F 39 19.82 70.94 37.65
C LEU F 39 19.73 69.43 37.63
N MET F 40 20.87 68.77 37.85
CA MET F 40 20.89 67.31 37.87
C MET F 40 22.16 66.87 38.60
N VAL F 41 21.97 66.17 39.72
CA VAL F 41 23.10 65.56 40.41
C VAL F 41 23.38 64.21 39.77
N GLN F 42 24.60 64.05 39.25
CA GLN F 42 25.10 62.76 38.83
C GLN F 42 26.05 62.27 39.92
N LEU F 43 25.63 61.24 40.65
CA LEU F 43 26.46 60.73 41.73
C LEU F 43 27.86 60.41 41.22
N LEU F 44 28.86 60.71 42.03
CA LEU F 44 30.25 60.67 41.61
C LEU F 44 30.89 59.36 42.05
N ALA F 45 31.65 58.76 41.16
CA ALA F 45 32.42 57.57 41.46
C ALA F 45 33.46 57.40 40.37
N PHE F 46 34.43 56.53 40.63
CA PHE F 46 35.43 56.16 39.65
C PHE F 46 34.93 54.88 38.99
N TYR F 47 34.40 55.01 37.77
CA TYR F 47 33.64 53.94 37.14
C TYR F 47 34.62 52.99 36.45
N ARG F 48 34.93 51.89 37.11
CA ARG F 48 35.84 50.88 36.58
C ARG F 48 35.04 49.74 35.96
N GLY F 49 34.33 50.07 34.88
CA GLY F 49 33.53 49.09 34.19
C GLY F 49 33.92 48.94 32.73
N LYS F 50 34.49 50.01 32.17
CA LYS F 50 35.04 49.99 30.83
C LYS F 50 36.53 49.64 30.83
N SER F 51 37.01 49.03 31.91
CA SER F 51 38.43 48.72 32.07
C SER F 51 38.77 47.37 31.44
N LEU F 52 38.00 46.34 31.77
CA LEU F 52 38.25 45.02 31.19
C LEU F 52 38.30 45.09 29.68
N ASP F 53 37.42 45.87 29.06
CA ASP F 53 37.43 46.02 27.61
C ASP F 53 38.79 46.50 27.12
N THR F 54 39.41 47.44 27.84
CA THR F 54 40.73 47.93 27.45
C THR F 54 41.79 46.86 27.68
N PHE F 55 41.71 46.17 28.81
CA PHE F 55 42.67 45.12 29.10
C PHE F 55 42.67 44.03 28.03
N LEU F 56 41.52 43.79 27.40
CA LEU F 56 41.44 42.82 26.32
C LEU F 56 41.79 43.42 24.96
N ASN F 57 41.63 44.74 24.80
CA ASN F 57 42.12 45.38 23.59
C ASN F 57 43.64 45.46 23.58
N SER F 58 44.29 45.22 24.72
CA SER F 58 45.74 45.14 24.74
C SER F 58 46.24 44.02 23.85
N PHE F 59 45.57 42.87 23.91
CA PHE F 59 45.95 41.71 23.13
C PHE F 59 45.35 41.80 21.73
N PRO F 60 46.05 41.28 20.71
CA PRO F 60 45.49 41.25 19.37
C PRO F 60 44.62 40.01 19.16
N THR F 61 44.00 39.94 17.98
CA THR F 61 43.14 38.84 17.62
C THR F 61 43.64 38.20 16.33
N ARG F 62 43.29 36.92 16.16
CA ARG F 62 43.72 36.13 15.01
C ARG F 62 42.51 35.42 14.44
N GLU F 63 42.18 35.73 13.20
CA GLU F 63 40.99 35.17 12.56
C GLU F 63 41.26 33.74 12.12
N PHE F 64 40.48 32.80 12.65
CA PHE F 64 40.49 31.42 12.21
C PHE F 64 39.41 31.24 11.13
N GLU F 65 39.11 30.00 10.78
CA GLU F 65 38.06 29.72 9.81
C GLU F 65 37.12 28.60 10.23
N ASP F 66 37.24 28.05 11.43
CA ASP F 66 36.36 26.97 11.87
C ASP F 66 36.59 26.70 13.34
N ASP F 67 35.62 26.04 13.96
CA ASP F 67 35.67 25.66 15.36
C ASP F 67 36.36 24.31 15.54
N ASN F 68 37.56 24.19 14.99
CA ASN F 68 38.33 22.96 15.03
C ASN F 68 39.50 23.12 15.98
N GLU F 69 39.71 22.14 16.85
CA GLU F 69 40.90 22.12 17.68
C GLU F 69 42.15 22.28 16.83
N TYR F 70 42.99 23.24 17.19
CA TYR F 70 44.21 23.53 16.45
C TYR F 70 45.42 23.29 17.34
N TYR F 71 46.48 22.77 16.73
CA TYR F 71 47.72 22.49 17.40
C TYR F 71 48.87 23.18 16.67
N TRP F 72 49.94 23.42 17.41
CA TRP F 72 51.12 24.10 16.87
C TRP F 72 52.37 23.35 17.30
N ASP F 73 53.47 23.65 16.63
CA ASP F 73 54.74 23.00 16.94
C ASP F 73 55.39 23.64 18.16
N VAL F 74 56.16 22.84 18.89
CA VAL F 74 56.82 23.26 20.12
C VAL F 74 58.26 22.75 20.05
N ILE F 75 59.19 23.64 19.73
CA ILE F 75 60.61 23.31 19.60
C ILE F 75 61.30 23.56 20.93
N GLY F 76 62.17 22.63 21.32
CA GLY F 76 62.80 22.69 22.63
C GLY F 76 64.32 22.71 22.62
N SER F 77 64.94 21.92 23.50
CA SER F 77 66.38 21.93 23.69
C SER F 77 66.94 20.53 23.50
N SER F 78 68.26 20.46 23.32
CA SER F 78 68.95 19.22 22.97
C SER F 78 69.95 18.77 24.03
N ARG F 79 70.87 19.63 24.44
CA ARG F 79 71.99 19.24 25.30
C ARG F 79 71.51 18.49 26.54
N ARG F 80 72.06 17.31 26.76
CA ARG F 80 71.54 16.36 27.73
C ARG F 80 72.61 15.95 28.74
N ASN F 81 72.15 15.25 29.77
CA ASN F 81 73.01 14.63 30.78
C ASN F 81 72.27 13.44 31.33
N ILE F 82 72.94 12.29 31.41
CA ILE F 82 72.29 11.01 31.68
C ILE F 82 72.40 10.72 33.17
N PRO F 83 71.30 10.40 33.86
CA PRO F 83 71.36 10.12 35.29
C PRO F 83 71.78 8.68 35.57
N LEU F 84 72.83 8.52 36.36
CA LEU F 84 73.30 7.19 36.70
C LEU F 84 72.24 6.42 37.49
N VAL F 85 72.12 5.13 37.17
CA VAL F 85 71.21 4.26 37.89
C VAL F 85 71.92 3.51 39.01
N GLU F 86 73.14 3.08 38.76
CA GLU F 86 73.83 2.13 39.61
C GLU F 86 75.25 1.98 39.13
N ALA F 87 76.09 1.41 39.99
CA ALA F 87 77.43 0.99 39.61
C ALA F 87 77.76 -0.28 40.38
N ARG F 88 78.44 -1.19 39.70
CA ARG F 88 78.81 -2.46 40.32
C ARG F 88 80.27 -2.77 39.97
N ASP F 89 80.86 -3.63 40.78
CA ASP F 89 82.32 -3.75 40.84
C ASP F 89 82.83 -4.71 39.76
N GLU F 90 84.10 -5.07 39.89
CA GLU F 90 84.72 -6.02 38.96
C GLU F 90 83.92 -7.31 38.88
N ASN F 91 83.41 -7.78 40.02
CA ASN F 91 82.64 -9.02 40.07
C ASN F 91 81.14 -8.78 39.96
N GLY F 92 80.73 -7.65 39.37
CA GLY F 92 79.32 -7.39 39.19
C GLY F 92 78.53 -7.23 40.46
N VAL F 93 79.16 -6.79 41.53
CA VAL F 93 78.49 -6.53 42.80
C VAL F 93 78.30 -5.03 42.95
N VAL F 94 77.15 -4.63 43.46
CA VAL F 94 76.76 -3.23 43.48
C VAL F 94 77.52 -2.50 44.58
N VAL F 95 77.78 -1.22 44.34
CA VAL F 95 78.54 -0.38 45.25
C VAL F 95 77.56 0.44 46.08
N ALA F 96 77.63 0.27 47.40
CA ALA F 96 76.89 1.13 48.31
C ALA F 96 77.68 2.42 48.53
N ALA F 97 77.19 3.30 49.40
CA ALA F 97 77.92 4.51 49.72
C ALA F 97 78.95 4.27 50.81
N ASN F 98 78.69 3.35 51.74
CA ASN F 98 79.65 2.94 52.74
C ASN F 98 80.58 1.88 52.17
N ALA F 99 81.28 2.25 51.10
CA ALA F 99 82.11 1.32 50.36
C ALA F 99 83.36 2.05 49.89
N ALA F 100 84.47 1.32 49.84
CA ALA F 100 85.73 1.89 49.40
C ALA F 100 85.69 2.14 47.89
N ASN F 101 86.64 2.94 47.43
CA ASN F 101 86.73 3.24 46.01
C ASN F 101 86.85 1.95 45.20
N VAL F 102 86.55 2.06 43.91
CA VAL F 102 86.37 0.90 43.03
C VAL F 102 87.47 0.83 41.98
N GLY F 103 87.70 1.92 41.25
CA GLY F 103 88.66 1.90 40.17
C GLY F 103 90.10 1.95 40.65
N VAL F 104 90.44 1.11 41.62
CA VAL F 104 91.78 1.10 42.19
C VAL F 104 92.71 0.38 41.24
N GLY F 105 93.87 0.99 40.97
CA GLY F 105 94.81 0.39 40.05
C GLY F 105 94.26 0.21 38.66
N THR F 106 93.49 1.18 38.19
CA THR F 106 92.86 1.13 36.87
C THR F 106 92.15 -0.21 36.66
N SER F 107 91.50 -0.70 37.71
CA SER F 107 90.65 -1.86 37.57
C SER F 107 89.34 -1.45 36.90
N PRO F 108 88.71 -2.37 36.15
CA PRO F 108 87.45 -2.01 35.50
C PRO F 108 86.23 -2.30 36.35
N PHE F 109 85.17 -1.54 36.12
CA PHE F 109 83.90 -1.72 36.83
C PHE F 109 82.78 -1.38 35.85
N TYR F 110 81.54 -1.33 36.35
CA TYR F 110 80.37 -1.18 35.50
C TYR F 110 79.56 0.03 35.91
N LEU F 111 79.15 0.81 34.90
CA LEU F 111 78.27 1.97 35.08
C LEU F 111 76.93 1.65 34.43
N VAL F 112 75.99 1.16 35.25
CA VAL F 112 74.63 0.94 34.76
C VAL F 112 73.97 2.28 34.47
N PHE F 113 73.10 2.30 33.47
CA PHE F 113 72.46 3.53 33.04
C PHE F 113 71.03 3.22 32.62
N PRO F 114 70.19 4.24 32.49
CA PRO F 114 68.79 4.02 32.09
C PRO F 114 68.57 3.97 30.59
N GLU F 115 69.59 4.19 29.79
CA GLU F 115 69.47 4.12 28.34
C GLU F 115 70.86 3.96 27.75
N ASP F 116 70.91 3.72 26.44
CA ASP F 116 72.16 3.55 25.70
C ASP F 116 72.47 4.86 25.00
N TRP F 117 73.26 5.71 25.66
CA TRP F 117 73.60 7.03 25.15
C TRP F 117 75.09 7.20 24.89
N PHE F 118 75.93 6.28 25.35
CA PHE F 118 77.37 6.41 25.26
C PHE F 118 77.94 5.27 24.43
N ALA F 119 78.97 5.60 23.64
CA ALA F 119 79.58 4.66 22.73
C ALA F 119 80.87 4.09 23.33
N ASP F 120 81.49 3.18 22.59
CA ASP F 120 82.75 2.60 23.01
C ASP F 120 83.90 3.56 22.76
N GLY F 121 84.88 3.56 23.66
CA GLY F 121 86.04 4.41 23.54
C GLY F 121 85.83 5.85 23.95
N GLU F 122 84.58 6.31 24.02
CA GLU F 122 84.30 7.64 24.52
C GLU F 122 84.63 7.72 26.01
N VAL F 123 84.98 8.92 26.46
CA VAL F 123 85.22 9.17 27.87
C VAL F 123 84.06 10.00 28.41
N ILE F 124 83.36 9.46 29.40
CA ILE F 124 82.25 10.15 30.03
C ILE F 124 82.70 10.65 31.39
N VAL F 125 82.15 11.79 31.80
CA VAL F 125 82.57 12.52 32.99
C VAL F 125 81.39 12.64 33.93
N GLY F 126 81.64 12.36 35.21
CA GLY F 126 80.63 12.46 36.24
C GLY F 126 80.38 13.89 36.67
N ASN F 127 79.93 14.00 37.93
CA ASN F 127 79.57 15.32 38.48
C ASN F 127 80.81 16.19 38.66
N LEU F 128 81.97 15.58 38.87
CA LEU F 128 83.20 16.33 39.06
C LEU F 128 83.88 16.69 37.74
N ASN F 129 83.52 16.01 36.67
CA ASN F 129 83.68 16.46 35.28
C ASN F 129 85.08 16.40 34.70
N GLN F 130 86.13 16.31 35.51
CA GLN F 130 87.37 15.69 35.04
C GLN F 130 88.16 15.00 36.14
N VAL F 131 87.87 15.32 37.41
CA VAL F 131 88.58 14.68 38.51
C VAL F 131 88.56 13.17 38.35
N TYR F 132 87.49 12.64 37.77
CA TYR F 132 87.32 11.21 37.55
C TYR F 132 86.86 10.98 36.12
N PRO F 133 87.78 10.85 35.18
CA PRO F 133 87.39 10.47 33.81
C PRO F 133 87.15 8.97 33.70
N PHE F 134 86.21 8.61 32.82
CA PHE F 134 85.80 7.22 32.65
C PHE F 134 85.92 6.85 31.17
N ARG F 135 86.55 5.72 30.89
CA ARG F 135 86.69 5.21 29.53
C ARG F 135 85.81 3.99 29.35
N ILE F 136 85.07 3.94 28.24
CA ILE F 136 84.12 2.87 27.98
C ILE F 136 84.86 1.67 27.40
N LEU F 137 84.83 0.55 28.11
CA LEU F 137 85.47 -0.68 27.67
C LEU F 137 84.45 -1.58 26.98
N GLY F 138 84.14 -1.25 25.74
CA GLY F 138 83.30 -2.08 24.90
C GLY F 138 81.97 -1.41 24.61
N ASP F 139 81.07 -2.20 24.04
CA ASP F 139 79.72 -1.74 23.76
C ASP F 139 78.81 -2.05 24.93
N ALA F 140 77.68 -1.36 24.98
CA ALA F 140 76.75 -1.47 26.10
C ALA F 140 75.99 -2.79 26.03
N ARG F 141 76.14 -3.61 27.07
CA ARG F 141 75.25 -4.74 27.25
C ARG F 141 73.91 -4.25 27.79
N MET F 142 72.85 -4.97 27.42
CA MET F 142 71.49 -4.54 27.71
C MET F 142 70.91 -5.37 28.83
N GLU F 143 70.40 -4.69 29.86
CA GLU F 143 69.65 -5.30 30.95
C GLU F 143 68.27 -4.68 30.91
N GLY F 144 67.38 -5.27 30.12
CA GLY F 144 66.09 -4.67 29.87
C GLY F 144 66.22 -3.47 28.95
N THR F 145 65.89 -2.29 29.47
CA THR F 145 66.13 -1.04 28.76
C THR F 145 67.39 -0.33 29.25
N ASN F 146 68.03 -0.84 30.30
CA ASN F 146 69.23 -0.23 30.83
C ASN F 146 70.44 -0.61 29.97
N ALA F 147 71.46 0.24 30.01
CA ALA F 147 72.68 0.05 29.25
C ALA F 147 73.84 -0.08 30.25
N VAL F 148 74.38 -1.29 30.36
CA VAL F 148 75.46 -1.58 31.30
C VAL F 148 76.78 -1.52 30.53
N TYR F 149 77.66 -0.65 30.98
CA TYR F 149 78.97 -0.45 30.37
C TYR F 149 80.06 -0.96 31.29
N LYS F 150 81.20 -1.29 30.69
CA LYS F 150 82.43 -1.58 31.41
C LYS F 150 83.35 -0.38 31.26
N VAL F 151 83.95 0.05 32.37
CA VAL F 151 84.68 1.30 32.41
C VAL F 151 86.04 1.10 33.07
N GLU F 152 86.84 2.17 33.06
CA GLU F 152 88.13 2.24 33.73
C GLU F 152 88.55 3.69 33.77
N LEU F 153 89.21 4.08 34.86
CA LEU F 153 89.56 5.48 35.07
C LEU F 153 90.74 5.89 34.20
N MET F 154 90.56 6.98 33.45
CA MET F 154 91.67 7.68 32.81
C MET F 154 92.14 8.81 33.74
N GLY F 155 92.97 9.71 33.23
CA GLY F 155 93.44 10.83 34.02
C GLY F 155 94.46 10.46 35.07
N GLY F 156 95.26 9.43 34.84
CA GLY F 156 96.29 9.03 35.77
C GLY F 156 95.79 8.47 37.07
N ASN F 157 94.47 8.31 37.23
CA ASN F 157 93.91 7.85 38.49
C ASN F 157 94.58 6.56 38.94
N THR F 158 94.90 6.51 40.23
CA THR F 158 95.53 5.34 40.82
C THR F 158 94.95 4.99 42.18
N GLN F 159 93.92 5.71 42.64
CA GLN F 159 93.33 5.48 43.95
C GLN F 159 91.85 5.16 43.89
N GLY F 160 91.20 5.36 42.74
CA GLY F 160 89.82 4.96 42.56
C GLY F 160 88.90 6.16 42.37
N VAL F 161 87.65 5.96 42.75
CA VAL F 161 86.62 6.99 42.66
C VAL F 161 85.67 6.80 43.84
N PRO F 162 85.37 7.82 44.62
CA PRO F 162 84.58 7.62 45.83
C PRO F 162 83.23 6.97 45.53
N ALA F 163 82.88 5.97 46.34
CA ALA F 163 81.59 5.30 46.16
C ALA F 163 80.44 6.29 46.24
N GLU F 164 80.61 7.38 46.99
CA GLU F 164 79.61 8.44 46.99
C GLU F 164 79.48 9.11 45.63
N ARG F 165 80.41 8.86 44.71
CA ARG F 165 80.39 9.44 43.38
C ARG F 165 79.88 8.44 42.35
N LEU F 166 79.17 7.40 42.78
CA LEU F 166 78.64 6.39 41.88
C LEU F 166 77.25 5.96 42.28
N GLN F 167 76.49 6.85 42.90
CA GLN F 167 75.16 6.56 43.39
C GLN F 167 74.10 7.04 42.39
N GLN F 168 72.86 6.67 42.67
CA GLN F 168 71.75 7.03 41.81
C GLN F 168 71.75 8.53 41.53
N GLY F 169 71.20 8.90 40.37
CA GLY F 169 70.99 10.29 40.02
C GLY F 169 72.19 11.03 39.51
N GLU F 170 73.40 10.52 39.72
CA GLU F 170 74.59 11.20 39.23
C GLU F 170 74.49 11.41 37.73
N ARG F 171 75.06 12.52 37.27
CA ARG F 171 74.93 12.96 35.89
C ARG F 171 76.23 12.70 35.14
N PHE F 172 76.10 12.27 33.89
CA PHE F 172 77.24 11.94 33.05
C PHE F 172 77.05 12.55 31.67
N SER F 173 78.10 13.16 31.15
CA SER F 173 78.12 13.74 29.83
C SER F 173 79.23 13.08 29.01
N ILE F 174 79.30 13.46 27.74
CA ILE F 174 80.25 12.87 26.79
C ILE F 174 81.37 13.86 26.56
N GLU F 175 82.61 13.43 26.82
CA GLU F 175 83.77 14.30 26.83
C GLU F 175 84.56 14.20 25.53
N PHE F 176 85.00 13.00 25.15
CA PHE F 176 85.63 12.76 23.86
C PHE F 176 85.94 11.28 23.75
N ALA F 177 86.46 10.87 22.60
CA ALA F 177 86.86 9.49 22.33
C ALA F 177 88.34 9.46 21.99
N PRO F 178 89.22 9.29 22.98
CA PRO F 178 90.66 9.28 22.69
C PRO F 178 91.10 7.92 22.18
N VAL F 179 91.96 7.94 21.16
CA VAL F 179 92.40 6.71 20.53
C VAL F 179 93.92 6.72 20.39
N GLU F 180 94.49 5.52 20.38
CA GLU F 180 95.93 5.36 20.19
C GLU F 180 96.38 5.91 18.85
N LYS F 181 97.68 6.23 18.76
CA LYS F 181 98.27 6.77 17.55
C LYS F 181 98.64 5.70 16.53
N GLU F 182 98.66 4.43 16.92
CA GLU F 182 99.16 3.36 16.08
C GLU F 182 98.10 2.27 15.97
N LEU F 183 97.70 1.98 14.73
CA LEU F 183 96.80 0.87 14.45
C LEU F 183 95.51 1.02 15.26
N SER F 184 94.77 2.08 14.93
CA SER F 184 93.64 2.54 15.72
C SER F 184 92.33 1.99 15.16
N ARG F 185 91.63 1.20 15.96
CA ARG F 185 90.34 0.67 15.58
C ARG F 185 89.22 1.61 15.99
N LYS F 186 88.05 1.42 15.39
CA LYS F 186 86.99 2.42 15.40
C LYS F 186 86.41 2.65 16.79
N VAL F 187 85.94 3.88 17.02
CA VAL F 187 85.27 4.25 18.26
C VAL F 187 84.31 5.40 17.97
N GLY F 188 83.13 5.37 18.60
CA GLY F 188 82.26 6.53 18.69
C GLY F 188 80.89 6.29 18.09
N ASP F 189 80.07 7.35 18.12
CA ASP F 189 78.70 7.36 17.63
C ASP F 189 78.10 8.76 17.69
N VAL F 190 76.88 8.93 17.17
CA VAL F 190 76.18 10.20 17.18
C VAL F 190 74.75 9.96 17.64
N ARG F 191 74.03 11.07 17.89
CA ARG F 191 72.79 11.04 18.66
C ARG F 191 71.79 12.04 18.08
N PHE F 192 70.52 11.87 18.47
CA PHE F 192 69.41 12.53 17.79
C PHE F 192 68.30 12.90 18.79
N THR F 193 67.36 13.73 18.33
CA THR F 193 66.27 14.25 19.15
C THR F 193 65.03 14.42 18.28
N SER F 194 63.93 14.91 18.88
CA SER F 194 62.68 15.10 18.15
C SER F 194 61.78 16.07 18.91
N PRO F 195 60.85 16.78 18.22
CA PRO F 195 59.98 17.79 18.88
C PRO F 195 58.75 17.28 19.62
N VAL F 196 57.92 18.25 20.03
CA VAL F 196 56.63 18.03 20.70
C VAL F 196 55.67 19.12 20.22
N SER F 197 54.39 18.96 20.57
CA SER F 197 53.36 19.91 20.12
C SER F 197 52.28 20.05 21.17
N MET F 198 51.41 21.05 20.98
CA MET F 198 50.38 21.41 21.94
C MET F 198 49.12 21.88 21.20
N ARG F 199 48.03 22.05 21.96
CA ARG F 199 46.69 22.14 21.39
C ARG F 199 45.87 23.23 22.09
N ASN F 200 44.71 23.54 21.53
CA ASN F 200 43.77 24.50 22.11
C ASN F 200 42.37 24.22 21.57
N GLU F 201 41.38 24.95 22.07
CA GLU F 201 39.97 24.72 21.73
C GLU F 201 39.21 26.05 21.78
N TRP F 202 37.88 25.97 21.81
CA TRP F 202 37.00 27.15 21.76
C TRP F 202 35.89 26.99 22.80
N THR F 203 34.92 27.91 22.74
CA THR F 203 33.71 27.85 23.56
C THR F 203 32.67 28.78 22.92
N THR F 204 31.43 28.66 23.39
CA THR F 204 30.33 29.45 22.84
C THR F 204 29.35 29.83 23.94
N ILE F 205 28.60 30.91 23.67
CA ILE F 205 27.68 31.50 24.63
C ILE F 205 26.33 31.75 23.96
N ARG F 206 25.30 31.91 24.78
CA ARG F 206 23.94 32.16 24.30
C ARG F 206 23.20 33.07 25.27
N ILE F 207 22.40 33.99 24.73
CA ILE F 207 21.56 34.88 25.50
C ILE F 207 20.16 34.92 24.88
N GLN F 208 19.21 35.47 25.63
CA GLN F 208 17.85 35.64 25.14
C GLN F 208 17.16 36.71 25.98
N HIS F 209 15.93 37.04 25.56
CA HIS F 209 15.09 38.00 26.28
C HIS F 209 13.68 37.96 25.73
N LYS F 210 12.68 37.98 26.62
CA LYS F 210 11.28 37.94 26.22
C LYS F 210 10.59 39.26 26.51
N VAL F 211 9.66 39.62 25.63
CA VAL F 211 8.83 40.82 25.79
C VAL F 211 7.43 40.51 25.29
N ALA F 212 6.44 41.07 25.95
CA ALA F 212 5.08 41.04 25.40
C ALA F 212 5.01 41.92 24.17
N GLY F 213 4.16 41.53 23.23
CA GLY F 213 4.08 42.23 21.97
C GLY F 213 3.46 43.60 22.04
N ASN F 214 2.74 43.90 23.12
CA ASN F 214 2.16 45.23 23.30
C ASN F 214 3.23 46.31 23.44
N LYS F 215 4.49 45.93 23.59
CA LYS F 215 5.61 46.86 23.61
C LYS F 215 6.10 47.24 22.23
N LEU F 216 5.31 46.95 21.19
CA LEU F 216 5.73 47.28 19.85
C LEU F 216 5.97 48.78 19.70
N ASN F 217 5.09 49.59 20.28
CA ASN F 217 5.31 51.02 20.44
C ASN F 217 4.60 51.42 21.73
N LYS F 218 5.36 51.41 22.82
CA LYS F 218 4.85 51.71 24.16
C LYS F 218 5.58 52.96 24.64
N LYS F 219 5.00 54.12 24.36
CA LYS F 219 5.62 55.36 24.80
C LYS F 219 5.64 55.43 26.32
N LEU F 220 6.75 55.90 26.86
CA LEU F 220 6.95 56.02 28.29
C LEU F 220 6.59 57.42 28.73
N ALA F 221 5.77 57.52 29.76
CA ALA F 221 5.37 58.80 30.33
C ALA F 221 6.38 59.13 31.43
N MET F 222 7.40 59.90 31.08
CA MET F 222 8.59 60.02 31.92
C MET F 222 8.24 60.81 33.18
N GLY F 223 7.56 60.13 34.10
CA GLY F 223 7.36 60.69 35.42
C GLY F 223 8.68 60.91 36.14
N ILE F 224 9.55 59.90 36.09
CA ILE F 224 10.94 60.04 36.52
C ILE F 224 11.81 59.75 35.31
N PRO F 225 13.03 60.29 35.24
CA PRO F 225 13.81 60.15 34.01
C PRO F 225 14.18 58.70 33.74
N MET F 226 14.29 58.38 32.46
CA MET F 226 14.65 57.04 32.03
C MET F 226 16.15 56.99 31.77
N VAL F 227 16.81 55.94 32.26
CA VAL F 227 18.26 55.85 32.26
C VAL F 227 18.71 54.60 31.52
N ARG F 228 19.86 54.71 30.88
CA ARG F 228 20.55 53.59 30.26
C ARG F 228 21.78 53.25 31.08
N ASN F 229 21.91 51.98 31.48
CA ASN F 229 23.12 51.52 32.14
C ASN F 229 24.25 51.43 31.13
N LEU F 230 25.33 52.17 31.38
CA LEU F 230 26.47 52.17 30.49
C LEU F 230 27.47 51.08 30.90
N GLU F 231 28.49 50.90 30.07
CA GLU F 231 29.52 49.91 30.36
C GLU F 231 30.30 50.28 31.61
N SER F 232 30.70 51.56 31.72
CA SER F 232 31.43 52.04 32.88
C SER F 232 30.71 51.70 34.18
N GLY F 233 29.40 51.57 34.15
CA GLY F 233 28.60 51.43 35.35
C GLY F 233 27.86 52.68 35.75
N LYS F 234 27.72 53.64 34.84
CA LYS F 234 27.10 54.92 35.11
C LYS F 234 25.70 54.96 34.53
N GLN F 235 24.76 55.52 35.30
CA GLN F 235 23.42 55.75 34.80
C GLN F 235 23.40 57.02 33.96
N VAL F 236 23.08 56.88 32.68
CA VAL F 236 22.92 58.01 31.77
C VAL F 236 21.44 58.12 31.41
N LYS F 237 20.90 59.32 31.54
CA LYS F 237 19.50 59.55 31.21
C LYS F 237 19.35 59.78 29.71
N ASP F 238 18.27 59.25 29.14
CA ASP F 238 17.95 59.43 27.75
C ASP F 238 16.55 60.00 27.63
N THR F 239 16.31 60.73 26.54
CA THR F 239 15.03 61.36 26.27
C THR F 239 14.20 60.57 25.28
N ALA F 240 14.36 59.25 25.26
CA ALA F 240 13.64 58.38 24.35
C ALA F 240 12.43 57.81 25.06
N ASN F 241 11.28 57.86 24.39
CA ASN F 241 10.02 57.43 24.99
C ASN F 241 9.65 55.99 24.64
N MET F 242 10.19 55.46 23.55
CA MET F 242 9.99 54.05 23.23
C MET F 242 10.68 53.17 24.26
N TRP F 243 10.03 52.07 24.62
CA TRP F 243 10.60 51.15 25.61
C TRP F 243 11.58 50.18 24.98
N MET F 244 11.40 49.81 23.72
CA MET F 244 12.31 48.86 23.08
C MET F 244 13.69 49.47 22.88
N HIS F 245 13.78 50.79 22.80
CA HIS F 245 15.07 51.45 22.78
C HIS F 245 15.87 51.17 24.04
N TYR F 246 15.20 50.77 25.13
CA TYR F 246 15.86 50.51 26.40
C TYR F 246 16.05 49.03 26.69
N VAL F 247 15.65 48.15 25.77
CA VAL F 247 16.06 46.75 25.83
C VAL F 247 16.98 46.38 24.68
N ASP F 248 16.91 47.09 23.56
CA ASP F 248 17.91 46.95 22.52
C ASP F 248 19.30 47.38 22.98
N TRP F 249 19.39 48.03 24.14
CA TRP F 249 20.67 48.46 24.70
C TRP F 249 21.22 47.43 25.67
N GLU F 250 20.37 46.89 26.55
CA GLU F 250 20.82 45.92 27.53
C GLU F 250 21.18 44.59 26.89
N VAL F 251 20.47 44.18 25.84
CA VAL F 251 20.76 42.89 25.21
C VAL F 251 22.19 42.88 24.68
N GLU F 252 22.55 43.90 23.89
CA GLU F 252 23.90 43.95 23.34
C GLU F 252 24.93 44.21 24.42
N LEU F 253 24.55 44.97 25.45
CA LEU F 253 25.48 45.26 26.53
C LEU F 253 25.82 44.00 27.31
N GLN F 254 24.79 43.30 27.80
CA GLN F 254 25.02 42.05 28.52
C GLN F 254 25.68 41.01 27.62
N PHE F 255 25.38 41.05 26.32
CA PHE F 255 25.97 40.07 25.41
C PHE F 255 27.46 40.35 25.22
N ASP F 256 27.86 41.62 25.22
CA ASP F 256 29.27 41.95 25.22
C ASP F 256 29.92 41.54 26.54
N GLU F 257 29.24 41.81 27.66
CA GLU F 257 29.78 41.44 28.96
C GLU F 257 29.95 39.92 29.06
N TYR F 258 29.03 39.16 28.47
CA TYR F 258 29.16 37.72 28.43
C TYR F 258 30.46 37.31 27.74
N LYS F 259 30.67 37.82 26.52
CA LYS F 259 31.88 37.50 25.77
C LYS F 259 33.12 37.78 26.59
N ASN F 260 33.21 38.99 27.15
CA ASN F 260 34.47 39.45 27.73
C ASN F 260 34.79 38.69 29.01
N ASN F 261 33.80 38.42 29.86
CA ASN F 261 34.05 37.61 31.05
C ASN F 261 34.46 36.20 30.68
N ALA F 262 34.10 35.73 29.49
CA ALA F 262 34.56 34.42 29.03
C ALA F 262 36.00 34.49 28.55
N MET F 263 36.29 35.44 27.64
CA MET F 263 37.63 35.60 27.11
C MET F 263 38.66 35.91 28.20
N ALA F 264 38.23 36.26 29.41
CA ALA F 264 39.12 36.62 30.49
C ALA F 264 39.05 35.67 31.68
N TRP F 265 37.85 35.41 32.20
CA TRP F 265 37.67 34.55 33.35
C TRP F 265 37.17 33.17 32.99
N GLY F 266 37.05 32.86 31.71
CA GLY F 266 36.64 31.53 31.29
C GLY F 266 37.49 30.45 31.91
N THR F 267 36.84 29.42 32.44
CA THR F 267 37.51 28.26 33.00
C THR F 267 37.20 27.04 32.14
N SER F 268 38.11 26.06 32.20
CA SER F 268 37.97 24.84 31.44
C SER F 268 37.41 23.74 32.33
N ASN F 269 36.54 22.93 31.75
CA ASN F 269 35.89 21.83 32.45
C ASN F 269 36.26 20.48 31.86
N ARG F 270 37.34 20.42 31.10
CA ARG F 270 37.76 19.22 30.41
C ARG F 270 38.69 18.41 31.29
N ASN F 271 38.38 17.12 31.45
CA ASN F 271 39.21 16.22 32.19
C ASN F 271 40.47 15.91 31.38
N LEU F 272 41.36 15.10 31.96
CA LEU F 272 42.59 14.72 31.27
C LEU F 272 42.46 13.41 30.50
N ASN F 273 41.31 12.75 30.57
CA ASN F 273 40.98 11.66 29.67
C ASN F 273 40.47 12.19 28.34
N GLY F 274 40.45 13.50 28.17
CA GLY F 274 39.83 14.14 27.03
C GLY F 274 38.37 14.48 27.26
N GLU F 275 37.79 13.99 28.35
CA GLU F 275 36.37 14.12 28.61
C GLU F 275 36.03 15.54 29.07
N TYR F 276 34.75 15.86 28.98
CA TYR F 276 34.19 17.05 29.61
C TYR F 276 33.33 16.61 30.78
N MET F 277 33.04 17.57 31.68
CA MET F 277 32.43 17.26 32.95
C MET F 277 31.12 17.96 33.21
N ASN F 278 30.69 18.86 32.33
CA ASN F 278 29.42 19.56 32.47
C ASN F 278 28.62 19.33 31.20
N PHE F 279 27.41 18.81 31.35
CA PHE F 279 26.57 18.44 30.22
C PHE F 279 25.42 19.43 30.08
N GLY F 280 25.16 19.83 28.85
CA GLY F 280 24.08 20.75 28.57
C GLY F 280 22.73 20.15 28.88
N LYS F 281 21.68 20.95 28.66
CA LYS F 281 20.33 20.46 28.85
C LYS F 281 19.90 19.56 27.70
N SER F 282 20.38 19.87 26.48
CA SER F 282 20.22 18.94 25.36
C SER F 282 20.82 17.58 25.65
N GLY F 283 21.81 17.52 26.54
CA GLY F 283 22.51 16.30 26.88
C GLY F 283 23.93 16.26 26.39
N ASN F 284 24.30 17.12 25.45
CA ASN F 284 25.66 17.21 24.99
C ASN F 284 26.53 17.95 26.00
N ALA F 285 27.84 17.81 25.84
CA ALA F 285 28.78 18.37 26.80
C ALA F 285 28.98 19.86 26.55
N ILE F 286 29.10 20.62 27.63
CA ILE F 286 29.43 22.04 27.55
C ILE F 286 30.94 22.13 27.38
N LYS F 287 31.39 22.36 26.15
CA LYS F 287 32.81 22.32 25.82
C LYS F 287 33.36 23.73 25.98
N THR F 288 33.76 24.05 27.20
CA THR F 288 34.30 25.36 27.55
C THR F 288 35.79 25.44 27.26
N GLY F 289 36.26 26.66 27.07
CA GLY F 289 37.67 26.95 26.95
C GLY F 289 38.10 27.91 28.04
N ALA F 290 39.31 27.70 28.54
CA ALA F 290 39.83 28.54 29.62
C ALA F 290 40.23 29.91 29.09
N GLY F 291 40.17 30.89 29.99
CA GLY F 291 40.50 32.26 29.65
C GLY F 291 41.96 32.58 29.87
N ILE F 292 42.24 33.86 30.09
CA ILE F 292 43.61 34.33 30.20
C ILE F 292 44.17 34.07 31.60
N PHE F 293 43.39 34.37 32.64
CA PHE F 293 43.85 34.21 34.01
C PHE F 293 43.79 32.77 34.49
N GLU F 294 43.56 31.82 33.60
CA GLU F 294 43.71 30.40 33.89
C GLU F 294 44.72 29.73 32.97
N GLN F 295 44.84 30.20 31.73
CA GLN F 295 45.85 29.71 30.81
C GLN F 295 47.24 30.19 31.17
N THR F 296 47.33 31.30 31.92
CA THR F 296 48.61 31.87 32.34
C THR F 296 48.99 31.49 33.76
N GLU F 297 48.02 31.07 34.58
CA GLU F 297 48.27 30.72 35.98
C GLU F 297 48.68 29.27 36.15
N VAL F 298 49.23 28.66 35.11
CA VAL F 298 49.72 27.29 35.15
C VAL F 298 51.24 27.24 35.23
N ALA F 299 51.90 28.40 35.36
CA ALA F 299 53.35 28.45 35.34
C ALA F 299 53.87 29.79 35.84
N ASN F 300 54.83 29.76 36.76
CA ASN F 300 55.50 30.95 37.27
C ASN F 300 54.53 31.82 38.06
N THR F 301 53.69 31.19 38.88
CA THR F 301 52.67 31.88 39.66
C THR F 301 52.74 31.41 41.10
N MET F 302 53.07 32.33 42.01
CA MET F 302 53.14 32.03 43.43
C MET F 302 51.97 32.67 44.17
N TYR F 303 51.55 32.04 45.25
CA TYR F 303 50.47 32.51 46.09
C TYR F 303 51.04 32.83 47.46
N TYR F 304 51.37 34.11 47.69
CA TYR F 304 52.01 34.54 48.91
C TYR F 304 51.00 34.89 49.99
N ASN F 305 51.46 34.80 51.24
CA ASN F 305 50.76 35.35 52.39
C ASN F 305 51.34 36.69 52.83
N THR F 306 52.65 36.87 52.70
CA THR F 306 53.33 38.10 53.08
C THR F 306 54.26 38.50 51.94
N PHE F 307 54.14 39.76 51.51
CA PHE F 307 54.98 40.25 50.44
C PHE F 307 56.40 40.50 50.94
N SER F 308 57.35 40.41 50.03
CA SER F 308 58.75 40.63 50.36
C SER F 308 59.54 40.78 49.07
N LEU F 309 60.39 41.80 49.02
CA LEU F 309 61.28 41.94 47.87
C LEU F 309 62.26 40.78 47.80
N LYS F 310 62.58 40.18 48.95
CA LYS F 310 63.42 38.99 48.99
C LYS F 310 62.87 37.91 48.07
N LEU F 311 61.61 37.51 48.29
CA LEU F 311 61.01 36.49 47.46
C LEU F 311 60.95 36.94 46.00
N LEU F 312 60.42 38.14 45.76
CA LEU F 312 60.24 38.61 44.39
C LEU F 312 61.55 38.67 43.65
N GLU F 313 62.60 39.24 44.26
CA GLU F 313 63.86 39.39 43.56
C GLU F 313 64.49 38.03 43.26
N ASP F 314 64.39 37.09 44.20
CA ASP F 314 64.87 35.74 43.94
C ASP F 314 64.15 35.12 42.76
N ALA F 315 62.82 35.25 42.73
CA ALA F 315 62.01 34.64 41.69
C ALA F 315 62.45 35.12 40.31
N LEU F 316 62.36 36.43 40.07
CA LEU F 316 62.60 36.99 38.75
C LEU F 316 64.06 37.32 38.50
N TYR F 317 64.98 36.76 39.29
CA TYR F 317 66.39 36.68 38.91
C TYR F 317 66.80 35.26 38.53
N GLU F 318 66.47 34.28 39.38
CA GLU F 318 66.67 32.89 39.00
C GLU F 318 66.06 32.61 37.63
N LEU F 319 64.86 33.13 37.40
CA LEU F 319 64.25 33.06 36.09
C LEU F 319 65.08 33.79 35.05
N SER F 320 65.66 34.93 35.43
CA SER F 320 66.41 35.73 34.48
C SER F 320 67.77 35.10 34.18
N ALA F 321 68.41 34.54 35.20
CA ALA F 321 69.66 33.81 34.97
C ALA F 321 69.41 32.56 34.15
N SER F 322 68.22 31.96 34.29
CA SER F 322 67.91 30.72 33.59
C SER F 322 67.41 30.98 32.17
N LYS F 323 66.76 32.11 31.92
CA LYS F 323 66.04 32.33 30.68
C LYS F 323 66.37 33.63 29.96
N LEU F 324 66.85 34.65 30.67
CA LEU F 324 66.97 35.99 30.09
C LEU F 324 68.43 36.40 29.98
N ALA F 325 68.69 37.28 29.02
CA ALA F 325 69.99 37.92 28.91
C ALA F 325 70.13 38.95 30.03
N MET F 326 71.24 39.67 30.01
CA MET F 326 71.47 40.71 31.00
C MET F 326 70.78 42.01 30.62
N ASP F 327 70.57 42.25 29.32
CA ASP F 327 70.00 43.48 28.83
C ASP F 327 68.51 43.35 28.50
N ASP F 328 67.85 42.30 28.97
CA ASP F 328 66.44 42.06 28.71
C ASP F 328 65.72 41.63 29.97
N ARG F 329 66.09 42.21 31.11
CA ARG F 329 65.50 41.89 32.40
C ARG F 329 64.63 43.03 32.93
N LEU F 330 64.06 43.82 32.03
CA LEU F 330 63.10 44.85 32.39
C LEU F 330 61.75 44.19 32.61
N PHE F 331 61.35 44.04 33.87
CA PHE F 331 60.02 43.56 34.20
C PHE F 331 59.11 44.74 34.53
N VAL F 332 58.00 44.84 33.82
CA VAL F 332 57.01 45.90 34.04
C VAL F 332 55.84 45.24 34.76
N ILE F 333 55.76 45.47 36.06
CA ILE F 333 54.72 44.85 36.87
C ILE F 333 53.40 45.61 36.67
N LYS F 334 52.31 44.89 36.85
CA LYS F 334 50.97 45.45 36.71
C LYS F 334 50.15 45.01 37.91
N THR F 335 49.49 45.96 38.56
CA THR F 335 48.79 45.71 39.81
C THR F 335 47.88 46.89 40.09
N GLY F 336 47.27 46.89 41.27
CA GLY F 336 46.43 47.98 41.70
C GLY F 336 47.15 48.93 42.64
N GLU F 337 46.56 50.10 42.82
CA GLU F 337 47.12 51.14 43.67
C GLU F 337 47.63 50.58 44.98
N ARG F 338 46.84 49.68 45.59
CA ARG F 338 47.23 49.11 46.87
C ARG F 338 48.49 48.26 46.75
N GLY F 339 48.78 47.74 45.55
CA GLY F 339 50.01 47.02 45.35
C GLY F 339 51.19 47.97 45.25
N ALA F 340 51.03 49.07 44.52
CA ALA F 340 52.07 50.10 44.49
C ALA F 340 52.41 50.58 45.88
N ILE F 341 51.41 50.71 46.76
CA ILE F 341 51.66 51.11 48.13
C ILE F 341 52.39 50.01 48.89
N GLN F 342 51.98 48.76 48.69
CA GLN F 342 52.67 47.65 49.33
C GLN F 342 54.11 47.55 48.84
N PHE F 343 54.31 47.74 47.54
CA PHE F 343 55.66 47.80 46.99
C PHE F 343 56.46 48.93 47.63
N HIS F 344 55.82 50.09 47.81
CA HIS F 344 56.49 51.23 48.42
C HIS F 344 56.98 50.89 49.83
N LYS F 345 56.08 50.36 50.67
CA LYS F 345 56.45 50.04 52.04
C LYS F 345 57.62 49.06 52.09
N GLU F 346 57.70 48.15 51.12
CA GLU F 346 58.73 47.11 51.16
C GLU F 346 60.08 47.65 50.70
N VAL F 347 60.11 48.36 49.57
CA VAL F 347 61.34 49.05 49.17
C VAL F 347 61.83 49.93 50.31
N LEU F 348 60.90 50.53 51.05
CA LEU F 348 61.26 51.38 52.17
C LEU F 348 61.85 50.55 53.30
N LYS F 349 61.16 49.51 53.72
CA LYS F 349 61.70 48.62 54.74
C LYS F 349 63.07 48.09 54.34
N THR F 350 63.26 47.81 53.05
CA THR F 350 64.54 47.33 52.57
C THR F 350 65.60 48.41 52.69
N VAL F 351 65.39 49.54 52.01
CA VAL F 351 66.32 50.66 52.09
C VAL F 351 66.55 51.08 53.53
N SER F 352 65.54 50.93 54.39
CA SER F 352 65.69 51.29 55.80
C SER F 352 66.63 50.35 56.54
N GLY F 353 67.19 49.35 55.88
CA GLY F 353 68.15 48.46 56.50
C GLY F 353 69.55 48.75 56.01
N TRP F 354 69.68 49.75 55.13
CA TRP F 354 70.98 50.18 54.62
C TRP F 354 71.61 51.15 55.63
N THR F 355 72.01 50.59 56.77
CA THR F 355 72.68 51.39 57.79
C THR F 355 73.97 52.02 57.28
N THR F 356 74.53 51.48 56.20
CA THR F 356 75.77 52.03 55.67
C THR F 356 75.56 53.43 55.13
N PHE F 357 74.43 53.68 54.47
CA PHE F 357 74.19 54.93 53.77
C PHE F 357 73.34 55.87 54.62
N VAL F 358 73.24 57.11 54.13
CA VAL F 358 72.31 58.10 54.65
C VAL F 358 71.63 58.74 53.45
N LEU F 359 70.30 58.73 53.45
CA LEU F 359 69.52 59.21 52.32
C LEU F 359 69.39 60.72 52.44
N ASP F 360 70.22 61.44 51.69
CA ASP F 360 70.24 62.89 51.76
C ASP F 360 68.96 63.47 51.19
N ASN F 361 68.37 64.42 51.91
CA ASN F 361 67.22 65.14 51.37
C ASN F 361 67.62 66.04 50.20
N ASN F 362 68.90 66.42 50.11
CA ASN F 362 69.39 67.10 48.92
C ASN F 362 69.08 66.32 47.65
N SER F 363 69.23 65.00 47.72
CA SER F 363 69.10 64.13 46.56
C SER F 363 67.70 63.54 46.43
N THR F 364 67.14 63.04 47.53
CA THR F 364 65.79 62.48 47.49
C THR F 364 64.73 63.58 47.38
N ARG F 365 64.91 64.67 48.14
CA ARG F 365 63.95 65.77 48.15
C ARG F 365 62.58 65.32 48.65
N VAL F 366 62.58 64.49 49.70
CA VAL F 366 61.32 64.12 50.33
C VAL F 366 60.63 65.35 50.88
N VAL F 367 61.41 66.30 51.38
CA VAL F 367 60.91 67.58 51.89
C VAL F 367 61.50 68.67 51.00
N GLU F 368 60.62 69.45 50.38
CA GLU F 368 61.02 70.45 49.40
C GLU F 368 60.34 71.77 49.70
N LYS F 369 60.74 72.81 48.98
CA LYS F 369 60.33 74.17 49.25
C LYS F 369 59.02 74.50 48.53
N VAL F 370 58.27 75.42 49.12
CA VAL F 370 56.96 75.81 48.62
C VAL F 370 56.79 77.32 48.78
N GLN F 371 56.29 77.97 47.74
CA GLN F 371 55.87 79.36 47.88
C GLN F 371 54.54 79.41 48.62
N SER F 372 54.42 80.37 49.53
CA SER F 372 53.22 80.49 50.34
C SER F 372 53.09 81.93 50.80
N ARG F 373 52.18 82.16 51.74
CA ARG F 373 52.02 83.45 52.40
C ARG F 373 51.97 83.33 53.91
N LEU F 374 51.82 82.12 54.45
CA LEU F 374 51.90 81.89 55.89
C LEU F 374 53.32 81.92 56.42
N HIS F 375 54.31 81.90 55.53
CA HIS F 375 55.71 81.77 55.92
C HIS F 375 56.56 81.90 54.67
N SER F 376 57.85 82.13 54.88
CA SER F 376 58.80 82.18 53.78
C SER F 376 59.54 80.86 53.59
N ASN F 377 59.91 80.20 54.68
CA ASN F 377 60.43 78.83 54.63
C ASN F 377 59.24 77.89 54.82
N ALA F 378 58.49 77.71 53.74
CA ALA F 378 57.30 76.87 53.72
C ALA F 378 57.64 75.57 53.01
N LEU F 379 57.42 74.45 53.70
CA LEU F 379 57.89 73.16 53.23
C LEU F 379 56.75 72.33 52.66
N SER F 380 57.10 71.12 52.20
CA SER F 380 56.13 70.14 51.71
C SER F 380 56.83 68.78 51.68
N ALA F 381 56.19 67.79 52.30
CA ALA F 381 56.75 66.46 52.45
C ALA F 381 56.06 65.49 51.50
N GLY F 382 56.62 64.27 51.43
CA GLY F 382 56.04 63.22 50.62
C GLY F 382 56.99 62.60 49.63
N PHE F 383 56.91 61.27 49.48
CA PHE F 383 57.73 60.53 48.54
C PHE F 383 57.06 59.18 48.29
N GLN F 384 57.47 58.53 47.20
CA GLN F 384 56.98 57.21 46.89
C GLN F 384 58.06 56.40 46.17
N PHE F 385 58.14 55.13 46.51
CA PHE F 385 59.05 54.20 45.86
C PHE F 385 58.31 53.45 44.76
N VAL F 386 58.87 53.45 43.55
CA VAL F 386 58.24 52.84 42.39
C VAL F 386 59.09 51.73 41.79
N GLU F 387 60.39 51.94 41.68
CA GLU F 387 61.30 50.96 41.08
C GLU F 387 62.10 50.25 42.16
N TYR F 388 62.76 49.18 41.73
CA TYR F 388 63.80 48.53 42.52
C TYR F 388 64.77 47.91 41.53
N LYS F 389 66.02 48.34 41.59
CA LYS F 389 67.04 47.88 40.66
C LYS F 389 67.90 46.85 41.39
N ALA F 390 67.72 45.59 41.06
CA ALA F 390 68.43 44.49 41.68
C ALA F 390 69.65 44.13 40.85
N PRO F 391 70.54 43.31 41.38
CA PRO F 391 71.79 43.01 40.68
C PRO F 391 71.55 42.33 39.34
N ASN F 392 72.52 42.49 38.45
CA ASN F 392 72.56 41.79 37.17
C ASN F 392 71.49 42.29 36.19
N GLY F 393 71.14 43.57 36.25
CA GLY F 393 70.25 44.16 35.28
C GLY F 393 68.78 43.96 35.56
N VAL F 394 68.42 43.42 36.71
CA VAL F 394 67.02 43.15 37.08
C VAL F 394 66.38 44.49 37.46
N ARG F 395 65.49 44.99 36.62
CA ARG F 395 64.82 46.26 36.83
C ARG F 395 63.31 46.04 36.79
N VAL F 396 62.64 46.37 37.89
CA VAL F 396 61.19 46.18 38.03
C VAL F 396 60.52 47.55 38.06
N ARG F 397 59.81 47.89 36.99
CA ARG F 397 58.93 49.04 36.99
C ARG F 397 57.52 48.62 37.41
N LEU F 398 56.61 49.59 37.42
CA LEU F 398 55.21 49.35 37.76
C LEU F 398 54.31 49.93 36.69
N ASP F 399 53.14 49.33 36.53
CA ASP F 399 52.08 49.83 35.65
C ASP F 399 50.76 49.57 36.35
N VAL F 400 50.31 50.55 37.14
CA VAL F 400 49.08 50.38 37.90
C VAL F 400 47.88 50.45 36.98
N ASP F 401 47.04 49.42 37.03
CA ASP F 401 45.86 49.33 36.17
C ASP F 401 44.60 49.40 37.01
N PRO F 402 43.61 50.21 36.64
CA PRO F 402 42.37 50.21 37.42
C PRO F 402 41.61 48.89 37.35
N PHE F 403 41.75 48.15 36.25
CA PHE F 403 41.15 46.83 36.16
C PHE F 403 41.50 45.97 37.37
N TYR F 404 42.66 46.22 37.97
CA TYR F 404 43.08 45.52 39.18
C TYR F 404 42.43 46.07 40.44
N ASP F 405 41.59 47.09 40.32
CA ASP F 405 40.97 47.74 41.45
C ASP F 405 39.45 47.62 41.49
N ASP F 406 38.82 47.22 40.38
CA ASP F 406 37.36 47.09 40.29
C ASP F 406 36.79 46.46 41.56
N PRO F 407 35.92 47.16 42.28
CA PRO F 407 35.36 46.59 43.52
C PRO F 407 34.13 45.73 43.33
N VAL F 408 33.56 45.68 42.13
CA VAL F 408 32.46 44.76 41.86
C VAL F 408 32.98 43.35 41.63
N ARG F 409 33.85 43.20 40.62
CA ARG F 409 34.45 41.90 40.35
C ARG F 409 35.22 41.39 41.56
N ASN F 410 36.03 42.24 42.18
CA ASN F 410 36.90 41.86 43.27
C ASN F 410 36.19 42.17 44.58
N LYS F 411 35.66 41.11 45.20
CA LYS F 411 34.82 41.22 46.39
C LYS F 411 35.53 40.81 47.66
N ILE F 412 36.75 40.29 47.57
CA ILE F 412 37.54 39.94 48.74
C ILE F 412 38.39 41.15 49.11
N LEU F 413 38.38 41.50 50.39
CA LEU F 413 39.00 42.72 50.87
C LEU F 413 40.22 42.42 51.71
N HIS F 414 41.26 43.22 51.52
CA HIS F 414 42.51 43.04 52.24
C HIS F 414 42.45 43.72 53.61
N PRO F 415 43.17 43.19 54.60
CA PRO F 415 43.25 43.89 55.90
C PRO F 415 43.78 45.30 55.79
N MET F 416 44.56 45.61 54.77
CA MET F 416 45.16 46.94 54.60
C MET F 416 44.27 47.87 53.81
N GLY F 417 43.08 47.44 53.42
CA GLY F 417 42.16 48.31 52.71
C GLY F 417 42.24 48.19 51.21
N GLY F 418 41.15 47.78 50.60
CA GLY F 418 41.05 47.67 49.16
C GLY F 418 40.55 46.29 48.80
N VAL F 419 40.76 45.93 47.54
CA VAL F 419 40.46 44.58 47.07
C VAL F 419 41.78 43.81 47.00
N ALA F 420 41.74 42.55 47.42
CA ALA F 420 42.94 41.73 47.40
C ALA F 420 43.54 41.63 46.00
N PHE F 421 42.73 41.81 44.97
CA PHE F 421 43.23 41.77 43.60
C PHE F 421 44.18 42.90 43.28
N SER F 422 44.24 43.94 44.11
CA SER F 422 45.22 45.00 43.92
C SER F 422 46.57 44.65 44.52
N TYR F 423 46.59 43.75 45.49
CA TYR F 423 47.84 43.24 46.05
C TYR F 423 48.34 42.06 45.23
N ARG F 424 48.40 42.25 43.92
CA ARG F 424 48.69 41.17 43.00
C ARG F 424 49.49 41.74 41.83
N TYR F 425 50.59 41.08 41.51
CA TYR F 425 51.57 41.57 40.54
C TYR F 425 51.70 40.57 39.41
N ASP F 426 51.63 41.06 38.18
CA ASP F 426 51.59 40.19 37.00
C ASP F 426 52.49 40.78 35.93
N ILE F 427 53.50 40.00 35.53
CA ILE F 427 54.31 40.30 34.35
C ILE F 427 53.72 39.50 33.20
N TRP F 428 53.15 40.20 32.22
CA TRP F 428 52.41 39.53 31.16
C TRP F 428 53.29 39.17 29.97
N TYR F 429 54.40 39.88 29.76
CA TYR F 429 55.31 39.64 28.64
C TYR F 429 56.73 39.54 29.17
N ILE F 430 57.10 38.32 29.58
CA ILE F 430 58.47 38.04 30.00
C ILE F 430 59.33 37.84 28.76
N GLY F 431 60.22 38.77 28.49
CA GLY F 431 61.11 38.67 27.36
C GLY F 431 60.52 39.28 26.11
N THR F 432 61.00 38.80 24.97
CA THR F 432 60.51 39.22 23.66
C THR F 432 60.13 37.99 22.87
N MET F 433 59.28 38.20 21.86
CA MET F 433 58.67 37.11 21.14
C MET F 433 58.36 37.58 19.72
N ASP F 434 58.71 36.74 18.74
CA ASP F 434 58.43 37.11 17.35
C ASP F 434 56.95 37.21 17.09
N GLN F 435 56.13 36.49 17.85
CA GLN F 435 54.69 36.45 17.68
C GLN F 435 54.02 36.70 19.02
N PRO F 436 52.76 37.14 19.01
CA PRO F 436 52.05 37.38 20.27
C PRO F 436 51.78 36.08 21.01
N ASN F 437 52.31 35.98 22.23
CA ASN F 437 51.98 34.83 23.08
C ASN F 437 50.50 34.83 23.44
N ILE F 438 49.89 36.01 23.52
CA ILE F 438 48.48 36.14 23.88
C ILE F 438 47.76 36.71 22.67
N PHE F 439 46.56 36.19 22.41
CA PHE F 439 45.71 36.74 21.36
C PHE F 439 44.34 36.10 21.46
N LYS F 440 43.33 36.83 21.03
CA LYS F 440 41.96 36.35 21.00
C LYS F 440 41.67 35.69 19.66
N CYS F 441 40.83 34.67 19.70
CA CYS F 441 40.58 33.82 18.55
C CYS F 441 39.20 34.10 17.99
N LYS F 442 39.10 34.18 16.67
CA LYS F 442 37.86 34.50 15.97
C LYS F 442 37.67 33.54 14.81
N ILE F 443 36.40 33.28 14.47
CA ILE F 443 36.04 32.45 13.34
C ILE F 443 35.46 33.36 12.27
N LYS F 444 36.00 33.28 11.06
CA LYS F 444 35.70 34.28 10.03
C LYS F 444 34.20 34.40 9.80
N GLY F 445 33.54 33.28 9.55
CA GLY F 445 32.11 33.31 9.26
C GLY F 445 31.24 33.12 10.49
N ASP F 446 31.51 32.05 11.23
CA ASP F 446 30.70 31.70 12.41
C ASP F 446 31.07 32.65 13.56
N ASN F 447 30.61 33.89 13.41
CA ASN F 447 30.83 34.92 14.43
C ASN F 447 29.65 35.05 15.38
N GLU F 448 28.46 35.35 14.86
CA GLU F 448 27.29 35.51 15.71
C GLU F 448 26.02 35.24 14.90
N TYR F 449 25.00 34.76 15.59
CA TYR F 449 23.69 34.49 15.01
C TYR F 449 22.61 35.18 15.85
N ARG F 450 21.66 35.82 15.17
CA ARG F 450 20.51 36.44 15.82
C ARG F 450 19.23 35.84 15.27
N GLY F 451 18.23 35.70 16.14
CA GLY F 451 16.96 35.13 15.74
C GLY F 451 15.83 35.65 16.59
N TYR F 452 14.64 35.71 16.00
CA TYR F 452 13.43 36.16 16.67
C TYR F 452 12.41 35.04 16.69
N GLN F 453 11.98 34.64 17.88
CA GLN F 453 10.93 33.65 18.07
C GLN F 453 9.72 34.38 18.64
N TRP F 454 8.72 34.63 17.80
CA TRP F 454 7.63 35.51 18.19
C TRP F 454 6.32 35.07 17.57
N GLY F 455 5.23 35.58 18.14
CA GLY F 455 3.90 35.29 17.67
C GLY F 455 3.34 36.28 16.67
N ILE F 456 2.28 36.99 17.04
CA ILE F 456 1.53 37.81 16.09
C ILE F 456 2.11 39.21 15.91
N ARG F 457 3.07 39.62 16.74
CA ARG F 457 3.73 40.90 16.52
C ARG F 457 5.09 40.88 17.19
N ASN F 458 6.02 41.65 16.61
CA ASN F 458 7.40 41.68 17.07
C ASN F 458 7.80 43.11 17.42
N PRO F 459 8.02 43.42 18.69
CA PRO F 459 8.51 44.77 19.01
C PRO F 459 9.92 45.04 18.53
N PHE F 460 10.80 44.04 18.58
CA PHE F 460 12.19 44.26 18.19
C PHE F 460 12.28 44.84 16.78
N THR F 461 11.43 44.36 15.87
CA THR F 461 11.43 44.83 14.50
C THR F 461 10.27 45.76 14.19
N GLY F 462 9.18 45.67 14.93
CA GLY F 462 7.98 46.44 14.63
C GLY F 462 7.03 45.75 13.69
N GLN F 463 7.18 44.44 13.49
CA GLN F 463 6.30 43.71 12.59
C GLN F 463 5.02 43.35 13.33
N LYS F 464 3.89 43.66 12.70
CA LYS F 464 2.59 43.55 13.35
C LYS F 464 1.85 42.25 13.03
N GLY F 465 2.25 41.56 11.97
CA GLY F 465 1.69 40.26 11.67
C GLY F 465 2.61 39.40 10.83
N ASN F 466 2.72 38.11 11.17
CA ASN F 466 3.59 37.20 10.45
C ASN F 466 2.78 36.11 9.76
N PRO F 467 3.09 35.79 8.49
CA PRO F 467 2.52 34.57 7.90
C PRO F 467 3.13 33.31 8.48
N TYR F 468 4.30 33.43 9.10
CA TYR F 468 5.00 32.31 9.70
C TYR F 468 5.10 32.53 11.20
N MET F 469 4.03 32.18 11.91
CA MET F 469 4.00 32.37 13.35
C MET F 469 4.54 31.15 14.06
N SER F 470 5.16 31.38 15.22
CA SER F 470 5.84 30.35 15.99
C SER F 470 5.01 29.85 17.16
N PHE F 471 4.18 30.70 17.75
CA PHE F 471 3.29 30.31 18.82
C PHE F 471 2.09 31.24 18.82
N ASP F 472 1.04 30.82 19.52
CA ASP F 472 -0.19 31.60 19.55
C ASP F 472 -0.07 32.77 20.52
N GLU F 473 0.70 32.60 21.59
CA GLU F 473 0.85 33.66 22.57
C GLU F 473 1.29 34.96 21.90
N ASP F 474 0.82 36.08 22.44
CA ASP F 474 1.26 37.40 22.00
C ASP F 474 2.51 37.73 22.79
N SER F 475 3.66 37.56 22.14
CA SER F 475 4.95 37.76 22.78
C SER F 475 6.01 37.82 21.70
N ALA F 476 7.27 37.81 22.11
CA ALA F 476 8.41 37.81 21.22
C ALA F 476 9.64 37.46 22.03
N VAL F 477 10.58 36.78 21.39
CA VAL F 477 11.81 36.36 22.04
C VAL F 477 12.95 36.57 21.07
N ILE F 478 14.09 37.00 21.60
CA ILE F 478 15.30 37.21 20.82
C ILE F 478 16.33 36.20 21.28
N HIS F 479 17.15 35.73 20.34
CA HIS F 479 18.18 34.75 20.63
C HIS F 479 19.46 35.19 19.94
N ARG F 480 20.56 35.16 20.68
CA ARG F 480 21.87 35.45 20.13
C ARG F 480 22.86 34.41 20.59
N MET F 481 23.83 34.12 19.74
CA MET F 481 24.78 33.05 20.00
C MET F 481 26.09 33.38 19.29
N ALA F 482 27.20 33.26 20.01
CA ALA F 482 28.52 33.50 19.45
C ALA F 482 29.53 32.61 20.13
N THR F 483 30.63 32.36 19.42
CA THR F 483 31.73 31.55 19.92
C THR F 483 33.00 32.38 19.94
N LEU F 484 33.96 31.92 20.75
CA LEU F 484 35.14 32.72 21.05
C LEU F 484 36.22 31.82 21.60
N GLY F 485 37.44 32.36 21.64
CA GLY F 485 38.57 31.61 22.14
C GLY F 485 39.81 32.46 22.35
N VAL F 486 40.62 32.09 23.33
CA VAL F 486 41.90 32.74 23.60
C VAL F 486 42.97 31.67 23.71
N CYS F 487 44.17 32.00 23.24
CA CYS F 487 45.29 31.07 23.23
C CYS F 487 46.51 31.74 23.85
N VAL F 488 47.15 31.07 24.80
CA VAL F 488 48.45 31.44 25.29
C VAL F 488 49.41 30.36 24.81
N LEU F 489 50.36 30.74 23.95
CA LEU F 489 51.28 29.75 23.40
C LEU F 489 52.23 29.23 24.48
N ASP F 490 52.73 30.12 25.33
CA ASP F 490 53.66 29.75 26.39
C ASP F 490 53.25 30.44 27.69
N PRO F 491 52.79 29.69 28.70
CA PRO F 491 52.49 30.34 29.99
C PRO F 491 53.72 30.76 30.75
N THR F 492 54.82 30.01 30.61
CA THR F 492 56.03 30.30 31.38
C THR F 492 56.52 31.72 31.17
N ARG F 493 56.06 32.41 30.12
CA ARG F 493 56.40 33.80 29.88
C ARG F 493 55.39 34.76 30.51
N THR F 494 54.74 34.33 31.59
CA THR F 494 53.78 35.17 32.30
C THR F 494 53.91 34.84 33.78
N MET F 495 54.46 35.78 34.55
CA MET F 495 54.62 35.60 35.98
C MET F 495 53.52 36.36 36.72
N SER F 496 52.98 35.73 37.75
CA SER F 496 51.88 36.31 38.53
C SER F 496 52.13 36.05 40.00
N LEU F 497 52.31 37.12 40.77
CA LEU F 497 52.50 37.04 42.21
C LEU F 497 51.17 37.41 42.87
N ILE F 498 50.58 36.43 43.56
CA ILE F 498 49.17 36.51 43.96
C ILE F 498 49.08 36.30 45.47
N PRO F 499 48.13 36.93 46.15
CA PRO F 499 47.94 36.63 47.57
C PRO F 499 47.27 35.28 47.78
N ALA F 500 47.60 34.66 48.91
CA ALA F 500 47.10 33.33 49.21
C ALA F 500 45.63 33.30 49.62
N ILE F 501 44.98 34.46 49.71
CA ILE F 501 43.58 34.49 50.12
C ILE F 501 42.64 34.31 48.92
N LEU F 502 43.03 34.81 47.75
CA LEU F 502 42.19 34.61 46.57
C LEU F 502 41.99 33.13 46.31
N GLN F 503 43.09 32.39 46.21
CA GLN F 503 43.08 30.95 46.41
C GLN F 503 44.50 30.40 46.47
N GLY F 504 44.75 29.51 47.42
CA GLY F 504 46.05 28.88 47.54
C GLY F 504 46.09 27.58 46.77
N ALA G 2 20.47 138.07 95.03
CA ALA G 2 20.56 136.93 95.92
C ALA G 2 19.37 136.01 95.73
N GLY G 3 18.87 135.94 94.51
CA GLY G 3 17.76 135.08 94.17
C GLY G 3 17.73 134.81 92.69
N LYS G 4 16.68 134.12 92.27
CA LYS G 4 16.49 133.76 90.87
C LYS G 4 15.47 134.66 90.23
N LEU G 5 15.83 135.27 89.10
CA LEU G 5 14.85 136.04 88.35
C LEU G 5 13.80 135.15 87.72
N GLY G 6 14.19 133.94 87.34
CA GLY G 6 13.28 132.99 86.72
C GLY G 6 13.26 131.68 87.47
N LYS G 7 12.64 130.67 86.88
CA LYS G 7 12.51 129.38 87.54
C LYS G 7 13.79 128.56 87.40
N PHE G 8 14.52 128.74 86.30
CA PHE G 8 15.71 127.93 85.99
C PHE G 8 16.86 128.85 85.61
N GLN G 9 17.60 129.31 86.62
CA GLN G 9 18.89 129.96 86.41
C GLN G 9 19.82 129.38 87.48
N MET G 10 20.74 128.52 87.06
CA MET G 10 21.54 127.72 87.98
C MET G 10 22.74 128.49 88.52
N LEU G 11 23.12 129.57 87.86
CA LEU G 11 24.29 130.34 88.26
C LEU G 11 23.88 131.47 89.19
N GLY G 12 24.52 131.51 90.35
CA GLY G 12 24.52 132.73 91.14
C GLY G 12 25.74 133.56 90.85
N PHE G 13 25.65 134.84 91.19
CA PHE G 13 26.76 135.75 90.97
C PHE G 13 27.87 135.43 91.97
N GLN G 14 29.05 135.14 91.46
CA GLN G 14 30.21 134.83 92.30
C GLN G 14 31.16 136.01 92.33
N HIS G 15 32.09 135.97 93.29
CA HIS G 15 32.95 137.11 93.55
C HIS G 15 34.05 136.69 94.51
N TRP G 16 35.21 137.33 94.38
CA TRP G 16 36.34 137.04 95.24
C TRP G 16 37.31 138.22 95.25
N LYS G 17 38.11 138.30 96.30
CA LYS G 17 39.16 139.29 96.43
C LYS G 17 40.53 138.64 96.28
N GLY G 18 41.45 139.37 95.64
CA GLY G 18 42.86 139.12 95.82
C GLY G 18 43.50 138.16 94.84
N LEU G 19 44.45 137.38 95.33
CA LEU G 19 45.22 136.47 94.50
C LEU G 19 44.30 135.49 93.79
N THR G 20 44.20 135.61 92.48
CA THR G 20 43.33 134.77 91.67
C THR G 20 44.16 133.63 91.09
N SER G 21 43.81 132.41 91.48
CA SER G 21 44.45 131.20 91.00
C SER G 21 43.69 130.61 89.83
N ASP G 22 44.35 129.71 89.11
CA ASP G 22 43.67 128.95 88.07
C ASP G 22 42.39 128.32 88.60
N ASN G 23 42.45 127.81 89.85
CA ASN G 23 41.25 127.27 90.47
C ASN G 23 40.10 128.27 90.43
N HIS G 24 40.39 129.53 90.78
CA HIS G 24 39.37 130.56 90.73
C HIS G 24 38.75 130.66 89.34
N LEU G 25 39.60 130.77 88.31
CA LEU G 25 39.12 130.91 86.95
C LEU G 25 38.34 129.69 86.49
N GLY G 26 38.66 128.52 87.05
CA GLY G 26 37.90 127.34 86.71
C GLY G 26 36.60 127.22 87.47
N ALA G 27 36.54 127.76 88.68
CA ALA G 27 35.30 127.82 89.45
C ALA G 27 34.38 128.91 88.95
N ILE G 28 34.80 129.72 87.98
CA ILE G 28 33.93 130.73 87.36
C ILE G 28 33.87 130.46 85.87
N PHE G 29 34.23 129.24 85.47
CA PHE G 29 33.96 128.72 84.13
C PHE G 29 34.76 129.48 83.07
N GLN G 30 36.05 129.67 83.30
CA GLN G 30 36.91 130.41 82.39
C GLN G 30 38.13 129.63 81.94
N GLN G 31 38.24 128.36 82.29
CA GLN G 31 39.31 127.48 81.83
C GLN G 31 38.69 126.20 81.29
N ALA G 32 38.96 125.90 80.03
CA ALA G 32 38.36 124.74 79.37
C ALA G 32 39.44 123.90 78.70
N PRO G 33 39.31 122.57 78.74
CA PRO G 33 40.31 121.73 78.06
C PRO G 33 40.18 121.83 76.55
N GLN G 34 41.33 121.77 75.87
CA GLN G 34 41.39 121.93 74.43
C GLN G 34 41.31 120.57 73.76
N LYS G 35 40.42 120.45 72.78
CA LYS G 35 40.26 119.21 72.04
C LYS G 35 41.22 119.18 70.86
N ALA G 36 42.03 118.14 70.79
CA ALA G 36 42.92 117.93 69.66
C ALA G 36 42.18 117.18 68.57
N THR G 37 41.98 117.83 67.42
CA THR G 37 41.20 117.24 66.35
C THR G 37 41.97 116.13 65.65
N ASN G 38 43.26 116.34 65.42
CA ASN G 38 44.09 115.40 64.67
C ASN G 38 44.81 114.40 65.57
N LEU G 39 44.25 114.09 66.75
CA LEU G 39 44.85 113.15 67.68
C LEU G 39 43.91 112.02 68.05
N MET G 40 42.99 111.68 67.15
CA MET G 40 42.00 110.64 67.44
C MET G 40 42.56 109.26 67.11
N VAL G 41 42.26 108.30 67.97
CA VAL G 41 42.78 106.94 67.86
C VAL G 41 41.63 106.01 67.52
N GLN G 42 41.88 105.10 66.59
CA GLN G 42 40.97 104.01 66.27
C GLN G 42 41.55 102.73 66.86
N LEU G 43 40.82 102.13 67.80
CA LEU G 43 41.30 100.91 68.42
C LEU G 43 41.69 99.89 67.35
N LEU G 44 42.68 99.08 67.67
CA LEU G 44 43.31 98.21 66.67
C LEU G 44 42.78 96.79 66.81
N ALA G 45 42.36 96.22 65.69
CA ALA G 45 41.94 94.83 65.62
C ALA G 45 41.76 94.45 64.17
N PHE G 46 41.88 93.16 63.89
CA PHE G 46 41.58 92.62 62.58
C PHE G 46 40.09 92.29 62.58
N TYR G 47 39.31 93.06 61.82
CA TYR G 47 37.86 93.00 61.89
C TYR G 47 37.34 92.00 60.87
N ARG G 48 36.69 90.94 61.36
CA ARG G 48 36.27 89.81 60.55
C ARG G 48 34.76 89.78 60.40
N GLY G 49 34.15 90.95 60.27
CA GLY G 49 32.71 91.04 60.12
C GLY G 49 32.31 91.17 58.66
N LYS G 50 33.29 91.39 57.79
CA LYS G 50 33.05 91.48 56.35
C LYS G 50 33.50 90.24 55.60
N SER G 51 33.87 89.17 56.33
CA SER G 51 34.38 87.97 55.71
C SER G 51 33.25 87.03 55.28
N LEU G 52 32.21 86.94 56.10
CA LEU G 52 31.04 86.13 55.72
C LEU G 52 30.51 86.56 54.37
N ASP G 53 30.44 87.87 54.11
CA ASP G 53 29.90 88.34 52.85
C ASP G 53 30.77 87.91 51.67
N THR G 54 32.09 87.87 51.86
CA THR G 54 32.96 87.37 50.81
C THR G 54 32.77 85.87 50.62
N PHE G 55 32.59 85.14 51.72
CA PHE G 55 32.33 83.71 51.64
C PHE G 55 31.09 83.42 50.81
N LEU G 56 30.04 84.23 50.97
CA LEU G 56 28.81 84.01 50.21
C LEU G 56 28.95 84.48 48.77
N ASN G 57 29.70 85.55 48.53
CA ASN G 57 29.94 86.00 47.16
C ASN G 57 30.87 85.07 46.41
N SER G 58 31.48 84.10 47.08
CA SER G 58 32.25 83.06 46.40
C SER G 58 31.34 82.07 45.68
N PHE G 59 30.05 82.11 45.95
CA PHE G 59 29.05 81.24 45.37
C PHE G 59 28.23 81.98 44.33
N PRO G 60 27.74 81.31 43.30
CA PRO G 60 26.90 81.97 42.31
C PRO G 60 25.43 82.00 42.75
N THR G 61 24.65 82.75 42.00
CA THR G 61 23.24 82.96 42.28
C THR G 61 22.38 82.33 41.19
N ARG G 62 21.23 81.81 41.60
CA ARG G 62 20.25 81.25 40.70
C ARG G 62 18.94 82.01 40.88
N GLU G 63 18.34 82.43 39.77
CA GLU G 63 17.10 83.21 39.79
C GLU G 63 15.94 82.32 39.37
N PHE G 64 15.00 82.14 40.28
CA PHE G 64 13.83 81.30 40.05
C PHE G 64 12.69 82.16 39.49
N GLU G 65 11.50 81.57 39.43
CA GLU G 65 10.31 82.25 38.95
C GLU G 65 9.28 82.53 40.02
N ASP G 66 9.26 81.73 41.09
CA ASP G 66 8.29 81.90 42.17
C ASP G 66 8.83 81.22 43.41
N ASP G 67 8.07 81.31 44.50
CA ASP G 67 8.44 80.72 45.78
C ASP G 67 7.80 79.34 45.91
N ASN G 68 8.14 78.46 44.98
CA ASN G 68 7.59 77.11 44.92
C ASN G 68 8.69 76.09 45.19
N GLU G 69 8.40 75.14 46.08
CA GLU G 69 9.29 74.02 46.28
C GLU G 69 9.67 73.41 44.94
N TYR G 70 10.95 73.07 44.80
CA TYR G 70 11.49 72.57 43.55
C TYR G 70 12.30 71.32 43.80
N TYR G 71 12.54 70.57 42.73
CA TYR G 71 13.26 69.30 42.83
C TYR G 71 14.07 69.09 41.56
N TRP G 72 15.09 68.26 41.69
CA TRP G 72 15.99 67.92 40.59
C TRP G 72 16.14 66.41 40.54
N ASP G 73 16.65 65.92 39.41
CA ASP G 73 16.82 64.49 39.20
C ASP G 73 18.21 64.06 39.66
N VAL G 74 18.27 62.90 40.30
CA VAL G 74 19.52 62.32 40.80
C VAL G 74 19.70 60.98 40.11
N ILE G 75 20.71 60.89 39.24
CA ILE G 75 21.01 59.67 38.51
C ILE G 75 22.38 59.17 38.93
N GLY G 76 22.48 57.86 39.15
CA GLY G 76 23.64 57.31 39.82
C GLY G 76 24.40 56.23 39.07
N SER G 77 24.49 55.05 39.68
CA SER G 77 25.32 53.96 39.21
C SER G 77 24.49 52.70 39.07
N SER G 78 25.04 51.72 38.36
CA SER G 78 24.30 50.54 37.94
C SER G 78 24.83 49.22 38.51
N ARG G 79 26.12 48.97 38.37
CA ARG G 79 26.66 47.62 38.55
C ARG G 79 26.44 47.12 39.98
N ARG G 80 25.84 45.94 40.09
CA ARG G 80 25.47 45.33 41.36
C ARG G 80 26.19 44.00 41.56
N ASN G 81 25.95 43.41 42.72
CA ASN G 81 26.24 42.00 42.97
C ASN G 81 25.39 41.57 44.15
N ILE G 82 24.89 40.34 44.11
CA ILE G 82 23.80 39.93 44.99
C ILE G 82 24.34 39.20 46.21
N PRO G 83 23.86 39.50 47.41
CA PRO G 83 24.27 38.73 48.58
C PRO G 83 23.59 37.37 48.65
N LEU G 84 24.30 36.43 49.25
CA LEU G 84 23.74 35.11 49.51
C LEU G 84 22.97 35.12 50.83
N VAL G 85 21.82 34.47 50.82
CA VAL G 85 21.00 34.36 52.02
C VAL G 85 21.28 33.04 52.71
N GLU G 86 21.50 31.99 51.91
CA GLU G 86 21.55 30.63 52.41
C GLU G 86 22.00 29.72 51.29
N ALA G 87 22.57 28.58 51.67
CA ALA G 87 22.91 27.52 50.74
C ALA G 87 22.44 26.20 51.32
N ARG G 88 21.94 25.32 50.46
CA ARG G 88 21.29 24.10 50.89
C ARG G 88 21.90 22.90 50.17
N ASP G 89 21.91 21.78 50.88
CA ASP G 89 22.44 20.53 50.35
C ASP G 89 21.55 20.01 49.22
N GLU G 90 21.96 18.87 48.66
CA GLU G 90 21.13 18.16 47.70
C GLU G 90 19.73 17.91 48.23
N ASN G 91 19.56 17.86 49.55
CA ASN G 91 18.30 17.54 50.18
C ASN G 91 17.61 18.76 50.77
N GLY G 92 18.07 19.96 50.45
CA GLY G 92 17.55 21.17 51.03
C GLY G 92 18.10 21.51 52.40
N VAL G 93 18.75 20.57 53.07
CA VAL G 93 19.37 20.87 54.35
C VAL G 93 20.37 22.01 54.18
N VAL G 94 20.24 23.03 55.01
CA VAL G 94 21.10 24.19 54.91
C VAL G 94 22.51 23.84 55.38
N VAL G 95 23.51 24.37 54.67
CA VAL G 95 24.89 24.14 55.04
C VAL G 95 25.28 25.09 56.17
N ALA G 96 25.86 24.54 57.23
CA ALA G 96 26.41 25.36 58.30
C ALA G 96 27.78 25.87 57.86
N ALA G 97 28.54 26.44 58.78
CA ALA G 97 29.88 26.91 58.45
C ALA G 97 30.93 25.83 58.69
N ASN G 98 30.77 25.05 59.76
CA ASN G 98 31.68 23.95 60.07
C ASN G 98 31.09 22.66 59.47
N ALA G 99 31.29 22.52 58.17
CA ALA G 99 30.75 21.37 57.44
C ALA G 99 31.67 21.03 56.29
N ALA G 100 31.60 19.77 55.86
CA ALA G 100 32.34 19.33 54.68
C ALA G 100 31.90 20.13 53.47
N ASN G 101 32.75 20.15 52.45
CA ASN G 101 32.42 20.86 51.24
C ASN G 101 31.18 20.25 50.59
N VAL G 102 30.61 21.01 49.64
CA VAL G 102 29.42 20.58 48.91
C VAL G 102 29.69 20.73 47.42
N GLY G 103 28.91 20.01 46.63
CA GLY G 103 29.14 19.97 45.19
C GLY G 103 30.28 19.07 44.79
N VAL G 104 30.61 18.08 45.61
CA VAL G 104 31.69 17.17 45.30
C VAL G 104 31.25 16.22 44.19
N GLY G 105 32.07 16.09 43.17
CA GLY G 105 31.67 15.33 41.99
C GLY G 105 30.68 16.06 41.13
N THR G 106 30.80 17.39 41.04
CA THR G 106 29.84 18.20 40.31
C THR G 106 28.41 17.91 40.76
N SER G 107 28.26 17.50 42.02
CA SER G 107 26.95 17.28 42.61
C SER G 107 26.15 18.57 42.56
N PRO G 108 24.81 18.50 42.58
CA PRO G 108 24.01 19.73 42.58
C PRO G 108 23.68 20.22 43.97
N PHE G 109 23.40 21.51 44.10
CA PHE G 109 22.98 22.10 45.37
C PHE G 109 22.21 23.38 45.06
N TYR G 110 21.69 24.01 46.10
CA TYR G 110 20.81 25.15 45.97
C TYR G 110 21.44 26.38 46.62
N LEU G 111 21.29 27.52 45.95
CA LEU G 111 21.71 28.81 46.48
C LEU G 111 20.47 29.68 46.66
N VAL G 112 20.39 30.35 47.82
CA VAL G 112 19.25 31.18 48.17
C VAL G 112 19.70 32.63 48.21
N PHE G 113 18.95 33.50 47.55
CA PHE G 113 19.27 34.91 47.42
C PHE G 113 18.04 35.74 47.79
N PRO G 114 18.23 37.01 48.14
CA PRO G 114 17.10 37.88 48.43
C PRO G 114 16.41 38.46 47.20
N GLU G 115 16.76 38.01 46.00
CA GLU G 115 16.24 38.59 44.78
C GLU G 115 16.44 37.59 43.65
N ASP G 116 15.58 37.70 42.64
CA ASP G 116 15.73 36.95 41.39
C ASP G 116 16.48 37.85 40.42
N TRP G 117 17.80 37.71 40.41
CA TRP G 117 18.68 38.51 39.59
C TRP G 117 19.43 37.69 38.56
N PHE G 118 19.50 36.38 38.72
CA PHE G 118 20.24 35.49 37.84
C PHE G 118 19.28 34.64 37.04
N ALA G 119 19.72 34.24 35.85
CA ALA G 119 18.90 33.50 34.91
C ALA G 119 19.37 32.05 34.81
N ASP G 120 18.73 31.30 33.92
CA ASP G 120 19.05 29.90 33.73
C ASP G 120 20.25 29.76 32.81
N GLY G 121 21.09 28.77 33.11
CA GLY G 121 22.27 28.52 32.32
C GLY G 121 23.38 29.52 32.48
N GLU G 122 23.22 30.50 33.36
CA GLU G 122 24.28 31.46 33.61
C GLU G 122 25.28 30.90 34.61
N VAL G 123 26.49 31.43 34.55
CA VAL G 123 27.57 31.07 35.47
C VAL G 123 27.75 32.25 36.42
N ILE G 124 27.55 32.00 37.71
CA ILE G 124 27.65 33.02 38.74
C ILE G 124 28.83 32.68 39.65
N VAL G 125 29.57 33.71 40.04
CA VAL G 125 30.81 33.57 40.80
C VAL G 125 30.65 34.25 42.14
N GLY G 126 31.32 33.73 43.15
CA GLY G 126 31.29 34.26 44.49
C GLY G 126 32.42 35.24 44.74
N ASN G 127 32.78 35.39 46.02
CA ASN G 127 33.89 36.27 46.38
C ASN G 127 35.21 35.76 45.81
N LEU G 128 35.46 34.45 45.90
CA LEU G 128 36.61 33.85 45.23
C LEU G 128 36.23 33.63 43.77
N ASN G 129 36.36 34.71 43.00
CA ASN G 129 35.96 34.70 41.60
C ASN G 129 36.65 33.55 40.87
N GLN G 130 35.87 32.83 40.06
CA GLN G 130 36.30 31.89 39.02
C GLN G 130 37.04 30.69 39.59
N VAL G 131 37.19 30.58 40.91
CA VAL G 131 37.76 29.40 41.53
C VAL G 131 36.70 28.34 41.77
N TYR G 132 35.55 28.76 42.28
CA TYR G 132 34.36 27.92 42.38
C TYR G 132 33.28 28.53 41.50
N PRO G 133 33.16 28.10 40.24
CA PRO G 133 32.10 28.65 39.39
C PRO G 133 30.81 27.86 39.53
N PHE G 134 29.68 28.57 39.62
CA PHE G 134 28.36 27.96 39.77
C PHE G 134 27.56 28.19 38.50
N ARG G 135 26.85 27.15 38.07
CA ARG G 135 26.03 27.18 36.88
C ARG G 135 24.57 27.06 37.27
N ILE G 136 23.75 27.99 36.79
CA ILE G 136 22.32 28.00 37.09
C ILE G 136 21.62 27.00 36.20
N LEU G 137 21.50 25.75 36.66
CA LEU G 137 20.87 24.69 35.88
C LEU G 137 19.41 24.52 36.29
N GLY G 138 18.65 25.59 36.08
CA GLY G 138 17.24 25.59 36.42
C GLY G 138 16.75 26.97 36.84
N ASP G 139 15.53 27.31 36.44
CA ASP G 139 14.95 28.58 36.84
C ASP G 139 14.82 28.67 38.36
N ALA G 140 14.60 29.87 38.84
CA ALA G 140 14.47 30.12 40.26
C ALA G 140 13.06 29.78 40.75
N ARG G 141 13.01 29.16 41.93
CA ARG G 141 11.75 28.79 42.56
C ARG G 141 11.59 29.65 43.81
N MET G 142 10.74 30.66 43.72
CA MET G 142 10.71 31.74 44.70
C MET G 142 10.03 31.31 45.98
N GLU G 143 10.67 31.61 47.10
CA GLU G 143 10.13 31.35 48.43
C GLU G 143 9.44 32.56 49.03
N GLY G 144 8.89 33.44 48.21
CA GLY G 144 8.12 34.58 48.66
C GLY G 144 8.75 35.90 48.26
N THR G 145 10.06 35.99 48.46
CA THR G 145 10.88 37.03 47.84
C THR G 145 12.27 36.54 47.50
N ASN G 146 12.69 35.40 48.05
CA ASN G 146 14.03 34.85 47.81
C ASN G 146 13.96 33.88 46.64
N ALA G 147 15.00 33.92 45.80
CA ALA G 147 15.06 33.13 44.58
C ALA G 147 15.99 31.96 44.83
N VAL G 148 15.39 30.81 45.19
CA VAL G 148 16.16 29.59 45.46
C VAL G 148 16.54 28.99 44.11
N TYR G 149 17.79 29.21 43.70
CA TYR G 149 18.33 28.61 42.50
C TYR G 149 18.91 27.23 42.81
N LYS G 150 19.02 26.43 41.75
CA LYS G 150 19.78 25.18 41.79
C LYS G 150 21.02 25.36 40.94
N VAL G 151 22.16 24.90 41.46
CA VAL G 151 23.46 25.23 40.88
C VAL G 151 24.28 23.96 40.67
N GLU G 152 25.37 24.14 39.91
CA GLU G 152 26.26 23.05 39.54
C GLU G 152 27.63 23.66 39.28
N LEU G 153 28.67 23.05 39.84
CA LEU G 153 30.03 23.57 39.67
C LEU G 153 30.55 23.25 38.27
N MET G 154 31.07 24.27 37.61
CA MET G 154 31.32 24.23 36.16
C MET G 154 32.71 24.77 35.82
N GLY G 155 33.72 24.34 36.56
CA GLY G 155 35.07 24.76 36.25
C GLY G 155 36.08 23.64 36.39
N GLY G 156 35.62 22.40 36.27
CA GLY G 156 36.45 21.26 36.56
C GLY G 156 36.49 20.88 38.02
N ASN G 157 35.81 21.64 38.89
CA ASN G 157 35.87 21.38 40.31
C ASN G 157 35.44 19.95 40.61
N THR G 158 36.20 19.28 41.47
CA THR G 158 35.93 17.89 41.83
C THR G 158 35.81 17.74 43.33
N GLN G 159 36.54 18.55 44.09
CA GLN G 159 36.56 18.43 45.55
C GLN G 159 35.41 19.15 46.22
N GLY G 160 34.71 20.01 45.50
CA GLY G 160 33.55 20.70 46.02
C GLY G 160 33.79 22.18 46.21
N VAL G 161 33.03 22.75 47.15
CA VAL G 161 33.18 24.15 47.52
C VAL G 161 32.99 24.24 49.02
N PRO G 162 33.91 24.87 49.76
CA PRO G 162 33.82 24.84 51.22
C PRO G 162 32.60 25.56 51.74
N ALA G 163 32.10 25.08 52.88
CA ALA G 163 30.92 25.64 53.51
C ALA G 163 31.13 27.03 54.08
N GLU G 164 32.35 27.57 53.97
CA GLU G 164 32.62 28.93 54.43
C GLU G 164 32.44 29.96 53.33
N ARG G 165 32.39 29.54 52.07
CA ARG G 165 32.11 30.42 50.95
C ARG G 165 30.65 30.40 50.54
N LEU G 166 29.81 29.71 51.30
CA LEU G 166 28.38 29.62 51.03
C LEU G 166 27.60 30.14 52.21
N GLN G 167 28.02 31.28 52.75
CA GLN G 167 27.44 31.84 53.96
C GLN G 167 26.85 33.22 53.67
N GLN G 168 25.98 33.65 54.59
CA GLN G 168 25.30 34.94 54.45
C GLN G 168 26.30 36.04 54.15
N GLY G 169 25.98 36.87 53.16
CA GLY G 169 26.79 37.98 52.76
C GLY G 169 27.59 37.73 51.48
N GLU G 170 27.90 36.47 51.19
CA GLU G 170 28.63 36.12 49.98
C GLU G 170 28.02 36.84 48.77
N ARG G 171 28.86 37.54 48.03
CA ARG G 171 28.43 38.38 46.93
C ARG G 171 28.66 37.68 45.61
N PHE G 172 27.69 37.80 44.70
CA PHE G 172 27.73 37.10 43.42
C PHE G 172 27.49 38.08 42.28
N SER G 173 28.29 37.95 41.24
CA SER G 173 28.10 38.66 39.98
C SER G 173 27.90 37.62 38.87
N ILE G 174 27.80 38.10 37.63
CA ILE G 174 27.40 37.29 36.51
C ILE G 174 28.54 37.23 35.50
N GLU G 175 28.90 36.01 35.09
CA GLU G 175 29.98 35.79 34.15
C GLU G 175 29.49 35.69 32.70
N PHE G 176 28.68 34.67 32.42
CA PHE G 176 28.22 34.40 31.06
C PHE G 176 27.30 33.18 31.12
N ALA G 177 26.57 32.97 30.03
CA ALA G 177 25.73 31.79 29.87
C ALA G 177 26.35 30.89 28.82
N PRO G 178 27.09 29.85 29.21
CA PRO G 178 27.69 28.95 28.23
C PRO G 178 26.76 27.82 27.85
N VAL G 179 26.86 27.42 26.58
CA VAL G 179 25.95 26.43 26.00
C VAL G 179 26.76 25.48 25.14
N GLU G 180 26.10 24.40 24.70
CA GLU G 180 26.73 23.35 23.93
C GLU G 180 26.79 23.72 22.45
N LYS G 181 27.71 23.08 21.74
CA LYS G 181 27.93 23.40 20.33
C LYS G 181 26.70 23.11 19.50
N GLU G 182 26.04 21.98 19.76
CA GLU G 182 24.94 21.51 18.93
C GLU G 182 23.71 21.26 19.78
N LEU G 183 22.54 21.59 19.21
CA LEU G 183 21.27 21.38 19.88
C LEU G 183 21.13 22.26 21.12
N SER G 184 21.62 23.49 21.02
CA SER G 184 21.63 24.40 22.16
C SER G 184 20.24 24.95 22.42
N ARG G 185 19.89 25.07 23.70
CA ARG G 185 18.63 25.65 24.12
C ARG G 185 18.87 26.93 24.91
N LYS G 186 17.79 27.68 25.12
CA LYS G 186 17.88 29.09 25.47
C LYS G 186 18.37 29.30 26.90
N VAL G 187 19.14 30.38 27.08
CA VAL G 187 19.67 30.75 28.38
C VAL G 187 19.87 32.25 28.40
N GLY G 188 19.76 32.84 29.58
CA GLY G 188 20.12 34.22 29.81
C GLY G 188 18.91 35.14 29.98
N ASP G 189 19.22 36.38 30.34
CA ASP G 189 18.22 37.44 30.49
C ASP G 189 18.92 38.78 30.74
N VAL G 190 18.16 39.86 30.87
CA VAL G 190 18.71 41.21 31.04
C VAL G 190 17.96 41.93 32.16
N ARG G 191 18.48 43.10 32.54
CA ARG G 191 18.17 43.71 33.83
C ARG G 191 18.24 45.23 33.72
N PHE G 192 17.52 45.91 34.61
CA PHE G 192 17.32 47.36 34.50
C PHE G 192 17.41 48.02 35.87
N THR G 193 17.31 49.36 35.88
CA THR G 193 17.43 50.17 37.08
C THR G 193 16.62 51.45 36.91
N SER G 194 16.62 52.31 37.95
CA SER G 194 15.81 53.52 37.93
C SER G 194 16.34 54.57 38.89
N PRO G 195 16.27 55.89 38.55
CA PRO G 195 16.83 56.94 39.42
C PRO G 195 15.89 57.53 40.47
N VAL G 196 16.37 58.56 41.18
CA VAL G 196 15.66 59.20 42.28
C VAL G 196 15.76 60.73 42.17
N SER G 197 15.24 61.45 43.17
CA SER G 197 15.21 62.91 43.14
C SER G 197 15.36 63.49 44.55
N MET G 198 15.44 64.82 44.63
CA MET G 198 15.59 65.53 45.90
C MET G 198 14.91 66.90 45.80
N ARG G 199 14.86 67.61 46.92
CA ARG G 199 14.05 68.81 47.07
C ARG G 199 14.76 69.89 47.89
N ASN G 200 14.27 71.12 47.75
CA ASN G 200 14.67 72.23 48.59
C ASN G 200 13.51 73.22 48.70
N GLU G 201 13.61 74.11 49.69
CA GLU G 201 12.53 75.05 50.01
C GLU G 201 13.09 76.48 50.06
N TRP G 202 12.27 77.41 50.56
CA TRP G 202 12.65 78.81 50.71
C TRP G 202 12.36 79.32 52.12
N THR G 203 12.48 80.62 52.33
CA THR G 203 12.18 81.24 53.62
C THR G 203 11.97 82.73 53.42
N THR G 204 11.51 83.40 54.48
CA THR G 204 11.19 84.82 54.44
C THR G 204 11.61 85.48 55.75
N ILE G 205 12.05 86.73 55.66
CA ILE G 205 12.51 87.50 56.82
C ILE G 205 11.85 88.87 56.80
N ARG G 206 11.78 89.49 57.97
CA ARG G 206 11.18 90.81 58.12
C ARG G 206 11.93 91.61 59.17
N ILE G 207 12.08 92.91 58.90
CA ILE G 207 12.66 93.86 59.85
C ILE G 207 11.74 95.08 59.92
N GLN G 208 11.81 95.78 61.05
CA GLN G 208 11.09 97.02 61.21
C GLN G 208 11.83 97.92 62.19
N HIS G 209 11.53 99.21 62.09
CA HIS G 209 11.99 100.19 63.06
C HIS G 209 11.03 101.37 63.06
N LYS G 210 10.56 101.77 64.24
CA LYS G 210 9.67 102.90 64.36
C LYS G 210 10.43 104.10 64.91
N VAL G 211 9.96 105.29 64.52
CA VAL G 211 10.66 106.53 64.80
C VAL G 211 9.61 107.60 65.09
N ALA G 212 9.67 108.18 66.29
CA ALA G 212 8.82 109.33 66.59
C ALA G 212 9.00 110.40 65.52
N GLY G 213 7.89 111.09 65.20
CA GLY G 213 7.91 112.01 64.08
C GLY G 213 8.79 113.22 64.26
N ASN G 214 9.08 113.59 65.52
CA ASN G 214 9.92 114.75 65.77
C ASN G 214 11.36 114.56 65.29
N LYS G 215 11.74 113.35 64.90
CA LYS G 215 13.07 113.12 64.35
C LYS G 215 13.20 113.61 62.92
N LEU G 216 12.17 114.25 62.39
CA LEU G 216 12.25 114.94 61.11
C LEU G 216 13.08 116.21 61.30
N ASN G 217 14.25 116.26 60.68
CA ASN G 217 15.16 117.39 60.82
C ASN G 217 15.45 117.66 62.30
N LYS G 218 16.07 116.67 62.92
CA LYS G 218 16.44 116.69 64.34
C LYS G 218 17.96 116.73 64.40
N LYS G 219 18.52 117.94 64.45
CA LYS G 219 19.97 118.07 64.46
C LYS G 219 20.54 117.62 65.80
N LEU G 220 21.79 117.19 65.75
CA LEU G 220 22.51 116.67 66.90
C LEU G 220 23.59 117.65 67.31
N ALA G 221 23.72 117.88 68.62
CA ALA G 221 24.74 118.80 69.10
C ALA G 221 26.14 118.35 68.70
N MET G 222 26.35 117.03 68.63
CA MET G 222 27.65 116.46 68.29
C MET G 222 28.70 116.90 69.31
N GLY G 223 28.34 116.76 70.59
CA GLY G 223 29.30 116.94 71.66
C GLY G 223 30.40 115.91 71.53
N ILE G 224 30.02 114.65 71.65
CA ILE G 224 30.88 113.55 71.27
C ILE G 224 30.57 113.22 69.81
N PRO G 225 31.54 112.81 69.00
CA PRO G 225 31.28 112.62 67.58
C PRO G 225 30.26 111.51 67.34
N MET G 226 29.53 111.63 66.23
CA MET G 226 28.56 110.63 65.85
C MET G 226 29.23 109.48 65.13
N VAL G 227 28.72 108.28 65.34
CA VAL G 227 29.33 107.05 64.84
C VAL G 227 28.41 106.39 63.84
N ARG G 228 29.02 105.67 62.91
CA ARG G 228 28.33 104.96 61.84
C ARG G 228 28.88 103.54 61.80
N ASN G 229 28.28 102.64 62.58
CA ASN G 229 28.70 101.25 62.63
C ASN G 229 28.87 100.69 61.21
N LEU G 230 29.86 99.83 61.03
CA LEU G 230 30.20 99.28 59.74
C LEU G 230 30.03 97.76 59.76
N GLU G 231 30.13 97.16 58.57
CA GLU G 231 29.98 95.71 58.45
C GLU G 231 31.11 94.98 59.15
N SER G 232 32.33 95.43 58.94
CA SER G 232 33.49 94.82 59.60
C SER G 232 33.28 94.70 61.10
N GLY G 233 32.84 95.80 61.72
CA GLY G 233 32.78 95.90 63.16
C GLY G 233 33.41 97.21 63.60
N LYS G 234 33.95 97.93 62.64
CA LYS G 234 34.65 99.17 62.89
C LYS G 234 33.69 100.35 62.98
N GLN G 235 33.92 101.21 63.96
CA GLN G 235 33.22 102.48 64.05
C GLN G 235 33.97 103.53 63.25
N VAL G 236 33.22 104.49 62.70
CA VAL G 236 33.82 105.62 62.00
C VAL G 236 33.12 106.90 62.42
N LYS G 237 33.91 107.85 62.91
CA LYS G 237 33.42 109.19 63.21
C LYS G 237 32.78 109.81 61.98
N ASP G 238 31.50 110.15 62.09
CA ASP G 238 30.72 110.68 60.99
C ASP G 238 30.31 112.11 61.26
N THR G 239 30.27 112.92 60.21
CA THR G 239 29.84 114.31 60.29
C THR G 239 28.45 114.42 59.66
N ALA G 240 27.44 114.18 60.48
CA ALA G 240 26.04 114.26 60.03
C ALA G 240 25.20 114.80 61.17
N ASN G 241 24.52 115.91 60.93
CA ASN G 241 23.68 116.52 61.96
C ASN G 241 22.36 115.81 62.11
N MET G 242 21.74 115.43 60.99
CA MET G 242 20.45 114.77 61.02
C MET G 242 20.62 113.31 61.46
N TRP G 243 19.70 112.85 62.32
CA TRP G 243 19.78 111.51 62.85
C TRP G 243 19.15 110.46 61.95
N MET G 244 18.42 110.86 60.91
CA MET G 244 17.94 109.88 59.94
C MET G 244 19.09 109.23 59.21
N HIS G 245 20.22 109.95 59.09
CA HIS G 245 21.42 109.37 58.50
C HIS G 245 21.85 108.11 59.24
N TYR G 246 21.52 108.01 60.52
CA TYR G 246 21.98 106.93 61.38
C TYR G 246 20.94 105.84 61.57
N VAL G 247 19.76 105.99 60.99
CA VAL G 247 18.79 104.90 60.88
C VAL G 247 18.69 104.40 59.44
N ASP G 248 18.92 105.28 58.47
CA ASP G 248 19.04 104.85 57.08
C ASP G 248 20.20 103.88 56.89
N TRP G 249 21.11 103.80 57.86
CA TRP G 249 22.27 102.92 57.81
C TRP G 249 22.05 101.62 58.57
N GLU G 250 21.41 101.69 59.74
CA GLU G 250 21.29 100.52 60.59
C GLU G 250 20.24 99.54 60.06
N VAL G 251 19.16 100.06 59.48
CA VAL G 251 18.13 99.18 58.94
C VAL G 251 18.68 98.40 57.75
N GLU G 252 19.40 99.09 56.86
CA GLU G 252 20.11 98.40 55.79
C GLU G 252 21.08 97.38 56.36
N LEU G 253 21.88 97.79 57.33
CA LEU G 253 22.90 96.91 57.90
C LEU G 253 22.27 95.71 58.57
N GLN G 254 21.33 95.95 59.48
CA GLN G 254 20.67 94.84 60.19
C GLN G 254 19.91 93.94 59.23
N PHE G 255 19.45 94.47 58.11
CA PHE G 255 18.65 93.67 57.18
C PHE G 255 19.53 92.74 56.35
N ASP G 256 20.63 93.27 55.82
CA ASP G 256 21.54 92.41 55.06
C ASP G 256 22.21 91.39 55.96
N GLU G 257 22.45 91.74 57.23
CA GLU G 257 22.95 90.77 58.19
C GLU G 257 21.93 89.66 58.42
N TYR G 258 20.66 90.02 58.57
CA TYR G 258 19.60 89.03 58.63
C TYR G 258 19.70 88.05 57.46
N LYS G 259 19.76 88.59 56.24
CA LYS G 259 19.83 87.75 55.05
C LYS G 259 21.01 86.79 55.12
N ASN G 260 22.22 87.33 55.29
CA ASN G 260 23.41 86.52 55.20
C ASN G 260 23.47 85.48 56.31
N ASN G 261 23.08 85.86 57.52
CA ASN G 261 23.12 84.92 58.64
C ASN G 261 22.11 83.79 58.43
N ALA G 262 21.00 84.07 57.77
CA ALA G 262 20.02 83.05 57.44
C ALA G 262 20.47 82.22 56.26
N MET G 263 20.96 82.90 55.21
CA MET G 263 21.44 82.21 54.02
C MET G 263 22.45 81.13 54.38
N ALA G 264 23.31 81.40 55.35
CA ALA G 264 24.39 80.48 55.69
C ALA G 264 24.04 79.58 56.87
N TRP G 265 23.51 80.17 57.95
CA TRP G 265 23.30 79.47 59.21
C TRP G 265 21.83 79.28 59.54
N GLY G 266 21.00 79.10 58.51
CA GLY G 266 19.62 78.75 58.73
C GLY G 266 19.43 77.26 58.90
N THR G 267 18.41 76.89 59.65
CA THR G 267 18.06 75.50 59.91
C THR G 267 16.65 75.23 59.39
N SER G 268 16.31 73.95 59.34
CA SER G 268 15.00 73.50 58.86
C SER G 268 14.05 73.31 60.03
N ASN G 269 12.87 73.89 59.90
CA ASN G 269 11.83 73.81 60.91
C ASN G 269 10.87 72.66 60.67
N ARG G 270 11.05 71.93 59.59
CA ARG G 270 10.09 70.92 59.15
C ARG G 270 10.36 69.58 59.80
N ASN G 271 9.29 68.82 59.99
CA ASN G 271 9.37 67.48 60.57
C ASN G 271 9.65 66.48 59.44
N LEU G 272 9.53 65.18 59.73
CA LEU G 272 9.64 64.17 58.69
C LEU G 272 8.29 63.77 58.13
N ASN G 273 7.20 64.06 58.85
CA ASN G 273 5.85 63.96 58.29
C ASN G 273 5.60 65.05 57.26
N GLY G 274 6.36 66.15 57.31
CA GLY G 274 6.16 67.28 56.45
C GLY G 274 5.64 68.52 57.17
N GLU G 275 5.47 68.45 58.48
CA GLU G 275 4.86 69.53 59.24
C GLU G 275 5.94 70.48 59.77
N TYR G 276 5.77 71.77 59.49
CA TYR G 276 6.57 72.78 60.16
C TYR G 276 6.10 72.95 61.59
N MET G 277 7.04 73.20 62.50
CA MET G 277 6.80 73.01 63.92
C MET G 277 6.69 74.30 64.73
N ASN G 278 7.08 75.45 64.18
CA ASN G 278 6.89 76.73 64.85
C ASN G 278 5.86 77.54 64.08
N PHE G 279 4.87 78.06 64.80
CA PHE G 279 3.71 78.69 64.19
C PHE G 279 3.76 80.19 64.40
N GLY G 280 3.60 80.93 63.31
CA GLY G 280 3.66 82.37 63.39
C GLY G 280 2.59 82.94 64.31
N LYS G 281 2.85 84.18 64.75
CA LYS G 281 1.88 84.88 65.57
C LYS G 281 0.52 84.96 64.87
N SER G 282 0.53 85.12 63.54
CA SER G 282 -0.70 85.04 62.77
C SER G 282 -1.37 83.68 62.89
N GLY G 283 -0.63 82.65 63.26
CA GLY G 283 -1.14 81.28 63.33
C GLY G 283 -0.63 80.38 62.24
N ASN G 284 -0.25 80.95 61.10
CA ASN G 284 0.33 80.14 60.03
C ASN G 284 1.74 79.71 60.40
N ALA G 285 2.15 78.57 59.87
CA ALA G 285 3.44 78.00 60.21
C ALA G 285 4.55 78.73 59.47
N ILE G 286 5.70 78.83 60.12
CA ILE G 286 6.87 79.46 59.54
C ILE G 286 7.64 78.40 58.77
N LYS G 287 8.06 78.75 57.56
CA LYS G 287 8.69 77.81 56.64
C LYS G 287 10.12 78.27 56.42
N THR G 288 11.01 77.82 57.29
CA THR G 288 12.43 78.10 57.14
C THR G 288 13.07 77.06 56.25
N GLY G 289 14.12 77.47 55.54
CA GLY G 289 14.86 76.56 54.70
C GLY G 289 15.99 75.91 55.47
N ALA G 290 17.18 75.94 54.89
CA ALA G 290 18.36 75.41 55.54
C ALA G 290 19.58 76.05 54.91
N GLY G 291 20.59 76.32 55.73
CA GLY G 291 21.75 77.03 55.25
C GLY G 291 22.78 76.13 54.63
N ILE G 292 23.74 76.76 53.97
CA ILE G 292 24.83 76.07 53.29
C ILE G 292 25.41 75.01 54.20
N PHE G 293 25.72 75.38 55.44
CA PHE G 293 26.38 74.45 56.36
C PHE G 293 25.45 73.28 56.72
N GLU G 294 24.20 73.57 57.04
CA GLU G 294 23.29 72.49 57.42
C GLU G 294 23.03 71.56 56.24
N GLN G 295 22.91 72.12 55.04
CA GLN G 295 22.65 71.30 53.86
C GLN G 295 23.83 70.39 53.55
N THR G 296 25.05 70.84 53.87
CA THR G 296 26.24 70.06 53.54
C THR G 296 26.63 69.06 54.62
N GLU G 297 26.56 69.45 55.90
CA GLU G 297 27.06 68.57 56.96
C GLU G 297 26.22 67.33 57.15
N VAL G 298 25.15 67.13 56.37
CA VAL G 298 24.38 65.91 56.46
C VAL G 298 25.15 64.73 55.88
N ALA G 299 26.22 64.99 55.14
CA ALA G 299 26.98 63.91 54.52
C ALA G 299 28.45 64.28 54.42
N ASN G 300 29.31 63.28 54.65
CA ASN G 300 30.74 63.39 54.40
C ASN G 300 31.41 64.32 55.40
N THR G 301 31.00 64.22 56.67
CA THR G 301 31.42 65.12 57.73
C THR G 301 31.85 64.29 58.93
N MET G 302 33.11 64.47 59.35
CA MET G 302 33.64 63.77 60.51
C MET G 302 33.78 64.74 61.68
N TYR G 303 33.65 64.19 62.90
CA TYR G 303 33.79 64.94 64.14
C TYR G 303 34.92 64.32 64.94
N TYR G 304 36.01 65.06 65.11
CA TYR G 304 37.20 64.55 65.78
C TYR G 304 37.41 65.23 67.13
N ASN G 305 38.02 64.49 68.05
CA ASN G 305 38.58 65.04 69.27
C ASN G 305 40.10 65.15 69.19
N THR G 306 40.70 64.78 68.07
CA THR G 306 42.14 64.81 67.90
C THR G 306 42.49 64.71 66.43
N PHE G 307 43.31 65.63 65.94
CA PHE G 307 43.63 65.70 64.52
C PHE G 307 44.90 64.92 64.22
N SER G 308 44.91 64.31 63.03
CA SER G 308 46.05 63.52 62.60
C SER G 308 46.13 63.56 61.09
N LEU G 309 47.35 63.73 60.58
CA LEU G 309 47.58 63.58 59.15
C LEU G 309 47.39 62.13 58.73
N LYS G 310 47.47 61.19 59.67
CA LYS G 310 47.12 59.80 59.40
C LYS G 310 45.65 59.68 59.06
N LEU G 311 44.78 60.11 59.98
CA LEU G 311 43.35 60.14 59.74
C LEU G 311 43.01 60.86 58.44
N LEU G 312 43.56 62.06 58.26
CA LEU G 312 43.18 62.89 57.12
C LEU G 312 43.52 62.21 55.80
N GLU G 313 44.75 61.72 55.66
CA GLU G 313 45.16 61.12 54.40
C GLU G 313 44.37 59.86 54.08
N ASP G 314 44.05 59.07 55.10
CA ASP G 314 43.19 57.91 54.89
C ASP G 314 41.86 58.34 54.28
N ALA G 315 41.15 59.23 54.98
CA ALA G 315 39.93 59.82 54.44
C ALA G 315 40.12 60.32 53.01
N LEU G 316 41.10 61.19 52.80
CA LEU G 316 41.25 61.81 51.49
C LEU G 316 41.69 60.82 50.43
N TYR G 317 42.48 59.80 50.80
CA TYR G 317 42.91 58.84 49.80
C TYR G 317 41.80 57.86 49.46
N GLU G 318 41.19 57.27 50.49
CA GLU G 318 40.06 56.37 50.27
C GLU G 318 39.02 57.01 49.37
N LEU G 319 38.70 58.28 49.64
CA LEU G 319 37.77 59.00 48.77
C LEU G 319 38.32 59.14 47.37
N SER G 320 39.57 59.60 47.24
CA SER G 320 40.16 59.79 45.92
C SER G 320 40.18 58.50 45.12
N ALA G 321 40.42 57.38 45.78
CA ALA G 321 40.40 56.09 45.08
C ALA G 321 38.99 55.77 44.59
N SER G 322 38.00 55.89 45.47
CA SER G 322 36.63 55.56 45.13
C SER G 322 36.01 56.54 44.15
N LYS G 323 36.52 57.76 44.07
CA LYS G 323 35.85 58.81 43.31
C LYS G 323 36.75 59.48 42.27
N LEU G 324 38.03 59.66 42.57
CA LEU G 324 38.89 60.46 41.71
C LEU G 324 39.83 59.59 40.89
N ALA G 325 40.34 60.18 39.82
CA ALA G 325 41.40 59.58 39.03
C ALA G 325 42.71 59.65 39.81
N MET G 326 43.80 59.19 39.18
CA MET G 326 45.10 59.34 39.80
C MET G 326 45.47 60.81 39.92
N ASP G 327 45.37 61.55 38.82
CA ASP G 327 45.40 62.99 38.88
C ASP G 327 44.09 63.51 39.48
N ASP G 328 43.96 64.83 39.58
CA ASP G 328 42.76 65.46 40.08
C ASP G 328 42.51 65.13 41.54
N ARG G 329 43.47 64.48 42.21
CA ARG G 329 43.39 64.21 43.63
C ARG G 329 43.96 65.36 44.46
N LEU G 330 44.15 66.53 43.85
CA LEU G 330 44.64 67.71 44.54
C LEU G 330 43.50 68.30 45.38
N PHE G 331 43.65 68.24 46.70
CA PHE G 331 42.69 68.83 47.60
C PHE G 331 43.23 70.14 48.14
N VAL G 332 42.35 71.12 48.27
CA VAL G 332 42.69 72.45 48.78
C VAL G 332 41.85 72.66 50.03
N ILE G 333 42.41 72.33 51.18
CA ILE G 333 41.70 72.45 52.44
C ILE G 333 41.59 73.92 52.82
N LYS G 334 40.48 74.28 53.43
CA LYS G 334 40.23 75.62 53.92
C LYS G 334 40.06 75.56 55.43
N THR G 335 40.76 76.43 56.15
CA THR G 335 40.91 76.28 57.59
C THR G 335 41.15 77.66 58.19
N GLY G 336 41.25 77.70 59.51
CA GLY G 336 41.72 78.87 60.21
C GLY G 336 43.19 78.77 60.58
N GLU G 337 43.73 79.90 61.05
CA GLU G 337 45.16 79.97 61.34
C GLU G 337 45.58 78.89 62.34
N ARG G 338 44.73 78.61 63.33
CA ARG G 338 45.09 77.60 64.32
C ARG G 338 45.19 76.23 63.70
N GLY G 339 44.45 75.97 62.62
CA GLY G 339 44.52 74.69 61.95
C GLY G 339 45.78 74.54 61.13
N ALA G 340 46.13 75.60 60.38
CA ALA G 340 47.40 75.59 59.66
C ALA G 340 48.56 75.33 60.61
N ILE G 341 48.48 75.85 61.83
CA ILE G 341 49.44 75.48 62.87
C ILE G 341 49.30 74.00 63.20
N GLN G 342 48.06 73.57 63.42
CA GLN G 342 47.79 72.18 63.78
C GLN G 342 48.25 71.25 62.66
N PHE G 343 48.05 71.67 61.41
CA PHE G 343 48.57 70.92 60.27
C PHE G 343 50.09 70.83 60.34
N HIS G 344 50.76 71.97 60.47
CA HIS G 344 52.21 72.01 60.57
C HIS G 344 52.73 71.03 61.60
N LYS G 345 52.21 71.12 62.83
CA LYS G 345 52.74 70.30 63.91
C LYS G 345 52.55 68.82 63.64
N GLU G 346 51.51 68.45 62.90
CA GLU G 346 51.26 67.03 62.65
C GLU G 346 52.08 66.50 61.49
N VAL G 347 52.20 67.28 60.42
CA VAL G 347 53.15 66.93 59.36
C VAL G 347 54.53 66.71 59.94
N LEU G 348 54.89 67.51 60.95
CA LEU G 348 56.18 67.34 61.60
C LEU G 348 56.22 66.05 62.40
N LYS G 349 55.24 65.83 63.27
CA LYS G 349 55.11 64.59 64.03
C LYS G 349 55.28 63.39 63.10
N THR G 350 54.79 63.51 61.87
CA THR G 350 54.88 62.43 60.90
C THR G 350 56.29 62.34 60.32
N VAL G 351 56.73 63.40 59.65
CA VAL G 351 58.08 63.42 59.10
C VAL G 351 59.10 63.09 60.19
N SER G 352 58.88 63.59 61.40
CA SER G 352 59.73 63.23 62.53
C SER G 352 59.81 61.72 62.72
N GLY G 353 58.85 60.98 62.17
CA GLY G 353 58.89 59.53 62.19
C GLY G 353 59.56 58.91 60.99
N TRP G 354 60.03 59.74 60.05
CA TRP G 354 60.76 59.26 58.88
C TRP G 354 62.24 59.04 59.25
N THR G 355 62.44 58.20 60.27
CA THR G 355 63.77 57.96 60.80
C THR G 355 64.72 57.40 59.77
N THR G 356 64.22 56.95 58.62
CA THR G 356 65.10 56.46 57.56
C THR G 356 65.90 57.59 56.94
N PHE G 357 65.23 58.67 56.54
CA PHE G 357 65.90 59.79 55.91
C PHE G 357 66.52 60.70 56.97
N VAL G 358 67.36 61.62 56.50
CA VAL G 358 67.94 62.65 57.33
C VAL G 358 67.67 63.99 56.67
N LEU G 359 67.15 64.94 57.43
CA LEU G 359 66.78 66.25 56.92
C LEU G 359 67.91 67.23 57.21
N ASP G 360 68.44 67.84 56.14
CA ASP G 360 69.55 68.76 56.25
C ASP G 360 69.13 70.13 55.73
N ASN G 361 69.52 71.18 56.45
CA ASN G 361 69.11 72.53 56.08
C ASN G 361 69.70 72.98 54.75
N ASN G 362 70.63 72.23 54.17
CA ASN G 362 71.16 72.61 52.87
C ASN G 362 70.05 72.62 51.82
N SER G 363 69.08 71.71 51.96
CA SER G 363 67.90 71.66 51.12
C SER G 363 66.68 72.23 51.79
N THR G 364 66.57 72.10 53.10
CA THR G 364 65.39 72.58 53.82
C THR G 364 65.49 74.08 54.13
N ARG G 365 66.64 74.51 54.64
CA ARG G 365 66.92 75.92 54.93
C ARG G 365 66.12 76.41 56.14
N VAL G 366 65.97 75.55 57.15
CA VAL G 366 65.37 75.98 58.41
C VAL G 366 66.31 76.87 59.21
N VAL G 367 67.56 77.00 58.79
CA VAL G 367 68.50 77.92 59.41
C VAL G 367 69.23 78.63 58.29
N GLU G 368 68.80 79.85 57.97
CA GLU G 368 69.30 80.59 56.83
C GLU G 368 70.15 81.76 57.30
N LYS G 369 71.12 82.13 56.48
CA LYS G 369 72.01 83.23 56.80
C LYS G 369 71.33 84.55 56.47
N VAL G 370 71.30 85.45 57.46
CA VAL G 370 70.75 86.79 57.29
C VAL G 370 71.87 87.78 57.51
N GLN G 371 71.78 88.91 56.82
CA GLN G 371 72.73 89.98 57.02
C GLN G 371 72.42 90.73 58.31
N SER G 372 73.46 91.22 58.96
CA SER G 372 73.32 91.88 60.25
C SER G 372 74.62 92.63 60.55
N ARG G 373 74.72 93.16 61.77
CA ARG G 373 75.92 93.84 62.23
C ARG G 373 76.47 93.26 63.51
N LEU G 374 75.69 92.48 64.26
CA LEU G 374 76.19 91.80 65.45
C LEU G 374 77.16 90.67 65.10
N HIS G 375 77.29 90.33 63.83
CA HIS G 375 78.12 89.20 63.41
C HIS G 375 78.14 89.18 61.89
N SER G 376 79.20 88.58 61.34
CA SER G 376 79.31 88.39 59.91
C SER G 376 78.73 87.05 59.46
N ASN G 377 78.47 86.14 60.40
CA ASN G 377 77.77 84.89 60.14
C ASN G 377 76.61 84.86 61.15
N ALA G 378 75.52 85.53 60.81
CA ALA G 378 74.35 85.62 61.66
C ALA G 378 73.21 84.86 61.01
N LEU G 379 72.49 84.07 61.82
CA LEU G 379 71.57 83.08 61.31
C LEU G 379 70.15 83.34 61.77
N SER G 380 69.20 83.09 60.87
CA SER G 380 67.79 83.05 61.20
C SER G 380 67.33 81.60 61.28
N ALA G 381 66.15 81.38 61.83
CA ALA G 381 65.71 80.02 62.14
C ALA G 381 64.19 79.97 62.18
N GLY G 382 63.59 79.29 61.21
CA GLY G 382 62.15 79.05 61.24
C GLY G 382 61.62 78.42 59.96
N PHE G 383 60.50 77.69 60.08
CA PHE G 383 59.89 77.03 58.94
C PHE G 383 58.45 76.70 59.27
N GLN G 384 57.70 76.28 58.25
CA GLN G 384 56.32 75.85 58.43
C GLN G 384 55.94 74.90 57.31
N PHE G 385 55.38 73.74 57.69
CA PHE G 385 54.83 72.80 56.73
C PHE G 385 53.46 73.27 56.25
N VAL G 386 53.24 73.22 54.93
CA VAL G 386 51.99 73.66 54.35
C VAL G 386 51.42 72.68 53.33
N GLU G 387 52.04 71.52 53.13
CA GLU G 387 51.54 70.55 52.17
C GLU G 387 51.94 69.15 52.61
N TYR G 388 51.27 68.15 52.02
CA TYR G 388 51.63 66.76 52.27
C TYR G 388 51.17 65.94 51.07
N LYS G 389 52.13 65.51 50.25
CA LYS G 389 51.87 64.67 49.08
C LYS G 389 51.89 63.21 49.54
N ALA G 390 50.72 62.63 49.74
CA ALA G 390 50.60 61.26 50.24
C ALA G 390 50.86 60.27 49.11
N PRO G 391 51.07 58.98 49.44
CA PRO G 391 51.52 58.05 48.40
C PRO G 391 50.43 57.81 47.37
N ASN G 392 50.16 58.85 46.59
CA ASN G 392 49.43 58.83 45.32
C ASN G 392 49.22 60.29 44.91
N GLY G 393 48.62 60.54 43.76
CA GLY G 393 48.40 61.90 43.31
C GLY G 393 47.61 62.78 44.27
N VAL G 394 47.09 62.21 45.36
CA VAL G 394 46.49 63.01 46.43
C VAL G 394 47.51 64.04 46.90
N ARG G 395 47.09 65.30 46.97
CA ARG G 395 47.95 66.38 47.44
C ARG G 395 47.12 67.37 48.27
N VAL G 396 47.58 67.65 49.49
CA VAL G 396 46.83 68.49 50.42
C VAL G 396 47.44 69.87 50.54
N ARG G 397 46.96 70.82 49.74
CA ARG G 397 47.28 72.21 49.96
C ARG G 397 46.29 72.83 50.94
N LEU G 398 46.56 74.08 51.32
CA LEU G 398 45.76 74.79 52.31
C LEU G 398 45.38 76.17 51.80
N ASP G 399 44.34 76.73 52.40
CA ASP G 399 43.90 78.10 52.12
C ASP G 399 43.20 78.61 53.36
N VAL G 400 43.90 79.42 54.15
CA VAL G 400 43.37 79.95 55.39
C VAL G 400 42.51 81.17 55.09
N ASP G 401 41.29 81.17 55.60
CA ASP G 401 40.35 82.25 55.37
C ASP G 401 39.95 82.90 56.69
N PRO G 402 39.82 84.23 56.74
CA PRO G 402 39.47 84.87 58.02
C PRO G 402 38.08 84.53 58.52
N PHE G 403 37.17 84.08 57.64
CA PHE G 403 35.82 83.73 58.06
C PHE G 403 35.83 82.68 59.16
N TYR G 404 36.93 81.95 59.33
CA TYR G 404 37.01 80.88 60.33
C TYR G 404 37.51 81.37 61.68
N ASP G 405 38.13 82.55 61.74
CA ASP G 405 38.77 83.03 62.95
C ASP G 405 37.92 84.03 63.73
N ASP G 406 36.86 84.56 63.12
CA ASP G 406 36.00 85.53 63.76
C ASP G 406 35.59 85.05 65.16
N PRO G 407 35.88 85.80 66.22
CA PRO G 407 35.52 85.37 67.56
C PRO G 407 34.15 85.85 68.05
N VAL G 408 33.47 86.70 67.29
CA VAL G 408 32.10 87.08 67.65
C VAL G 408 31.14 85.95 67.32
N ARG G 409 31.08 85.58 66.04
CA ARG G 409 30.25 84.45 65.64
C ARG G 409 30.61 83.19 66.42
N ASN G 410 31.89 82.94 66.61
CA ASN G 410 32.38 81.70 67.20
C ASN G 410 32.63 81.93 68.69
N LYS G 411 31.90 81.19 69.52
CA LYS G 411 31.98 81.36 70.97
C LYS G 411 32.67 80.23 71.70
N ILE G 412 32.82 79.08 71.08
CA ILE G 412 33.52 77.97 71.72
C ILE G 412 35.01 78.17 71.53
N LEU G 413 35.77 77.95 72.59
CA LEU G 413 37.20 78.24 72.63
C LEU G 413 37.97 76.94 72.69
N HIS G 414 38.86 76.73 71.72
CA HIS G 414 39.73 75.59 71.76
C HIS G 414 40.73 75.76 72.90
N PRO G 415 40.91 74.74 73.75
CA PRO G 415 41.83 74.91 74.89
C PRO G 415 43.26 75.16 74.46
N MET G 416 43.61 74.84 73.22
CA MET G 416 44.93 75.13 72.68
C MET G 416 45.02 76.52 72.05
N GLY G 417 43.98 77.33 72.20
CA GLY G 417 44.02 78.71 71.73
C GLY G 417 43.02 79.00 70.63
N GLY G 418 42.43 80.19 70.67
CA GLY G 418 41.54 80.62 69.61
C GLY G 418 40.14 80.05 69.77
N VAL G 419 39.45 79.92 68.65
CA VAL G 419 38.11 79.37 68.60
C VAL G 419 38.17 78.01 67.92
N ALA G 420 37.34 77.08 68.39
CA ALA G 420 37.32 75.75 67.82
C ALA G 420 36.97 75.75 66.33
N PHE G 421 36.39 76.85 65.83
CA PHE G 421 36.02 76.92 64.43
C PHE G 421 37.21 77.14 63.51
N SER G 422 38.35 77.55 64.06
CA SER G 422 39.57 77.62 63.28
C SER G 422 40.27 76.27 63.21
N TYR G 423 40.00 75.38 64.15
CA TYR G 423 40.50 74.01 64.12
C TYR G 423 39.56 73.14 63.30
N ARG G 424 39.21 73.60 62.11
CA ARG G 424 38.15 72.99 61.32
C ARG G 424 38.53 73.06 59.85
N TYR G 425 38.53 71.92 59.18
CA TYR G 425 39.05 71.78 57.84
C TYR G 425 37.91 71.42 56.91
N ASP G 426 37.71 72.23 55.87
CA ASP G 426 36.58 72.10 54.96
C ASP G 426 37.08 72.04 53.53
N ILE G 427 36.79 70.93 52.86
CA ILE G 427 36.97 70.81 51.41
C ILE G 427 35.60 71.06 50.78
N TRP G 428 35.50 72.12 49.98
CA TRP G 428 34.21 72.63 49.57
C TRP G 428 33.81 72.21 48.16
N TYR G 429 34.77 71.87 47.29
CA TYR G 429 34.46 71.44 45.93
C TYR G 429 35.32 70.21 45.62
N ILE G 430 34.78 69.04 45.95
CA ILE G 430 35.41 67.78 45.58
C ILE G 430 35.20 67.53 44.09
N GLY G 431 36.29 67.28 43.38
CA GLY G 431 36.16 67.05 41.96
C GLY G 431 35.78 68.34 41.22
N THR G 432 35.20 68.15 40.04
CA THR G 432 34.73 69.25 39.23
C THR G 432 33.36 68.90 38.66
N MET G 433 32.38 69.75 38.90
CA MET G 433 31.02 69.56 38.42
C MET G 433 30.75 70.53 37.28
N ASP G 434 29.99 70.06 36.29
CA ASP G 434 29.67 70.91 35.15
C ASP G 434 28.88 72.14 35.57
N GLN G 435 28.11 72.03 36.64
CA GLN G 435 27.30 73.13 37.16
C GLN G 435 27.52 73.26 38.66
N PRO G 436 27.34 74.46 39.20
CA PRO G 436 27.60 74.67 40.62
C PRO G 436 26.86 73.68 41.51
N ASN G 437 27.58 73.08 42.45
CA ASN G 437 26.95 72.26 43.48
C ASN G 437 26.36 73.11 44.60
N ILE G 438 26.77 74.37 44.71
CA ILE G 438 26.28 75.26 45.75
C ILE G 438 25.95 76.60 45.10
N PHE G 439 24.72 77.05 45.25
CA PHE G 439 24.29 78.33 44.70
C PHE G 439 23.22 78.92 45.60
N LYS G 440 23.22 80.24 45.72
CA LYS G 440 22.23 80.93 46.52
C LYS G 440 21.07 81.36 45.64
N CYS G 441 19.85 81.11 46.10
CA CYS G 441 18.66 81.23 45.27
C CYS G 441 17.95 82.56 45.54
N LYS G 442 17.43 83.16 44.48
CA LYS G 442 16.64 84.37 44.58
C LYS G 442 15.48 84.28 43.59
N ILE G 443 14.47 85.11 43.82
CA ILE G 443 13.28 85.13 42.98
C ILE G 443 13.32 86.36 42.09
N LYS G 444 12.67 86.26 40.93
CA LYS G 444 12.68 87.32 39.93
C LYS G 444 11.57 88.32 40.23
N GLY G 445 11.95 89.56 40.52
CA GLY G 445 10.98 90.62 40.74
C GLY G 445 10.31 90.60 42.09
N ASP G 446 10.26 89.42 42.73
CA ASP G 446 9.70 89.26 44.06
C ASP G 446 10.86 88.97 45.01
N ASN G 447 11.52 90.04 45.46
CA ASN G 447 12.67 89.92 46.34
C ASN G 447 12.46 90.59 47.69
N GLU G 448 12.05 91.86 47.71
CA GLU G 448 11.81 92.54 48.97
C GLU G 448 10.83 93.68 48.74
N TYR G 449 10.10 94.03 49.81
CA TYR G 449 9.07 95.05 49.77
C TYR G 449 9.27 96.01 50.94
N ARG G 450 9.25 97.31 50.64
CA ARG G 450 9.36 98.35 51.64
C ARG G 450 8.01 99.07 51.81
N GLY G 451 7.78 99.58 53.01
CA GLY G 451 6.54 100.29 53.28
C GLY G 451 6.53 100.98 54.64
N TYR G 452 5.94 102.17 54.69
CA TYR G 452 5.83 102.94 55.93
C TYR G 452 4.40 102.96 56.42
N GLN G 453 4.24 102.82 57.74
CA GLN G 453 2.97 102.91 58.44
C GLN G 453 3.11 104.08 59.41
N TRP G 454 2.81 105.28 58.94
CA TRP G 454 3.08 106.50 59.67
C TRP G 454 1.83 107.38 59.76
N GLY G 455 1.93 108.42 60.58
CA GLY G 455 0.85 109.35 60.79
C GLY G 455 1.00 110.68 60.08
N ILE G 456 1.38 111.71 60.82
CA ILE G 456 1.43 113.06 60.26
C ILE G 456 2.78 113.36 59.64
N ARG G 457 3.87 112.88 60.25
CA ARG G 457 5.21 113.18 59.80
C ARG G 457 5.95 111.89 59.46
N ASN G 458 6.66 111.90 58.32
CA ASN G 458 7.49 110.79 57.89
C ASN G 458 8.94 111.22 57.91
N PRO G 459 9.66 111.03 59.01
CA PRO G 459 11.08 111.40 59.03
C PRO G 459 11.91 110.63 58.02
N PHE G 460 11.51 109.40 57.67
CA PHE G 460 12.23 108.66 56.64
C PHE G 460 12.15 109.31 55.28
N THR G 461 11.21 110.24 55.08
CA THR G 461 11.02 110.88 53.78
C THR G 461 10.89 112.39 53.83
N GLY G 462 10.50 112.98 54.95
CA GLY G 462 10.33 114.42 55.01
C GLY G 462 9.09 114.90 54.30
N GLN G 463 7.94 114.33 54.66
CA GLN G 463 6.69 114.61 53.98
C GLN G 463 5.93 115.76 54.61
N LYS G 464 5.89 115.83 55.95
CA LYS G 464 5.36 116.97 56.67
C LYS G 464 3.84 117.06 56.63
N GLY G 465 3.20 116.21 55.84
CA GLY G 465 1.75 116.23 55.74
C GLY G 465 1.22 114.97 55.10
N ASN G 466 0.23 114.33 55.75
CA ASN G 466 -0.24 113.04 55.30
C ASN G 466 -1.67 113.15 54.80
N PRO G 467 -1.91 112.97 53.49
CA PRO G 467 -3.29 112.86 53.01
C PRO G 467 -3.95 111.59 53.50
N TYR G 468 -3.22 110.48 53.40
CA TYR G 468 -3.71 109.15 53.79
C TYR G 468 -2.98 108.73 55.06
N MET G 469 -3.59 109.03 56.20
CA MET G 469 -3.02 108.67 57.49
C MET G 469 -3.25 107.20 57.82
N SER G 470 -2.27 106.59 58.48
CA SER G 470 -2.44 105.28 59.08
C SER G 470 -2.99 105.34 60.49
N PHE G 471 -2.59 106.34 61.26
CA PHE G 471 -2.99 106.48 62.66
C PHE G 471 -2.65 107.89 63.11
N ASP G 472 -3.02 108.19 64.36
CA ASP G 472 -2.97 109.54 64.88
C ASP G 472 -1.87 109.75 65.93
N GLU G 473 -0.97 108.78 66.08
CA GLU G 473 -0.03 108.79 67.19
C GLU G 473 1.25 109.55 66.90
N ASP G 474 1.31 110.32 65.82
CA ASP G 474 2.49 111.12 65.50
C ASP G 474 3.75 110.26 65.56
N SER G 475 3.77 109.19 64.78
CA SER G 475 4.93 108.33 64.71
C SER G 475 4.95 107.65 63.36
N ALA G 476 6.09 107.04 63.05
CA ALA G 476 6.29 106.37 61.77
C ALA G 476 6.94 105.02 62.02
N VAL G 477 6.58 104.05 61.20
CA VAL G 477 7.22 102.74 61.20
C VAL G 477 7.67 102.46 59.79
N ILE G 478 8.78 101.73 59.67
CA ILE G 478 9.25 101.23 58.38
C ILE G 478 9.20 99.72 58.43
N HIS G 479 8.76 99.12 57.34
CA HIS G 479 8.63 97.67 57.24
C HIS G 479 9.39 97.20 56.01
N ARG G 480 10.08 96.08 56.18
CA ARG G 480 10.88 95.52 55.10
C ARG G 480 10.83 94.01 55.21
N MET G 481 10.47 93.36 54.11
CA MET G 481 10.28 91.92 54.05
C MET G 481 11.00 91.39 52.83
N ALA G 482 11.65 90.24 52.98
CA ALA G 482 12.41 89.67 51.89
C ALA G 482 12.39 88.15 51.98
N THR G 483 12.39 87.51 50.82
CA THR G 483 12.44 86.07 50.70
C THR G 483 13.78 85.65 50.11
N LEU G 484 14.22 84.44 50.45
CA LEU G 484 15.51 83.96 50.01
C LEU G 484 15.62 82.47 50.28
N GLY G 485 16.56 81.84 49.59
CA GLY G 485 16.84 80.43 49.80
C GLY G 485 18.14 80.06 49.14
N VAL G 486 18.63 78.87 49.49
CA VAL G 486 19.88 78.35 48.94
C VAL G 486 19.76 76.85 48.77
N CYS G 487 20.51 76.32 47.82
CA CYS G 487 20.54 74.90 47.54
C CYS G 487 21.97 74.43 47.38
N VAL G 488 22.28 73.26 47.95
CA VAL G 488 23.48 72.53 47.61
C VAL G 488 23.02 71.20 47.07
N LEU G 489 23.18 71.02 45.75
CA LEU G 489 22.61 69.85 45.09
C LEU G 489 23.11 68.56 45.70
N ASP G 490 24.42 68.43 45.89
CA ASP G 490 25.03 67.24 46.48
C ASP G 490 25.72 67.56 47.79
N PRO G 491 25.24 67.05 48.94
CA PRO G 491 25.98 67.23 50.19
C PRO G 491 27.21 66.34 50.30
N THR G 492 27.32 65.30 49.49
CA THR G 492 28.44 64.37 49.53
C THR G 492 29.64 64.86 48.74
N ARG G 493 29.49 65.95 47.98
CA ARG G 493 30.58 66.50 47.19
C ARG G 493 31.36 67.55 47.95
N THR G 494 31.25 67.53 49.29
CA THR G 494 31.97 68.45 50.16
C THR G 494 32.38 67.70 51.41
N MET G 495 33.66 67.77 51.76
CA MET G 495 34.21 67.16 52.96
C MET G 495 34.41 68.21 54.03
N SER G 496 34.34 67.77 55.29
CA SER G 496 34.55 68.66 56.42
C SER G 496 35.01 67.85 57.62
N LEU G 497 36.15 68.23 58.18
CA LEU G 497 36.72 67.63 59.37
C LEU G 497 36.52 68.63 60.50
N ILE G 498 35.72 68.26 61.50
CA ILE G 498 35.23 69.22 62.48
C ILE G 498 35.58 68.76 63.88
N PRO G 499 35.89 69.69 64.81
CA PRO G 499 36.10 69.28 66.21
C PRO G 499 34.79 68.93 66.90
N ALA G 500 34.88 67.96 67.82
CA ALA G 500 33.67 67.43 68.45
C ALA G 500 32.96 68.46 69.32
N ILE G 501 33.71 69.41 69.90
CA ILE G 501 33.08 70.39 70.77
C ILE G 501 32.16 71.31 69.98
N LEU G 502 32.29 71.33 68.66
CA LEU G 502 31.35 72.01 67.78
C LEU G 502 30.16 71.14 67.42
N GLN G 503 29.88 70.11 68.21
CA GLN G 503 28.87 69.11 67.90
C GLN G 503 27.90 69.00 69.06
N GLY G 504 26.61 69.11 68.77
CA GLY G 504 25.58 68.94 69.77
C GLY G 504 25.71 69.89 70.94
N ALA H 2 -20.54 -13.11 -11.28
CA ALA H 2 -20.93 -13.92 -10.14
C ALA H 2 -20.20 -13.47 -8.88
N GLY H 3 -18.88 -13.26 -9.01
CA GLY H 3 -18.06 -12.81 -7.93
C GLY H 3 -17.63 -11.38 -8.07
N LYS H 4 -16.54 -11.04 -7.38
CA LYS H 4 -15.96 -9.70 -7.40
C LYS H 4 -14.65 -9.71 -8.17
N LEU H 5 -14.50 -8.78 -9.10
CA LEU H 5 -13.25 -8.66 -9.83
C LEU H 5 -12.18 -8.03 -8.96
N GLY H 6 -12.53 -6.94 -8.27
CA GLY H 6 -11.66 -6.37 -7.26
C GLY H 6 -12.35 -6.34 -5.92
N LYS H 7 -11.70 -5.79 -4.90
CA LYS H 7 -12.35 -5.70 -3.60
C LYS H 7 -13.44 -4.65 -3.59
N PHE H 8 -13.29 -3.60 -4.39
CA PHE H 8 -14.30 -2.56 -4.51
C PHE H 8 -15.13 -2.79 -5.77
N GLN H 9 -15.82 -3.93 -5.77
CA GLN H 9 -16.76 -4.28 -6.82
C GLN H 9 -18.14 -4.00 -6.21
N MET H 10 -18.57 -2.75 -6.34
CA MET H 10 -19.71 -2.27 -5.57
C MET H 10 -21.00 -2.92 -6.03
N LEU H 11 -21.17 -3.11 -7.33
CA LEU H 11 -22.39 -3.67 -7.91
C LEU H 11 -22.16 -5.10 -8.37
N GLY H 12 -23.28 -5.83 -8.50
CA GLY H 12 -23.30 -7.11 -9.13
C GLY H 12 -24.06 -7.05 -10.45
N PHE H 13 -23.98 -8.14 -11.19
CA PHE H 13 -24.65 -8.24 -12.50
C PHE H 13 -26.08 -8.66 -12.26
N GLN H 14 -27.02 -7.75 -12.54
CA GLN H 14 -28.43 -7.97 -12.29
C GLN H 14 -29.16 -8.26 -13.59
N HIS H 15 -30.17 -9.11 -13.50
CA HIS H 15 -30.85 -9.66 -14.68
C HIS H 15 -32.29 -9.97 -14.32
N TRP H 16 -33.16 -9.90 -15.32
CA TRP H 16 -34.57 -10.20 -15.10
C TRP H 16 -35.23 -10.50 -16.43
N LYS H 17 -36.31 -11.28 -16.36
CA LYS H 17 -37.08 -11.69 -17.52
C LYS H 17 -38.48 -11.11 -17.46
N GLY H 18 -38.94 -10.59 -18.60
CA GLY H 18 -40.35 -10.35 -18.78
C GLY H 18 -40.80 -8.92 -18.62
N LEU H 19 -42.01 -8.75 -18.10
CA LEU H 19 -42.58 -7.42 -17.90
C LEU H 19 -41.65 -6.60 -17.01
N THR H 20 -41.45 -5.35 -17.41
CA THR H 20 -40.56 -4.43 -16.72
C THR H 20 -41.35 -3.23 -16.25
N SER H 21 -41.17 -2.87 -14.98
CA SER H 21 -41.84 -1.74 -14.36
C SER H 21 -40.81 -0.69 -13.97
N ASP H 22 -41.29 0.39 -13.35
CA ASP H 22 -40.37 1.43 -12.90
C ASP H 22 -39.56 0.97 -11.71
N ASN H 23 -40.12 0.11 -10.87
CA ASN H 23 -39.34 -0.53 -9.82
C ASN H 23 -38.09 -1.16 -10.41
N HIS H 24 -38.24 -1.87 -11.53
CA HIS H 24 -37.10 -2.46 -12.19
C HIS H 24 -36.11 -1.37 -12.63
N LEU H 25 -36.58 -0.46 -13.48
CA LEU H 25 -35.75 0.65 -13.92
C LEU H 25 -35.19 1.47 -12.79
N GLY H 26 -35.74 1.35 -11.58
CA GLY H 26 -35.20 2.02 -10.42
C GLY H 26 -34.20 1.14 -9.70
N ALA H 27 -34.46 -0.17 -9.71
CA ALA H 27 -33.53 -1.11 -9.08
C ALA H 27 -32.25 -1.29 -9.89
N ILE H 28 -32.28 -0.97 -11.18
CA ILE H 28 -31.08 -0.98 -12.00
C ILE H 28 -30.50 0.42 -12.15
N PHE H 29 -30.98 1.38 -11.37
CA PHE H 29 -30.40 2.72 -11.30
C PHE H 29 -30.55 3.45 -12.63
N GLN H 30 -31.76 3.38 -13.18
CA GLN H 30 -32.08 4.04 -14.44
C GLN H 30 -33.21 5.04 -14.33
N GLN H 31 -33.85 5.15 -13.15
CA GLN H 31 -34.88 6.14 -12.89
C GLN H 31 -34.38 7.08 -11.80
N ALA H 32 -34.34 8.37 -12.12
CA ALA H 32 -33.77 9.38 -11.23
C ALA H 32 -34.65 10.61 -11.18
N PRO H 33 -34.91 11.17 -10.00
CA PRO H 33 -35.74 12.37 -9.92
C PRO H 33 -35.06 13.56 -10.59
N GLN H 34 -35.89 14.53 -10.97
CA GLN H 34 -35.44 15.68 -11.74
C GLN H 34 -35.26 16.88 -10.82
N LYS H 35 -34.25 17.68 -11.10
CA LYS H 35 -33.97 18.89 -10.34
C LYS H 35 -34.47 20.09 -11.12
N ALA H 36 -35.38 20.85 -10.50
CA ALA H 36 -35.91 22.08 -11.09
C ALA H 36 -35.10 23.24 -10.54
N THR H 37 -34.20 23.78 -11.35
CA THR H 37 -33.33 24.85 -10.89
C THR H 37 -34.03 26.20 -10.93
N ASN H 38 -34.90 26.41 -11.92
CA ASN H 38 -35.71 27.62 -11.97
C ASN H 38 -36.44 27.85 -10.65
N LEU H 39 -36.70 26.79 -9.90
CA LEU H 39 -37.44 26.85 -8.64
C LEU H 39 -36.44 26.77 -7.49
N MET H 40 -36.19 27.90 -6.84
CA MET H 40 -35.33 27.96 -5.67
C MET H 40 -36.03 28.81 -4.62
N VAL H 41 -36.35 28.19 -3.49
CA VAL H 41 -37.12 28.84 -2.44
C VAL H 41 -36.19 29.53 -1.47
N GLN H 42 -36.60 30.70 -1.00
CA GLN H 42 -35.95 31.41 0.09
C GLN H 42 -36.98 31.65 1.17
N LEU H 43 -36.77 31.05 2.34
CA LEU H 43 -37.69 31.23 3.45
C LEU H 43 -37.94 32.71 3.69
N LEU H 44 -39.19 33.04 4.01
CA LEU H 44 -39.59 34.42 4.24
C LEU H 44 -39.35 34.77 5.70
N ALA H 45 -38.66 35.89 5.93
CA ALA H 45 -38.40 36.39 7.26
C ALA H 45 -37.80 37.78 7.15
N PHE H 46 -38.24 38.68 8.02
CA PHE H 46 -37.67 40.02 8.08
C PHE H 46 -36.34 39.91 8.80
N TYR H 47 -35.26 39.90 8.05
CA TYR H 47 -33.93 39.64 8.59
C TYR H 47 -33.36 40.93 9.16
N ARG H 48 -33.07 40.92 10.45
CA ARG H 48 -32.65 42.11 11.20
C ARG H 48 -31.22 41.95 11.71
N GLY H 49 -30.34 41.43 10.87
CA GLY H 49 -28.97 41.18 11.31
C GLY H 49 -28.04 42.34 11.07
N LYS H 50 -28.32 43.14 10.04
CA LYS H 50 -27.56 44.36 9.78
C LYS H 50 -28.03 45.53 10.64
N SER H 51 -28.98 45.29 11.53
CA SER H 51 -29.59 46.37 12.29
C SER H 51 -28.59 46.98 13.26
N LEU H 52 -27.93 46.14 14.06
CA LEU H 52 -26.93 46.63 14.99
C LEU H 52 -25.80 47.36 14.28
N ASP H 53 -25.46 46.91 13.06
CA ASP H 53 -24.38 47.56 12.32
C ASP H 53 -24.74 49.01 11.99
N THR H 54 -25.95 49.23 11.46
CA THR H 54 -26.39 50.58 11.18
C THR H 54 -26.45 51.41 12.45
N PHE H 55 -26.86 50.79 13.56
CA PHE H 55 -26.89 51.47 14.83
C PHE H 55 -25.51 51.99 15.21
N LEU H 56 -24.49 51.12 15.15
CA LEU H 56 -23.14 51.53 15.49
C LEU H 56 -22.56 52.49 14.46
N ASN H 57 -23.08 52.50 13.25
CA ASN H 57 -22.63 53.45 12.23
C ASN H 57 -23.34 54.79 12.36
N SER H 58 -24.38 54.87 13.18
CA SER H 58 -25.00 56.16 13.49
C SER H 58 -24.04 57.07 14.24
N PHE H 59 -23.00 56.51 14.84
CA PHE H 59 -22.06 57.22 15.67
C PHE H 59 -20.75 57.43 14.94
N PRO H 60 -20.00 58.48 15.27
CA PRO H 60 -18.70 58.68 14.64
C PRO H 60 -17.56 58.04 15.41
N THR H 61 -16.35 58.07 14.88
CA THR H 61 -15.17 57.53 15.55
C THR H 61 -14.19 58.64 15.85
N ARG H 62 -13.43 58.45 16.93
CA ARG H 62 -12.35 59.34 17.30
C ARG H 62 -11.07 58.53 17.42
N GLU H 63 -10.10 58.83 16.57
CA GLU H 63 -8.84 58.11 16.59
C GLU H 63 -8.01 58.54 17.79
N PHE H 64 -7.47 57.57 18.51
CA PHE H 64 -6.59 57.80 19.64
C PHE H 64 -5.17 57.46 19.24
N GLU H 65 -4.24 57.56 20.20
CA GLU H 65 -2.85 57.22 19.95
C GLU H 65 -2.31 56.19 20.93
N ASP H 66 -3.16 55.66 21.82
CA ASP H 66 -2.71 54.70 22.80
C ASP H 66 -3.91 53.89 23.28
N ASP H 67 -3.62 52.84 24.03
CA ASP H 67 -4.63 52.05 24.73
C ASP H 67 -4.57 52.33 26.23
N ASN H 68 -4.23 53.56 26.58
CA ASN H 68 -4.14 54.00 27.96
C ASN H 68 -5.42 54.74 28.34
N GLU H 69 -5.85 54.57 29.57
CA GLU H 69 -7.07 55.22 30.02
C GLU H 69 -6.97 56.71 29.78
N TYR H 70 -8.09 57.30 29.41
CA TYR H 70 -8.18 58.73 29.16
C TYR H 70 -9.29 59.30 30.03
N TYR H 71 -9.12 60.57 30.40
CA TYR H 71 -10.04 61.24 31.30
C TYR H 71 -10.29 62.64 30.78
N TRP H 72 -11.48 63.14 31.05
CA TRP H 72 -11.89 64.45 30.55
C TRP H 72 -12.46 65.28 31.69
N ASP H 73 -12.45 66.60 31.47
CA ASP H 73 -12.94 67.54 32.46
C ASP H 73 -14.44 67.77 32.28
N VAL H 74 -15.15 67.82 33.40
CA VAL H 74 -16.59 67.97 33.43
C VAL H 74 -16.90 69.30 34.13
N ILE H 75 -17.47 70.24 33.38
CA ILE H 75 -17.87 71.52 33.94
C ILE H 75 -19.30 71.40 34.45
N GLY H 76 -19.66 72.27 35.39
CA GLY H 76 -20.95 72.18 36.04
C GLY H 76 -21.66 73.50 36.22
N SER H 77 -22.35 73.65 37.34
CA SER H 77 -23.18 74.80 37.63
C SER H 77 -22.72 75.46 38.92
N SER H 78 -23.16 76.69 39.13
CA SER H 78 -22.65 77.54 40.21
C SER H 78 -23.71 77.91 41.23
N ARG H 79 -24.83 78.47 40.80
CA ARG H 79 -25.82 79.02 41.72
C ARG H 79 -26.25 77.98 42.76
N ARG H 80 -26.32 78.41 44.01
CA ARG H 80 -26.51 77.50 45.14
C ARG H 80 -27.61 78.00 46.06
N ASN H 81 -28.20 77.05 46.79
CA ASN H 81 -28.94 77.32 48.01
C ASN H 81 -28.35 76.47 49.12
N ILE H 82 -28.28 77.02 50.32
CA ILE H 82 -27.63 76.38 51.46
C ILE H 82 -28.71 75.79 52.35
N PRO H 83 -28.68 74.49 52.63
CA PRO H 83 -29.70 73.91 53.50
C PRO H 83 -29.51 74.32 54.95
N LEU H 84 -30.63 74.38 55.67
CA LEU H 84 -30.62 74.69 57.09
C LEU H 84 -30.48 73.43 57.90
N VAL H 85 -29.66 73.50 58.94
CA VAL H 85 -29.47 72.37 59.85
C VAL H 85 -30.42 72.46 61.04
N GLU H 86 -30.60 73.67 61.57
CA GLU H 86 -31.28 73.86 62.84
C GLU H 86 -31.51 75.34 63.04
N ALA H 87 -32.41 75.66 63.96
CA ALA H 87 -32.61 77.01 64.43
C ALA H 87 -32.68 76.97 65.95
N ARG H 88 -32.23 78.06 66.58
CA ARG H 88 -32.17 78.13 68.02
C ARG H 88 -32.76 79.45 68.50
N ASP H 89 -33.38 79.40 69.68
CA ASP H 89 -33.99 80.58 70.26
C ASP H 89 -32.90 81.56 70.70
N GLU H 90 -33.33 82.69 71.25
CA GLU H 90 -32.37 83.64 71.79
C GLU H 90 -31.57 83.03 72.92
N ASN H 91 -32.14 82.04 73.61
CA ASN H 91 -31.47 81.36 74.71
C ASN H 91 -30.66 80.16 74.24
N GLY H 92 -30.51 79.99 72.93
CA GLY H 92 -29.83 78.83 72.38
C GLY H 92 -30.67 77.57 72.32
N VAL H 93 -31.91 77.61 72.81
CA VAL H 93 -32.77 76.43 72.77
C VAL H 93 -33.20 76.16 71.34
N VAL H 94 -33.43 74.88 71.04
CA VAL H 94 -33.75 74.47 69.67
C VAL H 94 -35.19 74.85 69.35
N VAL H 95 -35.46 75.01 68.05
CA VAL H 95 -36.76 75.42 67.56
C VAL H 95 -37.48 74.17 67.05
N ALA H 96 -38.44 73.70 67.82
CA ALA H 96 -39.30 72.61 67.36
C ALA H 96 -40.31 73.13 66.34
N ALA H 97 -40.92 72.19 65.61
CA ALA H 97 -41.84 72.58 64.55
C ALA H 97 -43.18 73.04 65.12
N ASN H 98 -43.65 72.40 66.18
CA ASN H 98 -44.86 72.84 66.88
C ASN H 98 -44.53 73.90 67.92
N ALA H 99 -43.86 74.95 67.48
CA ALA H 99 -43.38 76.01 68.36
C ALA H 99 -43.90 77.36 67.87
N ALA H 100 -44.04 78.29 68.81
CA ALA H 100 -44.48 79.64 68.46
C ALA H 100 -43.42 80.35 67.61
N ASN H 101 -43.79 81.53 67.13
CA ASN H 101 -42.86 82.34 66.36
C ASN H 101 -41.61 82.63 67.19
N VAL H 102 -40.57 83.10 66.50
CA VAL H 102 -39.24 83.25 67.09
C VAL H 102 -38.88 84.73 67.30
N GLY H 103 -38.79 85.49 66.22
CA GLY H 103 -38.47 86.90 66.33
C GLY H 103 -39.70 87.77 66.43
N VAL H 104 -40.55 87.50 67.41
CA VAL H 104 -41.85 88.14 67.51
C VAL H 104 -41.75 89.65 67.71
N GLY H 105 -40.56 90.16 67.99
CA GLY H 105 -40.29 91.59 67.86
C GLY H 105 -39.30 91.79 66.75
N THR H 106 -38.13 92.29 67.09
CA THR H 106 -36.94 92.13 66.26
C THR H 106 -35.90 91.37 67.06
N SER H 107 -36.38 90.46 67.90
CA SER H 107 -35.54 89.65 68.77
C SER H 107 -34.53 88.89 67.92
N PRO H 108 -33.34 88.62 68.44
CA PRO H 108 -32.38 87.82 67.69
C PRO H 108 -32.50 86.33 67.97
N PHE H 109 -32.12 85.54 66.98
CA PHE H 109 -32.10 84.09 67.10
C PHE H 109 -30.94 83.57 66.28
N TYR H 110 -30.79 82.25 66.24
CA TYR H 110 -29.61 81.63 65.66
C TYR H 110 -30.01 80.64 64.57
N LEU H 111 -29.30 80.70 63.45
CA LEU H 111 -29.46 79.78 62.35
C LEU H 111 -28.21 78.93 62.21
N VAL H 112 -28.39 77.62 62.11
CA VAL H 112 -27.29 76.68 61.99
C VAL H 112 -27.21 76.20 60.56
N PHE H 113 -26.00 76.09 60.03
CA PHE H 113 -25.78 75.71 58.65
C PHE H 113 -24.62 74.74 58.58
N PRO H 114 -24.55 73.91 57.53
CA PRO H 114 -23.45 72.96 57.40
C PRO H 114 -22.19 73.55 56.78
N GLU H 115 -22.15 74.86 56.55
CA GLU H 115 -20.96 75.50 56.01
C GLU H 115 -21.10 77.01 56.17
N ASP H 116 -19.95 77.67 56.34
CA ASP H 116 -19.91 79.13 56.41
C ASP H 116 -19.93 79.66 54.98
N TRP H 117 -21.14 79.82 54.45
CA TRP H 117 -21.35 80.35 53.12
C TRP H 117 -21.83 81.81 53.14
N PHE H 118 -22.28 82.30 54.28
CA PHE H 118 -22.87 83.62 54.39
C PHE H 118 -21.98 84.53 55.22
N ALA H 119 -21.92 85.79 54.83
CA ALA H 119 -21.04 86.76 55.45
C ALA H 119 -21.79 87.60 56.47
N ASP H 120 -21.06 88.51 57.12
CA ASP H 120 -21.68 89.42 58.07
C ASP H 120 -22.46 90.50 57.33
N GLY H 121 -23.53 90.97 57.95
CA GLY H 121 -24.32 92.05 57.41
C GLY H 121 -25.09 91.72 56.15
N GLU H 122 -25.00 90.48 55.67
CA GLU H 122 -25.78 90.06 54.53
C GLU H 122 -27.20 89.71 54.98
N VAL H 123 -28.17 89.97 54.11
CA VAL H 123 -29.54 89.54 54.35
C VAL H 123 -29.77 88.27 53.54
N ILE H 124 -30.22 87.22 54.22
CA ILE H 124 -30.54 85.95 53.58
C ILE H 124 -32.02 85.70 53.76
N VAL H 125 -32.56 84.87 52.87
CA VAL H 125 -33.98 84.57 52.86
C VAL H 125 -34.15 83.05 52.78
N GLY H 126 -35.29 82.58 53.25
CA GLY H 126 -35.63 81.19 53.26
C GLY H 126 -36.44 80.80 52.06
N ASN H 127 -37.34 79.84 52.25
CA ASN H 127 -38.20 79.41 51.16
C ASN H 127 -39.23 80.48 50.81
N LEU H 128 -39.70 81.24 51.79
CA LEU H 128 -40.57 82.38 51.56
C LEU H 128 -39.69 83.61 51.39
N ASN H 129 -39.24 83.84 50.17
CA ASN H 129 -38.34 84.97 49.91
C ASN H 129 -39.12 86.27 49.98
N GLN H 130 -38.46 87.31 50.49
CA GLN H 130 -38.96 88.68 50.54
C GLN H 130 -40.00 88.85 51.63
N VAL H 131 -40.32 87.81 52.39
CA VAL H 131 -41.37 87.87 53.40
C VAL H 131 -40.80 87.74 54.80
N TYR H 132 -39.75 86.92 54.95
CA TYR H 132 -39.04 86.76 56.21
C TYR H 132 -37.55 86.95 55.93
N PRO H 133 -37.10 88.19 55.80
CA PRO H 133 -35.67 88.41 55.59
C PRO H 133 -34.88 88.20 56.86
N PHE H 134 -33.61 87.83 56.69
CA PHE H 134 -32.73 87.44 57.78
C PHE H 134 -31.41 88.19 57.62
N ARG H 135 -31.13 89.11 58.53
CA ARG H 135 -29.88 89.85 58.52
C ARG H 135 -28.91 89.26 59.54
N ILE H 136 -27.69 88.97 59.09
CA ILE H 136 -26.70 88.37 59.97
C ILE H 136 -26.15 89.43 60.91
N LEU H 137 -26.05 89.08 62.18
CA LEU H 137 -25.61 89.98 63.24
C LEU H 137 -24.17 89.68 63.66
N GLY H 138 -23.33 89.33 62.70
CA GLY H 138 -21.94 89.06 62.98
C GLY H 138 -21.42 88.00 62.03
N ASP H 139 -20.31 87.39 62.43
CA ASP H 139 -19.70 86.31 61.67
C ASP H 139 -20.05 84.98 62.32
N ALA H 140 -19.84 83.90 61.57
CA ALA H 140 -20.30 82.59 61.98
C ALA H 140 -19.40 82.03 63.08
N ARG H 141 -20.00 81.69 64.21
CA ARG H 141 -19.29 81.02 65.30
C ARG H 141 -19.35 79.52 65.03
N MET H 142 -18.32 79.02 64.34
CA MET H 142 -18.30 77.64 63.89
C MET H 142 -18.34 76.68 65.07
N GLU H 143 -19.23 75.70 65.00
CA GLU H 143 -19.30 74.60 65.96
C GLU H 143 -18.91 73.33 65.20
N GLY H 144 -17.61 73.04 65.18
CA GLY H 144 -17.09 71.97 64.35
C GLY H 144 -17.06 72.39 62.90
N THR H 145 -17.73 71.62 62.04
CA THR H 145 -17.89 72.03 60.65
C THR H 145 -19.18 72.80 60.43
N ASN H 146 -20.12 72.73 61.38
CA ASN H 146 -21.36 73.48 61.29
C ASN H 146 -21.11 74.93 61.67
N ALA H 147 -21.80 75.84 60.99
CA ALA H 147 -21.64 77.27 61.19
C ALA H 147 -22.93 77.86 61.73
N VAL H 148 -22.87 78.40 62.92
CA VAL H 148 -24.01 79.10 63.53
C VAL H 148 -23.90 80.58 63.21
N TYR H 149 -25.05 81.22 63.06
CA TYR H 149 -25.14 82.64 62.76
C TYR H 149 -26.13 83.30 63.69
N LYS H 150 -25.81 84.52 64.12
CA LYS H 150 -26.76 85.35 64.84
C LYS H 150 -27.54 86.18 63.82
N VAL H 151 -28.85 86.19 63.96
CA VAL H 151 -29.71 86.77 62.93
C VAL H 151 -30.90 87.44 63.58
N GLU H 152 -31.36 88.52 62.96
CA GLU H 152 -32.61 89.18 63.31
C GLU H 152 -33.38 89.48 62.03
N LEU H 153 -34.67 89.75 62.19
CA LEU H 153 -35.57 89.90 61.06
C LEU H 153 -35.58 91.34 60.55
N MET H 154 -35.38 91.49 59.25
CA MET H 154 -35.45 92.78 58.58
C MET H 154 -36.88 92.99 58.07
N GLY H 155 -37.06 94.00 57.23
CA GLY H 155 -38.41 94.37 56.86
C GLY H 155 -39.12 95.00 58.03
N GLY H 156 -40.44 94.90 58.04
CA GLY H 156 -41.24 95.39 59.13
C GLY H 156 -41.77 94.27 60.01
N ASN H 157 -41.18 93.08 59.88
CA ASN H 157 -41.68 91.92 60.60
C ASN H 157 -41.69 92.20 62.10
N THR H 158 -42.86 92.04 62.71
CA THR H 158 -42.99 92.21 64.15
C THR H 158 -43.85 91.11 64.76
N GLN H 159 -44.15 90.04 64.03
CA GLN H 159 -44.75 88.84 64.60
C GLN H 159 -43.84 87.63 64.52
N GLY H 160 -42.74 87.72 63.80
CA GLY H 160 -41.75 86.67 63.78
C GLY H 160 -41.92 85.73 62.61
N VAL H 161 -41.16 84.63 62.67
CA VAL H 161 -41.21 83.59 61.66
C VAL H 161 -41.79 82.33 62.29
N PRO H 162 -42.72 81.64 61.64
CA PRO H 162 -43.20 80.37 62.18
C PRO H 162 -42.09 79.32 62.15
N ALA H 163 -42.23 78.37 63.05
CA ALA H 163 -41.17 77.36 63.21
C ALA H 163 -41.04 76.51 61.96
N GLU H 164 -42.15 76.16 61.33
CA GLU H 164 -42.09 75.34 60.12
C GLU H 164 -41.21 75.97 59.06
N ARG H 165 -41.07 77.30 59.06
CA ARG H 165 -40.18 78.00 58.15
C ARG H 165 -38.74 78.02 58.65
N LEU H 166 -38.40 77.16 59.61
CA LEU H 166 -37.08 77.16 60.20
C LEU H 166 -36.57 75.74 60.46
N GLN H 167 -37.17 74.75 59.81
CA GLN H 167 -36.86 73.36 60.09
C GLN H 167 -35.73 72.87 59.18
N GLN H 168 -35.22 71.68 59.51
CA GLN H 168 -34.15 71.08 58.73
C GLN H 168 -34.52 71.03 57.26
N GLY H 169 -33.51 71.18 56.41
CA GLY H 169 -33.68 71.07 54.98
C GLY H 169 -34.10 72.34 54.28
N GLU H 170 -34.61 73.31 55.02
CA GLU H 170 -35.04 74.56 54.39
C GLU H 170 -33.89 75.19 53.63
N ARG H 171 -34.20 75.75 52.46
CA ARG H 171 -33.20 76.29 51.56
C ARG H 171 -33.07 77.79 51.80
N PHE H 172 -31.84 78.28 51.78
CA PHE H 172 -31.56 79.69 52.01
C PHE H 172 -30.68 80.23 50.89
N SER H 173 -30.55 81.55 50.86
CA SER H 173 -29.85 82.23 49.78
C SER H 173 -29.50 83.63 50.23
N ILE H 174 -28.60 84.26 49.48
CA ILE H 174 -28.17 85.62 49.76
C ILE H 174 -29.00 86.57 48.92
N GLU H 175 -29.34 87.72 49.51
CA GLU H 175 -30.13 88.74 48.84
C GLU H 175 -29.31 89.99 48.58
N PHE H 176 -28.71 90.58 49.60
CA PHE H 176 -27.84 91.74 49.46
C PHE H 176 -27.29 92.07 50.84
N ALA H 177 -26.48 93.13 50.90
CA ALA H 177 -25.95 93.65 52.15
C ALA H 177 -26.39 95.09 52.32
N PRO H 178 -27.41 95.36 53.14
CA PRO H 178 -27.87 96.74 53.33
C PRO H 178 -27.11 97.43 54.45
N VAL H 179 -26.79 98.71 54.22
CA VAL H 179 -25.92 99.46 55.10
C VAL H 179 -26.43 100.88 55.26
N GLU H 180 -25.92 101.57 56.29
CA GLU H 180 -26.24 102.97 56.48
C GLU H 180 -25.55 103.83 55.41
N LYS H 181 -25.84 105.13 55.47
CA LYS H 181 -25.18 106.11 54.63
C LYS H 181 -24.20 106.99 55.39
N GLU H 182 -24.12 106.84 56.71
CA GLU H 182 -23.13 107.57 57.52
C GLU H 182 -22.52 106.62 58.53
N LEU H 183 -21.19 106.59 58.60
CA LEU H 183 -20.47 105.85 59.64
C LEU H 183 -20.69 104.35 59.49
N SER H 184 -20.65 103.87 58.25
CA SER H 184 -20.88 102.46 57.95
C SER H 184 -19.56 101.70 57.95
N ARG H 185 -19.64 100.43 58.32
CA ARG H 185 -18.48 99.56 58.42
C ARG H 185 -18.65 98.34 57.54
N LYS H 186 -17.51 97.70 57.24
CA LYS H 186 -17.44 96.75 56.14
C LYS H 186 -18.42 95.60 56.32
N VAL H 187 -18.88 95.07 55.19
CA VAL H 187 -19.88 94.01 55.15
C VAL H 187 -19.67 93.19 53.88
N GLY H 188 -20.02 91.91 53.94
CA GLY H 188 -20.10 91.07 52.76
C GLY H 188 -18.86 90.24 52.49
N ASP H 189 -18.98 89.41 51.46
CA ASP H 189 -17.90 88.53 51.01
C ASP H 189 -18.30 87.93 49.66
N VAL H 190 -17.44 87.05 49.14
CA VAL H 190 -17.66 86.40 47.85
C VAL H 190 -17.35 84.91 47.99
N ARG H 191 -17.45 84.19 46.89
CA ARG H 191 -17.41 82.73 46.91
C ARG H 191 -16.75 82.18 45.66
N PHE H 192 -16.30 80.92 45.74
CA PHE H 192 -15.61 80.25 44.64
C PHE H 192 -16.03 78.78 44.59
N THR H 193 -15.82 78.17 43.42
CA THR H 193 -16.19 76.77 43.16
C THR H 193 -15.07 76.10 42.36
N SER H 194 -15.29 74.84 41.99
CA SER H 194 -14.28 74.08 41.25
C SER H 194 -14.97 72.96 40.47
N PRO H 195 -14.37 72.51 39.34
CA PRO H 195 -14.98 71.46 38.50
C PRO H 195 -14.69 70.01 38.90
N VAL H 196 -15.09 69.07 38.04
CA VAL H 196 -14.95 67.62 38.25
C VAL H 196 -14.54 66.98 36.93
N SER H 197 -14.28 65.66 36.94
CA SER H 197 -13.82 64.96 35.75
C SER H 197 -14.32 63.51 35.76
N MET H 198 -13.94 62.75 34.72
CA MET H 198 -14.41 61.38 34.54
C MET H 198 -13.39 60.61 33.69
N ARG H 199 -13.60 59.28 33.61
CA ARG H 199 -12.65 58.34 33.01
C ARG H 199 -13.33 57.44 31.98
N ASN H 200 -12.52 56.57 31.37
CA ASN H 200 -12.96 55.54 30.42
C ASN H 200 -11.76 54.67 30.09
N GLU H 201 -12.03 53.49 29.51
CA GLU H 201 -10.98 52.51 29.23
C GLU H 201 -11.33 51.74 27.95
N TRP H 202 -10.64 50.63 27.71
CA TRP H 202 -10.65 49.94 26.42
C TRP H 202 -10.97 48.46 26.58
N THR H 203 -10.87 47.72 25.47
CA THR H 203 -11.14 46.29 25.42
C THR H 203 -10.37 45.65 24.27
N THR H 204 -10.17 44.34 24.36
CA THR H 204 -9.46 43.57 23.36
C THR H 204 -10.21 42.28 23.05
N ILE H 205 -10.12 41.83 21.80
CA ILE H 205 -10.81 40.62 21.35
C ILE H 205 -9.91 39.81 20.44
N ARG H 206 -10.08 38.48 20.50
CA ARG H 206 -9.37 37.54 19.65
C ARG H 206 -10.35 36.62 18.95
N ILE H 207 -9.88 35.97 17.89
CA ILE H 207 -10.59 34.90 17.22
C ILE H 207 -9.56 33.99 16.54
N GLN H 208 -10.00 32.81 16.12
CA GLN H 208 -9.14 31.90 15.39
C GLN H 208 -10.00 30.80 14.77
N HIS H 209 -9.47 30.20 13.70
CA HIS H 209 -10.09 29.03 13.09
C HIS H 209 -9.00 28.14 12.51
N LYS H 210 -9.00 26.87 12.92
CA LYS H 210 -8.03 25.91 12.45
C LYS H 210 -8.62 25.08 11.32
N VAL H 211 -7.79 24.78 10.33
CA VAL H 211 -8.18 23.93 9.20
C VAL H 211 -6.99 23.08 8.79
N ALA H 212 -7.27 21.83 8.42
CA ALA H 212 -6.23 20.94 7.90
C ALA H 212 -5.66 21.48 6.59
N GLY H 213 -4.47 21.01 6.25
CA GLY H 213 -3.80 21.53 5.07
C GLY H 213 -4.42 21.08 3.77
N ASN H 214 -5.09 19.94 3.75
CA ASN H 214 -5.73 19.43 2.55
C ASN H 214 -6.80 20.36 2.00
N LYS H 215 -7.23 21.36 2.77
CA LYS H 215 -8.27 22.29 2.37
C LYS H 215 -7.74 23.41 1.47
N LEU H 216 -6.57 23.24 0.87
CA LEU H 216 -5.96 24.35 0.13
C LEU H 216 -6.74 24.66 -1.14
N ASN H 217 -6.87 23.68 -2.02
CA ASN H 217 -7.64 23.85 -3.26
C ASN H 217 -8.67 22.74 -3.37
N LYS H 218 -9.39 22.49 -2.28
CA LYS H 218 -10.37 21.41 -2.23
C LYS H 218 -11.66 21.84 -2.91
N LYS H 219 -12.10 21.07 -3.89
CA LYS H 219 -13.32 21.35 -4.61
C LYS H 219 -14.49 20.64 -3.95
N LEU H 220 -15.67 21.22 -4.10
CA LEU H 220 -16.90 20.71 -3.50
C LEU H 220 -17.82 20.15 -4.57
N ALA H 221 -18.44 19.02 -4.27
CA ALA H 221 -19.27 18.33 -5.26
C ALA H 221 -20.57 19.06 -5.52
N MET H 222 -21.07 19.80 -4.52
CA MET H 222 -22.33 20.51 -4.63
C MET H 222 -23.51 19.54 -4.78
N GLY H 223 -23.56 18.55 -3.89
CA GLY H 223 -24.73 17.70 -3.80
C GLY H 223 -25.94 18.54 -3.47
N ILE H 224 -25.86 19.28 -2.38
CA ILE H 224 -26.82 20.33 -2.06
C ILE H 224 -26.13 21.66 -2.32
N PRO H 225 -26.85 22.71 -2.69
CA PRO H 225 -26.19 24.00 -2.93
C PRO H 225 -25.40 24.44 -1.72
N MET H 226 -24.24 25.05 -1.98
CA MET H 226 -23.38 25.54 -0.92
C MET H 226 -23.78 26.96 -0.56
N VAL H 227 -23.75 27.26 0.74
CA VAL H 227 -24.38 28.45 1.29
C VAL H 227 -23.34 29.33 1.95
N ARG H 228 -23.67 30.61 2.04
CA ARG H 228 -22.78 31.66 2.57
C ARG H 228 -23.58 32.49 3.57
N ASN H 229 -23.45 32.18 4.85
CA ASN H 229 -24.14 32.95 5.88
C ASN H 229 -23.86 34.43 5.71
N LEU H 230 -24.91 35.24 5.79
CA LEU H 230 -24.80 36.68 5.68
C LEU H 230 -25.03 37.32 7.04
N GLU H 231 -24.74 38.62 7.10
CA GLU H 231 -24.91 39.35 8.36
C GLU H 231 -26.38 39.45 8.74
N SER H 232 -27.25 39.64 7.76
CA SER H 232 -28.69 39.69 8.03
C SER H 232 -29.20 38.42 8.67
N GLY H 233 -28.49 37.31 8.52
CA GLY H 233 -28.97 36.01 8.92
C GLY H 233 -29.51 35.18 7.78
N LYS H 234 -29.47 35.71 6.56
CA LYS H 234 -30.05 35.07 5.39
C LYS H 234 -29.01 34.17 4.73
N GLN H 235 -29.28 32.88 4.69
CA GLN H 235 -28.50 31.98 3.84
C GLN H 235 -28.62 32.42 2.39
N VAL H 236 -27.53 32.27 1.65
CA VAL H 236 -27.50 32.66 0.23
C VAL H 236 -26.79 31.56 -0.54
N LYS H 237 -27.27 31.32 -1.76
CA LYS H 237 -26.67 30.31 -2.62
C LYS H 237 -25.44 30.87 -3.32
N ASP H 238 -24.33 30.13 -3.24
CA ASP H 238 -23.06 30.55 -3.83
C ASP H 238 -22.55 29.45 -4.74
N THR H 239 -21.90 29.87 -5.84
CA THR H 239 -21.35 28.92 -6.79
C THR H 239 -19.94 28.45 -6.44
N ALA H 240 -19.22 29.21 -5.61
CA ALA H 240 -17.84 28.90 -5.32
C ALA H 240 -17.69 27.44 -4.90
N ASN H 241 -16.78 26.74 -5.55
CA ASN H 241 -16.55 25.32 -5.30
C ASN H 241 -15.47 25.07 -4.27
N MET H 242 -14.71 26.08 -3.89
CA MET H 242 -13.62 25.92 -2.94
C MET H 242 -14.10 26.14 -1.52
N TRP H 243 -13.41 25.51 -0.57
CA TRP H 243 -13.84 25.54 0.82
C TRP H 243 -13.35 26.77 1.56
N MET H 244 -12.23 27.36 1.12
CA MET H 244 -11.67 28.51 1.83
C MET H 244 -12.41 29.79 1.52
N HIS H 245 -13.02 29.89 0.33
CA HIS H 245 -13.94 30.98 0.05
C HIS H 245 -14.89 31.20 1.22
N TYR H 246 -15.49 30.12 1.71
CA TYR H 246 -16.46 30.22 2.78
C TYR H 246 -15.80 30.38 4.14
N VAL H 247 -14.66 29.71 4.37
CA VAL H 247 -13.94 29.88 5.63
C VAL H 247 -13.56 31.34 5.82
N ASP H 248 -12.99 31.95 4.79
CA ASP H 248 -12.66 33.37 4.84
C ASP H 248 -13.89 34.20 5.21
N TRP H 249 -15.00 33.99 4.50
CA TRP H 249 -16.21 34.75 4.75
C TRP H 249 -16.65 34.67 6.21
N GLU H 250 -16.70 33.45 6.75
CA GLU H 250 -17.19 33.27 8.11
C GLU H 250 -16.25 33.89 9.15
N VAL H 251 -14.94 33.85 8.90
CA VAL H 251 -13.99 34.41 9.85
C VAL H 251 -14.17 35.93 9.93
N GLU H 252 -14.12 36.60 8.78
CA GLU H 252 -14.37 38.04 8.74
C GLU H 252 -15.74 38.35 9.33
N LEU H 253 -16.74 37.50 9.06
CA LEU H 253 -18.08 37.73 9.57
C LEU H 253 -18.12 37.66 11.09
N GLN H 254 -17.61 36.57 11.66
CA GLN H 254 -17.68 36.39 13.11
C GLN H 254 -16.83 37.41 13.84
N PHE H 255 -15.79 37.93 13.19
CA PHE H 255 -14.94 38.91 13.85
C PHE H 255 -15.62 40.27 13.92
N ASP H 256 -16.31 40.67 12.85
CA ASP H 256 -17.10 41.90 12.89
C ASP H 256 -18.24 41.77 13.88
N GLU H 257 -18.82 40.56 13.98
CA GLU H 257 -19.84 40.32 14.99
C GLU H 257 -19.26 40.40 16.39
N TYR H 258 -18.02 39.93 16.57
CA TYR H 258 -17.33 40.09 17.84
C TYR H 258 -17.17 41.56 18.19
N LYS H 259 -16.52 42.32 17.30
CA LYS H 259 -16.28 43.73 17.52
C LYS H 259 -17.55 44.48 17.89
N ASN H 260 -18.64 44.17 17.19
CA ASN H 260 -19.87 44.94 17.36
C ASN H 260 -20.53 44.64 18.70
N ASN H 261 -20.73 43.36 19.02
CA ASN H 261 -21.32 43.00 20.31
C ASN H 261 -20.56 43.64 21.46
N ALA H 262 -19.27 43.91 21.29
CA ALA H 262 -18.50 44.56 22.33
C ALA H 262 -18.82 46.04 22.40
N MET H 263 -18.69 46.74 21.26
CA MET H 263 -18.99 48.16 21.20
C MET H 263 -20.36 48.49 21.75
N ALA H 264 -21.29 47.55 21.71
CA ALA H 264 -22.68 47.78 22.12
C ALA H 264 -23.00 47.16 23.47
N TRP H 265 -22.75 45.85 23.62
CA TRP H 265 -23.07 45.15 24.86
C TRP H 265 -21.87 44.97 25.76
N GLY H 266 -20.81 45.74 25.55
CA GLY H 266 -19.65 45.66 26.42
C GLY H 266 -20.03 45.89 27.87
N THR H 267 -19.63 44.96 28.74
CA THR H 267 -19.92 45.03 30.16
C THR H 267 -18.62 44.94 30.93
N SER H 268 -18.47 45.80 31.94
CA SER H 268 -17.23 45.87 32.68
C SER H 268 -17.13 44.76 33.71
N ASN H 269 -15.89 44.37 34.00
CA ASN H 269 -15.57 43.42 35.04
C ASN H 269 -14.78 44.05 36.17
N ARG H 270 -14.65 45.37 36.17
CA ARG H 270 -13.81 46.05 37.14
C ARG H 270 -14.56 46.33 38.43
N ASN H 271 -13.78 46.61 39.47
CA ASN H 271 -14.26 46.75 40.84
C ASN H 271 -14.08 48.19 41.30
N LEU H 272 -14.75 48.54 42.40
CA LEU H 272 -14.62 49.89 42.92
C LEU H 272 -13.27 50.12 43.56
N ASN H 273 -12.64 49.06 44.07
CA ASN H 273 -11.25 49.15 44.51
C ASN H 273 -10.28 49.25 43.36
N GLY H 274 -10.77 49.21 42.12
CA GLY H 274 -9.92 49.33 40.95
C GLY H 274 -9.47 48.01 40.37
N GLU H 275 -10.00 46.89 40.85
CA GLU H 275 -9.51 45.56 40.48
C GLU H 275 -10.41 44.94 39.43
N TYR H 276 -9.80 44.45 38.35
CA TYR H 276 -10.47 43.48 37.51
C TYR H 276 -10.48 42.13 38.22
N MET H 277 -11.46 41.30 37.85
CA MET H 277 -11.65 40.04 38.57
C MET H 277 -11.83 38.85 37.65
N ASN H 278 -11.63 39.01 36.34
CA ASN H 278 -11.69 37.90 35.39
C ASN H 278 -10.29 37.76 34.80
N PHE H 279 -9.62 36.67 35.15
CA PHE H 279 -8.21 36.47 34.83
C PHE H 279 -8.07 35.60 33.60
N GLY H 280 -7.23 36.03 32.67
CA GLY H 280 -7.04 35.31 31.43
C GLY H 280 -6.24 34.05 31.62
N LYS H 281 -5.88 33.45 30.48
CA LYS H 281 -5.13 32.21 30.50
C LYS H 281 -3.68 32.44 30.94
N SER H 282 -3.11 33.59 30.57
CA SER H 282 -1.77 33.93 31.01
C SER H 282 -1.70 34.13 32.52
N GLY H 283 -2.83 34.39 33.16
CA GLY H 283 -2.87 34.82 34.54
C GLY H 283 -3.05 36.31 34.69
N ASN H 284 -2.78 37.08 33.64
CA ASN H 284 -3.10 38.49 33.64
C ASN H 284 -4.62 38.68 33.69
N ALA H 285 -5.04 39.89 33.98
CA ALA H 285 -6.44 40.20 34.11
C ALA H 285 -7.03 40.60 32.77
N ILE H 286 -8.28 40.22 32.54
CA ILE H 286 -9.01 40.61 31.34
C ILE H 286 -9.65 41.96 31.63
N LYS H 287 -9.24 42.98 30.88
CA LYS H 287 -9.64 44.36 31.15
C LYS H 287 -10.81 44.72 30.24
N THR H 288 -11.98 44.21 30.62
CA THR H 288 -13.19 44.42 29.84
C THR H 288 -13.80 45.78 30.17
N GLY H 289 -14.07 46.56 29.13
CA GLY H 289 -14.73 47.84 29.29
C GLY H 289 -16.24 47.69 29.35
N ALA H 290 -16.91 48.84 29.28
CA ALA H 290 -18.36 48.90 29.28
C ALA H 290 -18.84 49.46 27.95
N GLY H 291 -20.04 49.02 27.55
CA GLY H 291 -20.58 49.36 26.25
C GLY H 291 -21.53 50.54 26.29
N ILE H 292 -22.01 50.90 25.11
CA ILE H 292 -22.94 52.03 24.98
C ILE H 292 -24.08 51.90 25.98
N PHE H 293 -24.82 50.79 25.89
CA PHE H 293 -26.03 50.65 26.69
C PHE H 293 -25.71 50.64 28.18
N GLU H 294 -24.63 49.95 28.56
CA GLU H 294 -24.19 50.01 29.95
C GLU H 294 -23.76 51.42 30.32
N GLN H 295 -23.07 52.11 29.42
CA GLN H 295 -22.58 53.45 29.73
C GLN H 295 -23.71 54.46 29.85
N THR H 296 -24.75 54.33 29.01
CA THR H 296 -25.82 55.31 29.00
C THR H 296 -26.89 55.02 30.05
N GLU H 297 -27.13 53.75 30.36
CA GLU H 297 -28.23 53.37 31.23
C GLU H 297 -27.97 53.66 32.70
N VAL H 298 -26.92 54.42 33.02
CA VAL H 298 -26.66 54.83 34.40
C VAL H 298 -27.40 56.10 34.78
N ALA H 299 -28.02 56.78 33.83
CA ALA H 299 -28.67 58.06 34.09
C ALA H 299 -29.88 58.21 33.18
N ASN H 300 -30.96 58.74 33.73
CA ASN H 300 -32.18 59.00 32.98
C ASN H 300 -32.76 57.70 32.43
N THR H 301 -33.04 56.76 33.31
CA THR H 301 -33.59 55.47 32.91
C THR H 301 -34.72 55.11 33.87
N MET H 302 -35.89 54.80 33.31
CA MET H 302 -37.02 54.33 34.09
C MET H 302 -37.32 52.88 33.73
N TYR H 303 -37.78 52.12 34.72
CA TYR H 303 -38.19 50.74 34.55
C TYR H 303 -39.67 50.65 34.90
N TYR H 304 -40.52 50.66 33.89
CA TYR H 304 -41.96 50.71 34.07
C TYR H 304 -42.57 49.32 33.92
N ASN H 305 -43.62 49.08 34.71
CA ASN H 305 -44.51 47.94 34.50
C ASN H 305 -45.73 48.31 33.65
N THR H 306 -45.98 49.60 33.46
CA THR H 306 -47.13 50.06 32.69
C THR H 306 -46.77 51.40 32.05
N PHE H 307 -46.96 51.50 30.74
CA PHE H 307 -46.61 52.68 29.99
C PHE H 307 -47.81 53.63 29.88
N SER H 308 -47.51 54.92 29.86
CA SER H 308 -48.55 55.93 29.77
C SER H 308 -48.01 57.16 29.08
N LEU H 309 -48.93 57.99 28.58
CA LEU H 309 -48.56 59.29 28.05
C LEU H 309 -48.37 60.31 29.14
N LYS H 310 -49.03 60.14 30.29
CA LYS H 310 -48.77 60.97 31.45
C LYS H 310 -47.35 60.75 31.96
N LEU H 311 -46.99 59.49 32.23
CA LEU H 311 -45.62 59.16 32.59
C LEU H 311 -44.63 59.79 31.63
N LEU H 312 -44.83 59.59 30.33
CA LEU H 312 -43.87 60.04 29.34
C LEU H 312 -43.84 61.56 29.23
N GLU H 313 -45.01 62.19 29.16
CA GLU H 313 -45.05 63.63 28.92
C GLU H 313 -44.58 64.42 30.15
N ASP H 314 -44.80 63.88 31.35
CA ASP H 314 -44.24 64.50 32.53
C ASP H 314 -42.71 64.44 32.51
N ALA H 315 -42.17 63.23 32.32
CA ALA H 315 -40.73 63.07 32.21
C ALA H 315 -40.14 64.04 31.20
N LEU H 316 -40.68 64.02 29.98
CA LEU H 316 -40.15 64.88 28.92
C LEU H 316 -40.28 66.36 29.27
N TYR H 317 -41.38 66.75 29.91
CA TYR H 317 -41.58 68.17 30.17
C TYR H 317 -40.74 68.64 31.35
N GLU H 318 -40.78 67.91 32.47
CA GLU H 318 -39.94 68.27 33.61
C GLU H 318 -38.49 68.39 33.18
N LEU H 319 -38.03 67.45 32.37
CA LEU H 319 -36.68 67.54 31.81
C LEU H 319 -36.52 68.77 30.92
N SER H 320 -37.57 69.11 30.16
CA SER H 320 -37.45 70.21 29.21
C SER H 320 -37.47 71.55 29.91
N ALA H 321 -38.38 71.72 30.87
CA ALA H 321 -38.42 72.96 31.63
C ALA H 321 -37.11 73.19 32.36
N SER H 322 -36.44 72.11 32.76
CA SER H 322 -35.16 72.23 33.46
C SER H 322 -34.03 72.52 32.48
N LYS H 323 -33.95 71.75 31.40
CA LYS H 323 -32.74 71.70 30.58
C LYS H 323 -32.90 72.23 29.16
N LEU H 324 -34.11 72.31 28.63
CA LEU H 324 -34.31 72.65 27.23
C LEU H 324 -35.03 73.99 27.11
N ALA H 325 -34.64 74.76 26.10
CA ALA H 325 -35.37 75.96 25.75
C ALA H 325 -36.66 75.59 25.02
N MET H 326 -37.64 76.47 25.12
CA MET H 326 -38.96 76.20 24.56
C MET H 326 -38.91 75.88 23.08
N ASP H 327 -37.86 76.30 22.37
CA ASP H 327 -37.75 76.08 20.94
C ASP H 327 -36.91 74.85 20.58
N ASP H 328 -36.48 74.06 21.56
CA ASP H 328 -35.67 72.88 21.31
C ASP H 328 -36.16 71.70 22.12
N ARG H 329 -37.48 71.54 22.22
CA ARG H 329 -38.09 70.46 22.97
C ARG H 329 -38.68 69.38 22.06
N LEU H 330 -38.22 69.31 20.82
CA LEU H 330 -38.61 68.23 19.92
C LEU H 330 -37.85 66.98 20.31
N PHE H 331 -38.56 65.99 20.85
CA PHE H 331 -37.97 64.75 21.32
C PHE H 331 -38.34 63.64 20.35
N VAL H 332 -37.36 63.19 19.58
CA VAL H 332 -37.52 62.02 18.72
C VAL H 332 -37.19 60.78 19.53
N ILE H 333 -38.05 59.77 19.45
CA ILE H 333 -37.95 58.57 20.26
C ILE H 333 -37.66 57.40 19.34
N LYS H 334 -36.69 56.57 19.73
CA LYS H 334 -36.41 55.33 19.05
C LYS H 334 -37.03 54.18 19.84
N THR H 335 -37.64 53.24 19.12
CA THR H 335 -38.23 52.06 19.74
C THR H 335 -38.62 51.11 18.63
N GLY H 336 -39.24 49.99 19.03
CA GLY H 336 -39.76 49.04 18.08
C GLY H 336 -41.13 49.45 17.58
N GLU H 337 -41.79 48.51 16.91
CA GLU H 337 -43.12 48.76 16.39
C GLU H 337 -44.21 48.26 17.34
N ARG H 338 -43.84 47.47 18.34
CA ARG H 338 -44.79 47.15 19.40
C ARG H 338 -44.94 48.31 20.37
N GLY H 339 -43.88 49.08 20.57
CA GLY H 339 -43.99 50.32 21.33
C GLY H 339 -44.77 51.38 20.58
N ALA H 340 -44.58 51.45 19.26
CA ALA H 340 -45.32 52.41 18.45
C ALA H 340 -46.82 52.15 18.56
N ILE H 341 -47.22 50.87 18.59
CA ILE H 341 -48.63 50.55 18.79
C ILE H 341 -49.07 50.99 20.19
N GLN H 342 -48.19 50.79 21.18
CA GLN H 342 -48.54 51.16 22.54
C GLN H 342 -48.65 52.67 22.68
N PHE H 343 -47.81 53.41 21.95
CA PHE H 343 -47.95 54.86 21.89
C PHE H 343 -49.29 55.24 21.27
N HIS H 344 -49.70 54.54 20.21
CA HIS H 344 -50.98 54.81 19.59
C HIS H 344 -52.12 54.60 20.57
N LYS H 345 -52.07 53.50 21.33
CA LYS H 345 -53.16 53.18 22.23
C LYS H 345 -53.28 54.20 23.35
N GLU H 346 -52.14 54.69 23.84
CA GLU H 346 -52.18 55.67 24.92
C GLU H 346 -52.63 57.04 24.42
N VAL H 347 -52.08 57.47 23.30
CA VAL H 347 -52.50 58.75 22.72
C VAL H 347 -54.00 58.71 22.41
N LEU H 348 -54.52 57.52 22.11
CA LEU H 348 -55.93 57.42 21.75
C LEU H 348 -56.84 57.63 22.95
N LYS H 349 -56.58 56.94 24.06
CA LYS H 349 -57.47 57.10 25.22
C LYS H 349 -57.42 58.52 25.77
N THR H 350 -56.24 59.14 25.76
CA THR H 350 -56.17 60.54 26.17
C THR H 350 -57.08 61.39 25.30
N VAL H 351 -56.96 61.24 23.98
CA VAL H 351 -57.82 61.96 23.07
C VAL H 351 -59.27 61.51 23.25
N SER H 352 -59.49 60.31 23.75
CA SER H 352 -60.84 59.85 24.05
C SER H 352 -61.49 60.77 25.08
N GLY H 353 -60.77 61.04 26.17
CA GLY H 353 -61.26 61.91 27.22
C GLY H 353 -61.40 63.36 26.81
N TRP H 354 -60.97 63.71 25.59
CA TRP H 354 -61.13 65.07 25.08
C TRP H 354 -62.59 65.26 24.64
N THR H 355 -63.47 65.21 25.64
CA THR H 355 -64.90 65.30 25.38
C THR H 355 -65.32 66.67 24.84
N THR H 356 -64.57 67.73 25.14
CA THR H 356 -65.00 69.06 24.75
C THR H 356 -65.08 69.20 23.23
N PHE H 357 -64.13 68.61 22.52
CA PHE H 357 -64.08 68.69 21.07
C PHE H 357 -64.74 67.46 20.45
N VAL H 358 -65.35 67.65 19.29
CA VAL H 358 -65.90 66.56 18.50
C VAL H 358 -64.97 66.34 17.31
N LEU H 359 -64.37 65.16 17.25
CA LEU H 359 -63.38 64.84 16.24
C LEU H 359 -64.09 64.35 14.99
N ASP H 360 -63.76 64.95 13.85
CA ASP H 360 -64.56 64.83 12.63
C ASP H 360 -63.79 64.04 11.60
N ASN H 361 -64.42 62.99 11.06
CA ASN H 361 -63.80 62.20 10.01
C ASN H 361 -63.42 63.03 8.80
N ASN H 362 -63.98 64.24 8.67
CA ASN H 362 -63.60 65.11 7.56
C ASN H 362 -62.15 65.56 7.71
N SER H 363 -61.79 66.07 8.89
CA SER H 363 -60.44 66.52 9.14
C SER H 363 -59.50 65.36 9.43
N THR H 364 -59.96 64.39 10.21
CA THR H 364 -59.13 63.25 10.59
C THR H 364 -59.08 62.19 9.49
N ARG H 365 -60.14 62.08 8.69
CA ARG H 365 -60.22 61.06 7.64
C ARG H 365 -59.92 59.67 8.19
N VAL H 366 -60.40 59.43 9.41
CA VAL H 366 -60.25 58.10 10.02
C VAL H 366 -60.85 57.05 9.11
N VAL H 367 -62.11 57.23 8.74
CA VAL H 367 -62.79 56.39 7.78
C VAL H 367 -62.75 57.10 6.44
N GLU H 368 -62.47 56.33 5.38
CA GLU H 368 -62.21 56.91 4.07
C GLU H 368 -62.95 56.10 3.01
N LYS H 369 -63.07 56.70 1.83
CA LYS H 369 -63.82 56.12 0.72
C LYS H 369 -62.86 55.55 -0.30
N VAL H 370 -63.06 54.28 -0.64
CA VAL H 370 -62.22 53.58 -1.60
C VAL H 370 -63.10 53.00 -2.69
N GLN H 371 -62.51 52.76 -3.85
CA GLN H 371 -63.25 52.27 -5.01
C GLN H 371 -63.27 50.76 -5.00
N SER H 372 -64.46 50.19 -4.80
CA SER H 372 -64.69 48.77 -4.88
C SER H 372 -65.80 48.48 -5.88
N ARG H 373 -66.03 47.19 -6.12
CA ARG H 373 -67.13 46.73 -6.95
C ARG H 373 -68.28 46.14 -6.14
N LEU H 374 -68.05 45.87 -4.85
CA LEU H 374 -69.10 45.33 -3.99
C LEU H 374 -70.12 46.38 -3.58
N HIS H 375 -69.87 47.65 -3.88
CA HIS H 375 -70.74 48.73 -3.46
C HIS H 375 -70.30 50.00 -4.18
N SER H 376 -71.22 50.97 -4.23
CA SER H 376 -70.90 52.26 -4.81
C SER H 376 -70.24 53.18 -3.80
N ASN H 377 -70.64 53.11 -2.53
CA ASN H 377 -70.00 53.84 -1.45
C ASN H 377 -69.27 52.81 -0.58
N ALA H 378 -68.04 52.50 -0.97
CA ALA H 378 -67.18 51.59 -0.22
C ALA H 378 -66.27 52.39 0.69
N LEU H 379 -66.06 51.89 1.90
CA LEU H 379 -65.40 52.62 2.97
C LEU H 379 -64.12 51.92 3.42
N SER H 380 -63.18 52.71 3.90
CA SER H 380 -61.90 52.23 4.42
C SER H 380 -61.68 52.84 5.79
N ALA H 381 -61.53 52.00 6.81
CA ALA H 381 -61.38 52.43 8.18
C ALA H 381 -59.99 52.11 8.69
N GLY H 382 -59.39 53.05 9.43
CA GLY H 382 -58.11 52.81 10.07
C GLY H 382 -57.26 54.05 10.24
N PHE H 383 -56.58 54.15 11.38
CA PHE H 383 -55.73 55.29 11.68
C PHE H 383 -54.64 54.86 12.64
N GLN H 384 -53.64 55.72 12.81
CA GLN H 384 -52.61 55.53 13.81
C GLN H 384 -52.17 56.86 14.37
N PHE H 385 -51.96 56.90 15.69
CA PHE H 385 -51.36 58.05 16.36
C PHE H 385 -49.86 57.83 16.43
N VAL H 386 -49.11 58.67 15.73
CA VAL H 386 -47.67 58.52 15.60
C VAL H 386 -46.91 59.71 16.19
N GLU H 387 -47.61 60.57 16.93
CA GLU H 387 -46.98 61.79 17.41
C GLU H 387 -47.90 62.46 18.40
N TYR H 388 -47.29 63.14 19.37
CA TYR H 388 -47.99 63.94 20.36
C TYR H 388 -47.37 65.32 20.41
N LYS H 389 -48.09 66.25 21.03
CA LYS H 389 -47.65 67.64 21.11
C LYS H 389 -48.15 68.17 22.46
N ALA H 390 -47.28 68.10 23.46
CA ALA H 390 -47.64 68.52 24.80
C ALA H 390 -47.48 70.03 24.94
N PRO H 391 -47.88 70.59 26.06
CA PRO H 391 -47.85 72.05 26.20
C PRO H 391 -46.44 72.60 26.29
N ASN H 392 -46.30 73.86 25.89
CA ASN H 392 -45.08 74.65 26.11
C ASN H 392 -43.92 74.14 25.27
N GLY H 393 -44.18 73.81 24.01
CA GLY H 393 -43.14 73.56 23.03
C GLY H 393 -42.72 72.12 22.89
N VAL H 394 -43.34 71.19 23.60
CA VAL H 394 -42.93 69.79 23.59
C VAL H 394 -43.58 69.08 22.42
N ARG H 395 -42.76 68.60 21.50
CA ARG H 395 -43.18 67.72 20.42
C ARG H 395 -42.61 66.33 20.65
N VAL H 396 -43.42 65.31 20.39
CA VAL H 396 -43.05 63.92 20.60
C VAL H 396 -43.26 63.16 19.30
N ARG H 397 -42.17 62.81 18.63
CA ARG H 397 -42.21 62.02 17.42
C ARG H 397 -41.53 60.67 17.64
N LEU H 398 -41.68 59.79 16.67
CA LEU H 398 -41.17 58.43 16.75
C LEU H 398 -40.24 58.14 15.58
N ASP H 399 -39.23 57.30 15.83
CA ASP H 399 -38.32 56.80 14.81
C ASP H 399 -38.10 55.31 15.07
N VAL H 400 -38.93 54.48 14.44
CA VAL H 400 -38.89 53.05 14.68
C VAL H 400 -37.73 52.44 13.91
N ASP H 401 -36.85 51.73 14.63
CA ASP H 401 -35.77 50.95 14.06
C ASP H 401 -36.03 49.47 14.28
N PRO H 402 -35.67 48.60 13.32
CA PRO H 402 -35.85 47.16 13.54
C PRO H 402 -34.90 46.59 14.58
N PHE H 403 -33.80 47.29 14.88
CA PHE H 403 -32.89 46.82 15.92
C PHE H 403 -33.62 46.55 17.21
N TYR H 404 -34.64 47.33 17.51
CA TYR H 404 -35.45 47.13 18.71
C TYR H 404 -36.42 45.98 18.59
N ASP H 405 -36.41 45.26 17.45
CA ASP H 405 -37.30 44.15 17.21
C ASP H 405 -36.58 42.84 16.94
N ASP H 406 -35.26 42.84 16.92
CA ASP H 406 -34.51 41.63 16.62
C ASP H 406 -34.87 40.51 17.59
N PRO H 407 -35.43 39.39 17.12
CA PRO H 407 -35.79 38.30 18.04
C PRO H 407 -34.66 37.36 18.40
N VAL H 408 -33.49 37.53 17.79
CA VAL H 408 -32.34 36.70 18.14
C VAL H 408 -31.64 37.26 19.37
N ARG H 409 -31.30 38.55 19.32
CA ARG H 409 -30.61 39.17 20.45
C ARG H 409 -31.50 39.26 21.68
N ASN H 410 -32.79 39.51 21.47
CA ASN H 410 -33.73 39.76 22.55
C ASN H 410 -34.58 38.52 22.75
N LYS H 411 -34.45 37.90 23.93
CA LYS H 411 -35.07 36.62 24.23
C LYS H 411 -36.09 36.71 25.33
N ILE H 412 -36.27 37.88 25.93
CA ILE H 412 -37.34 38.12 26.90
C ILE H 412 -38.54 38.66 26.14
N LEU H 413 -39.69 38.04 26.35
CA LEU H 413 -40.90 38.35 25.59
C LEU H 413 -41.88 39.11 26.47
N HIS H 414 -42.45 40.17 25.91
CA HIS H 414 -43.47 40.92 26.61
C HIS H 414 -44.77 40.10 26.65
N PRO H 415 -45.45 40.05 27.80
CA PRO H 415 -46.72 39.30 27.85
C PRO H 415 -47.78 39.89 26.95
N MET H 416 -47.55 41.08 26.41
CA MET H 416 -48.49 41.75 25.50
C MET H 416 -48.08 41.57 24.04
N GLY H 417 -47.55 40.41 23.70
CA GLY H 417 -47.29 40.09 22.30
C GLY H 417 -46.05 40.67 21.68
N GLY H 418 -44.88 40.25 22.13
CA GLY H 418 -43.66 40.57 21.44
C GLY H 418 -42.48 40.58 22.39
N VAL H 419 -41.32 40.94 21.85
CA VAL H 419 -40.10 41.05 22.65
C VAL H 419 -40.08 42.42 23.33
N ALA H 420 -39.81 42.41 24.63
CA ALA H 420 -39.90 43.65 25.42
C ALA H 420 -39.06 44.75 24.83
N PHE H 421 -37.89 44.42 24.27
CA PHE H 421 -37.00 45.43 23.74
C PHE H 421 -37.67 46.32 22.72
N SER H 422 -38.81 45.91 22.17
CA SER H 422 -39.57 46.78 21.29
C SER H 422 -40.46 47.72 22.10
N TYR H 423 -40.91 47.30 23.28
CA TYR H 423 -41.63 48.15 24.21
C TYR H 423 -40.64 49.01 25.01
N ARG H 424 -39.75 49.69 24.28
CA ARG H 424 -38.63 50.38 24.91
C ARG H 424 -38.35 51.67 24.15
N TYR H 425 -38.50 52.79 24.84
CA TYR H 425 -38.42 54.12 24.25
C TYR H 425 -37.16 54.81 24.71
N ASP H 426 -36.37 55.30 23.76
CA ASP H 426 -35.08 55.91 24.04
C ASP H 426 -34.93 57.21 23.27
N ILE H 427 -34.37 58.21 23.93
CA ILE H 427 -33.99 59.48 23.32
C ILE H 427 -32.47 59.59 23.47
N TRP H 428 -31.74 59.37 22.38
CA TRP H 428 -30.29 59.27 22.47
C TRP H 428 -29.62 60.64 22.53
N TYR H 429 -30.27 61.67 21.98
CA TYR H 429 -29.72 63.03 21.99
C TYR H 429 -30.82 63.96 22.47
N ILE H 430 -30.73 64.37 23.73
CA ILE H 430 -31.77 65.21 24.33
C ILE H 430 -31.68 66.63 23.81
N GLY H 431 -30.47 67.18 23.71
CA GLY H 431 -30.28 68.46 23.09
C GLY H 431 -29.10 68.49 22.14
N THR H 432 -28.56 69.67 21.88
CA THR H 432 -27.35 69.81 21.09
C THR H 432 -26.14 69.86 22.01
N MET H 433 -24.99 69.46 21.45
CA MET H 433 -23.79 69.29 22.25
C MET H 433 -22.54 69.89 21.64
N ASP H 434 -22.56 70.25 20.35
CA ASP H 434 -21.36 70.72 19.66
C ASP H 434 -20.31 69.60 19.60
N GLN H 435 -20.69 68.39 20.01
CA GLN H 435 -19.78 67.27 20.10
C GLN H 435 -20.57 65.98 20.06
N PRO H 436 -20.01 64.91 19.49
CA PRO H 436 -20.61 63.58 19.68
C PRO H 436 -20.51 63.15 21.14
N ASN H 437 -21.67 62.97 21.77
CA ASN H 437 -21.68 62.41 23.12
C ASN H 437 -21.31 60.94 23.11
N ILE H 438 -21.60 60.23 22.02
CA ILE H 438 -21.33 58.81 21.89
C ILE H 438 -20.52 58.61 20.62
N PHE H 439 -19.35 58.01 20.76
CA PHE H 439 -18.47 57.76 19.62
C PHE H 439 -17.68 56.48 19.87
N LYS H 440 -17.16 55.91 18.79
CA LYS H 440 -16.38 54.69 18.83
C LYS H 440 -14.90 55.03 18.79
N CYS H 441 -14.14 54.49 19.73
CA CYS H 441 -12.73 54.83 19.91
C CYS H 441 -11.84 53.86 19.13
N LYS H 442 -10.81 54.40 18.48
CA LYS H 442 -9.91 53.62 17.65
C LYS H 442 -8.49 54.08 17.89
N ILE H 443 -7.60 53.16 18.26
CA ILE H 443 -6.18 53.48 18.29
C ILE H 443 -5.70 53.70 16.86
N LYS H 444 -4.79 54.64 16.68
CA LYS H 444 -4.43 55.09 15.33
C LYS H 444 -3.90 53.94 14.50
N GLY H 445 -2.84 53.28 14.96
CA GLY H 445 -2.25 52.19 14.20
C GLY H 445 -2.59 50.82 14.75
N ASP H 446 -2.54 50.68 16.07
CA ASP H 446 -2.78 49.41 16.73
C ASP H 446 -4.29 49.15 16.79
N ASN H 447 -4.85 48.86 15.60
CA ASN H 447 -6.27 48.54 15.50
C ASN H 447 -6.52 47.04 15.45
N GLU H 448 -5.88 46.32 14.53
CA GLU H 448 -6.11 44.89 14.38
C GLU H 448 -4.89 44.20 13.77
N TYR H 449 -4.71 42.93 14.11
CA TYR H 449 -3.57 42.12 13.69
C TYR H 449 -4.04 40.83 13.04
N ARG H 450 -3.20 40.29 12.15
CA ARG H 450 -3.47 39.03 11.45
C ARG H 450 -2.23 38.17 11.45
N GLY H 451 -2.41 36.86 11.72
CA GLY H 451 -1.29 35.94 11.78
C GLY H 451 -1.65 34.48 11.60
N TYR H 452 -0.89 33.77 10.75
CA TYR H 452 -1.06 32.34 10.56
C TYR H 452 0.14 31.60 11.12
N GLN H 453 -0.11 30.55 11.91
CA GLN H 453 0.90 29.58 12.30
C GLN H 453 0.47 28.25 11.67
N TRP H 454 1.15 27.88 10.60
CA TRP H 454 0.80 26.74 9.79
C TRP H 454 2.01 25.84 9.60
N GLY H 455 1.76 24.66 9.02
CA GLY H 455 2.80 23.68 8.82
C GLY H 455 3.43 23.75 7.45
N ILE H 456 3.15 22.74 6.63
CA ILE H 456 3.80 22.65 5.32
C ILE H 456 3.01 23.34 4.22
N ARG H 457 1.67 23.38 4.29
CA ARG H 457 0.86 24.10 3.33
C ARG H 457 -0.17 24.96 4.05
N ASN H 458 -0.37 26.18 3.54
CA ASN H 458 -1.31 27.12 4.13
C ASN H 458 -2.59 27.15 3.31
N PRO H 459 -3.69 26.57 3.78
CA PRO H 459 -4.94 26.69 3.02
C PRO H 459 -5.43 28.12 2.86
N PHE H 460 -5.23 28.96 3.87
CA PHE H 460 -5.71 30.32 3.82
C PHE H 460 -5.06 31.08 2.66
N THR H 461 -3.74 31.24 2.72
CA THR H 461 -3.01 31.96 1.69
C THR H 461 -2.77 31.12 0.44
N GLY H 462 -2.89 29.81 0.54
CA GLY H 462 -2.58 28.93 -0.56
C GLY H 462 -1.11 28.89 -0.87
N GLN H 463 -0.29 28.77 0.18
CA GLN H 463 1.15 28.61 0.05
C GLN H 463 1.48 27.14 0.31
N LYS H 464 2.19 26.53 -0.63
CA LYS H 464 2.34 25.07 -0.62
C LYS H 464 3.57 24.63 0.18
N GLY H 465 4.63 25.42 0.17
CA GLY H 465 5.79 25.11 0.99
C GLY H 465 6.08 26.14 2.05
N ASN H 466 6.73 25.72 3.14
CA ASN H 466 6.98 26.60 4.28
C ASN H 466 8.46 26.68 4.55
N PRO H 467 9.10 27.85 4.40
CA PRO H 467 10.50 27.99 4.82
C PRO H 467 10.67 28.04 6.33
N TYR H 468 9.63 28.42 7.08
CA TYR H 468 9.67 28.53 8.54
C TYR H 468 8.45 27.81 9.08
N MET H 469 8.59 26.51 9.32
CA MET H 469 7.49 25.70 9.83
C MET H 469 7.30 25.92 11.32
N SER H 470 6.05 25.91 11.76
CA SER H 470 5.73 26.11 13.17
C SER H 470 5.62 24.80 13.93
N PHE H 471 5.27 23.72 13.23
CA PHE H 471 5.16 22.40 13.84
C PHE H 471 5.14 21.38 12.71
N ASP H 472 5.14 20.10 13.08
CA ASP H 472 5.04 19.01 12.13
C ASP H 472 3.57 18.60 12.08
N GLU H 473 2.80 19.27 11.25
CA GLU H 473 1.39 18.93 11.10
C GLU H 473 0.83 19.61 9.86
N ASP H 474 0.16 18.84 9.01
CA ASP H 474 -0.48 19.39 7.81
C ASP H 474 -1.73 20.12 8.29
N SER H 475 -1.54 21.36 8.70
CA SER H 475 -2.60 22.12 9.33
C SER H 475 -2.23 23.59 9.35
N ALA H 476 -3.25 24.43 9.54
CA ALA H 476 -3.06 25.86 9.65
C ALA H 476 -4.09 26.41 10.61
N VAL H 477 -3.78 27.56 11.19
CA VAL H 477 -4.67 28.24 12.11
C VAL H 477 -4.42 29.74 11.98
N ILE H 478 -5.48 30.48 11.72
CA ILE H 478 -5.42 31.92 11.60
C ILE H 478 -5.70 32.55 12.94
N HIS H 479 -4.93 33.56 13.29
CA HIS H 479 -5.13 34.35 14.50
C HIS H 479 -5.35 35.79 14.12
N ARG H 480 -6.37 36.41 14.71
CA ARG H 480 -6.70 37.79 14.43
C ARG H 480 -7.10 38.48 15.72
N MET H 481 -6.60 39.70 15.91
CA MET H 481 -6.80 40.46 17.13
C MET H 481 -7.27 41.86 16.76
N ALA H 482 -7.93 42.52 17.71
CA ALA H 482 -8.38 43.88 17.52
C ALA H 482 -8.57 44.54 18.88
N THR H 483 -8.43 45.86 18.89
CA THR H 483 -8.62 46.67 20.09
C THR H 483 -9.65 47.74 19.78
N LEU H 484 -10.47 48.07 20.77
CA LEU H 484 -11.62 48.94 20.53
C LEU H 484 -12.12 49.50 21.85
N GLY H 485 -12.84 50.61 21.76
CA GLY H 485 -13.42 51.24 22.92
C GLY H 485 -14.64 52.05 22.54
N VAL H 486 -15.36 52.48 23.56
CA VAL H 486 -16.60 53.24 23.40
C VAL H 486 -16.70 54.25 24.54
N CYS H 487 -17.27 55.42 24.24
CA CYS H 487 -17.31 56.52 25.17
C CYS H 487 -18.68 57.16 25.17
N VAL H 488 -19.19 57.44 26.36
CA VAL H 488 -20.42 58.21 26.55
C VAL H 488 -20.09 59.31 27.54
N LEU H 489 -19.83 60.52 27.03
CA LEU H 489 -19.44 61.63 27.90
C LEU H 489 -20.52 61.93 28.93
N ASP H 490 -21.70 62.31 28.47
CA ASP H 490 -22.81 62.63 29.36
C ASP H 490 -23.88 61.56 29.27
N PRO H 491 -23.98 60.66 30.24
CA PRO H 491 -25.11 59.72 30.27
C PRO H 491 -26.43 60.37 30.67
N THR H 492 -26.41 61.59 31.20
CA THR H 492 -27.62 62.29 31.55
C THR H 492 -28.35 62.84 30.33
N ARG H 493 -27.70 62.87 29.17
CA ARG H 493 -28.31 63.31 27.93
C ARG H 493 -28.83 62.15 27.10
N THR H 494 -29.28 61.09 27.77
CA THR H 494 -29.85 59.92 27.10
C THR H 494 -30.99 59.41 27.98
N MET H 495 -32.22 59.70 27.57
CA MET H 495 -33.39 59.21 28.27
C MET H 495 -33.76 57.83 27.72
N SER H 496 -34.24 56.98 28.61
CA SER H 496 -34.48 55.58 28.25
C SER H 496 -35.58 55.03 29.14
N LEU H 497 -36.73 54.72 28.53
CA LEU H 497 -37.77 53.97 29.21
C LEU H 497 -37.60 52.50 28.88
N ILE H 498 -37.71 51.66 29.89
CA ILE H 498 -37.41 50.23 29.75
C ILE H 498 -38.46 49.45 30.54
N PRO H 499 -38.97 48.34 30.01
CA PRO H 499 -39.87 47.50 30.80
C PRO H 499 -39.13 46.83 31.94
N ALA H 500 -39.79 46.77 33.10
CA ALA H 500 -39.16 46.20 34.29
C ALA H 500 -38.85 44.72 34.15
N ILE H 501 -39.52 44.03 33.23
CA ILE H 501 -39.20 42.62 32.98
C ILE H 501 -37.81 42.49 32.38
N LEU H 502 -37.25 43.58 31.87
CA LEU H 502 -36.00 43.56 31.12
C LEU H 502 -34.81 43.97 31.98
N GLN H 503 -34.88 43.70 33.29
CA GLN H 503 -33.76 43.91 34.19
C GLN H 503 -33.82 42.85 35.29
N GLY H 504 -32.63 42.45 35.75
CA GLY H 504 -32.52 41.45 36.80
C GLY H 504 -31.14 41.36 37.39
N ALA I 2 -115.06 -2.21 -36.60
CA ALA I 2 -114.98 -2.76 -35.25
C ALA I 2 -113.61 -3.37 -35.02
N GLY I 3 -113.41 -3.96 -33.84
CA GLY I 3 -112.29 -4.86 -33.62
C GLY I 3 -110.93 -4.28 -33.98
N LYS I 4 -109.97 -5.19 -34.13
CA LYS I 4 -108.62 -4.85 -34.56
C LYS I 4 -108.23 -5.75 -35.73
N LEU I 5 -107.73 -5.12 -36.80
CA LEU I 5 -107.08 -5.89 -37.86
C LEU I 5 -105.67 -6.30 -37.46
N GLY I 6 -104.92 -5.37 -36.89
CA GLY I 6 -103.58 -5.64 -36.40
C GLY I 6 -103.58 -5.87 -34.90
N LYS I 7 -102.62 -6.70 -34.46
CA LYS I 7 -102.57 -7.06 -33.05
C LYS I 7 -102.49 -5.83 -32.16
N PHE I 8 -101.84 -4.77 -32.64
CA PHE I 8 -101.84 -3.47 -31.99
C PHE I 8 -102.59 -2.48 -32.86
N GLN I 9 -103.90 -2.42 -32.69
CA GLN I 9 -104.73 -1.42 -33.35
C GLN I 9 -105.75 -0.95 -32.33
N MET I 10 -105.49 0.21 -31.75
CA MET I 10 -106.43 0.85 -30.84
C MET I 10 -107.28 1.89 -31.54
N LEU I 11 -106.93 2.29 -32.76
CA LEU I 11 -107.73 3.22 -33.53
C LEU I 11 -108.76 2.49 -34.36
N GLY I 12 -110.02 2.86 -34.18
CA GLY I 12 -111.09 2.44 -35.06
C GLY I 12 -111.61 3.61 -35.85
N PHE I 13 -112.19 3.35 -37.01
CA PHE I 13 -112.77 4.42 -37.80
C PHE I 13 -113.85 5.14 -37.00
N GLN I 14 -113.70 6.45 -36.85
CA GLN I 14 -114.68 7.29 -36.18
C GLN I 14 -115.34 8.18 -37.23
N HIS I 15 -116.67 8.09 -37.31
CA HIS I 15 -117.44 8.82 -38.31
C HIS I 15 -118.37 9.80 -37.62
N TRP I 16 -118.65 10.91 -38.30
CA TRP I 16 -119.53 11.93 -37.78
C TRP I 16 -119.99 12.81 -38.93
N LYS I 17 -121.18 13.37 -38.77
CA LYS I 17 -121.78 14.25 -39.77
C LYS I 17 -121.97 15.64 -39.19
N GLY I 18 -121.71 16.65 -40.01
CA GLY I 18 -122.12 18.00 -39.69
C GLY I 18 -121.02 18.91 -39.22
N LEU I 19 -121.40 19.90 -38.42
CA LEU I 19 -120.44 20.88 -37.93
C LEU I 19 -119.34 20.18 -37.15
N THR I 20 -118.09 20.52 -37.46
CA THR I 20 -116.92 19.88 -36.89
C THR I 20 -116.20 20.88 -36.01
N SER I 21 -116.21 20.61 -34.70
CA SER I 21 -115.62 21.50 -33.72
C SER I 21 -114.15 21.17 -33.52
N ASP I 22 -113.49 21.89 -32.60
CA ASP I 22 -112.10 21.60 -32.31
C ASP I 22 -111.94 20.36 -31.45
N ASN I 23 -112.93 20.04 -30.61
CA ASN I 23 -112.89 18.79 -29.88
C ASN I 23 -113.08 17.61 -30.82
N HIS I 24 -113.83 17.79 -31.90
CA HIS I 24 -113.81 16.83 -33.00
C HIS I 24 -112.38 16.68 -33.47
N LEU I 25 -111.82 17.76 -34.00
CA LEU I 25 -110.45 17.75 -34.51
C LEU I 25 -109.45 17.28 -33.46
N GLY I 26 -109.80 17.33 -32.18
CA GLY I 26 -108.93 16.85 -31.14
C GLY I 26 -109.09 15.35 -30.92
N ALA I 27 -110.34 14.88 -30.93
CA ALA I 27 -110.62 13.45 -30.90
C ALA I 27 -110.33 12.78 -32.23
N ILE I 28 -109.98 13.54 -33.27
CA ILE I 28 -109.52 12.97 -34.52
C ILE I 28 -108.01 13.02 -34.63
N PHE I 29 -107.32 13.63 -33.67
CA PHE I 29 -105.86 13.63 -33.60
C PHE I 29 -105.23 14.47 -34.71
N GLN I 30 -105.90 15.56 -35.10
CA GLN I 30 -105.39 16.45 -36.13
C GLN I 30 -104.92 17.79 -35.57
N GLN I 31 -105.33 18.14 -34.35
CA GLN I 31 -104.88 19.34 -33.68
C GLN I 31 -104.00 18.97 -32.50
N ALA I 32 -102.83 19.56 -32.42
CA ALA I 32 -101.89 19.30 -31.34
C ALA I 32 -101.43 20.61 -30.73
N PRO I 33 -101.13 20.62 -29.43
CA PRO I 33 -100.52 21.80 -28.84
C PRO I 33 -99.22 22.13 -29.54
N GLN I 34 -99.09 23.38 -29.98
CA GLN I 34 -97.91 23.78 -30.73
C GLN I 34 -96.73 23.92 -29.78
N LYS I 35 -95.57 24.21 -30.35
CA LYS I 35 -94.33 24.28 -29.59
C LYS I 35 -93.53 25.49 -30.05
N ALA I 36 -93.05 26.26 -29.08
CA ALA I 36 -92.23 27.44 -29.34
C ALA I 36 -90.80 27.11 -28.91
N THR I 37 -89.96 26.76 -29.87
CA THR I 37 -88.56 26.46 -29.59
C THR I 37 -87.74 27.71 -29.31
N ASN I 38 -88.28 28.89 -29.60
CA ASN I 38 -87.62 30.15 -29.27
C ASN I 38 -88.07 30.72 -27.93
N LEU I 39 -88.99 30.04 -27.24
CA LEU I 39 -89.48 30.46 -25.94
C LEU I 39 -88.84 29.66 -24.81
N MET I 40 -87.71 28.99 -25.08
CA MET I 40 -87.05 28.21 -24.05
C MET I 40 -86.46 29.12 -23.00
N VAL I 41 -86.66 28.76 -21.73
CA VAL I 41 -86.23 29.57 -20.60
C VAL I 41 -85.25 28.76 -19.76
N GLN I 42 -84.15 29.39 -19.39
CA GLN I 42 -83.31 28.88 -18.32
C GLN I 42 -83.91 29.30 -16.99
N LEU I 43 -83.92 28.39 -16.04
CA LEU I 43 -84.18 28.82 -14.67
C LEU I 43 -83.04 29.70 -14.21
N LEU I 44 -83.36 30.66 -13.34
CA LEU I 44 -82.41 31.69 -12.98
C LEU I 44 -81.59 31.22 -11.79
N ALA I 45 -80.26 31.21 -11.97
CA ALA I 45 -79.33 30.83 -10.93
C ALA I 45 -77.98 31.44 -11.29
N PHE I 46 -77.17 31.66 -10.26
CA PHE I 46 -75.79 32.08 -10.46
C PHE I 46 -74.99 30.81 -10.68
N TYR I 47 -74.65 30.54 -11.93
CA TYR I 47 -74.07 29.26 -12.33
C TYR I 47 -72.59 29.26 -11.95
N ARG I 48 -72.25 28.50 -10.91
CA ARG I 48 -70.95 28.56 -10.29
C ARG I 48 -70.03 27.42 -10.74
N GLY I 49 -70.52 26.54 -11.60
CA GLY I 49 -69.63 25.65 -12.32
C GLY I 49 -68.92 26.42 -13.41
N LYS I 50 -67.65 26.09 -13.63
CA LYS I 50 -66.74 26.81 -14.51
C LYS I 50 -66.19 28.04 -13.81
N SER I 51 -66.52 28.24 -12.53
CA SER I 51 -65.89 29.30 -11.74
C SER I 51 -64.56 28.83 -11.15
N LEU I 52 -64.53 27.59 -10.66
CA LEU I 52 -63.26 26.98 -10.29
C LEU I 52 -62.28 27.02 -11.45
N ASP I 53 -62.76 26.82 -12.67
CA ASP I 53 -61.91 26.93 -13.84
C ASP I 53 -61.17 28.27 -13.87
N THR I 54 -61.90 29.36 -13.63
CA THR I 54 -61.27 30.68 -13.62
C THR I 54 -60.25 30.79 -12.50
N PHE I 55 -60.62 30.34 -11.30
CA PHE I 55 -59.70 30.32 -10.18
C PHE I 55 -58.38 29.66 -10.58
N LEU I 56 -58.45 28.47 -11.15
CA LEU I 56 -57.24 27.77 -11.59
C LEU I 56 -56.48 28.62 -12.61
N ASN I 57 -57.19 29.21 -13.57
CA ASN I 57 -56.53 30.04 -14.58
C ASN I 57 -55.81 31.22 -13.94
N SER I 58 -56.20 31.64 -12.75
CA SER I 58 -55.46 32.67 -12.04
C SER I 58 -54.07 32.24 -11.64
N PHE I 59 -53.73 30.97 -11.82
CA PHE I 59 -52.43 30.41 -11.50
C PHE I 59 -51.68 30.06 -12.78
N PRO I 60 -50.37 30.31 -12.83
CA PRO I 60 -49.61 29.96 -14.03
C PRO I 60 -49.37 28.47 -14.14
N THR I 61 -49.06 28.05 -15.36
CA THR I 61 -48.76 26.66 -15.66
C THR I 61 -47.29 26.52 -16.04
N ARG I 62 -46.72 25.36 -15.74
CA ARG I 62 -45.32 25.08 -16.02
C ARG I 62 -45.20 23.75 -16.76
N GLU I 63 -44.37 23.75 -17.80
CA GLU I 63 -44.19 22.56 -18.64
C GLU I 63 -42.99 21.77 -18.12
N PHE I 64 -43.26 20.56 -17.64
CA PHE I 64 -42.22 19.60 -17.32
C PHE I 64 -41.94 18.73 -18.54
N GLU I 65 -40.99 17.81 -18.40
CA GLU I 65 -40.59 16.94 -19.50
C GLU I 65 -41.12 15.52 -19.36
N ASP I 66 -41.56 15.11 -18.18
CA ASP I 66 -42.05 13.77 -17.95
C ASP I 66 -42.78 13.73 -16.62
N ASP I 67 -43.27 12.55 -16.25
CA ASP I 67 -43.95 12.32 -14.99
C ASP I 67 -42.98 11.98 -13.87
N ASN I 68 -41.73 12.40 -13.99
CA ASN I 68 -40.69 12.05 -13.04
C ASN I 68 -40.75 13.00 -11.84
N GLU I 69 -40.72 12.42 -10.64
CA GLU I 69 -40.68 13.23 -9.42
C GLU I 69 -39.58 14.28 -9.53
N TYR I 70 -39.87 15.46 -8.98
CA TYR I 70 -38.95 16.58 -9.04
C TYR I 70 -38.77 17.17 -7.65
N TYR I 71 -37.69 17.92 -7.49
CA TYR I 71 -37.36 18.53 -6.22
C TYR I 71 -36.71 19.88 -6.48
N TRP I 72 -36.63 20.68 -5.42
CA TRP I 72 -36.01 22.00 -5.50
C TRP I 72 -35.27 22.28 -4.20
N ASP I 73 -34.34 23.22 -4.28
CA ASP I 73 -33.55 23.63 -3.13
C ASP I 73 -34.21 24.82 -2.44
N VAL I 74 -34.40 24.69 -1.13
CA VAL I 74 -34.98 25.74 -0.30
C VAL I 74 -33.90 26.28 0.63
N ILE I 75 -33.67 27.58 0.55
CA ILE I 75 -32.65 28.25 1.36
C ILE I 75 -33.30 28.80 2.62
N GLY I 76 -32.55 28.78 3.71
CA GLY I 76 -33.10 29.14 5.01
C GLY I 76 -32.43 30.32 5.67
N SER I 77 -32.14 30.19 6.97
CA SER I 77 -31.58 31.26 7.78
C SER I 77 -30.35 30.75 8.52
N SER I 78 -29.69 31.65 9.24
CA SER I 78 -28.40 31.35 9.83
C SER I 78 -28.30 31.70 11.31
N ARG I 79 -29.01 32.74 11.74
CA ARG I 79 -28.79 33.31 13.07
C ARG I 79 -29.47 32.44 14.13
N ARG I 80 -28.71 32.08 15.16
CA ARG I 80 -29.10 31.06 16.11
C ARG I 80 -28.83 31.50 17.54
N ASN I 81 -29.45 30.78 18.47
CA ASN I 81 -29.10 30.81 19.88
C ASN I 81 -29.43 29.44 20.43
N ILE I 82 -28.55 28.92 21.27
CA ILE I 82 -28.53 27.50 21.62
C ILE I 82 -29.32 27.30 22.91
N PRO I 83 -30.23 26.33 22.96
CA PRO I 83 -30.94 26.05 24.22
C PRO I 83 -29.99 25.56 25.30
N LEU I 84 -30.53 25.34 26.49
CA LEU I 84 -29.77 24.84 27.62
C LEU I 84 -30.42 23.57 28.13
N VAL I 85 -29.59 22.55 28.37
CA VAL I 85 -30.10 21.30 28.90
C VAL I 85 -30.24 21.37 30.41
N GLU I 86 -29.22 21.87 31.09
CA GLU I 86 -29.20 22.00 32.54
C GLU I 86 -27.91 22.70 32.92
N ALA I 87 -27.84 23.11 34.18
CA ALA I 87 -26.64 23.69 34.75
C ALA I 87 -26.28 22.94 36.01
N ARG I 88 -24.98 22.78 36.24
CA ARG I 88 -24.48 22.05 37.38
C ARG I 88 -23.53 22.93 38.18
N ASP I 89 -23.37 22.58 39.45
CA ASP I 89 -22.45 23.29 40.32
C ASP I 89 -21.02 22.90 39.95
N GLU I 90 -20.05 23.38 40.72
CA GLU I 90 -18.66 22.99 40.51
C GLU I 90 -18.37 21.58 40.99
N ASN I 91 -19.37 20.89 41.54
CA ASN I 91 -19.21 19.51 41.98
C ASN I 91 -20.11 18.55 41.22
N GLY I 92 -20.75 19.02 40.15
CA GLY I 92 -21.58 18.15 39.32
C GLY I 92 -22.98 17.94 39.84
N VAL I 93 -23.53 18.91 40.57
CA VAL I 93 -24.90 18.84 41.08
C VAL I 93 -25.74 19.89 40.35
N VAL I 94 -26.96 19.51 40.03
CA VAL I 94 -27.81 20.30 39.15
C VAL I 94 -28.55 21.37 39.94
N VAL I 95 -28.92 22.44 39.24
CA VAL I 95 -29.88 23.42 39.74
C VAL I 95 -31.24 22.76 39.82
N ALA I 96 -32.17 23.39 40.55
CA ALA I 96 -33.51 22.82 40.71
C ALA I 96 -34.61 23.86 40.60
N ALA I 97 -34.31 25.06 40.10
CA ALA I 97 -35.31 26.11 39.88
C ALA I 97 -35.80 26.69 41.20
N ASN I 98 -35.33 26.15 42.33
CA ASN I 98 -35.66 26.68 43.64
C ASN I 98 -34.42 26.82 44.52
N ALA I 99 -33.23 26.64 43.95
CA ALA I 99 -31.99 26.64 44.72
C ALA I 99 -31.39 28.04 44.77
N ALA I 100 -30.32 28.15 45.54
CA ALA I 100 -29.65 29.44 45.71
C ALA I 100 -28.90 29.83 44.44
N ASN I 101 -28.51 31.10 44.38
CA ASN I 101 -27.82 31.62 43.21
C ASN I 101 -26.58 30.80 42.91
N VAL I 102 -26.07 30.95 41.68
CA VAL I 102 -24.99 30.13 41.17
C VAL I 102 -23.97 31.04 40.51
N GLY I 103 -22.73 31.00 41.01
CA GLY I 103 -21.67 31.84 40.47
C GLY I 103 -21.27 32.94 41.44
N VAL I 104 -21.32 32.63 42.73
CA VAL I 104 -21.03 33.61 43.76
C VAL I 104 -19.52 33.79 43.88
N GLY I 105 -19.08 35.03 43.86
CA GLY I 105 -17.66 35.31 43.96
C GLY I 105 -16.88 34.97 42.72
N THR I 106 -17.48 35.17 41.55
CA THR I 106 -16.86 34.77 40.28
C THR I 106 -16.48 33.30 40.31
N SER I 107 -17.25 32.51 41.06
CA SER I 107 -17.03 31.08 41.14
C SER I 107 -17.45 30.39 39.85
N PRO I 108 -16.85 29.26 39.52
CA PRO I 108 -17.21 28.54 38.29
C PRO I 108 -18.37 27.58 38.50
N PHE I 109 -18.91 27.14 37.37
CA PHE I 109 -20.00 26.16 37.35
C PHE I 109 -20.13 25.68 35.92
N TYR I 110 -20.99 24.70 35.71
CA TYR I 110 -21.05 23.96 34.46
C TYR I 110 -22.37 24.19 33.75
N LEU I 111 -22.29 24.65 32.51
CA LEU I 111 -23.43 24.76 31.62
C LEU I 111 -23.44 23.56 30.67
N VAL I 112 -24.53 22.81 30.71
CA VAL I 112 -24.69 21.65 29.84
C VAL I 112 -25.48 22.08 28.61
N PHE I 113 -25.17 21.47 27.48
CA PHE I 113 -25.79 21.84 26.20
C PHE I 113 -26.03 20.58 25.40
N PRO I 114 -26.89 20.64 24.39
CA PRO I 114 -27.04 19.52 23.45
C PRO I 114 -26.13 19.59 22.24
N GLU I 115 -25.13 20.46 22.24
CA GLU I 115 -24.33 20.73 21.06
C GLU I 115 -23.07 21.46 21.49
N ASP I 116 -22.03 21.31 20.69
CA ASP I 116 -20.76 22.01 20.90
C ASP I 116 -20.73 23.18 19.92
N TRP I 117 -21.32 24.30 20.34
CA TRP I 117 -21.47 25.50 19.53
C TRP I 117 -20.61 26.66 19.99
N PHE I 118 -20.05 26.57 21.19
CA PHE I 118 -19.32 27.67 21.80
C PHE I 118 -17.85 27.30 21.96
N ALA I 119 -16.98 28.24 21.61
CA ALA I 119 -15.55 28.06 21.83
C ALA I 119 -15.16 28.55 23.22
N ASP I 120 -14.01 28.10 23.68
CA ASP I 120 -13.47 28.58 24.94
C ASP I 120 -12.94 30.00 24.78
N GLY I 121 -13.10 30.80 25.82
CA GLY I 121 -12.74 32.20 25.73
C GLY I 121 -13.80 33.06 25.08
N GLU I 122 -15.03 32.59 25.02
CA GLU I 122 -16.15 33.34 24.50
C GLU I 122 -17.09 33.72 25.63
N VAL I 123 -17.72 34.88 25.50
CA VAL I 123 -18.74 35.33 26.43
C VAL I 123 -20.09 35.02 25.82
N ILE I 124 -20.92 34.32 26.58
CA ILE I 124 -22.25 33.94 26.15
C ILE I 124 -23.25 34.51 27.13
N VAL I 125 -24.42 34.88 26.62
CA VAL I 125 -25.43 35.59 27.39
C VAL I 125 -26.75 34.84 27.25
N GLY I 126 -27.45 34.70 28.36
CA GLY I 126 -28.72 34.03 28.37
C GLY I 126 -29.84 34.91 27.89
N ASN I 127 -30.98 34.87 28.60
CA ASN I 127 -32.11 35.70 28.23
C ASN I 127 -31.92 37.13 28.70
N LEU I 128 -31.49 37.32 29.95
CA LEU I 128 -31.10 38.64 30.46
C LEU I 128 -29.70 38.94 29.93
N ASN I 129 -29.66 39.47 28.71
CA ASN I 129 -28.39 39.74 28.07
C ASN I 129 -27.60 40.80 28.83
N GLN I 130 -26.27 40.68 28.76
CA GLN I 130 -25.33 41.65 29.30
C GLN I 130 -25.60 41.97 30.77
N VAL I 131 -26.41 41.15 31.43
CA VAL I 131 -26.68 41.30 32.85
C VAL I 131 -25.96 40.18 33.58
N TYR I 132 -25.87 39.03 32.93
CA TYR I 132 -25.18 37.86 33.46
C TYR I 132 -24.33 37.27 32.35
N PRO I 133 -23.16 37.83 32.10
CA PRO I 133 -22.29 37.26 31.04
C PRO I 133 -21.45 36.10 31.55
N PHE I 134 -21.48 34.99 30.83
CA PHE I 134 -20.73 33.80 31.18
C PHE I 134 -19.51 33.69 30.26
N ARG I 135 -18.33 33.56 30.85
CA ARG I 135 -17.09 33.39 30.11
C ARG I 135 -16.78 31.91 30.04
N ILE I 136 -16.82 31.36 28.83
CA ILE I 136 -16.49 29.95 28.63
C ILE I 136 -14.98 29.79 28.84
N LEU I 137 -14.62 29.07 29.91
CA LEU I 137 -13.23 28.77 30.21
C LEU I 137 -13.06 27.26 30.17
N GLY I 138 -12.13 26.79 29.34
CA GLY I 138 -11.96 25.38 29.14
C GLY I 138 -12.86 24.86 28.04
N ASP I 139 -12.27 24.24 27.02
CA ASP I 139 -13.07 23.71 25.92
C ASP I 139 -14.14 22.76 26.44
N ALA I 140 -15.14 22.51 25.61
CA ALA I 140 -16.24 21.65 26.00
C ALA I 140 -15.76 20.22 26.20
N ARG I 141 -16.38 19.55 27.17
CA ARG I 141 -16.17 18.13 27.42
C ARG I 141 -17.40 17.38 26.98
N MET I 142 -17.22 16.39 26.11
CA MET I 142 -18.34 15.64 25.57
C MET I 142 -18.92 14.72 26.64
N GLU I 143 -20.23 14.81 26.82
CA GLU I 143 -20.97 13.94 27.72
C GLU I 143 -21.89 13.07 26.87
N GLY I 144 -21.34 12.52 25.79
CA GLY I 144 -22.12 11.88 24.75
C GLY I 144 -22.13 12.77 23.53
N THR I 145 -23.32 13.25 23.17
CA THR I 145 -23.45 14.34 22.22
C THR I 145 -23.77 15.66 22.91
N ASN I 146 -24.06 15.63 24.20
CA ASN I 146 -24.25 16.85 24.98
C ASN I 146 -22.90 17.42 25.37
N ALA I 147 -22.70 18.71 25.11
CA ALA I 147 -21.46 19.39 25.42
C ALA I 147 -21.57 20.09 26.77
N VAL I 148 -20.56 19.90 27.62
CA VAL I 148 -20.51 20.50 28.94
C VAL I 148 -19.38 21.53 28.95
N TYR I 149 -19.71 22.75 29.33
CA TYR I 149 -18.74 23.82 29.48
C TYR I 149 -18.59 24.20 30.94
N LYS I 150 -17.44 24.80 31.25
CA LYS I 150 -17.20 25.45 32.53
C LYS I 150 -17.11 26.94 32.30
N VAL I 151 -17.79 27.72 33.15
CA VAL I 151 -18.02 29.14 32.88
C VAL I 151 -17.66 29.96 34.11
N GLU I 152 -17.58 31.27 33.89
CA GLU I 152 -17.23 32.23 34.93
C GLU I 152 -17.96 33.53 34.59
N LEU I 153 -18.60 34.11 35.58
CA LEU I 153 -19.39 35.32 35.36
C LEU I 153 -18.46 36.52 35.17
N MET I 154 -18.76 37.35 34.16
CA MET I 154 -17.81 38.31 33.64
C MET I 154 -18.38 39.72 33.61
N GLY I 155 -19.25 40.07 34.55
CA GLY I 155 -19.79 41.41 34.60
C GLY I 155 -19.68 42.04 35.97
N GLY I 156 -18.59 41.77 36.67
CA GLY I 156 -18.47 42.20 38.05
C GLY I 156 -19.43 41.51 39.00
N ASN I 157 -20.20 40.55 38.52
CA ASN I 157 -21.18 39.88 39.37
C ASN I 157 -20.52 39.31 40.61
N THR I 158 -21.20 39.45 41.74
CA THR I 158 -20.70 38.95 43.01
C THR I 158 -21.75 38.06 43.68
N GLN I 159 -23.03 38.34 43.41
CA GLN I 159 -24.10 37.57 44.02
C GLN I 159 -24.43 36.30 43.25
N GLY I 160 -24.02 36.23 41.98
CA GLY I 160 -24.22 35.02 41.21
C GLY I 160 -25.33 35.14 40.18
N VAL I 161 -25.95 34.01 39.87
CA VAL I 161 -27.06 33.97 38.92
C VAL I 161 -28.17 33.14 39.54
N PRO I 162 -29.43 33.55 39.46
CA PRO I 162 -30.49 32.77 40.08
C PRO I 162 -30.68 31.43 39.38
N ALA I 163 -31.09 30.44 40.16
CA ALA I 163 -31.34 29.11 39.61
C ALA I 163 -32.47 29.11 38.58
N GLU I 164 -33.24 30.20 38.49
CA GLU I 164 -34.31 30.27 37.51
C GLU I 164 -33.82 30.70 36.14
N ARG I 165 -32.71 31.42 36.08
CA ARG I 165 -32.11 31.82 34.82
C ARG I 165 -31.30 30.70 34.17
N LEU I 166 -31.18 29.56 34.85
CA LEU I 166 -30.33 28.46 34.40
C LEU I 166 -31.11 27.16 34.29
N GLN I 167 -32.37 27.24 33.91
CA GLN I 167 -33.20 26.07 33.72
C GLN I 167 -33.30 25.71 32.25
N GLN I 168 -33.85 24.52 31.99
CA GLN I 168 -33.95 24.03 30.62
C GLN I 168 -34.66 25.03 29.73
N GLY I 169 -34.14 25.20 28.53
CA GLY I 169 -34.76 26.01 27.50
C GLY I 169 -34.15 27.37 27.30
N GLU I 170 -33.41 27.87 28.29
CA GLU I 170 -32.82 29.19 28.18
C GLU I 170 -32.03 29.33 26.89
N ARG I 171 -32.19 30.47 26.23
CA ARG I 171 -31.51 30.77 24.99
C ARG I 171 -30.18 31.43 25.29
N PHE I 172 -29.15 31.04 24.54
CA PHE I 172 -27.79 31.51 24.76
C PHE I 172 -27.19 31.94 23.44
N SER I 173 -26.73 33.18 23.38
CA SER I 173 -26.07 33.74 22.20
C SER I 173 -24.59 33.93 22.48
N ILE I 174 -23.86 34.24 21.41
CA ILE I 174 -22.42 34.46 21.47
C ILE I 174 -22.15 35.96 21.37
N GLU I 175 -21.42 36.49 22.34
CA GLU I 175 -21.15 37.94 22.40
C GLU I 175 -19.83 38.26 21.71
N PHE I 176 -18.73 37.75 22.24
CA PHE I 176 -17.40 38.00 21.70
C PHE I 176 -16.41 37.16 22.48
N ALA I 177 -15.13 37.34 22.17
CA ALA I 177 -14.04 36.63 22.84
C ALA I 177 -13.03 37.66 23.33
N PRO I 178 -13.07 38.00 24.63
CA PRO I 178 -12.13 38.99 25.16
C PRO I 178 -10.83 38.36 25.67
N VAL I 179 -9.77 39.16 25.60
CA VAL I 179 -8.44 38.71 26.00
C VAL I 179 -7.71 39.84 26.70
N GLU I 180 -6.68 39.46 27.45
CA GLU I 180 -5.76 40.42 28.02
C GLU I 180 -4.81 40.93 26.95
N LYS I 181 -4.14 42.04 27.26
CA LYS I 181 -3.14 42.62 26.39
C LYS I 181 -1.73 42.13 26.69
N GLU I 182 -1.58 41.25 27.69
CA GLU I 182 -0.29 40.73 28.10
C GLU I 182 -0.30 39.21 27.91
N LEU I 183 0.44 38.73 26.93
CA LEU I 183 0.67 37.29 26.75
C LEU I 183 -0.65 36.54 26.55
N SER I 184 -1.35 36.90 25.48
CA SER I 184 -2.69 36.39 25.23
C SER I 184 -2.64 35.20 24.28
N ARG I 185 -3.33 34.12 24.65
CA ARG I 185 -3.40 32.91 23.86
C ARG I 185 -4.73 32.81 23.12
N LYS I 186 -4.84 31.77 22.29
CA LYS I 186 -5.87 31.73 21.26
C LYS I 186 -7.25 31.47 21.83
N VAL I 187 -8.24 32.22 21.35
CA VAL I 187 -9.64 32.03 21.71
C VAL I 187 -10.50 32.33 20.50
N GLY I 188 -11.68 31.70 20.45
CA GLY I 188 -12.68 31.96 19.43
C GLY I 188 -12.77 30.84 18.42
N ASP I 189 -13.76 30.96 17.54
CA ASP I 189 -13.98 29.98 16.48
C ASP I 189 -15.07 30.44 15.54
N VAL I 190 -15.33 29.68 14.47
CA VAL I 190 -16.33 30.04 13.48
C VAL I 190 -17.17 28.81 13.16
N ARG I 191 -18.33 29.06 12.55
CA ARG I 191 -19.39 28.07 12.42
C ARG I 191 -20.01 28.12 11.03
N PHE I 192 -20.61 27.00 10.64
CA PHE I 192 -21.17 26.81 9.30
C PHE I 192 -22.54 26.15 9.37
N THR I 193 -23.29 26.25 8.27
CA THR I 193 -24.64 25.70 8.18
C THR I 193 -24.90 25.24 6.76
N SER I 194 -25.96 24.46 6.59
CA SER I 194 -26.30 23.87 5.30
C SER I 194 -27.80 23.93 5.06
N PRO I 195 -28.23 24.05 3.78
CA PRO I 195 -29.66 24.11 3.46
C PRO I 195 -30.33 22.75 3.29
N VAL I 196 -31.59 22.77 2.85
CA VAL I 196 -32.41 21.57 2.65
C VAL I 196 -33.19 21.72 1.35
N SER I 197 -34.03 20.73 1.06
CA SER I 197 -34.80 20.71 -0.18
C SER I 197 -36.19 20.14 0.07
N MET I 198 -37.00 20.17 -0.98
CA MET I 198 -38.39 19.73 -0.92
C MET I 198 -38.75 19.05 -2.25
N ARG I 199 -39.88 18.36 -2.26
CA ARG I 199 -40.18 17.40 -3.32
C ARG I 199 -41.67 17.34 -3.57
N ASN I 200 -42.04 17.01 -4.81
CA ASN I 200 -43.42 17.00 -5.26
C ASN I 200 -43.62 15.86 -6.27
N GLU I 201 -44.88 15.54 -6.55
CA GLU I 201 -45.23 14.41 -7.40
C GLU I 201 -46.34 14.73 -8.39
N TRP I 202 -46.89 13.69 -9.03
CA TRP I 202 -47.93 13.83 -10.05
C TRP I 202 -49.10 12.91 -9.73
N THR I 203 -50.17 13.06 -10.51
CA THR I 203 -51.41 12.30 -10.34
C THR I 203 -51.96 11.93 -11.72
N THR I 204 -52.84 10.93 -11.74
CA THR I 204 -53.41 10.40 -12.97
C THR I 204 -54.92 10.30 -12.83
N ILE I 205 -55.65 10.75 -13.86
CA ILE I 205 -57.11 10.76 -13.87
C ILE I 205 -57.60 10.00 -15.09
N ARG I 206 -58.73 9.31 -14.92
CA ARG I 206 -59.37 8.59 -16.03
C ARG I 206 -60.88 8.76 -15.97
N ILE I 207 -61.53 8.42 -17.09
CA ILE I 207 -62.98 8.44 -17.22
C ILE I 207 -63.36 7.48 -18.33
N GLN I 208 -64.62 7.04 -18.34
CA GLN I 208 -65.12 6.17 -19.38
C GLN I 208 -66.62 6.40 -19.57
N HIS I 209 -67.14 5.83 -20.66
CA HIS I 209 -68.58 5.84 -20.91
C HIS I 209 -68.90 4.84 -22.00
N LYS I 210 -69.85 3.95 -21.73
CA LYS I 210 -70.26 2.93 -22.68
C LYS I 210 -71.58 3.32 -23.34
N VAL I 211 -71.62 3.20 -24.67
CA VAL I 211 -72.82 3.45 -25.44
C VAL I 211 -73.13 2.20 -26.26
N ALA I 212 -74.42 1.92 -26.43
CA ALA I 212 -74.85 0.88 -27.35
C ALA I 212 -74.68 1.37 -28.78
N GLY I 213 -74.28 0.46 -29.67
CA GLY I 213 -73.97 0.85 -31.03
C GLY I 213 -75.16 1.35 -31.82
N ASN I 214 -76.38 1.17 -31.32
CA ASN I 214 -77.58 1.64 -31.99
C ASN I 214 -77.81 3.13 -31.79
N LYS I 215 -76.85 3.85 -31.22
CA LYS I 215 -76.92 5.29 -31.05
C LYS I 215 -76.17 6.04 -32.13
N LEU I 216 -75.79 5.35 -33.21
CA LEU I 216 -74.91 5.95 -34.21
C LEU I 216 -75.44 7.29 -34.70
N ASN I 217 -76.68 7.30 -35.20
CA ASN I 217 -77.31 8.52 -35.68
C ASN I 217 -78.77 8.58 -35.21
N LYS I 218 -78.99 8.26 -33.94
CA LYS I 218 -80.34 8.29 -33.37
C LYS I 218 -80.77 9.74 -33.16
N LYS I 219 -81.22 10.36 -34.25
CA LYS I 219 -81.90 11.64 -34.15
C LYS I 219 -82.91 11.60 -33.03
N LEU I 220 -82.93 12.65 -32.22
CA LEU I 220 -83.87 12.74 -31.11
C LEU I 220 -85.15 13.41 -31.57
N ALA I 221 -86.26 13.00 -30.99
CA ALA I 221 -87.58 13.44 -31.43
C ALA I 221 -87.72 14.95 -31.29
N MET I 222 -87.65 15.44 -30.06
CA MET I 222 -87.78 16.87 -29.78
C MET I 222 -86.46 17.56 -29.51
N GLY I 223 -85.41 16.80 -29.19
CA GLY I 223 -84.15 17.38 -28.78
C GLY I 223 -84.08 17.57 -27.28
N ILE I 224 -82.93 18.08 -26.83
CA ILE I 224 -82.71 18.33 -25.42
C ILE I 224 -82.05 19.70 -25.26
N PRO I 225 -82.78 20.73 -24.87
CA PRO I 225 -82.13 22.01 -24.59
C PRO I 225 -81.22 21.90 -23.37
N MET I 226 -80.13 22.65 -23.41
CA MET I 226 -79.09 22.54 -22.39
C MET I 226 -78.46 23.89 -22.12
N VAL I 227 -78.07 24.12 -20.87
CA VAL I 227 -77.18 25.22 -20.52
C VAL I 227 -75.76 24.74 -20.76
N ARG I 228 -75.25 24.96 -21.97
CA ARG I 228 -73.88 24.60 -22.31
C ARG I 228 -72.99 25.81 -22.21
N ASN I 229 -71.77 25.61 -21.74
CA ASN I 229 -70.81 26.67 -21.54
C ASN I 229 -69.67 26.57 -22.54
N LEU I 230 -69.32 27.71 -23.13
CA LEU I 230 -68.19 27.80 -24.05
C LEU I 230 -66.92 28.07 -23.23
N GLU I 231 -65.83 28.44 -23.89
CA GLU I 231 -64.55 28.58 -23.19
C GLU I 231 -64.61 29.73 -22.17
N SER I 232 -64.88 30.96 -22.63
CA SER I 232 -65.04 32.09 -21.72
C SER I 232 -66.39 32.77 -21.94
N GLY I 233 -66.72 33.04 -23.20
CA GLY I 233 -68.01 33.63 -23.56
C GLY I 233 -69.12 32.61 -23.45
N LYS I 234 -69.24 32.02 -22.28
CA LYS I 234 -70.02 30.81 -22.07
C LYS I 234 -71.49 31.16 -21.75
N GLN I 235 -72.22 30.14 -21.28
CA GLN I 235 -73.65 30.26 -20.97
C GLN I 235 -74.47 30.34 -22.25
N VAL I 236 -74.06 29.58 -23.26
CA VAL I 236 -74.82 29.45 -24.49
C VAL I 236 -75.81 28.29 -24.34
N LYS I 237 -77.09 28.58 -24.53
CA LYS I 237 -78.09 27.54 -24.53
C LYS I 237 -78.10 26.85 -25.89
N ASP I 238 -77.94 25.53 -25.87
CA ASP I 238 -77.89 24.73 -27.09
C ASP I 238 -78.81 23.53 -26.95
N THR I 239 -79.06 22.87 -28.07
CA THR I 239 -79.97 21.74 -28.13
C THR I 239 -79.27 20.55 -28.77
N ALA I 240 -79.55 19.37 -28.24
CA ALA I 240 -78.97 18.13 -28.75
C ALA I 240 -80.00 17.43 -29.63
N ASN I 241 -79.75 17.45 -30.94
CA ASN I 241 -80.61 16.71 -31.86
C ASN I 241 -80.23 15.23 -31.88
N MET I 242 -78.95 14.94 -31.95
CA MET I 242 -78.43 13.59 -31.80
C MET I 242 -77.97 13.39 -30.37
N TRP I 243 -78.26 12.21 -29.81
CA TRP I 243 -77.85 11.93 -28.45
C TRP I 243 -76.35 11.88 -28.29
N MET I 244 -75.61 11.68 -29.39
CA MET I 244 -74.15 11.66 -29.29
C MET I 244 -73.59 13.03 -28.94
N HIS I 245 -74.11 14.08 -29.56
CA HIS I 245 -73.66 15.42 -29.23
C HIS I 245 -73.77 15.68 -27.73
N TYR I 246 -74.86 15.23 -27.12
CA TYR I 246 -75.05 15.42 -25.70
C TYR I 246 -74.06 14.56 -24.90
N VAL I 247 -73.80 13.34 -25.36
CA VAL I 247 -72.81 12.50 -24.70
C VAL I 247 -71.42 13.11 -24.83
N ASP I 248 -71.07 13.56 -26.03
CA ASP I 248 -69.75 14.12 -26.26
C ASP I 248 -69.50 15.33 -25.37
N TRP I 249 -70.52 16.19 -25.22
CA TRP I 249 -70.34 17.44 -24.50
C TRP I 249 -70.03 17.21 -23.03
N GLU I 250 -70.79 16.32 -22.38
CA GLU I 250 -70.54 16.09 -20.96
C GLU I 250 -69.30 15.25 -20.71
N VAL I 251 -68.98 14.34 -21.63
CA VAL I 251 -67.73 13.59 -21.50
C VAL I 251 -66.56 14.55 -21.46
N GLU I 252 -66.52 15.49 -22.40
CA GLU I 252 -65.48 16.51 -22.41
C GLU I 252 -65.58 17.43 -21.19
N LEU I 253 -66.77 17.57 -20.62
CA LEU I 253 -66.99 18.43 -19.46
C LEU I 253 -66.69 17.72 -18.15
N GLN I 254 -67.28 16.54 -17.95
CA GLN I 254 -67.02 15.78 -16.73
C GLN I 254 -65.53 15.49 -16.57
N PHE I 255 -64.81 15.36 -17.70
CA PHE I 255 -63.37 15.09 -17.61
C PHE I 255 -62.62 16.30 -17.09
N ASP I 256 -63.02 17.50 -17.51
CA ASP I 256 -62.40 18.71 -16.96
C ASP I 256 -62.76 18.90 -15.50
N GLU I 257 -64.02 18.63 -15.15
CA GLU I 257 -64.42 18.62 -13.76
C GLU I 257 -63.51 17.69 -12.94
N TYR I 258 -63.25 16.50 -13.47
CA TYR I 258 -62.28 15.60 -12.86
C TYR I 258 -60.95 16.30 -12.62
N LYS I 259 -60.35 16.82 -13.70
CA LYS I 259 -58.99 17.36 -13.61
C LYS I 259 -58.91 18.52 -12.64
N ASN I 260 -59.92 19.38 -12.62
CA ASN I 260 -59.84 20.58 -11.80
C ASN I 260 -60.06 20.27 -10.32
N ASN I 261 -61.03 19.40 -10.02
CA ASN I 261 -61.18 18.94 -8.65
C ASN I 261 -59.91 18.26 -8.15
N ALA I 262 -59.11 17.71 -9.06
CA ALA I 262 -57.84 17.11 -8.66
C ALA I 262 -56.82 18.20 -8.35
N MET I 263 -56.60 19.12 -9.30
CA MET I 263 -55.65 20.21 -9.08
C MET I 263 -55.88 20.92 -7.76
N ALA I 264 -57.14 21.07 -7.36
CA ALA I 264 -57.51 21.92 -6.24
C ALA I 264 -57.87 21.11 -5.00
N TRP I 265 -58.79 20.16 -5.11
CA TRP I 265 -59.33 19.44 -3.97
C TRP I 265 -58.79 18.02 -3.88
N GLY I 266 -57.54 17.81 -4.27
CA GLY I 266 -56.92 16.50 -4.18
C GLY I 266 -56.08 16.33 -2.93
N THR I 267 -55.94 15.08 -2.50
CA THR I 267 -55.22 14.72 -1.28
C THR I 267 -54.07 13.76 -1.61
N SER I 268 -53.28 13.46 -0.59
CA SER I 268 -52.19 12.52 -0.69
C SER I 268 -52.49 11.26 0.12
N ASN I 269 -51.85 10.16 -0.29
CA ASN I 269 -52.03 8.86 0.35
C ASN I 269 -50.68 8.25 0.71
N ARG I 270 -49.64 9.07 0.81
CA ARG I 270 -48.26 8.60 0.82
C ARG I 270 -47.72 8.67 2.25
N ASN I 271 -47.49 7.50 2.84
CA ASN I 271 -47.02 7.41 4.21
C ASN I 271 -45.74 8.20 4.40
N LEU I 272 -45.40 8.49 5.65
CA LEU I 272 -44.14 9.16 5.94
C LEU I 272 -42.94 8.27 5.65
N ASN I 273 -43.16 6.97 5.46
CA ASN I 273 -42.11 6.05 5.03
C ASN I 273 -41.90 6.03 3.53
N GLY I 274 -42.74 6.72 2.77
CA GLY I 274 -42.70 6.67 1.33
C GLY I 274 -43.71 5.75 0.70
N GLU I 275 -44.51 5.05 1.50
CA GLU I 275 -45.47 4.09 0.99
C GLU I 275 -46.81 4.76 0.73
N TYR I 276 -47.56 4.17 -0.21
CA TYR I 276 -48.94 4.55 -0.44
C TYR I 276 -49.88 3.55 0.21
N MET I 277 -51.05 4.03 0.64
CA MET I 277 -51.99 3.23 1.38
C MET I 277 -53.18 2.76 0.55
N ASN I 278 -53.17 3.03 -0.75
CA ASN I 278 -54.28 2.61 -1.62
C ASN I 278 -53.69 2.08 -2.93
N PHE I 279 -54.07 0.84 -3.26
CA PHE I 279 -53.54 0.16 -4.43
C PHE I 279 -54.67 -0.08 -5.43
N GLY I 280 -54.36 0.11 -6.70
CA GLY I 280 -55.34 0.02 -7.75
C GLY I 280 -55.69 -1.40 -8.12
N LYS I 281 -56.35 -1.52 -9.27
CA LYS I 281 -56.78 -2.83 -9.76
C LYS I 281 -55.62 -3.63 -10.31
N SER I 282 -54.64 -2.97 -10.90
CA SER I 282 -53.40 -3.63 -11.31
C SER I 282 -52.67 -4.23 -10.13
N GLY I 283 -52.98 -3.79 -8.92
CA GLY I 283 -52.20 -4.11 -7.75
C GLY I 283 -51.14 -3.08 -7.42
N ASN I 284 -50.88 -2.16 -8.32
CA ASN I 284 -49.92 -1.09 -8.08
C ASN I 284 -50.56 0.00 -7.23
N ALA I 285 -49.71 0.83 -6.63
CA ALA I 285 -50.19 1.89 -5.79
C ALA I 285 -50.74 3.05 -6.62
N ILE I 286 -51.82 3.64 -6.14
CA ILE I 286 -52.32 4.90 -6.69
C ILE I 286 -51.58 6.04 -6.01
N LYS I 287 -50.96 6.90 -6.81
CA LYS I 287 -50.05 7.93 -6.32
C LYS I 287 -50.71 9.29 -6.56
N THR I 288 -51.49 9.73 -5.57
CA THR I 288 -52.22 10.99 -5.67
C THR I 288 -51.40 12.12 -5.05
N GLY I 289 -51.06 13.12 -5.85
CA GLY I 289 -50.42 14.30 -5.33
C GLY I 289 -51.45 15.26 -4.74
N ALA I 290 -51.07 15.90 -3.65
CA ALA I 290 -51.98 16.82 -2.98
C ALA I 290 -52.22 18.05 -3.85
N GLY I 291 -53.39 18.66 -3.66
CA GLY I 291 -53.80 19.80 -4.42
C GLY I 291 -53.44 21.12 -3.76
N ILE I 292 -54.16 22.17 -4.16
CA ILE I 292 -53.84 23.52 -3.70
C ILE I 292 -54.30 23.72 -2.26
N PHE I 293 -55.51 23.30 -1.94
CA PHE I 293 -56.07 23.50 -0.61
C PHE I 293 -55.59 22.47 0.40
N GLU I 294 -54.56 21.70 0.07
CA GLU I 294 -53.93 20.81 1.04
C GLU I 294 -52.43 21.07 1.08
N GLN I 295 -51.88 21.57 -0.04
CA GLN I 295 -50.49 22.01 -0.05
C GLN I 295 -50.34 23.33 0.70
N THR I 296 -51.25 24.27 0.46
CA THR I 296 -51.19 25.58 1.08
C THR I 296 -51.70 25.57 2.52
N GLU I 297 -52.53 24.61 2.88
CA GLU I 297 -53.18 24.60 4.19
C GLU I 297 -52.31 23.99 5.27
N VAL I 298 -51.06 23.63 4.95
CA VAL I 298 -50.17 23.02 5.93
C VAL I 298 -49.43 24.06 6.75
N ALA I 299 -49.70 25.34 6.53
CA ALA I 299 -49.06 26.40 7.30
C ALA I 299 -49.98 27.61 7.28
N ASN I 300 -50.12 28.24 8.45
CA ASN I 300 -50.83 29.52 8.59
C ASN I 300 -52.34 29.36 8.39
N THR I 301 -52.87 28.19 8.71
CA THR I 301 -54.29 27.91 8.56
C THR I 301 -54.92 27.85 9.94
N MET I 302 -55.97 28.66 10.15
CA MET I 302 -56.65 28.73 11.43
C MET I 302 -58.12 28.39 11.26
N TYR I 303 -58.64 27.59 12.20
CA TYR I 303 -60.05 27.22 12.24
C TYR I 303 -60.70 27.97 13.38
N TYR I 304 -61.65 28.85 13.06
CA TYR I 304 -62.31 29.69 14.05
C TYR I 304 -63.77 29.32 14.23
N ASN I 305 -64.31 29.72 15.39
CA ASN I 305 -65.74 29.61 15.67
C ASN I 305 -66.43 30.96 15.76
N THR I 306 -65.69 32.04 15.98
CA THR I 306 -66.24 33.39 16.06
C THR I 306 -65.28 34.34 15.37
N PHE I 307 -65.80 35.09 14.40
CA PHE I 307 -64.97 36.03 13.64
C PHE I 307 -64.82 37.32 14.42
N SER I 308 -63.58 37.71 14.68
CA SER I 308 -63.25 38.97 15.32
C SER I 308 -62.16 39.66 14.52
N LEU I 309 -62.35 40.95 14.25
CA LEU I 309 -61.33 41.69 13.52
C LEU I 309 -60.04 41.77 14.31
N LYS I 310 -60.11 41.70 15.64
CA LYS I 310 -58.91 41.60 16.45
C LYS I 310 -58.12 40.36 16.09
N LEU I 311 -58.79 39.20 16.08
CA LEU I 311 -58.13 37.95 15.76
C LEU I 311 -57.48 38.01 14.39
N LEU I 312 -58.19 38.54 13.40
CA LEU I 312 -57.64 38.59 12.04
C LEU I 312 -56.40 39.48 11.98
N GLU I 313 -56.48 40.68 12.56
CA GLU I 313 -55.35 41.60 12.47
C GLU I 313 -54.15 41.11 13.27
N ASP I 314 -54.38 40.40 14.38
CA ASP I 314 -53.26 39.84 15.13
C ASP I 314 -52.51 38.83 14.29
N ALA I 315 -53.23 37.85 13.71
CA ALA I 315 -52.63 36.92 12.77
C ALA I 315 -51.77 37.65 11.73
N LEU I 316 -52.36 38.65 11.08
CA LEU I 316 -51.65 39.35 10.01
C LEU I 316 -50.43 40.08 10.54
N TYR I 317 -50.51 40.69 11.72
CA TYR I 317 -49.40 41.49 12.22
C TYR I 317 -48.27 40.59 12.72
N GLU I 318 -48.58 39.65 13.60
CA GLU I 318 -47.59 38.68 14.06
C GLU I 318 -46.80 38.14 12.88
N LEU I 319 -47.51 37.73 11.83
CA LEU I 319 -46.85 37.29 10.62
C LEU I 319 -46.04 38.41 9.98
N SER I 320 -46.63 39.60 9.87
CA SER I 320 -45.98 40.66 9.10
C SER I 320 -44.78 41.23 9.83
N ALA I 321 -44.88 41.37 11.15
CA ALA I 321 -43.74 41.81 11.94
C ALA I 321 -42.54 40.88 11.73
N SER I 322 -42.80 39.59 11.52
CA SER I 322 -41.74 38.61 11.44
C SER I 322 -41.25 38.37 10.02
N LYS I 323 -42.07 38.65 9.02
CA LYS I 323 -41.80 38.20 7.66
C LYS I 323 -41.89 39.29 6.60
N LEU I 324 -42.37 40.49 6.92
CA LEU I 324 -42.59 41.51 5.92
C LEU I 324 -42.17 42.87 6.46
N ALA I 325 -41.85 43.77 5.54
CA ALA I 325 -41.55 45.15 5.85
C ALA I 325 -42.83 45.98 5.82
N MET I 326 -42.74 47.18 6.40
CA MET I 326 -43.92 48.01 6.54
C MET I 326 -44.52 48.40 5.20
N ASP I 327 -43.71 48.41 4.14
CA ASP I 327 -44.17 48.77 2.81
C ASP I 327 -44.72 47.58 2.03
N ASP I 328 -44.76 46.40 2.62
CA ASP I 328 -45.20 45.19 1.94
C ASP I 328 -46.18 44.41 2.83
N ARG I 329 -47.16 45.12 3.39
CA ARG I 329 -48.13 44.52 4.29
C ARG I 329 -49.56 44.69 3.77
N LEU I 330 -49.71 44.73 2.45
CA LEU I 330 -51.03 44.70 1.83
C LEU I 330 -51.46 43.25 1.67
N PHE I 331 -52.57 42.88 2.31
CA PHE I 331 -53.09 41.51 2.29
C PHE I 331 -54.43 41.51 1.60
N VAL I 332 -54.48 40.98 0.40
CA VAL I 332 -55.73 40.80 -0.32
C VAL I 332 -56.33 39.47 0.10
N ILE I 333 -57.64 39.48 0.33
CA ILE I 333 -58.36 38.34 0.87
C ILE I 333 -59.39 37.90 -0.16
N LYS I 334 -59.36 36.62 -0.52
CA LYS I 334 -60.37 36.02 -1.37
C LYS I 334 -61.35 35.26 -0.50
N THR I 335 -62.63 35.54 -0.68
CA THR I 335 -63.68 34.89 0.09
C THR I 335 -64.99 35.05 -0.64
N GLY I 336 -66.06 34.52 -0.05
CA GLY I 336 -67.38 34.63 -0.62
C GLY I 336 -68.02 35.97 -0.35
N GLU I 337 -69.29 36.07 -0.69
CA GLU I 337 -70.04 37.29 -0.43
C GLU I 337 -70.45 37.38 1.03
N ARG I 338 -70.74 36.24 1.65
CA ARG I 338 -71.16 36.24 3.05
C ARG I 338 -70.00 36.63 3.96
N GLY I 339 -68.79 36.25 3.60
CA GLY I 339 -67.63 36.72 4.35
C GLY I 339 -67.42 38.21 4.21
N ALA I 340 -67.75 38.75 3.04
CA ALA I 340 -67.62 40.19 2.83
C ALA I 340 -68.55 40.98 3.74
N ILE I 341 -69.79 40.52 3.89
CA ILE I 341 -70.73 41.22 4.78
C ILE I 341 -70.38 40.97 6.23
N GLN I 342 -69.85 39.78 6.54
CA GLN I 342 -69.38 39.52 7.90
C GLN I 342 -68.19 40.40 8.23
N PHE I 343 -67.29 40.58 7.26
CA PHE I 343 -66.23 41.58 7.40
C PHE I 343 -66.81 42.96 7.63
N HIS I 344 -67.77 43.35 6.80
CA HIS I 344 -68.40 44.67 6.93
C HIS I 344 -69.01 44.84 8.31
N LYS I 345 -69.72 43.82 8.79
CA LYS I 345 -70.39 43.94 10.09
C LYS I 345 -69.38 44.13 11.22
N GLU I 346 -68.27 43.39 11.19
CA GLU I 346 -67.31 43.48 12.28
C GLU I 346 -66.53 44.78 12.21
N VAL I 347 -66.14 45.20 11.01
CA VAL I 347 -65.53 46.51 10.83
C VAL I 347 -66.47 47.60 11.33
N LEU I 348 -67.76 47.44 11.09
CA LEU I 348 -68.74 48.40 11.56
C LEU I 348 -68.90 48.32 13.07
N LYS I 349 -69.11 47.10 13.59
CA LYS I 349 -69.17 46.90 15.02
C LYS I 349 -67.95 47.51 15.73
N THR I 350 -66.84 47.61 15.01
CA THR I 350 -65.61 48.16 15.57
C THR I 350 -65.60 49.68 15.50
N VAL I 351 -65.81 50.24 14.31
CA VAL I 351 -65.87 51.69 14.16
C VAL I 351 -66.99 52.26 15.01
N SER I 352 -68.03 51.46 15.29
CA SER I 352 -69.10 51.94 16.16
C SER I 352 -68.63 52.12 17.59
N GLY I 353 -67.61 51.38 18.00
CA GLY I 353 -67.01 51.54 19.30
C GLY I 353 -65.96 52.62 19.35
N TRP I 354 -65.81 53.40 18.29
CA TRP I 354 -64.91 54.55 18.26
C TRP I 354 -65.63 55.82 18.73
N THR I 355 -66.23 55.73 19.91
CA THR I 355 -66.93 56.87 20.49
C THR I 355 -66.03 58.09 20.59
N THR I 356 -64.72 57.90 20.51
CA THR I 356 -63.80 59.04 20.46
C THR I 356 -64.04 59.90 19.23
N PHE I 357 -64.53 59.31 18.14
CA PHE I 357 -64.69 60.02 16.89
C PHE I 357 -66.17 60.17 16.55
N VAL I 358 -66.43 61.00 15.55
CA VAL I 358 -67.77 61.29 15.06
C VAL I 358 -67.73 61.13 13.55
N LEU I 359 -68.42 60.12 13.03
CA LEU I 359 -68.42 59.82 11.60
C LEU I 359 -69.49 60.66 10.93
N ASP I 360 -69.07 61.57 10.06
CA ASP I 360 -69.95 62.53 9.44
C ASP I 360 -70.22 62.17 7.99
N ASN I 361 -71.41 62.53 7.52
CA ASN I 361 -71.82 62.21 6.16
C ASN I 361 -71.02 62.96 5.11
N ASN I 362 -70.45 64.11 5.45
CA ASN I 362 -69.75 64.91 4.44
C ASN I 362 -68.54 64.16 3.91
N SER I 363 -67.93 63.34 4.76
CA SER I 363 -66.75 62.56 4.39
C SER I 363 -67.12 61.15 3.93
N THR I 364 -67.95 60.46 4.70
CA THR I 364 -68.33 59.09 4.36
C THR I 364 -69.27 59.03 3.16
N ARG I 365 -70.21 59.98 3.09
CA ARG I 365 -71.26 59.96 2.07
C ARG I 365 -72.11 58.69 2.17
N VAL I 366 -72.47 58.31 3.40
CA VAL I 366 -73.40 57.20 3.58
C VAL I 366 -74.79 57.53 3.08
N VAL I 367 -75.08 58.82 2.87
CA VAL I 367 -76.36 59.26 2.33
C VAL I 367 -76.02 60.25 1.22
N GLU I 368 -75.99 59.77 -0.01
CA GLU I 368 -75.63 60.59 -1.15
C GLU I 368 -76.87 61.28 -1.71
N LYS I 369 -76.66 62.26 -2.57
CA LYS I 369 -77.74 62.98 -3.23
C LYS I 369 -77.79 62.54 -4.68
N VAL I 370 -78.98 62.14 -5.13
CA VAL I 370 -79.16 61.60 -6.46
C VAL I 370 -80.19 62.41 -7.20
N GLN I 371 -80.03 62.52 -8.51
CA GLN I 371 -81.03 63.16 -9.35
C GLN I 371 -82.26 62.28 -9.44
N SER I 372 -83.43 62.90 -9.46
CA SER I 372 -84.68 62.16 -9.48
C SER I 372 -85.77 63.03 -10.07
N ARG I 373 -86.93 62.39 -10.25
CA ARG I 373 -88.14 63.07 -10.70
C ARG I 373 -89.04 63.49 -9.54
N LEU I 374 -88.84 62.90 -8.36
CA LEU I 374 -89.78 63.01 -7.26
C LEU I 374 -89.47 64.15 -6.30
N HIS I 375 -88.33 64.82 -6.43
CA HIS I 375 -87.98 65.85 -5.47
C HIS I 375 -86.73 66.55 -5.99
N SER I 376 -86.48 67.74 -5.45
CA SER I 376 -85.32 68.53 -5.88
C SER I 376 -84.06 68.14 -5.14
N ASN I 377 -84.18 67.80 -3.87
CA ASN I 377 -83.11 67.22 -3.06
C ASN I 377 -83.53 65.81 -2.70
N ALA I 378 -83.23 64.87 -3.59
CA ALA I 378 -83.47 63.45 -3.37
C ALA I 378 -82.19 62.77 -2.95
N LEU I 379 -82.31 61.73 -2.13
CA LEU I 379 -81.18 61.16 -1.44
C LEU I 379 -81.05 59.68 -1.73
N SER I 380 -79.80 59.21 -1.72
CA SER I 380 -79.44 57.81 -1.89
C SER I 380 -78.64 57.38 -0.67
N ALA I 381 -79.07 56.29 -0.03
CA ALA I 381 -78.50 55.85 1.23
C ALA I 381 -77.90 54.46 1.08
N GLY I 382 -76.70 54.28 1.59
CA GLY I 382 -76.04 53.00 1.59
C GLY I 382 -74.55 53.14 1.71
N PHE I 383 -73.93 52.09 2.24
CA PHE I 383 -72.49 52.07 2.45
C PHE I 383 -72.05 50.65 2.76
N GLN I 384 -70.75 50.41 2.60
CA GLN I 384 -70.16 49.12 2.93
C GLN I 384 -68.68 49.32 3.26
N PHE I 385 -68.22 48.60 4.28
CA PHE I 385 -66.79 48.55 4.60
C PHE I 385 -66.17 47.40 3.83
N VAL I 386 -65.21 47.72 2.95
CA VAL I 386 -64.55 46.74 2.12
C VAL I 386 -63.07 46.60 2.46
N GLU I 387 -62.59 47.33 3.45
CA GLU I 387 -61.14 47.39 3.67
C GLU I 387 -60.87 47.88 5.09
N TYR I 388 -59.73 47.44 5.62
CA TYR I 388 -59.26 47.85 6.93
C TYR I 388 -57.81 48.28 6.83
N LYS I 389 -57.40 49.17 7.74
CA LYS I 389 -56.05 49.74 7.75
C LYS I 389 -55.55 49.68 9.18
N ALA I 390 -54.89 48.57 9.51
CA ALA I 390 -54.39 48.34 10.85
C ALA I 390 -53.05 49.01 11.03
N PRO I 391 -52.55 49.07 12.27
CA PRO I 391 -51.31 49.81 12.53
C PRO I 391 -50.11 49.20 11.82
N ASN I 392 -49.14 50.06 11.52
CA ASN I 392 -47.86 49.65 10.96
C ASN I 392 -48.02 48.95 9.62
N GLY I 393 -48.59 49.64 8.64
CA GLY I 393 -48.62 49.17 7.27
C GLY I 393 -49.62 48.09 6.96
N VAL I 394 -50.10 47.35 7.96
CA VAL I 394 -51.02 46.24 7.73
C VAL I 394 -52.30 46.76 7.09
N ARG I 395 -52.53 46.41 5.84
CA ARG I 395 -53.73 46.77 5.11
C ARG I 395 -54.47 45.52 4.71
N VAL I 396 -55.79 45.52 4.89
CA VAL I 396 -56.63 44.37 4.62
C VAL I 396 -57.64 44.77 3.56
N ARG I 397 -57.44 44.28 2.34
CA ARG I 397 -58.40 44.46 1.28
C ARG I 397 -59.26 43.20 1.15
N LEU I 398 -60.14 43.19 0.16
CA LEU I 398 -61.16 42.16 0.04
C LEU I 398 -61.46 41.95 -1.43
N ASP I 399 -61.31 40.70 -1.89
CA ASP I 399 -61.49 40.34 -3.29
C ASP I 399 -62.45 39.14 -3.34
N VAL I 400 -63.74 39.42 -3.41
CA VAL I 400 -64.75 38.37 -3.37
C VAL I 400 -64.59 37.47 -4.58
N ASP I 401 -64.65 36.16 -4.36
CA ASP I 401 -64.61 35.17 -5.41
C ASP I 401 -65.88 34.34 -5.40
N PRO I 402 -66.49 34.06 -6.56
CA PRO I 402 -67.76 33.31 -6.55
C PRO I 402 -67.58 31.82 -6.32
N PHE I 403 -66.42 31.26 -6.65
CA PHE I 403 -66.16 29.86 -6.37
C PHE I 403 -66.44 29.52 -4.91
N TYR I 404 -66.34 30.50 -4.01
CA TYR I 404 -66.50 30.26 -2.59
C TYR I 404 -67.94 30.02 -2.18
N ASP I 405 -68.90 30.27 -3.07
CA ASP I 405 -70.32 30.17 -2.73
C ASP I 405 -71.00 28.96 -3.35
N ASP I 406 -70.27 28.13 -4.10
CA ASP I 406 -70.82 26.93 -4.73
C ASP I 406 -71.58 26.11 -3.70
N PRO I 407 -72.91 25.98 -3.82
CA PRO I 407 -73.66 25.19 -2.84
C PRO I 407 -73.63 23.69 -3.10
N VAL I 408 -72.98 23.24 -4.17
CA VAL I 408 -72.91 21.82 -4.49
C VAL I 408 -71.74 21.15 -3.79
N ARG I 409 -70.55 21.73 -3.94
CA ARG I 409 -69.31 21.15 -3.45
C ARG I 409 -69.09 21.38 -1.96
N ASN I 410 -69.94 22.17 -1.30
CA ASN I 410 -69.67 22.63 0.05
C ASN I 410 -70.60 21.98 1.07
N LYS I 411 -71.91 22.12 0.91
CA LYS I 411 -72.95 21.30 1.51
C LYS I 411 -73.15 21.57 2.99
N ILE I 412 -72.34 22.41 3.64
CA ILE I 412 -72.55 22.78 5.03
C ILE I 412 -72.90 24.26 5.06
N LEU I 413 -73.91 24.60 5.86
CA LEU I 413 -74.50 25.92 5.85
C LEU I 413 -74.21 26.65 7.16
N HIS I 414 -74.16 27.98 7.06
CA HIS I 414 -73.96 28.88 8.18
C HIS I 414 -75.30 29.40 8.68
N PRO I 415 -75.53 29.48 9.99
CA PRO I 415 -76.78 30.07 10.48
C PRO I 415 -77.00 31.50 10.01
N MET I 416 -75.95 32.21 9.59
CA MET I 416 -76.06 33.55 9.05
C MET I 416 -76.26 33.55 7.54
N GLY I 417 -76.76 32.47 6.99
CA GLY I 417 -77.05 32.42 5.56
C GLY I 417 -75.89 31.91 4.75
N GLY I 418 -76.22 31.27 3.64
CA GLY I 418 -75.20 30.81 2.72
C GLY I 418 -74.46 29.59 3.24
N VAL I 419 -73.37 29.29 2.54
CA VAL I 419 -72.51 28.16 2.88
C VAL I 419 -71.36 28.66 3.74
N ALA I 420 -70.82 27.76 4.55
CA ALA I 420 -69.73 28.13 5.44
C ALA I 420 -68.45 28.45 4.67
N PHE I 421 -68.27 27.81 3.52
CA PHE I 421 -67.12 28.13 2.68
C PHE I 421 -67.13 29.58 2.24
N SER I 422 -68.28 30.25 2.29
CA SER I 422 -68.32 31.68 2.01
C SER I 422 -67.67 32.47 3.13
N TYR I 423 -67.83 32.00 4.37
CA TYR I 423 -67.24 32.64 5.54
C TYR I 423 -65.82 32.11 5.77
N ARG I 424 -65.00 32.26 4.74
CA ARG I 424 -63.65 31.72 4.76
C ARG I 424 -62.73 32.70 4.06
N TYR I 425 -61.64 33.07 4.72
CA TYR I 425 -60.73 34.11 4.27
C TYR I 425 -59.38 33.49 3.95
N ASP I 426 -58.94 33.64 2.71
CA ASP I 426 -57.74 32.99 2.21
C ASP I 426 -56.83 34.05 1.60
N ILE I 427 -55.67 34.27 2.22
CA ILE I 427 -54.71 35.24 1.76
C ILE I 427 -53.70 34.49 0.88
N TRP I 428 -53.90 34.54 -0.43
CA TRP I 428 -52.93 34.03 -1.37
C TRP I 428 -51.93 35.13 -1.71
N TYR I 429 -50.70 34.71 -2.03
CA TYR I 429 -49.66 35.62 -2.50
C TYR I 429 -49.30 36.66 -1.44
N ILE I 430 -48.82 36.18 -0.30
CA ILE I 430 -48.24 37.05 0.71
C ILE I 430 -46.89 37.56 0.20
N GLY I 431 -46.77 38.87 0.07
CA GLY I 431 -45.53 39.47 -0.37
C GLY I 431 -45.23 39.19 -1.83
N THR I 432 -43.94 39.16 -2.16
CA THR I 432 -43.48 38.83 -3.49
C THR I 432 -42.41 37.74 -3.39
N MET I 433 -42.15 37.08 -4.51
CA MET I 433 -41.30 35.90 -4.50
C MET I 433 -40.22 35.85 -5.58
N ASP I 434 -40.26 36.69 -6.60
CA ASP I 434 -39.44 36.58 -7.80
C ASP I 434 -40.01 35.52 -8.73
N GLN I 435 -41.06 34.82 -8.36
CA GLN I 435 -41.62 33.73 -9.15
C GLN I 435 -42.90 33.26 -8.47
N PRO I 436 -43.82 32.64 -9.20
CA PRO I 436 -45.06 32.16 -8.59
C PRO I 436 -44.80 31.09 -7.54
N ASN I 437 -45.53 31.20 -6.43
CA ASN I 437 -45.52 30.14 -5.43
C ASN I 437 -46.39 28.96 -5.85
N ILE I 438 -47.57 29.24 -6.39
CA ILE I 438 -48.49 28.21 -6.86
C ILE I 438 -48.52 28.26 -8.37
N PHE I 439 -48.31 27.11 -9.00
CA PHE I 439 -48.44 27.00 -10.45
C PHE I 439 -48.88 25.59 -10.78
N LYS I 440 -49.67 25.48 -11.84
CA LYS I 440 -50.08 24.18 -12.33
C LYS I 440 -48.92 23.54 -13.08
N CYS I 441 -48.80 22.23 -12.97
CA CYS I 441 -47.67 21.50 -13.51
C CYS I 441 -48.13 20.70 -14.71
N LYS I 442 -47.47 20.95 -15.84
CA LYS I 442 -47.80 20.35 -17.12
C LYS I 442 -46.60 19.56 -17.62
N ILE I 443 -46.85 18.68 -18.58
CA ILE I 443 -45.80 17.88 -19.21
C ILE I 443 -45.69 18.30 -20.66
N LYS I 444 -44.46 18.55 -21.11
CA LYS I 444 -44.24 18.98 -22.48
C LYS I 444 -44.74 17.93 -23.46
N GLY I 445 -45.34 18.40 -24.55
CA GLY I 445 -45.86 17.51 -25.57
C GLY I 445 -47.33 17.19 -25.35
N ASP I 446 -47.61 15.98 -24.87
CA ASP I 446 -48.99 15.56 -24.65
C ASP I 446 -49.02 14.44 -23.62
N ASN I 447 -49.89 14.58 -22.63
CA ASN I 447 -50.25 13.49 -21.73
C ASN I 447 -51.76 13.46 -21.53
N GLU I 448 -52.49 13.67 -22.62
CA GLU I 448 -53.93 13.53 -22.64
C GLU I 448 -54.29 12.57 -23.77
N TYR I 449 -54.75 11.39 -23.42
CA TYR I 449 -54.99 10.32 -24.37
C TYR I 449 -56.47 10.02 -24.48
N ARG I 450 -56.87 9.55 -25.64
CA ARG I 450 -58.24 9.14 -25.91
C ARG I 450 -58.24 7.78 -26.58
N GLY I 451 -59.28 7.00 -26.31
CA GLY I 451 -59.38 5.66 -26.86
C GLY I 451 -60.82 5.25 -27.06
N TYR I 452 -61.00 4.33 -27.99
CA TYR I 452 -62.32 3.80 -28.32
C TYR I 452 -62.25 2.28 -28.36
N GLN I 453 -62.93 1.64 -27.43
CA GLN I 453 -62.96 0.18 -27.29
C GLN I 453 -64.35 -0.27 -27.72
N TRP I 454 -64.50 -0.58 -29.00
CA TRP I 454 -65.81 -0.81 -29.60
C TRP I 454 -65.81 -2.11 -30.38
N GLY I 455 -67.03 -2.52 -30.73
CA GLY I 455 -67.24 -3.68 -31.57
C GLY I 455 -67.43 -3.33 -33.02
N ILE I 456 -68.68 -3.44 -33.49
CA ILE I 456 -68.99 -3.35 -34.91
C ILE I 456 -69.36 -1.93 -35.36
N ARG I 457 -69.41 -0.95 -34.46
CA ARG I 457 -69.69 0.40 -34.91
C ARG I 457 -69.41 1.41 -33.80
N ASN I 458 -68.85 2.56 -34.20
CA ASN I 458 -68.64 3.72 -33.32
C ASN I 458 -69.82 4.67 -33.34
N PRO I 459 -70.69 4.63 -32.32
CA PRO I 459 -71.60 5.76 -32.14
C PRO I 459 -70.86 7.08 -31.99
N PHE I 460 -69.63 7.05 -31.45
CA PHE I 460 -68.89 8.28 -31.20
C PHE I 460 -68.40 8.92 -32.48
N THR I 461 -67.53 8.22 -33.21
CA THR I 461 -66.94 8.77 -34.42
C THR I 461 -67.85 8.66 -35.64
N GLY I 462 -68.84 7.79 -35.59
CA GLY I 462 -69.72 7.57 -36.73
C GLY I 462 -69.24 6.50 -37.67
N GLN I 463 -68.60 5.46 -37.16
CA GLN I 463 -68.03 4.40 -37.97
C GLN I 463 -68.93 3.17 -37.90
N LYS I 464 -69.15 2.54 -39.05
CA LYS I 464 -70.14 1.47 -39.17
C LYS I 464 -69.55 0.08 -39.28
N GLY I 465 -68.36 -0.05 -39.86
CA GLY I 465 -67.68 -1.33 -39.94
C GLY I 465 -66.32 -1.26 -39.26
N ASN I 466 -65.98 -2.32 -38.53
CA ASN I 466 -64.75 -2.37 -37.78
C ASN I 466 -63.78 -3.37 -38.39
N PRO I 467 -62.65 -2.93 -38.97
CA PRO I 467 -61.63 -3.89 -39.38
C PRO I 467 -60.94 -4.57 -38.22
N TYR I 468 -60.94 -3.94 -37.03
CA TYR I 468 -60.30 -4.47 -35.84
C TYR I 468 -61.31 -4.43 -34.71
N MET I 469 -62.10 -5.49 -34.59
CA MET I 469 -63.10 -5.55 -33.53
C MET I 469 -62.45 -5.84 -32.19
N SER I 470 -62.87 -5.11 -31.17
CA SER I 470 -62.35 -5.30 -29.82
C SER I 470 -63.12 -6.38 -29.07
N PHE I 471 -64.35 -6.65 -29.48
CA PHE I 471 -65.19 -7.68 -28.87
C PHE I 471 -66.46 -7.77 -29.68
N ASP I 472 -67.35 -8.69 -29.30
CA ASP I 472 -68.61 -8.92 -30.01
C ASP I 472 -69.76 -8.58 -29.08
N GLU I 473 -70.07 -7.29 -28.98
CA GLU I 473 -71.21 -6.83 -28.19
C GLU I 473 -72.09 -5.81 -28.89
N ASP I 474 -71.61 -5.15 -29.96
CA ASP I 474 -72.31 -4.01 -30.54
C ASP I 474 -72.48 -2.92 -29.49
N SER I 475 -71.32 -2.45 -29.04
CA SER I 475 -71.23 -1.40 -28.04
C SER I 475 -70.04 -0.51 -28.39
N ALA I 476 -69.70 0.38 -27.48
CA ALA I 476 -68.58 1.28 -27.69
C ALA I 476 -68.23 1.93 -26.36
N VAL I 477 -66.93 2.01 -26.08
CA VAL I 477 -66.44 2.53 -24.81
C VAL I 477 -65.36 3.54 -25.11
N ILE I 478 -65.51 4.74 -24.55
CA ILE I 478 -64.53 5.81 -24.72
C ILE I 478 -63.70 5.87 -23.45
N HIS I 479 -62.42 6.16 -23.62
CA HIS I 479 -61.47 6.26 -22.53
C HIS I 479 -60.67 7.54 -22.68
N ARG I 480 -60.37 8.18 -21.56
CA ARG I 480 -59.56 9.37 -21.56
C ARG I 480 -58.64 9.33 -20.35
N MET I 481 -57.35 9.57 -20.59
CA MET I 481 -56.35 9.63 -19.53
C MET I 481 -55.74 11.03 -19.51
N ALA I 482 -55.33 11.44 -18.31
CA ALA I 482 -54.61 12.70 -18.17
C ALA I 482 -53.90 12.69 -16.83
N THR I 483 -52.60 12.92 -16.87
CA THR I 483 -51.80 13.07 -15.66
C THR I 483 -51.45 14.54 -15.49
N LEU I 484 -51.40 14.98 -14.24
CA LEU I 484 -51.30 16.39 -13.94
C LEU I 484 -50.79 16.55 -12.52
N GLY I 485 -50.54 17.80 -12.14
CA GLY I 485 -50.06 18.09 -10.81
C GLY I 485 -49.94 19.58 -10.59
N VAL I 486 -49.79 19.95 -9.32
CA VAL I 486 -49.62 21.34 -8.91
C VAL I 486 -48.52 21.40 -7.86
N CYS I 487 -47.79 22.51 -7.86
CA CYS I 487 -46.71 22.73 -6.92
C CYS I 487 -46.98 23.99 -6.11
N VAL I 488 -46.79 23.89 -4.81
CA VAL I 488 -46.83 25.04 -3.91
C VAL I 488 -45.47 25.08 -3.21
N LEU I 489 -44.58 25.93 -3.71
CA LEU I 489 -43.21 25.96 -3.20
C LEU I 489 -43.18 26.25 -1.70
N ASP I 490 -43.95 27.23 -1.25
CA ASP I 490 -43.90 27.70 0.13
C ASP I 490 -45.33 27.85 0.67
N PRO I 491 -45.82 26.87 1.45
CA PRO I 491 -47.16 27.03 2.05
C PRO I 491 -47.24 28.13 3.09
N THR I 492 -46.12 28.49 3.72
CA THR I 492 -46.15 29.51 4.77
C THR I 492 -46.58 30.87 4.24
N ARG I 493 -46.50 31.07 2.92
CA ARG I 493 -46.91 32.32 2.30
C ARG I 493 -48.39 32.36 1.96
N THR I 494 -49.19 31.52 2.60
CA THR I 494 -50.62 31.43 2.35
C THR I 494 -51.33 31.27 3.68
N MET I 495 -52.13 32.25 4.05
CA MET I 495 -52.89 32.24 5.28
C MET I 495 -54.35 31.96 4.98
N SER I 496 -54.99 31.22 5.88
CA SER I 496 -56.37 30.81 5.70
C SER I 496 -57.08 30.83 7.05
N LEU I 497 -58.23 31.49 7.11
CA LEU I 497 -59.14 31.39 8.24
C LEU I 497 -60.32 30.52 7.83
N ILE I 498 -60.54 29.46 8.60
CA ILE I 498 -61.57 28.48 8.28
C ILE I 498 -62.61 28.49 9.40
N PRO I 499 -63.90 28.36 9.09
CA PRO I 499 -64.86 28.03 10.13
C PRO I 499 -64.52 26.70 10.77
N ALA I 500 -64.60 26.64 12.09
CA ALA I 500 -64.25 25.44 12.82
C ALA I 500 -65.21 24.29 12.57
N ILE I 501 -66.35 24.55 11.92
CA ILE I 501 -67.27 23.48 11.58
C ILE I 501 -66.76 22.68 10.39
N LEU I 502 -65.84 23.24 9.61
CA LEU I 502 -65.22 22.56 8.48
C LEU I 502 -63.99 21.76 8.90
N GLN I 503 -63.88 21.39 10.17
CA GLN I 503 -62.75 20.63 10.68
C GLN I 503 -63.29 19.39 11.39
N GLY I 504 -62.95 18.22 10.87
CA GLY I 504 -63.36 16.96 11.48
C GLY I 504 -64.85 16.79 11.63
N MET J 1 -66.88 -39.07 -42.17
CA MET J 1 -67.90 -38.44 -41.30
C MET J 1 -67.35 -37.13 -40.75
N VAL J 2 -66.98 -36.25 -41.68
CA VAL J 2 -66.53 -34.91 -41.30
C VAL J 2 -67.55 -34.31 -40.34
N ILE J 3 -67.07 -33.72 -39.25
CA ILE J 3 -67.93 -33.23 -38.19
C ILE J 3 -67.57 -31.78 -37.90
N SER J 4 -68.42 -31.15 -37.09
CA SER J 4 -68.18 -29.81 -36.58
C SER J 4 -67.48 -29.91 -35.24
N ILE J 5 -66.50 -29.03 -35.03
CA ILE J 5 -65.61 -29.13 -33.88
C ILE J 5 -65.62 -27.80 -33.13
N ASN J 6 -65.59 -27.88 -31.80
CA ASN J 6 -65.33 -26.71 -30.97
C ASN J 6 -63.82 -26.53 -30.87
N GLN J 7 -63.24 -26.25 -32.03
CA GLN J 7 -61.82 -26.00 -32.27
C GLN J 7 -60.94 -27.25 -32.29
N VAL J 8 -61.42 -28.37 -31.75
CA VAL J 8 -60.71 -29.65 -31.82
C VAL J 8 -61.61 -30.78 -31.35
N ARG J 9 -61.36 -31.99 -31.84
CA ARG J 9 -61.82 -33.21 -31.22
C ARG J 9 -60.75 -34.28 -31.38
N GLN J 10 -60.49 -35.00 -30.30
CA GLN J 10 -59.51 -36.08 -30.29
C GLN J 10 -60.17 -37.35 -29.81
N LEU J 11 -59.85 -38.46 -30.46
CA LEU J 11 -60.43 -39.76 -30.15
C LEU J 11 -59.31 -40.74 -29.83
N TYR J 12 -59.48 -41.44 -28.71
CA TYR J 12 -58.58 -42.51 -28.31
C TYR J 12 -59.42 -43.75 -28.01
N VAL J 13 -58.94 -44.91 -28.46
CA VAL J 13 -59.68 -46.16 -28.35
C VAL J 13 -59.28 -46.85 -27.06
N ALA J 14 -60.27 -47.19 -26.24
CA ALA J 14 -60.05 -47.90 -24.99
C ALA J 14 -60.25 -49.40 -25.20
N LYS J 15 -59.38 -49.97 -26.04
CA LYS J 15 -59.46 -51.40 -26.32
C LYS J 15 -59.17 -52.23 -25.08
N ALA J 16 -58.43 -51.68 -24.13
CA ALA J 16 -58.14 -52.38 -22.88
C ALA J 16 -57.73 -51.36 -21.84
N LEU J 17 -58.20 -51.54 -20.62
CA LEU J 17 -57.91 -50.65 -19.51
C LEU J 17 -56.84 -51.28 -18.63
N LYS J 18 -55.73 -50.56 -18.46
CA LYS J 18 -54.63 -51.01 -17.65
C LYS J 18 -54.45 -50.08 -16.46
N ALA J 19 -53.81 -50.60 -15.40
CA ALA J 19 -53.70 -49.85 -14.16
C ALA J 19 -52.51 -48.88 -14.16
N ASN J 20 -51.45 -49.21 -14.89
CA ASN J 20 -50.23 -48.42 -14.85
C ASN J 20 -49.70 -48.23 -16.27
N THR J 21 -48.77 -47.28 -16.41
CA THR J 21 -48.14 -47.03 -17.70
C THR J 21 -47.28 -48.21 -18.13
N ALA J 22 -46.77 -49.00 -17.19
CA ALA J 22 -45.92 -50.13 -17.53
C ALA J 22 -46.69 -51.26 -18.19
N ALA J 23 -48.00 -51.35 -17.96
CA ALA J 23 -48.79 -52.43 -18.52
C ALA J 23 -49.26 -52.16 -19.94
N LEU J 24 -49.01 -50.97 -20.48
CA LEU J 24 -49.39 -50.65 -21.85
C LEU J 24 -48.51 -51.44 -22.81
N THR J 25 -49.05 -52.55 -23.33
CA THR J 25 -48.30 -53.44 -24.20
C THR J 25 -48.89 -53.54 -25.60
N THR J 26 -50.19 -53.77 -25.70
CA THR J 26 -50.86 -53.87 -26.99
C THR J 26 -51.40 -52.51 -27.41
N ALA J 27 -51.56 -52.33 -28.71
CA ALA J 27 -52.19 -51.11 -29.20
C ALA J 27 -53.64 -51.06 -28.73
N GLY J 28 -54.06 -49.90 -28.27
CA GLY J 28 -55.37 -49.70 -27.70
C GLY J 28 -55.40 -49.72 -26.18
N ASP J 29 -54.37 -50.28 -25.55
CA ASP J 29 -54.30 -50.23 -24.09
C ASP J 29 -54.27 -48.79 -23.63
N ILE J 30 -55.03 -48.49 -22.58
CA ILE J 30 -55.19 -47.13 -22.11
C ILE J 30 -55.23 -47.10 -20.59
N VAL J 31 -54.80 -45.98 -20.03
CA VAL J 31 -54.84 -45.77 -18.58
C VAL J 31 -55.13 -44.30 -18.32
N PRO J 32 -56.13 -43.95 -17.51
CA PRO J 32 -56.30 -42.55 -17.11
C PRO J 32 -55.28 -42.16 -16.05
N LYS J 33 -54.65 -41.02 -16.23
CA LYS J 33 -53.57 -40.56 -15.37
C LYS J 33 -53.91 -39.18 -14.82
N ALA J 34 -53.94 -39.07 -13.50
CA ALA J 34 -54.12 -37.80 -12.83
C ALA J 34 -53.28 -37.78 -11.55
N ASP J 35 -52.80 -36.61 -11.19
CA ASP J 35 -51.98 -36.48 -10.00
C ASP J 35 -52.84 -36.70 -8.76
N THR J 36 -52.19 -36.65 -7.59
CA THR J 36 -52.89 -36.90 -6.34
C THR J 36 -53.72 -35.69 -5.91
N ALA J 37 -53.25 -34.48 -6.22
CA ALA J 37 -54.02 -33.28 -5.94
C ALA J 37 -55.18 -33.11 -6.91
N LYS J 38 -55.20 -33.85 -8.00
CA LYS J 38 -56.27 -33.76 -8.99
C LYS J 38 -56.31 -32.37 -9.61
N THR J 39 -55.17 -31.92 -10.14
CA THR J 39 -55.09 -30.68 -10.88
C THR J 39 -55.24 -30.88 -12.38
N THR J 40 -54.62 -31.92 -12.93
CA THR J 40 -54.72 -32.23 -14.35
C THR J 40 -55.01 -33.72 -14.54
N LEU J 41 -55.66 -34.02 -15.66
CA LEU J 41 -55.95 -35.37 -16.08
C LEU J 41 -55.47 -35.56 -17.51
N TYR J 42 -54.89 -36.73 -17.77
CA TYR J 42 -54.45 -37.06 -19.12
C TYR J 42 -54.56 -38.57 -19.30
N PHE J 43 -54.46 -39.01 -20.54
CA PHE J 43 -54.57 -40.41 -20.90
C PHE J 43 -53.32 -40.88 -21.60
N GLN J 44 -52.82 -42.04 -21.20
CA GLN J 44 -51.68 -42.69 -21.83
C GLN J 44 -52.21 -43.88 -22.61
N SER J 45 -52.11 -43.81 -23.94
CA SER J 45 -52.62 -44.85 -24.83
C SER J 45 -51.48 -45.43 -25.64
N MET J 46 -51.52 -46.74 -25.83
CA MET J 46 -50.54 -47.42 -26.67
C MET J 46 -51.01 -47.38 -28.12
N SER J 47 -50.29 -46.61 -28.93
CA SER J 47 -50.49 -46.63 -30.36
C SER J 47 -49.69 -47.78 -30.96
N PRO J 48 -49.92 -48.10 -32.24
CA PRO J 48 -49.02 -49.05 -32.90
C PRO J 48 -47.56 -48.63 -32.83
N ALA J 49 -47.28 -47.34 -32.72
CA ALA J 49 -45.93 -46.83 -32.51
C ALA J 49 -45.85 -46.22 -31.11
N GLY J 50 -45.55 -47.05 -30.13
CA GLY J 50 -45.30 -46.58 -28.78
C GLY J 50 -46.50 -45.95 -28.11
N ILE J 51 -46.36 -45.67 -26.82
CA ILE J 51 -47.43 -45.03 -26.06
C ILE J 51 -47.47 -43.55 -26.38
N VAL J 52 -48.67 -43.04 -26.64
CA VAL J 52 -48.91 -41.61 -26.82
C VAL J 52 -49.75 -41.12 -25.66
N ALA J 53 -49.54 -39.87 -25.29
CA ALA J 53 -50.29 -39.23 -24.21
C ALA J 53 -51.24 -38.20 -24.81
N SER J 54 -52.42 -38.12 -24.23
CA SER J 54 -53.40 -37.14 -24.67
C SER J 54 -53.03 -35.75 -24.17
N ASP J 55 -53.87 -34.78 -24.52
CA ASP J 55 -53.75 -33.45 -23.95
C ASP J 55 -54.04 -33.51 -22.45
N LYS J 56 -53.49 -32.54 -21.72
CA LYS J 56 -53.70 -32.48 -20.29
C LYS J 56 -54.92 -31.60 -20.00
N ILE J 57 -55.80 -32.11 -19.16
CA ILE J 57 -57.07 -31.47 -18.85
C ILE J 57 -56.95 -30.84 -17.48
N ASN J 58 -57.00 -29.51 -17.43
CA ASN J 58 -57.08 -28.82 -16.15
C ASN J 58 -58.47 -29.05 -15.57
N LEU J 59 -58.54 -29.82 -14.48
CA LEU J 59 -59.81 -30.33 -14.00
C LEU J 59 -60.71 -29.24 -13.42
N LYS J 60 -60.26 -27.99 -13.42
CA LYS J 60 -61.10 -26.85 -13.09
C LYS J 60 -61.82 -26.29 -14.31
N HIS J 61 -61.37 -26.65 -15.51
CA HIS J 61 -61.85 -26.10 -16.76
C HIS J 61 -62.68 -27.09 -17.55
N VAL J 62 -63.25 -28.08 -16.88
CA VAL J 62 -64.03 -29.13 -17.53
C VAL J 62 -65.47 -28.62 -17.67
N LEU J 63 -65.93 -28.48 -18.92
CA LEU J 63 -67.26 -27.94 -19.16
C LEU J 63 -68.34 -29.00 -18.96
N TYR J 64 -68.15 -30.18 -19.55
CA TYR J 64 -69.08 -31.28 -19.33
C TYR J 64 -68.38 -32.58 -19.67
N ALA J 65 -68.93 -33.68 -19.13
CA ALA J 65 -68.35 -35.00 -19.34
C ALA J 65 -69.46 -36.03 -19.17
N LYS J 66 -69.95 -36.56 -20.29
CA LYS J 66 -71.01 -37.56 -20.29
C LYS J 66 -70.66 -38.69 -21.24
N ALA J 67 -71.19 -39.87 -20.95
CA ALA J 67 -70.96 -41.07 -21.73
C ALA J 67 -72.26 -41.61 -22.28
N THR J 68 -72.19 -42.26 -23.44
CA THR J 68 -73.35 -42.76 -24.15
C THR J 68 -73.40 -44.29 -24.12
N PRO J 69 -74.59 -44.87 -24.28
CA PRO J 69 -74.74 -46.32 -24.11
C PRO J 69 -74.61 -47.16 -25.38
N SER J 70 -74.32 -46.56 -26.53
CA SER J 70 -74.21 -47.19 -27.84
C SER J 70 -75.57 -47.57 -28.41
N GLU J 71 -76.66 -47.42 -27.66
CA GLU J 71 -78.00 -47.55 -28.20
C GLU J 71 -78.54 -46.22 -28.72
N ALA J 72 -78.00 -45.11 -28.22
CA ALA J 72 -78.40 -43.79 -28.70
C ALA J 72 -77.93 -43.55 -30.13
N LEU J 73 -76.80 -44.12 -30.51
CA LEU J 73 -76.21 -43.91 -31.82
C LEU J 73 -76.70 -44.90 -32.87
N ALA J 74 -77.56 -45.84 -32.48
CA ALA J 74 -78.11 -46.80 -33.43
C ALA J 74 -79.31 -46.20 -34.14
N HIS J 75 -79.45 -46.57 -35.42
CA HIS J 75 -80.53 -46.06 -36.28
C HIS J 75 -81.50 -47.20 -36.56
N LYS J 76 -82.69 -47.10 -36.01
CA LYS J 76 -83.75 -48.04 -36.33
C LYS J 76 -84.15 -47.88 -37.79
N LEU J 77 -84.46 -48.99 -38.44
CA LEU J 77 -84.84 -48.99 -39.85
C LEU J 77 -86.35 -48.81 -39.94
N VAL J 78 -86.77 -47.73 -40.59
CA VAL J 78 -88.18 -47.39 -40.68
C VAL J 78 -88.88 -48.35 -41.64
N ARG J 79 -90.04 -48.84 -41.23
CA ARG J 79 -90.85 -49.70 -42.09
C ARG J 79 -92.33 -49.42 -41.87
N TYR J 80 -93.04 -49.18 -42.97
CA TYR J 80 -94.47 -48.99 -42.94
C TYR J 80 -95.19 -50.31 -43.19
N SER J 81 -96.51 -50.27 -43.08
CA SER J 81 -97.39 -51.35 -43.51
C SER J 81 -98.43 -50.77 -44.45
N VAL J 82 -98.45 -51.24 -45.70
CA VAL J 82 -99.39 -50.76 -46.70
C VAL J 82 -100.59 -51.68 -46.72
N THR J 83 -101.77 -51.08 -46.93
CA THR J 83 -103.02 -51.81 -46.91
C THR J 83 -104.08 -50.95 -47.58
N LEU J 84 -105.01 -51.62 -48.27
CA LEU J 84 -106.11 -50.93 -48.92
C LEU J 84 -107.24 -50.73 -47.93
N ASP J 85 -107.74 -49.50 -47.84
CA ASP J 85 -108.68 -49.14 -46.79
C ASP J 85 -110.07 -49.69 -47.12
N ALA J 86 -110.71 -50.30 -46.12
CA ALA J 86 -112.06 -50.82 -46.29
C ALA J 86 -113.09 -49.73 -46.53
N ASP J 87 -112.71 -48.46 -46.33
CA ASP J 87 -113.65 -47.36 -46.58
C ASP J 87 -113.94 -47.23 -48.07
N VAL J 88 -112.91 -46.96 -48.86
CA VAL J 88 -113.06 -46.96 -50.32
C VAL J 88 -113.59 -48.31 -50.78
N SER J 89 -112.82 -49.37 -50.53
CA SER J 89 -113.24 -50.71 -50.83
C SER J 89 -112.32 -51.72 -50.16
N ALA J 90 -112.91 -52.69 -49.44
CA ALA J 90 -112.11 -53.72 -48.78
C ALA J 90 -111.49 -54.70 -49.77
N THR J 91 -111.80 -54.57 -51.06
CA THR J 91 -111.25 -55.43 -52.10
C THR J 91 -111.07 -54.59 -53.36
N PRO J 92 -110.10 -54.92 -54.20
CA PRO J 92 -109.85 -54.07 -55.38
C PRO J 92 -111.07 -54.01 -56.29
N VAL J 93 -111.26 -52.83 -56.89
CA VAL J 93 -112.34 -52.62 -57.85
C VAL J 93 -111.78 -52.85 -59.25
N ALA J 94 -112.52 -53.59 -60.05
CA ALA J 94 -112.05 -53.98 -61.37
C ALA J 94 -111.87 -52.75 -62.26
N GLY J 95 -110.96 -52.89 -63.24
CA GLY J 95 -110.72 -51.87 -64.22
C GLY J 95 -109.85 -50.72 -63.78
N GLN J 96 -109.75 -50.47 -62.48
CA GLN J 96 -108.97 -49.34 -61.98
C GLN J 96 -107.50 -49.71 -61.84
N ASN J 97 -106.64 -48.76 -62.20
CA ASN J 97 -105.19 -48.94 -62.09
C ASN J 97 -104.73 -48.40 -60.74
N TYR J 98 -104.28 -49.30 -59.87
CA TYR J 98 -103.70 -48.92 -58.59
C TYR J 98 -102.23 -48.63 -58.78
N ILE J 99 -101.81 -47.39 -58.51
CA ILE J 99 -100.43 -46.96 -58.66
C ILE J 99 -99.94 -46.47 -57.30
N LEU J 100 -98.96 -47.18 -56.74
CA LEU J 100 -98.36 -46.81 -55.47
C LEU J 100 -97.08 -46.03 -55.72
N ARG J 101 -96.82 -45.05 -54.86
CA ARG J 101 -95.66 -44.18 -54.98
C ARG J 101 -94.87 -44.20 -53.69
N LEU J 102 -93.54 -44.18 -53.82
CA LEU J 102 -92.63 -44.17 -52.68
C LEU J 102 -91.85 -42.85 -52.76
N ALA J 103 -92.22 -41.91 -51.91
CA ALA J 103 -91.67 -40.55 -51.96
C ALA J 103 -90.39 -40.51 -51.14
N PHE J 104 -89.25 -40.59 -51.82
CA PHE J 104 -87.96 -40.50 -51.18
C PHE J 104 -87.51 -39.05 -51.09
N ARG J 105 -86.82 -38.73 -49.99
CA ARG J 105 -86.38 -37.37 -49.75
C ARG J 105 -85.00 -37.07 -50.31
N GLN J 106 -84.25 -38.09 -50.70
CA GLN J 106 -82.99 -37.91 -51.41
C GLN J 106 -82.91 -38.93 -52.54
N TYR J 107 -81.99 -38.68 -53.46
CA TYR J 107 -81.66 -39.68 -54.47
C TYR J 107 -80.84 -40.80 -53.83
N ILE J 108 -80.45 -41.78 -54.63
CA ILE J 108 -79.77 -42.95 -54.09
C ILE J 108 -78.31 -42.62 -53.77
N GLY J 109 -77.68 -41.78 -54.57
CA GLY J 109 -76.28 -41.47 -54.39
C GLY J 109 -75.99 -40.09 -53.85
N LEU J 110 -77.02 -39.28 -53.68
CA LEU J 110 -76.87 -37.91 -53.21
C LEU J 110 -77.56 -37.72 -51.87
N SER J 111 -77.11 -36.69 -51.15
CA SER J 111 -77.63 -36.35 -49.86
C SER J 111 -78.43 -35.05 -49.84
N GLU J 112 -78.44 -34.31 -50.94
CA GLU J 112 -79.23 -33.09 -51.01
C GLU J 112 -80.71 -33.43 -50.98
N GLU J 113 -81.49 -32.57 -50.35
CA GLU J 113 -82.92 -32.80 -50.18
C GLU J 113 -83.62 -32.61 -51.51
N ASP J 114 -84.25 -33.67 -52.01
CA ASP J 114 -85.01 -33.63 -53.25
C ASP J 114 -86.19 -34.56 -53.11
N GLN J 115 -87.08 -34.51 -54.09
CA GLN J 115 -88.23 -35.41 -54.17
C GLN J 115 -87.94 -36.46 -55.24
N TYR J 116 -87.92 -37.72 -54.81
CA TYR J 116 -87.51 -38.83 -55.67
C TYR J 116 -88.51 -39.96 -55.48
N PHE J 117 -89.08 -40.44 -56.57
CA PHE J 117 -90.19 -41.38 -56.52
C PHE J 117 -89.82 -42.71 -57.13
N LYS J 118 -90.56 -43.74 -56.71
CA LYS J 118 -90.55 -45.05 -57.32
C LYS J 118 -91.97 -45.58 -57.25
N TYR J 119 -92.37 -46.32 -58.28
CA TYR J 119 -93.77 -46.60 -58.51
C TYR J 119 -94.01 -48.10 -58.55
N GLY J 120 -95.28 -48.46 -58.39
CA GLY J 120 -95.72 -49.83 -58.49
C GLY J 120 -97.11 -49.92 -59.10
N GLU J 121 -97.24 -50.64 -60.20
CA GLU J 121 -98.49 -50.70 -60.96
C GLU J 121 -99.20 -52.02 -60.73
N VAL J 122 -100.52 -51.94 -60.64
CA VAL J 122 -101.40 -53.11 -60.61
C VAL J 122 -102.73 -52.69 -61.19
N ILE J 123 -103.27 -53.51 -62.10
CA ILE J 123 -104.55 -53.25 -62.72
C ILE J 123 -105.48 -54.38 -62.31
N ALA J 124 -106.59 -54.01 -61.68
CA ALA J 124 -107.46 -54.98 -61.03
C ALA J 124 -108.55 -55.46 -61.98
N ARG J 125 -108.88 -56.73 -61.87
CA ARG J 125 -109.86 -57.39 -62.71
C ARG J 125 -110.98 -57.95 -61.84
N SER J 126 -111.89 -58.68 -62.47
CA SER J 126 -113.14 -59.04 -61.81
C SER J 126 -112.94 -59.94 -60.61
N GLY J 127 -111.92 -60.81 -60.65
CA GLY J 127 -111.78 -61.83 -59.62
C GLY J 127 -110.66 -61.58 -58.64
N MET J 128 -109.83 -60.59 -58.91
CA MET J 128 -108.68 -60.33 -58.06
C MET J 128 -109.12 -59.96 -56.65
N THR J 129 -108.57 -60.65 -55.66
CA THR J 129 -108.85 -60.39 -54.26
C THR J 129 -107.71 -59.58 -53.65
N ALA J 130 -107.77 -59.38 -52.33
CA ALA J 130 -106.76 -58.58 -51.66
C ALA J 130 -105.38 -59.24 -51.75
N SER J 131 -105.31 -60.54 -51.46
CA SER J 131 -104.05 -61.25 -51.48
C SER J 131 -103.34 -61.09 -52.83
N ASP J 132 -104.04 -61.40 -53.91
CA ASP J 132 -103.44 -61.29 -55.24
C ASP J 132 -102.99 -59.87 -55.53
N PHE J 133 -103.71 -58.87 -55.02
CA PHE J 133 -103.32 -57.48 -55.26
C PHE J 133 -102.00 -57.16 -54.56
N TYR J 134 -101.91 -57.45 -53.26
CA TYR J 134 -100.66 -57.22 -52.55
C TYR J 134 -99.52 -57.95 -53.23
N LYS J 135 -99.78 -59.19 -53.68
CA LYS J 135 -98.76 -59.97 -54.37
C LYS J 135 -98.25 -59.23 -55.60
N LYS J 136 -99.16 -58.88 -56.51
CA LYS J 136 -98.73 -58.25 -57.76
C LYS J 136 -98.18 -56.85 -57.53
N MET J 137 -98.69 -56.13 -56.53
CA MET J 137 -98.14 -54.82 -56.23
C MET J 137 -96.73 -54.93 -55.66
N ALA J 138 -96.47 -55.96 -54.85
CA ALA J 138 -95.14 -56.15 -54.30
C ALA J 138 -94.14 -56.49 -55.39
N ILE J 139 -94.51 -57.40 -56.30
CA ILE J 139 -93.61 -57.80 -57.37
C ILE J 139 -93.31 -56.60 -58.29
N SER J 140 -94.33 -55.77 -58.53
CA SER J 140 -94.11 -54.58 -59.34
C SER J 140 -93.15 -53.63 -58.66
N LEU J 141 -93.32 -53.44 -57.35
CA LEU J 141 -92.40 -52.58 -56.61
C LEU J 141 -90.98 -53.10 -56.68
N ALA J 142 -90.80 -54.40 -56.48
CA ALA J 142 -89.47 -54.99 -56.50
C ALA J 142 -88.81 -54.78 -57.86
N LYS J 143 -89.52 -55.12 -58.93
CA LYS J 143 -88.96 -54.97 -60.27
C LYS J 143 -88.68 -53.52 -60.63
N ASN J 144 -89.27 -52.57 -59.90
CA ASN J 144 -89.12 -51.15 -60.22
C ASN J 144 -88.09 -50.45 -59.35
N LEU J 145 -87.94 -50.86 -58.09
CA LEU J 145 -86.90 -50.33 -57.23
C LEU J 145 -85.67 -51.23 -57.18
N GLU J 146 -85.88 -52.55 -57.22
CA GLU J 146 -84.75 -53.46 -57.35
C GLU J 146 -84.39 -53.61 -58.82
N ASN J 147 -84.26 -52.48 -59.51
CA ASN J 147 -83.53 -52.37 -60.76
C ASN J 147 -82.15 -51.75 -60.52
N LYS J 148 -81.63 -51.92 -59.31
CA LYS J 148 -80.34 -51.39 -58.93
C LYS J 148 -79.31 -51.52 -60.04
N THR J 149 -79.14 -52.73 -60.56
CA THR J 149 -78.23 -53.04 -61.65
C THR J 149 -76.77 -52.98 -61.23
N GLU J 150 -76.46 -52.47 -60.02
CA GLU J 150 -75.13 -52.66 -59.46
C GLU J 150 -75.13 -53.31 -58.09
N SER J 151 -75.81 -52.74 -57.09
CA SER J 151 -75.50 -53.06 -55.69
C SER J 151 -76.65 -53.71 -54.93
N THR J 152 -77.79 -53.04 -54.78
CA THR J 152 -78.75 -53.46 -53.79
C THR J 152 -80.01 -52.59 -53.85
N PRO J 153 -81.15 -53.06 -53.35
CA PRO J 153 -82.38 -52.27 -53.42
C PRO J 153 -82.26 -50.99 -52.60
N LEU J 154 -83.25 -50.12 -52.78
CA LEU J 154 -83.36 -48.90 -52.01
C LEU J 154 -84.30 -49.06 -50.82
N VAL J 155 -85.28 -49.95 -50.93
CA VAL J 155 -86.06 -50.43 -49.79
C VAL J 155 -86.30 -51.91 -50.02
N ASN J 156 -86.66 -52.60 -48.94
CA ASN J 156 -86.91 -54.03 -48.99
C ASN J 156 -88.40 -54.30 -48.87
N ILE J 157 -88.90 -55.23 -49.67
CA ILE J 157 -90.31 -55.54 -49.76
C ILE J 157 -90.56 -56.91 -49.16
N TYR J 158 -91.59 -57.01 -48.34
CA TYR J 158 -92.01 -58.29 -47.78
C TYR J 158 -93.53 -58.36 -47.79
N LEU J 159 -94.04 -59.57 -47.61
CA LEU J 159 -95.46 -59.81 -47.46
C LEU J 159 -95.70 -60.59 -46.18
N ILE J 160 -96.83 -60.31 -45.54
CA ILE J 160 -97.23 -60.99 -44.32
C ILE J 160 -98.55 -61.70 -44.59
N SER J 161 -98.58 -63.00 -44.30
CA SER J 161 -99.80 -63.78 -44.40
C SER J 161 -100.55 -63.77 -43.08
N ALA J 162 -101.88 -63.76 -43.16
CA ALA J 162 -102.69 -63.70 -41.96
C ALA J 162 -102.39 -64.84 -41.00
N ALA J 163 -101.90 -65.96 -41.51
CA ALA J 163 -101.55 -67.08 -40.64
C ALA J 163 -100.32 -66.75 -39.80
N ALA J 164 -99.27 -66.24 -40.44
CA ALA J 164 -98.06 -65.87 -39.71
C ALA J 164 -98.27 -64.59 -38.91
N ALA J 165 -98.56 -63.49 -39.60
CA ALA J 165 -98.78 -62.19 -38.97
C ALA J 165 -97.48 -61.59 -38.44
N SER J 166 -96.39 -62.36 -38.49
CA SER J 166 -95.10 -61.89 -38.02
C SER J 166 -93.94 -62.27 -38.91
N THR J 167 -94.13 -63.18 -39.87
CA THR J 167 -93.04 -63.69 -40.70
C THR J 167 -93.04 -62.90 -42.01
N ASP J 168 -92.10 -61.96 -42.13
CA ASP J 168 -91.97 -61.19 -43.34
C ASP J 168 -91.54 -62.10 -44.49
N VAL J 169 -92.31 -62.11 -45.57
CA VAL J 169 -92.05 -62.95 -46.73
C VAL J 169 -91.32 -62.09 -47.76
N PRO J 170 -90.02 -62.29 -47.96
CA PRO J 170 -89.26 -61.39 -48.85
C PRO J 170 -89.73 -61.48 -50.29
N VAL J 171 -89.61 -60.36 -50.99
CA VAL J 171 -89.91 -60.26 -52.41
C VAL J 171 -88.76 -59.54 -53.10
N THR J 172 -88.25 -60.13 -54.17
CA THR J 172 -87.12 -59.59 -54.89
C THR J 172 -87.45 -59.48 -56.36
N SER J 173 -86.55 -58.82 -57.11
CA SER J 173 -86.74 -58.66 -58.54
C SER J 173 -86.81 -59.99 -59.27
N ALA J 174 -86.40 -61.08 -58.65
CA ALA J 174 -86.46 -62.40 -59.25
C ALA J 174 -87.73 -63.16 -58.87
N THR J 175 -88.38 -62.78 -57.77
CA THR J 175 -89.55 -63.49 -57.31
C THR J 175 -90.66 -63.45 -58.37
N LYS J 176 -91.50 -64.47 -58.36
CA LYS J 176 -92.62 -64.57 -59.27
C LYS J 176 -93.78 -65.25 -58.56
N GLU J 177 -94.99 -64.95 -59.01
CA GLU J 177 -96.19 -65.40 -58.29
C GLU J 177 -96.15 -66.89 -57.99
N SER J 178 -95.45 -67.67 -58.83
CA SER J 178 -95.35 -69.10 -58.55
C SER J 178 -94.66 -69.37 -57.22
N ASP J 179 -93.75 -68.48 -56.81
CA ASP J 179 -93.08 -68.65 -55.53
C ASP J 179 -93.98 -68.25 -54.37
N LEU J 180 -94.94 -67.38 -54.61
CA LEU J 180 -95.86 -66.88 -53.58
C LEU J 180 -97.19 -67.61 -53.75
N THR J 181 -97.41 -68.63 -52.92
CA THR J 181 -98.54 -69.54 -53.08
C THR J 181 -99.59 -69.39 -51.98
N ALA J 182 -99.48 -68.38 -51.13
CA ALA J 182 -100.45 -68.19 -50.08
C ALA J 182 -101.69 -67.46 -50.61
N THR J 183 -102.73 -67.41 -49.77
CA THR J 183 -103.99 -66.77 -50.13
C THR J 183 -104.49 -65.84 -49.03
N ASP J 184 -103.70 -65.64 -47.98
CA ASP J 184 -104.10 -64.83 -46.83
C ASP J 184 -103.13 -63.67 -46.62
N TYR J 185 -102.58 -63.14 -47.69
CA TYR J 185 -101.75 -61.94 -47.60
C TYR J 185 -102.60 -60.75 -47.20
N ASN J 186 -102.16 -60.01 -46.19
CA ASN J 186 -102.96 -58.94 -45.61
C ASN J 186 -102.26 -57.59 -45.55
N GLN J 187 -101.02 -57.49 -46.00
CA GLN J 187 -100.32 -56.21 -45.94
C GLN J 187 -98.98 -56.35 -46.67
N ILE J 188 -98.33 -55.20 -46.84
CA ILE J 188 -96.99 -55.12 -47.42
C ILE J 188 -96.17 -54.19 -46.54
N ILE J 189 -94.98 -54.64 -46.13
CA ILE J 189 -94.09 -53.84 -45.31
C ILE J 189 -92.90 -53.43 -46.16
N ILE J 190 -92.39 -52.22 -45.91
CA ILE J 190 -91.32 -51.64 -46.72
C ILE J 190 -90.28 -51.03 -45.79
N GLU J 191 -89.19 -51.75 -45.57
CA GLU J 191 -88.18 -51.29 -44.62
C GLU J 191 -87.13 -50.43 -45.33
N GLU J 192 -86.44 -49.61 -44.53
CA GLU J 192 -85.26 -48.93 -45.01
C GLU J 192 -84.12 -49.93 -45.12
N THR J 193 -83.05 -49.51 -45.79
CA THR J 193 -81.92 -50.37 -46.06
C THR J 193 -80.62 -49.69 -45.66
N GLU J 194 -79.65 -50.51 -45.25
CA GLU J 194 -78.31 -50.04 -44.96
C GLU J 194 -77.58 -49.82 -46.28
N GLN J 195 -77.34 -48.56 -46.61
CA GLN J 195 -76.69 -48.22 -47.86
C GLN J 195 -75.18 -48.44 -47.76
N PRO J 196 -74.48 -48.44 -48.89
CA PRO J 196 -73.03 -48.64 -48.87
C PRO J 196 -72.30 -47.67 -47.95
N TRP J 197 -71.28 -48.18 -47.27
CA TRP J 197 -70.43 -47.39 -46.39
C TRP J 197 -68.96 -47.59 -46.74
N VAL J 198 -68.22 -46.50 -46.86
CA VAL J 198 -66.78 -46.53 -47.05
C VAL J 198 -66.15 -45.74 -45.90
N LEU J 199 -64.93 -46.15 -45.53
CA LEU J 199 -64.38 -45.71 -44.25
C LEU J 199 -64.33 -44.19 -44.14
N GLY J 200 -63.76 -43.51 -45.12
CA GLY J 200 -63.63 -42.07 -45.02
C GLY J 200 -64.12 -41.35 -46.26
N MET J 201 -64.94 -42.03 -47.04
CA MET J 201 -65.42 -41.48 -48.30
C MET J 201 -66.93 -41.40 -48.33
N MET J 202 -67.61 -42.48 -47.94
CA MET J 202 -69.06 -42.53 -47.92
C MET J 202 -69.57 -42.60 -46.50
N PRO J 203 -70.13 -41.53 -45.94
CA PRO J 203 -70.65 -41.62 -44.57
C PRO J 203 -71.91 -42.46 -44.51
N GLN J 204 -72.14 -43.07 -43.35
CA GLN J 204 -73.38 -43.78 -43.11
C GLN J 204 -74.56 -42.82 -43.26
N ALA J 205 -75.58 -43.25 -44.00
CA ALA J 205 -76.70 -42.36 -44.30
C ALA J 205 -77.87 -43.20 -44.81
N PHE J 206 -79.07 -42.65 -44.62
CA PHE J 206 -80.31 -43.31 -44.99
C PHE J 206 -81.13 -42.39 -45.87
N ILE J 207 -82.12 -42.96 -46.53
CA ILE J 207 -83.04 -42.20 -47.38
C ILE J 207 -84.46 -42.55 -46.95
N PRO J 208 -85.12 -41.72 -46.13
CA PRO J 208 -86.50 -42.02 -45.74
C PRO J 208 -87.44 -41.93 -46.92
N PHE J 209 -88.64 -42.45 -46.70
CA PHE J 209 -89.63 -42.58 -47.77
C PHE J 209 -91.02 -42.50 -47.16
N THR J 210 -92.00 -42.31 -48.02
CA THR J 210 -93.40 -42.28 -47.62
C THR J 210 -94.25 -42.93 -48.71
N PRO J 211 -95.02 -43.99 -48.40
CA PRO J 211 -95.89 -44.59 -49.42
C PRO J 211 -97.10 -43.73 -49.70
N GLN J 212 -97.15 -43.18 -50.91
CA GLN J 212 -98.26 -42.34 -51.35
C GLN J 212 -99.07 -43.10 -52.40
N PHE J 213 -100.40 -42.97 -52.31
CA PHE J 213 -101.32 -43.67 -53.19
C PHE J 213 -102.00 -42.67 -54.12
N LEU J 214 -101.99 -42.96 -55.41
CA LEU J 214 -102.69 -42.13 -56.37
C LEU J 214 -104.19 -42.42 -56.32
N THR J 215 -104.95 -41.71 -57.14
CA THR J 215 -106.40 -41.71 -57.04
C THR J 215 -107.02 -42.70 -58.01
N ILE J 216 -108.05 -43.41 -57.53
CA ILE J 216 -108.86 -44.29 -58.35
C ILE J 216 -110.31 -43.82 -58.27
N THR J 217 -111.06 -44.15 -59.31
CA THR J 217 -112.50 -43.90 -59.32
C THR J 217 -113.23 -45.15 -58.85
N VAL J 218 -114.05 -44.99 -57.82
CA VAL J 218 -114.80 -46.09 -57.23
C VAL J 218 -116.28 -45.96 -57.50
N ASP J 219 -116.85 -44.78 -57.27
CA ASP J 219 -118.25 -44.50 -57.56
C ASP J 219 -118.35 -43.15 -58.26
N GLY J 220 -117.49 -42.95 -59.26
CA GLY J 220 -117.35 -41.66 -59.89
C GLY J 220 -116.53 -40.66 -59.11
N GLU J 221 -116.00 -41.04 -57.95
CA GLU J 221 -115.23 -40.15 -57.09
C GLU J 221 -113.78 -40.62 -57.06
N ASP J 222 -112.87 -39.71 -57.35
CA ASP J 222 -111.45 -40.01 -57.23
C ASP J 222 -111.08 -40.13 -55.75
N ARG J 223 -110.48 -41.26 -55.38
CA ARG J 223 -110.26 -41.57 -53.97
C ARG J 223 -108.91 -42.26 -53.80
N LEU J 224 -108.43 -42.23 -52.56
CA LEU J 224 -107.18 -42.88 -52.17
C LEU J 224 -107.49 -44.19 -51.47
N TRP J 225 -106.84 -45.26 -51.90
CA TRP J 225 -107.18 -46.59 -51.43
C TRP J 225 -106.32 -47.09 -50.28
N GLY J 226 -105.16 -46.49 -50.05
CA GLY J 226 -104.15 -47.09 -49.22
C GLY J 226 -104.11 -46.58 -47.79
N VAL J 227 -103.41 -47.35 -46.95
CA VAL J 227 -103.18 -47.00 -45.56
C VAL J 227 -101.70 -47.24 -45.24
N ALA J 228 -100.90 -46.18 -45.25
CA ALA J 228 -99.47 -46.29 -45.00
C ALA J 228 -99.20 -46.01 -43.53
N THR J 229 -99.46 -47.02 -42.71
CA THR J 229 -99.19 -46.92 -41.29
C THR J 229 -97.75 -47.35 -40.99
N VAL J 230 -97.25 -46.89 -39.86
CA VAL J 230 -95.85 -47.08 -39.48
C VAL J 230 -95.82 -48.12 -38.36
N VAL J 231 -95.59 -49.39 -38.74
CA VAL J 231 -95.37 -50.41 -37.73
C VAL J 231 -93.99 -50.22 -37.11
N THR J 232 -93.81 -50.83 -35.93
CA THR J 232 -92.58 -50.60 -35.18
C THR J 232 -91.41 -51.31 -35.87
N PRO J 233 -90.23 -50.69 -35.89
CA PRO J 233 -89.07 -51.36 -36.49
C PRO J 233 -88.69 -52.62 -35.75
N THR J 234 -88.04 -53.53 -36.47
CA THR J 234 -87.48 -54.74 -35.89
C THR J 234 -85.99 -54.90 -36.16
N LYS J 235 -85.42 -54.11 -37.06
CA LYS J 235 -84.01 -54.17 -37.40
C LYS J 235 -83.34 -52.85 -37.03
N THR J 236 -82.02 -52.91 -36.87
CA THR J 236 -81.26 -51.78 -36.36
C THR J 236 -79.95 -51.65 -37.13
N VAL J 237 -79.32 -50.50 -36.99
CA VAL J 237 -78.03 -50.21 -37.62
C VAL J 237 -77.08 -49.68 -36.57
N PRO J 238 -76.13 -50.49 -36.08
CA PRO J 238 -75.25 -50.02 -35.00
C PRO J 238 -74.29 -48.93 -35.44
N ASP J 239 -73.42 -48.51 -34.52
CA ASP J 239 -72.57 -47.35 -34.70
C ASP J 239 -71.16 -47.69 -35.18
N GLY J 240 -70.83 -48.98 -35.32
CA GLY J 240 -69.48 -49.35 -35.69
C GLY J 240 -68.97 -48.55 -36.88
N HIS J 241 -69.76 -48.48 -37.94
CA HIS J 241 -69.37 -47.71 -39.11
C HIS J 241 -69.36 -46.22 -38.78
N LEU J 242 -70.28 -45.80 -37.92
CA LEU J 242 -70.33 -44.40 -37.51
C LEU J 242 -69.13 -44.03 -36.64
N ILE J 243 -68.73 -44.90 -35.72
CA ILE J 243 -67.59 -44.61 -34.86
C ILE J 243 -66.30 -44.68 -35.66
N ALA J 244 -66.15 -45.72 -36.48
CA ALA J 244 -64.94 -45.86 -37.29
C ALA J 244 -64.64 -44.59 -38.07
N ASP J 245 -65.69 -43.92 -38.56
CA ASP J 245 -65.48 -42.68 -39.30
C ASP J 245 -65.05 -41.56 -38.38
N LEU J 246 -65.62 -41.52 -37.18
CA LEU J 246 -65.18 -40.56 -36.17
C LEU J 246 -63.68 -40.67 -35.93
N GLU J 247 -63.18 -41.88 -35.76
CA GLU J 247 -61.75 -42.10 -35.60
C GLU J 247 -60.99 -41.64 -36.84
N TYR J 248 -61.46 -42.05 -38.02
CA TYR J 248 -60.78 -41.69 -39.26
C TYR J 248 -60.61 -40.19 -39.38
N PHE J 249 -61.59 -39.41 -38.91
CA PHE J 249 -61.52 -37.97 -39.02
C PHE J 249 -60.75 -37.34 -37.86
N CYS J 250 -60.94 -37.85 -36.65
CA CYS J 250 -60.33 -37.27 -35.47
C CYS J 250 -58.88 -37.71 -35.28
N MET J 251 -58.40 -38.66 -36.07
CA MET J 251 -57.00 -39.02 -36.07
C MET J 251 -56.16 -38.12 -36.97
N GLY J 252 -56.80 -37.23 -37.72
CA GLY J 252 -56.11 -36.21 -38.47
C GLY J 252 -55.86 -34.95 -37.69
N ALA J 253 -56.23 -34.94 -36.41
CA ALA J 253 -55.97 -33.81 -35.53
C ALA J 253 -54.71 -33.99 -34.72
N ARG J 254 -54.25 -35.23 -34.53
CA ARG J 254 -52.94 -35.51 -33.99
C ARG J 254 -52.03 -36.21 -34.98
N GLY J 255 -52.58 -36.70 -36.08
CA GLY J 255 -51.78 -37.39 -37.07
C GLY J 255 -51.72 -36.67 -38.40
N ASP J 256 -51.63 -37.45 -39.47
CA ASP J 256 -51.45 -36.90 -40.80
C ASP J 256 -52.82 -36.52 -41.39
N ILE J 257 -52.94 -35.27 -41.82
CA ILE J 257 -54.21 -34.76 -42.32
C ILE J 257 -54.49 -35.27 -43.72
N TYR J 258 -53.49 -35.26 -44.60
CA TYR J 258 -53.60 -35.98 -45.85
C TYR J 258 -53.76 -37.46 -45.51
N ARG J 259 -54.48 -38.18 -46.35
CA ARG J 259 -54.68 -39.60 -46.06
C ARG J 259 -54.48 -40.51 -47.27
N GLY J 260 -54.85 -40.08 -48.47
CA GLY J 260 -54.43 -40.78 -49.67
C GLY J 260 -54.15 -39.82 -50.80
N MET J 261 -54.01 -38.54 -50.49
CA MET J 261 -54.06 -37.51 -51.53
C MET J 261 -52.93 -37.68 -52.54
N GLY J 262 -51.69 -37.59 -52.07
CA GLY J 262 -50.56 -37.87 -52.93
C GLY J 262 -50.28 -39.36 -52.91
N TYR J 263 -51.18 -40.12 -53.53
CA TYR J 263 -51.31 -41.54 -53.24
C TYR J 263 -49.99 -42.30 -53.15
N PRO J 264 -49.09 -42.22 -54.11
CA PRO J 264 -47.79 -42.91 -53.92
C PRO J 264 -47.04 -42.35 -52.74
N ASN J 265 -47.05 -41.02 -52.59
CA ASN J 265 -46.31 -40.33 -51.54
C ASN J 265 -47.26 -39.97 -50.41
N ILE J 266 -47.61 -40.96 -49.60
CA ILE J 266 -48.57 -40.79 -48.52
C ILE J 266 -47.96 -41.26 -47.21
N ILE J 267 -48.73 -41.03 -46.14
CA ILE J 267 -48.51 -41.66 -44.85
C ILE J 267 -49.80 -42.39 -44.51
N LYS J 268 -49.69 -43.66 -44.14
CA LYS J 268 -50.87 -44.47 -43.88
C LYS J 268 -50.98 -44.71 -42.37
N THR J 269 -52.15 -44.42 -41.84
CA THR J 269 -52.40 -44.49 -40.40
C THR J 269 -53.16 -45.76 -40.08
N THR J 270 -52.73 -46.41 -39.00
CA THR J 270 -53.37 -47.62 -38.53
C THR J 270 -54.51 -47.24 -37.59
N TYR J 271 -55.69 -47.79 -37.82
CA TYR J 271 -56.89 -47.47 -37.06
C TYR J 271 -57.30 -48.68 -36.25
N LEU J 272 -57.70 -48.43 -35.00
CA LEU J 272 -57.97 -49.49 -34.04
C LEU J 272 -59.44 -49.75 -33.82
N VAL J 273 -60.32 -48.95 -34.43
CA VAL J 273 -61.75 -49.21 -34.35
C VAL J 273 -62.09 -50.34 -35.31
N ASP J 274 -62.87 -51.31 -34.82
CA ASP J 274 -63.27 -52.46 -35.61
C ASP J 274 -64.67 -52.22 -36.15
N PRO J 275 -64.85 -51.73 -37.37
CA PRO J 275 -66.20 -51.63 -37.94
C PRO J 275 -66.82 -53.01 -38.01
N GLY J 276 -67.95 -53.16 -37.33
CA GLY J 276 -68.53 -54.46 -37.02
C GLY J 276 -68.74 -54.68 -35.55
N ALA J 277 -68.04 -53.93 -34.70
CA ALA J 277 -68.26 -53.92 -33.27
C ALA J 277 -69.09 -52.70 -32.89
N VAL J 278 -69.66 -52.75 -31.69
CA VAL J 278 -70.50 -51.68 -31.17
C VAL J 278 -69.78 -51.03 -30.00
N TYR J 279 -69.56 -49.73 -30.09
CA TYR J 279 -68.82 -48.97 -29.10
C TYR J 279 -69.76 -48.04 -28.33
N ASP J 280 -69.51 -47.93 -27.03
CA ASP J 280 -70.16 -46.91 -26.20
C ASP J 280 -69.17 -45.80 -25.94
N VAL J 281 -69.62 -44.56 -26.11
CA VAL J 281 -68.73 -43.42 -26.23
C VAL J 281 -68.72 -42.62 -24.93
N LEU J 282 -67.59 -41.97 -24.70
CA LEU J 282 -67.42 -41.03 -23.59
C LEU J 282 -66.76 -39.77 -24.14
N ASP J 283 -67.06 -38.64 -23.52
CA ASP J 283 -66.59 -37.35 -24.01
C ASP J 283 -66.38 -36.42 -22.84
N ILE J 284 -65.33 -35.59 -22.93
CA ILE J 284 -64.96 -34.65 -21.89
C ILE J 284 -64.66 -33.33 -22.57
N HIS J 285 -65.52 -32.34 -22.39
CA HIS J 285 -65.31 -31.02 -22.96
C HIS J 285 -64.64 -30.11 -21.93
N TYR J 286 -63.52 -29.51 -22.31
CA TYR J 286 -62.74 -28.66 -21.44
C TYR J 286 -62.19 -27.51 -22.27
N PHE J 287 -61.50 -26.58 -21.61
CA PHE J 287 -60.93 -25.42 -22.29
C PHE J 287 -59.67 -24.97 -21.59
N TYR J 288 -58.91 -24.12 -22.28
CA TYR J 288 -57.72 -23.46 -21.76
C TYR J 288 -57.97 -21.96 -21.76
N THR J 289 -57.81 -21.32 -20.61
CA THR J 289 -58.16 -19.90 -20.50
C THR J 289 -56.98 -18.97 -20.77
N GLY J 290 -55.84 -19.19 -20.13
CA GLY J 290 -54.66 -18.37 -20.35
C GLY J 290 -54.38 -17.38 -19.24
N SER J 291 -53.49 -16.44 -19.57
CA SER J 291 -52.83 -15.55 -18.62
C SER J 291 -53.46 -14.14 -18.66
N ASN J 292 -52.82 -13.18 -17.99
CA ASN J 292 -53.16 -11.77 -18.14
C ASN J 292 -53.44 -11.46 -19.60
N GLU J 293 -54.49 -10.69 -19.85
CA GLU J 293 -54.88 -10.13 -21.15
C GLU J 293 -55.27 -11.24 -22.13
N SER J 294 -55.24 -12.51 -21.71
CA SER J 294 -55.44 -13.63 -22.61
C SER J 294 -56.58 -14.51 -22.07
N VAL J 295 -57.71 -13.86 -21.77
CA VAL J 295 -58.85 -14.55 -21.16
C VAL J 295 -59.63 -15.41 -22.15
N GLN J 296 -59.39 -15.26 -23.44
CA GLN J 296 -60.15 -16.00 -24.44
C GLN J 296 -59.97 -17.50 -24.23
N LYS J 297 -61.09 -18.23 -24.30
CA LYS J 297 -61.12 -19.66 -24.03
C LYS J 297 -60.83 -20.42 -25.31
N SER J 298 -60.01 -21.46 -25.19
CA SER J 298 -59.77 -22.43 -26.26
C SER J 298 -60.42 -23.72 -25.80
N GLU J 299 -61.69 -23.91 -26.18
CA GLU J 299 -62.44 -25.07 -25.75
C GLU J 299 -62.06 -26.29 -26.58
N LYS J 300 -62.08 -27.44 -25.92
CA LYS J 300 -61.60 -28.67 -26.52
C LYS J 300 -62.45 -29.81 -26.02
N THR J 301 -62.22 -31.00 -26.57
CA THR J 301 -62.90 -32.19 -26.09
C THR J 301 -62.08 -33.42 -26.42
N ILE J 302 -62.08 -34.38 -25.49
CA ILE J 302 -61.44 -35.67 -25.68
C ILE J 302 -62.52 -36.73 -25.48
N THR J 303 -62.75 -37.52 -26.52
CA THR J 303 -63.73 -38.60 -26.48
C THR J 303 -63.03 -39.95 -26.53
N LEU J 304 -63.68 -40.94 -25.90
CA LEU J 304 -63.11 -42.27 -25.76
C LEU J 304 -64.19 -43.28 -26.09
N VAL J 305 -63.83 -44.30 -26.87
CA VAL J 305 -64.76 -45.33 -27.29
C VAL J 305 -64.35 -46.65 -26.65
N ALA J 306 -65.35 -47.51 -26.45
CA ALA J 306 -65.13 -48.81 -25.83
C ALA J 306 -66.26 -49.74 -26.27
N VAL J 307 -65.90 -50.99 -26.56
CA VAL J 307 -66.89 -51.93 -27.08
C VAL J 307 -67.93 -52.22 -26.00
N ASP J 308 -69.19 -52.26 -26.42
CA ASP J 308 -70.27 -52.67 -25.54
C ASP J 308 -70.55 -54.16 -25.72
N ASP J 309 -70.81 -54.84 -24.61
CA ASP J 309 -71.11 -56.26 -24.59
C ASP J 309 -72.47 -56.50 -23.95
N GLY J 310 -73.45 -55.70 -24.33
CA GLY J 310 -74.70 -55.66 -23.60
C GLY J 310 -74.59 -54.65 -22.48
N SER J 311 -74.28 -55.13 -21.28
CA SER J 311 -73.87 -54.23 -20.22
C SER J 311 -72.65 -53.44 -20.66
N HIS J 312 -72.65 -52.14 -20.35
CA HIS J 312 -71.56 -51.24 -20.75
C HIS J 312 -70.39 -51.39 -19.79
N THR J 313 -69.88 -52.63 -19.70
CA THR J 313 -68.87 -52.96 -18.72
C THR J 313 -67.59 -52.16 -18.94
N ALA J 314 -67.02 -52.25 -20.13
CA ALA J 314 -65.74 -51.61 -20.39
C ALA J 314 -65.78 -50.13 -20.04
N MET J 315 -66.78 -49.41 -20.55
CA MET J 315 -66.87 -47.98 -20.29
C MET J 315 -67.16 -47.70 -18.82
N ASN J 316 -67.95 -48.56 -18.17
CA ASN J 316 -68.26 -48.35 -16.76
C ASN J 316 -66.99 -48.42 -15.92
N ALA J 317 -66.10 -49.37 -16.24
CA ALA J 317 -64.83 -49.46 -15.53
C ALA J 317 -63.94 -48.27 -15.86
N LEU J 318 -63.91 -47.87 -17.13
CA LEU J 318 -63.06 -46.74 -17.53
C LEU J 318 -63.45 -45.47 -16.79
N ILE J 319 -64.76 -45.21 -16.66
CA ILE J 319 -65.18 -44.01 -15.94
C ILE J 319 -64.97 -44.16 -14.45
N GLY J 320 -65.17 -45.36 -13.92
CA GLY J 320 -64.87 -45.59 -12.51
C GLY J 320 -63.42 -45.28 -12.19
N ALA J 321 -62.52 -45.62 -13.10
CA ALA J 321 -61.12 -45.25 -12.94
C ALA J 321 -60.94 -43.74 -13.04
N ILE J 322 -61.62 -43.10 -13.99
CA ILE J 322 -61.48 -41.66 -14.17
C ILE J 322 -62.05 -40.91 -12.98
N ASN J 323 -63.15 -41.40 -12.41
CA ASN J 323 -63.68 -40.76 -11.21
C ASN J 323 -62.77 -40.99 -10.01
N THR J 324 -62.14 -42.16 -9.94
CA THR J 324 -61.20 -42.43 -8.86
C THR J 324 -59.96 -41.57 -8.96
N ALA J 325 -59.56 -41.20 -10.18
CA ALA J 325 -58.35 -40.42 -10.40
C ALA J 325 -58.61 -38.93 -10.31
N SER J 326 -59.53 -38.42 -11.13
CA SER J 326 -59.83 -37.00 -11.21
C SER J 326 -60.92 -36.57 -10.26
N GLY J 327 -61.50 -37.48 -9.48
CA GLY J 327 -62.54 -37.14 -8.55
C GLY J 327 -63.85 -36.70 -9.17
N LEU J 328 -63.96 -36.71 -10.50
CA LEU J 328 -65.19 -36.32 -11.15
C LEU J 328 -66.32 -37.28 -10.75
N THR J 329 -67.54 -36.89 -11.13
CA THR J 329 -68.74 -37.65 -10.79
C THR J 329 -69.49 -38.06 -12.05
N ILE J 330 -68.75 -38.52 -13.06
CA ILE J 330 -69.38 -39.01 -14.27
C ILE J 330 -70.31 -40.16 -13.93
N ALA J 331 -71.45 -40.23 -14.62
CA ALA J 331 -72.45 -41.23 -14.36
C ALA J 331 -72.21 -42.48 -15.19
N THR J 332 -72.56 -43.63 -14.62
CA THR J 332 -72.38 -44.90 -15.30
C THR J 332 -73.56 -45.17 -16.23
N LEU J 333 -73.33 -46.09 -17.17
CA LEU J 333 -74.36 -46.45 -18.14
C LEU J 333 -75.25 -47.55 -17.57
N MET K 1 -43.69 -54.16 -57.77
CA MET K 1 -43.21 -55.41 -58.43
C MET K 1 -43.76 -55.51 -59.83
N VAL K 2 -43.33 -54.60 -60.70
CA VAL K 2 -43.70 -54.67 -62.10
C VAL K 2 -42.92 -55.79 -62.76
N ILE K 3 -43.59 -56.53 -63.64
CA ILE K 3 -42.97 -57.65 -64.34
C ILE K 3 -43.11 -57.43 -65.84
N SER K 4 -42.55 -58.35 -66.62
CA SER K 4 -42.68 -58.33 -68.07
C SER K 4 -43.67 -59.41 -68.49
N ILE K 5 -44.47 -59.09 -69.50
CA ILE K 5 -45.58 -59.93 -69.93
C ILE K 5 -45.41 -60.23 -71.41
N ASN K 6 -45.71 -61.47 -71.82
CA ASN K 6 -45.73 -61.82 -73.23
C ASN K 6 -47.11 -61.46 -73.77
N GLN K 7 -47.30 -60.15 -73.95
CA GLN K 7 -48.50 -59.53 -74.48
C GLN K 7 -49.64 -59.49 -73.46
N VAL K 8 -49.53 -60.23 -72.36
CA VAL K 8 -50.42 -60.10 -71.23
C VAL K 8 -50.06 -61.17 -70.21
N ARG K 9 -50.53 -61.01 -68.97
CA ARG K 9 -50.55 -62.10 -68.00
C ARG K 9 -51.70 -61.85 -67.02
N GLN K 10 -52.48 -62.89 -66.76
CA GLN K 10 -53.64 -62.81 -65.89
C GLN K 10 -53.46 -63.77 -64.72
N LEU K 11 -54.09 -63.44 -63.60
CA LEU K 11 -53.97 -64.22 -62.37
C LEU K 11 -55.36 -64.47 -61.79
N TYR K 12 -55.57 -65.71 -61.33
CA TYR K 12 -56.78 -66.11 -60.64
C TYR K 12 -56.38 -66.96 -59.45
N VAL K 13 -56.99 -66.69 -58.30
CA VAL K 13 -56.63 -67.35 -57.05
C VAL K 13 -57.58 -68.51 -56.80
N ALA K 14 -57.03 -69.62 -56.33
CA ALA K 14 -57.78 -70.84 -56.06
C ALA K 14 -57.76 -71.09 -54.55
N LYS K 15 -58.73 -70.51 -53.85
CA LYS K 15 -58.88 -70.78 -52.42
C LYS K 15 -59.68 -72.05 -52.17
N ALA K 16 -60.39 -72.55 -53.18
CA ALA K 16 -61.17 -73.76 -53.06
C ALA K 16 -61.54 -74.23 -54.46
N LEU K 17 -61.62 -75.55 -54.61
CA LEU K 17 -61.94 -76.18 -55.89
C LEU K 17 -63.35 -76.74 -55.83
N LYS K 18 -64.15 -76.41 -56.85
CA LYS K 18 -65.52 -76.85 -56.96
C LYS K 18 -65.68 -77.73 -58.18
N ALA K 19 -66.83 -78.39 -58.26
CA ALA K 19 -67.13 -79.28 -59.38
C ALA K 19 -67.89 -78.58 -60.50
N ASN K 20 -68.88 -77.77 -60.14
CA ASN K 20 -69.71 -77.05 -61.10
C ASN K 20 -69.67 -75.55 -60.81
N THR K 21 -70.27 -74.78 -61.71
CA THR K 21 -70.41 -73.35 -61.50
C THR K 21 -71.58 -73.02 -60.59
N ALA K 22 -72.50 -73.96 -60.36
CA ALA K 22 -73.58 -73.78 -59.40
C ALA K 22 -73.10 -73.83 -57.96
N ALA K 23 -71.81 -74.08 -57.73
CA ALA K 23 -71.25 -74.18 -56.39
C ALA K 23 -70.28 -73.06 -56.06
N LEU K 24 -70.06 -72.13 -56.99
CA LEU K 24 -69.17 -71.00 -56.76
C LEU K 24 -69.88 -70.00 -55.86
N THR K 25 -69.69 -70.15 -54.55
CA THR K 25 -70.32 -69.29 -53.55
C THR K 25 -69.33 -68.33 -52.90
N THR K 26 -68.16 -68.83 -52.51
CA THR K 26 -67.19 -68.02 -51.79
C THR K 26 -66.23 -67.34 -52.77
N ALA K 27 -65.62 -66.25 -52.32
CA ALA K 27 -64.91 -65.32 -53.19
C ALA K 27 -63.50 -65.79 -53.57
N GLY K 28 -63.24 -67.10 -53.48
CA GLY K 28 -62.02 -67.65 -54.03
C GLY K 28 -62.27 -68.95 -54.76
N ASP K 29 -63.50 -69.43 -54.72
CA ASP K 29 -63.86 -70.68 -55.37
C ASP K 29 -63.52 -70.61 -56.86
N ILE K 30 -63.02 -71.73 -57.38
CA ILE K 30 -62.65 -71.86 -58.79
C ILE K 30 -63.07 -73.24 -59.28
N VAL K 31 -63.17 -73.35 -60.60
CA VAL K 31 -63.47 -74.64 -61.24
C VAL K 31 -63.03 -74.57 -62.69
N PRO K 32 -62.40 -75.61 -63.24
CA PRO K 32 -62.06 -75.60 -64.66
C PRO K 32 -63.23 -76.07 -65.51
N LYS K 33 -63.53 -75.32 -66.57
CA LYS K 33 -64.62 -75.64 -67.48
C LYS K 33 -64.06 -75.90 -68.87
N ALA K 34 -64.56 -76.96 -69.50
CA ALA K 34 -64.19 -77.30 -70.87
C ALA K 34 -65.32 -78.08 -71.51
N ASP K 35 -65.25 -78.22 -72.82
CA ASP K 35 -66.28 -78.90 -73.57
C ASP K 35 -66.29 -80.38 -73.22
N THR K 36 -67.36 -81.07 -73.65
CA THR K 36 -67.34 -82.53 -73.58
C THR K 36 -66.21 -83.09 -74.45
N ALA K 37 -65.91 -82.42 -75.54
CA ALA K 37 -64.69 -82.63 -76.29
C ALA K 37 -63.56 -81.88 -75.59
N LYS K 38 -62.43 -81.70 -76.27
CA LYS K 38 -61.32 -80.92 -75.76
C LYS K 38 -61.00 -79.88 -76.83
N THR K 39 -61.70 -78.76 -76.77
CA THR K 39 -61.59 -77.70 -77.75
C THR K 39 -61.33 -76.33 -77.14
N THR K 40 -61.83 -76.09 -75.92
CA THR K 40 -61.60 -74.82 -75.24
C THR K 40 -61.49 -75.10 -73.74
N LEU K 41 -60.69 -74.28 -73.07
CA LEU K 41 -60.56 -74.35 -71.63
C LEU K 41 -60.73 -72.96 -71.04
N TYR K 42 -61.52 -72.89 -69.97
CA TYR K 42 -61.68 -71.65 -69.23
C TYR K 42 -62.04 -72.00 -67.80
N PHE K 43 -61.88 -71.02 -66.91
CA PHE K 43 -62.11 -71.18 -65.49
C PHE K 43 -63.22 -70.25 -65.05
N GLN K 44 -64.12 -70.76 -64.21
CA GLN K 44 -65.12 -69.94 -63.56
C GLN K 44 -64.56 -69.53 -62.20
N SER K 45 -64.18 -68.27 -62.06
CA SER K 45 -63.58 -67.75 -60.84
C SER K 45 -64.59 -66.90 -60.10
N MET K 46 -64.82 -67.22 -58.83
CA MET K 46 -65.70 -66.43 -58.00
C MET K 46 -64.94 -65.24 -57.43
N SER K 47 -65.36 -64.05 -57.80
CA SER K 47 -64.78 -62.82 -57.31
C SER K 47 -65.53 -62.33 -56.09
N PRO K 48 -64.95 -61.43 -55.30
CA PRO K 48 -65.73 -60.77 -54.24
C PRO K 48 -66.93 -60.00 -54.76
N ALA K 49 -67.04 -59.81 -56.06
CA ALA K 49 -68.16 -59.10 -56.68
C ALA K 49 -68.77 -59.92 -57.79
N GLY K 50 -68.98 -61.21 -57.53
CA GLY K 50 -69.70 -62.08 -58.44
C GLY K 50 -68.77 -62.95 -59.28
N ILE K 51 -69.40 -63.88 -59.99
CA ILE K 51 -68.66 -64.83 -60.82
C ILE K 51 -68.00 -64.10 -61.99
N VAL K 52 -66.82 -64.58 -62.36
CA VAL K 52 -66.14 -64.17 -63.59
C VAL K 52 -65.61 -65.42 -64.27
N ALA K 53 -64.92 -65.25 -65.39
CA ALA K 53 -64.37 -66.38 -66.11
C ALA K 53 -63.13 -65.93 -66.88
N SER K 54 -62.12 -66.79 -66.91
CA SER K 54 -60.90 -66.46 -67.63
C SER K 54 -61.16 -66.37 -69.12
N ASP K 55 -60.15 -65.92 -69.85
CA ASP K 55 -60.18 -66.04 -71.30
C ASP K 55 -60.32 -67.51 -71.68
N LYS K 56 -60.64 -67.75 -72.94
CA LYS K 56 -60.87 -69.09 -73.45
C LYS K 56 -59.61 -69.56 -74.17
N ILE K 57 -59.09 -70.70 -73.72
CA ILE K 57 -57.84 -71.24 -74.22
C ILE K 57 -58.16 -72.24 -75.32
N ASN K 58 -57.60 -72.00 -76.51
CA ASN K 58 -57.69 -72.97 -77.59
C ASN K 58 -56.65 -74.05 -77.35
N LEU K 59 -57.11 -75.28 -77.10
CA LEU K 59 -56.21 -76.34 -76.70
C LEU K 59 -55.31 -76.81 -77.84
N LYS K 60 -55.62 -76.45 -79.08
CA LYS K 60 -54.67 -76.62 -80.17
C LYS K 60 -53.55 -75.61 -80.11
N HIS K 61 -53.65 -74.58 -79.26
CA HIS K 61 -52.71 -73.47 -79.23
C HIS K 61 -52.10 -73.28 -77.85
N VAL K 62 -52.10 -74.33 -77.03
CA VAL K 62 -51.43 -74.28 -75.73
C VAL K 62 -49.95 -74.55 -75.95
N LEU K 63 -49.11 -73.59 -75.54
CA LEU K 63 -47.68 -73.71 -75.75
C LEU K 63 -47.00 -74.51 -74.64
N TYR K 64 -47.16 -74.06 -73.39
CA TYR K 64 -46.60 -74.80 -72.27
C TYR K 64 -47.48 -74.62 -71.05
N ALA K 65 -47.49 -75.63 -70.19
CA ALA K 65 -48.27 -75.60 -68.95
C ALA K 65 -47.48 -76.33 -67.88
N LYS K 66 -47.11 -75.61 -66.82
CA LYS K 66 -46.24 -76.17 -65.80
C LYS K 66 -46.50 -75.48 -64.46
N ALA K 67 -46.43 -76.27 -63.39
CA ALA K 67 -46.58 -75.78 -62.03
C ALA K 67 -45.22 -75.64 -61.35
N THR K 68 -45.22 -74.98 -60.20
CA THR K 68 -44.04 -74.80 -59.38
C THR K 68 -44.32 -75.28 -57.96
N PRO K 69 -43.31 -75.80 -57.27
CA PRO K 69 -43.54 -76.45 -55.97
C PRO K 69 -43.58 -75.50 -54.77
N SER K 70 -43.58 -74.19 -54.97
CA SER K 70 -43.66 -73.15 -53.96
C SER K 70 -42.34 -72.96 -53.23
N GLU K 71 -41.33 -73.77 -53.48
CA GLU K 71 -40.01 -73.58 -52.87
C GLU K 71 -38.99 -73.02 -53.84
N ALA K 72 -39.32 -72.93 -55.12
CA ALA K 72 -38.45 -72.29 -56.11
C ALA K 72 -38.51 -70.77 -56.04
N LEU K 73 -39.33 -70.22 -55.17
CA LEU K 73 -39.53 -68.79 -55.06
C LEU K 73 -39.06 -68.22 -53.73
N ALA K 74 -38.63 -69.06 -52.80
CA ALA K 74 -38.11 -68.60 -51.53
C ALA K 74 -36.67 -68.14 -51.68
N HIS K 75 -36.35 -67.01 -51.04
CA HIS K 75 -35.02 -66.42 -51.11
C HIS K 75 -34.30 -66.72 -49.80
N LYS K 76 -33.23 -67.50 -49.89
CA LYS K 76 -32.46 -67.86 -48.71
C LYS K 76 -31.57 -66.70 -48.30
N LEU K 77 -31.63 -66.35 -47.01
CA LEU K 77 -30.89 -65.21 -46.49
C LEU K 77 -29.41 -65.56 -46.46
N VAL K 78 -28.60 -64.74 -47.14
CA VAL K 78 -27.19 -65.02 -47.32
C VAL K 78 -26.51 -64.99 -45.95
N ARG K 79 -25.99 -66.13 -45.51
CA ARG K 79 -25.35 -66.28 -44.21
C ARG K 79 -23.84 -66.38 -44.40
N TYR K 80 -23.10 -65.74 -43.50
CA TYR K 80 -21.65 -65.72 -43.54
C TYR K 80 -21.08 -66.27 -42.23
N SER K 81 -19.77 -66.47 -42.23
CA SER K 81 -19.04 -66.94 -41.05
C SER K 81 -17.68 -66.26 -41.04
N VAL K 82 -17.50 -65.32 -40.12
CA VAL K 82 -16.25 -64.61 -39.95
C VAL K 82 -15.41 -65.32 -38.90
N THR K 83 -14.09 -65.29 -39.09
CA THR K 83 -13.20 -66.07 -38.25
C THR K 83 -11.78 -65.52 -38.40
N LEU K 84 -10.97 -65.74 -37.36
CA LEU K 84 -9.56 -65.36 -37.41
C LEU K 84 -8.81 -66.31 -38.33
N ASP K 85 -7.94 -65.75 -39.17
CA ASP K 85 -7.14 -66.55 -40.10
C ASP K 85 -6.01 -67.21 -39.32
N ALA K 86 -6.05 -68.54 -39.21
CA ALA K 86 -5.02 -69.25 -38.47
C ALA K 86 -3.64 -69.01 -39.08
N ASP K 87 -3.56 -68.89 -40.40
CA ASP K 87 -2.27 -68.65 -41.06
C ASP K 87 -1.60 -67.40 -40.48
N VAL K 88 -2.29 -66.27 -40.53
CA VAL K 88 -1.78 -65.06 -39.88
C VAL K 88 -1.57 -65.33 -38.40
N SER K 89 -2.67 -65.58 -37.69
CA SER K 89 -2.60 -65.95 -36.28
C SER K 89 -3.96 -66.43 -35.80
N ALA K 90 -3.98 -67.53 -35.04
CA ALA K 90 -5.22 -68.06 -34.49
C ALA K 90 -5.72 -67.26 -33.29
N THR K 91 -5.04 -66.18 -32.94
CA THR K 91 -5.44 -65.30 -31.86
C THR K 91 -5.11 -63.87 -32.23
N PRO K 92 -5.75 -62.89 -31.62
CA PRO K 92 -5.42 -61.50 -31.93
C PRO K 92 -4.04 -61.14 -31.41
N VAL K 93 -3.39 -60.22 -32.12
CA VAL K 93 -2.07 -59.73 -31.75
C VAL K 93 -2.25 -58.39 -31.06
N ALA K 94 -1.75 -58.28 -29.83
CA ALA K 94 -1.98 -57.08 -29.04
C ALA K 94 -1.39 -55.86 -29.73
N GLY K 95 -2.13 -54.74 -29.68
CA GLY K 95 -1.68 -53.51 -30.28
C GLY K 95 -2.11 -53.29 -31.70
N GLN K 96 -3.01 -54.11 -32.23
CA GLN K 96 -3.43 -54.04 -33.61
C GLN K 96 -4.93 -53.75 -33.69
N ASN K 97 -5.31 -52.93 -34.67
CA ASN K 97 -6.69 -52.53 -34.89
C ASN K 97 -7.35 -53.55 -35.82
N TYR K 98 -8.13 -54.47 -35.26
CA TYR K 98 -8.81 -55.49 -36.04
C TYR K 98 -10.11 -54.91 -36.57
N ILE K 99 -9.99 -54.13 -37.65
CA ILE K 99 -11.15 -53.51 -38.25
C ILE K 99 -11.82 -54.48 -39.22
N LEU K 100 -13.12 -54.29 -39.41
CA LEU K 100 -13.91 -55.07 -40.35
C LEU K 100 -14.80 -54.13 -41.14
N ARG K 101 -14.93 -54.37 -42.43
CA ARG K 101 -15.65 -53.51 -43.35
C ARG K 101 -16.77 -54.30 -44.00
N LEU K 102 -18.02 -53.94 -43.68
CA LEU K 102 -19.19 -54.56 -44.28
C LEU K 102 -19.58 -53.74 -45.51
N ALA K 103 -19.27 -54.25 -46.69
CA ALA K 103 -19.58 -53.57 -47.94
C ALA K 103 -20.98 -53.99 -48.39
N PHE K 104 -21.85 -53.01 -48.58
CA PHE K 104 -23.24 -53.25 -48.94
C PHE K 104 -23.50 -52.81 -50.37
N ARG K 105 -24.16 -53.68 -51.13
CA ARG K 105 -24.59 -53.38 -52.48
C ARG K 105 -26.11 -53.37 -52.54
N GLN K 106 -26.65 -52.68 -53.54
CA GLN K 106 -28.09 -52.48 -53.66
C GLN K 106 -28.60 -51.74 -52.42
N TYR K 107 -27.92 -50.65 -52.11
CA TYR K 107 -28.36 -49.69 -51.10
C TYR K 107 -29.29 -48.76 -51.86
N ILE K 108 -29.89 -47.79 -51.16
CA ILE K 108 -31.21 -47.25 -51.48
C ILE K 108 -31.57 -47.39 -52.95
N GLY K 109 -30.64 -47.05 -53.83
CA GLY K 109 -30.87 -47.29 -55.24
C GLY K 109 -31.10 -48.76 -55.52
N LEU K 110 -31.12 -49.09 -56.81
CA LEU K 110 -31.30 -50.46 -57.26
C LEU K 110 -30.10 -51.02 -57.98
N SER K 111 -29.20 -50.18 -58.46
CA SER K 111 -27.97 -50.62 -59.09
C SER K 111 -26.93 -51.02 -58.04
N GLU K 112 -25.81 -51.55 -58.50
CA GLU K 112 -24.68 -51.87 -57.65
C GLU K 112 -23.68 -50.73 -57.53
N GLU K 113 -23.73 -49.75 -58.43
CA GLU K 113 -23.00 -48.52 -58.19
C GLU K 113 -23.45 -47.83 -56.91
N ASP K 114 -24.59 -48.24 -56.35
CA ASP K 114 -25.11 -47.72 -55.10
C ASP K 114 -24.57 -48.62 -53.98
N GLN K 115 -23.52 -48.15 -53.31
CA GLN K 115 -22.84 -48.93 -52.29
C GLN K 115 -22.89 -48.19 -50.96
N TYR K 116 -22.63 -48.95 -49.89
CA TYR K 116 -22.70 -48.43 -48.54
C TYR K 116 -21.83 -49.31 -47.65
N PHE K 117 -21.09 -48.68 -46.74
CA PHE K 117 -20.08 -49.36 -45.94
C PHE K 117 -20.34 -49.12 -44.46
N LYS K 118 -20.18 -50.19 -43.67
CA LYS K 118 -20.36 -50.14 -42.23
C LYS K 118 -19.23 -50.92 -41.58
N TYR K 119 -18.61 -50.33 -40.57
CA TYR K 119 -17.35 -50.83 -40.03
C TYR K 119 -17.50 -51.34 -38.60
N GLY K 120 -16.57 -52.21 -38.24
CA GLY K 120 -16.41 -52.62 -36.86
C GLY K 120 -14.96 -52.43 -36.45
N GLU K 121 -14.77 -52.20 -35.15
CA GLU K 121 -13.44 -51.89 -34.62
C GLU K 121 -13.21 -52.67 -33.34
N VAL K 122 -12.06 -53.33 -33.27
CA VAL K 122 -11.62 -53.99 -32.05
C VAL K 122 -10.11 -53.86 -31.93
N ILE K 123 -9.67 -53.03 -30.99
CA ILE K 123 -8.24 -52.91 -30.68
C ILE K 123 -7.88 -54.02 -29.71
N ALA K 124 -6.98 -54.90 -30.11
CA ALA K 124 -6.66 -56.08 -29.32
C ALA K 124 -5.71 -55.72 -28.19
N ARG K 125 -5.86 -56.42 -27.08
CA ARG K 125 -5.05 -56.24 -25.89
C ARG K 125 -4.34 -57.55 -25.55
N SER K 126 -3.37 -57.45 -24.65
CA SER K 126 -2.63 -58.63 -24.24
C SER K 126 -3.56 -59.60 -23.52
N GLY K 127 -3.50 -60.86 -23.94
CA GLY K 127 -4.34 -61.89 -23.34
C GLY K 127 -5.74 -61.95 -23.89
N MET K 128 -6.05 -61.19 -24.93
CA MET K 128 -7.39 -61.20 -25.54
C MET K 128 -7.57 -62.50 -26.28
N THR K 129 -8.28 -63.44 -25.67
CA THR K 129 -8.56 -64.72 -26.32
C THR K 129 -9.46 -64.49 -27.54
N ALA K 130 -9.72 -65.56 -28.29
CA ALA K 130 -10.48 -65.40 -29.53
C ALA K 130 -11.96 -65.13 -29.24
N SER K 131 -12.53 -65.83 -28.26
CA SER K 131 -13.94 -65.63 -27.94
C SER K 131 -14.23 -64.18 -27.57
N ASP K 132 -13.35 -63.59 -26.75
CA ASP K 132 -13.56 -62.20 -26.36
C ASP K 132 -13.45 -61.27 -27.55
N PHE K 133 -12.59 -61.59 -28.52
CA PHE K 133 -12.48 -60.78 -29.71
C PHE K 133 -13.75 -60.85 -30.54
N TYR K 134 -14.28 -62.05 -30.75
CA TYR K 134 -15.53 -62.19 -31.48
C TYR K 134 -16.65 -61.44 -30.78
N LYS K 135 -16.75 -61.61 -29.47
CA LYS K 135 -17.75 -60.89 -28.68
C LYS K 135 -17.65 -59.39 -28.92
N LYS K 136 -16.48 -58.82 -28.66
CA LYS K 136 -16.31 -57.37 -28.81
C LYS K 136 -16.46 -56.94 -30.25
N MET K 137 -16.11 -57.80 -31.21
CA MET K 137 -16.27 -57.45 -32.62
C MET K 137 -17.75 -57.44 -33.01
N ALA K 138 -18.49 -58.47 -32.59
CA ALA K 138 -19.92 -58.51 -32.88
C ALA K 138 -20.63 -57.31 -32.29
N ILE K 139 -20.28 -56.94 -31.07
CA ILE K 139 -20.94 -55.83 -30.40
C ILE K 139 -20.65 -54.52 -31.12
N SER K 140 -19.38 -54.29 -31.48
CA SER K 140 -19.05 -53.08 -32.23
C SER K 140 -19.84 -53.02 -33.54
N LEU K 141 -20.06 -54.17 -34.17
CA LEU K 141 -20.85 -54.21 -35.39
C LEU K 141 -22.29 -53.81 -35.12
N ALA K 142 -22.92 -54.47 -34.14
CA ALA K 142 -24.29 -54.14 -33.78
C ALA K 142 -24.42 -52.65 -33.46
N LYS K 143 -23.54 -52.13 -32.60
CA LYS K 143 -23.63 -50.72 -32.21
C LYS K 143 -23.52 -49.81 -33.41
N ASN K 144 -22.53 -50.05 -34.28
CA ASN K 144 -22.34 -49.20 -35.44
C ASN K 144 -23.41 -49.40 -36.50
N LEU K 145 -24.10 -50.55 -36.46
CA LEU K 145 -25.13 -50.85 -37.46
C LEU K 145 -26.48 -50.28 -37.03
N GLU K 146 -26.97 -50.70 -35.87
CA GLU K 146 -28.29 -50.31 -35.40
C GLU K 146 -28.14 -49.24 -34.33
N ASN K 147 -27.80 -48.04 -34.77
CA ASN K 147 -28.04 -46.85 -33.97
C ASN K 147 -29.50 -46.48 -34.13
N LYS K 148 -30.19 -46.19 -33.02
CA LYS K 148 -31.63 -45.93 -33.08
C LYS K 148 -31.94 -44.96 -34.21
N THR K 149 -31.01 -44.06 -34.51
CA THR K 149 -31.12 -43.20 -35.68
C THR K 149 -30.32 -43.79 -36.84
N GLU K 150 -30.80 -44.94 -37.30
CA GLU K 150 -30.34 -45.53 -38.56
C GLU K 150 -31.54 -46.16 -39.24
N SER K 151 -31.93 -45.59 -40.38
CA SER K 151 -33.22 -45.91 -40.98
C SER K 151 -33.34 -47.39 -41.32
N THR K 152 -32.48 -47.88 -42.22
CA THR K 152 -32.69 -49.21 -42.76
C THR K 152 -32.04 -50.27 -41.88
N PRO K 153 -32.74 -51.38 -41.59
CA PRO K 153 -32.08 -52.52 -40.92
C PRO K 153 -31.32 -53.34 -41.96
N LEU K 154 -30.02 -53.49 -41.75
CA LEU K 154 -29.12 -53.99 -42.78
C LEU K 154 -28.82 -55.48 -42.60
N VAL K 155 -28.25 -55.87 -41.46
CA VAL K 155 -27.87 -57.25 -41.20
C VAL K 155 -28.20 -57.61 -39.76
N ASN K 156 -28.20 -58.91 -39.50
CA ASN K 156 -28.41 -59.47 -38.17
C ASN K 156 -27.12 -60.14 -37.73
N ILE K 157 -26.56 -59.68 -36.62
CA ILE K 157 -25.32 -60.22 -36.10
C ILE K 157 -25.65 -61.41 -35.20
N TYR K 158 -24.76 -62.39 -35.17
CA TYR K 158 -24.96 -63.59 -34.38
C TYR K 158 -23.60 -64.06 -33.87
N LEU K 159 -23.66 -65.00 -32.93
CA LEU K 159 -22.47 -65.65 -32.39
C LEU K 159 -22.81 -67.10 -32.11
N ILE K 160 -21.80 -67.95 -32.19
CA ILE K 160 -21.96 -69.39 -32.00
C ILE K 160 -20.93 -69.87 -30.99
N SER K 161 -21.40 -70.52 -29.94
CA SER K 161 -20.52 -71.16 -28.97
C SER K 161 -20.10 -72.52 -29.49
N ALA K 162 -18.80 -72.82 -29.40
CA ALA K 162 -18.30 -74.10 -29.89
C ALA K 162 -18.97 -75.29 -29.21
N ALA K 163 -19.61 -75.07 -28.05
CA ALA K 163 -20.32 -76.15 -27.39
C ALA K 163 -21.59 -76.51 -28.15
N ALA K 164 -22.42 -75.50 -28.47
CA ALA K 164 -23.63 -75.75 -29.22
C ALA K 164 -23.32 -76.01 -30.70
N ALA K 165 -22.71 -75.04 -31.37
CA ALA K 165 -22.32 -75.05 -32.76
C ALA K 165 -23.51 -74.86 -33.69
N SER K 166 -24.74 -74.87 -33.18
CA SER K 166 -25.93 -74.69 -33.98
C SER K 166 -26.75 -73.49 -33.54
N THR K 167 -26.98 -73.32 -32.24
CA THR K 167 -27.83 -72.25 -31.73
C THR K 167 -27.05 -70.95 -31.79
N ASP K 168 -27.29 -70.16 -32.84
CA ASP K 168 -26.69 -68.84 -32.93
C ASP K 168 -27.35 -67.91 -31.92
N VAL K 169 -26.53 -67.17 -31.20
CA VAL K 169 -27.01 -66.24 -30.17
C VAL K 169 -27.02 -64.83 -30.75
N PRO K 170 -28.09 -64.08 -30.59
CA PRO K 170 -28.16 -62.75 -31.23
C PRO K 170 -27.29 -61.72 -30.53
N VAL K 171 -27.01 -60.64 -31.26
CA VAL K 171 -26.26 -59.51 -30.74
C VAL K 171 -26.90 -58.23 -31.25
N THR K 172 -27.60 -57.52 -30.38
CA THR K 172 -28.23 -56.26 -30.72
C THR K 172 -27.47 -55.11 -30.09
N SER K 173 -27.74 -53.89 -30.59
CA SER K 173 -27.16 -52.69 -30.00
C SER K 173 -27.57 -52.51 -28.55
N ALA K 174 -28.60 -53.22 -28.09
CA ALA K 174 -28.98 -53.25 -26.68
C ALA K 174 -28.24 -54.33 -25.91
N THR K 175 -27.58 -55.26 -26.60
CA THR K 175 -26.87 -56.33 -25.93
C THR K 175 -25.62 -55.79 -25.24
N LYS K 176 -25.24 -56.45 -24.15
CA LYS K 176 -24.07 -56.08 -23.36
C LYS K 176 -23.18 -57.29 -23.16
N GLU K 177 -21.88 -57.03 -23.03
CA GLU K 177 -20.93 -58.12 -22.78
C GLU K 177 -21.38 -58.98 -21.61
N SER K 178 -21.97 -58.35 -20.59
CA SER K 178 -22.49 -59.10 -19.44
C SER K 178 -23.47 -60.19 -19.88
N ASP K 179 -24.18 -59.96 -20.98
CA ASP K 179 -25.14 -60.95 -21.47
C ASP K 179 -24.44 -62.09 -22.18
N LEU K 180 -23.31 -61.82 -22.83
CA LEU K 180 -22.53 -62.84 -23.52
C LEU K 180 -21.50 -63.38 -22.54
N THR K 181 -21.79 -64.54 -21.96
CA THR K 181 -20.99 -65.09 -20.87
C THR K 181 -20.09 -66.24 -21.28
N ALA K 182 -20.42 -66.96 -22.34
CA ALA K 182 -19.63 -68.12 -22.74
C ALA K 182 -18.20 -67.68 -23.09
N THR K 183 -17.33 -68.68 -23.26
CA THR K 183 -15.92 -68.44 -23.56
C THR K 183 -15.43 -69.22 -24.77
N ASP K 184 -16.28 -70.01 -25.41
CA ASP K 184 -15.92 -70.81 -26.57
C ASP K 184 -16.64 -70.32 -27.83
N TYR K 185 -16.77 -69.01 -27.97
CA TYR K 185 -17.39 -68.43 -29.16
C TYR K 185 -16.49 -68.69 -30.35
N ASN K 186 -16.99 -69.50 -31.29
CA ASN K 186 -16.14 -70.01 -32.37
C ASN K 186 -16.00 -69.03 -33.52
N GLN K 187 -17.02 -68.26 -33.82
CA GLN K 187 -17.03 -67.43 -35.02
C GLN K 187 -18.09 -66.35 -34.89
N ILE K 188 -18.16 -65.50 -35.91
CA ILE K 188 -19.15 -64.44 -36.01
C ILE K 188 -19.96 -64.68 -37.27
N ILE K 189 -21.27 -64.80 -37.13
CA ILE K 189 -22.16 -64.98 -38.25
C ILE K 189 -22.80 -63.65 -38.61
N ILE K 190 -23.03 -63.44 -39.90
CA ILE K 190 -23.71 -62.26 -40.41
C ILE K 190 -24.70 -62.71 -41.46
N GLU K 191 -25.87 -62.07 -41.49
CA GLU K 191 -26.98 -62.58 -42.27
C GLU K 191 -27.78 -61.42 -42.85
N GLU K 192 -28.52 -61.72 -43.90
CA GLU K 192 -29.37 -60.74 -44.56
C GLU K 192 -30.60 -60.46 -43.70
N THR K 193 -31.40 -59.50 -44.16
CA THR K 193 -32.62 -59.10 -43.46
C THR K 193 -33.75 -58.94 -44.47
N GLU K 194 -34.95 -59.31 -44.06
CA GLU K 194 -36.14 -59.03 -44.85
C GLU K 194 -36.43 -57.55 -44.77
N GLN K 195 -36.04 -56.81 -45.80
CA GLN K 195 -36.32 -55.38 -45.86
C GLN K 195 -37.81 -55.15 -45.76
N PRO K 196 -38.25 -53.93 -45.43
CA PRO K 196 -39.69 -53.68 -45.37
C PRO K 196 -40.35 -53.89 -46.72
N TRP K 197 -41.61 -54.32 -46.68
CA TRP K 197 -42.37 -54.64 -47.88
C TRP K 197 -43.74 -53.99 -47.80
N VAL K 198 -44.18 -53.41 -48.90
CA VAL K 198 -45.48 -52.75 -49.00
C VAL K 198 -46.13 -53.19 -50.30
N LEU K 199 -47.40 -53.59 -50.22
CA LEU K 199 -48.11 -54.11 -51.38
C LEU K 199 -48.25 -53.06 -52.45
N GLY K 200 -47.67 -53.32 -53.62
CA GLY K 200 -47.74 -52.42 -54.75
C GLY K 200 -46.77 -51.28 -54.72
N MET K 201 -46.13 -51.00 -53.57
CA MET K 201 -45.24 -49.87 -53.41
C MET K 201 -43.79 -50.29 -53.23
N MET K 202 -43.53 -51.19 -52.29
CA MET K 202 -42.16 -51.54 -51.89
C MET K 202 -41.94 -53.02 -52.12
N PRO K 203 -41.29 -53.41 -53.21
CA PRO K 203 -41.19 -54.84 -53.51
C PRO K 203 -40.20 -55.56 -52.60
N GLN K 204 -40.36 -56.88 -52.54
CA GLN K 204 -39.43 -57.72 -51.79
C GLN K 204 -38.04 -57.59 -52.38
N ALA K 205 -37.10 -57.12 -51.56
CA ALA K 205 -35.73 -56.91 -52.01
C ALA K 205 -34.80 -57.08 -50.81
N PHE K 206 -33.52 -57.24 -51.12
CA PHE K 206 -32.51 -57.49 -50.10
C PHE K 206 -31.24 -56.73 -50.48
N ILE K 207 -30.44 -56.42 -49.46
CA ILE K 207 -29.18 -55.70 -49.65
C ILE K 207 -28.05 -56.73 -49.55
N PRO K 208 -27.37 -57.05 -50.65
CA PRO K 208 -26.26 -58.01 -50.56
C PRO K 208 -25.01 -57.39 -49.96
N PHE K 209 -24.29 -58.20 -49.18
CA PHE K 209 -23.13 -57.74 -48.46
C PHE K 209 -22.02 -58.78 -48.55
N THR K 210 -20.79 -58.33 -48.36
CA THR K 210 -19.65 -59.21 -48.22
C THR K 210 -18.71 -58.65 -47.16
N PRO K 211 -18.41 -59.39 -46.10
CA PRO K 211 -17.45 -58.89 -45.11
C PRO K 211 -16.03 -58.80 -45.65
N GLN K 212 -15.52 -57.58 -45.78
CA GLN K 212 -14.16 -57.33 -46.21
C GLN K 212 -13.31 -56.90 -45.02
N PHE K 213 -12.11 -57.45 -44.93
CA PHE K 213 -11.22 -57.22 -43.81
C PHE K 213 -10.16 -56.19 -44.14
N LEU K 214 -9.57 -55.62 -43.10
CA LEU K 214 -8.48 -54.66 -43.22
C LEU K 214 -7.17 -55.29 -42.75
N THR K 215 -6.07 -54.69 -43.18
CA THR K 215 -4.75 -55.23 -42.94
C THR K 215 -4.29 -54.96 -41.52
N ILE K 216 -3.57 -55.93 -40.95
CA ILE K 216 -2.85 -55.76 -39.71
C ILE K 216 -1.39 -56.13 -39.97
N THR K 217 -0.51 -55.61 -39.10
CA THR K 217 0.92 -55.91 -39.21
C THR K 217 1.23 -57.08 -38.29
N VAL K 218 1.22 -58.27 -38.86
CA VAL K 218 1.76 -59.46 -38.21
C VAL K 218 3.23 -59.47 -38.57
N ASP K 219 3.98 -60.45 -38.07
CA ASP K 219 5.37 -60.28 -37.62
C ASP K 219 6.02 -59.14 -38.39
N GLY K 220 6.08 -59.16 -39.73
CA GLY K 220 6.60 -58.02 -40.45
C GLY K 220 5.78 -57.43 -41.58
N GLU K 221 4.67 -58.07 -41.97
CA GLU K 221 3.94 -57.71 -43.16
C GLU K 221 2.47 -57.44 -42.88
N ASP K 222 1.86 -56.63 -43.75
CA ASP K 222 0.45 -56.31 -43.66
C ASP K 222 -0.37 -57.46 -44.24
N ARG K 223 -1.20 -58.08 -43.41
CA ARG K 223 -1.97 -59.25 -43.80
C ARG K 223 -3.39 -59.15 -43.25
N LEU K 224 -4.34 -59.67 -44.02
CA LEU K 224 -5.72 -59.73 -43.58
C LEU K 224 -5.86 -60.71 -42.42
N TRP K 225 -6.69 -60.36 -41.44
CA TRP K 225 -6.73 -61.07 -40.17
C TRP K 225 -7.86 -62.09 -40.08
N GLY K 226 -8.63 -62.30 -41.14
CA GLY K 226 -9.80 -63.13 -40.99
C GLY K 226 -10.19 -63.86 -42.26
N VAL K 227 -11.37 -64.47 -42.20
CA VAL K 227 -11.89 -65.34 -43.26
C VAL K 227 -13.40 -65.14 -43.34
N ALA K 228 -13.88 -64.76 -44.53
CA ALA K 228 -15.31 -64.55 -44.76
C ALA K 228 -15.83 -65.74 -45.56
N THR K 229 -16.47 -66.67 -44.86
CA THR K 229 -17.02 -67.88 -45.47
C THR K 229 -18.52 -67.73 -45.67
N VAL K 230 -19.01 -68.31 -46.76
CA VAL K 230 -20.43 -68.29 -47.10
C VAL K 230 -21.00 -69.64 -46.71
N VAL K 231 -21.57 -69.72 -45.52
CA VAL K 231 -22.11 -70.97 -45.01
C VAL K 231 -23.55 -71.14 -45.49
N THR K 232 -24.02 -72.37 -45.43
CA THR K 232 -25.37 -72.67 -45.92
C THR K 232 -26.40 -71.97 -45.03
N PRO K 233 -27.36 -71.24 -45.60
CA PRO K 233 -28.35 -70.55 -44.77
C PRO K 233 -29.26 -71.52 -44.05
N THR K 234 -30.08 -70.96 -43.16
CA THR K 234 -31.07 -71.71 -42.42
C THR K 234 -32.43 -71.04 -42.37
N LYS K 235 -32.60 -69.89 -43.03
CA LYS K 235 -33.83 -69.11 -42.98
C LYS K 235 -34.20 -68.66 -44.37
N THR K 236 -35.50 -68.69 -44.68
CA THR K 236 -36.02 -68.32 -45.98
C THR K 236 -37.13 -67.29 -45.84
N VAL K 237 -37.48 -66.69 -46.97
CA VAL K 237 -38.67 -65.84 -47.08
C VAL K 237 -39.76 -66.67 -47.74
N PRO K 238 -40.98 -66.73 -47.18
CA PRO K 238 -41.90 -67.80 -47.56
C PRO K 238 -42.70 -67.56 -48.82
N ASP K 239 -42.29 -66.60 -49.67
CA ASP K 239 -42.87 -66.44 -51.00
C ASP K 239 -44.25 -65.79 -50.96
N GLY K 240 -44.75 -65.51 -49.75
CA GLY K 240 -46.08 -64.92 -49.65
C GLY K 240 -46.19 -63.56 -50.31
N HIS K 241 -45.15 -62.73 -50.16
CA HIS K 241 -45.23 -61.36 -50.65
C HIS K 241 -45.09 -61.27 -52.16
N LEU K 242 -44.34 -62.20 -52.78
CA LEU K 242 -44.19 -62.17 -54.23
C LEU K 242 -45.53 -62.40 -54.91
N ILE K 243 -46.30 -63.37 -54.42
CA ILE K 243 -47.60 -63.66 -55.02
C ILE K 243 -48.56 -62.51 -54.83
N ALA K 244 -48.53 -61.89 -53.64
CA ALA K 244 -49.41 -60.76 -53.38
C ALA K 244 -49.13 -59.61 -54.33
N ASP K 245 -47.85 -59.25 -54.48
CA ASP K 245 -47.50 -58.22 -55.44
C ASP K 245 -47.77 -58.66 -56.87
N LEU K 246 -47.74 -59.98 -57.12
CA LEU K 246 -48.09 -60.49 -58.44
C LEU K 246 -49.57 -60.28 -58.74
N GLU K 247 -50.43 -60.68 -57.81
CA GLU K 247 -51.87 -60.44 -57.96
C GLU K 247 -52.14 -58.96 -58.12
N TYR K 248 -51.57 -58.13 -57.25
CA TYR K 248 -51.76 -56.69 -57.34
C TYR K 248 -51.49 -56.19 -58.74
N PHE K 249 -50.44 -56.69 -59.37
CA PHE K 249 -50.09 -56.25 -60.71
C PHE K 249 -50.96 -56.90 -61.78
N CYS K 250 -51.27 -58.19 -61.63
CA CYS K 250 -51.98 -58.93 -62.66
C CYS K 250 -53.49 -58.73 -62.60
N MET K 251 -54.01 -58.07 -61.57
CA MET K 251 -55.41 -57.70 -61.52
C MET K 251 -55.68 -56.33 -62.10
N GLY K 252 -54.63 -55.61 -62.52
CA GLY K 252 -54.80 -54.41 -63.31
C GLY K 252 -54.97 -54.70 -64.79
N ALA K 253 -54.47 -55.84 -65.25
CA ALA K 253 -54.80 -56.31 -66.59
C ALA K 253 -56.26 -56.71 -66.71
N ARG K 254 -56.93 -56.88 -65.58
CA ARG K 254 -58.32 -57.32 -65.53
C ARG K 254 -59.24 -56.28 -64.91
N GLY K 255 -58.75 -55.07 -64.66
CA GLY K 255 -59.53 -54.09 -63.93
C GLY K 255 -58.86 -52.74 -63.80
N ASP K 256 -58.91 -52.17 -62.61
CA ASP K 256 -58.41 -50.81 -62.38
C ASP K 256 -56.89 -50.82 -62.42
N ILE K 257 -56.32 -50.13 -63.41
CA ILE K 257 -54.87 -50.01 -63.53
C ILE K 257 -54.31 -48.86 -62.73
N TYR K 258 -55.16 -48.01 -62.15
CA TYR K 258 -54.71 -46.84 -61.42
C TYR K 258 -54.40 -47.16 -59.97
N ARG K 259 -55.20 -48.02 -59.35
CA ARG K 259 -54.97 -48.55 -58.01
C ARG K 259 -54.54 -47.44 -57.05
N GLY K 260 -55.37 -46.40 -56.98
CA GLY K 260 -55.25 -45.38 -55.96
C GLY K 260 -54.70 -44.05 -56.43
N MET K 261 -54.46 -43.85 -57.72
CA MET K 261 -53.70 -42.67 -58.15
C MET K 261 -54.50 -41.40 -57.91
N GLY K 262 -55.67 -41.27 -58.53
CA GLY K 262 -56.52 -40.14 -58.22
C GLY K 262 -57.36 -40.47 -57.01
N TYR K 263 -56.88 -40.08 -55.84
CA TYR K 263 -57.22 -40.81 -54.62
C TYR K 263 -58.72 -40.85 -54.35
N PRO K 264 -59.40 -39.73 -54.13
CA PRO K 264 -60.84 -39.82 -53.88
C PRO K 264 -61.60 -40.41 -55.06
N ASN K 265 -61.10 -40.20 -56.26
CA ASN K 265 -61.74 -40.63 -57.51
C ASN K 265 -61.18 -41.96 -58.00
N ILE K 266 -61.19 -43.00 -57.17
CA ILE K 266 -60.63 -44.28 -57.54
C ILE K 266 -61.69 -45.37 -57.46
N ILE K 267 -61.31 -46.55 -57.89
CA ILE K 267 -62.06 -47.77 -57.67
C ILE K 267 -61.33 -48.57 -56.60
N LYS K 268 -62.09 -49.25 -55.75
CA LYS K 268 -61.53 -50.06 -54.68
C LYS K 268 -61.50 -51.51 -55.12
N THR K 269 -60.30 -52.08 -55.16
CA THR K 269 -60.10 -53.46 -55.60
C THR K 269 -59.77 -54.34 -54.40
N THR K 270 -60.38 -55.52 -54.37
CA THR K 270 -60.11 -56.51 -53.35
C THR K 270 -59.09 -57.51 -53.85
N TYR K 271 -58.33 -58.07 -52.92
CA TYR K 271 -57.29 -59.04 -53.22
C TYR K 271 -57.44 -60.25 -52.32
N LEU K 272 -57.29 -61.44 -52.90
CA LEU K 272 -57.54 -62.68 -52.20
C LEU K 272 -56.27 -63.37 -51.73
N VAL K 273 -55.10 -62.82 -52.06
CA VAL K 273 -53.83 -63.38 -51.60
C VAL K 273 -53.58 -62.91 -50.17
N ASP K 274 -53.32 -63.86 -49.29
CA ASP K 274 -52.95 -63.56 -47.91
C ASP K 274 -51.43 -63.47 -47.81
N PRO K 275 -50.84 -62.28 -47.79
CA PRO K 275 -49.38 -62.20 -47.62
C PRO K 275 -48.99 -62.58 -46.21
N GLY K 276 -48.37 -63.74 -46.06
CA GLY K 276 -48.18 -64.37 -44.78
C GLY K 276 -48.34 -65.87 -44.92
N ALA K 277 -48.93 -66.28 -46.02
CA ALA K 277 -49.05 -67.67 -46.41
C ALA K 277 -48.00 -68.00 -47.45
N VAL K 278 -48.03 -69.24 -47.93
CA VAL K 278 -47.11 -69.72 -48.95
C VAL K 278 -47.93 -70.41 -50.04
N TYR K 279 -47.59 -70.13 -51.30
CA TYR K 279 -48.39 -70.53 -52.43
C TYR K 279 -47.58 -71.37 -53.41
N ASP K 280 -48.25 -72.32 -54.05
CA ASP K 280 -47.74 -73.05 -55.19
C ASP K 280 -48.46 -72.55 -56.44
N VAL K 281 -47.71 -72.40 -57.53
CA VAL K 281 -48.16 -71.64 -58.69
C VAL K 281 -48.33 -72.59 -59.88
N LEU K 282 -49.46 -72.45 -60.57
CA LEU K 282 -49.67 -73.06 -61.88
C LEU K 282 -49.71 -71.97 -62.93
N ASP K 283 -49.12 -72.25 -64.09
CA ASP K 283 -49.00 -71.26 -65.15
C ASP K 283 -49.23 -71.93 -66.49
N ILE K 284 -50.04 -71.30 -67.32
CA ILE K 284 -50.38 -71.81 -68.65
C ILE K 284 -50.05 -70.73 -69.67
N HIS K 285 -49.45 -71.15 -70.78
CA HIS K 285 -49.14 -70.28 -71.90
C HIS K 285 -49.87 -70.78 -73.13
N TYR K 286 -50.26 -69.83 -73.98
CA TYR K 286 -51.02 -70.14 -75.19
C TYR K 286 -51.06 -68.86 -76.01
N PHE K 287 -51.78 -68.91 -77.12
CA PHE K 287 -51.83 -67.80 -78.05
C PHE K 287 -53.11 -67.89 -78.86
N TYR K 288 -53.38 -66.83 -79.62
CA TYR K 288 -54.53 -66.77 -80.51
C TYR K 288 -54.05 -66.42 -81.90
N THR K 289 -54.58 -67.14 -82.89
CA THR K 289 -54.35 -66.86 -84.29
C THR K 289 -55.64 -66.43 -84.95
N GLY K 290 -55.52 -65.56 -85.95
CA GLY K 290 -56.64 -65.14 -86.76
C GLY K 290 -56.74 -65.93 -88.04
N SER K 291 -57.66 -65.48 -88.88
CA SER K 291 -57.97 -66.11 -90.14
C SER K 291 -57.04 -65.64 -91.24
N ASN K 292 -57.51 -65.76 -92.48
CA ASN K 292 -56.71 -65.79 -93.71
C ASN K 292 -55.48 -64.89 -93.58
N GLU K 293 -55.64 -63.57 -93.48
CA GLU K 293 -54.45 -62.71 -93.42
C GLU K 293 -53.95 -62.51 -91.99
N SER K 294 -54.79 -62.73 -90.99
CA SER K 294 -54.44 -62.48 -89.59
C SER K 294 -53.82 -63.73 -88.96
N VAL K 295 -52.68 -64.15 -89.49
CA VAL K 295 -52.00 -65.32 -88.95
C VAL K 295 -51.15 -64.99 -87.74
N GLN K 296 -50.80 -63.72 -87.53
CA GLN K 296 -49.98 -63.33 -86.39
C GLN K 296 -50.56 -63.90 -85.10
N LYS K 297 -49.67 -64.38 -84.25
CA LYS K 297 -50.07 -64.90 -82.95
C LYS K 297 -50.19 -63.76 -81.94
N SER K 298 -50.91 -64.04 -80.85
CA SER K 298 -50.97 -63.18 -79.68
C SER K 298 -50.86 -64.09 -78.47
N GLU K 299 -49.63 -64.33 -78.03
CA GLU K 299 -49.38 -65.24 -76.91
C GLU K 299 -49.93 -64.65 -75.62
N LYS K 300 -50.42 -65.53 -74.75
CA LYS K 300 -51.06 -65.13 -73.52
C LYS K 300 -50.60 -66.06 -72.41
N THR K 301 -50.72 -65.57 -71.18
CA THR K 301 -50.39 -66.36 -70.00
C THR K 301 -51.56 -66.25 -69.02
N ILE K 302 -52.13 -67.39 -68.67
CA ILE K 302 -53.12 -67.48 -67.60
C ILE K 302 -52.45 -68.15 -66.42
N THR K 303 -52.46 -67.46 -65.28
CA THR K 303 -51.72 -67.87 -64.09
C THR K 303 -52.69 -68.20 -62.97
N LEU K 304 -52.45 -69.32 -62.30
CA LEU K 304 -53.19 -69.70 -61.12
C LEU K 304 -52.24 -69.85 -59.94
N VAL K 305 -52.78 -69.66 -58.74
CA VAL K 305 -52.02 -69.82 -57.50
C VAL K 305 -52.92 -70.49 -56.48
N ALA K 306 -52.38 -71.51 -55.83
CA ALA K 306 -53.08 -72.22 -54.76
C ALA K 306 -52.24 -72.12 -53.49
N VAL K 307 -52.71 -72.75 -52.43
CA VAL K 307 -52.08 -72.67 -51.11
C VAL K 307 -51.33 -73.96 -50.87
N ASP K 308 -50.07 -73.83 -50.45
CA ASP K 308 -49.21 -74.98 -50.19
C ASP K 308 -49.31 -75.37 -48.72
N ASP K 309 -49.95 -76.50 -48.46
CA ASP K 309 -49.98 -77.07 -47.12
C ASP K 309 -48.71 -77.84 -46.78
N GLY K 310 -47.69 -77.77 -47.63
CA GLY K 310 -46.48 -78.52 -47.47
C GLY K 310 -46.42 -79.78 -48.32
N SER K 311 -47.57 -80.30 -48.74
CA SER K 311 -47.65 -81.50 -49.56
C SER K 311 -48.14 -81.24 -50.97
N HIS K 312 -48.34 -79.98 -51.35
CA HIS K 312 -48.85 -79.62 -52.67
C HIS K 312 -50.16 -80.35 -52.96
N THR K 313 -51.09 -80.25 -52.01
CA THR K 313 -52.36 -80.96 -52.13
C THR K 313 -53.33 -80.21 -53.02
N ALA K 314 -53.51 -78.90 -52.78
CA ALA K 314 -54.49 -78.14 -53.52
C ALA K 314 -54.10 -78.00 -54.98
N MET K 315 -52.83 -77.65 -55.25
CA MET K 315 -52.39 -77.51 -56.62
C MET K 315 -52.49 -78.82 -57.38
N ASN K 316 -52.28 -79.95 -56.70
CA ASN K 316 -52.45 -81.24 -57.34
C ASN K 316 -53.92 -81.47 -57.71
N ALA K 317 -54.83 -81.04 -56.85
CA ALA K 317 -56.26 -81.17 -57.17
C ALA K 317 -56.63 -80.34 -58.39
N LEU K 318 -56.09 -79.12 -58.49
CA LEU K 318 -56.30 -78.32 -59.69
C LEU K 318 -55.83 -79.08 -60.92
N ILE K 319 -54.56 -79.49 -60.93
CA ILE K 319 -53.99 -80.14 -62.10
C ILE K 319 -54.81 -81.37 -62.48
N GLY K 320 -55.25 -82.14 -61.48
CA GLY K 320 -56.10 -83.28 -61.78
C GLY K 320 -57.36 -82.88 -62.53
N ALA K 321 -58.06 -81.86 -62.02
CA ALA K 321 -59.31 -81.44 -62.66
C ALA K 321 -59.04 -80.85 -64.05
N ILE K 322 -57.98 -80.07 -64.19
CA ILE K 322 -57.67 -79.46 -65.48
C ILE K 322 -57.35 -80.54 -66.50
N ASN K 323 -56.55 -81.54 -66.12
CA ASN K 323 -56.21 -82.60 -67.04
C ASN K 323 -57.41 -83.48 -67.37
N THR K 324 -58.30 -83.67 -66.40
CA THR K 324 -59.50 -84.46 -66.63
C THR K 324 -60.44 -83.76 -67.61
N ALA K 325 -60.48 -82.42 -67.56
CA ALA K 325 -61.40 -81.64 -68.38
C ALA K 325 -60.79 -81.16 -69.68
N SER K 326 -59.46 -81.22 -69.82
CA SER K 326 -58.78 -80.65 -70.98
C SER K 326 -57.97 -81.66 -71.78
N GLY K 327 -57.78 -82.88 -71.27
CA GLY K 327 -56.92 -83.84 -71.90
C GLY K 327 -55.44 -83.56 -71.76
N LEU K 328 -55.05 -82.42 -71.19
CA LEU K 328 -53.66 -82.13 -70.94
C LEU K 328 -53.09 -83.12 -69.92
N THR K 329 -51.78 -83.06 -69.74
CA THR K 329 -51.09 -83.92 -68.79
C THR K 329 -50.12 -83.08 -67.95
N ILE K 330 -50.61 -81.95 -67.44
CA ILE K 330 -49.78 -81.11 -66.58
C ILE K 330 -49.25 -81.97 -65.45
N ALA K 331 -47.92 -82.02 -65.32
CA ALA K 331 -47.30 -82.88 -64.33
C ALA K 331 -47.57 -82.36 -62.94
N THR K 332 -47.93 -83.27 -62.04
CA THR K 332 -48.20 -82.91 -60.66
C THR K 332 -46.90 -82.58 -59.93
N LEU K 333 -47.04 -81.95 -58.76
CA LEU K 333 -45.90 -81.55 -57.96
C LEU K 333 -45.47 -82.69 -57.03
N MET L 1 -31.58 -7.79 -6.28
CA MET L 1 -32.17 -9.01 -6.91
C MET L 1 -33.41 -8.65 -7.71
N VAL L 2 -33.21 -8.14 -8.92
CA VAL L 2 -34.35 -7.89 -9.80
C VAL L 2 -34.95 -9.23 -10.19
N ILE L 3 -36.29 -9.29 -10.15
CA ILE L 3 -37.02 -10.53 -10.38
C ILE L 3 -38.11 -10.28 -11.41
N SER L 4 -38.75 -11.37 -11.81
CA SER L 4 -39.88 -11.30 -12.72
C SER L 4 -41.17 -11.27 -11.91
N ILE L 5 -42.12 -10.46 -12.37
CA ILE L 5 -43.38 -10.25 -11.67
C ILE L 5 -44.51 -10.55 -12.65
N ASN L 6 -45.56 -11.20 -12.14
CA ASN L 6 -46.79 -11.37 -12.91
C ASN L 6 -47.65 -10.12 -12.74
N GLN L 7 -47.09 -9.02 -13.24
CA GLN L 7 -47.70 -7.70 -13.28
C GLN L 7 -47.68 -6.95 -11.95
N VAL L 8 -47.41 -7.64 -10.83
CA VAL L 8 -47.05 -6.96 -9.59
C VAL L 8 -46.66 -8.01 -8.55
N ARG L 9 -45.84 -7.61 -7.58
CA ARG L 9 -45.59 -8.45 -6.42
C ARG L 9 -45.36 -7.54 -5.22
N GLN L 10 -45.92 -7.93 -4.07
CA GLN L 10 -45.87 -7.11 -2.87
C GLN L 10 -45.62 -7.99 -1.67
N LEU L 11 -44.86 -7.45 -0.71
CA LEU L 11 -44.31 -8.19 0.41
C LEU L 11 -44.65 -7.49 1.72
N TYR L 12 -44.97 -8.28 2.74
CA TYR L 12 -45.28 -7.77 4.07
C TYR L 12 -44.62 -8.66 5.10
N VAL L 13 -43.83 -8.06 5.98
CA VAL L 13 -43.09 -8.80 7.00
C VAL L 13 -44.02 -9.05 8.19
N ALA L 14 -44.23 -10.32 8.51
CA ALA L 14 -45.09 -10.71 9.62
C ALA L 14 -44.23 -11.00 10.86
N LYS L 15 -43.74 -9.91 11.46
CA LYS L 15 -42.93 -10.04 12.65
C LYS L 15 -43.75 -10.54 13.83
N ALA L 16 -45.00 -10.09 13.94
CA ALA L 16 -45.88 -10.46 15.04
C ALA L 16 -47.27 -10.72 14.51
N LEU L 17 -48.17 -11.08 15.42
CA LEU L 17 -49.55 -11.38 15.09
C LEU L 17 -50.42 -10.89 16.24
N LYS L 18 -51.39 -10.05 15.96
CA LYS L 18 -52.04 -9.23 16.98
C LYS L 18 -53.52 -9.50 17.17
N ALA L 19 -54.22 -9.99 16.16
CA ALA L 19 -55.61 -10.42 16.19
C ALA L 19 -56.58 -9.23 16.18
N ASN L 20 -56.12 -7.99 16.24
CA ASN L 20 -56.99 -6.83 16.16
C ASN L 20 -56.23 -5.68 15.54
N THR L 21 -56.94 -4.86 14.76
CA THR L 21 -56.36 -3.62 14.25
C THR L 21 -55.94 -2.68 15.37
N ALA L 22 -56.47 -2.87 16.58
CA ALA L 22 -56.11 -2.01 17.70
C ALA L 22 -54.72 -2.35 18.24
N ALA L 23 -54.34 -3.61 18.19
CA ALA L 23 -53.10 -4.09 18.79
C ALA L 23 -51.89 -3.92 17.88
N LEU L 24 -52.02 -3.15 16.79
CA LEU L 24 -50.89 -2.87 15.90
C LEU L 24 -50.08 -1.73 16.50
N THR L 25 -49.20 -2.10 17.44
CA THR L 25 -48.41 -1.14 18.19
C THR L 25 -47.07 -0.82 17.51
N THR L 26 -46.35 -1.85 17.07
CA THR L 26 -45.00 -1.70 16.55
C THR L 26 -44.92 -2.22 15.12
N ALA L 27 -43.87 -1.79 14.42
CA ALA L 27 -43.66 -2.21 13.05
C ALA L 27 -43.57 -3.73 12.95
N GLY L 28 -44.04 -4.26 11.83
CA GLY L 28 -44.01 -5.69 11.59
C GLY L 28 -45.20 -6.45 12.16
N ASP L 29 -46.07 -5.79 12.92
CA ASP L 29 -47.30 -6.43 13.35
C ASP L 29 -48.28 -6.48 12.19
N ILE L 30 -48.92 -7.64 12.02
CA ILE L 30 -49.77 -7.89 10.86
C ILE L 30 -51.02 -8.62 11.32
N VAL L 31 -52.15 -8.28 10.72
CA VAL L 31 -53.43 -8.92 11.02
C VAL L 31 -54.14 -9.24 9.72
N PRO L 32 -54.63 -10.46 9.53
CA PRO L 32 -55.46 -10.75 8.35
C PRO L 32 -56.90 -10.35 8.60
N LYS L 33 -57.46 -9.58 7.67
CA LYS L 33 -58.80 -9.01 7.81
C LYS L 33 -59.68 -9.54 6.69
N ALA L 34 -60.72 -10.28 7.06
CA ALA L 34 -61.72 -10.76 6.11
C ALA L 34 -63.08 -10.75 6.78
N ASP L 35 -64.08 -10.24 6.06
CA ASP L 35 -65.43 -10.18 6.59
C ASP L 35 -65.97 -11.58 6.89
N THR L 36 -67.07 -11.61 7.65
CA THR L 36 -67.69 -12.88 7.98
C THR L 36 -68.19 -13.59 6.72
N ALA L 37 -68.86 -12.84 5.84
CA ALA L 37 -69.18 -13.34 4.51
C ALA L 37 -67.90 -13.27 3.70
N LYS L 38 -67.19 -14.39 3.59
CA LYS L 38 -65.81 -14.38 3.16
C LYS L 38 -65.71 -14.08 1.67
N THR L 39 -65.65 -12.78 1.35
CA THR L 39 -65.53 -12.32 -0.03
C THR L 39 -64.26 -11.54 -0.29
N THR L 40 -63.64 -10.96 0.74
CA THR L 40 -62.43 -10.18 0.57
C THR L 40 -61.45 -10.54 1.67
N LEU L 41 -60.17 -10.37 1.38
CA LEU L 41 -59.10 -10.56 2.34
C LEU L 41 -58.04 -9.50 2.13
N TYR L 42 -57.53 -8.96 3.23
CA TYR L 42 -56.43 -8.02 3.20
C TYR L 42 -55.70 -8.11 4.52
N PHE L 43 -54.58 -7.41 4.61
CA PHE L 43 -53.72 -7.46 5.77
C PHE L 43 -53.44 -6.05 6.24
N GLN L 44 -53.75 -5.79 7.52
CA GLN L 44 -53.38 -4.54 8.15
C GLN L 44 -52.00 -4.71 8.77
N SER L 45 -51.02 -4.00 8.22
CA SER L 45 -49.65 -4.07 8.68
C SER L 45 -49.26 -2.75 9.31
N MET L 46 -48.40 -2.83 10.31
CA MET L 46 -47.85 -1.64 10.97
C MET L 46 -46.51 -1.30 10.33
N SER L 47 -46.45 -0.14 9.72
CA SER L 47 -45.27 0.34 9.03
C SER L 47 -44.42 1.18 9.96
N PRO L 48 -43.15 1.41 9.60
CA PRO L 48 -42.34 2.37 10.38
C PRO L 48 -42.97 3.74 10.49
N ALA L 49 -44.01 4.02 9.69
CA ALA L 49 -44.60 5.34 9.61
C ALA L 49 -46.11 5.32 9.82
N GLY L 50 -46.66 4.25 10.36
CA GLY L 50 -48.08 4.17 10.68
C GLY L 50 -48.72 2.91 10.11
N ILE L 51 -50.02 2.80 10.36
CA ILE L 51 -50.76 1.65 9.86
C ILE L 51 -50.76 1.68 8.33
N VAL L 52 -51.05 0.52 7.75
CA VAL L 52 -51.17 0.41 6.30
C VAL L 52 -51.87 -0.91 5.98
N ALA L 53 -52.63 -0.94 4.90
CA ALA L 53 -53.35 -2.12 4.47
C ALA L 53 -52.86 -2.55 3.10
N SER L 54 -53.09 -3.82 2.78
CA SER L 54 -52.72 -4.39 1.50
C SER L 54 -53.93 -4.45 0.58
N ASP L 55 -53.66 -4.62 -0.71
CA ASP L 55 -54.74 -4.76 -1.68
C ASP L 55 -55.70 -5.86 -1.25
N LYS L 56 -56.98 -5.61 -1.46
CA LYS L 56 -58.00 -6.57 -1.06
C LYS L 56 -58.03 -7.73 -2.04
N ILE L 57 -58.16 -8.94 -1.50
CA ILE L 57 -58.09 -10.17 -2.27
C ILE L 57 -59.49 -10.76 -2.36
N ASN L 58 -59.98 -10.91 -3.58
CA ASN L 58 -61.24 -11.60 -3.81
C ASN L 58 -61.01 -13.10 -3.68
N LEU L 59 -61.58 -13.69 -2.62
CA LEU L 59 -61.41 -15.12 -2.38
C LEU L 59 -61.94 -15.98 -3.51
N LYS L 60 -62.65 -15.39 -4.47
CA LYS L 60 -63.07 -16.11 -5.67
C LYS L 60 -62.01 -16.05 -6.75
N HIS L 61 -61.17 -15.01 -6.75
CA HIS L 61 -60.16 -14.79 -7.77
C HIS L 61 -58.76 -15.07 -7.24
N VAL L 62 -58.64 -16.07 -6.38
CA VAL L 62 -57.36 -16.52 -5.85
C VAL L 62 -56.93 -17.75 -6.62
N LEU L 63 -55.68 -17.75 -7.10
CA LEU L 63 -55.20 -18.79 -8.01
C LEU L 63 -54.43 -19.88 -7.26
N TYR L 64 -53.38 -19.51 -6.54
CA TYR L 64 -52.68 -20.45 -5.66
C TYR L 64 -52.17 -19.71 -4.43
N ALA L 65 -52.28 -20.37 -3.28
CA ALA L 65 -51.80 -19.85 -2.00
C ALA L 65 -50.99 -20.96 -1.35
N LYS L 66 -49.68 -20.74 -1.20
CA LYS L 66 -48.80 -21.78 -0.72
C LYS L 66 -47.72 -21.17 0.17
N ALA L 67 -47.32 -21.92 1.19
CA ALA L 67 -46.24 -21.54 2.08
C ALA L 67 -45.00 -22.38 1.77
N THR L 68 -43.85 -21.71 1.66
CA THR L 68 -42.60 -22.37 1.39
C THR L 68 -41.67 -22.25 2.59
N PRO L 69 -41.07 -23.33 3.06
CA PRO L 69 -40.24 -23.25 4.27
C PRO L 69 -38.88 -22.64 3.99
N SER L 70 -38.13 -22.43 5.06
CA SER L 70 -36.80 -21.83 4.93
C SER L 70 -35.85 -22.76 4.20
N GLU L 71 -35.91 -24.07 4.48
CA GLU L 71 -34.98 -25.00 3.87
C GLU L 71 -35.18 -25.09 2.36
N ALA L 72 -36.39 -24.80 1.88
CA ALA L 72 -36.63 -24.84 0.45
C ALA L 72 -35.80 -23.80 -0.30
N LEU L 73 -35.40 -22.73 0.38
CA LEU L 73 -34.65 -21.65 -0.22
C LEU L 73 -33.17 -21.69 0.13
N ALA L 74 -32.74 -22.72 0.85
CA ALA L 74 -31.35 -22.82 1.29
C ALA L 74 -30.55 -23.55 0.21
N HIS L 75 -29.69 -22.81 -0.49
CA HIS L 75 -28.88 -23.38 -1.55
C HIS L 75 -27.85 -24.36 -1.01
N LYS L 76 -28.08 -25.65 -1.26
CA LYS L 76 -27.06 -26.65 -0.95
C LYS L 76 -25.85 -26.43 -1.83
N LEU L 77 -24.67 -26.37 -1.20
CA LEU L 77 -23.44 -26.09 -1.94
C LEU L 77 -22.91 -27.37 -2.57
N VAL L 78 -22.65 -27.31 -3.88
CA VAL L 78 -22.17 -28.48 -4.59
C VAL L 78 -20.76 -28.83 -4.14
N ARG L 79 -20.55 -30.08 -3.74
CA ARG L 79 -19.25 -30.55 -3.30
C ARG L 79 -18.90 -31.82 -4.05
N TYR L 80 -17.73 -31.84 -4.66
CA TYR L 80 -17.21 -33.01 -5.35
C TYR L 80 -16.35 -33.84 -4.42
N SER L 81 -16.08 -35.08 -4.83
CA SER L 81 -15.18 -35.97 -4.11
C SER L 81 -14.23 -36.58 -5.14
N VAL L 82 -13.07 -35.96 -5.30
CA VAL L 82 -12.10 -36.38 -6.30
C VAL L 82 -11.12 -37.34 -5.66
N THR L 83 -10.97 -38.52 -6.27
CA THR L 83 -9.99 -39.51 -5.90
C THR L 83 -9.22 -39.92 -7.15
N LEU L 84 -8.19 -40.73 -6.98
CA LEU L 84 -7.43 -41.22 -8.11
C LEU L 84 -7.96 -42.59 -8.53
N ASP L 85 -7.90 -42.83 -9.84
CA ASP L 85 -8.57 -43.98 -10.45
C ASP L 85 -7.81 -45.25 -10.11
N ALA L 86 -8.45 -46.15 -9.35
CA ALA L 86 -7.86 -47.46 -9.09
C ALA L 86 -7.68 -48.26 -10.37
N ASP L 87 -8.33 -47.86 -11.46
CA ASP L 87 -8.13 -48.54 -12.74
C ASP L 87 -6.76 -48.21 -13.32
N VAL L 88 -6.48 -46.93 -13.52
CA VAL L 88 -5.14 -46.52 -13.96
C VAL L 88 -4.09 -47.03 -12.98
N SER L 89 -4.22 -46.63 -11.72
CA SER L 89 -3.32 -47.10 -10.68
C SER L 89 -3.91 -46.71 -9.33
N ALA L 90 -3.96 -47.67 -8.41
CA ALA L 90 -4.46 -47.42 -7.07
C ALA L 90 -3.50 -46.55 -6.25
N THR L 91 -2.32 -46.27 -6.77
CA THR L 91 -1.33 -45.45 -6.10
C THR L 91 -0.74 -44.47 -7.09
N PRO L 92 -0.03 -43.45 -6.62
CA PRO L 92 0.63 -42.52 -7.54
C PRO L 92 1.74 -43.20 -8.32
N VAL L 93 2.10 -42.57 -9.42
CA VAL L 93 3.20 -43.04 -10.26
C VAL L 93 4.48 -42.42 -9.73
N ALA L 94 5.59 -43.13 -9.93
CA ALA L 94 6.85 -42.74 -9.31
C ALA L 94 7.23 -41.32 -9.68
N GLY L 95 7.30 -41.01 -10.98
CA GLY L 95 7.84 -39.75 -11.42
C GLY L 95 6.94 -38.93 -12.31
N GLN L 96 5.64 -38.89 -12.00
CA GLN L 96 4.66 -38.18 -12.80
C GLN L 96 4.18 -36.93 -12.08
N ASN L 97 3.78 -35.93 -12.85
CA ASN L 97 3.26 -34.67 -12.33
C ASN L 97 1.75 -34.65 -12.54
N TYR L 98 1.00 -34.71 -11.45
CA TYR L 98 -0.45 -34.74 -11.49
C TYR L 98 -0.96 -33.31 -11.35
N ILE L 99 -1.60 -32.81 -12.40
CA ILE L 99 -2.04 -31.42 -12.48
C ILE L 99 -3.56 -31.43 -12.53
N LEU L 100 -4.20 -31.12 -11.41
CA LEU L 100 -5.65 -31.07 -11.33
C LEU L 100 -6.13 -29.68 -11.71
N ARG L 101 -7.21 -29.64 -12.49
CA ARG L 101 -7.71 -28.40 -13.07
C ARG L 101 -9.15 -28.18 -12.63
N LEU L 102 -9.43 -26.98 -12.16
CA LEU L 102 -10.77 -26.59 -11.72
C LEU L 102 -11.24 -25.45 -12.61
N ALA L 103 -12.02 -25.79 -13.63
CA ALA L 103 -12.56 -24.80 -14.55
C ALA L 103 -13.81 -24.20 -13.94
N PHE L 104 -13.80 -22.90 -13.70
CA PHE L 104 -14.91 -22.19 -13.08
C PHE L 104 -15.76 -21.56 -14.17
N ARG L 105 -17.08 -21.72 -14.06
CA ARG L 105 -17.97 -21.52 -15.19
C ARG L 105 -18.48 -20.08 -15.27
N GLN L 106 -19.15 -19.61 -14.22
CA GLN L 106 -19.66 -18.25 -14.16
C GLN L 106 -18.74 -17.44 -13.24
N TYR L 107 -17.69 -16.88 -13.84
CA TYR L 107 -16.74 -15.98 -13.19
C TYR L 107 -17.29 -14.59 -13.46
N ILE L 108 -16.52 -13.55 -13.11
CA ILE L 108 -17.05 -12.23 -12.80
C ILE L 108 -18.32 -11.93 -13.58
N GLY L 109 -18.32 -12.19 -14.89
CA GLY L 109 -19.46 -11.90 -15.71
C GLY L 109 -20.53 -12.97 -15.65
N LEU L 110 -21.71 -12.62 -16.14
CA LEU L 110 -22.87 -13.49 -15.99
C LEU L 110 -22.75 -14.75 -16.84
N SER L 111 -22.21 -14.62 -18.04
CA SER L 111 -22.32 -15.66 -19.04
C SER L 111 -21.54 -16.91 -18.65
N GLU L 112 -21.86 -18.00 -19.33
CA GLU L 112 -21.13 -19.24 -19.18
C GLU L 112 -19.80 -19.18 -19.92
N GLU L 113 -19.62 -18.13 -20.73
CA GLU L 113 -18.38 -17.88 -21.44
C GLU L 113 -17.33 -17.23 -20.56
N ASP L 114 -17.71 -16.85 -19.33
CA ASP L 114 -16.81 -16.14 -18.43
C ASP L 114 -16.13 -17.20 -17.57
N GLN L 115 -15.08 -17.79 -18.13
CA GLN L 115 -14.46 -18.98 -17.57
C GLN L 115 -13.20 -18.61 -16.82
N TYR L 116 -12.82 -19.48 -15.88
CA TYR L 116 -11.67 -19.24 -15.01
C TYR L 116 -11.16 -20.59 -14.51
N PHE L 117 -9.87 -20.84 -14.68
CA PHE L 117 -9.28 -22.12 -14.36
C PHE L 117 -8.24 -21.96 -13.26
N LYS L 118 -8.27 -22.86 -12.29
CA LYS L 118 -7.32 -22.90 -11.20
C LYS L 118 -6.76 -24.32 -11.09
N TYR L 119 -5.47 -24.41 -10.81
CA TYR L 119 -4.75 -25.66 -10.92
C TYR L 119 -4.17 -26.08 -9.58
N GLY L 120 -4.00 -27.39 -9.43
CA GLY L 120 -3.25 -27.97 -8.33
C GLY L 120 -2.30 -29.01 -8.86
N GLU L 121 -1.00 -28.79 -8.69
CA GLU L 121 0.03 -29.65 -9.25
C GLU L 121 0.75 -30.40 -8.15
N VAL L 122 1.01 -31.68 -8.41
CA VAL L 122 1.73 -32.53 -7.48
C VAL L 122 2.56 -33.52 -8.28
N ILE L 123 3.88 -33.41 -8.21
CA ILE L 123 4.78 -34.37 -8.82
C ILE L 123 5.01 -35.49 -7.84
N ALA L 124 4.63 -36.70 -8.23
CA ALA L 124 4.71 -37.84 -7.34
C ALA L 124 6.15 -38.35 -7.26
N ARG L 125 6.38 -39.21 -6.28
CA ARG L 125 7.70 -39.72 -5.96
C ARG L 125 7.59 -41.20 -5.64
N SER L 126 8.68 -41.92 -5.87
CA SER L 126 8.72 -43.32 -5.48
C SER L 126 8.49 -43.43 -3.98
N GLY L 127 7.75 -44.47 -3.58
CA GLY L 127 7.36 -44.63 -2.20
C GLY L 127 6.21 -43.75 -1.74
N MET L 128 5.86 -42.72 -2.51
CA MET L 128 4.73 -41.89 -2.16
C MET L 128 3.48 -42.75 -1.98
N THR L 129 2.63 -42.32 -1.05
CA THR L 129 1.39 -43.01 -0.74
C THR L 129 0.21 -42.20 -1.28
N ALA L 130 -0.97 -42.84 -1.29
CA ALA L 130 -2.17 -42.14 -1.71
C ALA L 130 -2.54 -41.03 -0.73
N SER L 131 -2.60 -41.37 0.55
CA SER L 131 -2.87 -40.36 1.58
C SER L 131 -1.91 -39.18 1.45
N ASP L 132 -0.61 -39.48 1.31
CA ASP L 132 0.37 -38.40 1.18
C ASP L 132 0.14 -37.58 -0.08
N PHE L 133 -0.38 -38.22 -1.14
CA PHE L 133 -0.66 -37.48 -2.36
C PHE L 133 -1.87 -36.57 -2.20
N TYR L 134 -2.93 -37.09 -1.59
CA TYR L 134 -4.09 -36.26 -1.30
C TYR L 134 -3.69 -35.08 -0.43
N LYS L 135 -2.90 -35.34 0.61
CA LYS L 135 -2.32 -34.29 1.43
C LYS L 135 -1.73 -33.17 0.58
N LYS L 136 -0.77 -33.52 -0.28
CA LYS L 136 -0.08 -32.51 -1.07
C LYS L 136 -1.01 -31.86 -2.08
N MET L 137 -1.91 -32.64 -2.70
CA MET L 137 -2.84 -32.06 -3.65
C MET L 137 -3.73 -31.02 -2.98
N ALA L 138 -4.34 -31.40 -1.85
CA ALA L 138 -5.21 -30.46 -1.15
C ALA L 138 -4.45 -29.21 -0.75
N ILE L 139 -3.19 -29.36 -0.33
CA ILE L 139 -2.40 -28.20 0.08
C ILE L 139 -2.11 -27.30 -1.11
N SER L 140 -1.87 -27.89 -2.28
CA SER L 140 -1.65 -27.09 -3.47
C SER L 140 -2.90 -26.33 -3.86
N LEU L 141 -4.06 -26.99 -3.80
CA LEU L 141 -5.32 -26.31 -4.08
C LEU L 141 -5.56 -25.19 -3.09
N ALA L 142 -5.27 -25.42 -1.81
CA ALA L 142 -5.38 -24.37 -0.81
C ALA L 142 -4.61 -23.13 -1.24
N LYS L 143 -3.32 -23.30 -1.52
CA LYS L 143 -2.49 -22.17 -1.93
C LYS L 143 -3.02 -21.46 -3.16
N ASN L 144 -3.85 -22.13 -3.96
CA ASN L 144 -4.38 -21.56 -5.20
C ASN L 144 -5.82 -21.12 -5.08
N LEU L 145 -6.62 -21.80 -4.27
CA LEU L 145 -8.05 -21.52 -4.18
C LEU L 145 -8.46 -20.88 -2.87
N GLU L 146 -7.85 -21.29 -1.76
CA GLU L 146 -8.17 -20.73 -0.44
C GLU L 146 -7.10 -19.75 0.01
N ASN L 147 -6.44 -19.10 -0.94
CA ASN L 147 -5.49 -18.04 -0.62
C ASN L 147 -6.23 -16.79 -0.18
N LYS L 148 -5.48 -15.83 0.36
CA LYS L 148 -6.04 -14.58 0.83
C LYS L 148 -6.05 -13.49 -0.22
N THR L 149 -5.20 -13.59 -1.24
CA THR L 149 -5.11 -12.56 -2.27
C THR L 149 -6.17 -12.70 -3.36
N GLU L 150 -6.90 -13.82 -3.39
CA GLU L 150 -7.91 -14.00 -4.42
C GLU L 150 -9.03 -12.98 -4.25
N SER L 151 -9.47 -12.42 -5.38
CA SER L 151 -10.48 -11.36 -5.34
C SER L 151 -11.77 -11.82 -4.70
N THR L 152 -12.15 -13.08 -4.89
CA THR L 152 -13.42 -13.59 -4.42
C THR L 152 -13.25 -15.05 -4.01
N PRO L 153 -13.96 -15.49 -2.97
CA PRO L 153 -13.87 -16.90 -2.59
C PRO L 153 -14.36 -17.79 -3.73
N LEU L 154 -13.68 -18.92 -3.89
CA LEU L 154 -13.94 -19.78 -5.03
C LEU L 154 -14.46 -21.14 -4.59
N VAL L 155 -13.73 -21.83 -3.72
CA VAL L 155 -14.12 -23.15 -3.26
C VAL L 155 -13.54 -23.39 -1.87
N ASN L 156 -14.15 -24.31 -1.15
CA ASN L 156 -13.57 -24.89 0.05
C ASN L 156 -13.05 -26.28 -0.26
N ILE L 157 -11.91 -26.64 0.31
CA ILE L 157 -11.31 -27.95 0.09
C ILE L 157 -11.07 -28.59 1.46
N TYR L 158 -11.32 -29.89 1.54
CA TYR L 158 -11.22 -30.64 2.79
C TYR L 158 -10.49 -31.95 2.55
N LEU L 159 -10.37 -32.73 3.62
CA LEU L 159 -9.82 -34.07 3.55
C LEU L 159 -10.62 -34.95 4.49
N ILE L 160 -10.68 -36.24 4.18
CA ILE L 160 -11.45 -37.20 4.95
C ILE L 160 -10.56 -38.38 5.29
N SER L 161 -10.54 -38.76 6.56
CA SER L 161 -9.82 -39.94 7.01
C SER L 161 -10.77 -41.13 7.03
N ALA L 162 -10.33 -42.24 6.43
CA ALA L 162 -11.16 -43.45 6.40
C ALA L 162 -11.70 -43.78 7.78
N ALA L 163 -10.91 -43.54 8.83
CA ALA L 163 -11.39 -43.78 10.18
C ALA L 163 -12.63 -42.95 10.48
N ALA L 164 -12.59 -41.66 10.15
CA ALA L 164 -13.75 -40.80 10.34
C ALA L 164 -14.84 -41.14 9.33
N ALA L 165 -14.54 -40.98 8.05
CA ALA L 165 -15.38 -41.29 6.89
C ALA L 165 -16.51 -40.29 6.71
N SER L 166 -16.74 -39.40 7.65
CA SER L 166 -17.72 -38.32 7.50
C SER L 166 -17.15 -36.96 7.86
N THR L 167 -16.27 -36.88 8.86
CA THR L 167 -15.65 -35.62 9.22
C THR L 167 -14.77 -35.13 8.10
N ASP L 168 -14.91 -33.85 7.76
CA ASP L 168 -14.12 -33.22 6.71
C ASP L 168 -13.04 -32.36 7.35
N VAL L 169 -11.79 -32.59 6.98
CA VAL L 169 -10.64 -31.93 7.57
C VAL L 169 -10.32 -30.70 6.74
N PRO L 170 -10.54 -29.49 7.26
CA PRO L 170 -10.24 -28.29 6.46
C PRO L 170 -8.77 -28.21 6.10
N VAL L 171 -8.50 -27.69 4.91
CA VAL L 171 -7.14 -27.48 4.43
C VAL L 171 -7.03 -26.07 3.86
N THR L 172 -6.56 -25.13 4.68
CA THR L 172 -6.42 -23.75 4.28
C THR L 172 -4.97 -23.45 3.87
N SER L 173 -4.79 -22.31 3.22
CA SER L 173 -3.47 -21.92 2.72
C SER L 173 -2.44 -21.77 3.82
N ALA L 174 -2.85 -21.76 5.09
CA ALA L 174 -1.92 -21.78 6.20
C ALA L 174 -1.56 -23.19 6.63
N THR L 175 -2.40 -24.17 6.32
CA THR L 175 -2.17 -25.55 6.72
C THR L 175 -0.86 -26.06 6.11
N LYS L 176 -0.32 -27.10 6.74
CA LYS L 176 0.93 -27.70 6.31
C LYS L 176 0.93 -29.17 6.71
N GLU L 177 1.71 -29.96 5.96
CA GLU L 177 1.69 -31.41 6.15
C GLU L 177 2.04 -31.82 7.57
N SER L 178 2.63 -30.93 8.37
CA SER L 178 2.87 -31.25 9.77
C SER L 178 1.57 -31.24 10.57
N ASP L 179 0.59 -30.42 10.15
CA ASP L 179 -0.69 -30.35 10.82
C ASP L 179 -1.62 -31.47 10.43
N LEU L 180 -1.38 -32.10 9.27
CA LEU L 180 -2.24 -33.16 8.76
C LEU L 180 -1.60 -34.49 9.10
N THR L 181 -1.85 -34.94 10.33
CA THR L 181 -1.21 -36.14 10.88
C THR L 181 -2.19 -37.31 10.75
N ALA L 182 -2.17 -37.93 9.59
CA ALA L 182 -2.99 -39.13 9.34
C ALA L 182 -2.41 -39.87 8.16
N THR L 183 -2.86 -41.11 7.99
CA THR L 183 -2.38 -41.99 6.93
C THR L 183 -3.49 -42.64 6.13
N ASP L 184 -4.75 -42.41 6.49
CA ASP L 184 -5.89 -43.05 5.86
C ASP L 184 -6.78 -42.04 5.16
N TYR L 185 -6.16 -41.06 4.49
CA TYR L 185 -6.91 -40.09 3.70
C TYR L 185 -7.42 -40.76 2.43
N ASN L 186 -8.73 -40.63 2.18
CA ASN L 186 -9.39 -41.33 1.09
C ASN L 186 -9.59 -40.47 -0.14
N GLN L 187 -9.82 -39.17 0.02
CA GLN L 187 -10.29 -38.35 -1.09
C GLN L 187 -9.98 -36.89 -0.80
N ILE L 188 -10.34 -36.03 -1.75
CA ILE L 188 -10.28 -34.58 -1.60
C ILE L 188 -11.65 -34.04 -1.94
N ILE L 189 -12.31 -33.43 -0.97
CA ILE L 189 -13.57 -32.76 -1.25
C ILE L 189 -13.29 -31.34 -1.68
N ILE L 190 -14.04 -30.88 -2.68
CA ILE L 190 -13.98 -29.51 -3.18
C ILE L 190 -15.42 -29.00 -3.17
N GLU L 191 -15.71 -28.07 -2.28
CA GLU L 191 -17.06 -27.59 -2.04
C GLU L 191 -17.25 -26.21 -2.62
N GLU L 192 -18.51 -25.88 -2.89
CA GLU L 192 -18.87 -24.55 -3.37
C GLU L 192 -19.01 -23.61 -2.17
N THR L 193 -18.48 -22.41 -2.33
CA THR L 193 -18.45 -21.43 -1.25
C THR L 193 -19.39 -20.27 -1.56
N GLU L 194 -19.98 -19.71 -0.51
CA GLU L 194 -20.92 -18.62 -0.66
C GLU L 194 -20.20 -17.36 -1.12
N GLN L 195 -20.73 -16.73 -2.17
CA GLN L 195 -20.19 -15.47 -2.66
C GLN L 195 -20.71 -14.32 -1.79
N PRO L 196 -20.15 -13.12 -1.98
CA PRO L 196 -20.59 -11.99 -1.16
C PRO L 196 -22.02 -11.58 -1.44
N TRP L 197 -22.50 -10.57 -0.73
CA TRP L 197 -23.89 -10.13 -0.86
C TRP L 197 -23.98 -8.66 -0.48
N VAL L 198 -24.82 -7.92 -1.21
CA VAL L 198 -25.12 -6.53 -0.91
C VAL L 198 -26.59 -6.29 -1.18
N LEU L 199 -27.24 -5.55 -0.28
CA LEU L 199 -28.66 -5.26 -0.45
C LEU L 199 -28.87 -4.37 -1.66
N GLY L 200 -29.55 -4.90 -2.67
CA GLY L 200 -29.90 -4.13 -3.85
C GLY L 200 -28.78 -3.89 -4.84
N MET L 201 -27.58 -4.36 -4.57
CA MET L 201 -26.44 -4.11 -5.44
C MET L 201 -25.73 -5.40 -5.87
N MET L 202 -25.65 -6.39 -5.00
CA MET L 202 -25.02 -7.67 -5.32
C MET L 202 -25.95 -8.80 -4.88
N PRO L 203 -26.74 -9.35 -5.80
CA PRO L 203 -27.62 -10.45 -5.42
C PRO L 203 -26.85 -11.70 -5.03
N GLN L 204 -27.52 -12.55 -4.26
CA GLN L 204 -26.94 -13.82 -3.83
C GLN L 204 -26.72 -14.72 -5.04
N ALA L 205 -25.46 -14.85 -5.45
CA ALA L 205 -25.08 -15.65 -6.60
C ALA L 205 -23.98 -16.61 -6.20
N PHE L 206 -23.70 -17.55 -7.09
CA PHE L 206 -22.62 -18.51 -6.92
C PHE L 206 -21.85 -18.63 -8.23
N ILE L 207 -20.67 -19.23 -8.13
CA ILE L 207 -19.83 -19.51 -9.30
C ILE L 207 -19.54 -21.01 -9.28
N PRO L 208 -20.06 -21.78 -10.23
CA PRO L 208 -19.88 -23.24 -10.18
C PRO L 208 -18.59 -23.67 -10.87
N PHE L 209 -18.25 -24.94 -10.65
CA PHE L 209 -16.98 -25.47 -11.09
C PHE L 209 -17.11 -26.95 -11.38
N THR L 210 -16.30 -27.42 -12.31
CA THR L 210 -16.10 -28.84 -12.54
C THR L 210 -14.62 -29.17 -12.46
N PRO L 211 -14.23 -30.25 -11.78
CA PRO L 211 -12.81 -30.63 -11.77
C PRO L 211 -12.40 -31.43 -12.98
N GLN L 212 -11.42 -30.93 -13.73
CA GLN L 212 -10.87 -31.62 -14.87
C GLN L 212 -9.43 -32.05 -14.55
N PHE L 213 -9.00 -33.14 -15.19
CA PHE L 213 -7.69 -33.71 -14.95
C PHE L 213 -6.85 -33.67 -16.22
N LEU L 214 -5.53 -33.64 -16.02
CA LEU L 214 -4.57 -33.81 -17.10
C LEU L 214 -4.09 -35.26 -17.12
N THR L 215 -3.44 -35.63 -18.22
CA THR L 215 -3.15 -37.02 -18.51
C THR L 215 -1.70 -37.35 -18.17
N ILE L 216 -1.49 -38.49 -17.51
CA ILE L 216 -0.18 -38.98 -17.14
C ILE L 216 0.13 -40.23 -17.95
N THR L 217 1.42 -40.47 -18.16
CA THR L 217 1.87 -41.73 -18.75
C THR L 217 2.01 -42.76 -17.65
N VAL L 218 1.17 -43.80 -17.70
CA VAL L 218 1.13 -44.80 -16.64
C VAL L 218 2.00 -46.01 -16.97
N ASP L 219 1.93 -46.51 -18.20
CA ASP L 219 2.94 -47.45 -18.70
C ASP L 219 3.67 -46.86 -19.89
N GLY L 220 2.95 -46.54 -20.96
CA GLY L 220 3.51 -45.79 -22.08
C GLY L 220 2.46 -44.92 -22.72
N GLU L 221 1.29 -44.84 -22.09
CA GLU L 221 0.10 -44.23 -22.68
C GLU L 221 -0.43 -43.13 -21.77
N ASP L 222 -0.82 -42.01 -22.38
CA ASP L 222 -1.43 -40.92 -21.64
C ASP L 222 -2.79 -41.36 -21.09
N ARG L 223 -2.98 -41.19 -19.79
CA ARG L 223 -4.24 -41.56 -19.16
C ARG L 223 -4.54 -40.59 -18.02
N LEU L 224 -5.81 -40.58 -17.62
CA LEU L 224 -6.29 -39.72 -16.55
C LEU L 224 -6.26 -40.48 -15.23
N TRP L 225 -5.81 -39.81 -14.17
CA TRP L 225 -5.64 -40.46 -12.89
C TRP L 225 -6.85 -40.33 -11.98
N GLY L 226 -7.70 -39.35 -12.21
CA GLY L 226 -8.74 -39.04 -11.25
C GLY L 226 -10.15 -39.29 -11.72
N VAL L 227 -11.06 -39.43 -10.75
CA VAL L 227 -12.48 -39.55 -11.01
C VAL L 227 -13.18 -38.56 -10.09
N ALA L 228 -13.82 -37.56 -10.68
CA ALA L 228 -14.55 -36.56 -9.92
C ALA L 228 -15.99 -37.00 -9.75
N THR L 229 -16.47 -36.98 -8.51
CA THR L 229 -17.79 -37.49 -8.18
C THR L 229 -18.52 -36.50 -7.30
N VAL L 230 -19.82 -36.37 -7.51
CA VAL L 230 -20.67 -35.48 -6.74
C VAL L 230 -21.28 -36.28 -5.61
N VAL L 231 -21.06 -35.82 -4.37
CA VAL L 231 -21.61 -36.45 -3.18
C VAL L 231 -22.61 -35.49 -2.56
N THR L 232 -23.45 -36.03 -1.69
CA THR L 232 -24.50 -35.24 -1.06
C THR L 232 -23.90 -34.00 -0.41
N PRO L 233 -24.50 -32.82 -0.58
CA PRO L 233 -24.01 -31.63 0.13
C PRO L 233 -24.29 -31.72 1.62
N THR L 234 -23.57 -30.91 2.37
CA THR L 234 -23.78 -30.81 3.81
C THR L 234 -23.84 -29.38 4.32
N LYS L 235 -23.53 -28.38 3.49
CA LYS L 235 -23.64 -26.98 3.86
C LYS L 235 -24.75 -26.33 3.04
N THR L 236 -25.38 -25.31 3.62
CA THR L 236 -26.46 -24.59 2.95
C THR L 236 -26.36 -23.11 3.26
N VAL L 237 -26.52 -22.29 2.24
CA VAL L 237 -26.62 -20.84 2.44
C VAL L 237 -28.04 -20.51 2.89
N PRO L 238 -28.22 -19.80 4.00
CA PRO L 238 -29.59 -19.60 4.52
C PRO L 238 -30.33 -18.49 3.78
N ASP L 239 -31.63 -18.45 4.06
CA ASP L 239 -32.57 -17.65 3.29
C ASP L 239 -32.44 -16.15 3.54
N GLY L 240 -31.75 -15.75 4.61
CA GLY L 240 -31.81 -14.37 5.06
C GLY L 240 -31.47 -13.36 3.97
N HIS L 241 -30.54 -13.71 3.08
CA HIS L 241 -30.06 -12.75 2.10
C HIS L 241 -30.98 -12.62 0.91
N LEU L 242 -31.76 -13.67 0.61
CA LEU L 242 -32.72 -13.60 -0.48
C LEU L 242 -33.93 -12.75 -0.10
N ILE L 243 -34.51 -13.04 1.07
CA ILE L 243 -35.69 -12.30 1.51
C ILE L 243 -35.39 -10.82 1.59
N ALA L 244 -34.19 -10.46 2.06
CA ALA L 244 -33.83 -9.05 2.20
C ALA L 244 -33.87 -8.33 0.86
N ASP L 245 -33.25 -8.92 -0.16
CA ASP L 245 -33.32 -8.32 -1.49
C ASP L 245 -34.73 -8.37 -2.04
N LEU L 246 -35.48 -9.43 -1.73
CA LEU L 246 -36.88 -9.48 -2.13
C LEU L 246 -37.64 -8.28 -1.56
N GLU L 247 -37.43 -7.98 -0.27
CA GLU L 247 -38.05 -6.81 0.33
C GLU L 247 -37.49 -5.52 -0.27
N TYR L 248 -36.17 -5.44 -0.43
CA TYR L 248 -35.59 -4.27 -1.08
C TYR L 248 -36.19 -4.05 -2.45
N PHE L 249 -36.73 -5.12 -3.06
CA PHE L 249 -37.33 -4.98 -4.38
C PHE L 249 -38.83 -4.72 -4.31
N CYS L 250 -39.55 -5.56 -3.57
CA CYS L 250 -41.01 -5.52 -3.58
C CYS L 250 -41.59 -4.32 -2.84
N MET L 251 -40.77 -3.58 -2.10
CA MET L 251 -41.23 -2.37 -1.44
C MET L 251 -41.18 -1.15 -2.34
N GLY L 252 -40.62 -1.26 -3.55
CA GLY L 252 -40.66 -0.18 -4.50
C GLY L 252 -41.92 -0.13 -5.32
N ALA L 253 -42.75 -1.16 -5.19
CA ALA L 253 -44.10 -1.14 -5.77
C ALA L 253 -45.08 -0.42 -4.86
N ARG L 254 -44.94 -0.62 -3.55
CA ARG L 254 -45.75 0.09 -2.56
C ARG L 254 -45.22 1.46 -2.23
N GLY L 255 -44.16 1.92 -2.90
CA GLY L 255 -43.51 3.14 -2.47
C GLY L 255 -42.47 3.68 -3.43
N ASP L 256 -41.34 4.10 -2.88
CA ASP L 256 -40.35 4.87 -3.63
C ASP L 256 -39.53 3.93 -4.52
N ILE L 257 -39.51 4.25 -5.82
CA ILE L 257 -38.67 3.50 -6.75
C ILE L 257 -37.28 4.11 -6.86
N TYR L 258 -37.11 5.37 -6.48
CA TYR L 258 -35.80 6.02 -6.49
C TYR L 258 -35.08 5.70 -5.18
N ARG L 259 -34.67 4.44 -5.06
CA ARG L 259 -34.13 3.98 -3.79
C ARG L 259 -33.00 4.87 -3.31
N GLY L 260 -32.14 5.30 -4.22
CA GLY L 260 -31.03 6.13 -3.83
C GLY L 260 -30.56 7.12 -4.89
N MET L 261 -31.30 7.20 -6.00
CA MET L 261 -30.93 8.14 -7.05
C MET L 261 -31.35 9.53 -6.64
N GLY L 262 -30.42 10.48 -6.68
CA GLY L 262 -30.63 11.77 -6.08
C GLY L 262 -30.04 11.95 -4.69
N TYR L 263 -28.84 11.38 -4.40
CA TYR L 263 -28.35 11.21 -3.04
C TYR L 263 -28.76 12.10 -1.88
N PRO L 264 -28.53 13.41 -1.91
CA PRO L 264 -29.14 14.22 -0.85
C PRO L 264 -30.65 14.24 -0.93
N ASN L 265 -31.18 14.31 -2.16
CA ASN L 265 -32.61 14.47 -2.39
C ASN L 265 -33.25 13.10 -2.66
N ILE L 266 -33.44 12.34 -1.58
CA ILE L 266 -34.05 11.03 -1.66
C ILE L 266 -35.00 10.83 -0.48
N ILE L 267 -35.67 9.68 -0.49
CA ILE L 267 -36.66 9.29 0.52
C ILE L 267 -36.26 7.90 1.01
N LYS L 268 -35.66 7.82 2.20
CA LYS L 268 -35.16 6.54 2.71
C LYS L 268 -36.31 5.65 3.16
N THR L 269 -36.20 4.36 2.84
CA THR L 269 -37.20 3.36 3.18
C THR L 269 -36.63 2.42 4.24
N THR L 270 -37.22 2.45 5.44
CA THR L 270 -36.82 1.54 6.50
C THR L 270 -37.36 0.14 6.21
N TYR L 271 -36.52 -0.87 6.39
CA TYR L 271 -36.86 -2.25 6.13
C TYR L 271 -36.90 -3.04 7.43
N LEU L 272 -37.64 -4.16 7.39
CA LEU L 272 -37.87 -4.98 8.57
C LEU L 272 -37.22 -6.36 8.48
N VAL L 273 -36.51 -6.65 7.40
CA VAL L 273 -35.86 -7.95 7.22
C VAL L 273 -34.42 -7.85 7.70
N ASP L 274 -34.04 -8.72 8.63
CA ASP L 274 -32.66 -8.81 9.05
C ASP L 274 -31.99 -9.94 8.28
N PRO L 275 -30.98 -9.66 7.44
CA PRO L 275 -30.39 -10.72 6.61
C PRO L 275 -29.72 -11.82 7.41
N GLY L 276 -29.66 -11.68 8.73
CA GLY L 276 -29.07 -12.70 9.56
C GLY L 276 -30.10 -13.65 10.15
N ALA L 277 -31.26 -13.72 9.52
CA ALA L 277 -32.36 -14.56 9.99
C ALA L 277 -32.76 -15.54 8.89
N VAL L 278 -33.73 -16.39 9.23
CA VAL L 278 -34.26 -17.40 8.32
C VAL L 278 -35.78 -17.27 8.33
N TYR L 279 -36.34 -16.87 7.21
CA TYR L 279 -37.78 -16.65 7.08
C TYR L 279 -38.42 -17.76 6.27
N ASP L 280 -39.63 -18.13 6.68
CA ASP L 280 -40.52 -18.94 5.86
C ASP L 280 -41.44 -18.03 5.08
N VAL L 281 -41.71 -18.40 3.84
CA VAL L 281 -42.43 -17.53 2.92
C VAL L 281 -43.82 -18.10 2.65
N LEU L 282 -44.73 -17.20 2.29
CA LEU L 282 -46.09 -17.55 1.93
C LEU L 282 -46.52 -16.63 0.80
N ASP L 283 -46.95 -17.22 -0.31
CA ASP L 283 -47.31 -16.48 -1.50
C ASP L 283 -48.76 -16.78 -1.87
N ILE L 284 -49.49 -15.75 -2.25
CA ILE L 284 -50.88 -15.87 -2.70
C ILE L 284 -50.98 -15.20 -4.06
N HIS L 285 -51.43 -15.95 -5.05
CA HIS L 285 -51.64 -15.44 -6.40
C HIS L 285 -53.13 -15.24 -6.62
N TYR L 286 -53.48 -14.05 -7.13
CA TYR L 286 -54.88 -13.68 -7.30
C TYR L 286 -54.96 -12.65 -8.41
N PHE L 287 -56.20 -12.31 -8.80
CA PHE L 287 -56.41 -11.43 -9.93
C PHE L 287 -57.69 -10.62 -9.74
N TYR L 288 -57.80 -9.55 -10.53
CA TYR L 288 -58.98 -8.71 -10.59
C TYR L 288 -59.54 -8.73 -12.01
N THR L 289 -60.84 -9.01 -12.13
CA THR L 289 -61.54 -8.96 -13.40
C THR L 289 -62.67 -7.94 -13.35
N GLY L 290 -62.84 -7.18 -14.44
CA GLY L 290 -63.80 -6.10 -14.48
C GLY L 290 -65.19 -6.54 -14.90
N SER L 291 -65.93 -5.59 -15.48
CA SER L 291 -67.36 -5.70 -15.65
C SER L 291 -67.76 -5.52 -17.11
N ASN L 292 -68.43 -6.53 -17.66
CA ASN L 292 -69.25 -6.43 -18.87
C ASN L 292 -68.34 -6.26 -20.08
N GLU L 293 -67.08 -5.85 -19.94
CA GLU L 293 -66.12 -6.00 -21.02
C GLU L 293 -64.70 -6.14 -20.49
N SER L 294 -64.39 -5.53 -19.34
CA SER L 294 -63.05 -5.58 -18.77
C SER L 294 -62.92 -6.91 -18.02
N VAL L 295 -62.76 -7.97 -18.80
CA VAL L 295 -62.60 -9.30 -18.24
C VAL L 295 -61.14 -9.70 -18.20
N GLN L 296 -60.26 -9.01 -18.91
CA GLN L 296 -58.84 -9.28 -18.81
C GLN L 296 -58.42 -9.32 -17.35
N LYS L 297 -57.68 -10.36 -16.99
CA LYS L 297 -57.24 -10.54 -15.64
C LYS L 297 -56.07 -9.63 -15.32
N SER L 298 -55.92 -9.29 -14.05
CA SER L 298 -54.75 -8.60 -13.52
C SER L 298 -54.22 -9.47 -12.38
N GLU L 299 -53.40 -10.46 -12.73
CA GLU L 299 -52.84 -11.34 -11.72
C GLU L 299 -51.90 -10.56 -10.81
N LYS L 300 -51.95 -10.89 -9.52
CA LYS L 300 -51.21 -10.14 -8.51
C LYS L 300 -50.76 -11.11 -7.44
N THR L 301 -49.74 -10.69 -6.68
CA THR L 301 -49.17 -11.54 -5.65
C THR L 301 -48.97 -10.73 -4.38
N ILE L 302 -49.28 -11.35 -3.25
CA ILE L 302 -49.03 -10.78 -1.93
C ILE L 302 -48.26 -11.82 -1.13
N THR L 303 -47.00 -11.52 -0.82
CA THR L 303 -46.11 -12.43 -0.14
C THR L 303 -45.92 -12.01 1.32
N LEU L 304 -45.94 -12.99 2.21
CA LEU L 304 -45.71 -12.78 3.64
C LEU L 304 -44.56 -13.67 4.08
N VAL L 305 -43.61 -13.08 4.80
CA VAL L 305 -42.42 -13.78 5.27
C VAL L 305 -42.37 -13.69 6.79
N ALA L 306 -42.19 -14.82 7.44
CA ALA L 306 -42.11 -14.90 8.89
C ALA L 306 -40.87 -15.72 9.28
N VAL L 307 -40.26 -15.33 10.40
CA VAL L 307 -39.05 -16.00 10.85
C VAL L 307 -39.40 -17.40 11.35
N ASP L 308 -38.51 -18.35 11.09
CA ASP L 308 -38.68 -19.73 11.51
C ASP L 308 -37.85 -19.98 12.76
N ASP L 309 -38.51 -20.38 13.84
CA ASP L 309 -37.85 -20.79 15.07
C ASP L 309 -37.31 -22.21 14.99
N GLY L 310 -37.40 -22.86 13.84
CA GLY L 310 -37.00 -24.23 13.67
C GLY L 310 -38.16 -25.18 13.47
N SER L 311 -39.37 -24.78 13.85
CA SER L 311 -40.55 -25.62 13.72
C SER L 311 -41.70 -24.91 13.01
N HIS L 312 -41.45 -23.73 12.43
CA HIS L 312 -42.46 -22.98 11.68
C HIS L 312 -43.67 -22.67 12.56
N THR L 313 -43.42 -21.86 13.59
CA THR L 313 -44.49 -21.42 14.49
C THR L 313 -45.15 -20.14 14.01
N ALA L 314 -44.35 -19.12 13.70
CA ALA L 314 -44.91 -17.86 13.23
C ALA L 314 -45.79 -18.05 12.01
N MET L 315 -45.29 -18.79 11.01
CA MET L 315 -46.06 -18.97 9.79
C MET L 315 -47.27 -19.86 10.03
N ASN L 316 -47.11 -20.93 10.81
CA ASN L 316 -48.24 -21.82 11.05
C ASN L 316 -49.35 -21.09 11.80
N ALA L 317 -48.99 -20.22 12.73
CA ALA L 317 -49.99 -19.37 13.37
C ALA L 317 -50.61 -18.42 12.36
N LEU L 318 -49.77 -17.82 11.51
CA LEU L 318 -50.28 -16.96 10.45
C LEU L 318 -51.19 -17.73 9.51
N ILE L 319 -50.85 -18.99 9.23
CA ILE L 319 -51.68 -19.79 8.34
C ILE L 319 -53.04 -20.05 8.97
N GLY L 320 -53.05 -20.48 10.23
CA GLY L 320 -54.31 -20.69 10.92
C GLY L 320 -55.19 -19.45 10.90
N ALA L 321 -54.58 -18.28 11.04
CA ALA L 321 -55.33 -17.03 11.00
C ALA L 321 -55.99 -16.83 9.65
N ILE L 322 -55.22 -16.90 8.57
CA ILE L 322 -55.76 -16.67 7.24
C ILE L 322 -56.79 -17.73 6.89
N ASN L 323 -56.60 -18.96 7.36
CA ASN L 323 -57.52 -20.03 7.01
C ASN L 323 -58.84 -19.93 7.75
N THR L 324 -58.82 -19.44 8.99
CA THR L 324 -60.06 -19.30 9.75
C THR L 324 -60.82 -18.03 9.39
N ALA L 325 -60.15 -17.05 8.79
CA ALA L 325 -60.79 -15.82 8.37
C ALA L 325 -61.23 -15.84 6.91
N SER L 326 -60.61 -16.68 6.07
CA SER L 326 -60.90 -16.72 4.65
C SER L 326 -61.51 -18.02 4.18
N GLY L 327 -61.60 -19.04 5.04
CA GLY L 327 -62.02 -20.35 4.60
C GLY L 327 -61.00 -21.06 3.73
N LEU L 328 -59.84 -20.45 3.48
CA LEU L 328 -58.81 -21.06 2.68
C LEU L 328 -58.22 -22.26 3.41
N THR L 329 -57.30 -22.95 2.73
CA THR L 329 -56.59 -24.08 3.32
C THR L 329 -55.20 -24.09 2.70
N ILE L 330 -54.21 -23.66 3.48
CA ILE L 330 -52.90 -23.32 2.93
C ILE L 330 -51.82 -24.28 3.42
N ALA L 331 -52.21 -25.44 3.94
CA ALA L 331 -51.31 -26.58 4.11
C ALA L 331 -50.10 -26.20 4.97
N THR L 332 -50.39 -25.96 6.25
CA THR L 332 -49.36 -25.64 7.23
C THR L 332 -48.12 -26.51 7.03
N LEU L 333 -46.96 -25.86 7.00
CA LEU L 333 -45.69 -26.53 6.85
C LEU L 333 -44.93 -26.59 8.16
N MET M 1 82.28 -36.67 -14.23
CA MET M 1 81.38 -35.77 -13.45
C MET M 1 82.19 -34.61 -12.88
N VAL M 2 81.82 -33.42 -13.27
CA VAL M 2 82.33 -32.21 -12.64
C VAL M 2 81.36 -31.81 -11.55
N ILE M 3 81.90 -31.32 -10.44
CA ILE M 3 81.13 -31.15 -9.22
C ILE M 3 81.33 -29.76 -8.67
N SER M 4 80.72 -29.48 -7.52
CA SER M 4 80.83 -28.19 -6.86
C SER M 4 81.89 -28.26 -5.78
N ILE M 5 82.78 -27.28 -5.76
CA ILE M 5 83.82 -27.16 -4.75
C ILE M 5 83.56 -25.87 -3.99
N ASN M 6 83.43 -25.96 -2.67
CA ASN M 6 83.27 -24.74 -1.89
C ASN M 6 84.41 -23.79 -2.22
N GLN M 7 85.65 -24.24 -2.03
CA GLN M 7 86.71 -23.77 -2.91
C GLN M 7 87.74 -24.81 -3.30
N VAL M 8 87.78 -25.99 -2.68
CA VAL M 8 88.64 -27.08 -3.14
C VAL M 8 88.25 -28.38 -2.43
N ARG M 9 88.53 -29.49 -3.09
CA ARG M 9 88.43 -30.83 -2.51
C ARG M 9 89.71 -31.60 -2.77
N GLN M 10 89.88 -32.69 -2.02
CA GLN M 10 91.01 -33.60 -2.21
C GLN M 10 90.55 -34.99 -1.81
N LEU M 11 91.01 -36.00 -2.55
CA LEU M 11 90.59 -37.37 -2.31
C LEU M 11 91.80 -38.27 -2.16
N TYR M 12 91.80 -39.08 -1.11
CA TYR M 12 92.82 -40.09 -0.85
C TYR M 12 92.14 -41.41 -0.55
N VAL M 13 92.65 -42.48 -1.15
CA VAL M 13 92.03 -43.80 -1.06
C VAL M 13 92.64 -44.56 0.11
N ALA M 14 91.78 -45.08 0.98
CA ALA M 14 92.20 -45.87 2.13
C ALA M 14 92.13 -47.36 1.81
N LYS M 15 93.01 -47.78 0.91
CA LYS M 15 93.04 -49.18 0.51
C LYS M 15 93.57 -50.07 1.62
N ALA M 16 94.38 -49.53 2.51
CA ALA M 16 94.88 -50.27 3.66
C ALA M 16 95.26 -49.29 4.76
N LEU M 17 95.08 -49.73 6.00
CA LEU M 17 95.35 -48.91 7.18
C LEU M 17 96.65 -49.36 7.81
N LYS M 18 97.61 -48.44 7.90
CA LYS M 18 98.92 -48.72 8.45
C LYS M 18 99.13 -47.90 9.71
N ALA M 19 99.81 -48.51 10.69
CA ALA M 19 100.01 -47.86 11.98
C ALA M 19 101.12 -46.82 11.96
N ASN M 20 102.05 -46.92 11.01
CA ASN M 20 103.23 -46.07 10.97
C ASN M 20 103.42 -45.49 9.59
N THR M 21 104.23 -44.44 9.53
CA THR M 21 104.71 -43.92 8.25
C THR M 21 105.70 -44.87 7.60
N ALA M 22 106.21 -45.85 8.34
CA ALA M 22 107.17 -46.82 7.81
C ALA M 22 106.49 -47.98 7.12
N ALA M 23 105.31 -48.38 7.58
CA ALA M 23 104.59 -49.50 7.01
C ALA M 23 103.89 -49.14 5.70
N LEU M 24 104.08 -47.94 5.18
CA LEU M 24 103.54 -47.56 3.88
C LEU M 24 104.39 -48.20 2.80
N THR M 25 103.91 -49.32 2.24
CA THR M 25 104.62 -50.05 1.20
C THR M 25 103.87 -50.04 -0.12
N THR M 26 102.59 -50.40 -0.11
CA THR M 26 101.80 -50.55 -1.32
C THR M 26 100.89 -49.33 -1.50
N ALA M 27 100.60 -49.02 -2.76
CA ALA M 27 99.72 -47.90 -3.05
C ALA M 27 98.39 -48.07 -2.34
N GLY M 28 97.75 -46.94 -2.03
CA GLY M 28 96.51 -46.96 -1.29
C GLY M 28 96.69 -46.99 0.21
N ASP M 29 97.77 -47.60 0.68
CA ASP M 29 98.04 -47.62 2.11
C ASP M 29 98.05 -46.21 2.67
N ILE M 30 97.33 -46.02 3.77
CA ILE M 30 97.13 -44.70 4.34
C ILE M 30 97.23 -44.78 5.85
N VAL M 31 97.70 -43.70 6.47
CA VAL M 31 97.79 -43.60 7.92
C VAL M 31 97.43 -42.18 8.35
N PRO M 32 96.55 -42.00 9.33
CA PRO M 32 96.30 -40.66 9.85
C PRO M 32 97.26 -40.32 10.99
N LYS M 33 97.78 -39.10 10.94
CA LYS M 33 98.80 -38.65 11.88
C LYS M 33 98.43 -37.29 12.45
N ALA M 34 98.64 -37.14 13.76
CA ALA M 34 98.37 -35.89 14.44
C ALA M 34 99.18 -35.86 15.73
N ASP M 35 99.64 -34.66 16.09
CA ASP M 35 100.42 -34.51 17.30
C ASP M 35 99.63 -34.95 18.52
N THR M 36 100.35 -35.19 19.61
CA THR M 36 99.69 -35.52 20.87
C THR M 36 98.86 -34.34 21.39
N ALA M 37 99.30 -33.12 21.09
CA ALA M 37 98.51 -31.93 21.43
C ALA M 37 97.16 -31.95 20.74
N LYS M 38 96.97 -32.78 19.73
CA LYS M 38 95.74 -32.80 18.94
C LYS M 38 95.44 -31.40 18.42
N THR M 39 96.46 -30.81 17.80
CA THR M 39 96.37 -29.47 17.23
C THR M 39 96.36 -29.47 15.71
N THR M 40 96.86 -30.52 15.08
CA THR M 40 96.92 -30.60 13.63
C THR M 40 96.83 -32.06 13.21
N LEU M 41 96.07 -32.31 12.15
CA LEU M 41 95.86 -33.65 11.62
C LEU M 41 96.20 -33.68 10.15
N TYR M 42 96.73 -34.82 9.71
CA TYR M 42 97.03 -35.02 8.30
C TYR M 42 97.11 -36.51 8.02
N PHE M 43 96.95 -36.87 6.76
CA PHE M 43 96.99 -38.25 6.31
C PHE M 43 98.19 -38.44 5.41
N GLN M 44 98.98 -39.48 5.69
CA GLN M 44 100.07 -39.89 4.84
C GLN M 44 99.58 -41.03 3.95
N SER M 45 99.60 -40.82 2.64
CA SER M 45 99.07 -41.77 1.68
C SER M 45 100.21 -42.33 0.84
N MET M 46 100.21 -43.65 0.67
CA MET M 46 101.16 -44.32 -0.21
C MET M 46 100.68 -44.15 -1.65
N SER M 47 101.24 -43.17 -2.33
CA SER M 47 100.92 -42.96 -3.73
C SER M 47 101.59 -44.03 -4.58
N PRO M 48 101.09 -44.26 -5.80
CA PRO M 48 101.78 -45.24 -6.66
C PRO M 48 103.22 -44.85 -6.95
N ALA M 49 103.44 -43.62 -7.41
CA ALA M 49 104.79 -43.12 -7.63
C ALA M 49 105.58 -43.11 -6.33
N GLY M 50 105.11 -42.34 -5.36
CA GLY M 50 105.81 -42.23 -4.09
C GLY M 50 104.89 -42.10 -2.89
N ILE M 51 105.23 -41.18 -1.98
CA ILE M 51 104.52 -41.00 -0.73
C ILE M 51 104.13 -39.54 -0.61
N VAL M 52 102.85 -39.28 -0.35
CA VAL M 52 102.32 -37.93 -0.24
C VAL M 52 101.65 -37.78 1.12
N ALA M 53 101.35 -36.52 1.46
CA ALA M 53 100.68 -36.20 2.71
C ALA M 53 99.65 -35.12 2.46
N SER M 54 98.46 -35.31 3.02
CA SER M 54 97.38 -34.36 2.84
C SER M 54 97.72 -33.02 3.46
N ASP M 55 96.92 -32.01 3.14
CA ASP M 55 96.99 -30.75 3.85
C ASP M 55 96.78 -30.99 5.34
N LYS M 56 97.17 -30.02 6.15
CA LYS M 56 97.15 -30.16 7.60
C LYS M 56 95.86 -29.55 8.14
N ILE M 57 95.17 -30.30 8.98
CA ILE M 57 93.84 -29.95 9.47
C ILE M 57 93.99 -29.42 10.88
N ASN M 58 93.75 -28.13 11.07
CA ASN M 58 93.68 -27.55 12.39
C ASN M 58 92.41 -28.03 13.08
N LEU M 59 92.55 -28.81 14.14
CA LEU M 59 91.42 -29.47 14.77
C LEU M 59 90.46 -28.50 15.45
N LYS M 60 90.71 -27.21 15.40
CA LYS M 60 89.78 -26.21 15.88
C LYS M 60 89.09 -25.45 14.76
N HIS M 61 89.55 -25.62 13.52
CA HIS M 61 88.91 -25.05 12.34
C HIS M 61 88.15 -26.10 11.55
N VAL M 62 87.83 -27.22 12.17
CA VAL M 62 87.03 -28.26 11.53
C VAL M 62 85.57 -27.89 11.62
N LEU M 63 84.87 -27.93 10.49
CA LEU M 63 83.46 -27.55 10.43
C LEU M 63 82.54 -28.77 10.53
N TYR M 64 82.69 -29.73 9.63
CA TYR M 64 81.93 -30.97 9.73
C TYR M 64 82.76 -32.14 9.24
N ALA M 65 82.64 -33.26 9.94
CA ALA M 65 83.29 -34.51 9.58
C ALA M 65 82.28 -35.64 9.73
N LYS M 66 82.04 -36.38 8.65
CA LYS M 66 81.01 -37.40 8.65
C LYS M 66 81.35 -38.49 7.64
N ALA M 67 80.94 -39.71 7.95
CA ALA M 67 81.11 -40.85 7.07
C ALA M 67 79.84 -41.12 6.27
N THR M 68 79.92 -42.12 5.38
CA THR M 68 78.80 -42.46 4.51
C THR M 68 78.90 -43.95 4.17
N PRO M 69 77.80 -44.71 4.26
CA PRO M 69 77.87 -46.17 4.18
C PRO M 69 77.77 -46.77 2.78
N SER M 70 77.81 -45.96 1.72
CA SER M 70 77.77 -46.45 0.34
C SER M 70 76.38 -46.97 -0.02
N GLU M 71 75.46 -47.01 0.94
CA GLU M 71 74.07 -47.33 0.66
C GLU M 71 73.26 -46.08 0.34
N ALA M 72 73.66 -44.94 0.88
CA ALA M 72 73.09 -43.65 0.51
C ALA M 72 73.63 -43.14 -0.81
N LEU M 73 74.57 -43.85 -1.42
CA LEU M 73 75.18 -43.46 -2.67
C LEU M 73 74.82 -44.39 -3.82
N ALA M 74 74.16 -45.51 -3.54
CA ALA M 74 73.67 -46.41 -4.58
C ALA M 74 72.32 -45.91 -5.06
N HIS M 75 72.28 -45.40 -6.29
CA HIS M 75 71.03 -44.93 -6.87
C HIS M 75 70.08 -46.10 -7.05
N LYS M 76 68.95 -46.05 -6.35
CA LYS M 76 67.95 -47.10 -6.44
C LYS M 76 67.18 -47.00 -7.75
N LEU M 77 66.83 -48.15 -8.30
CA LEU M 77 66.15 -48.24 -9.59
C LEU M 77 64.66 -48.37 -9.34
N VAL M 78 63.90 -47.35 -9.75
CA VAL M 78 62.47 -47.31 -9.45
C VAL M 78 61.73 -48.25 -10.40
N ARG M 79 60.92 -49.13 -9.83
CA ARG M 79 60.18 -50.13 -10.59
C ARG M 79 58.69 -49.94 -10.35
N TYR M 80 57.95 -49.81 -11.44
CA TYR M 80 56.50 -49.75 -11.40
C TYR M 80 55.92 -51.16 -11.41
N SER M 81 54.63 -51.24 -11.10
CA SER M 81 53.87 -52.50 -11.19
C SER M 81 52.58 -52.20 -11.91
N VAL M 82 52.47 -52.68 -13.13
CA VAL M 82 51.30 -52.43 -13.96
C VAL M 82 50.29 -53.54 -13.74
N THR M 83 49.02 -53.17 -13.65
CA THR M 83 47.94 -54.11 -13.43
C THR M 83 46.71 -53.62 -14.17
N LEU M 84 45.73 -54.50 -14.31
CA LEU M 84 44.45 -54.12 -14.89
C LEU M 84 43.56 -53.52 -13.80
N ASP M 85 43.02 -52.33 -14.07
CA ASP M 85 42.16 -51.66 -13.10
C ASP M 85 40.92 -52.51 -12.84
N ALA M 86 40.82 -53.05 -11.63
CA ALA M 86 39.68 -53.88 -11.27
C ALA M 86 38.38 -53.10 -11.23
N ASP M 87 38.44 -51.77 -11.24
CA ASP M 87 37.25 -50.93 -11.27
C ASP M 87 36.73 -50.71 -12.68
N VAL M 88 37.58 -50.84 -13.69
CA VAL M 88 37.15 -50.78 -15.07
C VAL M 88 36.72 -52.17 -15.50
N SER M 89 37.65 -53.11 -15.41
CA SER M 89 37.35 -54.51 -15.67
C SER M 89 38.52 -55.37 -15.20
N ALA M 90 38.23 -56.36 -14.34
CA ALA M 90 39.29 -57.22 -13.82
C ALA M 90 39.91 -58.09 -14.90
N THR M 91 39.27 -58.22 -16.05
CA THR M 91 39.75 -59.05 -17.14
C THR M 91 39.76 -58.24 -18.43
N PRO M 92 40.53 -58.68 -19.42
CA PRO M 92 40.53 -57.98 -20.71
C PRO M 92 39.22 -58.16 -21.45
N VAL M 93 38.71 -57.06 -22.01
CA VAL M 93 37.54 -57.11 -22.86
C VAL M 93 38.00 -57.40 -24.28
N ALA M 94 37.23 -58.21 -25.00
CA ALA M 94 37.72 -58.87 -26.20
C ALA M 94 38.24 -57.86 -27.22
N GLY M 95 37.36 -57.01 -27.73
CA GLY M 95 37.66 -56.22 -28.90
C GLY M 95 38.43 -54.94 -28.68
N GLN M 96 38.98 -54.72 -27.48
CA GLN M 96 39.71 -53.51 -27.17
C GLN M 96 41.21 -53.76 -27.24
N ASN M 97 41.94 -52.79 -27.78
CA ASN M 97 43.39 -52.84 -27.85
C ASN M 97 43.97 -52.05 -26.68
N TYR M 98 44.79 -52.72 -25.87
CA TYR M 98 45.35 -52.15 -24.66
C TYR M 98 46.75 -51.64 -24.98
N ILE M 99 46.85 -50.38 -25.32
CA ILE M 99 48.12 -49.75 -25.58
C ILE M 99 48.68 -49.18 -24.29
N LEU M 100 50.00 -49.23 -24.16
CA LEU M 100 50.70 -48.72 -22.98
C LEU M 100 51.81 -47.81 -23.45
N ARG M 101 51.85 -46.60 -22.87
CA ARG M 101 52.81 -45.58 -23.25
C ARG M 101 53.87 -45.45 -22.16
N LEU M 102 55.14 -45.47 -22.56
CA LEU M 102 56.26 -45.27 -21.66
C LEU M 102 56.94 -43.95 -22.03
N ALA M 103 56.78 -42.95 -21.18
CA ALA M 103 57.33 -41.63 -21.42
C ALA M 103 58.68 -41.50 -20.72
N PHE M 104 59.69 -41.09 -21.49
CA PHE M 104 61.05 -40.93 -21.00
C PHE M 104 61.38 -39.44 -21.01
N ARG M 105 61.93 -38.94 -19.91
CA ARG M 105 62.03 -37.50 -19.71
C ARG M 105 63.39 -36.92 -20.05
N GLN M 106 64.48 -37.59 -19.68
CA GLN M 106 65.82 -37.24 -20.14
C GLN M 106 66.29 -38.39 -21.03
N TYR M 107 66.21 -38.19 -22.35
CA TYR M 107 66.52 -39.27 -23.27
C TYR M 107 67.98 -39.22 -23.70
N ILE M 108 68.40 -38.13 -24.35
CA ILE M 108 69.79 -37.91 -24.69
C ILE M 108 70.34 -36.66 -24.01
N GLY M 109 69.55 -35.59 -23.98
CA GLY M 109 69.96 -34.34 -23.38
C GLY M 109 69.83 -34.37 -21.86
N LEU M 110 69.99 -33.18 -21.29
CA LEU M 110 69.97 -33.02 -19.83
C LEU M 110 68.61 -32.62 -19.29
N SER M 111 67.74 -32.08 -20.13
CA SER M 111 66.50 -31.48 -19.66
C SER M 111 65.38 -32.49 -19.57
N GLU M 112 64.31 -32.10 -18.87
CA GLU M 112 63.06 -32.82 -18.91
C GLU M 112 62.31 -32.59 -20.22
N GLU M 113 62.65 -31.50 -20.92
CA GLU M 113 62.06 -31.18 -22.20
C GLU M 113 62.45 -32.17 -23.28
N ASP M 114 63.55 -32.90 -23.10
CA ASP M 114 64.01 -33.87 -24.09
C ASP M 114 63.41 -35.23 -23.73
N GLN M 115 62.24 -35.52 -24.27
CA GLN M 115 61.51 -36.72 -23.86
C GLN M 115 61.20 -37.59 -25.08
N TYR M 116 60.94 -38.87 -24.79
CA TYR M 116 60.96 -39.93 -25.78
C TYR M 116 59.92 -40.97 -25.40
N PHE M 117 59.23 -41.52 -26.41
CA PHE M 117 58.08 -42.37 -26.15
C PHE M 117 58.21 -43.68 -26.91
N LYS M 118 58.29 -44.78 -26.15
CA LYS M 118 58.07 -46.11 -26.66
C LYS M 118 56.68 -46.59 -26.25
N TYR M 119 56.29 -47.75 -26.78
CA TYR M 119 54.92 -48.22 -26.65
C TYR M 119 54.90 -49.74 -26.46
N GLY M 120 53.69 -50.24 -26.21
CA GLY M 120 53.43 -51.65 -26.11
C GLY M 120 51.93 -51.88 -26.18
N GLU M 121 51.50 -52.86 -26.97
CA GLU M 121 50.08 -53.00 -27.27
C GLU M 121 49.73 -54.46 -27.46
N VAL M 122 48.50 -54.80 -27.08
CA VAL M 122 47.92 -56.11 -27.37
C VAL M 122 46.43 -55.91 -27.58
N ILE M 123 45.91 -56.55 -28.62
CA ILE M 123 44.47 -56.56 -28.88
C ILE M 123 43.90 -57.80 -28.22
N ALA M 124 42.98 -57.58 -27.28
CA ALA M 124 42.52 -58.67 -26.44
C ALA M 124 41.64 -59.63 -27.24
N ARG M 125 41.29 -60.75 -26.60
CA ARG M 125 40.50 -61.79 -27.22
C ARG M 125 39.50 -62.31 -26.21
N SER M 126 38.63 -63.20 -26.66
CA SER M 126 37.67 -63.85 -25.78
C SER M 126 38.39 -64.89 -24.93
N GLY M 127 38.06 -64.91 -23.64
CA GLY M 127 38.69 -65.84 -22.74
C GLY M 127 40.17 -65.61 -22.58
N MET M 128 40.62 -64.37 -22.70
CA MET M 128 42.01 -64.01 -22.49
C MET M 128 42.22 -63.74 -21.01
N THR M 129 42.77 -64.73 -20.30
CA THR M 129 43.00 -64.55 -18.87
C THR M 129 44.02 -63.44 -18.64
N ALA M 130 43.90 -62.79 -17.47
CA ALA M 130 44.77 -61.65 -17.18
C ALA M 130 46.23 -62.03 -17.30
N SER M 131 46.58 -63.26 -16.90
CA SER M 131 47.96 -63.71 -17.05
C SER M 131 48.38 -63.69 -18.51
N ASP M 132 47.50 -64.12 -19.41
CA ASP M 132 47.83 -64.07 -20.83
C ASP M 132 47.99 -62.63 -21.30
N PHE M 133 47.21 -61.72 -20.75
CA PHE M 133 47.33 -60.32 -21.14
C PHE M 133 48.67 -59.74 -20.71
N TYR M 134 49.06 -59.98 -19.46
CA TYR M 134 50.36 -59.50 -19.00
C TYR M 134 51.48 -60.11 -19.82
N LYS M 135 51.35 -61.39 -20.16
CA LYS M 135 52.31 -62.05 -21.02
C LYS M 135 52.44 -61.33 -22.36
N LYS M 136 51.37 -61.34 -23.16
CA LYS M 136 51.42 -60.77 -24.49
C LYS M 136 51.88 -59.31 -24.45
N MET M 137 51.48 -58.58 -23.42
CA MET M 137 51.89 -57.18 -23.32
C MET M 137 53.36 -57.06 -22.94
N ALA M 138 53.85 -57.97 -22.08
CA ALA M 138 55.26 -57.96 -21.72
C ALA M 138 56.14 -58.18 -22.95
N ILE M 139 55.80 -59.17 -23.77
CA ILE M 139 56.55 -59.40 -25.01
C ILE M 139 56.49 -58.17 -25.90
N SER M 140 55.30 -57.59 -26.06
CA SER M 140 55.19 -56.42 -26.91
C SER M 140 56.06 -55.28 -26.40
N LEU M 141 56.07 -55.08 -25.08
CA LEU M 141 56.88 -54.00 -24.50
C LEU M 141 58.36 -54.31 -24.64
N ALA M 142 58.76 -55.54 -24.33
CA ALA M 142 60.16 -55.92 -24.43
C ALA M 142 60.66 -55.85 -25.87
N LYS M 143 59.86 -56.35 -26.81
CA LYS M 143 60.33 -56.43 -28.20
C LYS M 143 60.56 -55.04 -28.78
N ASN M 144 59.68 -54.09 -28.49
CA ASN M 144 59.85 -52.74 -29.00
C ASN M 144 60.93 -51.98 -28.25
N LEU M 145 61.26 -52.40 -27.03
CA LEU M 145 62.26 -51.70 -26.21
C LEU M 145 63.67 -52.24 -26.45
N GLU M 146 63.85 -53.55 -26.32
CA GLU M 146 65.16 -54.18 -26.38
C GLU M 146 65.55 -54.60 -27.79
N ASN M 147 64.97 -53.99 -28.82
CA ASN M 147 65.29 -54.37 -30.19
C ASN M 147 66.67 -53.84 -30.58
N LYS M 148 67.07 -54.16 -31.81
CA LYS M 148 68.35 -53.72 -32.36
C LYS M 148 68.26 -52.34 -32.99
N THR M 149 67.22 -51.57 -32.64
CA THR M 149 67.03 -50.21 -33.13
C THR M 149 66.88 -49.25 -31.96
N GLU M 150 67.68 -49.45 -30.90
CA GLU M 150 67.67 -48.58 -29.73
C GLU M 150 69.11 -48.29 -29.35
N SER M 151 69.48 -47.00 -29.32
CA SER M 151 70.84 -46.62 -28.98
C SER M 151 71.15 -46.78 -27.50
N THR M 152 70.13 -46.96 -26.66
CA THR M 152 70.33 -47.13 -25.22
C THR M 152 69.31 -48.13 -24.69
N PRO M 153 69.65 -48.86 -23.64
CA PRO M 153 68.66 -49.68 -22.95
C PRO M 153 67.76 -48.80 -22.10
N LEU M 154 66.53 -48.59 -22.58
CA LEU M 154 65.62 -47.69 -21.89
C LEU M 154 65.07 -48.32 -20.61
N VAL M 155 64.60 -49.57 -20.71
CA VAL M 155 63.79 -50.17 -19.67
C VAL M 155 64.09 -51.66 -19.61
N ASN M 156 63.75 -52.27 -18.47
CA ASN M 156 63.80 -53.71 -18.27
C ASN M 156 62.42 -54.20 -17.89
N ILE M 157 62.02 -55.33 -18.46
CA ILE M 157 60.68 -55.87 -18.29
C ILE M 157 60.77 -57.14 -17.44
N TYR M 158 59.86 -57.25 -16.48
CA TYR M 158 59.79 -58.41 -15.60
C TYR M 158 58.32 -58.77 -15.39
N LEU M 159 58.07 -60.05 -15.12
CA LEU M 159 56.76 -60.54 -14.76
C LEU M 159 56.82 -61.15 -13.36
N ILE M 160 55.64 -61.36 -12.78
CA ILE M 160 55.52 -61.95 -11.45
C ILE M 160 54.27 -62.81 -11.41
N SER M 161 54.42 -64.03 -10.90
CA SER M 161 53.30 -64.95 -10.75
C SER M 161 52.83 -64.97 -9.30
N ALA M 162 51.54 -65.24 -9.11
CA ALA M 162 50.97 -65.24 -7.77
C ALA M 162 51.66 -66.26 -6.86
N ALA M 163 52.20 -67.32 -7.44
CA ALA M 163 52.86 -68.35 -6.63
C ALA M 163 54.08 -67.78 -5.92
N ALA M 164 55.03 -67.28 -6.69
CA ALA M 164 56.25 -66.69 -6.12
C ALA M 164 55.94 -65.36 -5.46
N ALA M 165 55.45 -64.40 -6.23
CA ALA M 165 55.07 -63.06 -5.81
C ALA M 165 56.30 -62.20 -5.53
N SER M 166 57.50 -62.75 -5.54
CA SER M 166 58.73 -62.00 -5.31
C SER M 166 59.74 -62.20 -6.43
N THR M 167 59.80 -63.39 -7.03
CA THR M 167 60.72 -63.65 -8.12
C THR M 167 60.23 -62.95 -9.39
N ASP M 168 61.11 -62.14 -9.99
CA ASP M 168 60.78 -61.41 -11.20
C ASP M 168 61.24 -62.22 -12.41
N VAL M 169 60.28 -62.54 -13.29
CA VAL M 169 60.57 -63.34 -14.48
C VAL M 169 61.06 -62.41 -15.58
N PRO M 170 62.27 -62.59 -16.10
CA PRO M 170 62.76 -61.70 -17.15
C PRO M 170 62.00 -61.88 -18.46
N VAL M 171 61.90 -60.78 -19.21
CA VAL M 171 61.28 -60.78 -20.52
C VAL M 171 62.09 -59.83 -21.40
N THR M 172 62.77 -60.38 -22.39
CA THR M 172 63.57 -59.61 -23.33
C THR M 172 63.01 -59.79 -24.73
N SER M 173 63.69 -59.18 -25.70
CA SER M 173 63.32 -59.37 -27.10
C SER M 173 63.63 -60.77 -27.60
N ALA M 174 64.24 -61.61 -26.77
CA ALA M 174 64.58 -62.99 -27.14
C ALA M 174 63.66 -64.00 -26.47
N THR M 175 62.57 -63.57 -25.86
CA THR M 175 61.67 -64.44 -25.13
C THR M 175 60.39 -64.64 -25.92
N LYS M 176 59.79 -65.82 -25.76
CA LYS M 176 58.56 -66.18 -26.45
C LYS M 176 57.56 -66.74 -25.44
N GLU M 177 56.28 -66.63 -25.80
CA GLU M 177 55.23 -67.19 -24.95
C GLU M 177 55.42 -68.67 -24.72
N SER M 178 56.18 -69.36 -25.59
CA SER M 178 56.49 -70.76 -25.36
C SER M 178 57.31 -70.96 -24.09
N ASP M 179 58.03 -69.92 -23.66
CA ASP M 179 58.83 -70.01 -22.44
C ASP M 179 58.06 -69.59 -21.20
N LEU M 180 57.08 -68.70 -21.35
CA LEU M 180 56.27 -68.22 -20.23
C LEU M 180 55.07 -69.15 -20.09
N THR M 181 55.22 -70.16 -19.24
CA THR M 181 54.24 -71.23 -19.13
C THR M 181 53.30 -71.08 -17.94
N ALA M 182 53.60 -70.19 -17.00
CA ALA M 182 52.74 -70.04 -15.83
C ALA M 182 51.40 -69.43 -16.24
N THR M 183 50.43 -69.55 -15.34
CA THR M 183 49.07 -69.08 -15.58
C THR M 183 48.57 -68.14 -14.48
N ASP M 184 49.45 -67.66 -13.60
CA ASP M 184 49.06 -66.87 -12.44
C ASP M 184 49.85 -65.57 -12.39
N TYR M 185 50.07 -64.96 -13.54
CA TYR M 185 50.75 -63.67 -13.59
C TYR M 185 49.82 -62.57 -13.09
N ASN M 186 50.36 -61.69 -12.25
CA ASN M 186 49.58 -60.68 -11.56
C ASN M 186 49.88 -59.25 -11.98
N GLN M 187 50.95 -59.02 -12.73
CA GLN M 187 51.40 -57.66 -12.97
C GLN M 187 52.54 -57.68 -13.98
N ILE M 188 52.87 -56.48 -14.48
CA ILE M 188 54.03 -56.25 -15.32
C ILE M 188 54.93 -55.26 -14.61
N ILE M 189 56.17 -55.66 -14.38
CA ILE M 189 57.15 -54.81 -13.70
C ILE M 189 57.96 -54.09 -14.76
N ILE M 190 58.33 -52.85 -14.45
CA ILE M 190 59.06 -52.01 -15.39
C ILE M 190 60.11 -51.20 -14.62
N GLU M 191 61.37 -51.56 -14.77
CA GLU M 191 62.47 -50.84 -14.14
C GLU M 191 63.10 -49.85 -15.12
N GLU M 192 64.05 -49.08 -14.59
CA GLU M 192 64.97 -48.29 -15.40
C GLU M 192 66.35 -48.92 -15.33
N THR M 193 67.11 -48.77 -16.40
CA THR M 193 68.39 -49.46 -16.56
C THR M 193 69.54 -48.46 -16.38
N GLU M 194 70.70 -49.00 -16.00
CA GLU M 194 71.89 -48.18 -15.83
C GLU M 194 72.57 -47.98 -17.17
N GLN M 195 72.79 -46.72 -17.53
CA GLN M 195 73.33 -46.38 -18.84
C GLN M 195 74.83 -46.61 -18.89
N PRO M 196 75.42 -46.48 -20.08
CA PRO M 196 76.87 -46.66 -20.20
C PRO M 196 77.66 -45.60 -19.45
N TRP M 197 78.73 -46.02 -18.79
CA TRP M 197 79.60 -45.14 -18.02
C TRP M 197 81.01 -45.17 -18.58
N VAL M 198 81.56 -43.99 -18.86
CA VAL M 198 82.98 -43.84 -19.15
C VAL M 198 83.59 -42.98 -18.06
N LEU M 199 84.86 -43.23 -17.76
CA LEU M 199 85.43 -42.74 -16.51
C LEU M 199 85.24 -41.24 -16.33
N GLY M 200 85.60 -40.45 -17.33
CA GLY M 200 85.54 -39.01 -17.15
C GLY M 200 84.96 -38.29 -18.34
N MET M 201 84.21 -39.03 -19.17
CA MET M 201 83.54 -38.46 -20.33
C MET M 201 82.03 -38.60 -20.26
N MET M 202 81.53 -39.77 -19.89
CA MET M 202 80.10 -39.97 -19.73
C MET M 202 79.79 -40.29 -18.27
N PRO M 203 79.14 -39.40 -17.53
CA PRO M 203 78.90 -39.66 -16.11
C PRO M 203 77.70 -40.58 -15.90
N GLN M 204 77.55 -41.02 -14.65
CA GLN M 204 76.41 -41.85 -14.28
C GLN M 204 75.12 -41.05 -14.42
N ALA M 205 74.24 -41.51 -15.30
CA ALA M 205 72.98 -40.84 -15.53
C ALA M 205 71.94 -41.89 -15.91
N PHE M 206 70.68 -41.55 -15.68
CA PHE M 206 69.57 -42.46 -15.89
C PHE M 206 68.51 -41.77 -16.74
N ILE M 207 67.58 -42.58 -17.23
CA ILE M 207 66.44 -42.10 -18.00
C ILE M 207 65.19 -42.40 -17.18
N PRO M 208 64.58 -41.40 -16.54
CA PRO M 208 63.39 -41.67 -15.72
C PRO M 208 62.13 -41.64 -16.57
N PHE M 209 61.19 -42.52 -16.23
CA PHE M 209 60.02 -42.73 -17.07
C PHE M 209 58.77 -42.85 -16.22
N THR M 210 57.63 -42.92 -16.92
CA THR M 210 56.31 -43.02 -16.33
C THR M 210 55.44 -43.86 -17.26
N PRO M 211 54.89 -44.98 -16.80
CA PRO M 211 53.92 -45.69 -17.63
C PRO M 211 52.58 -44.98 -17.71
N GLN M 212 52.28 -44.43 -18.88
CA GLN M 212 51.00 -43.77 -19.12
C GLN M 212 50.11 -44.67 -19.96
N PHE M 213 48.83 -44.72 -19.60
CA PHE M 213 47.88 -45.61 -20.22
C PHE M 213 46.97 -44.86 -21.18
N LEU M 214 46.44 -45.59 -22.15
CA LEU M 214 45.45 -45.07 -23.07
C LEU M 214 44.09 -45.68 -22.77
N THR M 215 43.05 -45.00 -23.22
CA THR M 215 41.69 -45.34 -22.84
C THR M 215 41.17 -46.53 -23.62
N ILE M 216 40.20 -47.22 -23.01
CA ILE M 216 39.43 -48.26 -23.68
C ILE M 216 37.96 -48.02 -23.36
N THR M 217 37.10 -48.23 -24.36
CA THR M 217 35.67 -48.11 -24.17
C THR M 217 35.14 -49.43 -23.61
N VAL M 218 34.62 -49.38 -22.38
CA VAL M 218 34.21 -50.60 -21.70
C VAL M 218 32.72 -50.82 -21.93
N ASP M 219 31.87 -49.90 -21.47
CA ASP M 219 30.46 -49.92 -21.80
C ASP M 219 30.11 -48.86 -22.84
N GLY M 220 30.30 -47.59 -22.49
CA GLY M 220 30.05 -46.49 -23.39
C GLY M 220 30.97 -45.30 -23.16
N GLU M 221 31.91 -45.45 -22.24
CA GLU M 221 32.75 -44.34 -21.80
C GLU M 221 34.22 -44.71 -21.92
N ASP M 222 35.04 -43.70 -22.17
CA ASP M 222 36.49 -43.88 -22.24
C ASP M 222 37.05 -43.99 -20.84
N ARG M 223 37.88 -45.00 -20.61
CA ARG M 223 38.42 -45.27 -19.29
C ARG M 223 39.80 -45.87 -19.41
N LEU M 224 40.70 -45.44 -18.53
CA LEU M 224 42.02 -46.05 -18.44
C LEU M 224 41.89 -47.44 -17.82
N TRP M 225 42.75 -48.35 -18.29
CA TRP M 225 42.65 -49.75 -17.89
C TRP M 225 43.68 -50.17 -16.85
N GLY M 226 44.72 -49.37 -16.62
CA GLY M 226 45.84 -49.78 -15.84
C GLY M 226 46.05 -48.95 -14.58
N VAL M 227 46.98 -49.43 -13.75
CA VAL M 227 47.35 -48.77 -12.51
C VAL M 227 48.86 -48.80 -12.37
N ALA M 228 49.51 -47.68 -12.67
CA ALA M 228 50.97 -47.58 -12.58
C ALA M 228 51.36 -47.33 -11.12
N THR M 229 51.41 -48.42 -10.37
CA THR M 229 51.74 -48.36 -8.95
C THR M 229 53.26 -48.47 -8.77
N VAL M 230 53.82 -47.55 -8.00
CA VAL M 230 55.23 -47.57 -7.68
C VAL M 230 55.44 -48.45 -6.45
N VAL M 231 56.38 -49.38 -6.55
CA VAL M 231 56.67 -50.29 -5.44
C VAL M 231 58.11 -50.06 -5.00
N THR M 232 58.51 -50.74 -3.94
CA THR M 232 59.84 -50.53 -3.38
C THR M 232 60.90 -51.05 -4.34
N PRO M 233 61.96 -50.29 -4.62
CA PRO M 233 63.03 -50.81 -5.46
C PRO M 233 63.75 -51.99 -4.83
N THR M 234 64.32 -52.84 -5.68
CA THR M 234 65.09 -53.98 -5.24
C THR M 234 66.46 -54.07 -5.89
N LYS M 235 66.79 -53.16 -6.82
CA LYS M 235 68.05 -53.20 -7.55
C LYS M 235 68.65 -51.79 -7.55
N THR M 236 69.92 -51.71 -7.21
CA THR M 236 70.64 -50.44 -7.13
C THR M 236 71.93 -50.54 -7.93
N VAL M 237 72.39 -49.40 -8.42
CA VAL M 237 73.72 -49.32 -9.04
C VAL M 237 74.69 -48.95 -7.94
N PRO M 238 75.77 -49.72 -7.72
CA PRO M 238 76.68 -49.40 -6.62
C PRO M 238 77.47 -48.13 -6.83
N ASP M 239 78.30 -47.80 -5.84
CA ASP M 239 79.01 -46.53 -5.79
C ASP M 239 80.21 -46.48 -6.75
N GLY M 240 80.66 -47.61 -7.26
CA GLY M 240 81.90 -47.69 -8.00
C GLY M 240 82.05 -46.66 -9.10
N HIS M 241 81.14 -46.68 -10.07
CA HIS M 241 81.21 -45.77 -11.20
C HIS M 241 81.04 -44.31 -10.79
N LEU M 242 80.69 -44.05 -9.54
CA LEU M 242 80.49 -42.70 -9.02
C LEU M 242 81.72 -42.20 -8.28
N ILE M 243 82.34 -43.05 -7.45
CA ILE M 243 83.56 -42.67 -6.76
C ILE M 243 84.72 -42.52 -7.74
N ALA M 244 84.80 -43.42 -8.71
CA ALA M 244 85.91 -43.37 -9.67
C ALA M 244 85.94 -42.04 -10.41
N ASP M 245 84.77 -41.52 -10.78
CA ASP M 245 84.72 -40.26 -11.49
C ASP M 245 84.98 -39.09 -10.56
N LEU M 246 84.53 -39.20 -9.30
CA LEU M 246 84.90 -38.22 -8.30
C LEU M 246 86.41 -38.22 -8.09
N GLU M 247 87.01 -39.40 -8.04
CA GLU M 247 88.46 -39.50 -7.91
C GLU M 247 89.16 -38.93 -9.14
N TYR M 248 88.74 -39.35 -10.32
CA TYR M 248 89.22 -38.79 -11.58
C TYR M 248 89.23 -37.28 -11.55
N PHE M 249 88.24 -36.67 -10.90
CA PHE M 249 88.16 -35.22 -10.84
C PHE M 249 89.06 -34.65 -9.76
N CYS M 250 88.93 -35.14 -8.53
CA CYS M 250 89.66 -34.60 -7.40
C CYS M 250 91.16 -34.81 -7.50
N MET M 251 91.65 -35.48 -8.54
CA MET M 251 93.08 -35.63 -8.78
C MET M 251 93.59 -34.66 -9.84
N GLY M 252 92.85 -33.58 -10.08
CA GLY M 252 93.33 -32.48 -10.88
C GLY M 252 93.63 -31.32 -9.97
N ALA M 253 93.14 -31.41 -8.73
CA ALA M 253 93.46 -30.43 -7.71
C ALA M 253 94.90 -30.55 -7.25
N ARG M 254 95.50 -31.72 -7.41
CA ARG M 254 96.88 -31.97 -6.99
C ARG M 254 97.62 -32.75 -8.06
N GLY M 255 97.33 -32.48 -9.32
CA GLY M 255 97.93 -33.25 -10.39
C GLY M 255 97.68 -32.67 -11.77
N ASP M 256 97.63 -33.53 -12.77
CA ASP M 256 97.45 -33.10 -14.14
C ASP M 256 95.98 -32.80 -14.39
N ILE M 257 95.71 -31.62 -14.95
CA ILE M 257 94.34 -31.22 -15.24
C ILE M 257 93.95 -31.48 -16.69
N TYR M 258 94.92 -31.61 -17.61
CA TYR M 258 94.60 -31.79 -19.01
C TYR M 258 93.98 -33.17 -19.25
N ARG M 259 94.66 -34.22 -18.80
CA ARG M 259 94.14 -35.58 -18.80
C ARG M 259 93.88 -36.11 -20.20
N GLY M 260 94.54 -35.57 -21.22
CA GLY M 260 94.43 -36.12 -22.56
C GLY M 260 94.43 -35.12 -23.69
N MET M 261 94.32 -33.83 -23.38
CA MET M 261 94.11 -32.85 -24.45
C MET M 261 95.32 -32.73 -25.37
N GLY M 262 96.47 -33.28 -24.99
CA GLY M 262 97.52 -33.58 -25.93
C GLY M 262 97.76 -35.08 -25.84
N TYR M 263 97.38 -35.84 -26.87
CA TYR M 263 97.21 -37.26 -26.63
C TYR M 263 98.54 -37.94 -26.31
N PRO M 264 99.51 -37.96 -27.22
CA PRO M 264 100.77 -38.61 -26.87
C PRO M 264 101.61 -37.76 -25.93
N ASN M 265 101.39 -36.45 -25.92
CA ASN M 265 102.07 -35.55 -24.99
C ASN M 265 101.20 -35.34 -23.75
N ILE M 266 100.91 -36.45 -23.07
CA ILE M 266 100.10 -36.46 -21.87
C ILE M 266 100.94 -36.96 -20.71
N ILE M 267 100.54 -36.54 -19.52
CA ILE M 267 101.08 -37.05 -18.27
C ILE M 267 100.09 -38.08 -17.74
N LYS M 268 100.43 -39.36 -17.91
CA LYS M 268 99.53 -40.42 -17.48
C LYS M 268 99.37 -40.40 -15.97
N THR M 269 98.12 -40.48 -15.52
CA THR M 269 97.80 -40.48 -14.10
C THR M 269 97.19 -41.82 -13.73
N THR M 270 97.76 -42.44 -12.70
CA THR M 270 97.27 -43.73 -12.21
C THR M 270 96.22 -43.50 -11.13
N TYR M 271 95.16 -44.29 -11.18
CA TYR M 271 94.05 -44.17 -10.26
C TYR M 271 93.94 -45.43 -9.42
N LEU M 272 93.36 -45.29 -8.23
CA LEU M 272 93.27 -46.38 -7.26
C LEU M 272 91.83 -46.83 -7.00
N VAL M 273 90.88 -46.39 -7.81
CA VAL M 273 89.49 -46.77 -7.66
C VAL M 273 89.17 -47.89 -8.65
N ASP M 274 88.52 -48.94 -8.16
CA ASP M 274 88.10 -50.07 -8.99
C ASP M 274 86.60 -50.01 -9.18
N PRO M 275 86.09 -49.49 -10.28
CA PRO M 275 84.64 -49.59 -10.52
C PRO M 275 84.21 -51.05 -10.52
N GLY M 276 83.15 -51.33 -9.76
CA GLY M 276 82.79 -52.67 -9.39
C GLY M 276 82.97 -52.93 -7.91
N ALA M 277 83.86 -52.18 -7.26
CA ALA M 277 83.99 -52.19 -5.82
C ALA M 277 83.16 -51.06 -5.22
N VAL M 278 82.68 -51.26 -4.00
CA VAL M 278 81.82 -50.31 -3.33
C VAL M 278 82.62 -49.64 -2.22
N TYR M 279 82.52 -48.32 -2.15
CA TYR M 279 83.36 -47.51 -1.26
C TYR M 279 82.47 -46.69 -0.34
N ASP M 280 82.69 -46.85 0.97
CA ASP M 280 82.23 -45.86 1.91
C ASP M 280 83.07 -44.59 1.75
N VAL M 281 82.60 -43.49 2.33
CA VAL M 281 83.23 -42.19 2.15
C VAL M 281 83.28 -41.46 3.47
N LEU M 282 84.44 -40.89 3.78
CA LEU M 282 84.63 -39.97 4.89
C LEU M 282 84.99 -38.61 4.32
N ASP M 283 84.35 -37.57 4.84
CA ASP M 283 84.49 -36.23 4.30
C ASP M 283 84.69 -35.26 5.45
N ILE M 284 85.78 -34.51 5.40
CA ILE M 284 86.12 -33.54 6.43
C ILE M 284 86.16 -32.15 5.78
N HIS M 285 85.46 -31.20 6.38
CA HIS M 285 85.51 -29.81 5.98
C HIS M 285 86.20 -29.01 7.07
N TYR M 286 86.86 -27.93 6.66
CA TYR M 286 87.68 -27.13 7.57
C TYR M 286 88.14 -25.90 6.77
N PHE M 287 88.82 -25.00 7.46
CA PHE M 287 89.24 -23.75 6.84
C PHE M 287 90.59 -23.33 7.40
N TYR M 288 91.20 -22.35 6.73
CA TYR M 288 92.40 -21.67 7.19
C TYR M 288 92.11 -20.19 7.28
N THR M 289 92.51 -19.58 8.38
CA THR M 289 92.29 -18.15 8.61
C THR M 289 93.61 -17.48 8.98
N GLY M 290 93.80 -16.27 8.48
CA GLY M 290 95.05 -15.56 8.66
C GLY M 290 95.31 -15.10 10.07
N SER M 291 96.18 -14.10 10.23
CA SER M 291 96.69 -13.71 11.54
C SER M 291 95.98 -12.50 12.13
N ASN M 292 96.06 -11.35 11.47
CA ASN M 292 95.52 -10.11 12.03
C ASN M 292 94.41 -9.51 11.19
N GLU M 293 94.68 -9.20 9.92
CA GLU M 293 93.68 -8.64 9.01
C GLU M 293 93.19 -9.66 8.01
N SER M 294 93.86 -10.80 7.89
CA SER M 294 93.43 -11.87 7.00
C SER M 294 92.56 -12.87 7.75
N VAL M 295 91.44 -12.36 8.27
CA VAL M 295 90.47 -13.21 8.95
C VAL M 295 89.49 -13.85 7.98
N GLN M 296 89.55 -13.52 6.70
CA GLN M 296 88.76 -14.20 5.71
C GLN M 296 89.11 -15.68 5.72
N LYS M 297 88.10 -16.53 5.80
CA LYS M 297 88.36 -17.96 5.87
C LYS M 297 88.71 -18.50 4.48
N SER M 298 89.23 -19.73 4.50
CA SER M 298 89.53 -20.47 3.27
C SER M 298 89.10 -21.91 3.55
N GLU M 299 87.83 -22.19 3.27
CA GLU M 299 87.28 -23.50 3.59
C GLU M 299 87.87 -24.56 2.67
N LYS M 300 88.10 -25.74 3.21
CA LYS M 300 88.79 -26.79 2.49
C LYS M 300 88.15 -28.14 2.81
N THR M 301 88.10 -29.00 1.81
CA THR M 301 87.53 -30.34 1.96
C THR M 301 88.60 -31.39 1.71
N ILE M 302 88.50 -32.49 2.45
CA ILE M 302 89.38 -33.64 2.29
C ILE M 302 88.51 -34.88 2.33
N THR M 303 88.47 -35.61 1.23
CA THR M 303 87.61 -36.79 1.09
C THR M 303 88.46 -38.05 1.17
N LEU M 304 87.91 -39.07 1.82
CA LEU M 304 88.55 -40.38 1.92
C LEU M 304 87.55 -41.44 1.53
N VAL M 305 88.02 -42.42 0.77
CA VAL M 305 87.17 -43.48 0.25
C VAL M 305 87.80 -44.82 0.62
N ALA M 306 87.04 -45.67 1.30
CA ALA M 306 87.47 -47.01 1.63
C ALA M 306 86.44 -48.00 1.12
N VAL M 307 86.91 -49.14 0.65
CA VAL M 307 85.99 -50.14 0.11
C VAL M 307 85.06 -50.63 1.21
N ASP M 308 83.88 -51.08 0.79
CA ASP M 308 82.80 -51.42 1.72
C ASP M 308 82.39 -52.88 1.54
N ASP M 309 82.86 -53.73 2.45
CA ASP M 309 82.16 -54.98 2.66
C ASP M 309 80.82 -54.71 3.35
N GLY M 310 80.02 -55.76 3.49
CA GLY M 310 78.73 -55.59 4.12
C GLY M 310 78.81 -54.94 5.49
N SER M 311 79.94 -55.09 6.18
CA SER M 311 80.08 -54.70 7.58
C SER M 311 80.70 -53.32 7.78
N HIS M 312 80.98 -52.58 6.71
CA HIS M 312 81.65 -51.28 6.85
C HIS M 312 82.91 -51.40 7.70
N THR M 313 83.71 -52.42 7.42
CA THR M 313 84.87 -52.69 8.27
C THR M 313 86.02 -51.74 7.98
N ALA M 314 86.30 -51.49 6.71
CA ALA M 314 87.48 -50.69 6.35
C ALA M 314 87.35 -49.25 6.87
N MET M 315 86.14 -48.69 6.82
CA MET M 315 85.91 -47.32 7.22
C MET M 315 85.64 -47.18 8.71
N ASN M 316 85.31 -48.27 9.40
CA ASN M 316 85.11 -48.20 10.84
C ASN M 316 86.44 -48.26 11.59
N ALA M 317 87.42 -48.97 11.04
CA ALA M 317 88.77 -48.93 11.57
C ALA M 317 89.45 -47.61 11.26
N LEU M 318 89.31 -47.13 10.02
CA LEU M 318 89.85 -45.83 9.66
C LEU M 318 89.33 -44.72 10.56
N ILE M 319 88.04 -44.78 10.89
CA ILE M 319 87.46 -43.78 11.78
C ILE M 319 88.01 -43.93 13.19
N GLY M 320 88.07 -45.15 13.70
CA GLY M 320 88.63 -45.36 15.02
C GLY M 320 90.04 -44.81 15.14
N ALA M 321 90.84 -44.99 14.09
CA ALA M 321 92.19 -44.43 14.08
C ALA M 321 92.16 -42.91 14.16
N ILE M 322 91.37 -42.28 13.28
CA ILE M 322 91.32 -40.82 13.24
C ILE M 322 90.78 -40.26 14.55
N ASN M 323 89.87 -40.97 15.20
CA ASN M 323 89.30 -40.47 16.45
C ASN M 323 90.33 -40.52 17.57
N THR M 324 91.02 -41.65 17.71
CA THR M 324 92.06 -41.77 18.73
C THR M 324 93.26 -40.87 18.44
N ALA M 325 93.46 -40.50 17.18
CA ALA M 325 94.62 -39.69 16.81
C ALA M 325 94.33 -38.20 16.82
N SER M 326 93.07 -37.79 16.71
CA SER M 326 92.71 -36.38 16.67
C SER M 326 91.75 -35.98 17.78
N GLY M 327 91.34 -36.91 18.63
CA GLY M 327 90.36 -36.62 19.66
C GLY M 327 88.97 -36.32 19.15
N LEU M 328 88.76 -36.26 17.84
CA LEU M 328 87.44 -36.07 17.30
C LEU M 328 86.53 -37.23 17.70
N THR M 329 85.23 -37.06 17.41
CA THR M 329 84.24 -38.11 17.64
C THR M 329 83.42 -38.23 16.37
N ILE M 330 83.89 -39.06 15.46
CA ILE M 330 83.17 -39.37 14.23
C ILE M 330 82.41 -40.67 14.46
N ALA M 331 81.16 -40.70 14.00
CA ALA M 331 80.27 -41.81 14.31
C ALA M 331 80.63 -43.02 13.44
N THR M 332 80.93 -44.14 14.09
CA THR M 332 81.20 -45.37 13.35
C THR M 332 79.94 -45.82 12.63
N LEU M 333 80.01 -45.83 11.30
CA LEU M 333 78.86 -46.17 10.48
C LEU M 333 78.72 -47.68 10.34
N MET N 1 32.06 0.98 15.41
CA MET N 1 30.67 1.07 14.90
C MET N 1 30.22 2.52 14.79
N VAL N 2 29.04 2.70 14.21
CA VAL N 2 28.37 4.00 14.21
C VAL N 2 26.89 3.72 14.42
N ILE N 3 26.35 4.18 15.56
CA ILE N 3 24.99 3.88 15.94
C ILE N 3 24.12 5.11 15.74
N SER N 4 22.82 4.91 15.84
CA SER N 4 21.86 6.00 15.82
C SER N 4 21.57 6.43 17.26
N ILE N 5 21.22 7.70 17.41
CA ILE N 5 21.09 8.32 18.73
C ILE N 5 19.76 9.03 18.82
N ASN N 6 19.17 9.01 20.02
CA ASN N 6 18.02 9.87 20.34
C ASN N 6 18.55 11.26 20.75
N GLN N 7 19.34 11.81 19.83
CA GLN N 7 20.04 13.09 19.93
C GLN N 7 21.24 13.06 20.87
N VAL N 8 21.34 12.05 21.74
CA VAL N 8 22.58 11.80 22.46
C VAL N 8 22.44 10.52 23.27
N ARG N 9 23.54 9.77 23.41
CA ARG N 9 23.63 8.77 24.46
C ARG N 9 25.06 8.74 24.99
N GLN N 10 25.18 8.45 26.27
CA GLN N 10 26.45 8.46 26.98
C GLN N 10 26.59 7.16 27.76
N LEU N 11 27.81 6.67 27.85
CA LEU N 11 28.08 5.37 28.45
C LEU N 11 29.03 5.54 29.64
N TYR N 12 28.76 4.77 30.68
CA TYR N 12 29.55 4.80 31.91
C TYR N 12 29.75 3.37 32.38
N VAL N 13 31.01 2.96 32.51
CA VAL N 13 31.32 1.59 32.92
C VAL N 13 31.24 1.47 34.42
N ALA N 14 30.72 0.34 34.89
CA ALA N 14 30.48 0.08 36.30
C ALA N 14 31.24 -1.19 36.69
N LYS N 15 32.49 -1.03 37.13
CA LYS N 15 33.28 -2.15 37.60
C LYS N 15 33.08 -2.41 39.09
N ALA N 16 32.61 -1.43 39.84
CA ALA N 16 32.41 -1.59 41.27
C ALA N 16 31.30 -0.66 41.73
N LEU N 17 30.32 -1.22 42.43
CA LEU N 17 29.27 -0.41 43.03
C LEU N 17 29.74 0.08 44.39
N LYS N 18 29.75 1.40 44.58
CA LYS N 18 30.11 2.01 45.85
C LYS N 18 28.85 2.59 46.51
N ALA N 19 28.97 2.83 47.80
CA ALA N 19 27.83 3.30 48.59
C ALA N 19 27.74 4.81 48.70
N ASN N 20 28.81 5.52 48.36
CA ASN N 20 28.82 6.97 48.51
C ASN N 20 30.01 7.53 47.75
N THR N 21 29.95 8.84 47.48
CA THR N 21 31.14 9.54 47.04
C THR N 21 32.19 9.50 48.13
N ALA N 22 33.44 9.75 47.74
CA ALA N 22 34.63 9.61 48.57
C ALA N 22 35.03 8.14 48.72
N ALA N 23 34.22 7.20 48.24
CA ALA N 23 34.62 5.81 48.12
C ALA N 23 35.06 5.46 46.70
N LEU N 24 34.98 6.42 45.78
CA LEU N 24 35.40 6.22 44.40
C LEU N 24 36.91 6.38 44.33
N THR N 25 37.63 5.27 44.47
CA THR N 25 39.08 5.26 44.45
C THR N 25 39.62 4.82 43.10
N THR N 26 39.17 3.67 42.61
CA THR N 26 39.65 3.11 41.37
C THR N 26 38.81 3.59 40.19
N ALA N 27 39.44 3.62 39.02
CA ALA N 27 38.72 4.03 37.82
C ALA N 27 37.62 3.03 37.48
N GLY N 28 36.56 3.54 36.86
CA GLY N 28 35.42 2.72 36.52
C GLY N 28 34.43 2.51 37.64
N ASP N 29 34.69 3.02 38.83
CA ASP N 29 33.73 2.94 39.92
C ASP N 29 32.49 3.75 39.59
N ILE N 30 31.43 3.51 40.36
CA ILE N 30 30.14 4.10 40.06
C ILE N 30 29.32 4.13 41.35
N VAL N 31 28.55 5.20 41.52
CA VAL N 31 27.62 5.31 42.64
C VAL N 31 26.41 6.11 42.15
N PRO N 32 25.19 5.59 42.26
CA PRO N 32 24.01 6.39 41.91
C PRO N 32 23.64 7.34 43.05
N LYS N 33 23.42 8.60 42.69
CA LYS N 33 23.12 9.65 43.67
C LYS N 33 21.80 10.29 43.30
N ALA N 34 20.93 10.47 44.29
CA ALA N 34 19.62 11.06 44.08
C ALA N 34 19.22 11.86 45.31
N ASP N 35 18.36 12.86 45.08
CA ASP N 35 17.79 13.61 46.18
C ASP N 35 16.99 12.70 47.10
N THR N 36 16.74 13.18 48.32
CA THR N 36 15.88 12.44 49.23
C THR N 36 14.43 12.46 48.75
N ALA N 37 14.02 13.53 48.09
CA ALA N 37 12.68 13.61 47.51
C ALA N 37 12.53 12.72 46.29
N LYS N 38 13.64 12.23 45.73
CA LYS N 38 13.62 11.43 44.50
C LYS N 38 13.12 12.26 43.32
N THR N 39 13.73 13.43 43.14
CA THR N 39 13.42 14.32 42.02
C THR N 39 14.37 14.13 40.85
N THR N 40 15.66 13.98 41.12
CA THR N 40 16.66 13.83 40.08
C THR N 40 17.58 12.67 40.41
N LEU N 41 18.27 12.18 39.38
CA LEU N 41 19.21 11.08 39.52
C LEU N 41 20.41 11.35 38.63
N TYR N 42 21.57 10.90 39.09
CA TYR N 42 22.81 11.05 38.34
C TYR N 42 23.81 10.05 38.89
N PHE N 43 24.86 9.82 38.11
CA PHE N 43 25.85 8.80 38.40
C PHE N 43 27.21 9.46 38.55
N GLN N 44 27.84 9.24 39.70
CA GLN N 44 29.19 9.72 39.96
C GLN N 44 30.16 8.59 39.63
N SER N 45 30.94 8.79 38.56
CA SER N 45 31.86 7.77 38.06
C SER N 45 33.30 8.22 38.27
N MET N 46 34.15 7.23 38.54
CA MET N 46 35.58 7.47 38.70
C MET N 46 36.25 7.25 37.35
N SER N 47 36.48 8.33 36.62
CA SER N 47 37.22 8.27 35.38
C SER N 47 38.70 8.00 35.67
N PRO N 48 39.45 7.51 34.68
CA PRO N 48 40.90 7.40 34.87
C PRO N 48 41.56 8.70 35.26
N ALA N 49 41.02 9.83 34.81
CA ALA N 49 41.57 11.15 35.08
C ALA N 49 40.88 11.83 36.26
N GLY N 50 40.07 11.09 37.03
CA GLY N 50 39.43 11.65 38.20
C GLY N 50 38.03 11.10 38.43
N ILE N 51 37.20 11.88 39.11
CA ILE N 51 35.79 11.55 39.31
C ILE N 51 34.98 12.48 38.43
N VAL N 52 33.84 11.97 37.96
CA VAL N 52 32.99 12.69 37.02
C VAL N 52 31.55 12.27 37.30
N ALA N 53 30.61 13.10 36.85
CA ALA N 53 29.20 12.91 37.12
C ALA N 53 28.41 12.85 35.82
N SER N 54 27.42 11.98 35.79
CA SER N 54 26.51 11.90 34.66
C SER N 54 25.61 13.13 34.62
N ASP N 55 24.94 13.31 33.48
CA ASP N 55 23.89 14.31 33.40
C ASP N 55 22.80 13.98 34.41
N LYS N 56 21.96 14.96 34.71
CA LYS N 56 20.91 14.79 35.69
C LYS N 56 19.64 14.28 35.00
N ILE N 57 18.86 13.52 35.76
CA ILE N 57 17.73 12.77 35.23
C ILE N 57 16.50 13.19 36.03
N ASN N 58 15.67 14.05 35.46
CA ASN N 58 14.40 14.38 36.07
C ASN N 58 13.51 13.15 36.09
N LEU N 59 13.30 12.58 37.28
CA LEU N 59 12.67 11.27 37.41
C LEU N 59 11.21 11.27 37.00
N LYS N 60 10.60 12.44 36.79
CA LYS N 60 9.27 12.52 36.24
C LYS N 60 9.27 12.76 34.75
N HIS N 61 10.44 12.84 34.13
CA HIS N 61 10.60 12.99 32.69
C HIS N 61 11.35 11.81 32.08
N VAL N 62 11.39 10.69 32.78
CA VAL N 62 12.02 9.48 32.28
C VAL N 62 11.00 8.67 31.51
N LEU N 63 11.40 8.19 30.33
CA LEU N 63 10.49 7.53 29.41
C LEU N 63 10.51 6.01 29.59
N TYR N 64 11.66 5.39 29.43
CA TYR N 64 11.79 3.95 29.65
C TYR N 64 13.15 3.64 30.27
N ALA N 65 13.22 2.48 30.90
CA ALA N 65 14.45 2.01 31.53
C ALA N 65 14.37 0.51 31.65
N LYS N 66 15.36 -0.20 31.08
CA LYS N 66 15.36 -1.65 31.08
C LYS N 66 16.80 -2.13 30.96
N ALA N 67 17.06 -3.29 31.56
CA ALA N 67 18.39 -3.89 31.57
C ALA N 67 18.41 -5.12 30.65
N THR N 68 19.59 -5.39 30.09
CA THR N 68 19.76 -6.48 29.16
C THR N 68 20.67 -7.55 29.76
N PRO N 69 20.32 -8.83 29.64
CA PRO N 69 21.03 -9.87 30.40
C PRO N 69 22.35 -10.34 29.81
N SER N 70 22.83 -9.72 28.73
CA SER N 70 24.10 -10.06 28.08
C SER N 70 24.01 -11.36 27.31
N GLU N 71 22.89 -12.07 27.40
CA GLU N 71 22.61 -13.21 26.55
C GLU N 71 21.78 -12.83 25.33
N ALA N 72 21.35 -11.57 25.25
CA ALA N 72 20.55 -11.10 24.12
C ALA N 72 21.40 -10.45 23.04
N LEU N 73 22.68 -10.19 23.31
CA LEU N 73 23.58 -9.60 22.33
C LEU N 73 24.56 -10.61 21.75
N ALA N 74 24.65 -11.80 22.33
CA ALA N 74 25.47 -12.85 21.74
C ALA N 74 24.87 -13.31 20.42
N HIS N 75 25.70 -13.42 19.40
CA HIS N 75 25.29 -13.87 18.09
C HIS N 75 25.59 -15.36 17.98
N LYS N 76 24.55 -16.15 17.72
CA LYS N 76 24.71 -17.59 17.55
C LYS N 76 25.16 -17.88 16.13
N LEU N 77 26.24 -18.64 16.01
CA LEU N 77 26.80 -18.96 14.70
C LEU N 77 25.92 -19.99 14.01
N VAL N 78 25.42 -19.66 12.82
CA VAL N 78 24.52 -20.54 12.11
C VAL N 78 25.28 -21.77 11.63
N ARG N 79 24.71 -22.95 11.86
CA ARG N 79 25.32 -24.19 11.43
C ARG N 79 24.27 -25.06 10.73
N TYR N 80 24.62 -25.54 9.55
CA TYR N 80 23.77 -26.42 8.77
C TYR N 80 24.20 -27.86 8.95
N SER N 81 23.26 -28.78 8.77
CA SER N 81 23.52 -30.21 8.78
C SER N 81 23.18 -30.75 7.40
N VAL N 82 24.19 -30.93 6.58
CA VAL N 82 24.02 -31.43 5.22
C VAL N 82 24.03 -32.95 5.26
N THR N 83 23.10 -33.56 4.52
CA THR N 83 22.97 -35.01 4.50
C THR N 83 22.52 -35.42 3.10
N LEU N 84 22.23 -36.71 2.95
CA LEU N 84 21.64 -37.25 1.74
C LEU N 84 20.17 -37.54 2.01
N ASP N 85 19.31 -37.13 1.09
CA ASP N 85 17.88 -37.39 1.20
C ASP N 85 17.60 -38.81 0.73
N ALA N 86 17.23 -39.68 1.67
CA ALA N 86 16.82 -41.03 1.32
C ALA N 86 15.67 -41.03 0.32
N ASP N 87 14.97 -39.91 0.18
CA ASP N 87 13.96 -39.77 -0.85
C ASP N 87 14.53 -40.11 -2.21
N VAL N 88 15.58 -39.39 -2.62
CA VAL N 88 16.30 -39.74 -3.83
C VAL N 88 17.00 -41.08 -3.65
N SER N 89 17.96 -41.13 -2.73
CA SER N 89 18.68 -42.36 -2.44
C SER N 89 19.45 -42.21 -1.13
N ALA N 90 19.30 -43.19 -0.23
CA ALA N 90 20.01 -43.16 1.04
C ALA N 90 21.50 -43.38 0.88
N THR N 91 21.97 -43.69 -0.32
CA THR N 91 23.39 -43.90 -0.58
C THR N 91 23.72 -43.25 -1.92
N PRO N 92 25.01 -43.00 -2.18
CA PRO N 92 25.38 -42.33 -3.42
C PRO N 92 25.14 -43.23 -4.63
N VAL N 93 24.59 -42.61 -5.69
CA VAL N 93 24.55 -43.31 -6.96
C VAL N 93 25.98 -43.51 -7.44
N ALA N 94 26.16 -44.52 -8.30
CA ALA N 94 27.48 -45.05 -8.57
C ALA N 94 28.25 -44.32 -9.66
N GLY N 95 27.68 -43.29 -10.27
CA GLY N 95 28.37 -42.64 -11.37
C GLY N 95 28.17 -41.14 -11.52
N GLN N 96 27.59 -40.48 -10.52
CA GLN N 96 27.23 -39.08 -10.63
C GLN N 96 28.17 -38.21 -9.79
N ASN N 97 28.35 -36.98 -10.24
CA ASN N 97 29.14 -35.99 -9.52
C ASN N 97 28.23 -35.23 -8.57
N TYR N 98 28.54 -35.29 -7.28
CA TYR N 98 27.77 -34.62 -6.24
C TYR N 98 28.44 -33.29 -5.90
N ILE N 99 28.08 -32.26 -6.64
CA ILE N 99 28.60 -30.93 -6.36
C ILE N 99 27.75 -30.26 -5.29
N LEU N 100 28.40 -29.44 -4.47
CA LEU N 100 27.73 -28.67 -3.42
C LEU N 100 28.23 -27.24 -3.50
N ARG N 101 27.30 -26.30 -3.64
CA ARG N 101 27.61 -24.90 -3.86
C ARG N 101 27.23 -24.11 -2.63
N LEU N 102 28.20 -23.39 -2.06
CA LEU N 102 28.00 -22.55 -0.88
C LEU N 102 27.80 -21.12 -1.35
N ALA N 103 26.58 -20.60 -1.18
CA ALA N 103 26.20 -19.28 -1.68
C ALA N 103 26.38 -18.28 -0.55
N PHE N 104 27.39 -17.42 -0.68
CA PHE N 104 27.72 -16.43 0.34
C PHE N 104 27.17 -15.07 -0.08
N ARG N 105 26.39 -14.45 0.79
CA ARG N 105 25.82 -13.13 0.50
C ARG N 105 26.32 -12.10 1.50
N GLN N 106 26.29 -10.85 1.07
CA GLN N 106 26.93 -9.75 1.78
C GLN N 106 28.33 -10.18 2.19
N TYR N 107 29.03 -10.64 1.17
CA TYR N 107 30.47 -10.82 1.15
C TYR N 107 31.00 -9.42 0.94
N ILE N 108 32.31 -9.27 0.90
CA ILE N 108 33.04 -8.10 1.40
C ILE N 108 32.21 -6.83 1.45
N GLY N 109 31.46 -6.54 0.40
CA GLY N 109 30.57 -5.40 0.45
C GLY N 109 29.43 -5.62 1.42
N LEU N 110 28.56 -4.61 1.51
CA LEU N 110 27.45 -4.65 2.45
C LEU N 110 26.21 -5.28 1.85
N SER N 111 25.99 -5.10 0.56
CA SER N 111 24.77 -5.51 -0.10
C SER N 111 24.76 -7.01 -0.35
N GLU N 112 23.55 -7.55 -0.45
CA GLU N 112 23.37 -8.91 -0.91
C GLU N 112 23.64 -9.04 -2.40
N GLU N 113 23.82 -7.91 -3.09
CA GLU N 113 24.37 -7.88 -4.44
C GLU N 113 25.83 -8.30 -4.47
N ASP N 114 26.44 -8.52 -3.31
CA ASP N 114 27.83 -8.92 -3.19
C ASP N 114 27.83 -10.41 -2.85
N GLN N 115 28.05 -11.24 -3.85
CA GLN N 115 27.85 -12.68 -3.73
C GLN N 115 29.15 -13.41 -4.02
N TYR N 116 29.36 -14.49 -3.29
CA TYR N 116 30.56 -15.30 -3.43
C TYR N 116 30.14 -16.76 -3.35
N PHE N 117 30.73 -17.59 -4.20
CA PHE N 117 30.35 -18.98 -4.34
C PHE N 117 31.59 -19.86 -4.24
N LYS N 118 31.45 -20.97 -3.52
CA LYS N 118 32.52 -21.92 -3.32
C LYS N 118 31.96 -23.32 -3.43
N TYR N 119 32.67 -24.18 -4.15
CA TYR N 119 32.16 -25.48 -4.55
C TYR N 119 32.93 -26.60 -3.87
N GLY N 120 32.19 -27.63 -3.48
CA GLY N 120 32.79 -28.89 -3.07
C GLY N 120 32.27 -30.01 -3.95
N GLU N 121 33.15 -30.59 -4.76
CA GLU N 121 32.76 -31.57 -5.76
C GLU N 121 33.21 -32.96 -5.34
N VAL N 122 32.44 -33.95 -5.79
CA VAL N 122 32.70 -35.35 -5.47
C VAL N 122 32.01 -36.20 -6.53
N ILE N 123 32.67 -37.27 -6.94
CA ILE N 123 32.08 -38.30 -7.78
C ILE N 123 32.03 -39.58 -6.97
N ALA N 124 30.92 -40.31 -7.12
CA ALA N 124 30.68 -41.53 -6.37
C ALA N 124 31.06 -42.75 -7.20
N ARG N 125 31.08 -43.90 -6.54
CA ARG N 125 31.54 -45.12 -7.15
C ARG N 125 30.63 -46.27 -6.72
N SER N 126 30.92 -47.46 -7.24
CA SER N 126 30.03 -48.60 -7.05
C SER N 126 29.86 -48.94 -5.57
N GLY N 127 30.94 -48.86 -4.79
CA GLY N 127 30.90 -49.32 -3.42
C GLY N 127 30.93 -48.21 -2.40
N MET N 128 30.90 -46.96 -2.86
CA MET N 128 30.96 -45.83 -1.95
C MET N 128 29.76 -45.84 -1.00
N THR N 129 30.04 -45.78 0.29
CA THR N 129 28.99 -45.69 1.30
C THR N 129 28.58 -44.24 1.49
N ALA N 130 27.78 -43.96 2.52
CA ALA N 130 27.44 -42.59 2.84
C ALA N 130 28.54 -41.91 3.64
N SER N 131 29.25 -42.65 4.48
CA SER N 131 30.34 -42.06 5.27
C SER N 131 31.51 -41.69 4.37
N ASP N 132 31.94 -42.61 3.50
CA ASP N 132 33.03 -42.30 2.59
C ASP N 132 32.68 -41.09 1.73
N PHE N 133 31.42 -40.97 1.33
CA PHE N 133 31.01 -39.80 0.56
C PHE N 133 31.13 -38.53 1.41
N TYR N 134 30.64 -38.57 2.65
CA TYR N 134 30.65 -37.38 3.48
C TYR N 134 32.07 -36.88 3.72
N LYS N 135 33.00 -37.80 3.98
CA LYS N 135 34.36 -37.37 4.27
C LYS N 135 35.06 -36.82 3.04
N LYS N 136 34.85 -37.45 1.88
CA LYS N 136 35.44 -36.94 0.64
C LYS N 136 34.84 -35.59 0.27
N MET N 137 33.56 -35.38 0.59
CA MET N 137 32.93 -34.10 0.31
C MET N 137 33.39 -33.03 1.28
N ALA N 138 33.53 -33.39 2.56
CA ALA N 138 34.06 -32.45 3.54
C ALA N 138 35.47 -32.03 3.15
N ILE N 139 36.32 -32.99 2.80
CA ILE N 139 37.69 -32.67 2.41
C ILE N 139 37.70 -31.75 1.20
N SER N 140 36.88 -32.06 0.19
CA SER N 140 36.81 -31.20 -0.98
C SER N 140 36.39 -29.79 -0.61
N LEU N 141 35.39 -29.66 0.26
CA LEU N 141 34.94 -28.34 0.68
C LEU N 141 36.04 -27.60 1.40
N ALA N 142 36.70 -28.27 2.35
CA ALA N 142 37.76 -27.63 3.12
C ALA N 142 38.93 -27.23 2.23
N LYS N 143 39.20 -28.02 1.19
CA LYS N 143 40.31 -27.72 0.31
C LYS N 143 39.97 -26.62 -0.69
N ASN N 144 38.70 -26.49 -1.06
CA ASN N 144 38.29 -25.35 -1.88
C ASN N 144 38.15 -24.11 -1.02
N LEU N 145 37.75 -24.27 0.23
CA LEU N 145 37.92 -23.25 1.24
C LEU N 145 39.31 -23.39 1.84
N GLU N 146 39.60 -22.60 2.87
CA GLU N 146 40.78 -22.79 3.71
C GLU N 146 42.04 -23.02 2.88
N ASN N 147 42.08 -22.48 1.67
CA ASN N 147 43.35 -22.21 1.01
C ASN N 147 43.95 -20.90 1.49
N LYS N 148 43.30 -20.31 2.49
CA LYS N 148 43.68 -18.99 2.99
C LYS N 148 45.04 -19.04 3.67
N THR N 149 45.99 -18.32 3.11
CA THR N 149 47.14 -17.88 3.87
C THR N 149 46.78 -16.74 4.79
N GLU N 150 45.49 -16.38 4.83
CA GLU N 150 45.04 -15.21 5.56
C GLU N 150 44.49 -15.58 6.94
N SER N 151 43.44 -16.39 7.00
CA SER N 151 42.79 -16.63 8.28
C SER N 151 41.86 -17.84 8.17
N THR N 152 41.18 -18.13 9.28
CA THR N 152 40.19 -19.18 9.34
C THR N 152 39.21 -19.00 8.19
N PRO N 153 38.69 -20.09 7.61
CA PRO N 153 37.91 -19.95 6.37
C PRO N 153 36.56 -19.31 6.58
N LEU N 154 35.81 -19.15 5.49
CA LEU N 154 34.50 -18.51 5.57
C LEU N 154 33.54 -19.32 6.44
N VAL N 155 33.74 -20.64 6.51
CA VAL N 155 32.90 -21.52 7.31
C VAL N 155 33.74 -22.66 7.83
N ASN N 156 33.34 -23.21 8.97
CA ASN N 156 34.04 -24.32 9.60
C ASN N 156 33.31 -25.61 9.24
N ILE N 157 34.03 -26.56 8.65
CA ILE N 157 33.45 -27.79 8.15
C ILE N 157 33.82 -28.92 9.09
N TYR N 158 32.81 -29.64 9.57
CA TYR N 158 32.98 -30.72 10.53
C TYR N 158 32.30 -31.97 9.99
N LEU N 159 32.41 -33.05 10.76
CA LEU N 159 31.72 -34.29 10.48
C LEU N 159 31.24 -34.89 11.79
N ILE N 160 30.40 -35.92 11.70
CA ILE N 160 29.85 -36.55 12.89
C ILE N 160 29.72 -38.05 12.68
N SER N 161 30.42 -38.82 13.52
CA SER N 161 30.20 -40.26 13.56
C SER N 161 28.99 -40.55 14.43
N ALA N 162 28.11 -41.43 13.95
CA ALA N 162 26.88 -41.71 14.66
C ALA N 162 27.12 -42.26 16.06
N ALA N 163 28.33 -42.74 16.35
CA ALA N 163 28.62 -43.23 17.69
C ALA N 163 28.60 -42.10 18.70
N ALA N 164 29.06 -40.91 18.30
CA ALA N 164 29.04 -39.74 19.18
C ALA N 164 27.76 -38.93 19.01
N ALA N 165 27.57 -38.36 17.82
CA ALA N 165 26.39 -37.54 17.50
C ALA N 165 26.48 -36.18 18.19
N SER N 166 27.51 -35.96 18.99
CA SER N 166 27.70 -34.70 19.68
C SER N 166 29.03 -34.05 19.36
N THR N 167 30.13 -34.80 19.39
CA THR N 167 31.43 -34.24 19.05
C THR N 167 31.52 -33.99 17.55
N ASP N 168 32.10 -32.85 17.20
CA ASP N 168 32.31 -32.47 15.80
C ASP N 168 33.79 -32.62 15.48
N VAL N 169 34.11 -33.53 14.57
CA VAL N 169 35.48 -33.78 14.15
C VAL N 169 35.83 -32.76 13.06
N PRO N 170 36.79 -31.87 13.26
CA PRO N 170 37.07 -30.83 12.27
C PRO N 170 37.63 -31.42 10.98
N VAL N 171 37.58 -30.60 9.94
CA VAL N 171 38.15 -30.95 8.64
C VAL N 171 38.78 -29.70 8.04
N THR N 172 40.11 -29.68 7.97
CA THR N 172 40.86 -28.57 7.41
C THR N 172 41.60 -29.03 6.16
N SER N 173 42.04 -28.06 5.37
CA SER N 173 42.78 -28.36 4.15
C SER N 173 44.04 -29.17 4.46
N ALA N 174 44.47 -29.18 5.72
CA ALA N 174 45.57 -30.01 6.16
C ALA N 174 45.12 -31.41 6.58
N THR N 175 43.81 -31.63 6.69
CA THR N 175 43.32 -32.95 7.05
C THR N 175 43.47 -33.92 5.90
N LYS N 176 43.70 -35.19 6.23
CA LYS N 176 43.93 -36.25 5.25
C LYS N 176 42.88 -37.35 5.43
N GLU N 177 42.55 -38.01 4.33
CA GLU N 177 41.62 -39.13 4.37
C GLU N 177 42.04 -40.19 5.39
N SER N 178 43.31 -40.21 5.79
CA SER N 178 43.81 -41.26 6.67
C SER N 178 43.43 -41.02 8.13
N ASP N 179 43.39 -39.76 8.58
CA ASP N 179 43.08 -39.48 9.96
C ASP N 179 41.57 -39.48 10.24
N LEU N 180 40.75 -39.51 9.20
CA LEU N 180 39.31 -39.71 9.35
C LEU N 180 39.03 -41.19 9.13
N THR N 181 38.79 -41.91 10.20
CA THR N 181 38.75 -43.36 10.17
C THR N 181 37.38 -43.97 10.44
N ALA N 182 36.51 -43.28 11.16
CA ALA N 182 35.20 -43.85 11.48
C ALA N 182 34.46 -44.23 10.20
N THR N 183 33.52 -45.17 10.36
CA THR N 183 32.75 -45.69 9.24
C THR N 183 31.26 -45.41 9.37
N ASP N 184 30.87 -44.52 10.28
CA ASP N 184 29.46 -44.19 10.50
C ASP N 184 29.23 -42.69 10.43
N TYR N 185 30.06 -41.97 9.68
CA TYR N 185 29.81 -40.56 9.44
C TYR N 185 28.47 -40.38 8.76
N ASN N 186 27.62 -39.53 9.34
CA ASN N 186 26.22 -39.43 8.93
C ASN N 186 25.80 -38.03 8.51
N GLN N 187 26.73 -37.08 8.43
CA GLN N 187 26.38 -35.75 7.94
C GLN N 187 27.64 -34.92 7.77
N ILE N 188 27.49 -33.82 7.04
CA ILE N 188 28.50 -32.80 6.90
C ILE N 188 27.94 -31.52 7.50
N ILE N 189 28.70 -30.90 8.39
CA ILE N 189 28.28 -29.68 9.05
C ILE N 189 29.05 -28.51 8.48
N ILE N 190 28.41 -27.34 8.50
CA ILE N 190 29.02 -26.11 8.03
C ILE N 190 28.54 -25.00 8.95
N GLU N 191 29.47 -24.41 9.71
CA GLU N 191 29.13 -23.48 10.77
C GLU N 191 29.60 -22.08 10.40
N GLU N 192 28.71 -21.11 10.58
CA GLU N 192 29.08 -19.71 10.42
C GLU N 192 30.33 -19.40 11.24
N THR N 193 31.15 -18.49 10.72
CA THR N 193 32.47 -18.22 11.26
C THR N 193 32.56 -16.77 11.70
N GLU N 194 33.08 -16.56 12.91
CA GLU N 194 33.29 -15.22 13.42
C GLU N 194 34.39 -14.53 12.62
N GLN N 195 34.15 -13.30 12.24
CA GLN N 195 35.08 -12.51 11.43
C GLN N 195 35.93 -11.63 12.33
N PRO N 196 36.96 -11.00 11.77
CA PRO N 196 37.83 -10.15 12.59
C PRO N 196 37.10 -8.93 13.11
N TRP N 197 37.67 -8.36 14.18
CA TRP N 197 37.13 -7.17 14.80
C TRP N 197 38.29 -6.35 15.36
N VAL N 198 38.39 -5.11 14.92
CA VAL N 198 39.34 -4.15 15.47
C VAL N 198 38.56 -2.92 15.92
N LEU N 199 38.86 -2.45 17.12
CA LEU N 199 38.12 -1.36 17.73
C LEU N 199 38.04 -0.13 16.83
N GLY N 200 36.82 0.24 16.46
CA GLY N 200 36.56 1.48 15.75
C GLY N 200 36.75 1.43 14.25
N MET N 201 37.15 0.30 13.69
CA MET N 201 37.35 0.19 12.24
C MET N 201 36.63 -0.99 11.62
N MET N 202 36.43 -2.10 12.34
CA MET N 202 35.84 -3.30 11.78
C MET N 202 34.79 -3.82 12.76
N PRO N 203 33.52 -3.47 12.56
CA PRO N 203 32.49 -3.90 13.51
C PRO N 203 32.17 -5.39 13.35
N GLN N 204 31.64 -5.95 14.44
CA GLN N 204 31.24 -7.34 14.43
C GLN N 204 30.26 -7.60 13.30
N ALA N 205 30.67 -8.46 12.36
CA ALA N 205 29.86 -8.75 11.19
C ALA N 205 30.14 -10.18 10.75
N PHE N 206 29.17 -10.77 10.08
CA PHE N 206 29.27 -12.14 9.61
C PHE N 206 28.82 -12.22 8.16
N ILE N 207 29.24 -13.29 7.49
CA ILE N 207 28.91 -13.55 6.10
C ILE N 207 27.93 -14.71 6.07
N PRO N 208 26.64 -14.48 5.85
CA PRO N 208 25.69 -15.59 5.79
C PRO N 208 25.82 -16.36 4.48
N PHE N 209 25.39 -17.62 4.54
CA PHE N 209 25.58 -18.52 3.41
C PHE N 209 24.44 -19.51 3.36
N THR N 210 24.31 -20.17 2.20
CA THR N 210 23.31 -21.20 1.99
C THR N 210 23.89 -22.34 1.17
N PRO N 211 23.89 -23.57 1.69
CA PRO N 211 24.29 -24.71 0.85
C PRO N 211 23.28 -25.01 -0.24
N GLN N 212 23.71 -24.85 -1.49
CA GLN N 212 22.84 -25.06 -2.65
C GLN N 212 23.32 -26.31 -3.40
N PHE N 213 22.64 -27.42 -3.16
CA PHE N 213 22.94 -28.64 -3.89
C PHE N 213 22.61 -28.47 -5.37
N LEU N 214 23.25 -29.29 -6.20
CA LEU N 214 22.94 -29.35 -7.62
C LEU N 214 22.23 -30.66 -7.95
N THR N 215 21.82 -30.77 -9.20
CA THR N 215 20.99 -31.86 -9.65
C THR N 215 21.82 -33.03 -10.15
N ILE N 216 21.44 -34.23 -9.74
CA ILE N 216 22.01 -35.47 -10.24
C ILE N 216 20.90 -36.23 -10.96
N THR N 217 21.32 -37.12 -11.87
CA THR N 217 20.41 -37.99 -12.61
C THR N 217 20.37 -39.34 -11.90
N VAL N 218 19.21 -39.68 -11.36
CA VAL N 218 19.05 -40.90 -10.56
C VAL N 218 18.36 -41.97 -11.40
N ASP N 219 17.17 -41.64 -11.90
CA ASP N 219 16.37 -42.57 -12.70
C ASP N 219 15.99 -41.88 -14.02
N GLY N 220 16.99 -41.27 -14.64
CA GLY N 220 16.77 -40.47 -15.83
C GLY N 220 16.26 -39.07 -15.51
N GLU N 221 15.68 -38.92 -14.33
CA GLU N 221 15.20 -37.63 -13.87
C GLU N 221 16.30 -36.90 -13.12
N ASP N 222 16.25 -35.56 -13.18
CA ASP N 222 17.18 -34.71 -12.46
C ASP N 222 16.61 -34.39 -11.08
N ARG N 223 17.43 -34.55 -10.05
CA ARG N 223 16.97 -34.42 -8.68
C ARG N 223 18.10 -33.91 -7.80
N LEU N 224 17.73 -33.19 -6.75
CA LEU N 224 18.68 -32.68 -5.77
C LEU N 224 18.95 -33.74 -4.71
N TRP N 225 20.22 -33.90 -4.36
CA TRP N 225 20.67 -35.04 -3.57
C TRP N 225 20.78 -34.75 -2.07
N GLY N 226 20.70 -33.49 -1.66
CA GLY N 226 21.02 -33.11 -0.29
C GLY N 226 19.85 -32.49 0.45
N VAL N 227 20.09 -32.26 1.74
CA VAL N 227 19.13 -31.64 2.65
C VAL N 227 19.91 -30.70 3.55
N ALA N 228 19.77 -29.39 3.32
CA ALA N 228 20.48 -28.39 4.11
C ALA N 228 19.61 -27.99 5.30
N THR N 229 19.65 -28.82 6.34
CA THR N 229 18.90 -28.57 7.55
C THR N 229 19.70 -27.66 8.48
N VAL N 230 18.98 -26.76 9.14
CA VAL N 230 19.59 -25.81 10.09
C VAL N 230 19.42 -26.38 11.49
N VAL N 231 20.54 -26.68 12.14
CA VAL N 231 20.52 -27.23 13.49
C VAL N 231 20.66 -26.08 14.48
N THR N 232 20.24 -26.34 15.72
CA THR N 232 20.39 -25.36 16.76
C THR N 232 21.88 -25.06 16.98
N PRO N 233 22.30 -23.79 16.94
CA PRO N 233 23.72 -23.50 17.12
C PRO N 233 24.23 -23.96 18.49
N THR N 234 25.55 -24.07 18.57
CA THR N 234 26.23 -24.48 19.79
C THR N 234 27.31 -23.50 20.23
N LYS N 235 27.61 -22.48 19.43
CA LYS N 235 28.70 -21.55 19.74
C LYS N 235 28.27 -20.14 19.36
N THR N 236 28.63 -19.18 20.20
CA THR N 236 28.16 -17.81 20.07
C THR N 236 29.32 -16.83 20.14
N VAL N 237 29.12 -15.66 19.54
CA VAL N 237 30.06 -14.54 19.65
C VAL N 237 29.63 -13.71 20.84
N PRO N 238 30.43 -13.63 21.91
CA PRO N 238 30.00 -12.90 23.11
C PRO N 238 29.91 -11.40 22.90
N ASP N 239 29.36 -10.74 23.92
CA ASP N 239 29.07 -9.31 23.85
C ASP N 239 30.30 -8.43 23.83
N GLY N 240 31.46 -8.96 24.26
CA GLY N 240 32.59 -8.09 24.57
C GLY N 240 32.96 -7.11 23.47
N HIS N 241 32.73 -7.48 22.22
CA HIS N 241 33.18 -6.67 21.10
C HIS N 241 32.15 -5.67 20.62
N LEU N 242 30.92 -5.72 21.13
CA LEU N 242 29.95 -4.68 20.87
C LEU N 242 30.05 -3.56 21.89
N ILE N 243 30.15 -3.92 23.17
CA ILE N 243 30.31 -2.93 24.23
C ILE N 243 31.59 -2.13 24.02
N ALA N 244 32.61 -2.77 23.46
CA ALA N 244 33.88 -2.08 23.22
C ALA N 244 33.72 -0.95 22.21
N ASP N 245 33.16 -1.26 21.04
CA ASP N 245 32.91 -0.24 20.03
C ASP N 245 31.81 0.72 20.46
N LEU N 246 30.97 0.31 21.43
CA LEU N 246 29.95 1.23 21.94
C LEU N 246 30.59 2.30 22.82
N GLU N 247 31.44 1.90 23.77
CA GLU N 247 32.18 2.86 24.55
C GLU N 247 33.04 3.74 23.66
N TYR N 248 33.77 3.14 22.73
CA TYR N 248 34.56 3.90 21.77
C TYR N 248 33.75 5.03 21.16
N PHE N 249 32.46 4.78 20.92
CA PHE N 249 31.62 5.78 20.26
C PHE N 249 31.01 6.76 21.25
N CYS N 250 30.45 6.26 22.35
CA CYS N 250 29.79 7.10 23.32
C CYS N 250 30.75 7.90 24.18
N MET N 251 32.05 7.61 24.11
CA MET N 251 33.08 8.43 24.75
C MET N 251 33.59 9.52 23.84
N GLY N 252 32.81 9.89 22.82
CA GLY N 252 33.15 11.00 21.95
C GLY N 252 32.08 12.06 22.01
N ALA N 253 30.97 11.73 22.66
CA ALA N 253 29.97 12.71 23.02
C ALA N 253 30.31 13.41 24.32
N ARG N 254 31.06 12.73 25.19
CA ARG N 254 31.60 13.29 26.41
C ARG N 254 33.03 13.80 26.25
N GLY N 255 33.73 13.39 25.20
CA GLY N 255 35.13 13.72 25.06
C GLY N 255 35.54 14.10 23.66
N ASP N 256 36.59 13.47 23.16
CA ASP N 256 37.21 13.86 21.89
C ASP N 256 36.56 13.09 20.74
N ILE N 257 36.17 13.83 19.71
CA ILE N 257 35.63 13.22 18.51
C ILE N 257 36.75 12.83 17.55
N TYR N 258 37.81 13.62 17.51
CA TYR N 258 39.01 13.23 16.80
C TYR N 258 39.61 12.02 17.48
N ARG N 259 39.74 10.92 16.75
CA ARG N 259 40.30 9.69 17.32
C ARG N 259 41.38 9.17 16.37
N GLY N 260 42.59 9.68 16.51
CA GLY N 260 43.70 9.24 15.70
C GLY N 260 43.91 10.04 14.43
N MET N 261 43.09 11.06 14.17
CA MET N 261 43.11 11.71 12.86
C MET N 261 44.43 12.47 12.65
N GLY N 262 44.83 13.27 13.56
CA GLY N 262 46.21 13.72 13.65
C GLY N 262 46.93 12.78 14.58
N TYR N 263 47.70 11.86 14.01
CA TYR N 263 48.06 10.67 14.76
C TYR N 263 48.98 11.02 15.94
N PRO N 264 50.16 11.59 15.70
CA PRO N 264 50.96 12.02 16.85
C PRO N 264 50.21 12.97 17.77
N ASN N 265 49.34 13.79 17.18
CA ASN N 265 48.67 14.88 17.88
C ASN N 265 47.26 14.43 18.26
N ILE N 266 47.13 13.89 19.47
CA ILE N 266 45.95 13.13 19.87
C ILE N 266 45.57 13.50 21.30
N ILE N 267 44.29 13.31 21.61
CA ILE N 267 43.82 13.25 22.99
C ILE N 267 43.62 11.77 23.30
N LYS N 268 44.63 11.16 23.90
CA LYS N 268 44.51 9.76 24.29
C LYS N 268 43.31 9.57 25.21
N THR N 269 42.46 8.60 24.87
CA THR N 269 41.27 8.31 25.64
C THR N 269 41.41 6.91 26.20
N THR N 270 41.38 6.79 27.52
CA THR N 270 41.53 5.51 28.20
C THR N 270 40.16 4.87 28.36
N TYR N 271 39.90 3.83 27.59
CA TYR N 271 38.65 3.10 27.69
C TYR N 271 38.74 2.08 28.82
N LEU N 272 37.57 1.75 29.38
CA LEU N 272 37.50 0.94 30.59
C LEU N 272 36.86 -0.42 30.36
N VAL N 273 36.46 -0.74 29.14
CA VAL N 273 35.82 -2.01 28.82
C VAL N 273 36.83 -2.90 28.10
N ASP N 274 36.93 -4.16 28.53
CA ASP N 274 37.77 -5.13 27.84
C ASP N 274 36.93 -5.94 26.87
N PRO N 275 37.32 -6.04 25.58
CA PRO N 275 36.50 -6.80 24.63
C PRO N 275 36.58 -8.31 24.81
N GLY N 276 37.19 -8.76 25.91
CA GLY N 276 37.33 -10.18 26.15
C GLY N 276 36.33 -10.71 27.16
N ALA N 277 35.56 -9.82 27.77
CA ALA N 277 34.58 -10.18 28.78
C ALA N 277 33.17 -10.00 28.23
N VAL N 278 32.18 -10.25 29.08
CA VAL N 278 30.77 -10.13 28.73
C VAL N 278 30.12 -9.17 29.72
N TYR N 279 29.23 -8.32 29.21
CA TYR N 279 28.63 -7.26 30.00
C TYR N 279 27.13 -7.24 29.82
N ASP N 280 26.41 -7.27 30.95
CA ASP N 280 25.03 -6.82 30.92
C ASP N 280 25.00 -5.35 30.57
N VAL N 281 23.79 -4.83 30.32
CA VAL N 281 23.63 -3.44 29.92
C VAL N 281 22.33 -2.91 30.49
N LEU N 282 22.31 -1.60 30.74
CA LEU N 282 21.16 -0.92 31.32
C LEU N 282 21.04 0.44 30.66
N ASP N 283 19.94 0.65 29.94
CA ASP N 283 19.66 1.92 29.28
C ASP N 283 18.55 2.65 30.03
N ILE N 284 18.70 3.97 30.13
CA ILE N 284 17.69 4.84 30.71
C ILE N 284 17.44 5.97 29.72
N HIS N 285 16.19 6.15 29.33
CA HIS N 285 15.81 7.17 28.37
C HIS N 285 14.94 8.21 29.06
N TYR N 286 15.26 9.48 28.82
CA TYR N 286 14.66 10.58 29.53
C TYR N 286 14.88 11.82 28.69
N PHE N 287 14.11 12.87 29.01
CA PHE N 287 14.16 14.09 28.22
C PHE N 287 14.24 15.30 29.14
N TYR N 288 14.57 16.43 28.53
CA TYR N 288 14.56 17.73 29.20
C TYR N 288 13.58 18.63 28.47
N THR N 289 12.57 19.12 29.19
CA THR N 289 11.63 20.10 28.66
C THR N 289 11.84 21.42 29.39
N GLY N 290 11.74 22.51 28.65
CA GLY N 290 12.01 23.82 29.18
C GLY N 290 10.81 24.47 29.83
N SER N 291 10.77 25.79 29.71
CA SER N 291 9.78 26.64 30.35
C SER N 291 8.87 27.23 29.29
N ASN N 292 8.13 28.25 29.69
CA ASN N 292 6.87 28.70 29.08
C ASN N 292 6.84 28.43 27.58
N GLU N 293 7.70 29.06 26.77
CA GLU N 293 7.63 28.80 25.33
C GLU N 293 8.51 27.64 24.91
N SER N 294 9.59 27.34 25.64
CA SER N 294 10.47 26.23 25.32
C SER N 294 9.90 24.93 25.90
N VAL N 295 8.90 24.40 25.21
CA VAL N 295 8.29 23.13 25.59
C VAL N 295 8.89 21.96 24.82
N GLN N 296 9.62 22.23 23.75
CA GLN N 296 10.21 21.15 22.96
C GLN N 296 11.06 20.26 23.86
N LYS N 297 10.95 18.97 23.64
CA LYS N 297 11.67 18.00 24.46
C LYS N 297 13.05 17.75 23.89
N SER N 298 14.00 17.52 24.78
CA SER N 298 15.36 17.10 24.44
C SER N 298 15.57 15.75 25.09
N GLU N 299 15.52 14.69 24.29
CA GLU N 299 15.55 13.32 24.77
C GLU N 299 16.98 12.83 24.80
N LYS N 300 17.32 12.06 25.83
CA LYS N 300 18.68 11.63 26.03
C LYS N 300 18.67 10.22 26.59
N THR N 301 19.83 9.56 26.49
CA THR N 301 19.99 8.22 27.02
C THR N 301 21.24 8.18 27.89
N ILE N 302 21.17 7.35 28.93
CA ILE N 302 22.29 7.08 29.82
C ILE N 302 22.38 5.58 29.95
N THR N 303 23.40 4.97 29.34
CA THR N 303 23.56 3.53 29.32
C THR N 303 24.76 3.13 30.16
N LEU N 304 24.59 2.07 30.95
CA LEU N 304 25.65 1.54 31.79
C LEU N 304 25.92 0.09 31.42
N VAL N 305 27.15 -0.35 31.68
CA VAL N 305 27.57 -1.70 31.40
C VAL N 305 28.18 -2.30 32.66
N ALA N 306 28.04 -3.62 32.79
CA ALA N 306 28.54 -4.33 33.95
C ALA N 306 28.74 -5.79 33.58
N VAL N 307 29.84 -6.37 34.05
CA VAL N 307 30.19 -7.73 33.67
C VAL N 307 29.13 -8.71 34.17
N ASP N 308 28.95 -9.79 33.42
CA ASP N 308 28.04 -10.86 33.77
C ASP N 308 28.85 -12.09 34.18
N ASP N 309 28.77 -12.46 35.46
CA ASP N 309 29.37 -13.70 35.94
C ASP N 309 28.49 -14.91 35.70
N GLY N 310 27.48 -14.79 34.83
CA GLY N 310 26.51 -15.84 34.61
C GLY N 310 25.27 -15.74 35.48
N SER N 311 25.35 -15.01 36.59
CA SER N 311 24.22 -14.81 37.48
C SER N 311 23.75 -13.36 37.56
N HIS N 312 24.50 -12.43 36.94
CA HIS N 312 24.09 -11.03 36.87
C HIS N 312 24.12 -10.36 38.24
N THR N 313 25.14 -10.68 39.05
CA THR N 313 25.23 -10.09 40.38
C THR N 313 25.53 -8.61 40.32
N ALA N 314 26.47 -8.20 39.47
CA ALA N 314 26.89 -6.81 39.42
C ALA N 314 25.74 -5.88 39.06
N MET N 315 25.11 -6.12 37.90
CA MET N 315 24.08 -5.22 37.44
C MET N 315 22.85 -5.27 38.33
N ASN N 316 22.57 -6.42 38.94
CA ASN N 316 21.40 -6.53 39.80
C ASN N 316 21.59 -5.72 41.08
N ALA N 317 22.80 -5.74 41.64
CA ALA N 317 23.11 -4.87 42.76
C ALA N 317 23.05 -3.41 42.34
N LEU N 318 23.51 -3.11 41.13
CA LEU N 318 23.39 -1.75 40.61
C LEU N 318 21.92 -1.37 40.43
N ILE N 319 21.10 -2.31 39.96
CA ILE N 319 19.67 -2.04 39.82
C ILE N 319 19.08 -1.71 41.18
N GLY N 320 19.35 -2.55 42.18
CA GLY N 320 18.81 -2.29 43.51
C GLY N 320 19.17 -0.91 44.03
N ALA N 321 20.41 -0.49 43.81
CA ALA N 321 20.83 0.84 44.26
C ALA N 321 20.00 1.93 43.59
N ILE N 322 19.91 1.88 42.26
CA ILE N 322 19.17 2.90 41.52
C ILE N 322 17.71 2.91 41.94
N ASN N 323 17.15 1.75 42.27
CA ASN N 323 15.74 1.69 42.63
C ASN N 323 15.50 2.21 44.04
N THR N 324 16.41 1.92 44.96
CA THR N 324 16.29 2.45 46.32
C THR N 324 16.56 3.95 46.34
N ALA N 325 17.35 4.45 45.40
CA ALA N 325 17.68 5.88 45.36
C ALA N 325 16.58 6.68 44.67
N SER N 326 16.22 6.28 43.45
CA SER N 326 15.26 7.01 42.64
C SER N 326 13.82 6.55 42.87
N GLY N 327 13.60 5.55 43.70
CA GLY N 327 12.28 5.00 43.88
C GLY N 327 11.71 4.29 42.67
N LEU N 328 12.47 4.21 41.57
CA LEU N 328 12.00 3.53 40.37
C LEU N 328 11.83 2.04 40.63
N THR N 329 11.36 1.32 39.60
CA THR N 329 11.21 -0.14 39.67
C THR N 329 11.72 -0.70 38.35
N ILE N 330 13.01 -1.01 38.32
CA ILE N 330 13.64 -1.65 37.18
C ILE N 330 13.76 -3.14 37.48
N ALA N 331 13.43 -3.96 36.50
CA ALA N 331 13.39 -5.41 36.73
C ALA N 331 14.79 -5.98 36.80
N THR N 332 15.04 -6.79 37.82
CA THR N 332 16.35 -7.39 38.02
C THR N 332 16.45 -8.63 37.13
N LEU N 333 17.24 -8.52 36.08
CA LEU N 333 17.51 -9.66 35.19
C LEU N 333 18.41 -10.67 35.87
N MET O 1 59.47 4.60 23.45
CA MET O 1 60.88 5.08 23.46
C MET O 1 61.67 4.50 22.29
N VAL O 2 62.73 5.21 21.91
CA VAL O 2 63.59 4.80 20.81
C VAL O 2 64.90 4.32 21.43
N ILE O 3 65.03 3.00 21.57
CA ILE O 3 66.25 2.39 22.09
C ILE O 3 67.29 2.29 20.98
N SER O 4 68.53 1.98 21.35
CA SER O 4 69.61 1.80 20.40
C SER O 4 69.76 0.31 20.09
N ILE O 5 70.24 0.02 18.88
CA ILE O 5 70.31 -1.34 18.37
C ILE O 5 71.73 -1.61 17.89
N ASN O 6 72.22 -2.81 18.20
CA ASN O 6 73.45 -3.32 17.58
C ASN O 6 73.02 -4.19 16.41
N GLN O 7 72.61 -3.50 15.34
CA GLN O 7 72.18 -4.05 14.07
C GLN O 7 70.79 -4.67 14.08
N VAL O 8 70.23 -4.91 15.27
CA VAL O 8 68.81 -5.22 15.43
C VAL O 8 68.55 -5.59 16.88
N ARG O 9 67.28 -5.55 17.29
CA ARG O 9 66.83 -6.18 18.51
C ARG O 9 65.41 -6.66 18.31
N GLN O 10 65.02 -7.70 19.06
CA GLN O 10 63.71 -8.31 18.89
C GLN O 10 63.23 -8.88 20.21
N LEU O 11 61.92 -8.84 20.40
CA LEU O 11 61.28 -9.21 21.65
C LEU O 11 60.19 -10.24 21.41
N TYR O 12 60.06 -11.18 22.35
CA TYR O 12 59.03 -12.21 22.29
C TYR O 12 58.49 -12.41 23.69
N VAL O 13 57.20 -12.15 23.88
CA VAL O 13 56.57 -12.27 25.18
C VAL O 13 56.30 -13.74 25.49
N ALA O 14 56.43 -14.09 26.77
CA ALA O 14 56.27 -15.48 27.23
C ALA O 14 55.28 -15.49 28.39
N LYS O 15 54.00 -15.63 28.07
CA LYS O 15 52.99 -15.73 29.12
C LYS O 15 52.88 -17.16 29.64
N ALA O 16 53.23 -18.15 28.83
CA ALA O 16 53.15 -19.55 29.22
C ALA O 16 54.23 -20.34 28.50
N LEU O 17 54.63 -21.45 29.12
CA LEU O 17 55.65 -22.33 28.59
C LEU O 17 55.01 -23.71 28.40
N LYS O 18 55.05 -24.22 27.16
CA LYS O 18 54.21 -25.33 26.76
C LYS O 18 54.95 -26.60 26.40
N ALA O 19 56.23 -26.53 26.07
CA ALA O 19 57.14 -27.65 25.81
C ALA O 19 56.94 -28.31 24.46
N ASN O 20 55.94 -27.90 23.68
CA ASN O 20 55.71 -28.49 22.36
C ASN O 20 55.06 -27.46 21.46
N THR O 21 55.43 -27.46 20.18
CA THR O 21 54.74 -26.61 19.22
C THR O 21 53.31 -27.05 18.99
N ALA O 22 52.96 -28.30 19.36
CA ALA O 22 51.58 -28.73 19.32
C ALA O 22 50.78 -28.21 20.50
N ALA O 23 51.44 -27.84 21.59
CA ALA O 23 50.80 -27.31 22.78
C ALA O 23 50.66 -25.80 22.75
N LEU O 24 51.01 -25.16 21.64
CA LEU O 24 50.87 -23.71 21.51
C LEU O 24 49.47 -23.42 20.96
N THR O 25 48.58 -22.99 21.85
CA THR O 25 47.21 -22.68 21.49
C THR O 25 46.89 -21.20 21.65
N THR O 26 47.11 -20.64 22.83
CA THR O 26 46.81 -19.24 23.09
C THR O 26 48.05 -18.38 22.89
N ALA O 27 47.83 -17.09 22.71
CA ALA O 27 48.92 -16.17 22.44
C ALA O 27 49.87 -16.10 23.62
N GLY O 28 51.10 -15.68 23.34
CA GLY O 28 52.15 -15.64 24.34
C GLY O 28 52.76 -16.97 24.68
N ASP O 29 52.16 -18.09 24.27
CA ASP O 29 52.77 -19.39 24.51
C ASP O 29 54.10 -19.48 23.78
N ILE O 30 55.09 -20.05 24.44
CA ILE O 30 56.45 -20.11 23.90
C ILE O 30 57.08 -21.44 24.29
N VAL O 31 57.98 -21.90 23.45
CA VAL O 31 58.71 -23.14 23.69
C VAL O 31 60.12 -23.00 23.11
N PRO O 32 61.18 -23.25 23.88
CA PRO O 32 62.53 -23.20 23.31
C PRO O 32 62.85 -24.50 22.58
N LYS O 33 63.14 -24.38 21.29
CA LYS O 33 63.41 -25.52 20.43
C LYS O 33 64.90 -25.57 20.12
N ALA O 34 65.52 -26.70 20.43
CA ALA O 34 66.93 -26.90 20.12
C ALA O 34 67.15 -28.37 19.79
N ASP O 35 67.99 -28.62 18.79
CA ASP O 35 68.29 -29.98 18.39
C ASP O 35 69.04 -30.71 19.50
N THR O 36 69.28 -32.00 19.28
CA THR O 36 69.97 -32.83 20.26
C THR O 36 71.47 -32.54 20.29
N ALA O 37 72.03 -32.06 19.19
CA ALA O 37 73.43 -31.66 19.16
C ALA O 37 73.65 -30.26 19.71
N LYS O 38 72.58 -29.51 19.96
CA LYS O 38 72.68 -28.15 20.48
C LYS O 38 73.52 -27.27 19.56
N THR O 39 73.26 -27.40 18.25
CA THR O 39 73.92 -26.61 17.24
C THR O 39 73.16 -25.32 16.94
N THR O 40 71.85 -25.31 17.15
CA THR O 40 71.02 -24.15 16.88
C THR O 40 69.93 -24.08 17.94
N LEU O 41 69.46 -22.86 18.18
CA LEU O 41 68.38 -22.62 19.13
C LEU O 41 67.44 -21.58 18.55
N TYR O 42 66.15 -21.81 18.74
CA TYR O 42 65.13 -20.86 18.28
C TYR O 42 63.94 -20.98 19.21
N PHE O 43 63.02 -20.03 19.07
CA PHE O 43 61.82 -19.96 19.89
C PHE O 43 60.60 -19.94 18.99
N GLN O 44 59.61 -20.77 19.33
CA GLN O 44 58.35 -20.79 18.62
C GLN O 44 57.32 -20.03 19.45
N SER O 45 56.84 -18.91 18.92
CA SER O 45 55.91 -18.05 19.62
C SER O 45 54.52 -18.20 19.02
N MET O 46 53.51 -18.19 19.88
CA MET O 46 52.12 -18.20 19.44
C MET O 46 51.67 -16.75 19.32
N SER O 47 51.84 -16.20 18.12
CA SER O 47 51.36 -14.86 17.85
C SER O 47 49.83 -14.84 17.91
N PRO O 48 49.24 -13.67 18.19
CA PRO O 48 47.78 -13.58 18.10
C PRO O 48 47.25 -13.91 16.72
N ALA O 49 48.06 -13.74 15.69
CA ALA O 49 47.70 -14.09 14.33
C ALA O 49 48.22 -15.47 13.92
N GLY O 50 48.67 -16.28 14.88
CA GLY O 50 49.13 -17.62 14.59
C GLY O 50 50.39 -18.02 15.32
N ILE O 51 51.43 -18.41 14.58
CA ILE O 51 52.68 -18.87 15.13
C ILE O 51 53.82 -18.24 14.35
N VAL O 52 54.89 -17.90 15.07
CA VAL O 52 56.12 -17.41 14.47
C VAL O 52 57.29 -18.04 15.21
N ALA O 53 58.44 -18.06 14.55
CA ALA O 53 59.65 -18.65 15.09
C ALA O 53 60.76 -17.62 15.08
N SER O 54 61.46 -17.49 16.20
CA SER O 54 62.59 -16.58 16.29
C SER O 54 63.70 -17.02 15.34
N ASP O 55 64.55 -16.05 14.99
CA ASP O 55 65.73 -16.36 14.20
C ASP O 55 66.54 -17.43 14.91
N LYS O 56 67.36 -18.16 14.17
CA LYS O 56 68.06 -19.31 14.71
C LYS O 56 69.43 -18.89 15.23
N ILE O 57 69.71 -19.26 16.48
CA ILE O 57 70.92 -18.84 17.17
C ILE O 57 71.97 -19.93 17.00
N ASN O 58 73.08 -19.58 16.37
CA ASN O 58 74.25 -20.46 16.36
C ASN O 58 74.86 -20.47 17.75
N LEU O 59 74.64 -21.54 18.51
CA LEU O 59 75.04 -21.56 19.91
C LEU O 59 76.56 -21.47 20.09
N LYS O 60 77.33 -21.65 19.02
CA LYS O 60 78.75 -21.32 19.08
C LYS O 60 79.00 -19.83 19.08
N HIS O 61 77.98 -19.02 18.78
CA HIS O 61 78.13 -17.60 18.55
C HIS O 61 77.27 -16.78 19.50
N VAL O 62 77.16 -17.22 20.75
CA VAL O 62 76.43 -16.50 21.78
C VAL O 62 77.42 -15.67 22.58
N LEU O 63 77.15 -14.37 22.67
CA LEU O 63 78.06 -13.44 23.33
C LEU O 63 77.73 -13.26 24.81
N TYR O 64 76.49 -12.91 25.12
CA TYR O 64 76.07 -12.79 26.51
C TYR O 64 74.59 -13.08 26.62
N ALA O 65 74.23 -13.79 27.68
CA ALA O 65 72.84 -14.13 27.98
C ALA O 65 72.63 -13.95 29.47
N LYS O 66 71.88 -12.92 29.85
CA LYS O 66 71.67 -12.59 31.25
C LYS O 66 70.20 -12.28 31.48
N ALA O 67 69.65 -12.87 32.54
CA ALA O 67 68.28 -12.60 32.95
C ALA O 67 68.30 -11.56 34.06
N THR O 68 67.58 -10.47 33.87
CA THR O 68 67.55 -9.38 34.82
C THR O 68 66.18 -9.30 35.47
N PRO O 69 66.09 -9.13 36.79
CA PRO O 69 64.77 -9.10 37.43
C PRO O 69 64.02 -7.80 37.15
N SER O 70 62.84 -7.67 37.77
CA SER O 70 62.03 -6.46 37.57
C SER O 70 62.48 -5.34 38.49
N GLU O 71 62.90 -5.67 39.71
CA GLU O 71 63.41 -4.66 40.63
C GLU O 71 64.53 -3.84 39.99
N ALA O 72 65.39 -4.49 39.21
CA ALA O 72 66.50 -3.82 38.56
C ALA O 72 66.04 -2.74 37.59
N LEU O 73 64.75 -2.67 37.27
CA LEU O 73 64.23 -1.72 36.30
C LEU O 73 63.25 -0.73 36.90
N ALA O 74 62.89 -0.86 38.16
CA ALA O 74 61.94 0.03 38.80
C ALA O 74 62.67 1.28 39.27
N HIS O 75 62.45 2.39 38.56
CA HIS O 75 63.04 3.66 38.95
C HIS O 75 62.63 4.02 40.36
N LYS O 76 63.63 4.24 41.22
CA LYS O 76 63.38 4.66 42.58
C LYS O 76 63.15 6.16 42.63
N LEU O 77 62.14 6.58 43.39
CA LEU O 77 61.77 7.99 43.48
C LEU O 77 62.65 8.68 44.51
N VAL O 78 63.45 9.63 44.05
CA VAL O 78 64.41 10.30 44.94
C VAL O 78 63.63 11.10 45.98
N ARG O 79 63.93 10.84 47.25
CA ARG O 79 63.32 11.54 48.36
C ARG O 79 64.27 12.63 48.88
N TYR O 80 63.78 13.38 49.85
CA TYR O 80 64.57 14.39 50.53
C TYR O 80 64.05 14.52 51.95
N SER O 81 64.87 15.11 52.81
CA SER O 81 64.50 15.36 54.21
C SER O 81 64.93 16.78 54.53
N VAL O 82 64.00 17.71 54.42
CA VAL O 82 64.27 19.11 54.71
C VAL O 82 64.04 19.36 56.19
N THR O 83 65.01 20.00 56.84
CA THR O 83 64.94 20.26 58.27
C THR O 83 65.70 21.54 58.56
N LEU O 84 65.44 22.09 59.75
CA LEU O 84 66.21 23.22 60.23
C LEU O 84 67.53 22.72 60.77
N ASP O 85 68.63 23.30 60.31
CA ASP O 85 69.95 22.88 60.75
C ASP O 85 70.23 23.49 62.12
N ALA O 86 70.42 22.61 63.11
CA ALA O 86 70.67 23.09 64.47
C ALA O 86 71.93 23.93 64.55
N ASP O 87 72.80 23.84 63.56
CA ASP O 87 73.98 24.72 63.51
C ASP O 87 73.54 26.18 63.59
N VAL O 88 72.60 26.57 62.74
CA VAL O 88 72.08 27.93 62.72
C VAL O 88 71.08 28.12 63.85
N SER O 89 69.99 27.35 63.82
CA SER O 89 68.94 27.47 64.83
C SER O 89 68.08 26.23 64.77
N ALA O 90 67.91 25.57 65.92
CA ALA O 90 67.02 24.42 66.02
C ALA O 90 65.56 24.81 66.15
N THR O 91 65.26 26.11 66.07
CA THR O 91 63.91 26.62 66.13
C THR O 91 63.77 27.78 65.17
N PRO O 92 62.56 28.07 64.70
CA PRO O 92 62.38 29.21 63.79
C PRO O 92 62.76 30.52 64.48
N VAL O 93 63.36 31.41 63.70
CA VAL O 93 63.77 32.73 64.17
C VAL O 93 62.68 33.70 63.76
N ALA O 94 62.00 34.28 64.76
CA ALA O 94 60.90 35.18 64.48
C ALA O 94 61.35 36.36 63.63
N GLY O 95 60.47 36.82 62.75
CA GLY O 95 60.73 37.95 61.91
C GLY O 95 61.41 37.63 60.59
N GLN O 96 61.98 36.44 60.47
CA GLN O 96 62.68 36.04 59.26
C GLN O 96 61.75 35.22 58.37
N ASN O 97 61.78 35.51 57.08
CA ASN O 97 60.95 34.80 56.10
C ASN O 97 61.74 33.61 55.58
N TYR O 98 61.33 32.41 56.00
CA TYR O 98 62.01 31.17 55.64
C TYR O 98 61.54 30.72 54.26
N ILE O 99 62.08 31.38 53.23
CA ILE O 99 61.77 31.00 51.86
C ILE O 99 62.50 29.71 51.51
N LEU O 100 61.79 28.80 50.84
CA LEU O 100 62.36 27.61 50.25
C LEU O 100 62.12 27.64 48.75
N ARG O 101 63.10 27.18 47.99
CA ARG O 101 63.07 27.25 46.53
C ARG O 101 63.33 25.87 45.97
N LEU O 102 62.32 25.27 45.35
CA LEU O 102 62.51 24.03 44.61
C LEU O 102 63.03 24.35 43.22
N ALA O 103 64.10 23.67 42.82
CA ALA O 103 64.75 23.91 41.54
C ALA O 103 64.58 22.68 40.67
N PHE O 104 63.84 22.84 39.58
CA PHE O 104 63.56 21.75 38.65
C PHE O 104 64.44 21.93 37.43
N ARG O 105 65.16 20.87 37.07
CA ARG O 105 66.21 20.96 36.07
C ARG O 105 65.79 20.47 34.70
N GLN O 106 65.20 19.28 34.61
CA GLN O 106 64.68 18.78 33.34
C GLN O 106 63.19 19.07 33.30
N TYR O 107 62.88 20.32 32.99
CA TYR O 107 61.51 20.81 32.79
C TYR O 107 61.28 20.79 31.29
N ILE O 108 60.03 20.98 30.85
CA ILE O 108 59.50 20.32 29.66
C ILE O 108 60.58 19.90 28.67
N GLY O 109 61.49 20.79 28.36
CA GLY O 109 62.59 20.45 27.48
C GLY O 109 63.43 19.32 28.05
N LEU O 110 64.38 18.85 27.23
CA LEU O 110 65.20 17.72 27.65
C LEU O 110 66.36 18.18 28.51
N SER O 111 66.93 19.35 28.20
CA SER O 111 68.19 19.78 28.73
C SER O 111 68.05 20.22 30.18
N GLU O 112 69.19 20.52 30.80
CA GLU O 112 69.23 21.17 32.10
C GLU O 112 69.21 22.68 31.97
N GLU O 113 69.34 23.20 30.76
CA GLU O 113 69.11 24.61 30.52
C GLU O 113 67.66 24.98 30.79
N ASP O 114 66.75 24.02 30.69
CA ASP O 114 65.32 24.25 30.84
C ASP O 114 64.95 24.05 32.30
N GLN O 115 65.18 25.10 33.09
CA GLN O 115 64.96 25.08 34.52
C GLN O 115 63.63 25.72 34.87
N TYR O 116 63.15 25.42 36.08
CA TYR O 116 61.87 25.92 36.54
C TYR O 116 61.87 25.90 38.06
N PHE O 117 61.42 27.00 38.66
CA PHE O 117 61.51 27.19 40.10
C PHE O 117 60.13 27.41 40.69
N LYS O 118 59.84 26.66 41.75
CA LYS O 118 58.63 26.81 42.54
C LYS O 118 59.04 27.14 43.97
N TYR O 119 58.47 28.19 44.52
CA TYR O 119 58.90 28.72 45.80
C TYR O 119 57.92 28.36 46.90
N GLY O 120 58.31 28.71 48.12
CA GLY O 120 57.50 28.50 49.31
C GLY O 120 57.96 29.43 50.40
N GLU O 121 57.03 30.15 51.03
CA GLU O 121 57.35 31.23 51.95
C GLU O 121 56.68 30.99 53.29
N VAL O 122 57.44 31.22 54.36
CA VAL O 122 56.93 31.14 55.71
C VAL O 122 57.66 32.17 56.56
N ILE O 123 56.92 33.14 57.09
CA ILE O 123 57.46 34.12 58.04
C ILE O 123 57.17 33.62 59.43
N ALA O 124 58.19 33.60 60.28
CA ALA O 124 58.08 32.96 61.57
C ALA O 124 57.55 33.94 62.62
N ARG O 125 57.18 33.40 63.77
CA ARG O 125 56.55 34.16 64.83
C ARG O 125 57.11 33.69 66.17
N SER O 126 56.73 34.41 67.22
CA SER O 126 57.16 34.03 68.56
C SER O 126 56.43 32.77 69.01
N GLY O 127 57.18 31.87 69.64
CA GLY O 127 56.64 30.60 70.07
C GLY O 127 56.42 29.59 68.96
N MET O 128 56.59 29.98 67.71
CA MET O 128 56.42 29.05 66.60
C MET O 128 57.39 27.89 66.75
N THR O 129 56.85 26.70 67.00
CA THR O 129 57.67 25.52 67.17
C THR O 129 58.18 25.04 65.80
N ALA O 130 59.13 24.12 65.83
CA ALA O 130 59.64 23.54 64.59
C ALA O 130 58.51 22.84 63.83
N SER O 131 57.78 21.97 64.52
CA SER O 131 56.65 21.29 63.90
C SER O 131 55.71 22.27 63.21
N ASP O 132 55.35 23.35 63.92
CA ASP O 132 54.45 24.33 63.34
C ASP O 132 55.07 24.96 62.10
N PHE O 133 56.39 25.13 62.09
CA PHE O 133 57.05 25.69 60.92
C PHE O 133 57.00 24.71 59.75
N TYR O 134 57.42 23.47 59.98
CA TYR O 134 57.34 22.46 58.93
C TYR O 134 55.93 22.36 58.38
N LYS O 135 54.94 22.46 59.27
CA LYS O 135 53.53 22.41 58.86
C LYS O 135 53.20 23.51 57.86
N LYS O 136 53.35 24.77 58.30
CA LYS O 136 53.01 25.89 57.42
C LYS O 136 53.86 25.87 56.15
N MET O 137 55.10 25.38 56.24
CA MET O 137 55.96 25.35 55.07
C MET O 137 55.47 24.31 54.07
N ALA O 138 55.19 23.10 54.54
CA ALA O 138 54.61 22.09 53.68
C ALA O 138 53.35 22.60 52.99
N ILE O 139 52.49 23.29 53.74
CA ILE O 139 51.24 23.80 53.19
C ILE O 139 51.53 24.81 52.08
N SER O 140 52.46 25.73 52.32
CA SER O 140 52.78 26.72 51.31
C SER O 140 53.33 26.07 50.05
N LEU O 141 54.14 25.02 50.21
CA LEU O 141 54.68 24.33 49.05
C LEU O 141 53.57 23.62 48.27
N ALA O 142 52.71 22.89 48.97
CA ALA O 142 51.60 22.22 48.33
C ALA O 142 50.72 23.20 47.57
N LYS O 143 50.23 24.23 48.26
CA LYS O 143 49.34 25.20 47.64
C LYS O 143 49.99 25.90 46.46
N ASN O 144 51.31 25.83 46.32
CA ASN O 144 52.00 26.41 45.18
C ASN O 144 52.34 25.40 44.11
N LEU O 145 52.38 24.11 44.45
CA LEU O 145 52.73 23.08 43.48
C LEU O 145 51.49 22.39 42.94
N GLU O 146 50.70 21.81 43.85
CA GLU O 146 49.51 21.08 43.43
C GLU O 146 48.44 21.99 42.85
N ASN O 147 48.58 23.31 42.97
CA ASN O 147 47.58 24.24 42.47
C ASN O 147 47.78 24.47 40.97
N LYS O 148 47.78 23.36 40.24
CA LYS O 148 47.70 23.37 38.79
C LYS O 148 46.46 22.67 38.28
N THR O 149 45.96 21.68 39.02
CA THR O 149 44.65 21.09 38.76
C THR O 149 44.60 20.33 37.44
N GLU O 150 45.72 20.27 36.71
CA GLU O 150 45.70 19.61 35.41
C GLU O 150 46.08 18.13 35.54
N SER O 151 47.34 17.86 35.86
CA SER O 151 47.84 16.48 35.78
C SER O 151 48.34 15.96 37.12
N THR O 152 49.31 16.64 37.73
CA THR O 152 49.91 16.14 38.95
C THR O 152 50.89 17.18 39.49
N PRO O 153 51.09 17.26 40.80
CA PRO O 153 52.13 18.13 41.33
C PRO O 153 53.49 17.70 40.82
N LEU O 154 54.40 18.67 40.70
CA LEU O 154 55.75 18.37 40.27
C LEU O 154 56.49 17.52 41.31
N VAL O 155 56.07 17.59 42.57
CA VAL O 155 56.63 16.76 43.64
C VAL O 155 55.53 16.46 44.63
N ASN O 156 55.71 15.39 45.38
CA ASN O 156 54.81 15.02 46.47
C ASN O 156 55.46 15.39 47.79
N ILE O 157 54.65 15.91 48.71
CA ILE O 157 55.14 16.45 49.97
C ILE O 157 54.54 15.63 51.10
N TYR O 158 55.34 15.39 52.14
CA TYR O 158 54.92 14.60 53.27
C TYR O 158 55.56 15.15 54.54
N LEU O 159 54.85 15.01 55.64
CA LEU O 159 55.37 15.27 56.97
C LEU O 159 55.56 13.95 57.70
N ILE O 160 56.38 13.98 58.74
CA ILE O 160 56.65 12.80 59.55
C ILE O 160 56.74 13.23 61.01
N SER O 161 55.92 12.61 61.85
CA SER O 161 55.97 12.86 63.28
C SER O 161 56.92 11.89 63.95
N ALA O 162 57.58 12.36 65.01
CA ALA O 162 58.56 11.52 65.70
C ALA O 162 57.93 10.26 66.27
N ALA O 163 56.63 10.31 66.56
CA ALA O 163 55.94 9.11 67.04
C ALA O 163 56.09 7.97 66.04
N ALA O 164 55.68 8.21 64.80
CA ALA O 164 55.83 7.25 63.70
C ALA O 164 56.79 7.87 62.69
N ALA O 165 58.09 7.60 62.87
CA ALA O 165 59.09 8.18 62.00
C ALA O 165 59.12 7.54 60.62
N SER O 166 58.35 6.46 60.41
CA SER O 166 58.26 5.81 59.11
C SER O 166 56.99 6.20 58.35
N THR O 167 55.89 6.43 59.06
CA THR O 167 54.63 6.79 58.42
C THR O 167 54.70 8.20 57.87
N ASP O 168 54.42 8.35 56.58
CA ASP O 168 54.35 9.65 55.95
C ASP O 168 52.98 10.28 56.18
N VAL O 169 52.87 11.56 55.88
CA VAL O 169 51.63 12.30 56.05
C VAL O 169 51.44 13.21 54.84
N PRO O 170 50.58 12.86 53.89
CA PRO O 170 50.47 13.67 52.67
C PRO O 170 49.98 15.08 52.97
N VAL O 171 50.42 16.01 52.12
CA VAL O 171 50.04 17.41 52.25
C VAL O 171 49.80 17.97 50.85
N THR O 172 48.54 18.27 50.55
CA THR O 172 48.13 18.80 49.25
C THR O 172 47.37 20.10 49.46
N SER O 173 47.14 20.81 48.35
CA SER O 173 46.47 22.11 48.43
C SER O 173 45.09 22.02 49.06
N ALA O 174 44.53 20.81 49.18
CA ALA O 174 43.27 20.61 49.88
C ALA O 174 43.46 20.42 51.37
N THR O 175 44.68 20.19 51.83
CA THR O 175 44.93 19.95 53.24
C THR O 175 44.84 21.26 54.03
N LYS O 176 44.48 21.13 55.31
CA LYS O 176 44.26 22.28 56.17
C LYS O 176 45.11 22.16 57.43
N GLU O 177 45.46 23.33 57.99
CA GLU O 177 46.13 23.37 59.28
C GLU O 177 45.43 22.45 60.29
N SER O 178 44.09 22.45 60.30
CA SER O 178 43.37 21.60 61.23
C SER O 178 43.57 20.12 60.93
N ASP O 179 43.75 19.76 59.65
CA ASP O 179 43.98 18.37 59.30
C ASP O 179 45.26 17.84 59.94
N LEU O 180 46.25 18.70 60.12
CA LEU O 180 47.54 18.32 60.69
C LEU O 180 47.52 18.68 62.16
N THR O 181 47.43 17.67 63.01
CA THR O 181 47.25 17.84 64.46
C THR O 181 48.51 17.54 65.27
N ALA O 182 49.22 16.47 64.95
CA ALA O 182 50.39 16.09 65.72
C ALA O 182 51.38 17.25 65.78
N THR O 183 52.10 17.33 66.91
CA THR O 183 53.05 18.40 67.14
C THR O 183 54.50 17.95 67.11
N ASP O 184 54.77 16.65 67.05
CA ASP O 184 56.14 16.14 67.00
C ASP O 184 56.60 15.92 65.56
N TYR O 185 56.44 16.94 64.71
CA TYR O 185 56.88 16.86 63.33
C TYR O 185 58.35 17.27 63.26
N ASN O 186 59.14 16.48 62.53
CA ASN O 186 60.59 16.68 62.49
C ASN O 186 61.10 17.21 61.16
N GLN O 187 60.41 16.94 60.06
CA GLN O 187 61.01 17.16 58.75
C GLN O 187 59.92 17.30 57.69
N ILE O 188 60.32 17.83 56.55
CA ILE O 188 59.49 17.88 55.35
C ILE O 188 60.16 17.00 54.30
N ILE O 189 59.40 16.07 53.75
CA ILE O 189 59.88 15.18 52.71
C ILE O 189 59.34 15.68 51.37
N ILE O 190 60.20 15.65 50.35
CA ILE O 190 59.82 16.07 49.01
C ILE O 190 60.23 14.99 48.03
N GLU O 191 59.30 14.12 47.67
CA GLU O 191 59.54 13.07 46.69
C GLU O 191 59.08 13.53 45.31
N GLU O 192 59.68 12.95 44.28
CA GLU O 192 59.36 13.33 42.92
C GLU O 192 58.24 12.44 42.37
N THR O 193 57.60 12.94 41.32
CA THR O 193 56.35 12.37 40.81
C THR O 193 56.59 11.54 39.56
N GLU O 194 55.86 10.43 39.46
CA GLU O 194 55.78 9.68 38.22
C GLU O 194 54.94 10.47 37.21
N GLN O 195 55.58 11.00 36.19
CA GLN O 195 54.90 11.80 35.18
C GLN O 195 54.10 10.88 34.27
N PRO O 196 53.30 11.44 33.37
CA PRO O 196 52.43 10.59 32.54
C PRO O 196 53.22 9.81 31.50
N TRP O 197 52.74 8.60 31.21
CA TRP O 197 53.33 7.74 30.21
C TRP O 197 52.29 7.40 29.14
N VAL O 198 52.75 7.39 27.89
CA VAL O 198 51.90 7.09 26.75
C VAL O 198 52.66 6.13 25.84
N LEU O 199 52.13 4.92 25.66
CA LEU O 199 52.73 3.96 24.75
C LEU O 199 53.01 4.60 23.40
N GLY O 200 54.30 4.73 23.07
CA GLY O 200 54.74 5.16 21.76
C GLY O 200 55.21 6.60 21.68
N MET O 201 54.62 7.50 22.46
CA MET O 201 54.85 8.93 22.22
C MET O 201 55.12 9.74 23.49
N MET O 202 54.88 9.16 24.66
CA MET O 202 55.27 9.79 25.92
C MET O 202 56.02 8.76 26.75
N PRO O 203 57.34 8.76 26.73
CA PRO O 203 58.10 7.72 27.44
C PRO O 203 58.18 8.01 28.93
N GLN O 204 58.73 7.03 29.65
CA GLN O 204 58.90 7.14 31.09
C GLN O 204 60.02 8.10 31.40
N ALA O 205 59.68 9.37 31.60
CA ALA O 205 60.64 10.41 31.96
C ALA O 205 60.33 10.89 33.38
N PHE O 206 61.16 11.81 33.86
CA PHE O 206 61.00 12.36 35.18
C PHE O 206 61.52 13.79 35.19
N ILE O 207 61.32 14.46 36.32
CA ILE O 207 61.80 15.82 36.52
C ILE O 207 62.64 15.83 37.80
N PRO O 208 63.96 15.92 37.71
CA PRO O 208 64.78 15.94 38.91
C PRO O 208 64.89 17.35 39.48
N PHE O 209 65.10 17.40 40.78
CA PHE O 209 65.08 18.67 41.49
C PHE O 209 65.99 18.62 42.70
N THR O 210 66.36 19.80 43.17
CA THR O 210 67.09 19.99 44.42
C THR O 210 66.46 21.15 45.18
N PRO O 211 66.17 20.99 46.47
CA PRO O 211 65.66 22.14 47.23
C PRO O 211 66.76 23.14 47.57
N GLN O 212 66.74 24.29 46.89
CA GLN O 212 67.66 25.36 47.20
C GLN O 212 67.06 26.26 48.27
N PHE O 213 67.78 26.45 49.36
CA PHE O 213 67.32 27.33 50.42
C PHE O 213 67.72 28.77 50.12
N LEU O 214 67.13 29.68 50.87
CA LEU O 214 67.42 31.10 50.78
C LEU O 214 67.78 31.62 52.16
N THR O 215 68.60 32.66 52.20
CA THR O 215 69.36 32.99 53.39
C THR O 215 68.56 33.86 54.35
N ILE O 216 68.72 33.59 55.65
CA ILE O 216 68.14 34.38 56.71
C ILE O 216 69.26 35.00 57.52
N THR O 217 68.89 35.87 58.45
CA THR O 217 69.84 36.56 59.32
C THR O 217 69.77 35.97 60.72
N VAL O 218 70.79 35.22 61.09
CA VAL O 218 71.05 34.80 62.46
C VAL O 218 72.24 35.63 62.91
N ASP O 219 72.74 35.37 64.12
CA ASP O 219 73.19 36.40 65.06
C ASP O 219 73.65 37.62 64.24
N GLY O 220 74.59 37.50 63.32
CA GLY O 220 74.92 38.62 62.46
C GLY O 220 75.15 38.36 60.99
N GLU O 221 74.88 37.15 60.49
CA GLU O 221 75.23 36.80 59.12
C GLU O 221 74.07 36.15 58.37
N ASP O 222 74.00 36.44 57.07
CA ASP O 222 73.13 35.69 56.18
C ASP O 222 73.47 34.21 56.27
N ARG O 223 72.44 33.37 56.25
CA ARG O 223 72.66 31.96 56.51
C ARG O 223 71.52 31.14 55.93
N LEU O 224 71.87 29.96 55.41
CA LEU O 224 70.88 29.02 54.91
C LEU O 224 70.20 28.35 56.10
N TRP O 225 68.88 28.48 56.18
CA TRP O 225 68.15 28.10 57.38
C TRP O 225 67.90 26.60 57.48
N GLY O 226 68.25 25.82 56.46
CA GLY O 226 67.95 24.40 56.50
C GLY O 226 68.90 23.61 55.63
N VAL O 227 68.79 22.29 55.75
CA VAL O 227 69.60 21.34 54.98
C VAL O 227 68.67 20.35 54.30
N ALA O 228 68.94 20.07 53.03
CA ALA O 228 68.17 19.12 52.23
C ALA O 228 69.03 17.88 52.03
N THR O 229 68.83 16.88 52.88
CA THR O 229 69.59 15.63 52.84
C THR O 229 68.71 14.52 52.28
N VAL O 230 69.27 13.75 51.34
CA VAL O 230 68.52 12.66 50.72
C VAL O 230 68.40 11.51 51.71
N VAL O 231 67.23 10.87 51.71
CA VAL O 231 67.00 9.65 52.47
C VAL O 231 66.68 8.54 51.47
N THR O 232 66.73 7.31 51.96
CA THR O 232 66.55 6.17 51.07
C THR O 232 65.14 6.18 50.49
N PRO O 233 64.99 5.97 49.18
CA PRO O 233 63.66 5.99 48.58
C PRO O 233 62.75 4.92 49.17
N THR O 234 61.44 5.12 48.96
CA THR O 234 60.43 4.19 49.45
C THR O 234 59.34 3.92 48.43
N LYS O 235 59.53 4.30 47.17
CA LYS O 235 58.53 4.09 46.13
C LYS O 235 59.25 3.95 44.81
N THR O 236 58.89 2.92 44.04
CA THR O 236 59.56 2.64 42.77
C THR O 236 58.53 2.52 41.66
N VAL O 237 58.66 3.35 40.64
CA VAL O 237 57.83 3.20 39.44
C VAL O 237 58.05 1.79 38.87
N PRO O 238 57.02 0.96 38.73
CA PRO O 238 57.23 -0.42 38.27
C PRO O 238 57.59 -0.49 36.80
N ASP O 239 57.95 -1.71 36.39
CA ASP O 239 58.53 -1.94 35.07
C ASP O 239 57.51 -1.81 33.95
N GLY O 240 56.22 -2.03 34.25
CA GLY O 240 55.26 -2.27 33.19
C GLY O 240 55.32 -1.26 32.07
N HIS O 241 55.43 0.03 32.39
CA HIS O 241 55.47 1.06 31.37
C HIS O 241 56.77 1.03 30.59
N LEU O 242 57.76 0.29 31.06
CA LEU O 242 59.08 0.26 30.45
C LEU O 242 59.20 -0.85 29.43
N ILE O 243 58.71 -2.05 29.78
CA ILE O 243 58.68 -3.16 28.83
C ILE O 243 57.72 -2.87 27.69
N ALA O 244 56.64 -2.14 27.96
CA ALA O 244 55.60 -1.94 26.95
C ALA O 244 56.12 -1.11 25.78
N ASP O 245 56.87 -0.04 26.05
CA ASP O 245 57.49 0.72 24.97
C ASP O 245 58.57 -0.10 24.26
N LEU O 246 59.24 -0.99 25.00
CA LEU O 246 60.20 -1.90 24.38
C LEU O 246 59.53 -2.73 23.29
N GLU O 247 58.38 -3.33 23.62
CA GLU O 247 57.64 -4.13 22.64
C GLU O 247 57.15 -3.26 21.49
N TYR O 248 56.52 -2.14 21.81
CA TYR O 248 56.02 -1.24 20.77
C TYR O 248 57.11 -0.89 19.78
N PHE O 249 58.36 -0.85 20.22
CA PHE O 249 59.48 -0.55 19.35
C PHE O 249 60.08 -1.81 18.73
N CYS O 250 60.16 -2.89 19.50
CA CYS O 250 60.75 -4.13 19.01
C CYS O 250 59.80 -4.95 18.16
N MET O 251 58.58 -4.47 17.93
CA MET O 251 57.63 -5.11 17.04
C MET O 251 57.42 -4.29 15.77
N GLY O 252 58.43 -3.51 15.39
CA GLY O 252 58.47 -2.85 14.11
C GLY O 252 59.65 -3.38 13.32
N ALA O 253 60.45 -4.20 14.00
CA ALA O 253 61.47 -5.00 13.33
C ALA O 253 60.91 -6.30 12.78
N ARG O 254 59.85 -6.81 13.41
CA ARG O 254 59.10 -7.94 12.88
C ARG O 254 57.92 -7.48 12.03
N GLY O 255 57.10 -6.58 12.59
CA GLY O 255 55.92 -6.12 11.91
C GLY O 255 56.11 -4.84 11.12
N ASP O 256 55.16 -3.93 11.25
CA ASP O 256 55.13 -2.71 10.47
C ASP O 256 55.83 -1.58 11.21
N ILE O 257 56.61 -0.80 10.46
CA ILE O 257 57.21 0.40 11.02
C ILE O 257 56.19 1.52 11.10
N TYR O 258 55.26 1.57 10.16
CA TYR O 258 54.11 2.46 10.29
C TYR O 258 53.21 1.93 11.40
N ARG O 259 52.83 2.80 12.32
CA ARG O 259 51.96 2.41 13.42
C ARG O 259 50.62 3.10 13.40
N GLY O 260 50.58 4.41 13.17
CA GLY O 260 49.34 5.13 13.03
C GLY O 260 49.42 6.26 12.04
N MET O 261 50.47 6.26 11.21
CA MET O 261 50.78 7.43 10.39
C MET O 261 49.62 7.79 9.46
N GLY O 262 49.30 6.90 8.52
CA GLY O 262 48.02 7.01 7.84
C GLY O 262 47.02 6.34 8.74
N TYR O 263 46.28 7.11 9.51
CA TYR O 263 45.65 6.57 10.70
C TYR O 263 44.66 5.46 10.36
N PRO O 264 43.57 5.76 9.65
CA PRO O 264 42.64 4.69 9.30
C PRO O 264 43.26 3.68 8.34
N ASN O 265 44.22 4.12 7.54
CA ASN O 265 44.86 3.29 6.53
C ASN O 265 46.15 2.68 7.09
N ILE O 266 46.01 1.96 8.20
CA ILE O 266 47.14 1.40 8.94
C ILE O 266 46.76 0.00 9.42
N ILE O 267 47.76 -0.71 9.93
CA ILE O 267 47.58 -2.05 10.47
C ILE O 267 47.38 -2.01 11.97
N LYS O 268 46.47 -2.83 12.46
CA LYS O 268 46.34 -3.06 13.89
C LYS O 268 47.38 -4.08 14.33
N THR O 269 48.29 -3.67 15.22
CA THR O 269 49.26 -4.56 15.80
C THR O 269 48.85 -4.87 17.23
N THR O 270 48.83 -6.14 17.59
CA THR O 270 48.36 -6.59 18.89
C THR O 270 49.57 -6.81 19.80
N TYR O 271 49.74 -5.91 20.75
CA TYR O 271 50.85 -5.95 21.68
C TYR O 271 50.44 -6.77 22.90
N LEU O 272 51.28 -7.74 23.26
CA LEU O 272 50.91 -8.77 24.22
C LEU O 272 51.34 -8.45 25.65
N VAL O 273 51.90 -7.27 25.88
CA VAL O 273 52.40 -6.88 27.20
C VAL O 273 51.37 -6.01 27.88
N ASP O 274 51.02 -6.37 29.11
CA ASP O 274 50.14 -5.54 29.92
C ASP O 274 50.94 -4.44 30.57
N PRO O 275 50.71 -3.16 30.21
CA PRO O 275 51.53 -2.08 30.78
C PRO O 275 51.36 -1.87 32.27
N GLY O 276 50.49 -2.64 32.93
CA GLY O 276 50.28 -2.45 34.35
C GLY O 276 50.79 -3.60 35.18
N ALA O 277 51.65 -4.42 34.59
CA ALA O 277 52.26 -5.56 35.27
C ALA O 277 53.77 -5.42 35.29
N VAL O 278 54.39 -6.22 36.14
CA VAL O 278 55.84 -6.24 36.29
C VAL O 278 56.39 -7.41 35.50
N TYR O 279 57.47 -7.16 34.76
CA TYR O 279 58.04 -8.15 33.84
C TYR O 279 59.53 -8.27 34.07
N ASP O 280 60.00 -9.50 34.28
CA ASP O 280 61.42 -9.78 34.16
C ASP O 280 61.80 -9.79 32.68
N VAL O 281 63.10 -9.86 32.43
CA VAL O 281 63.62 -9.80 31.06
C VAL O 281 64.77 -10.78 30.90
N LEU O 282 65.03 -11.14 29.65
CA LEU O 282 66.09 -12.09 29.33
C LEU O 282 66.61 -11.76 27.93
N ASP O 283 67.75 -11.07 27.87
CA ASP O 283 68.38 -10.70 26.62
C ASP O 283 69.44 -11.72 26.25
N ILE O 284 69.47 -12.08 24.97
CA ILE O 284 70.49 -12.96 24.41
C ILE O 284 71.12 -12.23 23.23
N HIS O 285 72.45 -12.22 23.18
CA HIS O 285 73.18 -11.56 22.11
C HIS O 285 73.97 -12.61 21.35
N TYR O 286 73.91 -12.54 20.02
CA TYR O 286 74.57 -13.52 19.16
C TYR O 286 74.79 -12.87 17.81
N PHE O 287 75.56 -13.55 16.96
CA PHE O 287 75.90 -13.02 15.65
C PHE O 287 75.82 -14.12 14.60
N TYR O 288 75.96 -13.72 13.35
CA TYR O 288 76.05 -14.63 12.22
C TYR O 288 77.31 -14.33 11.44
N THR O 289 78.06 -15.38 11.09
CA THR O 289 79.28 -15.25 10.32
C THR O 289 79.18 -16.11 9.06
N GLY O 290 79.72 -15.60 7.96
CA GLY O 290 79.54 -16.20 6.66
C GLY O 290 80.46 -17.38 6.42
N SER O 291 80.56 -17.76 5.15
CA SER O 291 81.34 -18.93 4.74
C SER O 291 82.80 -18.57 4.41
N ASN O 292 83.02 -17.68 3.46
CA ASN O 292 84.37 -17.35 2.99
C ASN O 292 84.35 -15.93 2.42
N GLU O 293 85.31 -15.11 2.83
CA GLU O 293 85.47 -13.71 2.47
C GLU O 293 84.27 -12.96 3.04
N SER O 294 83.45 -13.62 3.87
CA SER O 294 82.24 -13.06 4.43
C SER O 294 82.26 -13.36 5.93
N VAL O 295 83.42 -13.10 6.54
CA VAL O 295 83.62 -13.31 7.97
C VAL O 295 83.19 -12.11 8.78
N GLN O 296 82.58 -11.11 8.15
CA GLN O 296 81.98 -10.05 8.92
C GLN O 296 80.83 -10.63 9.74
N LYS O 297 80.56 -9.99 10.87
CA LYS O 297 79.59 -10.49 11.82
C LYS O 297 78.37 -9.59 11.81
N SER O 298 77.22 -10.21 12.05
CA SER O 298 75.95 -9.50 12.19
C SER O 298 75.38 -9.87 13.54
N GLU O 299 75.51 -8.95 14.49
CA GLU O 299 75.11 -9.20 15.86
C GLU O 299 73.64 -8.83 16.01
N LYS O 300 72.96 -9.53 16.91
CA LYS O 300 71.51 -9.39 16.98
C LYS O 300 71.03 -9.95 18.30
N THR O 301 70.08 -9.26 18.91
CA THR O 301 69.60 -9.60 20.23
C THR O 301 68.17 -10.12 20.15
N ILE O 302 67.83 -11.02 21.07
CA ILE O 302 66.49 -11.57 21.21
C ILE O 302 66.10 -11.43 22.67
N THR O 303 65.06 -10.64 22.93
CA THR O 303 64.61 -10.38 24.28
C THR O 303 63.39 -11.23 24.60
N LEU O 304 63.32 -11.72 25.84
CA LEU O 304 62.19 -12.49 26.33
C LEU O 304 61.78 -11.93 27.69
N VAL O 305 60.49 -11.74 27.87
CA VAL O 305 59.94 -11.14 29.07
C VAL O 305 58.92 -12.08 29.68
N ALA O 306 58.82 -12.05 31.01
CA ALA O 306 57.93 -12.93 31.74
C ALA O 306 57.52 -12.25 33.04
N VAL O 307 56.22 -12.23 33.31
CA VAL O 307 55.68 -11.58 34.50
C VAL O 307 56.37 -12.10 35.76
N ASP O 308 56.85 -11.17 36.58
CA ASP O 308 57.35 -11.52 37.90
C ASP O 308 56.20 -11.65 38.88
N ASP O 309 56.22 -12.72 39.67
CA ASP O 309 55.19 -12.99 40.66
C ASP O 309 55.88 -13.26 41.99
N GLY O 310 56.19 -12.19 42.72
CA GLY O 310 56.97 -12.35 43.93
C GLY O 310 58.31 -12.97 43.57
N SER O 311 58.45 -14.27 43.83
CA SER O 311 59.56 -15.01 43.26
C SER O 311 59.41 -15.06 41.74
N HIS O 312 60.54 -15.14 41.04
CA HIS O 312 60.56 -15.08 39.58
C HIS O 312 60.33 -16.48 39.01
N THR O 313 59.12 -16.97 39.20
CA THR O 313 58.79 -18.34 38.80
C THR O 313 58.74 -18.48 37.28
N ALA O 314 58.14 -17.50 36.59
CA ALA O 314 57.94 -17.63 35.15
C ALA O 314 59.26 -17.63 34.40
N MET O 315 60.21 -16.79 34.81
CA MET O 315 61.46 -16.67 34.07
C MET O 315 62.46 -17.76 34.45
N ASN O 316 62.40 -18.27 35.69
CA ASN O 316 63.33 -19.32 36.09
C ASN O 316 63.01 -20.63 35.39
N ALA O 317 61.72 -20.90 35.16
CA ALA O 317 61.34 -22.06 34.37
C ALA O 317 61.78 -21.91 32.92
N LEU O 318 61.51 -20.76 32.32
CA LEU O 318 61.96 -20.50 30.95
C LEU O 318 63.46 -20.66 30.82
N ILE O 319 64.22 -20.18 31.82
CA ILE O 319 65.67 -20.31 31.79
C ILE O 319 66.05 -21.79 31.87
N GLY O 320 65.49 -22.51 32.84
CA GLY O 320 65.83 -23.91 32.98
C GLY O 320 65.59 -24.71 31.72
N ALA O 321 64.51 -24.40 31.01
CA ALA O 321 64.22 -25.09 29.75
C ALA O 321 65.27 -24.77 28.69
N ILE O 322 65.58 -23.48 28.52
CA ILE O 322 66.56 -23.07 27.53
C ILE O 322 67.91 -23.71 27.82
N ASN O 323 68.20 -23.99 29.09
CA ASN O 323 69.47 -24.59 29.44
C ASN O 323 69.50 -26.07 29.07
N THR O 324 68.44 -26.81 29.44
CA THR O 324 68.38 -28.22 29.09
C THR O 324 68.33 -28.43 27.59
N ALA O 325 67.84 -27.44 26.84
CA ALA O 325 67.68 -27.57 25.41
C ALA O 325 68.90 -27.09 24.63
N SER O 326 69.41 -25.91 24.98
CA SER O 326 70.54 -25.32 24.26
C SER O 326 71.89 -25.75 24.82
N GLY O 327 71.95 -26.19 26.06
CA GLY O 327 73.21 -26.53 26.69
C GLY O 327 73.88 -25.37 27.39
N LEU O 328 73.32 -24.17 27.31
CA LEU O 328 73.85 -23.05 28.08
C LEU O 328 73.61 -23.28 29.57
N THR O 329 74.09 -22.35 30.38
CA THR O 329 73.87 -22.39 31.82
C THR O 329 73.53 -21.00 32.33
N ILE O 330 72.57 -20.35 31.68
CA ILE O 330 72.11 -19.05 32.16
C ILE O 330 71.74 -19.17 33.62
N ALA O 331 72.10 -18.15 34.40
CA ALA O 331 71.89 -18.17 35.84
C ALA O 331 70.48 -17.69 36.16
N THR O 332 69.84 -18.39 37.10
CA THR O 332 68.47 -18.07 37.48
C THR O 332 68.47 -16.94 38.49
N LEU O 333 68.00 -15.78 38.07
CA LEU O 333 67.87 -14.63 38.95
C LEU O 333 66.94 -14.93 40.13
N MET P 1 8.88 47.96 45.88
CA MET P 1 9.92 47.19 45.14
C MET P 1 9.40 46.79 43.77
N VAL P 2 10.32 46.36 42.91
CA VAL P 2 9.99 45.69 41.66
C VAL P 2 10.69 44.34 41.67
N ILE P 3 10.00 43.32 41.16
CA ILE P 3 10.49 41.95 41.18
C ILE P 3 10.47 41.40 39.76
N SER P 4 11.08 40.23 39.61
CA SER P 4 11.08 39.51 38.35
C SER P 4 9.95 38.49 38.37
N ILE P 5 9.16 38.46 37.31
CA ILE P 5 7.97 37.64 37.21
C ILE P 5 8.23 36.50 36.25
N ASN P 6 7.68 35.32 36.56
CA ASN P 6 7.61 34.23 35.58
C ASN P 6 6.26 34.34 34.88
N GLN P 7 6.14 35.46 34.16
CA GLN P 7 5.01 35.87 33.33
C GLN P 7 3.80 36.41 34.11
N VAL P 8 3.72 36.19 35.40
CA VAL P 8 2.73 36.86 36.25
C VAL P 8 2.99 36.46 37.69
N ARG P 9 2.56 37.33 38.62
CA ARG P 9 2.47 36.94 40.03
C ARG P 9 1.33 37.68 40.67
N GLN P 10 0.43 36.93 41.30
CA GLN P 10 -0.69 37.48 42.05
C GLN P 10 -0.48 37.26 43.54
N LEU P 11 -0.94 38.22 44.34
CA LEU P 11 -0.88 38.16 45.79
C LEU P 11 -2.28 38.31 46.36
N TYR P 12 -2.56 37.56 47.41
CA TYR P 12 -3.83 37.63 48.13
C TYR P 12 -3.55 37.52 49.61
N VAL P 13 -4.09 38.44 50.38
CA VAL P 13 -3.89 38.45 51.83
C VAL P 13 -4.94 37.55 52.46
N ALA P 14 -4.51 36.78 53.46
CA ALA P 14 -5.38 35.88 54.21
C ALA P 14 -5.40 36.38 55.66
N LYS P 15 -6.29 37.33 55.93
CA LYS P 15 -6.40 37.88 57.27
C LYS P 15 -7.22 36.95 58.17
N ALA P 16 -8.36 36.48 57.68
CA ALA P 16 -9.18 35.52 58.37
C ALA P 16 -9.54 34.39 57.43
N LEU P 17 -9.60 33.18 57.97
CA LEU P 17 -9.92 31.99 57.19
C LEU P 17 -11.36 31.58 57.50
N LYS P 18 -12.19 31.50 56.48
CA LYS P 18 -13.58 31.11 56.59
C LYS P 18 -13.80 29.75 55.95
N ALA P 19 -15.01 29.23 56.10
CA ALA P 19 -15.38 27.92 55.60
C ALA P 19 -16.41 27.97 54.49
N ASN P 20 -16.93 29.16 54.17
CA ASN P 20 -17.97 29.30 53.17
C ASN P 20 -17.76 30.60 52.41
N THR P 21 -18.38 30.68 51.23
CA THR P 21 -18.43 31.94 50.50
C THR P 21 -19.37 32.94 51.17
N ALA P 22 -20.29 32.46 52.01
CA ALA P 22 -21.24 33.33 52.69
C ALA P 22 -20.63 34.04 53.88
N ALA P 23 -19.58 33.49 54.48
CA ALA P 23 -18.95 34.07 55.65
C ALA P 23 -17.98 35.20 55.31
N LEU P 24 -17.74 35.46 54.02
CA LEU P 24 -16.83 36.51 53.62
C LEU P 24 -17.48 37.89 53.79
N THR P 25 -17.29 38.49 54.95
CA THR P 25 -17.80 39.81 55.26
C THR P 25 -16.72 40.87 55.37
N THR P 26 -15.59 40.55 56.00
CA THR P 26 -14.52 41.51 56.23
C THR P 26 -13.47 41.42 55.13
N ALA P 27 -12.80 42.54 54.88
CA ALA P 27 -11.93 42.74 53.73
C ALA P 27 -10.68 41.89 53.73
N GLY P 28 -10.47 40.95 54.66
CA GLY P 28 -9.30 40.10 54.60
C GLY P 28 -9.65 38.62 54.63
N ASP P 29 -10.93 38.31 54.58
CA ASP P 29 -11.37 36.93 54.62
C ASP P 29 -10.97 36.21 53.33
N ILE P 30 -10.93 34.88 53.40
CA ILE P 30 -10.41 34.06 52.32
C ILE P 30 -10.95 32.66 52.48
N VAL P 31 -11.23 32.01 51.35
CA VAL P 31 -11.61 30.60 51.34
C VAL P 31 -10.83 29.88 50.26
N PRO P 32 -10.23 28.72 50.54
CA PRO P 32 -9.73 27.87 49.46
C PRO P 32 -10.86 27.02 48.88
N LYS P 33 -11.22 27.30 47.63
CA LYS P 33 -12.35 26.67 46.99
C LYS P 33 -11.88 25.64 45.97
N ALA P 34 -12.36 24.42 46.12
CA ALA P 34 -12.08 23.35 45.18
C ALA P 34 -13.28 22.44 45.10
N ASP P 35 -13.27 21.57 44.10
CA ASP P 35 -14.34 20.61 43.89
C ASP P 35 -13.91 19.22 44.36
N THR P 36 -14.91 18.37 44.62
CA THR P 36 -14.62 17.03 45.12
C THR P 36 -13.71 16.27 44.18
N ALA P 37 -13.76 16.56 42.89
CA ALA P 37 -12.92 15.87 41.92
C ALA P 37 -11.45 16.22 42.08
N LYS P 38 -11.14 17.34 42.73
CA LYS P 38 -9.76 17.79 42.90
C LYS P 38 -9.12 18.07 41.53
N THR P 39 -9.88 18.76 40.67
CA THR P 39 -9.42 19.09 39.33
C THR P 39 -9.08 20.57 39.16
N THR P 40 -9.63 21.44 39.98
CA THR P 40 -9.29 22.86 39.94
C THR P 40 -9.24 23.39 41.36
N LEU P 41 -8.60 24.55 41.50
CA LEU P 41 -8.50 25.22 42.79
C LEU P 41 -8.50 26.72 42.56
N TYR P 42 -9.23 27.43 43.42
CA TYR P 42 -9.26 28.88 43.39
C TYR P 42 -9.52 29.38 44.79
N PHE P 43 -9.29 30.67 45.00
CA PHE P 43 -9.47 31.29 46.31
C PHE P 43 -10.51 32.39 46.20
N GLN P 44 -11.49 32.35 47.09
CA GLN P 44 -12.50 33.40 47.20
C GLN P 44 -12.04 34.38 48.27
N SER P 45 -11.71 35.60 47.84
CA SER P 45 -11.16 36.61 48.73
C SER P 45 -12.16 37.75 48.88
N MET P 46 -12.10 38.40 50.05
CA MET P 46 -12.93 39.56 50.33
C MET P 46 -12.08 40.82 50.16
N SER P 47 -12.46 41.63 49.21
CA SER P 47 -11.74 42.86 48.92
C SER P 47 -12.45 44.04 49.56
N PRO P 48 -11.76 45.18 49.70
CA PRO P 48 -12.47 46.41 50.09
C PRO P 48 -13.76 46.62 49.31
N ALA P 49 -13.81 46.19 48.06
CA ALA P 49 -15.01 46.29 47.23
C ALA P 49 -15.43 44.89 46.80
N GLY P 50 -16.22 44.23 47.63
CA GLY P 50 -16.86 42.99 47.23
C GLY P 50 -15.93 41.81 47.20
N ILE P 51 -16.52 40.64 46.89
CA ILE P 51 -15.75 39.41 46.78
C ILE P 51 -15.02 39.38 45.45
N VAL P 52 -13.89 38.69 45.43
CA VAL P 52 -13.14 38.39 44.21
C VAL P 52 -12.67 36.94 44.29
N ALA P 53 -12.25 36.42 43.15
CA ALA P 53 -11.72 35.09 43.05
C ALA P 53 -10.46 35.11 42.19
N SER P 54 -9.51 34.26 42.56
CA SER P 54 -8.26 34.17 41.82
C SER P 54 -8.43 33.29 40.59
N ASP P 55 -7.49 33.43 39.66
CA ASP P 55 -7.46 32.54 38.51
C ASP P 55 -7.47 31.09 38.99
N LYS P 56 -8.07 30.22 38.19
CA LYS P 56 -8.29 28.84 38.59
C LYS P 56 -7.05 28.01 38.31
N ILE P 57 -6.65 27.22 39.30
CA ILE P 57 -5.43 26.43 39.24
C ILE P 57 -5.81 25.02 38.82
N ASN P 58 -5.20 24.54 37.73
CA ASN P 58 -5.40 23.16 37.31
C ASN P 58 -4.47 22.28 38.13
N LEU P 59 -5.04 21.52 39.06
CA LEU P 59 -4.26 20.77 40.03
C LEU P 59 -3.38 19.71 39.39
N LYS P 60 -3.44 19.54 38.08
CA LYS P 60 -2.52 18.69 37.35
C LYS P 60 -1.35 19.45 36.77
N HIS P 61 -1.37 20.78 36.85
CA HIS P 61 -0.35 21.62 36.24
C HIS P 61 0.40 22.43 37.30
N VAL P 62 0.48 21.90 38.51
CA VAL P 62 1.19 22.55 39.60
C VAL P 62 2.66 22.16 39.53
N LEU P 63 3.53 23.16 39.54
CA LEU P 63 4.97 22.93 39.44
C LEU P 63 5.62 22.85 40.81
N TYR P 64 5.22 23.71 41.74
CA TYR P 64 5.68 23.63 43.12
C TYR P 64 4.78 24.51 43.98
N ALA P 65 4.68 24.13 45.25
CA ALA P 65 3.83 24.85 46.21
C ALA P 65 4.46 24.66 47.58
N LYS P 66 5.21 25.67 48.04
CA LYS P 66 5.95 25.61 49.28
C LYS P 66 5.65 26.85 50.10
N ALA P 67 5.38 26.64 51.39
CA ALA P 67 5.13 27.74 52.31
C ALA P 67 6.43 28.11 53.02
N THR P 68 6.84 29.37 52.88
CA THR P 68 8.01 29.86 53.59
C THR P 68 7.60 30.42 54.94
N PRO P 69 8.44 30.29 55.96
CA PRO P 69 8.15 30.93 57.24
C PRO P 69 8.57 32.39 57.26
N SER P 70 8.07 33.10 58.28
CA SER P 70 8.41 34.51 58.42
C SER P 70 9.89 34.70 58.75
N GLU P 71 10.45 33.78 59.53
CA GLU P 71 11.86 33.86 59.89
C GLU P 71 12.75 33.89 58.66
N ALA P 72 12.38 33.12 57.62
CA ALA P 72 13.23 33.01 56.44
C ALA P 72 13.36 34.34 55.70
N LEU P 73 12.36 35.21 55.81
CA LEU P 73 12.31 36.44 55.04
C LEU P 73 12.82 37.65 55.81
N ALA P 74 13.18 37.47 57.08
CA ALA P 74 13.74 38.56 57.87
C ALA P 74 15.23 38.68 57.61
N HIS P 75 15.66 39.84 57.11
CA HIS P 75 17.08 40.07 56.86
C HIS P 75 17.81 40.14 58.19
N LYS P 76 18.77 39.23 58.40
CA LYS P 76 19.60 39.29 59.58
C LYS P 76 20.59 40.44 59.45
N LEU P 77 20.77 41.18 60.54
CA LEU P 77 21.64 42.35 60.56
C LEU P 77 23.03 41.88 60.96
N VAL P 78 23.96 41.88 60.00
CA VAL P 78 25.31 41.40 60.27
C VAL P 78 25.98 42.34 61.27
N ARG P 79 26.65 41.77 62.25
CA ARG P 79 27.32 42.52 63.30
C ARG P 79 28.70 41.96 63.54
N TYR P 80 29.66 42.85 63.74
CA TYR P 80 31.03 42.50 64.07
C TYR P 80 31.25 42.66 65.57
N SER P 81 32.30 41.99 66.06
CA SER P 81 32.81 42.19 67.42
C SER P 81 34.23 42.70 67.29
N VAL P 82 34.42 43.98 67.55
CA VAL P 82 35.71 44.65 67.35
C VAL P 82 36.47 44.64 68.66
N THR P 83 37.75 44.27 68.57
CA THR P 83 38.62 44.20 69.74
C THR P 83 40.00 44.69 69.33
N LEU P 84 40.93 44.67 70.28
CA LEU P 84 42.34 44.94 70.02
C LEU P 84 43.10 43.63 70.15
N ASP P 85 43.91 43.32 69.15
CA ASP P 85 44.55 42.02 69.05
C ASP P 85 45.71 41.95 70.03
N ALA P 86 45.69 40.93 70.89
CA ALA P 86 46.68 40.80 71.95
C ALA P 86 48.09 40.57 71.42
N ASP P 87 48.25 40.32 70.12
CA ASP P 87 49.58 40.14 69.57
C ASP P 87 50.31 41.47 69.46
N VAL P 88 49.64 42.50 68.95
CA VAL P 88 50.20 43.85 69.00
C VAL P 88 50.31 44.31 70.45
N SER P 89 49.18 44.35 71.15
CA SER P 89 49.16 44.67 72.57
C SER P 89 47.77 44.39 73.11
N ALA P 90 47.73 43.84 74.33
CA ALA P 90 46.46 43.57 74.99
C ALA P 90 45.88 44.80 75.66
N THR P 91 46.62 45.89 75.71
CA THR P 91 46.17 47.16 76.27
C THR P 91 46.51 48.28 75.30
N PRO P 92 45.84 49.43 75.40
CA PRO P 92 46.20 50.55 74.54
C PRO P 92 47.66 50.92 74.67
N VAL P 93 48.18 51.58 73.64
CA VAL P 93 49.55 52.03 73.58
C VAL P 93 49.51 53.55 73.51
N ALA P 94 49.99 54.21 74.57
CA ALA P 94 49.83 55.64 74.70
C ALA P 94 50.38 56.39 73.49
N GLY P 95 49.81 57.56 73.25
CA GLY P 95 50.28 58.46 72.21
C GLY P 95 49.99 58.02 70.79
N GLN P 96 49.33 56.89 70.60
CA GLN P 96 49.03 56.38 69.27
C GLN P 96 47.57 56.65 68.93
N ASN P 97 47.35 57.07 67.68
CA ASN P 97 46.01 57.35 67.19
C ASN P 97 45.36 56.03 66.80
N TYR P 98 44.51 55.49 67.67
CA TYR P 98 43.78 54.26 67.38
C TYR P 98 42.60 54.61 66.50
N ILE P 99 42.87 54.74 65.22
CA ILE P 99 41.85 55.09 64.24
C ILE P 99 41.14 53.82 63.80
N LEU P 100 39.89 53.98 63.38
CA LEU P 100 39.08 52.88 62.89
C LEU P 100 38.25 53.38 61.71
N ARG P 101 38.32 52.65 60.60
CA ARG P 101 37.66 53.04 59.37
C ARG P 101 36.53 52.07 59.08
N LEU P 102 35.35 52.62 58.79
CA LEU P 102 34.15 51.84 58.50
C LEU P 102 33.73 52.15 57.07
N ALA P 103 33.81 51.14 56.20
CA ALA P 103 33.49 51.30 54.79
C ALA P 103 32.05 50.89 54.53
N PHE P 104 31.41 51.58 53.59
CA PHE P 104 30.01 51.36 53.26
C PHE P 104 29.90 51.22 51.76
N ARG P 105 29.52 50.03 51.29
CA ARG P 105 29.60 49.74 49.87
C ARG P 105 28.39 50.29 49.11
N GLN P 106 27.18 49.85 49.48
CA GLN P 106 25.97 50.33 48.81
C GLN P 106 25.42 51.54 49.55
N TYR P 107 26.16 52.63 49.43
CA TYR P 107 25.77 53.96 49.89
C TYR P 107 24.96 54.57 48.76
N ILE P 108 24.41 55.77 48.97
CA ILE P 108 23.14 56.21 48.39
C ILE P 108 22.80 55.51 47.09
N GLY P 109 23.76 55.41 46.18
CA GLY P 109 23.55 54.62 44.98
C GLY P 109 23.19 53.19 45.35
N LEU P 110 23.22 52.33 44.35
CA LEU P 110 22.97 50.91 44.57
C LEU P 110 24.12 50.03 44.12
N SER P 111 25.19 50.62 43.58
CA SER P 111 26.31 49.86 43.08
C SER P 111 27.33 49.62 44.19
N GLU P 112 28.27 48.73 43.91
CA GLU P 112 29.42 48.53 44.79
C GLU P 112 30.52 49.54 44.48
N GLU P 113 30.37 50.31 43.41
CA GLU P 113 31.26 51.41 43.09
C GLU P 113 30.77 52.74 43.65
N ASP P 114 29.96 52.72 44.69
CA ASP P 114 29.45 53.93 45.32
C ASP P 114 29.70 53.79 46.82
N GLN P 115 30.93 54.11 47.24
CA GLN P 115 31.38 53.82 48.58
C GLN P 115 31.40 55.07 49.45
N TYR P 116 31.46 54.82 50.76
CA TYR P 116 31.34 55.87 51.75
C TYR P 116 32.09 55.44 53.00
N PHE P 117 32.93 56.32 53.52
CA PHE P 117 33.84 55.99 54.60
C PHE P 117 33.63 56.96 55.75
N LYS P 118 33.34 56.40 56.92
CA LYS P 118 33.21 57.16 58.15
C LYS P 118 34.21 56.61 59.15
N TYR P 119 34.69 57.47 60.04
CA TYR P 119 35.83 57.17 60.87
C TYR P 119 35.51 57.31 62.35
N GLY P 120 36.32 56.62 63.15
CA GLY P 120 36.30 56.75 64.60
C GLY P 120 37.71 56.84 65.10
N GLU P 121 37.99 57.79 65.99
CA GLU P 121 39.34 58.06 66.45
C GLU P 121 39.39 58.01 67.98
N VAL P 122 40.51 57.50 68.49
CA VAL P 122 40.81 57.56 69.91
C VAL P 122 42.32 57.60 70.08
N ILE P 123 42.81 58.60 70.78
CA ILE P 123 44.22 58.71 71.15
C ILE P 123 44.37 58.22 72.59
N ALA P 124 45.30 57.30 72.79
CA ALA P 124 45.40 56.61 74.07
C ALA P 124 46.34 57.34 75.02
N ARG P 125 46.12 57.10 76.32
CA ARG P 125 46.88 57.74 77.37
C ARG P 125 47.36 56.67 78.34
N SER P 126 48.38 57.01 79.11
CA SER P 126 48.89 56.08 80.11
C SER P 126 47.83 55.78 81.15
N GLY P 127 47.86 54.56 81.68
CA GLY P 127 46.85 54.11 82.60
C GLY P 127 45.52 53.77 81.96
N MET P 128 45.40 53.93 80.64
CA MET P 128 44.17 53.61 79.94
C MET P 128 43.97 52.10 79.87
N THR P 129 42.90 51.62 80.47
CA THR P 129 42.55 50.20 80.36
C THR P 129 41.95 49.93 78.99
N ALA P 130 41.49 48.70 78.79
CA ALA P 130 40.81 48.36 77.55
C ALA P 130 39.37 48.86 77.57
N SER P 131 38.68 48.69 78.70
CA SER P 131 37.31 49.18 78.82
C SER P 131 37.25 50.67 78.54
N ASP P 132 38.13 51.46 79.15
CA ASP P 132 38.15 52.89 78.88
C ASP P 132 38.34 53.17 77.40
N PHE P 133 39.21 52.40 76.74
CA PHE P 133 39.44 52.61 75.32
C PHE P 133 38.18 52.32 74.52
N TYR P 134 37.56 51.17 74.75
CA TYR P 134 36.34 50.81 74.01
C TYR P 134 35.25 51.86 74.26
N LYS P 135 35.08 52.28 75.50
CA LYS P 135 34.16 53.37 75.81
C LYS P 135 34.43 54.58 74.90
N LYS P 136 35.67 55.07 74.91
CA LYS P 136 36.00 56.27 74.15
C LYS P 136 35.81 56.03 72.65
N MET P 137 36.09 54.82 72.17
CA MET P 137 35.97 54.55 70.75
C MET P 137 34.50 54.49 70.33
N ALA P 138 33.69 53.75 71.08
CA ALA P 138 32.26 53.73 70.81
C ALA P 138 31.67 55.13 70.79
N ILE P 139 32.12 55.97 71.74
CA ILE P 139 31.62 57.34 71.80
C ILE P 139 31.99 58.11 70.55
N SER P 140 33.25 58.00 70.11
CA SER P 140 33.68 58.70 68.91
C SER P 140 33.05 58.12 67.65
N LEU P 141 32.62 56.85 67.72
CA LEU P 141 31.93 56.26 66.58
C LEU P 141 30.51 56.78 66.46
N ALA P 142 29.79 56.82 67.59
CA ALA P 142 28.45 57.38 67.61
C ALA P 142 28.44 58.81 67.10
N LYS P 143 29.27 59.67 67.70
CA LYS P 143 29.29 61.08 67.31
C LYS P 143 29.49 61.27 65.81
N ASN P 144 30.06 60.27 65.14
CA ASN P 144 30.30 60.37 63.70
C ASN P 144 29.28 59.59 62.87
N LEU P 145 28.63 58.60 63.45
CA LEU P 145 27.70 57.74 62.73
C LEU P 145 26.26 57.91 63.23
N GLU P 146 26.02 57.72 64.53
CA GLU P 146 24.69 57.87 65.08
C GLU P 146 24.45 59.31 65.54
N ASN P 147 24.65 60.26 64.66
CA ASN P 147 24.40 61.66 64.96
C ASN P 147 23.02 62.07 64.45
N LYS P 148 22.54 63.20 64.97
CA LYS P 148 21.29 63.79 64.51
C LYS P 148 21.44 64.55 63.20
N THR P 149 22.59 64.45 62.55
CA THR P 149 22.87 65.20 61.33
C THR P 149 23.03 64.34 60.10
N GLU P 150 23.44 63.08 60.25
CA GLU P 150 23.68 62.22 59.10
C GLU P 150 22.37 61.92 58.38
N SER P 151 22.38 62.04 57.06
CA SER P 151 21.17 61.86 56.27
C SER P 151 20.56 60.49 56.46
N THR P 152 21.34 59.48 56.86
CA THR P 152 20.87 58.11 56.90
C THR P 152 21.39 57.42 58.15
N PRO P 153 20.67 56.43 58.67
CA PRO P 153 21.26 55.56 59.68
C PRO P 153 22.28 54.63 59.04
N LEU P 154 23.40 54.44 59.73
CA LEU P 154 24.50 53.64 59.21
C LEU P 154 24.79 52.41 60.06
N VAL P 155 24.91 52.57 61.38
CA VAL P 155 25.33 51.47 62.24
C VAL P 155 24.66 51.63 63.60
N ASN P 156 24.64 50.53 64.36
CA ASN P 156 24.21 50.51 65.75
C ASN P 156 25.40 50.04 66.59
N ILE P 157 26.07 50.98 67.24
CA ILE P 157 27.18 50.64 68.12
C ILE P 157 26.65 50.13 69.45
N TYR P 158 27.41 49.23 70.07
CA TYR P 158 27.04 48.68 71.36
C TYR P 158 28.30 48.46 72.18
N LEU P 159 28.09 48.11 73.44
CA LEU P 159 29.16 47.74 74.34
C LEU P 159 28.71 46.52 75.14
N ILE P 160 29.67 45.70 75.53
CA ILE P 160 29.39 44.48 76.28
C ILE P 160 30.31 44.45 77.49
N SER P 161 29.72 44.52 78.68
CA SER P 161 30.46 44.35 79.93
C SER P 161 30.61 42.86 80.18
N ALA P 162 31.85 42.38 80.23
CA ALA P 162 32.11 40.96 80.35
C ALA P 162 31.34 40.31 81.50
N ALA P 163 30.92 41.08 82.49
CA ALA P 163 30.07 40.53 83.54
C ALA P 163 28.73 40.10 82.98
N ALA P 164 28.25 40.77 81.94
CA ALA P 164 27.02 40.41 81.22
C ALA P 164 27.37 40.38 79.74
N ALA P 165 27.84 39.22 79.27
CA ALA P 165 28.28 39.09 77.88
C ALA P 165 27.11 39.06 76.89
N SER P 166 25.87 39.00 77.38
CA SER P 166 24.71 38.94 76.50
C SER P 166 24.18 40.33 76.17
N THR P 167 23.86 41.12 77.20
CA THR P 167 23.26 42.42 76.99
C THR P 167 24.21 43.34 76.21
N ASP P 168 23.69 43.97 75.17
CA ASP P 168 24.46 44.86 74.30
C ASP P 168 24.16 46.30 74.71
N VAL P 169 24.98 46.82 75.62
CA VAL P 169 24.87 48.22 76.04
C VAL P 169 24.91 49.11 74.81
N PRO P 170 23.84 49.83 74.49
CA PRO P 170 23.84 50.66 73.29
C PRO P 170 24.58 51.97 73.51
N VAL P 171 24.78 52.69 72.41
CA VAL P 171 25.50 53.97 72.43
C VAL P 171 24.96 54.83 71.30
N THR P 172 24.84 56.13 71.58
CA THR P 172 24.41 57.10 70.59
C THR P 172 25.16 58.40 70.83
N SER P 173 25.09 59.30 69.84
CA SER P 173 25.80 60.57 69.95
C SER P 173 25.41 61.35 71.19
N ALA P 174 24.25 61.06 71.78
CA ALA P 174 23.85 61.70 73.02
C ALA P 174 24.53 61.06 74.23
N THR P 175 24.87 59.78 74.14
CA THR P 175 25.47 59.08 75.27
C THR P 175 26.80 59.74 75.65
N LYS P 176 27.04 59.84 76.94
CA LYS P 176 28.26 60.44 77.47
C LYS P 176 28.97 59.45 78.39
N GLU P 177 30.29 59.62 78.49
CA GLU P 177 31.16 58.73 79.25
C GLU P 177 30.52 58.29 80.56
N SER P 178 29.95 59.25 81.30
CA SER P 178 29.46 58.96 82.64
C SER P 178 28.31 57.96 82.61
N ASP P 179 27.55 57.91 81.51
CA ASP P 179 26.46 56.95 81.39
C ASP P 179 26.94 55.51 81.32
N LEU P 180 28.25 55.27 81.28
CA LEU P 180 28.83 53.95 81.09
C LEU P 180 29.76 53.71 82.28
N THR P 181 29.23 53.11 83.33
CA THR P 181 29.90 52.99 84.62
C THR P 181 30.60 51.66 84.81
N ALA P 182 30.69 50.84 83.78
CA ALA P 182 31.35 49.55 83.90
C ALA P 182 32.83 49.64 83.56
N THR P 183 33.56 48.61 83.95
CA THR P 183 35.00 48.54 83.73
C THR P 183 35.42 47.29 82.96
N ASP P 184 34.49 46.41 82.61
CA ASP P 184 34.79 45.14 81.96
C ASP P 184 34.26 45.10 80.53
N TYR P 185 34.34 46.23 79.83
CA TYR P 185 34.00 46.25 78.42
C TYR P 185 35.10 45.59 77.60
N ASN P 186 34.68 44.75 76.66
CA ASN P 186 35.63 43.89 75.94
C ASN P 186 35.45 43.88 74.43
N GLN P 187 34.53 44.67 73.88
CA GLN P 187 34.35 44.67 72.44
C GLN P 187 33.43 45.82 72.04
N ILE P 188 33.57 46.24 70.80
CA ILE P 188 32.71 47.25 70.19
C ILE P 188 31.92 46.57 69.09
N ILE P 189 30.67 46.21 69.39
CA ILE P 189 29.82 45.64 68.36
C ILE P 189 29.38 46.75 67.41
N ILE P 190 29.28 46.42 66.14
CA ILE P 190 28.89 47.36 65.09
C ILE P 190 27.93 46.61 64.19
N GLU P 191 26.67 47.01 64.20
CA GLU P 191 25.61 46.30 63.52
C GLU P 191 24.98 47.21 62.46
N GLU P 192 24.62 46.62 61.32
CA GLU P 192 23.97 47.40 60.29
C GLU P 192 22.57 47.80 60.74
N THR P 193 22.02 48.80 60.07
CA THR P 193 20.77 49.43 60.48
C THR P 193 19.69 49.20 59.44
N GLU P 194 18.44 49.23 59.91
CA GLU P 194 17.30 49.26 59.00
C GLU P 194 17.21 50.64 58.36
N GLN P 195 17.32 50.67 57.04
CA GLN P 195 17.22 51.92 56.30
C GLN P 195 15.75 52.32 56.18
N PRO P 196 15.48 53.58 55.86
CA PRO P 196 14.08 54.03 55.81
C PRO P 196 13.35 53.41 54.63
N TRP P 197 12.03 53.25 54.81
CA TRP P 197 11.19 52.60 53.82
C TRP P 197 9.89 53.38 53.65
N VAL P 198 9.48 53.57 52.40
CA VAL P 198 8.18 54.13 52.08
C VAL P 198 7.55 53.26 51.01
N LEU P 199 6.25 53.00 51.16
CA LEU P 199 5.57 52.01 50.35
C LEU P 199 5.62 52.36 48.88
N GLY P 200 6.25 51.49 48.09
CA GLY P 200 6.20 51.55 46.64
C GLY P 200 7.14 52.53 45.99
N MET P 201 8.01 53.20 46.73
CA MET P 201 8.98 54.12 46.16
C MET P 201 10.39 53.91 46.66
N MET P 202 10.59 53.30 47.81
CA MET P 202 11.92 53.09 48.39
C MET P 202 12.03 51.63 48.80
N PRO P 203 12.60 50.78 47.96
CA PRO P 203 12.71 49.36 48.32
C PRO P 203 13.54 49.15 49.57
N GLN P 204 13.25 48.06 50.26
CA GLN P 204 13.91 47.71 51.52
C GLN P 204 15.35 47.30 51.24
N ALA P 205 16.28 48.22 51.44
CA ALA P 205 17.69 48.02 51.14
C ALA P 205 18.51 48.10 52.42
N PHE P 206 19.77 47.69 52.31
CA PHE P 206 20.72 47.80 53.39
C PHE P 206 22.04 48.29 52.82
N ILE P 207 22.83 48.93 53.69
CA ILE P 207 24.16 49.41 53.36
C ILE P 207 25.16 48.51 54.08
N PRO P 208 25.83 47.58 53.40
CA PRO P 208 26.77 46.69 54.06
C PRO P 208 28.13 47.35 54.28
N PHE P 209 28.82 46.89 55.32
CA PHE P 209 30.02 47.56 55.78
C PHE P 209 31.02 46.56 56.33
N THR P 210 32.29 46.92 56.24
CA THR P 210 33.39 46.17 56.84
C THR P 210 34.25 47.11 57.66
N PRO P 211 34.62 46.76 58.88
CA PRO P 211 35.53 47.61 59.67
C PRO P 211 36.98 47.40 59.25
N GLN P 212 37.60 48.46 58.76
CA GLN P 212 39.02 48.46 58.39
C GLN P 212 39.81 49.20 59.46
N PHE P 213 40.82 48.55 60.01
CA PHE P 213 41.67 49.15 61.02
C PHE P 213 42.85 49.88 60.36
N LEU P 214 43.65 50.54 61.21
CA LEU P 214 44.84 51.25 60.77
C LEU P 214 46.03 50.85 61.63
N THR P 215 47.19 51.37 61.27
CA THR P 215 48.45 50.97 61.85
C THR P 215 48.77 51.77 63.11
N ILE P 216 49.61 51.19 63.95
CA ILE P 216 50.17 51.88 65.11
C ILE P 216 51.56 51.32 65.36
N THR P 217 52.50 52.20 65.71
CA THR P 217 53.84 51.77 66.09
C THR P 217 53.80 51.32 67.55
N VAL P 218 54.10 50.05 67.78
CA VAL P 218 54.04 49.45 69.11
C VAL P 218 55.45 49.20 69.66
N ASP P 219 56.32 48.62 68.86
CA ASP P 219 57.72 48.41 69.23
C ASP P 219 58.62 48.72 68.03
N GLY P 220 58.27 49.76 67.28
CA GLY P 220 59.03 50.17 66.13
C GLY P 220 58.43 49.75 64.79
N GLU P 221 57.36 48.95 64.81
CA GLU P 221 56.80 48.37 63.60
C GLU P 221 55.33 48.78 63.47
N ASP P 222 54.98 49.32 62.31
CA ASP P 222 53.59 49.63 62.00
C ASP P 222 52.74 48.37 61.99
N ARG P 223 51.79 48.28 62.91
CA ARG P 223 50.96 47.09 63.05
C ARG P 223 49.50 47.48 63.23
N LEU P 224 48.62 46.61 62.76
CA LEU P 224 47.19 46.81 62.96
C LEU P 224 46.82 46.58 64.42
N TRP P 225 45.94 47.43 64.94
CA TRP P 225 45.66 47.46 66.37
C TRP P 225 44.46 46.61 66.79
N GLY P 226 43.66 46.13 65.85
CA GLY P 226 42.46 45.40 66.21
C GLY P 226 42.13 44.30 65.22
N VAL P 227 41.10 43.54 65.57
CA VAL P 227 40.63 42.42 64.77
C VAL P 227 39.11 42.45 64.76
N ALA P 228 38.52 42.50 63.56
CA ALA P 228 37.07 42.54 63.40
C ALA P 228 36.58 41.18 62.93
N THR P 229 35.75 40.54 63.75
CA THR P 229 35.18 39.23 63.44
C THR P 229 33.67 39.33 63.47
N VAL P 230 33.02 38.70 62.48
CA VAL P 230 31.57 38.64 62.45
C VAL P 230 31.09 37.60 63.45
N VAL P 231 29.97 37.89 64.11
CA VAL P 231 29.36 36.99 65.06
C VAL P 231 27.90 36.79 64.67
N THR P 232 27.33 35.70 65.16
CA THR P 232 25.97 35.32 64.79
C THR P 232 25.03 36.50 65.04
N PRO P 233 24.32 37.00 64.02
CA PRO P 233 23.42 38.14 64.25
C PRO P 233 22.39 37.85 65.32
N THR P 234 21.83 38.93 65.87
CA THR P 234 20.83 38.82 66.91
C THR P 234 19.63 39.73 66.70
N LYS P 235 19.62 40.53 65.64
CA LYS P 235 18.50 41.42 65.34
C LYS P 235 18.12 41.23 63.88
N THR P 236 16.85 40.93 63.64
CA THR P 236 16.34 40.64 62.31
C THR P 236 15.31 41.68 61.91
N VAL P 237 15.33 42.04 60.63
CA VAL P 237 14.40 43.02 60.07
C VAL P 237 13.20 42.26 59.52
N PRO P 238 12.03 42.36 60.15
CA PRO P 238 10.87 41.57 59.69
C PRO P 238 10.49 41.89 58.26
N ASP P 239 9.52 41.12 57.75
CA ASP P 239 9.11 41.19 56.36
C ASP P 239 7.91 42.11 56.13
N GLY P 240 7.40 42.77 57.17
CA GLY P 240 6.26 43.65 56.98
C GLY P 240 6.48 44.63 55.85
N HIS P 241 7.59 45.37 55.89
CA HIS P 241 7.91 46.32 54.84
C HIS P 241 8.16 45.65 53.49
N LEU P 242 8.27 44.33 53.46
CA LEU P 242 8.58 43.60 52.24
C LEU P 242 7.32 43.06 51.57
N ILE P 243 6.51 42.31 52.32
CA ILE P 243 5.20 41.90 51.82
C ILE P 243 4.40 43.10 51.34
N ALA P 244 4.57 44.24 52.02
CA ALA P 244 3.78 45.43 51.67
C ALA P 244 4.11 45.93 50.28
N ASP P 245 5.40 46.02 49.96
CA ASP P 245 5.78 46.44 48.61
C ASP P 245 5.48 45.36 47.59
N LEU P 246 5.51 44.10 48.00
CA LEU P 246 5.05 43.01 47.13
C LEU P 246 3.61 43.23 46.72
N GLU P 247 2.71 43.42 47.70
CA GLU P 247 1.33 43.75 47.41
C GLU P 247 1.23 44.93 46.45
N TYR P 248 1.82 46.07 46.84
CA TYR P 248 1.80 47.27 46.04
C TYR P 248 2.10 46.98 44.57
N PHE P 249 2.98 46.01 44.32
CA PHE P 249 3.34 45.67 42.95
C PHE P 249 2.37 44.67 42.35
N CYS P 250 2.04 43.62 43.10
CA CYS P 250 1.18 42.56 42.61
C CYS P 250 -0.30 42.91 42.62
N MET P 251 -0.68 44.06 43.17
CA MET P 251 -2.05 44.52 43.09
C MET P 251 -2.31 45.38 41.85
N GLY P 252 -1.27 45.87 41.21
CA GLY P 252 -1.39 46.52 39.93
C GLY P 252 -1.55 45.58 38.77
N ALA P 253 -1.54 44.29 39.03
CA ALA P 253 -1.85 43.27 38.03
C ALA P 253 -3.35 43.03 37.96
N ARG P 254 -3.98 42.83 39.13
CA ARG P 254 -5.43 42.78 39.19
C ARG P 254 -6.05 44.13 38.85
N GLY P 255 -5.37 45.22 39.20
CA GLY P 255 -5.99 46.53 39.15
C GLY P 255 -5.22 47.58 38.36
N ASP P 256 -4.98 48.71 39.00
CA ASP P 256 -4.53 49.92 38.32
C ASP P 256 -3.01 49.98 38.30
N ILE P 257 -2.46 50.32 37.14
CA ILE P 257 -1.02 50.53 36.98
C ILE P 257 -0.63 51.99 37.04
N TYR P 258 -1.62 52.90 37.06
CA TYR P 258 -1.39 54.34 37.05
C TYR P 258 -1.28 54.92 38.44
N ARG P 259 -0.80 54.14 39.40
CA ARG P 259 -0.85 54.50 40.81
C ARG P 259 -0.48 55.96 41.04
N GLY P 260 -1.44 56.71 41.57
CA GLY P 260 -1.20 58.08 41.99
C GLY P 260 -0.63 58.98 40.92
N MET P 261 -0.61 58.53 39.66
CA MET P 261 0.21 59.20 38.65
C MET P 261 -0.34 60.57 38.29
N GLY P 262 -1.55 60.62 37.75
CA GLY P 262 -2.24 61.89 37.63
C GLY P 262 -3.06 62.13 38.88
N TYR P 263 -2.48 62.89 39.83
CA TYR P 263 -2.90 62.79 41.23
C TYR P 263 -4.41 62.79 41.43
N PRO P 264 -5.18 63.74 40.92
CA PRO P 264 -6.62 63.74 41.18
C PRO P 264 -7.38 62.74 40.30
N ASN P 265 -6.84 62.40 39.15
CA ASN P 265 -7.45 61.43 38.25
C ASN P 265 -6.77 60.07 38.42
N ILE P 266 -7.08 59.41 39.54
CA ILE P 266 -6.45 58.17 39.91
C ILE P 266 -7.48 57.18 40.45
N ILE P 267 -7.07 55.92 40.50
CA ILE P 267 -7.79 54.87 41.21
C ILE P 267 -6.98 54.55 42.47
N LYS P 268 -7.56 54.87 43.63
CA LYS P 268 -6.87 54.66 44.90
C LYS P 268 -7.08 53.21 45.32
N THR P 269 -6.00 52.43 45.30
CA THR P 269 -6.05 51.04 45.72
C THR P 269 -5.89 50.95 47.23
N THR P 270 -6.75 50.18 47.88
CA THR P 270 -6.71 49.96 49.31
C THR P 270 -5.95 48.66 49.58
N TYR P 271 -4.93 48.74 50.43
CA TYR P 271 -4.04 47.64 50.70
C TYR P 271 -4.31 47.10 52.10
N LEU P 272 -4.14 45.78 52.25
CA LEU P 272 -4.46 45.10 53.50
C LEU P 272 -3.24 44.65 54.27
N VAL P 273 -2.04 44.81 53.72
CA VAL P 273 -0.83 44.45 54.44
C VAL P 273 -0.52 45.54 55.46
N ASP P 274 -0.29 45.12 56.70
CA ASP P 274 0.22 46.01 57.73
C ASP P 274 1.74 45.95 57.71
N PRO P 275 2.44 47.06 57.47
CA PRO P 275 3.91 47.01 57.44
C PRO P 275 4.53 46.92 58.84
N GLY P 276 3.72 46.64 59.85
CA GLY P 276 4.22 46.47 61.19
C GLY P 276 3.95 45.09 61.74
N ALA P 277 3.62 44.16 60.87
CA ALA P 277 3.29 42.79 61.23
C ALA P 277 4.31 41.84 60.63
N VAL P 278 4.05 40.54 60.81
CA VAL P 278 4.99 39.49 60.41
C VAL P 278 4.22 38.36 59.74
N TYR P 279 4.39 38.22 58.43
CA TYR P 279 3.61 37.30 57.63
C TYR P 279 4.43 36.09 57.20
N ASP P 280 3.83 34.91 57.31
CA ASP P 280 4.28 33.78 56.51
C ASP P 280 3.79 33.95 55.08
N VAL P 281 4.30 33.11 54.18
CA VAL P 281 3.94 33.18 52.77
C VAL P 281 3.72 31.78 52.24
N LEU P 282 2.89 31.68 51.20
CA LEU P 282 2.55 30.43 50.55
C LEU P 282 2.47 30.70 49.06
N ASP P 283 3.55 30.40 48.34
CA ASP P 283 3.62 30.62 46.91
C ASP P 283 3.32 29.32 46.17
N ILE P 284 2.49 29.42 45.13
CA ILE P 284 2.09 28.28 44.33
C ILE P 284 2.34 28.65 42.87
N HIS P 285 3.12 27.82 42.18
CA HIS P 285 3.44 28.04 40.78
C HIS P 285 2.74 26.99 39.93
N TYR P 286 2.18 27.44 38.81
CA TYR P 286 1.40 26.57 37.95
C TYR P 286 1.41 27.19 36.55
N PHE P 287 0.76 26.51 35.61
CA PHE P 287 0.78 26.96 34.22
C PHE P 287 -0.53 26.55 33.56
N TYR P 288 -0.75 27.12 32.37
CA TYR P 288 -1.87 26.77 31.51
C TYR P 288 -1.33 26.30 30.18
N THR P 289 -1.86 25.17 29.68
CA THR P 289 -1.46 24.61 28.40
C THR P 289 -2.69 24.44 27.52
N GLY P 290 -2.53 24.73 26.24
CA GLY P 290 -3.65 24.79 25.32
C GLY P 290 -4.03 23.46 24.69
N SER P 291 -4.47 23.50 23.43
CA SER P 291 -5.09 22.35 22.79
C SER P 291 -4.45 22.10 21.43
N ASN P 292 -3.56 21.11 21.37
CA ASN P 292 -3.18 20.41 20.14
C ASN P 292 -2.24 21.17 19.22
N GLU P 293 -2.11 22.47 19.40
CA GLU P 293 -0.94 23.18 18.88
C GLU P 293 -0.40 24.24 19.83
N SER P 294 -1.23 24.83 20.69
CA SER P 294 -0.78 25.77 21.70
C SER P 294 -0.44 24.97 22.94
N VAL P 295 0.64 24.20 22.83
CA VAL P 295 1.14 23.39 23.94
C VAL P 295 2.14 24.19 24.76
N GLN P 296 2.63 25.31 24.23
CA GLN P 296 3.44 26.23 25.02
C GLN P 296 2.78 26.51 26.36
N LYS P 297 3.59 26.51 27.41
CA LYS P 297 3.07 26.77 28.74
C LYS P 297 3.07 28.25 29.03
N SER P 298 2.24 28.64 30.00
CA SER P 298 2.16 29.99 30.52
C SER P 298 2.21 29.85 32.03
N GLU P 299 3.43 29.84 32.56
CA GLU P 299 3.59 29.65 33.99
C GLU P 299 3.10 30.90 34.71
N LYS P 300 2.35 30.69 35.78
CA LYS P 300 1.69 31.78 36.47
C LYS P 300 1.81 31.55 37.96
N THR P 301 2.21 32.59 38.67
CA THR P 301 2.50 32.49 40.10
C THR P 301 1.36 33.09 40.91
N ILE P 302 1.07 32.45 42.03
CA ILE P 302 0.09 32.94 42.99
C ILE P 302 0.63 32.70 44.39
N THR P 303 0.60 33.73 45.22
CA THR P 303 1.14 33.64 46.56
C THR P 303 0.15 34.21 47.57
N LEU P 304 0.18 33.64 48.77
CA LEU P 304 -0.72 34.01 49.85
C LEU P 304 0.12 34.38 51.08
N VAL P 305 -0.41 35.31 51.88
CA VAL P 305 0.28 35.78 53.06
C VAL P 305 -0.68 35.70 54.25
N ALA P 306 -0.09 35.57 55.43
CA ALA P 306 -0.86 35.44 56.66
C ALA P 306 0.05 35.78 57.84
N VAL P 307 -0.48 36.57 58.78
CA VAL P 307 0.33 37.01 59.91
C VAL P 307 0.86 35.81 60.68
N ASP P 308 1.98 36.02 61.38
CA ASP P 308 2.61 35.01 62.20
C ASP P 308 2.50 35.42 63.66
N ASP P 309 1.85 34.57 64.46
CA ASP P 309 1.78 34.76 65.90
C ASP P 309 3.02 34.25 66.62
N GLY P 310 4.00 33.70 65.88
CA GLY P 310 5.14 33.03 66.45
C GLY P 310 5.10 31.53 66.24
N SER P 311 3.91 30.95 66.08
CA SER P 311 3.73 29.52 65.87
C SER P 311 3.09 29.20 64.53
N HIS P 312 2.92 30.21 63.67
CA HIS P 312 2.40 29.99 62.31
C HIS P 312 1.02 29.35 62.34
N THR P 313 0.16 29.84 63.24
CA THR P 313 -1.17 29.25 63.37
C THR P 313 -2.06 29.62 62.18
N ALA P 314 -1.94 30.84 61.68
CA ALA P 314 -2.83 31.30 60.62
C ALA P 314 -2.57 30.54 59.32
N MET P 315 -1.31 30.45 58.91
CA MET P 315 -1.02 29.81 57.64
C MET P 315 -1.15 28.29 57.72
N ASN P 316 -0.93 27.71 58.89
CA ASN P 316 -1.04 26.27 59.03
C ASN P 316 -2.47 25.80 58.81
N ALA P 317 -3.43 26.48 59.44
CA ALA P 317 -4.84 26.19 59.19
C ALA P 317 -5.19 26.50 57.74
N LEU P 318 -4.58 27.55 57.17
CA LEU P 318 -4.83 27.90 55.79
C LEU P 318 -4.53 26.74 54.85
N ILE P 319 -3.34 26.16 54.95
CA ILE P 319 -2.95 25.12 54.02
C ILE P 319 -3.60 23.79 54.39
N GLY P 320 -3.78 23.53 55.69
CA GLY P 320 -4.58 22.38 56.08
C GLY P 320 -5.93 22.37 55.40
N ALA P 321 -6.51 23.56 55.22
CA ALA P 321 -7.74 23.67 54.44
C ALA P 321 -7.49 23.37 52.97
N ILE P 322 -6.44 23.98 52.40
CA ILE P 322 -6.12 23.77 50.99
C ILE P 322 -5.83 22.30 50.72
N ASN P 323 -5.30 21.59 51.72
CA ASN P 323 -4.97 20.18 51.52
C ASN P 323 -6.21 19.31 51.64
N THR P 324 -7.10 19.65 52.56
CA THR P 324 -8.39 18.97 52.63
C THR P 324 -9.21 19.22 51.37
N ALA P 325 -8.94 20.32 50.67
CA ALA P 325 -9.74 20.73 49.53
C ALA P 325 -9.16 20.32 48.19
N SER P 326 -7.83 20.24 48.08
CA SER P 326 -7.18 20.00 46.79
C SER P 326 -6.36 18.72 46.75
N GLY P 327 -6.31 17.96 47.84
CA GLY P 327 -5.52 16.75 47.89
C GLY P 327 -4.03 16.96 48.00
N LEU P 328 -3.53 18.17 47.75
CA LEU P 328 -2.12 18.44 47.92
C LEU P 328 -1.69 18.17 49.36
N THR P 329 -0.38 18.12 49.57
CA THR P 329 0.20 17.81 50.87
C THR P 329 1.30 18.79 51.21
N ILE P 330 1.02 20.09 51.06
CA ILE P 330 1.97 21.10 51.48
C ILE P 330 2.30 20.89 52.95
N ALA P 331 3.52 21.25 53.34
CA ALA P 331 4.04 20.96 54.67
C ALA P 331 3.71 22.09 55.62
N THR P 332 3.22 21.74 56.81
CA THR P 332 2.80 22.72 57.82
C THR P 332 4.02 23.17 58.59
N LEU P 333 4.61 24.29 58.16
CA LEU P 333 5.70 24.92 58.89
C LEU P 333 5.27 25.37 60.27
N MET Q 1 -11.48 68.97 52.42
CA MET Q 1 -12.49 69.78 51.69
C MET Q 1 -12.27 71.26 51.98
N VAL Q 2 -12.27 72.07 50.93
CA VAL Q 2 -12.11 73.50 51.11
C VAL Q 2 -13.24 74.04 51.98
N ILE Q 3 -12.90 74.95 52.88
CA ILE Q 3 -13.82 75.53 53.83
C ILE Q 3 -13.47 77.01 53.99
N SER Q 4 -14.25 77.69 54.84
CA SER Q 4 -13.97 79.07 55.19
C SER Q 4 -13.15 79.10 56.47
N ILE Q 5 -12.22 80.05 56.52
CA ILE Q 5 -11.31 80.20 57.64
C ILE Q 5 -11.37 81.64 58.15
N ASN Q 6 -11.12 81.81 59.44
CA ASN Q 6 -10.87 83.14 59.99
C ASN Q 6 -9.35 83.37 60.03
N GLN Q 7 -8.79 83.34 58.84
CA GLN Q 7 -7.38 83.57 58.53
C GLN Q 7 -6.48 82.39 58.87
N VAL Q 8 -6.96 81.42 59.64
CA VAL Q 8 -6.24 80.16 59.81
C VAL Q 8 -7.08 79.18 60.62
N ARG Q 9 -6.84 77.88 60.43
CA ARG Q 9 -7.42 76.86 61.29
C ARG Q 9 -6.45 75.69 61.40
N GLN Q 10 -6.41 75.07 62.57
CA GLN Q 10 -5.52 73.94 62.84
C GLN Q 10 -6.31 72.82 63.51
N LEU Q 11 -5.83 71.60 63.33
CA LEU Q 11 -6.48 70.43 63.88
C LEU Q 11 -5.45 69.49 64.49
N TYR Q 12 -5.79 68.92 65.64
CA TYR Q 12 -4.91 68.01 66.37
C TYR Q 12 -5.77 66.91 66.97
N VAL Q 13 -5.39 65.66 66.70
CA VAL Q 13 -6.17 64.51 67.11
C VAL Q 13 -5.77 64.09 68.51
N ALA Q 14 -6.75 63.94 69.39
CA ALA Q 14 -6.53 63.47 70.75
C ALA Q 14 -6.92 61.99 70.82
N LYS Q 15 -6.01 61.15 70.33
CA LYS Q 15 -6.24 59.71 70.36
C LYS Q 15 -5.99 59.11 71.73
N ALA Q 16 -5.22 59.80 72.56
CA ALA Q 16 -5.03 59.39 73.95
C ALA Q 16 -4.55 60.61 74.73
N LEU Q 17 -5.03 60.75 75.96
CA LEU Q 17 -4.68 61.87 76.82
C LEU Q 17 -3.64 61.42 77.83
N LYS Q 18 -2.49 62.07 77.81
CA LYS Q 18 -1.43 61.82 78.77
C LYS Q 18 -1.42 62.93 79.82
N ALA Q 19 -0.42 62.90 80.70
CA ALA Q 19 -0.28 63.89 81.75
C ALA Q 19 1.04 64.64 81.71
N ASN Q 20 1.98 64.26 80.86
CA ASN Q 20 3.28 64.90 80.81
C ASN Q 20 3.75 64.95 79.36
N THR Q 21 4.79 65.75 79.14
CA THR Q 21 5.48 65.75 77.85
C THR Q 21 6.40 64.53 77.70
N ALA Q 22 6.54 63.72 78.75
CA ALA Q 22 7.39 62.54 78.74
C ALA Q 22 6.62 61.27 78.43
N ALA Q 23 5.30 61.34 78.28
CA ALA Q 23 4.47 60.18 78.01
C ALA Q 23 3.94 60.17 76.58
N LEU Q 24 4.42 61.07 75.74
CA LEU Q 24 4.00 61.14 74.34
C LEU Q 24 4.83 60.13 73.54
N THR Q 25 4.45 58.87 73.69
CA THR Q 25 5.13 57.78 72.99
C THR Q 25 4.46 57.47 71.66
N THR Q 26 3.17 57.18 71.69
CA THR Q 26 2.42 56.83 70.51
C THR Q 26 1.88 58.08 69.81
N ALA Q 27 1.71 57.97 68.50
CA ALA Q 27 1.18 59.08 67.72
C ALA Q 27 -0.28 59.32 68.07
N GLY Q 28 -0.70 60.58 67.99
CA GLY Q 28 -2.02 60.99 68.37
C GLY Q 28 -2.15 61.44 69.81
N ASP Q 29 -1.34 60.86 70.71
CA ASP Q 29 -1.33 61.30 72.09
C ASP Q 29 -1.15 62.81 72.15
N ILE Q 30 -1.68 63.42 73.22
CA ILE Q 30 -1.70 64.87 73.33
C ILE Q 30 -1.83 65.24 74.80
N VAL Q 31 -1.28 66.40 75.15
CA VAL Q 31 -1.47 66.98 76.48
C VAL Q 31 -1.65 68.48 76.34
N PRO Q 32 -2.51 69.06 77.17
CA PRO Q 32 -2.57 70.52 77.24
C PRO Q 32 -1.61 71.07 78.28
N LYS Q 33 -0.78 72.02 77.88
CA LYS Q 33 0.25 72.59 78.75
C LYS Q 33 -0.01 74.08 78.92
N ALA Q 34 -0.08 74.53 80.17
CA ALA Q 34 -0.33 75.91 80.49
C ALA Q 34 0.52 76.32 81.69
N ASP Q 35 0.94 77.58 81.71
CA ASP Q 35 1.65 78.13 82.84
C ASP Q 35 0.83 77.94 84.11
N THR Q 36 1.49 77.95 85.28
CA THR Q 36 0.75 78.02 86.53
C THR Q 36 0.16 79.41 86.76
N ALA Q 37 0.75 80.44 86.16
CA ALA Q 37 0.14 81.76 86.12
C ALA Q 37 -1.10 81.78 85.22
N LYS Q 38 -1.21 80.82 84.31
CA LYS Q 38 -2.34 80.73 83.38
C LYS Q 38 -2.38 81.95 82.46
N THR Q 39 -1.25 82.22 81.80
CA THR Q 39 -1.16 83.27 80.80
C THR Q 39 -1.13 82.74 79.37
N THR Q 40 -0.75 81.48 79.18
CA THR Q 40 -0.68 80.90 77.84
C THR Q 40 -1.11 79.44 77.92
N LEU Q 41 -1.54 78.93 76.78
CA LEU Q 41 -1.94 77.53 76.65
C LEU Q 41 -1.46 77.00 75.31
N TYR Q 42 -1.05 75.74 75.31
CA TYR Q 42 -0.67 75.06 74.08
C TYR Q 42 -0.79 73.57 74.31
N PHE Q 43 -0.70 72.82 73.21
CA PHE Q 43 -0.90 71.37 73.23
C PHE Q 43 0.33 70.71 72.66
N GLN Q 44 0.83 69.69 73.36
CA GLN Q 44 1.92 68.86 72.88
C GLN Q 44 1.30 67.61 72.29
N SER Q 45 1.29 67.50 70.97
CA SER Q 45 0.77 66.33 70.28
C SER Q 45 1.92 65.49 69.75
N MET Q 46 1.74 64.18 69.79
CA MET Q 46 2.73 63.24 69.26
C MET Q 46 2.42 62.98 67.80
N SER Q 47 3.24 63.51 66.92
CA SER Q 47 3.10 63.30 65.49
C SER Q 47 3.68 61.94 65.11
N PRO Q 48 3.25 61.37 63.98
CA PRO Q 48 3.89 60.12 63.53
C PRO Q 48 5.38 60.28 63.35
N ALA Q 49 5.82 61.46 62.89
CA ALA Q 49 7.24 61.77 62.75
C ALA Q 49 7.83 62.39 64.01
N GLY Q 50 7.17 62.22 65.16
CA GLY Q 50 7.69 62.74 66.40
C GLY Q 50 6.70 63.50 67.23
N ILE Q 51 7.06 64.72 67.64
CA ILE Q 51 6.29 65.50 68.58
C ILE Q 51 6.17 66.93 68.06
N VAL Q 52 5.15 67.63 68.52
CA VAL Q 52 4.85 68.99 68.08
C VAL Q 52 4.22 69.75 69.24
N ALA Q 53 4.11 71.07 69.06
CA ALA Q 53 3.41 71.92 70.00
C ALA Q 53 2.58 72.92 69.23
N SER Q 54 1.29 72.97 69.53
CA SER Q 54 0.41 73.90 68.85
C SER Q 54 0.79 75.34 69.18
N ASP Q 55 0.27 76.27 68.40
CA ASP Q 55 0.50 77.68 68.67
C ASP Q 55 0.03 78.00 70.09
N LYS Q 56 0.51 79.09 70.65
CA LYS Q 56 0.26 79.42 72.05
C LYS Q 56 -0.95 80.32 72.15
N ILE Q 57 -1.87 79.97 73.05
CA ILE Q 57 -3.13 80.68 73.22
C ILE Q 57 -2.99 81.60 74.42
N ASN Q 58 -2.99 82.91 74.18
CA ASN Q 58 -2.98 83.88 75.25
C ASN Q 58 -4.38 83.95 75.85
N LEU Q 59 -4.52 83.44 77.08
CA LEU Q 59 -5.83 83.21 77.66
C LEU Q 59 -6.63 84.50 77.85
N LYS Q 60 -6.03 85.66 77.65
CA LYS Q 60 -6.77 86.92 77.70
C LYS Q 60 -7.09 87.43 76.30
N HIS Q 61 -6.78 86.65 75.26
CA HIS Q 61 -7.20 86.93 73.90
C HIS Q 61 -8.05 85.77 73.36
N VAL Q 62 -8.83 85.15 74.23
CA VAL Q 62 -9.65 83.99 73.88
C VAL Q 62 -11.06 84.49 73.56
N LEU Q 63 -11.51 84.21 72.34
CA LEU Q 63 -12.83 84.66 71.91
C LEU Q 63 -13.92 83.71 72.36
N TYR Q 64 -13.86 82.46 71.93
CA TYR Q 64 -14.82 81.46 72.39
C TYR Q 64 -14.21 80.06 72.24
N ALA Q 65 -14.41 79.24 73.27
CA ALA Q 65 -13.98 77.86 73.29
C ALA Q 65 -15.19 77.01 73.64
N LYS Q 66 -15.69 76.25 72.67
CA LYS Q 66 -16.85 75.40 72.86
C LYS Q 66 -16.56 73.99 72.37
N ALA Q 67 -17.16 73.02 73.07
CA ALA Q 67 -17.09 71.62 72.69
C ALA Q 67 -18.37 71.23 71.97
N THR Q 68 -18.22 70.46 70.90
CA THR Q 68 -19.32 70.03 70.08
C THR Q 68 -19.44 68.51 70.13
N PRO Q 69 -20.62 67.95 70.34
CA PRO Q 69 -20.77 66.49 70.32
C PRO Q 69 -20.71 65.97 68.88
N SER Q 70 -20.92 64.67 68.75
CA SER Q 70 -20.99 64.03 67.44
C SER Q 70 -22.40 63.99 66.90
N GLU Q 71 -23.40 63.88 67.78
CA GLU Q 71 -24.79 63.92 67.35
C GLU Q 71 -25.10 65.21 66.61
N ALA Q 72 -24.42 66.30 66.97
CA ALA Q 72 -24.65 67.60 66.34
C ALA Q 72 -24.00 67.72 64.98
N LEU Q 73 -23.12 66.78 64.62
CA LEU Q 73 -22.49 66.77 63.31
C LEU Q 73 -22.99 65.65 62.41
N ALA Q 74 -23.61 64.62 62.97
CA ALA Q 74 -24.21 63.56 62.19
C ALA Q 74 -25.42 64.11 61.44
N HIS Q 75 -25.28 64.26 60.13
CA HIS Q 75 -26.39 64.72 59.31
C HIS Q 75 -27.57 63.78 59.46
N LYS Q 76 -28.73 64.35 59.78
CA LYS Q 76 -29.95 63.57 59.99
C LYS Q 76 -30.64 63.41 58.64
N LEU Q 77 -30.90 62.17 58.26
CA LEU Q 77 -31.39 61.86 56.93
C LEU Q 77 -32.88 62.20 56.82
N VAL Q 78 -33.22 63.04 55.85
CA VAL Q 78 -34.59 63.48 55.65
C VAL Q 78 -35.46 62.29 55.24
N ARG Q 79 -36.55 62.08 55.95
CA ARG Q 79 -37.56 61.11 55.58
C ARG Q 79 -38.78 61.82 55.02
N TYR Q 80 -39.49 61.14 54.13
CA TYR Q 80 -40.78 61.57 53.62
C TYR Q 80 -41.76 60.42 53.77
N SER Q 81 -42.78 60.61 54.59
CA SER Q 81 -43.86 59.64 54.69
C SER Q 81 -44.89 59.93 53.61
N VAL Q 82 -45.30 58.87 52.92
CA VAL Q 82 -46.18 58.99 51.76
C VAL Q 82 -47.38 58.07 51.97
N THR Q 83 -48.57 58.59 51.62
CA THR Q 83 -49.81 57.87 51.87
C THR Q 83 -50.82 58.28 50.81
N LEU Q 84 -52.04 57.77 50.97
CA LEU Q 84 -53.18 58.14 50.12
C LEU Q 84 -54.03 59.16 50.86
N ASP Q 85 -54.29 60.29 50.21
CA ASP Q 85 -55.13 61.31 50.82
C ASP Q 85 -56.56 60.82 50.85
N ALA Q 86 -57.09 60.58 52.06
CA ALA Q 86 -58.44 60.08 52.21
C ALA Q 86 -59.49 61.03 51.67
N ASP Q 87 -59.10 62.25 51.29
CA ASP Q 87 -60.07 63.19 50.73
C ASP Q 87 -60.51 62.74 49.34
N VAL Q 88 -59.55 62.44 48.46
CA VAL Q 88 -59.91 61.95 47.14
C VAL Q 88 -60.50 60.54 47.24
N SER Q 89 -59.79 59.65 47.91
CA SER Q 89 -60.27 58.31 48.19
C SER Q 89 -59.31 57.61 49.14
N ALA Q 90 -59.83 56.94 50.16
CA ALA Q 90 -58.97 56.18 51.06
C ALA Q 90 -58.47 54.89 50.43
N THR Q 91 -58.89 54.59 49.20
CA THR Q 91 -58.44 53.40 48.50
C THR Q 91 -58.10 53.75 47.07
N PRO Q 92 -57.38 52.89 46.35
CA PRO Q 92 -57.02 53.21 44.97
C PRO Q 92 -58.22 53.17 44.04
N VAL Q 93 -58.11 53.90 42.95
CA VAL Q 93 -59.10 53.89 41.88
C VAL Q 93 -58.71 52.81 40.88
N ALA Q 94 -59.67 52.00 40.47
CA ALA Q 94 -59.40 50.73 39.81
C ALA Q 94 -59.01 50.87 38.33
N GLY Q 95 -58.81 52.07 37.82
CA GLY Q 95 -58.35 52.20 36.45
C GLY Q 95 -57.41 53.37 36.23
N GLN Q 96 -56.86 53.92 37.30
CA GLN Q 96 -56.04 55.12 37.23
C GLN Q 96 -54.58 54.78 37.47
N ASN Q 97 -53.70 55.42 36.71
CA ASN Q 97 -52.26 55.23 36.85
C ASN Q 97 -51.75 56.14 37.95
N TYR Q 98 -51.31 55.56 39.06
CA TYR Q 98 -50.79 56.31 40.20
C TYR Q 98 -49.29 56.51 40.01
N ILE Q 99 -48.94 57.63 39.38
CA ILE Q 99 -47.54 57.96 39.14
C ILE Q 99 -47.03 58.85 40.26
N LEU Q 100 -45.78 58.59 40.67
CA LEU Q 100 -45.08 59.39 41.67
C LEU Q 100 -43.80 59.93 41.04
N ARG Q 101 -43.49 61.20 41.33
CA ARG Q 101 -42.35 61.88 40.73
C ARG Q 101 -41.48 62.44 41.84
N LEU Q 102 -40.26 61.91 41.96
CA LEU Q 102 -39.27 62.40 42.92
C LEU Q 102 -38.31 63.32 42.19
N ALA Q 103 -38.49 64.62 42.42
CA ALA Q 103 -37.61 65.63 41.82
C ALA Q 103 -36.39 65.81 42.69
N PHE Q 104 -35.21 65.76 42.07
CA PHE Q 104 -33.94 65.82 42.77
C PHE Q 104 -33.20 67.10 42.37
N ARG Q 105 -32.65 67.79 43.36
CA ARG Q 105 -31.78 68.93 43.15
C ARG Q 105 -30.39 68.61 43.66
N GLN Q 106 -29.43 69.36 43.14
CA GLN Q 106 -28.02 69.13 43.44
C GLN Q 106 -27.64 67.70 43.04
N TYR Q 107 -28.14 67.31 41.88
CA TYR Q 107 -27.68 66.14 41.16
C TYR Q 107 -26.42 66.60 40.46
N ILE Q 108 -25.70 65.68 39.82
CA ILE Q 108 -24.24 65.70 39.74
C ILE Q 108 -23.66 67.10 39.92
N GLY Q 109 -24.22 68.08 39.23
CA GLY Q 109 -23.73 69.43 39.36
C GLY Q 109 -23.93 69.97 40.76
N LEU Q 110 -23.45 71.20 40.95
CA LEU Q 110 -23.48 71.83 42.26
C LEU Q 110 -24.77 72.59 42.54
N SER Q 111 -25.51 72.97 41.51
CA SER Q 111 -26.57 73.96 41.63
C SER Q 111 -27.94 73.33 41.86
N GLU Q 112 -28.92 74.20 42.08
CA GLU Q 112 -30.32 73.81 42.11
C GLU Q 112 -30.93 73.72 40.72
N GLU Q 113 -30.30 74.36 39.73
CA GLU Q 113 -30.67 74.18 38.34
C GLU Q 113 -30.19 72.84 37.80
N ASP Q 114 -29.66 71.99 38.67
CA ASP Q 114 -29.28 70.61 38.33
C ASP Q 114 -30.42 69.73 38.84
N GLN Q 115 -31.45 69.62 38.02
CA GLN Q 115 -32.65 68.88 38.38
C GLN Q 115 -32.64 67.50 37.75
N TYR Q 116 -33.40 66.59 38.36
CA TYR Q 116 -33.36 65.19 38.02
C TYR Q 116 -34.57 64.50 38.61
N PHE Q 117 -35.32 63.77 37.79
CA PHE Q 117 -36.60 63.20 38.18
C PHE Q 117 -36.61 61.70 37.94
N LYS Q 118 -37.00 60.95 38.96
CA LYS Q 118 -37.27 59.53 38.86
C LYS Q 118 -38.71 59.29 39.24
N TYR Q 119 -39.29 58.23 38.70
CA TYR Q 119 -40.72 58.00 38.82
C TYR Q 119 -41.00 56.63 39.41
N GLY Q 120 -42.28 56.43 39.75
CA GLY Q 120 -42.81 55.15 40.13
C GLY Q 120 -44.27 55.08 39.77
N GLU Q 121 -44.66 54.04 39.03
CA GLU Q 121 -45.99 53.95 38.46
C GLU Q 121 -46.68 52.68 38.93
N VAL Q 122 -47.96 52.81 39.26
CA VAL Q 122 -48.79 51.66 39.59
C VAL Q 122 -50.19 51.88 39.04
N ILE Q 123 -50.54 51.13 38.00
CA ILE Q 123 -51.93 51.08 37.54
C ILE Q 123 -52.71 50.18 38.48
N ALA Q 124 -53.77 50.70 39.07
CA ALA Q 124 -54.51 50.01 40.11
C ALA Q 124 -55.69 49.25 39.52
N ARG Q 125 -56.13 48.24 40.26
CA ARG Q 125 -57.18 47.34 39.83
C ARG Q 125 -58.33 47.38 40.84
N SER Q 126 -59.30 46.49 40.67
CA SER Q 126 -60.54 46.57 41.42
C SER Q 126 -60.35 46.16 42.88
N GLY Q 127 -59.92 44.92 43.10
CA GLY Q 127 -59.80 44.40 44.45
C GLY Q 127 -58.59 44.90 45.21
N MET Q 128 -57.92 45.91 44.65
CA MET Q 128 -56.70 46.41 45.27
C MET Q 128 -57.00 47.12 46.58
N THR Q 129 -56.14 46.92 47.56
CA THR Q 129 -56.20 47.60 48.84
C THR Q 129 -55.08 48.64 48.92
N ALA Q 130 -55.05 49.37 50.02
CA ALA Q 130 -53.96 50.31 50.25
C ALA Q 130 -52.65 49.58 50.48
N SER Q 131 -52.70 48.47 51.21
CA SER Q 131 -51.50 47.69 51.45
C SER Q 131 -50.87 47.24 50.14
N ASP Q 132 -51.66 46.61 49.28
CA ASP Q 132 -51.13 46.15 48.00
C ASP Q 132 -50.60 47.32 47.17
N PHE Q 133 -51.29 48.46 47.21
CA PHE Q 133 -50.85 49.61 46.44
C PHE Q 133 -49.50 50.11 46.92
N TYR Q 134 -49.34 50.24 48.24
CA TYR Q 134 -48.06 50.69 48.79
C TYR Q 134 -46.95 49.72 48.43
N LYS Q 135 -47.23 48.42 48.53
CA LYS Q 135 -46.25 47.41 48.16
C LYS Q 135 -45.78 47.60 46.72
N LYS Q 136 -46.73 47.67 45.79
CA LYS Q 136 -46.36 47.79 44.37
C LYS Q 136 -45.67 49.12 44.09
N MET Q 137 -46.08 50.19 44.77
CA MET Q 137 -45.40 51.47 44.61
C MET Q 137 -43.94 51.35 45.03
N ALA Q 138 -43.69 50.68 46.16
CA ALA Q 138 -42.32 50.53 46.64
C ALA Q 138 -41.47 49.75 45.65
N ILE Q 139 -42.04 48.69 45.07
CA ILE Q 139 -41.30 47.90 44.08
C ILE Q 139 -40.98 48.76 42.86
N SER Q 140 -41.97 49.51 42.37
CA SER Q 140 -41.74 50.39 41.24
C SER Q 140 -40.68 51.43 41.56
N LEU Q 141 -40.70 51.95 42.79
CA LEU Q 141 -39.74 52.97 43.18
C LEU Q 141 -38.34 52.38 43.31
N ALA Q 142 -38.24 51.19 43.90
CA ALA Q 142 -36.93 50.57 44.10
C ALA Q 142 -36.29 50.20 42.76
N LYS Q 143 -37.06 49.58 41.87
CA LYS Q 143 -36.53 49.19 40.57
C LYS Q 143 -35.96 50.37 39.80
N ASN Q 144 -36.32 51.60 40.17
CA ASN Q 144 -35.82 52.79 39.51
C ASN Q 144 -34.80 53.54 40.35
N LEU Q 145 -34.81 53.35 41.67
CA LEU Q 145 -33.90 54.06 42.57
C LEU Q 145 -32.92 53.11 43.24
N GLU Q 146 -33.40 52.09 43.93
CA GLU Q 146 -32.53 51.11 44.57
C GLU Q 146 -32.14 50.01 43.60
N ASN Q 147 -31.55 50.38 42.46
CA ASN Q 147 -31.06 49.41 41.50
C ASN Q 147 -29.54 49.33 41.58
N LYS Q 148 -28.96 48.50 40.71
CA LYS Q 148 -27.52 48.28 40.68
C LYS Q 148 -26.89 48.79 39.38
N THR Q 149 -27.62 49.62 38.63
CA THR Q 149 -27.06 50.28 37.45
C THR Q 149 -27.10 51.79 37.54
N GLU Q 150 -27.76 52.36 38.54
CA GLU Q 150 -27.75 53.80 38.74
C GLU Q 150 -26.43 54.21 39.37
N SER Q 151 -25.79 55.23 38.81
CA SER Q 151 -24.50 55.68 39.29
C SER Q 151 -24.54 56.18 40.73
N THR Q 152 -25.71 56.59 41.22
CA THR Q 152 -25.80 57.21 42.54
C THR Q 152 -26.86 56.51 43.39
N PRO Q 153 -26.61 56.35 44.70
CA PRO Q 153 -27.64 55.84 45.61
C PRO Q 153 -28.61 56.93 46.02
N LEU Q 154 -29.63 57.18 45.20
CA LEU Q 154 -30.45 58.37 45.35
C LEU Q 154 -31.17 58.38 46.69
N VAL Q 155 -31.98 57.35 46.96
CA VAL Q 155 -32.81 57.29 48.15
C VAL Q 155 -32.73 55.88 48.74
N ASN Q 156 -33.46 55.69 49.84
CA ASN Q 156 -33.66 54.38 50.45
C ASN Q 156 -35.15 54.23 50.72
N ILE Q 157 -35.80 53.33 50.01
CA ILE Q 157 -37.24 53.10 50.15
C ILE Q 157 -37.48 52.10 51.27
N TYR Q 158 -38.56 52.31 52.01
CA TYR Q 158 -38.94 51.44 53.11
C TYR Q 158 -40.44 51.23 53.09
N LEU Q 159 -40.89 50.26 53.88
CA LEU Q 159 -42.30 50.01 54.07
C LEU Q 159 -42.55 49.81 55.56
N ILE Q 160 -43.71 50.28 56.01
CA ILE Q 160 -44.12 50.18 57.40
C ILE Q 160 -45.48 49.50 57.46
N SER Q 161 -45.63 48.59 58.42
CA SER Q 161 -46.89 47.89 58.65
C SER Q 161 -47.50 48.37 59.96
N ALA Q 162 -48.80 48.65 59.93
CA ALA Q 162 -49.48 49.17 61.11
C ALA Q 162 -49.26 48.29 62.34
N ALA Q 163 -49.02 47.00 62.15
CA ALA Q 163 -48.72 46.14 63.29
C ALA Q 163 -47.46 46.58 64.00
N ALA Q 164 -46.42 46.95 63.23
CA ALA Q 164 -45.17 47.49 63.76
C ALA Q 164 -44.88 48.79 63.02
N ALA Q 165 -45.43 49.89 63.53
CA ALA Q 165 -45.19 51.19 62.94
C ALA Q 165 -43.78 51.71 63.21
N SER Q 166 -43.04 51.03 64.09
CA SER Q 166 -41.66 51.41 64.38
C SER Q 166 -40.66 50.73 63.48
N THR Q 167 -40.96 49.52 63.01
CA THR Q 167 -40.05 48.77 62.15
C THR Q 167 -40.29 49.15 60.69
N ASP Q 168 -39.23 49.58 60.02
CA ASP Q 168 -39.24 49.83 58.59
C ASP Q 168 -38.49 48.73 57.89
N VAL Q 169 -39.04 48.24 56.78
CA VAL Q 169 -38.48 47.12 56.03
C VAL Q 169 -38.00 47.67 54.68
N PRO Q 170 -36.80 47.33 54.24
CA PRO Q 170 -36.28 47.90 52.99
C PRO Q 170 -36.90 47.24 51.77
N VAL Q 171 -36.71 47.90 50.63
CA VAL Q 171 -37.18 47.39 49.34
C VAL Q 171 -36.15 47.75 48.28
N THR Q 172 -35.53 46.74 47.70
CA THR Q 172 -34.52 46.93 46.67
C THR Q 172 -35.04 46.42 45.33
N SER Q 173 -34.30 46.74 44.27
CA SER Q 173 -34.65 46.25 42.94
C SER Q 173 -34.77 44.74 42.90
N ALA Q 174 -34.15 44.04 43.85
CA ALA Q 174 -34.24 42.59 43.91
C ALA Q 174 -35.44 42.11 44.71
N THR Q 175 -35.96 42.93 45.61
CA THR Q 175 -37.09 42.52 46.41
C THR Q 175 -38.28 42.15 45.52
N LYS Q 176 -39.02 41.14 45.96
CA LYS Q 176 -40.19 40.66 45.24
C LYS Q 176 -41.37 40.60 46.20
N GLU Q 177 -42.57 40.76 45.63
CA GLU Q 177 -43.77 40.84 46.45
C GLU Q 177 -43.92 39.63 47.38
N SER Q 178 -43.44 38.46 46.96
CA SER Q 178 -43.53 37.29 47.82
C SER Q 178 -42.78 37.49 49.12
N ASP Q 179 -41.75 38.34 49.12
CA ASP Q 179 -41.04 38.68 50.35
C ASP Q 179 -41.81 39.65 51.23
N LEU Q 180 -42.86 40.26 50.70
CA LEU Q 180 -43.67 41.23 51.44
C LEU Q 180 -45.03 40.60 51.67
N THR Q 181 -45.20 39.98 52.84
CA THR Q 181 -46.38 39.19 53.14
C THR Q 181 -47.44 39.94 53.91
N ALA Q 182 -47.05 40.90 54.75
CA ALA Q 182 -48.02 41.60 55.57
C ALA Q 182 -49.09 42.27 54.71
N THR Q 183 -50.33 42.24 55.19
CA THR Q 183 -51.45 42.83 54.49
C THR Q 183 -51.85 44.19 55.05
N ASP Q 184 -51.09 44.71 56.02
CA ASP Q 184 -51.36 46.00 56.64
C ASP Q 184 -50.14 46.89 56.42
N TYR Q 185 -50.12 47.59 55.29
CA TYR Q 185 -49.12 48.60 54.99
C TYR Q 185 -49.82 49.94 54.85
N ASN Q 186 -49.25 50.98 55.47
CA ASN Q 186 -49.94 52.26 55.59
C ASN Q 186 -49.15 53.44 55.05
N GLN Q 187 -47.89 53.27 54.67
CA GLN Q 187 -47.11 54.41 54.19
C GLN Q 187 -45.84 53.89 53.53
N ILE Q 188 -45.14 54.81 52.87
CA ILE Q 188 -43.87 54.54 52.20
C ILE Q 188 -42.90 55.63 52.61
N ILE Q 189 -41.84 55.24 53.29
CA ILE Q 189 -40.79 56.18 53.69
C ILE Q 189 -39.75 56.23 52.59
N ILE Q 190 -39.18 57.42 52.40
CA ILE Q 190 -38.17 57.65 51.38
C ILE Q 190 -37.07 58.53 51.96
N GLU Q 191 -35.95 57.93 52.31
CA GLU Q 191 -34.85 58.65 52.94
C GLU Q 191 -33.86 59.13 51.89
N GLU Q 192 -32.93 59.97 52.34
CA GLU Q 192 -31.73 60.27 51.57
C GLU Q 192 -30.72 59.15 51.77
N THR Q 193 -29.55 59.30 51.15
CA THR Q 193 -28.50 58.29 51.24
C THR Q 193 -27.16 58.96 51.43
N GLU Q 194 -26.30 58.32 52.21
CA GLU Q 194 -24.90 58.74 52.28
C GLU Q 194 -24.26 58.53 50.92
N GLN Q 195 -23.80 59.61 50.31
CA GLN Q 195 -23.19 59.55 49.00
C GLN Q 195 -21.74 59.10 49.11
N PRO Q 196 -21.10 58.78 47.98
CA PRO Q 196 -19.70 58.37 48.04
C PRO Q 196 -18.80 59.48 48.56
N TRP Q 197 -17.82 59.08 49.35
CA TRP Q 197 -16.88 60.01 49.97
C TRP Q 197 -15.46 59.64 49.56
N VAL Q 198 -14.64 60.66 49.34
CA VAL Q 198 -13.25 60.49 48.92
C VAL Q 198 -12.43 61.55 49.63
N LEU Q 199 -11.50 61.11 50.48
CA LEU Q 199 -10.69 62.04 51.27
C LEU Q 199 -10.01 63.07 50.40
N GLY Q 200 -10.38 64.34 50.59
CA GLY Q 200 -9.77 65.44 49.89
C GLY Q 200 -10.21 65.63 48.46
N MET Q 201 -11.09 64.77 47.95
CA MET Q 201 -11.52 64.86 46.56
C MET Q 201 -13.02 65.09 46.47
N MET Q 202 -13.78 64.31 47.25
CA MET Q 202 -15.24 64.28 47.14
C MET Q 202 -15.84 64.55 48.52
N PRO Q 203 -16.20 65.79 48.83
CA PRO Q 203 -16.75 66.09 50.16
C PRO Q 203 -18.11 65.44 50.36
N GLN Q 204 -18.47 65.33 51.63
CA GLN Q 204 -19.74 64.73 52.03
C GLN Q 204 -20.87 65.67 51.60
N ALA Q 205 -21.59 65.27 50.55
CA ALA Q 205 -22.69 66.05 50.00
C ALA Q 205 -23.93 65.17 49.94
N PHE Q 206 -25.06 65.80 49.61
CA PHE Q 206 -26.35 65.11 49.57
C PHE Q 206 -27.14 65.59 48.36
N ILE Q 207 -28.25 64.91 48.11
CA ILE Q 207 -29.16 65.26 47.02
C ILE Q 207 -30.58 65.23 47.58
N PRO Q 208 -31.16 66.37 47.94
CA PRO Q 208 -32.52 66.36 48.50
C PRO Q 208 -33.55 66.31 47.38
N PHE Q 209 -34.79 66.02 47.79
CA PHE Q 209 -35.86 65.80 46.83
C PHE Q 209 -37.20 66.13 47.45
N THR Q 210 -38.20 66.29 46.60
CA THR Q 210 -39.58 66.47 46.99
C THR Q 210 -40.42 65.45 46.25
N PRO Q 211 -41.18 64.61 46.95
CA PRO Q 211 -42.13 63.74 46.25
C PRO Q 211 -43.31 64.51 45.71
N GLN Q 212 -43.33 64.72 44.40
CA GLN Q 212 -44.40 65.48 43.74
C GLN Q 212 -45.33 64.50 43.05
N PHE Q 213 -46.58 64.45 43.50
CA PHE Q 213 -47.55 63.52 42.97
C PHE Q 213 -48.17 64.04 41.68
N LEU Q 214 -48.73 63.12 40.91
CA LEU Q 214 -49.48 63.46 39.70
C LEU Q 214 -50.97 63.23 39.94
N THR Q 215 -51.78 63.80 39.05
CA THR Q 215 -53.21 63.81 39.23
C THR Q 215 -53.85 62.51 38.76
N ILE Q 216 -54.98 62.17 39.39
CA ILE Q 216 -55.84 61.09 38.94
C ILE Q 216 -57.24 61.65 38.77
N THR Q 217 -58.03 60.95 37.95
CA THR Q 217 -59.43 61.29 37.74
C THR Q 217 -60.27 60.38 38.63
N VAL Q 218 -60.84 60.95 39.69
CA VAL Q 218 -61.59 60.21 40.68
C VAL Q 218 -63.09 60.28 40.42
N ASP Q 219 -63.61 61.49 40.19
CA ASP Q 219 -65.01 61.72 39.89
C ASP Q 219 -65.14 62.67 38.71
N GLY Q 220 -64.34 62.42 37.67
CA GLY Q 220 -64.31 63.30 36.52
C GLY Q 220 -63.55 64.59 36.76
N GLU Q 221 -62.66 64.62 37.75
CA GLU Q 221 -61.95 65.82 38.14
C GLU Q 221 -60.51 65.47 38.47
N ASP Q 222 -59.59 66.32 38.05
CA ASP Q 222 -58.18 66.12 38.33
C ASP Q 222 -57.89 66.39 39.80
N ARG Q 223 -57.43 65.37 40.52
CA ARG Q 223 -57.12 65.50 41.94
C ARG Q 223 -55.88 64.68 42.27
N LEU Q 224 -55.04 65.23 43.15
CA LEU Q 224 -53.83 64.52 43.58
C LEU Q 224 -54.20 63.31 44.43
N TRP Q 225 -53.41 62.24 44.29
CA TRP Q 225 -53.72 60.97 44.91
C TRP Q 225 -53.00 60.73 46.23
N GLY Q 226 -52.13 61.64 46.67
CA GLY Q 226 -51.40 61.38 47.89
C GLY Q 226 -50.82 62.65 48.49
N VAL Q 227 -50.17 62.46 49.64
CA VAL Q 227 -49.53 63.54 50.39
C VAL Q 227 -48.19 63.05 50.89
N ALA Q 228 -47.21 63.95 50.88
CA ALA Q 228 -45.83 63.64 51.28
C ALA Q 228 -45.54 64.38 52.58
N THR Q 229 -45.77 63.69 53.70
CA THR Q 229 -45.56 64.27 55.02
C THR Q 229 -44.15 63.95 55.51
N VAL Q 230 -43.42 64.99 55.91
CA VAL Q 230 -42.11 64.78 56.52
C VAL Q 230 -42.29 64.25 57.93
N VAL Q 231 -41.44 63.31 58.31
CA VAL Q 231 -41.49 62.72 59.65
C VAL Q 231 -40.14 62.92 60.33
N THR Q 232 -40.05 62.52 61.59
CA THR Q 232 -38.82 62.70 62.33
C THR Q 232 -37.73 61.78 61.76
N PRO Q 233 -36.55 62.30 61.42
CA PRO Q 233 -35.49 61.43 60.91
C PRO Q 233 -35.15 60.32 61.88
N THR Q 234 -34.65 59.22 61.33
CA THR Q 234 -34.35 58.03 62.11
C THR Q 234 -32.90 57.60 61.91
N LYS Q 235 -32.37 57.78 60.70
CA LYS Q 235 -31.01 57.42 60.36
C LYS Q 235 -30.15 58.68 60.26
N THR Q 236 -28.85 58.49 60.45
CA THR Q 236 -27.89 59.58 60.47
C THR Q 236 -26.66 59.21 59.65
N VAL Q 237 -25.85 60.23 59.38
CA VAL Q 237 -24.61 60.08 58.65
C VAL Q 237 -23.47 60.49 59.58
N PRO Q 238 -22.72 59.54 60.14
CA PRO Q 238 -21.71 59.89 61.13
C PRO Q 238 -20.66 60.85 60.59
N ASP Q 239 -19.96 61.49 61.52
CA ASP Q 239 -19.07 62.60 61.21
C ASP Q 239 -17.65 62.17 60.83
N GLY Q 240 -17.35 60.87 60.85
CA GLY Q 240 -16.01 60.43 60.54
C GLY Q 240 -15.48 61.02 59.25
N HIS Q 241 -16.34 61.14 58.24
CA HIS Q 241 -15.91 61.64 56.95
C HIS Q 241 -15.69 63.14 56.98
N LEU Q 242 -16.43 63.85 57.83
CA LEU Q 242 -16.24 65.29 57.96
C LEU Q 242 -14.92 65.60 58.66
N ILE Q 243 -14.63 64.89 59.75
CA ILE Q 243 -13.42 65.14 60.50
C ILE Q 243 -12.19 64.82 59.68
N ALA Q 244 -12.28 63.80 58.82
CA ALA Q 244 -11.13 63.40 58.02
C ALA Q 244 -10.85 64.42 56.91
N ASP Q 245 -11.89 65.01 56.34
CA ASP Q 245 -11.70 66.07 55.35
C ASP Q 245 -11.24 67.36 56.03
N LEU Q 246 -11.64 67.57 57.29
CA LEU Q 246 -11.13 68.70 58.04
C LEU Q 246 -9.65 68.53 58.37
N GLU Q 247 -9.26 67.34 58.80
CA GLU Q 247 -7.86 67.05 59.05
C GLU Q 247 -7.04 67.16 57.76
N TYR Q 248 -7.56 66.59 56.68
CA TYR Q 248 -6.88 66.68 55.39
C TYR Q 248 -6.64 68.12 54.98
N PHE Q 249 -7.55 69.03 55.35
CA PHE Q 249 -7.38 70.42 55.00
C PHE Q 249 -6.49 71.14 56.02
N CYS Q 250 -6.76 70.91 57.30
CA CYS Q 250 -6.03 71.60 58.36
C CYS Q 250 -4.60 71.11 58.50
N MET Q 251 -4.25 69.98 57.87
CA MET Q 251 -2.86 69.54 57.76
C MET Q 251 -2.25 69.93 56.43
N GLY Q 252 -2.71 71.05 55.88
CA GLY Q 252 -2.10 71.65 54.70
C GLY Q 252 -1.68 73.06 55.01
N ALA Q 253 -1.94 73.48 56.25
CA ALA Q 253 -1.48 74.76 56.77
C ALA Q 253 -0.16 74.61 57.52
N ARG Q 254 -0.10 73.64 58.44
CA ARG Q 254 1.14 73.27 59.11
C ARG Q 254 1.77 72.07 58.41
N GLY Q 255 1.93 72.16 57.10
CA GLY Q 255 2.39 71.01 56.36
C GLY Q 255 2.33 71.25 54.86
N ASP Q 256 2.27 70.13 54.14
CA ASP Q 256 2.39 70.14 52.69
C ASP Q 256 1.05 70.45 52.03
N ILE Q 257 1.07 71.39 51.10
CA ILE Q 257 -0.11 71.66 50.28
C ILE Q 257 -0.06 70.88 48.97
N TYR Q 258 1.14 70.58 48.45
CA TYR Q 258 1.27 69.73 47.28
C TYR Q 258 1.05 68.27 47.70
N ARG Q 259 -0.18 67.99 48.11
CA ARG Q 259 -0.47 66.69 48.70
C ARG Q 259 -0.10 65.56 47.76
N GLY Q 260 -0.37 65.72 46.46
CA GLY Q 260 -0.02 64.73 45.48
C GLY Q 260 0.43 65.33 44.16
N MET Q 261 0.55 66.65 44.12
CA MET Q 261 0.81 67.36 42.87
C MET Q 261 2.24 67.11 42.44
N GLY Q 262 2.40 66.15 41.54
CA GLY Q 262 3.70 65.65 41.13
C GLY Q 262 3.93 64.40 41.93
N TYR Q 263 3.60 63.24 41.38
CA TYR Q 263 3.27 62.11 42.24
C TYR Q 263 4.47 61.46 42.89
N PRO Q 264 5.49 61.05 42.12
CA PRO Q 264 6.65 60.44 42.78
C PRO Q 264 7.39 61.41 43.67
N ASN Q 265 7.38 62.69 43.32
CA ASN Q 265 8.10 63.71 44.07
C ASN Q 265 7.15 64.48 44.98
N ILE Q 266 6.66 63.77 46.00
CA ILE Q 266 5.72 64.35 46.95
C ILE Q 266 6.26 64.26 48.37
N ILE Q 267 5.48 64.77 49.32
CA ILE Q 267 5.67 64.50 50.74
C ILE Q 267 4.37 63.89 51.24
N LYS Q 268 4.44 62.63 51.65
CA LYS Q 268 3.25 61.89 52.06
C LYS Q 268 2.90 62.25 53.49
N THR Q 269 1.78 62.93 53.68
CA THR Q 269 1.28 63.23 55.01
C THR Q 269 0.53 62.02 55.56
N THR Q 270 0.72 61.77 56.85
CA THR Q 270 0.14 60.60 57.51
C THR Q 270 -1.00 61.09 58.39
N TYR Q 271 -2.22 61.08 57.83
CA TYR Q 271 -3.39 61.50 58.58
C TYR Q 271 -3.76 60.45 59.62
N LEU Q 272 -4.36 60.92 60.71
CA LEU Q 272 -4.47 60.13 61.93
C LEU Q 272 -5.87 59.72 62.30
N VAL Q 273 -6.90 60.20 61.60
CA VAL Q 273 -8.28 59.92 61.97
C VAL Q 273 -8.79 58.75 61.16
N ASP Q 274 -9.74 58.02 61.74
CA ASP Q 274 -10.39 56.91 61.07
C ASP Q 274 -11.75 57.35 60.55
N PRO Q 275 -11.95 57.46 59.24
CA PRO Q 275 -13.26 57.90 58.73
C PRO Q 275 -14.41 57.03 59.17
N GLY Q 276 -14.16 55.89 59.81
CA GLY Q 276 -15.21 55.04 60.33
C GLY Q 276 -15.46 55.19 61.81
N ALA Q 277 -14.93 56.23 62.43
CA ALA Q 277 -15.15 56.52 63.84
C ALA Q 277 -15.92 57.83 63.99
N VAL Q 278 -16.61 57.97 65.11
CA VAL Q 278 -17.37 59.16 65.43
C VAL Q 278 -16.58 59.99 66.42
N TYR Q 279 -16.25 61.21 66.04
CA TYR Q 279 -15.45 62.10 66.86
C TYR Q 279 -16.31 63.17 67.51
N ASP Q 280 -15.84 63.67 68.65
CA ASP Q 280 -16.45 64.78 69.35
C ASP Q 280 -15.43 65.91 69.44
N VAL Q 281 -15.87 67.12 69.14
CA VAL Q 281 -14.97 68.20 68.73
C VAL Q 281 -14.86 69.25 69.82
N LEU Q 282 -13.78 70.02 69.74
CA LEU Q 282 -13.54 71.17 70.61
C LEU Q 282 -12.83 72.23 69.80
N ASP Q 283 -13.45 73.39 69.65
CA ASP Q 283 -12.93 74.49 68.85
C ASP Q 283 -12.66 75.67 69.76
N ILE Q 284 -11.42 76.11 69.81
CA ILE Q 284 -11.01 77.26 70.60
C ILE Q 284 -10.66 78.38 69.63
N HIS Q 285 -11.40 79.47 69.70
CA HIS Q 285 -11.15 80.64 68.86
C HIS Q 285 -10.47 81.71 69.69
N TYR Q 286 -9.41 82.28 69.13
CA TYR Q 286 -8.58 83.26 69.82
C TYR Q 286 -7.81 84.03 68.76
N PHE Q 287 -7.10 85.07 69.19
CA PHE Q 287 -6.45 85.97 68.27
C PHE Q 287 -5.11 86.41 68.83
N TYR Q 288 -4.40 87.22 68.06
CA TYR Q 288 -3.12 87.79 68.45
C TYR Q 288 -3.13 89.28 68.16
N THR Q 289 -2.97 90.08 69.20
CA THR Q 289 -2.82 91.52 69.06
C THR Q 289 -1.40 91.91 69.38
N GLY Q 290 -0.83 92.78 68.57
CA GLY Q 290 0.53 93.22 68.75
C GLY Q 290 0.61 94.41 69.68
N SER Q 291 1.66 95.19 69.46
CA SER Q 291 2.01 96.33 70.28
C SER Q 291 1.47 97.62 69.68
N ASN Q 292 1.96 98.73 70.23
CA ASN Q 292 1.35 100.07 70.19
C ASN Q 292 0.60 100.29 68.87
N GLU Q 293 1.26 100.30 67.72
CA GLU Q 293 0.53 100.54 66.48
C GLU Q 293 -0.18 99.28 65.98
N SER Q 294 0.41 98.12 66.22
CA SER Q 294 -0.12 96.85 65.73
C SER Q 294 -1.19 96.38 66.71
N VAL Q 295 -2.38 96.97 66.56
CA VAL Q 295 -3.53 96.63 67.39
C VAL Q 295 -4.48 95.69 66.67
N GLN Q 296 -4.42 95.61 65.35
CA GLN Q 296 -5.26 94.69 64.59
C GLN Q 296 -5.16 93.27 65.12
N LYS Q 297 -6.29 92.57 65.10
CA LYS Q 297 -6.38 91.21 65.63
C LYS Q 297 -6.15 90.21 64.51
N SER Q 298 -5.17 89.32 64.69
CA SER Q 298 -5.03 88.14 63.85
C SER Q 298 -5.78 87.00 64.51
N GLU Q 299 -7.01 86.76 64.06
CA GLU Q 299 -7.85 85.76 64.67
C GLU Q 299 -7.43 84.36 64.24
N LYS Q 300 -7.56 83.41 65.15
CA LYS Q 300 -7.12 82.05 64.93
C LYS Q 300 -8.10 81.09 65.57
N THR Q 301 -8.04 79.84 65.13
CA THR Q 301 -8.80 78.76 65.73
C THR Q 301 -8.04 77.47 65.55
N ILE Q 302 -8.20 76.58 66.52
CA ILE Q 302 -7.62 75.24 66.45
C ILE Q 302 -8.67 74.26 66.94
N THR Q 303 -8.74 73.10 66.29
CA THR Q 303 -9.75 72.11 66.57
C THR Q 303 -9.09 70.87 67.16
N LEU Q 304 -9.73 70.29 68.17
CA LEU Q 304 -9.31 69.01 68.74
C LEU Q 304 -10.43 68.01 68.56
N VAL Q 305 -10.13 66.91 67.89
CA VAL Q 305 -11.11 65.89 67.56
C VAL Q 305 -10.71 64.61 68.26
N ALA Q 306 -11.44 64.26 69.31
CA ALA Q 306 -11.28 63.00 70.01
C ALA Q 306 -12.37 62.04 69.58
N VAL Q 307 -12.29 60.82 70.08
CA VAL Q 307 -13.21 59.77 69.69
C VAL Q 307 -14.33 59.68 70.72
N ASP Q 308 -15.50 59.23 70.25
CA ASP Q 308 -16.68 59.08 71.08
C ASP Q 308 -17.02 57.61 71.24
N ASP Q 309 -17.66 57.28 72.37
CA ASP Q 309 -18.03 55.92 72.71
C ASP Q 309 -19.45 55.88 73.25
N GLY Q 310 -20.37 56.57 72.57
CA GLY Q 310 -21.71 56.73 73.09
C GLY Q 310 -21.74 57.83 74.11
N SER Q 311 -21.23 57.56 75.30
CA SER Q 311 -20.91 58.63 76.23
C SER Q 311 -19.78 59.48 75.67
N HIS Q 312 -19.71 60.73 76.11
CA HIS Q 312 -18.76 61.68 75.56
C HIS Q 312 -17.42 61.66 76.27
N THR Q 313 -17.05 60.52 76.86
CA THR Q 313 -15.72 60.33 77.42
C THR Q 313 -14.68 60.58 76.34
N ALA Q 314 -13.43 60.81 76.74
CA ALA Q 314 -12.30 61.16 75.90
C ALA Q 314 -12.32 62.63 75.52
N MET Q 315 -13.38 63.36 75.85
CA MET Q 315 -13.40 64.82 75.74
C MET Q 315 -13.71 65.51 77.05
N ASN Q 316 -14.56 64.92 77.89
CA ASN Q 316 -14.77 65.45 79.22
C ASN Q 316 -13.48 65.42 80.03
N ALA Q 317 -12.64 64.40 79.79
CA ALA Q 317 -11.32 64.37 80.40
C ALA Q 317 -10.41 65.42 79.76
N LEU Q 318 -10.38 65.47 78.43
CA LEU Q 318 -9.64 66.51 77.74
C LEU Q 318 -10.10 67.89 78.20
N ILE Q 319 -11.40 68.08 78.33
CA ILE Q 319 -11.94 69.36 78.78
C ILE Q 319 -11.48 69.65 80.19
N GLY Q 320 -11.61 68.68 81.09
CA GLY Q 320 -11.16 68.89 82.46
C GLY Q 320 -9.69 69.27 82.53
N ALA Q 321 -8.87 68.68 81.66
CA ALA Q 321 -7.45 69.00 81.64
C ALA Q 321 -7.22 70.44 81.22
N ILE Q 322 -7.84 70.86 80.12
CA ILE Q 322 -7.70 72.25 79.65
C ILE Q 322 -8.24 73.22 80.70
N ASN Q 323 -9.31 72.82 81.40
CA ASN Q 323 -9.91 73.72 82.37
C ASN Q 323 -9.01 73.94 83.56
N THR Q 324 -8.40 72.87 84.07
CA THR Q 324 -7.50 73.01 85.21
C THR Q 324 -6.18 73.65 84.81
N ALA Q 325 -5.79 73.52 83.55
CA ALA Q 325 -4.52 74.08 83.09
C ALA Q 325 -4.64 75.58 82.82
N SER Q 326 -5.69 75.99 82.10
CA SER Q 326 -5.86 77.36 81.68
C SER Q 326 -6.88 78.13 82.49
N GLY Q 327 -7.57 77.46 83.42
CA GLY Q 327 -8.63 78.09 84.19
C GLY Q 327 -9.90 78.33 83.42
N LEU Q 328 -9.90 78.16 82.10
CA LEU Q 328 -11.11 78.32 81.31
C LEU Q 328 -12.21 77.40 81.84
N THR Q 329 -13.45 77.82 81.64
CA THR Q 329 -14.62 77.07 82.09
C THR Q 329 -15.38 76.63 80.85
N ILE Q 330 -15.00 75.47 80.32
CA ILE Q 330 -15.60 74.91 79.13
C ILE Q 330 -16.65 73.90 79.56
N ALA Q 331 -17.75 73.83 78.80
CA ALA Q 331 -18.87 72.96 79.14
C ALA Q 331 -18.63 71.56 78.61
N THR Q 332 -19.00 70.57 79.42
CA THR Q 332 -18.82 69.18 79.05
C THR Q 332 -19.98 68.71 78.17
N LEU Q 333 -19.71 67.64 77.42
CA LEU Q 333 -20.71 67.08 76.51
C LEU Q 333 -21.37 65.85 77.14
N MET R 1 -26.30 14.92 11.29
CA MET R 1 -25.92 15.52 12.60
C MET R 1 -24.43 15.75 12.66
N VAL R 2 -23.94 16.71 11.87
CA VAL R 2 -22.52 17.07 11.90
C VAL R 2 -22.20 17.59 13.28
N ILE R 3 -21.23 16.96 13.93
CA ILE R 3 -20.77 17.39 15.24
C ILE R 3 -19.39 17.99 15.09
N SER R 4 -18.94 18.70 16.13
CA SER R 4 -17.60 19.27 16.16
C SER R 4 -16.62 18.26 16.74
N ILE R 5 -15.42 18.24 16.18
CA ILE R 5 -14.41 17.24 16.51
C ILE R 5 -13.18 17.93 17.07
N ASN R 6 -12.59 17.32 18.11
CA ASN R 6 -11.28 17.73 18.60
C ASN R 6 -10.26 16.90 17.85
N GLN R 7 -10.07 17.27 16.59
CA GLN R 7 -9.15 16.67 15.62
C GLN R 7 -9.58 15.31 15.11
N VAL R 8 -10.57 14.68 15.77
CA VAL R 8 -11.22 13.48 15.26
C VAL R 8 -12.04 12.88 16.40
N ARG R 9 -13.12 12.19 16.05
CA ARG R 9 -13.84 11.35 17.00
C ARG R 9 -14.20 10.04 16.34
N GLN R 10 -13.98 8.94 17.08
CA GLN R 10 -14.26 7.60 16.61
C GLN R 10 -15.29 6.94 17.52
N LEU R 11 -16.04 6.00 16.95
CA LEU R 11 -17.09 5.32 17.70
C LEU R 11 -17.04 3.84 17.39
N TYR R 12 -17.13 3.02 18.44
CA TYR R 12 -17.10 1.58 18.33
C TYR R 12 -18.24 1.03 19.17
N VAL R 13 -19.15 0.29 18.54
CA VAL R 13 -20.31 -0.25 19.22
C VAL R 13 -19.93 -1.50 20.00
N ALA R 14 -20.65 -1.75 21.09
CA ALA R 14 -20.40 -2.88 21.97
C ALA R 14 -21.72 -3.61 22.20
N LYS R 15 -22.05 -4.54 21.30
CA LYS R 15 -23.22 -5.37 21.46
C LYS R 15 -22.96 -6.59 22.33
N ALA R 16 -21.70 -6.97 22.51
CA ALA R 16 -21.34 -8.06 23.39
C ALA R 16 -19.93 -7.83 23.89
N LEU R 17 -19.65 -8.30 25.11
CA LEU R 17 -18.35 -8.17 25.74
C LEU R 17 -17.69 -9.53 25.82
N LYS R 18 -16.48 -9.62 25.32
CA LYS R 18 -15.72 -10.85 25.27
C LYS R 18 -14.43 -10.72 26.08
N ALA R 19 -13.80 -11.86 26.33
CA ALA R 19 -12.58 -11.90 27.12
C ALA R 19 -11.32 -11.97 26.29
N ASN R 20 -11.40 -12.46 25.06
CA ASN R 20 -10.23 -12.70 24.22
C ASN R 20 -10.52 -12.25 22.80
N THR R 21 -9.47 -12.25 21.98
CA THR R 21 -9.61 -11.99 20.56
C THR R 21 -10.16 -13.19 19.81
N ALA R 22 -10.14 -14.37 20.41
CA ALA R 22 -10.63 -15.59 19.78
C ALA R 22 -12.12 -15.79 19.97
N ALA R 23 -12.78 -14.98 20.79
CA ALA R 23 -14.21 -15.07 21.00
C ALA R 23 -15.00 -14.10 20.13
N LEU R 24 -14.33 -13.23 19.40
CA LEU R 24 -14.99 -12.27 18.51
C LEU R 24 -15.53 -13.00 17.30
N THR R 25 -16.81 -13.39 17.36
CA THR R 25 -17.47 -14.06 16.25
C THR R 25 -18.57 -13.20 15.63
N THR R 26 -19.52 -12.74 16.43
CA THR R 26 -20.58 -11.88 15.94
C THR R 26 -20.11 -10.43 15.91
N ALA R 27 -20.64 -9.68 14.95
CA ALA R 27 -20.30 -8.27 14.84
C ALA R 27 -20.81 -7.50 16.05
N GLY R 28 -20.21 -6.33 16.27
CA GLY R 28 -20.53 -5.54 17.44
C GLY R 28 -19.77 -5.97 18.68
N ASP R 29 -19.47 -7.26 18.78
CA ASP R 29 -18.65 -7.77 19.86
C ASP R 29 -17.38 -6.94 19.99
N ILE R 30 -16.93 -6.75 21.24
CA ILE R 30 -15.78 -5.91 21.50
C ILE R 30 -15.06 -6.44 22.73
N VAL R 31 -13.75 -6.17 22.79
CA VAL R 31 -12.95 -6.54 23.95
C VAL R 31 -11.87 -5.48 24.15
N PRO R 32 -11.58 -5.07 25.38
CA PRO R 32 -10.44 -4.17 25.61
C PRO R 32 -9.14 -4.93 25.85
N LYS R 33 -8.09 -4.45 25.20
CA LYS R 33 -6.78 -5.08 25.26
C LYS R 33 -5.76 -4.09 25.82
N ALA R 34 -4.95 -4.56 26.76
CA ALA R 34 -3.90 -3.73 27.34
C ALA R 34 -2.80 -4.63 27.89
N ASP R 35 -1.56 -4.29 27.58
CA ASP R 35 -0.43 -5.03 28.11
C ASP R 35 -0.46 -5.03 29.63
N THR R 36 0.20 -6.04 30.22
CA THR R 36 0.23 -6.16 31.66
C THR R 36 0.86 -4.96 32.33
N ALA R 37 1.73 -4.24 31.62
CA ALA R 37 2.33 -3.02 32.16
C ALA R 37 1.38 -1.83 32.14
N LYS R 38 0.26 -1.93 31.43
CA LYS R 38 -0.74 -0.87 31.40
C LYS R 38 -0.16 0.41 30.81
N THR R 39 0.57 0.26 29.69
CA THR R 39 1.14 1.40 29.00
C THR R 39 0.36 1.76 27.74
N THR R 40 -0.43 0.83 27.20
CA THR R 40 -1.24 1.09 26.03
C THR R 40 -2.60 0.43 26.20
N LEU R 41 -3.59 0.96 25.50
CA LEU R 41 -4.94 0.43 25.54
C LEU R 41 -5.55 0.55 24.14
N TYR R 42 -6.19 -0.51 23.69
CA TYR R 42 -6.86 -0.52 22.41
C TYR R 42 -7.99 -1.53 22.45
N PHE R 43 -8.96 -1.34 21.56
CA PHE R 43 -10.15 -2.17 21.52
C PHE R 43 -10.17 -2.99 20.24
N GLN R 44 -10.61 -4.24 20.37
CA GLN R 44 -10.77 -5.14 19.24
C GLN R 44 -12.26 -5.38 19.07
N SER R 45 -12.86 -4.72 18.08
CA SER R 45 -14.28 -4.87 17.78
C SER R 45 -14.43 -5.74 16.55
N MET R 46 -15.47 -6.57 16.55
CA MET R 46 -15.80 -7.38 15.39
C MET R 46 -16.66 -6.54 14.45
N SER R 47 -16.06 -6.10 13.35
CA SER R 47 -16.81 -5.38 12.34
C SER R 47 -17.62 -6.35 11.50
N PRO R 48 -18.67 -5.87 10.84
CA PRO R 48 -19.40 -6.75 9.90
C PRO R 48 -18.50 -7.44 8.91
N ALA R 49 -17.35 -6.84 8.57
CA ALA R 49 -16.43 -7.37 7.57
C ALA R 49 -15.19 -8.00 8.18
N GLY R 50 -15.21 -8.31 9.47
CA GLY R 50 -14.10 -8.96 10.13
C GLY R 50 -13.58 -8.16 11.31
N ILE R 51 -12.64 -8.79 12.02
CA ILE R 51 -12.05 -8.17 13.19
C ILE R 51 -11.41 -6.84 12.80
N VAL R 52 -11.39 -5.91 13.75
CA VAL R 52 -10.75 -4.61 13.55
C VAL R 52 -10.31 -4.11 14.92
N ALA R 53 -9.35 -3.19 14.94
CA ALA R 53 -8.78 -2.70 16.18
C ALA R 53 -8.82 -1.19 16.21
N SER R 54 -9.10 -0.64 17.40
CA SER R 54 -9.10 0.80 17.60
C SER R 54 -7.67 1.34 17.56
N ASP R 55 -7.57 2.66 17.53
CA ASP R 55 -6.28 3.30 17.74
C ASP R 55 -5.75 2.95 19.13
N LYS R 56 -4.49 3.26 19.36
CA LYS R 56 -3.82 2.92 20.61
C LYS R 56 -3.84 4.12 21.55
N ILE R 57 -4.20 3.85 22.81
CA ILE R 57 -4.35 4.88 23.83
C ILE R 57 -3.14 4.81 24.75
N ASN R 58 -2.25 5.79 24.63
CA ASN R 58 -1.15 5.93 25.57
C ASN R 58 -1.72 6.27 26.94
N LEU R 59 -1.70 5.29 27.85
CA LEU R 59 -2.48 5.39 29.07
C LEU R 59 -2.03 6.52 29.98
N LYS R 60 -0.84 7.08 29.76
CA LYS R 60 -0.41 8.25 30.50
C LYS R 60 -0.68 9.54 29.73
N HIS R 61 -1.43 9.46 28.64
CA HIS R 61 -1.89 10.64 27.89
C HIS R 61 -3.41 10.74 27.92
N VAL R 62 -4.06 10.14 28.90
CA VAL R 62 -5.51 10.17 28.99
C VAL R 62 -5.94 11.48 29.63
N LEU R 63 -6.81 12.23 28.95
CA LEU R 63 -7.25 13.53 29.43
C LEU R 63 -8.49 13.40 30.29
N TYR R 64 -9.57 12.86 29.73
CA TYR R 64 -10.74 12.49 30.51
C TYR R 64 -11.37 11.23 29.95
N ALA R 65 -11.89 10.41 30.83
CA ALA R 65 -12.59 9.18 30.46
C ALA R 65 -13.81 9.06 31.35
N LYS R 66 -14.99 9.36 30.78
CA LYS R 66 -16.22 9.41 31.54
C LYS R 66 -17.33 8.74 30.76
N ALA R 67 -18.26 8.15 31.49
CA ALA R 67 -19.43 7.49 30.90
C ALA R 67 -20.66 8.37 31.04
N THR R 68 -21.69 8.03 30.26
CA THR R 68 -22.93 8.79 30.25
C THR R 68 -24.09 7.80 30.16
N PRO R 69 -25.12 7.94 31.00
CA PRO R 69 -26.25 7.03 30.95
C PRO R 69 -27.29 7.49 29.94
N SER R 70 -28.23 6.58 29.66
CA SER R 70 -29.29 6.88 28.70
C SER R 70 -30.14 8.06 29.17
N GLU R 71 -30.44 8.13 30.47
CA GLU R 71 -31.34 9.15 30.98
C GLU R 71 -30.74 10.55 30.96
N ALA R 72 -29.47 10.69 30.63
CA ALA R 72 -28.82 12.00 30.55
C ALA R 72 -28.67 12.49 29.12
N LEU R 73 -29.30 11.80 28.16
CA LEU R 73 -29.28 12.19 26.77
C LEU R 73 -30.68 12.25 26.16
N ALA R 74 -31.71 11.89 26.93
CA ALA R 74 -33.08 11.94 26.47
C ALA R 74 -33.62 13.35 26.66
N HIS R 75 -33.90 14.03 25.55
CA HIS R 75 -34.48 15.36 25.62
C HIS R 75 -35.83 15.30 26.32
N LYS R 76 -35.96 16.06 27.41
CA LYS R 76 -37.22 16.12 28.14
C LYS R 76 -38.16 17.06 27.42
N LEU R 77 -39.34 16.55 27.05
CA LEU R 77 -40.33 17.37 26.37
C LEU R 77 -40.89 18.39 27.36
N VAL R 78 -40.62 19.67 27.11
CA VAL R 78 -41.03 20.73 28.02
C VAL R 78 -42.52 20.99 27.82
N ARG R 79 -43.19 21.37 28.91
CA ARG R 79 -44.63 21.55 28.86
C ARG R 79 -45.07 22.63 29.83
N TYR R 80 -45.83 23.59 29.31
CA TYR R 80 -46.40 24.66 30.10
C TYR R 80 -47.70 24.22 30.75
N SER R 81 -48.29 25.12 31.53
CA SER R 81 -49.61 24.93 32.11
C SER R 81 -50.36 26.24 31.99
N VAL R 82 -51.50 26.22 31.32
CA VAL R 82 -52.29 27.42 31.04
C VAL R 82 -53.52 27.40 31.94
N THR R 83 -53.86 28.55 32.51
CA THR R 83 -54.92 28.66 33.48
C THR R 83 -55.54 30.04 33.38
N LEU R 84 -56.51 30.30 34.25
CA LEU R 84 -57.12 31.61 34.40
C LEU R 84 -56.51 32.29 35.61
N ASP R 85 -55.89 33.45 35.40
CA ASP R 85 -55.30 34.19 36.51
C ASP R 85 -56.42 34.73 37.40
N ALA R 86 -56.49 34.23 38.63
CA ALA R 86 -57.59 34.59 39.51
C ALA R 86 -57.66 36.08 39.82
N ASP R 87 -56.60 36.84 39.51
CA ASP R 87 -56.66 38.28 39.73
C ASP R 87 -57.65 38.94 38.79
N VAL R 88 -57.49 38.72 37.48
CA VAL R 88 -58.46 39.22 36.50
C VAL R 88 -59.84 38.64 36.83
N SER R 89 -59.93 37.31 36.80
CA SER R 89 -61.14 36.61 37.21
C SER R 89 -60.84 35.12 37.22
N ALA R 90 -61.46 34.41 38.15
CA ALA R 90 -61.32 32.97 38.24
C ALA R 90 -62.41 32.24 37.46
N THR R 91 -63.26 32.97 36.74
CA THR R 91 -64.29 32.40 35.89
C THR R 91 -64.32 33.18 34.58
N PRO R 92 -64.69 32.52 33.48
CA PRO R 92 -64.80 33.24 32.21
C PRO R 92 -65.82 34.36 32.29
N VAL R 93 -65.49 35.50 31.70
CA VAL R 93 -66.37 36.65 31.66
C VAL R 93 -67.16 36.62 30.36
N ALA R 94 -68.49 36.60 30.48
CA ALA R 94 -69.34 36.41 29.32
C ALA R 94 -69.07 37.46 28.25
N GLY R 95 -69.12 37.03 27.00
CA GLY R 95 -69.04 37.92 25.86
C GLY R 95 -67.65 38.26 25.38
N GLN R 96 -66.61 37.71 25.99
CA GLN R 96 -65.24 38.07 25.68
C GLN R 96 -64.56 36.97 24.88
N ASN R 97 -63.75 37.38 23.90
CA ASN R 97 -63.03 36.46 23.04
C ASN R 97 -61.69 36.11 23.67
N TYR R 98 -61.54 34.86 24.11
CA TYR R 98 -60.30 34.37 24.70
C TYR R 98 -59.45 33.75 23.59
N ILE R 99 -58.64 34.57 22.94
CA ILE R 99 -57.80 34.15 21.83
C ILE R 99 -56.41 33.85 22.38
N LEU R 100 -56.09 32.57 22.55
CA LEU R 100 -54.75 32.16 22.91
C LEU R 100 -53.86 32.16 21.66
N ARG R 101 -52.57 32.42 21.87
CA ARG R 101 -51.62 32.52 20.77
C ARG R 101 -50.35 31.78 21.18
N LEU R 102 -50.12 30.63 20.56
CA LEU R 102 -48.86 29.90 20.71
C LEU R 102 -47.89 30.38 19.66
N ALA R 103 -46.80 31.02 20.10
CA ALA R 103 -45.74 31.45 19.20
C ALA R 103 -44.65 30.38 19.17
N PHE R 104 -44.18 30.08 17.98
CA PHE R 104 -43.21 29.01 17.75
C PHE R 104 -41.93 29.67 17.25
N ARG R 105 -40.81 29.33 17.88
CA ARG R 105 -39.57 30.10 17.70
C ARG R 105 -38.67 29.54 16.60
N GLN R 106 -38.32 28.27 16.68
CA GLN R 106 -37.46 27.64 15.68
C GLN R 106 -38.37 26.74 14.85
N TYR R 107 -39.03 27.36 13.89
CA TYR R 107 -39.84 26.70 12.86
C TYR R 107 -38.86 26.60 11.69
N ILE R 108 -39.35 26.18 10.53
CA ILE R 108 -38.55 25.52 9.51
C ILE R 108 -37.10 25.98 9.48
N GLY R 109 -36.88 27.29 9.46
CA GLY R 109 -35.63 27.83 8.98
C GLY R 109 -34.43 27.78 9.90
N LEU R 110 -34.50 27.05 11.03
CA LEU R 110 -33.33 26.89 11.89
C LEU R 110 -32.88 28.23 12.48
N SER R 111 -33.81 28.97 13.08
CA SER R 111 -33.44 30.28 13.61
C SER R 111 -34.57 30.81 14.47
N GLU R 112 -34.31 31.97 15.06
CA GLU R 112 -35.32 32.72 15.80
C GLU R 112 -35.99 33.78 14.95
N GLU R 113 -35.40 34.13 13.80
CA GLU R 113 -36.08 34.97 12.83
C GLU R 113 -37.08 34.19 12.01
N ASP R 114 -37.27 32.91 12.30
CA ASP R 114 -38.22 32.04 11.61
C ASP R 114 -39.33 31.71 12.59
N GLN R 115 -40.32 32.58 12.63
CA GLN R 115 -41.41 32.51 13.60
C GLN R 115 -42.68 31.99 12.94
N TYR R 116 -43.52 31.38 13.78
CA TYR R 116 -44.78 30.81 13.31
C TYR R 116 -45.77 30.86 14.46
N PHE R 117 -46.98 31.35 14.18
CA PHE R 117 -47.99 31.58 15.21
C PHE R 117 -49.23 30.77 14.88
N LYS R 118 -49.60 29.88 15.79
CA LYS R 118 -50.90 29.21 15.76
C LYS R 118 -51.76 29.75 16.89
N TYR R 119 -53.07 29.67 16.70
CA TYR R 119 -54.00 30.34 17.59
C TYR R 119 -55.06 29.36 18.07
N GLY R 120 -55.90 29.87 18.96
CA GLY R 120 -57.02 29.15 19.54
C GLY R 120 -57.93 30.17 20.18
N GLU R 121 -59.22 30.09 19.91
CA GLU R 121 -60.14 31.15 20.32
C GLU R 121 -61.37 30.54 20.97
N VAL R 122 -61.96 31.31 21.88
CA VAL R 122 -63.16 30.90 22.60
C VAL R 122 -63.91 32.15 23.01
N ILE R 123 -65.22 32.13 22.82
CA ILE R 123 -66.10 33.20 23.26
C ILE R 123 -66.86 32.68 24.48
N ALA R 124 -66.81 33.42 25.57
CA ALA R 124 -67.35 32.97 26.83
C ALA R 124 -68.82 33.34 26.94
N ARG R 125 -69.57 32.52 27.68
CA ARG R 125 -70.99 32.69 27.87
C ARG R 125 -71.26 32.74 29.37
N SER R 126 -72.53 33.04 29.71
CA SER R 126 -72.88 33.31 31.09
C SER R 126 -72.54 32.15 32.01
N GLY R 127 -73.16 30.99 31.79
CA GLY R 127 -72.93 29.85 32.66
C GLY R 127 -71.62 29.14 32.47
N MET R 128 -70.78 29.59 31.55
CA MET R 128 -69.49 28.95 31.31
C MET R 128 -68.62 29.02 32.56
N THR R 129 -68.32 27.86 33.14
CA THR R 129 -67.41 27.78 34.27
C THR R 129 -65.99 27.64 33.74
N ALA R 130 -65.04 27.38 34.64
CA ALA R 130 -63.64 27.27 34.23
C ALA R 130 -63.35 25.91 33.57
N SER R 131 -64.02 24.86 34.04
CA SER R 131 -63.86 23.55 33.39
C SER R 131 -64.37 23.59 31.96
N ASP R 132 -65.49 24.25 31.73
CA ASP R 132 -66.05 24.34 30.38
C ASP R 132 -65.14 25.16 29.47
N PHE R 133 -64.54 26.22 30.01
CA PHE R 133 -63.61 27.02 29.22
C PHE R 133 -62.38 26.20 28.84
N TYR R 134 -61.85 25.44 29.79
CA TYR R 134 -60.61 24.72 29.55
C TYR R 134 -60.76 23.69 28.45
N LYS R 135 -61.84 22.92 28.49
CA LYS R 135 -62.06 21.93 27.43
C LYS R 135 -62.33 22.61 26.09
N LYS R 136 -63.29 23.54 26.06
CA LYS R 136 -63.59 24.21 24.80
C LYS R 136 -62.37 24.91 24.24
N MET R 137 -61.55 25.49 25.11
CA MET R 137 -60.28 26.07 24.66
C MET R 137 -59.35 24.97 24.18
N ALA R 138 -59.39 23.80 24.81
CA ALA R 138 -58.52 22.71 24.41
C ALA R 138 -58.92 22.17 23.04
N ILE R 139 -60.21 21.90 22.84
CA ILE R 139 -60.68 21.43 21.54
C ILE R 139 -60.32 22.45 20.46
N SER R 140 -60.49 23.73 20.77
CA SER R 140 -60.14 24.78 19.80
C SER R 140 -58.66 24.70 19.45
N LEU R 141 -57.80 24.48 20.46
CA LEU R 141 -56.37 24.39 20.22
C LEU R 141 -56.03 23.13 19.45
N ALA R 142 -56.70 22.02 19.77
CA ALA R 142 -56.43 20.76 19.09
C ALA R 142 -56.75 20.86 17.60
N LYS R 143 -57.91 21.41 17.26
CA LYS R 143 -58.28 21.55 15.86
C LYS R 143 -57.19 22.29 15.08
N ASN R 144 -56.75 23.42 15.61
CA ASN R 144 -55.77 24.24 14.92
C ASN R 144 -54.41 23.56 14.88
N LEU R 145 -54.02 22.90 15.97
CA LEU R 145 -52.66 22.36 16.10
C LEU R 145 -52.56 20.89 15.77
N GLU R 146 -53.48 20.05 16.28
CA GLU R 146 -53.38 18.62 16.02
C GLU R 146 -53.64 18.28 14.56
N ASN R 147 -53.82 19.29 13.71
CA ASN R 147 -53.92 19.10 12.27
C ASN R 147 -52.93 18.06 11.77
N LYS R 148 -53.45 17.05 11.07
CA LYS R 148 -52.61 16.29 10.16
C LYS R 148 -52.40 17.05 8.86
N THR R 149 -53.21 18.10 8.65
CA THR R 149 -52.91 19.07 7.59
C THR R 149 -51.53 19.68 7.80
N GLU R 150 -51.13 19.88 9.05
CA GLU R 150 -49.85 20.52 9.33
C GLU R 150 -48.71 19.64 8.85
N SER R 151 -47.70 20.28 8.26
CA SER R 151 -46.51 19.57 7.81
C SER R 151 -45.65 19.08 8.97
N THR R 152 -45.93 19.53 10.19
CA THR R 152 -45.10 19.19 11.33
C THR R 152 -46.00 18.87 12.52
N PRO R 153 -45.59 17.94 13.39
CA PRO R 153 -46.25 17.80 14.70
C PRO R 153 -45.73 18.85 15.65
N LEU R 154 -46.61 19.76 16.08
CA LEU R 154 -46.18 20.96 16.81
C LEU R 154 -46.33 20.83 18.32
N VAL R 155 -47.47 20.32 18.81
CA VAL R 155 -47.78 20.36 20.23
C VAL R 155 -48.78 19.25 20.53
N ASN R 156 -48.83 18.86 21.80
CA ASN R 156 -49.85 17.92 22.29
C ASN R 156 -50.64 18.62 23.38
N ILE R 157 -51.95 18.75 23.16
CA ILE R 157 -52.85 19.37 24.14
C ILE R 157 -53.42 18.29 25.05
N TYR R 158 -53.26 18.47 26.35
CA TYR R 158 -53.80 17.57 27.35
C TYR R 158 -54.52 18.39 28.41
N LEU R 159 -55.38 17.72 29.18
CA LEU R 159 -56.10 18.35 30.28
C LEU R 159 -55.82 17.61 31.58
N ILE R 160 -56.11 18.28 32.69
CA ILE R 160 -55.92 17.71 34.01
C ILE R 160 -57.12 18.08 34.87
N SER R 161 -57.48 17.17 35.77
CA SER R 161 -58.59 17.36 36.68
C SER R 161 -58.08 17.41 38.12
N ALA R 162 -58.75 18.24 38.93
CA ALA R 162 -58.43 18.30 40.35
C ALA R 162 -58.56 16.94 41.02
N ALA R 163 -59.39 16.05 40.47
CA ALA R 163 -59.52 14.71 41.03
C ALA R 163 -58.21 13.94 40.90
N ALA R 164 -57.74 13.76 39.66
CA ALA R 164 -56.46 13.09 39.44
C ALA R 164 -55.29 14.01 39.79
N ALA R 165 -55.18 15.12 39.06
CA ALA R 165 -54.15 16.15 39.18
C ALA R 165 -52.81 15.69 38.63
N SER R 166 -52.66 14.42 38.25
CA SER R 166 -51.48 13.91 37.58
C SER R 166 -51.83 13.25 36.25
N THR R 167 -52.84 12.40 36.25
CA THR R 167 -53.33 11.81 35.01
C THR R 167 -53.75 12.90 34.04
N ASP R 168 -53.08 12.96 32.90
CA ASP R 168 -53.39 13.93 31.86
C ASP R 168 -54.24 13.27 30.80
N VAL R 169 -55.48 13.72 30.65
CA VAL R 169 -56.37 13.20 29.63
C VAL R 169 -56.06 13.94 28.34
N PRO R 170 -55.91 13.26 27.21
CA PRO R 170 -55.51 13.93 25.98
C PRO R 170 -56.69 14.49 25.20
N VAL R 171 -56.40 15.50 24.38
CA VAL R 171 -57.40 16.22 23.61
C VAL R 171 -56.86 16.32 22.18
N THR R 172 -57.33 15.41 21.32
CA THR R 172 -57.01 15.44 19.90
C THR R 172 -58.18 16.04 19.12
N SER R 173 -57.89 16.44 17.89
CA SER R 173 -58.91 17.02 17.02
C SER R 173 -60.10 16.08 16.85
N ALA R 174 -59.91 14.80 17.17
CA ALA R 174 -61.00 13.84 17.08
C ALA R 174 -61.97 13.96 18.25
N THR R 175 -61.46 14.29 19.43
CA THR R 175 -62.30 14.34 20.62
C THR R 175 -63.35 15.44 20.50
N LYS R 176 -64.35 15.35 21.36
CA LYS R 176 -65.44 16.31 21.38
C LYS R 176 -65.91 16.49 22.81
N GLU R 177 -66.59 17.61 23.05
CA GLU R 177 -66.99 17.98 24.41
C GLU R 177 -67.79 16.88 25.10
N SER R 178 -68.35 15.93 24.34
CA SER R 178 -69.05 14.80 24.95
C SER R 178 -68.09 13.73 25.45
N ASP R 179 -66.88 13.66 24.88
CA ASP R 179 -65.89 12.70 25.32
C ASP R 179 -65.21 13.14 26.61
N LEU R 180 -65.21 14.43 26.91
CA LEU R 180 -64.59 14.98 28.11
C LEU R 180 -65.73 15.29 29.09
N THR R 181 -66.03 14.32 29.94
CA THR R 181 -67.23 14.36 30.78
C THR R 181 -66.96 14.87 32.19
N ALA R 182 -65.72 15.18 32.52
CA ALA R 182 -65.41 15.65 33.87
C ALA R 182 -65.83 17.10 34.06
N THR R 183 -66.20 17.43 35.28
CA THR R 183 -66.64 18.77 35.64
C THR R 183 -65.56 19.57 36.35
N ASP R 184 -64.46 18.94 36.75
CA ASP R 184 -63.37 19.61 37.46
C ASP R 184 -62.11 19.52 36.61
N TYR R 185 -61.95 20.50 35.72
CA TYR R 185 -60.71 20.67 34.96
C TYR R 185 -60.01 21.93 35.44
N ASN R 186 -58.69 21.86 35.52
CA ASN R 186 -57.90 22.89 36.18
C ASN R 186 -56.99 23.68 35.25
N GLN R 187 -56.49 23.07 34.18
CA GLN R 187 -55.46 23.71 33.37
C GLN R 187 -55.41 23.06 31.99
N ILE R 188 -54.52 23.57 31.16
CA ILE R 188 -54.28 23.05 29.82
C ILE R 188 -52.78 22.97 29.61
N ILE R 189 -52.21 21.79 29.79
CA ILE R 189 -50.78 21.61 29.58
C ILE R 189 -50.51 21.41 28.09
N ILE R 190 -49.33 21.83 27.65
CA ILE R 190 -48.97 21.79 26.24
C ILE R 190 -47.54 21.30 26.11
N GLU R 191 -47.37 20.04 25.72
CA GLU R 191 -46.04 19.50 25.48
C GLU R 191 -45.58 19.86 24.07
N GLU R 192 -44.27 19.87 23.89
CA GLU R 192 -43.68 19.91 22.56
C GLU R 192 -43.43 18.49 22.08
N THR R 193 -43.49 18.31 20.76
CA THR R 193 -43.47 16.99 20.16
C THR R 193 -42.08 16.62 19.66
N GLU R 194 -41.88 15.33 19.46
CA GLU R 194 -40.77 14.85 18.67
C GLU R 194 -41.07 15.05 17.19
N GLN R 195 -40.09 15.51 16.46
CA GLN R 195 -40.21 15.72 15.02
C GLN R 195 -39.65 14.52 14.27
N PRO R 196 -39.89 14.44 12.97
CA PRO R 196 -39.42 13.26 12.22
C PRO R 196 -37.92 13.31 11.98
N TRP R 197 -37.30 12.15 12.08
CA TRP R 197 -35.85 12.02 12.05
C TRP R 197 -35.42 11.06 10.94
N VAL R 198 -34.28 11.38 10.34
CA VAL R 198 -33.66 10.57 9.29
C VAL R 198 -32.15 10.68 9.44
N LEU R 199 -31.50 9.55 9.67
CA LEU R 199 -30.05 9.59 9.94
C LEU R 199 -29.32 10.11 8.71
N GLY R 200 -28.38 11.04 8.95
CA GLY R 200 -27.62 11.66 7.89
C GLY R 200 -28.35 12.70 7.08
N MET R 201 -29.67 12.80 7.22
CA MET R 201 -30.46 13.73 6.42
C MET R 201 -31.32 14.66 7.25
N MET R 202 -31.87 14.19 8.37
CA MET R 202 -32.77 14.98 9.20
C MET R 202 -32.38 14.79 10.65
N PRO R 203 -31.56 15.68 11.20
CA PRO R 203 -31.12 15.51 12.59
C PRO R 203 -32.23 15.80 13.58
N GLN R 204 -32.06 15.27 14.78
CA GLN R 204 -33.04 15.43 15.83
C GLN R 204 -33.11 16.88 16.26
N ALA R 205 -34.30 17.48 16.16
CA ALA R 205 -34.50 18.88 16.50
C ALA R 205 -35.87 19.04 17.12
N PHE R 206 -36.13 20.25 17.62
CA PHE R 206 -37.38 20.55 18.30
C PHE R 206 -37.81 21.96 17.97
N ILE R 207 -39.11 22.22 18.12
CA ILE R 207 -39.69 23.54 17.91
C ILE R 207 -40.12 24.07 19.29
N PRO R 208 -39.47 25.10 19.82
CA PRO R 208 -39.89 25.63 21.12
C PRO R 208 -40.93 26.72 21.01
N PHE R 209 -41.78 26.83 22.02
CA PHE R 209 -42.94 27.71 21.97
C PHE R 209 -43.18 28.33 23.34
N THR R 210 -43.98 29.39 23.36
CA THR R 210 -44.48 29.98 24.60
C THR R 210 -45.93 30.38 24.35
N PRO R 211 -46.86 30.03 25.25
CA PRO R 211 -48.26 30.40 25.04
C PRO R 211 -48.60 31.82 25.45
N GLN R 212 -48.37 32.78 24.54
CA GLN R 212 -48.80 34.14 24.81
C GLN R 212 -50.32 34.21 24.91
N PHE R 213 -50.81 35.35 25.39
CA PHE R 213 -52.24 35.61 25.50
C PHE R 213 -52.56 36.98 24.94
N LEU R 214 -53.82 37.17 24.60
CA LEU R 214 -54.34 38.46 24.16
C LEU R 214 -55.21 39.06 25.27
N THR R 215 -55.73 40.25 25.01
CA THR R 215 -56.38 41.05 26.03
C THR R 215 -57.90 40.89 25.95
N ILE R 216 -58.51 40.64 27.10
CA ILE R 216 -59.95 40.75 27.26
C ILE R 216 -60.24 42.04 28.02
N THR R 217 -61.48 42.52 27.89
CA THR R 217 -61.96 43.63 28.68
C THR R 217 -62.82 43.10 29.82
N VAL R 218 -62.65 43.66 31.01
CA VAL R 218 -63.32 43.20 32.22
C VAL R 218 -64.12 44.31 32.88
N ASP R 219 -63.49 45.44 33.14
CA ASP R 219 -64.13 46.60 33.75
C ASP R 219 -63.71 47.85 33.00
N GLY R 220 -63.74 47.77 31.67
CA GLY R 220 -63.12 48.79 30.85
C GLY R 220 -61.62 48.73 30.84
N GLU R 221 -61.05 47.60 31.24
CA GLU R 221 -59.60 47.43 31.36
C GLU R 221 -59.18 46.28 30.47
N ASP R 222 -58.26 46.55 29.54
CA ASP R 222 -57.64 45.49 28.76
C ASP R 222 -56.72 44.68 29.66
N ARG R 223 -56.99 43.38 29.77
CA ARG R 223 -56.27 42.55 30.73
C ARG R 223 -56.14 41.13 30.21
N LEU R 224 -54.94 40.57 30.34
CA LEU R 224 -54.72 39.18 29.98
C LEU R 224 -55.39 38.26 30.98
N TRP R 225 -55.94 37.15 30.49
CA TRP R 225 -56.70 36.24 31.32
C TRP R 225 -55.90 35.06 31.84
N GLY R 226 -54.75 34.75 31.23
CA GLY R 226 -54.06 33.51 31.47
C GLY R 226 -52.62 33.71 31.92
N VAL R 227 -52.06 32.62 32.46
CA VAL R 227 -50.69 32.58 32.96
C VAL R 227 -50.10 31.24 32.57
N ALA R 228 -49.18 31.24 31.62
CA ALA R 228 -48.45 30.05 31.22
C ALA R 228 -47.22 29.89 32.10
N THR R 229 -47.11 28.74 32.76
CA THR R 229 -46.00 28.46 33.66
C THR R 229 -45.46 27.08 33.35
N VAL R 230 -44.14 27.00 33.10
CA VAL R 230 -43.51 25.71 32.87
C VAL R 230 -43.76 24.79 34.05
N VAL R 231 -43.93 23.51 33.74
CA VAL R 231 -44.12 22.47 34.76
C VAL R 231 -43.02 21.44 34.56
N THR R 232 -42.69 20.75 35.66
CA THR R 232 -41.69 19.70 35.59
C THR R 232 -42.13 18.67 34.54
N PRO R 233 -41.32 18.39 33.53
CA PRO R 233 -41.76 17.48 32.46
C PRO R 233 -42.00 16.08 32.98
N THR R 234 -42.61 15.27 32.11
CA THR R 234 -42.89 13.87 32.40
C THR R 234 -42.45 12.91 31.31
N LYS R 235 -42.13 13.40 30.11
CA LYS R 235 -41.80 12.56 28.97
C LYS R 235 -40.50 13.00 28.33
N THR R 236 -39.77 12.03 27.79
CA THR R 236 -38.44 12.29 27.22
C THR R 236 -38.32 11.54 25.90
N VAL R 237 -37.57 12.14 24.98
CA VAL R 237 -37.23 11.51 23.70
C VAL R 237 -35.99 10.65 23.91
N PRO R 238 -36.09 9.32 23.78
CA PRO R 238 -34.92 8.48 24.06
C PRO R 238 -33.73 8.72 23.14
N ASP R 239 -32.65 7.98 23.38
CA ASP R 239 -31.35 8.29 22.80
C ASP R 239 -31.18 7.70 21.41
N GLY R 240 -31.76 6.52 21.15
CA GLY R 240 -31.41 5.77 19.95
C GLY R 240 -31.37 6.60 18.69
N HIS R 241 -32.34 7.50 18.51
CA HIS R 241 -32.41 8.31 17.32
C HIS R 241 -31.29 9.34 17.24
N LEU R 242 -30.43 9.39 18.24
CA LEU R 242 -29.32 10.34 18.28
C LEU R 242 -27.96 9.64 18.20
N ILE R 243 -27.80 8.52 18.90
CA ILE R 243 -26.59 7.71 18.73
C ILE R 243 -26.46 7.27 17.27
N ALA R 244 -27.58 6.96 16.63
CA ALA R 244 -27.54 6.45 15.27
C ALA R 244 -26.82 7.40 14.33
N ASP R 245 -27.07 8.70 14.47
CA ASP R 245 -26.39 9.67 13.63
C ASP R 245 -24.99 9.99 14.14
N LEU R 246 -24.76 9.81 15.44
CA LEU R 246 -23.42 9.95 15.99
C LEU R 246 -22.44 9.02 15.26
N GLU R 247 -22.81 7.75 15.16
CA GLU R 247 -21.94 6.77 14.51
C GLU R 247 -22.04 6.83 12.99
N TYR R 248 -23.18 7.26 12.44
CA TYR R 248 -23.25 7.54 11.02
C TYR R 248 -22.24 8.60 10.62
N PHE R 249 -21.88 9.48 11.54
CA PHE R 249 -20.86 10.49 11.30
C PHE R 249 -19.48 10.02 11.73
N CYS R 250 -19.41 9.29 12.84
CA CYS R 250 -18.15 8.81 13.37
C CYS R 250 -17.68 7.52 12.71
N MET R 251 -18.40 7.05 11.68
CA MET R 251 -17.96 5.94 10.86
C MET R 251 -17.28 6.39 9.58
N GLY R 252 -17.59 7.61 9.11
CA GLY R 252 -16.95 8.14 7.93
C GLY R 252 -15.51 8.53 8.15
N ALA R 253 -15.04 8.57 9.39
CA ALA R 253 -13.62 8.70 9.66
C ALA R 253 -12.93 7.35 9.50
N ARG R 254 -13.46 6.32 10.17
CA ARG R 254 -12.98 4.96 9.97
C ARG R 254 -13.10 4.52 8.52
N GLY R 255 -14.11 5.02 7.81
CA GLY R 255 -14.44 4.46 6.51
C GLY R 255 -14.74 5.45 5.41
N ASP R 256 -15.89 5.28 4.78
CA ASP R 256 -16.25 6.01 3.57
C ASP R 256 -16.89 7.34 3.92
N ILE R 257 -16.27 8.45 3.48
CA ILE R 257 -16.86 9.76 3.68
C ILE R 257 -17.97 10.04 2.68
N TYR R 258 -17.97 9.36 1.54
CA TYR R 258 -19.07 9.45 0.59
C TYR R 258 -20.13 8.43 1.00
N ARG R 259 -20.95 8.82 1.96
CA ARG R 259 -21.99 7.92 2.45
C ARG R 259 -23.18 7.94 1.50
N GLY R 260 -22.89 7.77 0.22
CA GLY R 260 -23.89 7.82 -0.82
C GLY R 260 -23.89 9.16 -1.51
N MET R 261 -23.20 9.26 -2.62
CA MET R 261 -23.29 10.42 -3.48
C MET R 261 -23.47 10.07 -4.95
N GLY R 262 -22.71 9.09 -5.45
CA GLY R 262 -23.07 8.39 -6.66
C GLY R 262 -23.69 7.08 -6.25
N TYR R 263 -25.01 7.02 -6.20
CA TYR R 263 -25.68 5.94 -5.46
C TYR R 263 -25.22 4.56 -5.88
N PRO R 264 -25.29 4.19 -7.16
CA PRO R 264 -24.89 2.83 -7.52
C PRO R 264 -23.44 2.55 -7.17
N ASN R 265 -22.57 3.54 -7.38
CA ASN R 265 -21.14 3.38 -7.21
C ASN R 265 -20.73 3.95 -5.84
N ILE R 266 -20.98 3.15 -4.81
CA ILE R 266 -20.67 3.53 -3.43
C ILE R 266 -20.16 2.32 -2.66
N ILE R 267 -19.67 2.59 -1.45
CA ILE R 267 -19.33 1.56 -0.49
C ILE R 267 -20.36 1.63 0.62
N LYS R 268 -21.43 0.84 0.49
CA LYS R 268 -22.48 0.88 1.50
C LYS R 268 -21.92 0.43 2.83
N THR R 269 -22.21 1.21 3.87
CA THR R 269 -21.71 0.95 5.21
C THR R 269 -22.82 0.32 6.04
N THR R 270 -22.46 -0.70 6.81
CA THR R 270 -23.40 -1.40 7.68
C THR R 270 -23.27 -0.83 9.09
N TYR R 271 -24.38 -0.33 9.62
CA TYR R 271 -24.40 0.33 10.92
C TYR R 271 -25.08 -0.56 11.93
N LEU R 272 -24.39 -0.83 13.04
CA LEU R 272 -24.82 -1.83 14.01
C LEU R 272 -25.81 -1.29 15.03
N VAL R 273 -25.80 0.01 15.28
CA VAL R 273 -26.66 0.58 16.31
C VAL R 273 -28.10 0.56 15.82
N ASP R 274 -29.00 0.10 16.69
CA ASP R 274 -30.43 0.16 16.40
C ASP R 274 -30.95 1.53 16.78
N PRO R 275 -31.57 2.28 15.85
CA PRO R 275 -32.04 3.63 16.19
C PRO R 275 -33.33 3.63 17.00
N GLY R 276 -33.70 2.47 17.54
CA GLY R 276 -34.91 2.36 18.33
C GLY R 276 -34.66 1.81 19.71
N ALA R 277 -33.39 1.75 20.10
CA ALA R 277 -33.00 1.33 21.44
C ALA R 277 -32.26 2.47 22.14
N VAL R 278 -31.97 2.27 23.41
CA VAL R 278 -31.29 3.27 24.22
C VAL R 278 -29.89 2.79 24.53
N TYR R 279 -28.96 3.75 24.64
CA TYR R 279 -27.56 3.43 24.80
C TYR R 279 -26.92 4.37 25.81
N ASP R 280 -26.08 3.81 26.67
CA ASP R 280 -25.15 4.59 27.47
C ASP R 280 -23.86 4.78 26.70
N VAL R 281 -23.15 5.87 26.98
CA VAL R 281 -21.99 6.26 26.20
C VAL R 281 -20.77 6.31 27.12
N LEU R 282 -19.60 6.13 26.50
CA LEU R 282 -18.32 6.14 27.21
C LEU R 282 -17.31 6.81 26.31
N ASP R 283 -16.90 8.02 26.67
CA ASP R 283 -15.93 8.80 25.92
C ASP R 283 -14.58 8.73 26.61
N ILE R 284 -13.53 8.48 25.84
CA ILE R 284 -12.17 8.49 26.33
C ILE R 284 -11.41 9.50 25.49
N HIS R 285 -11.01 10.61 26.09
CA HIS R 285 -10.26 11.65 25.40
C HIS R 285 -8.79 11.52 25.75
N TYR R 286 -7.94 11.57 24.73
CA TYR R 286 -6.51 11.39 24.89
C TYR R 286 -5.81 12.10 23.73
N PHE R 287 -4.48 12.04 23.73
CA PHE R 287 -3.70 12.75 22.73
C PHE R 287 -2.46 11.96 22.41
N TYR R 288 -1.87 12.28 21.25
CA TYR R 288 -0.60 11.71 20.83
C TYR R 288 0.46 12.82 20.85
N THR R 289 1.49 12.64 21.65
CA THR R 289 2.62 13.55 21.70
C THR R 289 3.83 12.90 21.06
N GLY R 290 4.57 13.68 20.28
CA GLY R 290 5.73 13.18 19.57
C GLY R 290 7.02 13.35 20.33
N SER R 291 8.10 13.27 19.57
CA SER R 291 9.45 13.23 20.08
C SER R 291 10.05 14.62 20.10
N ASN R 292 11.38 14.68 20.13
CA ASN R 292 12.18 15.83 20.59
C ASN R 292 11.46 17.15 20.32
N GLU R 293 11.25 17.55 19.07
CA GLU R 293 10.65 18.85 18.81
C GLU R 293 9.15 18.77 18.54
N SER R 294 8.64 17.58 18.21
CA SER R 294 7.23 17.41 17.85
C SER R 294 6.44 17.08 19.11
N VAL R 295 6.24 18.10 19.94
CA VAL R 295 5.45 17.96 21.16
C VAL R 295 4.02 18.43 20.96
N GLN R 296 3.73 19.11 19.85
CA GLN R 296 2.37 19.55 19.54
C GLN R 296 1.40 18.37 19.64
N LYS R 297 0.48 18.46 20.59
CA LYS R 297 -0.44 17.35 20.83
C LYS R 297 -1.32 17.10 19.62
N SER R 298 -2.00 15.96 19.64
CA SER R 298 -3.03 15.63 18.67
C SER R 298 -4.11 14.90 19.45
N GLU R 299 -5.12 15.64 19.90
CA GLU R 299 -6.13 15.08 20.78
C GLU R 299 -7.10 14.20 20.01
N LYS R 300 -7.60 13.17 20.68
CA LYS R 300 -8.42 12.16 20.04
C LYS R 300 -9.48 11.69 21.01
N THR R 301 -10.56 11.15 20.46
CA THR R 301 -11.66 10.63 21.26
C THR R 301 -12.01 9.23 20.78
N ILE R 302 -12.42 8.39 21.73
CA ILE R 302 -12.84 7.03 21.49
C ILE R 302 -14.19 6.85 22.16
N THR R 303 -15.27 7.00 21.40
CA THR R 303 -16.61 6.85 21.94
C THR R 303 -17.05 5.39 21.86
N LEU R 304 -17.82 4.97 22.85
CA LEU R 304 -18.28 3.60 22.97
C LEU R 304 -19.72 3.59 23.42
N VAL R 305 -20.57 2.89 22.69
CA VAL R 305 -22.01 2.86 22.94
C VAL R 305 -22.40 1.42 23.23
N ALA R 306 -22.90 1.18 24.43
CA ALA R 306 -23.35 -0.14 24.87
C ALA R 306 -24.82 -0.04 25.25
N VAL R 307 -25.66 -0.87 24.62
CA VAL R 307 -27.07 -0.91 24.99
C VAL R 307 -27.19 -1.15 26.48
N ASP R 308 -27.97 -0.30 27.14
CA ASP R 308 -28.20 -0.42 28.58
C ASP R 308 -29.71 -0.32 28.81
N ASP R 309 -30.35 -1.48 28.94
CA ASP R 309 -31.78 -1.57 29.19
C ASP R 309 -32.00 -1.86 30.67
N GLY R 310 -32.80 -1.03 31.32
CA GLY R 310 -32.99 -1.12 32.76
C GLY R 310 -31.76 -0.66 33.50
N SER R 311 -31.20 -1.52 34.36
CA SER R 311 -29.92 -1.21 34.98
C SER R 311 -28.84 -1.14 33.92
N HIS R 312 -27.84 -0.29 34.18
CA HIS R 312 -26.74 -0.07 33.23
C HIS R 312 -25.73 -1.21 33.34
N THR R 313 -26.21 -2.42 33.03
CA THR R 313 -25.40 -3.62 33.25
C THR R 313 -24.26 -3.70 32.25
N ALA R 314 -24.57 -3.58 30.96
CA ALA R 314 -23.55 -3.77 29.92
C ALA R 314 -22.39 -2.81 30.11
N MET R 315 -22.67 -1.52 30.19
CA MET R 315 -21.59 -0.53 30.29
C MET R 315 -20.83 -0.67 31.60
N ASN R 316 -21.50 -1.10 32.67
CA ASN R 316 -20.80 -1.32 33.92
C ASN R 316 -19.81 -2.46 33.80
N ALA R 317 -20.22 -3.56 33.18
CA ALA R 317 -19.29 -4.67 32.93
C ALA R 317 -18.15 -4.22 32.05
N LEU R 318 -18.45 -3.47 30.99
CA LEU R 318 -17.41 -2.93 30.13
C LEU R 318 -16.41 -2.09 30.92
N ILE R 319 -16.91 -1.27 31.84
CA ILE R 319 -16.02 -0.38 32.59
C ILE R 319 -15.13 -1.19 33.52
N GLY R 320 -15.70 -2.17 34.22
CA GLY R 320 -14.88 -3.04 35.05
C GLY R 320 -13.76 -3.68 34.25
N ALA R 321 -14.00 -3.97 32.98
CA ALA R 321 -12.98 -4.59 32.14
C ALA R 321 -11.87 -3.61 31.82
N ILE R 322 -12.23 -2.40 31.38
CA ILE R 322 -11.21 -1.41 31.03
C ILE R 322 -10.41 -1.00 32.25
N ASN R 323 -11.06 -0.93 33.41
CA ASN R 323 -10.34 -0.57 34.63
C ASN R 323 -9.44 -1.69 35.11
N THR R 324 -9.84 -2.94 34.88
CA THR R 324 -8.99 -4.06 35.22
C THR R 324 -7.82 -4.18 34.25
N ALA R 325 -8.03 -3.81 32.99
CA ALA R 325 -6.99 -3.96 31.97
C ALA R 325 -6.03 -2.79 31.97
N SER R 326 -6.54 -1.57 32.05
CA SER R 326 -5.74 -0.36 31.94
C SER R 326 -5.39 0.25 33.28
N GLY R 327 -5.87 -0.33 34.38
CA GLY R 327 -5.64 0.26 35.68
C GLY R 327 -6.30 1.59 35.90
N LEU R 328 -7.15 2.02 34.97
CA LEU R 328 -7.89 3.26 35.15
C LEU R 328 -8.92 3.09 36.27
N THR R 329 -9.62 4.18 36.57
CA THR R 329 -10.60 4.20 37.65
C THR R 329 -11.88 4.89 37.18
N ILE R 330 -12.32 4.58 35.97
CA ILE R 330 -13.55 5.16 35.45
C ILE R 330 -14.70 4.82 36.38
N ALA R 331 -15.60 5.78 36.58
CA ALA R 331 -16.71 5.59 37.49
C ALA R 331 -17.85 4.85 36.80
N THR R 332 -18.40 3.86 37.50
CA THR R 332 -19.54 3.11 37.00
C THR R 332 -20.82 3.84 37.34
N LEU R 333 -21.78 3.78 36.43
CA LEU R 333 -23.05 4.47 36.58
C LEU R 333 -24.21 3.49 36.70
N MET S 1 27.42 -42.84 -20.77
CA MET S 1 26.23 -43.02 -21.65
C MET S 1 26.51 -42.47 -23.04
N LYS S 2 26.37 -43.31 -24.05
CA LYS S 2 26.46 -42.86 -25.43
C LYS S 2 25.75 -43.88 -26.32
N ARG S 3 25.53 -43.48 -27.56
CA ARG S 3 24.81 -44.32 -28.50
C ARG S 3 25.57 -45.62 -28.74
N VAL S 4 24.81 -46.68 -29.03
CA VAL S 4 25.40 -48.02 -29.08
C VAL S 4 25.97 -48.35 -30.46
N LEU S 5 25.39 -47.81 -31.53
CA LEU S 5 25.87 -48.08 -32.88
C LEU S 5 25.56 -46.88 -33.75
N ASN S 6 26.41 -46.66 -34.76
CA ASN S 6 26.12 -45.65 -35.75
C ASN S 6 24.76 -45.93 -36.39
N LEU S 7 24.02 -44.86 -36.68
CA LEU S 7 22.66 -45.02 -37.17
C LEU S 7 22.61 -45.86 -38.44
N GLY S 8 23.71 -45.92 -39.19
CA GLY S 8 23.76 -46.80 -40.34
C GLY S 8 23.52 -48.24 -39.98
N ASN S 9 24.13 -48.70 -38.88
CA ASN S 9 23.94 -50.06 -38.40
C ASN S 9 22.67 -50.22 -37.57
N LEU S 10 22.02 -49.12 -37.19
CA LEU S 10 20.75 -49.17 -36.50
C LEU S 10 19.55 -49.04 -37.44
N SER S 11 19.75 -48.41 -38.59
CA SER S 11 18.70 -48.37 -39.60
C SER S 11 18.42 -49.75 -40.17
N ARG S 12 19.33 -50.71 -39.96
CA ARG S 12 19.18 -52.07 -40.45
C ARG S 12 18.65 -53.01 -39.38
N ILE S 13 17.95 -52.47 -38.38
CA ILE S 13 17.24 -53.26 -37.38
C ILE S 13 15.80 -53.35 -37.87
N VAL S 14 15.38 -54.55 -38.27
CA VAL S 14 14.20 -54.73 -39.10
C VAL S 14 13.24 -55.68 -38.41
N GLU S 15 12.04 -55.78 -38.99
CA GLU S 15 10.94 -56.58 -38.46
C GLU S 15 10.34 -57.35 -39.62
N GLY S 16 10.61 -58.65 -39.68
CA GLY S 16 10.16 -59.43 -40.83
C GLY S 16 10.31 -60.92 -40.69
N ASP S 17 10.56 -61.58 -41.83
CA ASP S 17 10.62 -63.04 -41.90
C ASP S 17 12.02 -63.52 -41.60
N PRO S 18 12.20 -64.53 -40.75
CA PRO S 18 13.56 -65.02 -40.47
C PRO S 18 14.27 -65.56 -41.70
N ASN S 19 13.53 -65.93 -42.74
CA ASN S 19 14.11 -66.50 -43.94
C ASN S 19 14.68 -65.45 -44.88
N GLU S 20 14.35 -64.18 -44.68
CA GLU S 20 14.84 -63.10 -45.53
C GLU S 20 15.83 -62.20 -44.81
N ILE S 21 16.31 -62.59 -43.64
CA ILE S 21 17.25 -61.79 -42.87
C ILE S 21 18.66 -62.22 -43.26
N THR S 22 19.34 -61.37 -44.02
CA THR S 22 20.76 -61.56 -44.29
C THR S 22 21.56 -60.86 -43.20
N ASP S 23 22.88 -60.78 -43.37
CA ASP S 23 23.72 -60.04 -42.43
C ASP S 23 23.55 -58.55 -42.71
N ASP S 24 24.39 -57.74 -42.07
CA ASP S 24 24.27 -56.28 -42.11
C ASP S 24 22.83 -55.84 -41.80
N GLU S 25 22.16 -56.59 -40.93
CA GLU S 25 20.86 -56.19 -40.41
C GLU S 25 20.48 -57.11 -39.27
N ILE S 26 19.87 -56.55 -38.24
CA ILE S 26 19.46 -57.29 -37.06
C ILE S 26 17.95 -57.44 -37.08
N LEU S 27 17.47 -58.54 -36.51
CA LEU S 27 16.06 -58.90 -36.52
C LEU S 27 15.48 -58.77 -35.13
N VAL S 28 14.23 -58.29 -35.06
CA VAL S 28 13.46 -58.23 -33.83
C VAL S 28 12.17 -59.00 -34.05
N ILE S 29 11.83 -59.88 -33.12
CA ILE S 29 10.61 -60.67 -33.17
C ILE S 29 9.69 -60.11 -32.09
N LYS S 30 8.72 -59.29 -32.50
CA LYS S 30 7.76 -58.75 -31.55
C LYS S 30 6.91 -59.88 -30.97
N ASP S 31 6.37 -59.63 -29.78
CA ASP S 31 5.51 -60.59 -29.11
C ASP S 31 4.06 -60.27 -29.40
N LYS S 32 3.25 -61.32 -29.59
CA LYS S 32 1.82 -61.16 -29.87
C LYS S 32 1.01 -61.13 -28.59
N ILE S 33 1.11 -62.21 -27.79
CA ILE S 33 0.33 -62.30 -26.56
C ILE S 33 0.55 -61.08 -25.68
N ILE S 34 1.77 -60.56 -25.67
CA ILE S 34 2.10 -59.32 -24.95
C ILE S 34 2.36 -58.23 -25.97
N GLU S 35 1.94 -57.01 -25.65
CA GLU S 35 1.90 -55.94 -26.64
C GLU S 35 3.29 -55.36 -26.89
N GLY S 36 3.92 -54.83 -25.84
CA GLY S 36 5.17 -54.11 -26.00
C GLY S 36 6.40 -54.98 -25.90
N LYS S 37 6.28 -56.12 -25.22
CA LYS S 37 7.43 -56.97 -25.00
C LYS S 37 8.00 -57.48 -26.33
N ILE S 38 9.23 -57.97 -26.26
CA ILE S 38 9.92 -58.58 -27.39
C ILE S 38 10.20 -60.03 -27.04
N ILE S 39 10.37 -60.84 -28.08
CA ILE S 39 10.67 -62.26 -27.92
C ILE S 39 12.16 -62.53 -28.01
N ASP S 40 12.82 -62.00 -29.04
CA ASP S 40 14.22 -62.32 -29.25
C ASP S 40 14.84 -61.31 -30.22
N ILE S 41 16.13 -61.08 -30.04
CA ILE S 41 16.95 -60.34 -31.00
C ILE S 41 17.84 -61.35 -31.69
N GLN S 42 17.91 -61.27 -33.02
CA GLN S 42 18.56 -62.31 -33.81
C GLN S 42 19.54 -61.68 -34.79
N LYS S 43 20.61 -62.43 -35.05
CA LYS S 43 21.68 -62.00 -35.96
C LYS S 43 22.23 -63.24 -36.64
N ARG S 44 22.28 -63.22 -37.96
CA ARG S 44 22.78 -64.36 -38.72
C ARG S 44 24.30 -64.39 -38.68
N VAL S 45 24.85 -65.60 -38.61
CA VAL S 45 26.28 -65.81 -38.46
C VAL S 45 26.86 -66.64 -39.60
N ASP S 46 26.29 -67.82 -39.84
CA ASP S 46 26.78 -68.73 -40.88
C ASP S 46 25.59 -69.37 -41.59
N GLY S 47 24.63 -68.55 -41.99
CA GLY S 47 23.40 -69.06 -42.58
C GLY S 47 22.34 -69.30 -41.53
N LYS S 48 22.77 -69.66 -40.33
CA LYS S 48 21.84 -69.80 -39.21
C LYS S 48 21.57 -68.45 -38.58
N LEU S 49 20.36 -68.32 -38.03
CA LEU S 49 19.90 -67.08 -37.42
C LEU S 49 19.92 -67.27 -35.91
N VAL S 50 20.98 -66.79 -35.27
CA VAL S 50 21.21 -67.03 -33.86
C VAL S 50 20.74 -65.82 -33.07
N SER S 51 20.58 -66.00 -31.77
CA SER S 51 20.13 -64.95 -30.87
C SER S 51 21.31 -64.26 -30.21
N LEU S 52 21.12 -62.98 -29.89
CA LEU S 52 22.12 -62.21 -29.17
C LEU S 52 21.84 -62.13 -27.68
N ILE S 53 20.65 -62.53 -27.24
CA ILE S 53 20.30 -62.55 -25.82
C ILE S 53 20.75 -63.88 -25.24
N THR S 54 21.48 -63.82 -24.13
CA THR S 54 21.93 -65.03 -23.48
C THR S 54 20.77 -65.70 -22.74
N GLU S 55 20.61 -67.00 -22.95
CA GLU S 55 19.58 -67.74 -22.24
C GLU S 55 19.78 -67.61 -20.74
N LYS S 56 18.69 -67.38 -20.03
CA LYS S 56 18.71 -67.21 -18.57
C LYS S 56 17.72 -68.18 -17.94
N TYR S 57 18.19 -68.96 -16.98
CA TYR S 57 17.39 -69.96 -16.29
C TYR S 57 17.18 -69.53 -14.84
N THR S 58 16.53 -70.41 -14.09
CA THR S 58 16.26 -70.16 -12.68
C THR S 58 17.53 -70.31 -11.85
N MET T 1 9.26 -56.06 -44.81
CA MET T 1 10.39 -56.09 -43.84
C MET T 1 10.80 -54.69 -43.45
N LYS T 2 9.87 -53.96 -42.82
CA LYS T 2 10.14 -52.60 -42.40
C LYS T 2 10.95 -52.57 -41.12
N ARG T 3 11.67 -51.46 -40.92
CA ARG T 3 12.33 -51.23 -39.65
C ARG T 3 11.34 -51.40 -38.51
N VAL T 4 11.82 -51.98 -37.40
CA VAL T 4 10.94 -52.23 -36.26
C VAL T 4 10.40 -50.92 -35.72
N LEU T 5 11.22 -49.86 -35.76
CA LEU T 5 10.79 -48.53 -35.36
C LEU T 5 11.51 -47.51 -36.23
N ASN T 6 11.08 -46.26 -36.11
CA ASN T 6 11.72 -45.18 -36.87
C ASN T 6 13.09 -44.87 -36.28
N LEU T 7 13.81 -43.98 -36.96
CA LEU T 7 15.18 -43.69 -36.53
C LEU T 7 15.23 -42.74 -35.35
N GLY T 8 14.26 -41.83 -35.24
CA GLY T 8 14.21 -40.97 -34.07
C GLY T 8 14.02 -41.74 -32.78
N ASN T 9 13.49 -42.96 -32.86
CA ASN T 9 13.35 -43.82 -31.69
C ASN T 9 14.44 -44.88 -31.62
N LEU T 10 15.11 -45.16 -32.73
CA LEU T 10 16.30 -46.01 -32.72
C LEU T 10 17.55 -45.24 -32.37
N SER T 11 17.61 -43.95 -32.73
CA SER T 11 18.73 -43.11 -32.35
C SER T 11 18.95 -43.12 -30.85
N ARG T 12 17.87 -43.25 -30.08
CA ARG T 12 17.94 -43.18 -28.63
C ARG T 12 18.23 -44.53 -27.99
N ILE T 13 18.75 -45.49 -28.75
CA ILE T 13 19.28 -46.73 -28.20
C ILE T 13 20.73 -46.47 -27.82
N VAL T 14 21.04 -46.52 -26.53
CA VAL T 14 22.31 -46.04 -26.00
C VAL T 14 22.92 -47.12 -25.12
N GLU T 15 24.16 -46.85 -24.70
CA GLU T 15 24.96 -47.79 -23.91
C GLU T 15 25.62 -47.03 -22.78
N GLY T 16 25.36 -47.43 -21.55
CA GLY T 16 26.00 -46.79 -20.41
C GLY T 16 25.24 -46.88 -19.11
N ASP T 17 25.09 -45.74 -18.44
CA ASP T 17 24.53 -45.74 -17.09
C ASP T 17 23.06 -46.15 -17.10
N PRO T 18 22.64 -47.06 -16.23
CA PRO T 18 21.19 -47.28 -16.07
C PRO T 18 20.49 -46.14 -15.37
N ASN T 19 21.21 -45.28 -14.65
CA ASN T 19 20.61 -44.19 -13.92
C ASN T 19 20.36 -42.96 -14.78
N GLU T 20 21.13 -42.79 -15.86
CA GLU T 20 21.11 -41.56 -16.64
C GLU T 20 20.19 -41.62 -17.85
N ILE T 21 19.60 -42.77 -18.16
CA ILE T 21 18.77 -42.88 -19.35
C ILE T 21 17.36 -42.39 -19.02
N THR T 22 16.81 -41.58 -19.93
CA THR T 22 15.50 -40.99 -19.74
C THR T 22 14.42 -42.03 -20.10
N ASP T 23 13.17 -41.58 -20.13
CA ASP T 23 12.09 -42.42 -20.61
C ASP T 23 12.12 -42.60 -22.12
N ASP T 24 12.84 -41.75 -22.82
CA ASP T 24 12.87 -41.74 -24.28
C ASP T 24 13.95 -42.64 -24.87
N GLU T 25 14.79 -43.24 -24.02
CA GLU T 25 15.94 -44.00 -24.48
C GLU T 25 15.76 -45.48 -24.17
N ILE T 26 16.32 -46.31 -25.05
CA ILE T 26 16.41 -47.75 -24.84
C ILE T 26 17.82 -48.08 -24.40
N LEU T 27 17.96 -48.90 -23.36
CA LEU T 27 19.25 -49.24 -22.79
C LEU T 27 19.67 -50.62 -23.26
N VAL T 28 20.91 -50.72 -23.75
CA VAL T 28 21.51 -51.99 -24.11
C VAL T 28 22.58 -52.31 -23.07
N ILE T 29 22.83 -53.60 -22.89
CA ILE T 29 23.84 -54.07 -21.95
C ILE T 29 24.64 -55.18 -22.62
N LYS T 30 25.86 -54.87 -23.04
CA LYS T 30 26.72 -55.86 -23.66
C LYS T 30 27.19 -56.86 -22.61
N ASP T 31 26.97 -58.14 -22.87
CA ASP T 31 27.41 -59.17 -21.95
C ASP T 31 28.93 -59.11 -21.78
N LYS T 32 29.38 -59.16 -20.54
CA LYS T 32 30.82 -59.11 -20.25
C LYS T 32 31.47 -60.48 -20.35
N ILE T 33 30.74 -61.56 -20.04
CA ILE T 33 31.30 -62.90 -20.15
C ILE T 33 31.59 -63.24 -21.59
N ILE T 34 30.56 -63.20 -22.45
CA ILE T 34 30.73 -63.45 -23.87
C ILE T 34 31.06 -62.14 -24.56
N GLU T 35 31.66 -62.24 -25.76
CA GLU T 35 32.25 -61.10 -26.43
C GLU T 35 31.29 -60.38 -27.38
N GLY T 36 30.21 -61.03 -27.80
CA GLY T 36 29.32 -60.46 -28.79
C GLY T 36 27.85 -60.67 -28.49
N LYS T 37 27.53 -60.94 -27.23
CA LYS T 37 26.17 -61.23 -26.82
C LYS T 37 25.55 -60.01 -26.14
N ILE T 38 24.27 -60.13 -25.81
CA ILE T 38 23.54 -59.13 -25.05
C ILE T 38 22.94 -59.82 -23.84
N ILE T 39 22.80 -59.07 -22.75
CA ILE T 39 22.33 -59.66 -21.50
C ILE T 39 20.96 -59.11 -21.15
N ASP T 40 20.67 -57.89 -21.60
CA ASP T 40 19.36 -57.30 -21.32
C ASP T 40 19.18 -56.05 -22.15
N ILE T 41 17.92 -55.76 -22.49
CA ILE T 41 17.52 -54.51 -23.13
C ILE T 41 16.41 -53.91 -22.29
N GLN T 42 16.58 -52.64 -21.91
CA GLN T 42 15.72 -52.02 -20.91
C GLN T 42 15.28 -50.64 -21.38
N LYS T 43 14.08 -50.27 -20.97
CA LYS T 43 13.59 -48.90 -21.11
C LYS T 43 12.73 -48.58 -19.89
N ARG T 44 12.69 -47.30 -19.54
CA ARG T 44 12.01 -46.87 -18.32
C ARG T 44 10.50 -46.92 -18.50
N VAL T 45 9.82 -47.60 -17.58
CA VAL T 45 8.37 -47.76 -17.65
C VAL T 45 7.69 -46.73 -16.75
N ASP T 46 8.05 -46.74 -15.47
CA ASP T 46 7.46 -45.85 -14.48
C ASP T 46 8.57 -45.30 -13.57
N GLY T 47 9.67 -44.88 -14.19
CA GLY T 47 10.87 -44.55 -13.46
C GLY T 47 11.75 -45.74 -13.16
N LYS T 48 11.25 -46.96 -13.38
CA LYS T 48 12.00 -48.19 -13.17
C LYS T 48 12.38 -48.79 -14.52
N LEU T 49 13.46 -49.56 -14.52
CA LEU T 49 13.93 -50.23 -15.72
C LEU T 49 13.35 -51.63 -15.78
N VAL T 50 12.84 -52.01 -16.95
CA VAL T 50 12.21 -53.32 -17.15
C VAL T 50 12.69 -53.88 -18.48
N SER T 51 12.85 -55.20 -18.52
CA SER T 51 13.32 -55.86 -19.72
C SER T 51 12.25 -55.89 -20.79
N LEU T 52 12.62 -55.55 -22.01
CA LEU T 52 11.69 -55.64 -23.14
C LEU T 52 11.47 -57.07 -23.58
N ILE T 53 12.49 -57.91 -23.44
CA ILE T 53 12.41 -59.30 -23.90
C ILE T 53 11.55 -60.09 -22.93
N THR T 54 10.63 -60.89 -23.46
CA THR T 54 9.76 -61.69 -22.63
C THR T 54 10.56 -62.75 -21.88
N GLU T 55 10.20 -62.98 -20.62
CA GLU T 55 10.88 -63.97 -19.81
C GLU T 55 10.45 -65.37 -20.22
N LYS T 56 11.42 -66.27 -20.31
CA LYS T 56 11.18 -67.64 -20.72
C LYS T 56 11.19 -68.58 -19.53
N TYR T 57 10.37 -69.62 -19.60
CA TYR T 57 10.27 -70.63 -18.56
C TYR T 57 10.16 -72.00 -19.20
N THR T 58 10.29 -73.03 -18.38
CA THR T 58 10.17 -74.40 -18.83
C THR T 58 8.90 -75.04 -18.28
N MET U 1 87.24 51.49 67.50
CA MET U 1 87.32 51.99 66.10
C MET U 1 86.03 51.69 65.35
N LYS U 2 85.37 50.59 65.74
CA LYS U 2 84.08 50.23 65.17
C LYS U 2 83.05 51.18 65.77
N THR U 3 82.80 52.28 65.07
CA THR U 3 81.94 53.34 65.59
C THR U 3 80.54 53.17 65.03
N LEU U 4 79.57 53.00 65.93
CA LEU U 4 78.16 52.93 65.56
C LEU U 4 77.55 54.31 65.66
N ARG U 5 76.67 54.65 64.71
CA ARG U 5 75.98 55.93 64.73
C ARG U 5 74.50 55.77 64.42
N THR U 6 73.93 54.62 64.74
CA THR U 6 72.50 54.42 64.61
C THR U 6 72.03 53.47 65.70
N LEU U 7 70.79 53.67 66.13
CA LEU U 7 70.10 52.77 67.03
C LEU U 7 68.76 52.44 66.40
N LYS U 8 68.33 51.20 66.54
CA LYS U 8 67.10 50.72 65.90
C LYS U 8 66.25 50.01 66.93
N ILE U 9 65.01 50.46 67.08
CA ILE U 9 64.04 49.81 67.94
C ILE U 9 63.26 48.82 67.09
N SER U 10 63.28 47.56 67.48
CA SER U 10 62.60 46.51 66.72
C SER U 10 62.61 45.24 67.55
N PRO U 11 61.74 44.28 67.22
CA PRO U 11 61.77 42.98 67.87
C PRO U 11 62.67 41.96 67.17
N ASN U 12 63.15 42.27 65.97
CA ASN U 12 64.10 41.43 65.26
C ASN U 12 65.37 42.22 65.02
N ALA U 13 66.50 41.53 65.18
CA ALA U 13 67.80 42.20 65.21
C ALA U 13 68.00 43.04 63.94
N PRO U 14 68.58 44.23 64.05
CA PRO U 14 68.92 45.02 62.86
C PRO U 14 70.29 44.68 62.30
N ASP U 15 70.71 45.41 61.27
CA ASP U 15 72.06 45.27 60.75
C ASP U 15 73.08 45.40 61.87
N ILE U 16 74.26 44.81 61.65
CA ILE U 16 75.30 44.80 62.68
C ILE U 16 75.99 46.14 62.83
N ASN U 17 75.70 47.10 61.95
CA ASN U 17 76.27 48.44 62.06
C ASN U 17 75.36 49.37 62.86
N SER U 18 74.51 48.81 63.71
CA SER U 18 73.59 49.58 64.53
C SER U 18 73.43 48.89 65.87
N VAL U 19 72.80 49.57 66.80
CA VAL U 19 72.45 49.01 68.08
C VAL U 19 71.02 48.52 68.01
N TRP U 20 70.67 47.58 68.90
CA TRP U 20 69.39 46.89 68.85
C TRP U 20 68.65 47.12 70.16
N LEU U 21 67.63 47.97 70.11
CA LEU U 21 66.81 48.32 71.26
C LEU U 21 65.52 47.52 71.20
N TYR U 22 65.20 46.81 72.27
CA TYR U 22 63.95 46.05 72.32
C TYR U 22 63.50 45.94 73.78
N LYS U 23 62.63 46.85 74.18
CA LYS U 23 61.86 46.75 75.42
C LYS U 23 62.75 46.36 76.61
N GLY U 24 63.63 47.28 76.98
CA GLY U 24 64.44 47.13 78.17
C GLY U 24 65.78 46.48 77.96
N THR U 25 66.20 46.26 76.72
CA THR U 25 67.50 45.67 76.43
C THR U 25 68.07 46.33 75.18
N MET U 26 69.35 46.67 75.22
CA MET U 26 70.08 47.13 74.05
C MET U 26 71.20 46.15 73.76
N LYS U 27 71.55 46.03 72.48
CA LYS U 27 72.49 45.01 72.04
C LYS U 27 73.31 45.56 70.89
N TYR U 28 74.60 45.25 70.89
CA TYR U 28 75.51 45.65 69.82
C TYR U 28 76.35 44.44 69.42
N PHE U 29 76.69 44.39 68.14
CA PHE U 29 77.35 43.21 67.55
C PHE U 29 78.79 43.17 68.01
N ASN U 30 79.10 42.27 68.93
CA ASN U 30 80.43 42.11 69.48
C ASN U 30 80.79 40.64 69.54
N ASN U 31 81.93 40.28 68.96
CA ASN U 31 82.42 38.90 68.96
C ASN U 31 81.45 37.96 68.26
N GLY U 32 80.92 38.43 67.12
CA GLY U 32 79.96 37.63 66.37
C GLY U 32 78.70 37.30 67.15
N GLU U 33 78.29 38.18 68.06
CA GLU U 33 77.08 37.99 68.84
C GLU U 33 76.46 39.35 69.09
N TRP U 34 75.18 39.32 69.50
CA TRP U 34 74.50 40.52 69.99
C TRP U 34 74.66 40.52 71.51
N GLU U 35 75.58 41.34 72.00
CA GLU U 35 75.97 41.32 73.41
C GLU U 35 75.09 42.27 74.18
N THR U 36 74.27 41.73 75.07
CA THR U 36 73.42 42.55 75.90
C THR U 36 74.27 43.40 76.86
N ILE U 37 73.59 44.30 77.56
CA ILE U 37 74.23 45.23 78.48
C ILE U 37 73.50 45.16 79.81
N GLY U 38 74.27 45.17 80.90
CA GLY U 38 73.72 45.10 82.23
C GLY U 38 73.76 46.43 82.97
#